data_5CCV
#
_entry.id   5CCV
#
_cell.length_a   215.314
_cell.length_b   215.314
_cell.length_c   480.683
_cell.angle_alpha   90.00
_cell.angle_beta   90.00
_cell.angle_gamma   120.00
#
_symmetry.space_group_name_H-M   'P 32 2 1'
#
loop_
_entity.id
_entity.type
_entity.pdbx_description
1 polymer 'RNA-directed RNA polymerase NS5'
2 non-polymer 'ZINC ION'
3 non-polymer S-ADENOSYL-L-HOMOCYSTEINE
#
_entity_poly.entity_id   1
_entity_poly.type   'polypeptide(L)'
_entity_poly.pdbx_seq_one_letter_code
;GTGSQGETLGEKWKKKLNQLSRKEFDLYKKSGITEVDRTEAKEGLKRGEITHHAVSRGSAKLQWFVERNMVIPEGRVIDL
GCGRGGWSYYCAGLKKVTEVRGYTKGGPGHEEPVPMSTYGWNIVKLMSGKDVFYLPPEKCDTLLCDIGESSPSPTVEESR
TIRVLKMVEPWLKNNQFCIKVLNPYMPTVIEHLERLQRKHGGMLVRNPLSRNSTHEMYWISNGTGNIVSSVNMVSRLLLN
RFTMTHRRPTIEKDVDLGAGTRHVNAEPETPNMDVIGERIKRIKEEHSSTWHYDDENPYKTWAYHGSYEVKATGSASSMI
NGVVKLLTKPWDVVPMVTQMAMTDTTPFGQQRVFKEKVDTRTPRPMPGTRKVMEITAEWLWRTLGRNKRPRLCTREEFTK
KVRTNAAMGAVFTEENQWDSARAAVEDEEFWKLVDRERELHKLGKCGSCVYNMMGKREKKLGEFGKAKGSRAIWYMWLGA
RYLEFEALGFLNEDHWFSRENSYSGVEGEGLHKLGYILRDISKIPGGAMYADDTAGWDTRITEDDLHNEEKITQQMDPEH
RQLANAIFKLTYQNKVVKVQRPTPKGTVMDIISRKDQRGSGQVGTYGLNTFTNMEAQLIRQMEGEGVLSKADLENPHPLE
KKITQWLETKGVERLKRMAISGDDCVVKPIDDRFANALLALNDMGKVRKDIPQWQPSKGWHDWQQVPFCSHHFHELIMKD
GRKLVVPCRPQDELIGRARISQGAGWSLRETACLGKAYAQMWALMYFHRRDLRLASNAICSAVPVHWVPTSRTTHQWMTT
EDMLTVWNRVWIEDNPWMEDKTPVTTWEDVPYLGKREDQWCGSLIGLTSRATWAQNILTAIQQVRSLIGNEEFLDYMPSM
KRFRKEEESEGAIWAAALEHHHHHH
;
_entity_poly.pdbx_strand_id   A,B,C,D,E,F,G,H
#
loop_
_chem_comp.id
_chem_comp.type
_chem_comp.name
_chem_comp.formula
ZN non-polymer 'ZINC ION' 'Zn 2'
#
# COMPACT_ATOMS: atom_id res chain seq x y z
N GLU A 7 -3.23 3.95 -67.15
CA GLU A 7 -4.10 4.36 -66.06
C GLU A 7 -4.21 5.88 -65.99
N THR A 8 -5.44 6.38 -65.95
CA THR A 8 -5.69 7.82 -65.94
C THR A 8 -5.35 8.45 -64.60
N LEU A 9 -5.44 9.77 -64.55
CA LEU A 9 -5.13 10.52 -63.32
C LEU A 9 -6.29 10.41 -62.33
N GLY A 10 -7.50 10.28 -62.86
CA GLY A 10 -8.68 10.16 -62.03
C GLY A 10 -8.73 8.85 -61.28
N GLU A 11 -8.27 7.78 -61.92
CA GLU A 11 -8.26 6.47 -61.30
C GLU A 11 -7.33 6.44 -60.08
N LYS A 12 -6.26 7.21 -60.16
CA LYS A 12 -5.31 7.30 -59.06
C LYS A 12 -5.93 8.01 -57.87
N TRP A 13 -6.86 8.92 -58.15
CA TRP A 13 -7.54 9.67 -57.11
C TRP A 13 -8.54 8.79 -56.37
N LYS A 14 -9.22 7.93 -57.10
CA LYS A 14 -10.22 7.03 -56.52
C LYS A 14 -9.59 6.08 -55.52
N LYS A 15 -8.41 5.56 -55.85
CA LYS A 15 -7.73 4.62 -54.98
C LYS A 15 -7.35 5.27 -53.65
N LYS A 16 -6.98 6.55 -53.70
CA LYS A 16 -6.64 7.28 -52.50
C LYS A 16 -7.90 7.57 -51.67
N LEU A 17 -9.00 7.85 -52.36
CA LEU A 17 -10.25 8.18 -51.69
C LEU A 17 -10.80 6.99 -50.92
N ASN A 18 -10.58 5.79 -51.45
CA ASN A 18 -11.08 4.58 -50.81
C ASN A 18 -10.22 4.13 -49.63
N GLN A 19 -8.97 4.57 -49.62
CA GLN A 19 -8.05 4.20 -48.55
C GLN A 19 -8.29 5.02 -47.29
N LEU A 20 -9.00 6.14 -47.44
CA LEU A 20 -9.29 7.01 -46.30
C LEU A 20 -10.28 6.35 -45.34
N SER A 21 -10.00 6.46 -44.05
CA SER A 21 -10.91 5.96 -43.03
C SER A 21 -12.13 6.87 -42.97
N ARG A 22 -13.18 6.41 -42.30
CA ARG A 22 -14.42 7.18 -42.19
C ARG A 22 -14.17 8.50 -41.47
N LYS A 23 -13.18 8.52 -40.59
CA LYS A 23 -12.79 9.75 -39.90
C LYS A 23 -12.07 10.69 -40.86
N GLU A 24 -11.14 10.13 -41.64
CA GLU A 24 -10.36 10.93 -42.58
C GLU A 24 -11.20 11.35 -43.77
N PHE A 25 -12.24 10.58 -44.07
CA PHE A 25 -13.11 10.86 -45.20
C PHE A 25 -13.98 12.07 -44.94
N ASP A 26 -14.51 12.18 -43.73
CA ASP A 26 -15.42 13.26 -43.38
C ASP A 26 -14.72 14.61 -43.35
N LEU A 27 -13.44 14.61 -42.99
CA LEU A 27 -12.67 15.85 -42.93
C LEU A 27 -12.25 16.31 -44.32
N TYR A 28 -11.91 15.36 -45.19
CA TYR A 28 -11.48 15.66 -46.54
C TYR A 28 -12.67 16.04 -47.42
N LYS A 29 -13.84 15.54 -47.07
CA LYS A 29 -15.06 15.76 -47.85
C LYS A 29 -15.40 17.25 -47.95
N LYS A 30 -15.28 17.96 -46.83
CA LYS A 30 -15.55 19.39 -46.81
C LYS A 30 -14.26 20.19 -46.61
N SER A 31 -13.17 19.68 -47.16
CA SER A 31 -11.87 20.33 -47.01
C SER A 31 -11.62 21.38 -48.09
N GLY A 32 -11.64 22.64 -47.69
CA GLY A 32 -11.32 23.74 -48.59
C GLY A 32 -12.41 24.06 -49.59
N ILE A 33 -13.51 23.34 -49.52
CA ILE A 33 -14.61 23.56 -50.45
C ILE A 33 -15.44 24.78 -50.05
N THR A 34 -16.53 25.01 -50.77
CA THR A 34 -17.45 26.08 -50.43
C THR A 34 -18.83 25.48 -50.15
N GLU A 35 -19.46 25.94 -49.09
CA GLU A 35 -20.79 25.44 -48.74
C GLU A 35 -21.64 26.55 -48.12
N VAL A 36 -22.96 26.36 -48.17
CA VAL A 36 -23.89 27.34 -47.63
C VAL A 36 -24.37 26.95 -46.24
N ASP A 37 -24.69 27.94 -45.42
CA ASP A 37 -25.18 27.69 -44.07
C ASP A 37 -26.63 27.23 -44.11
N ARG A 38 -26.84 25.94 -43.88
CA ARG A 38 -28.17 25.35 -43.97
C ARG A 38 -28.82 25.21 -42.60
N THR A 39 -28.20 25.80 -41.59
CA THR A 39 -28.70 25.67 -40.22
C THR A 39 -30.09 26.26 -40.06
N GLU A 40 -30.28 27.48 -40.52
CA GLU A 40 -31.56 28.16 -40.40
C GLU A 40 -32.59 27.53 -41.35
N ALA A 41 -32.11 27.02 -42.48
CA ALA A 41 -32.99 26.44 -43.48
C ALA A 41 -33.55 25.09 -43.02
N LYS A 42 -32.68 24.23 -42.50
CA LYS A 42 -33.10 22.90 -42.08
C LYS A 42 -34.05 22.97 -40.89
N GLU A 43 -33.84 23.94 -40.00
CA GLU A 43 -34.71 24.13 -38.85
C GLU A 43 -36.08 24.61 -39.30
N GLY A 44 -36.09 25.47 -40.31
CA GLY A 44 -37.34 26.00 -40.83
C GLY A 44 -38.20 24.95 -41.49
N LEU A 45 -37.58 24.12 -42.33
CA LEU A 45 -38.28 23.05 -43.01
C LEU A 45 -38.73 21.99 -42.02
N LYS A 46 -37.99 21.87 -40.92
CA LYS A 46 -38.34 20.93 -39.86
C LYS A 46 -39.60 21.39 -39.14
N ARG A 47 -39.74 22.71 -38.99
CA ARG A 47 -40.88 23.28 -38.29
C ARG A 47 -42.07 23.48 -39.23
N GLY A 48 -41.85 23.23 -40.51
CA GLY A 48 -42.92 23.29 -41.48
C GLY A 48 -43.05 24.62 -42.21
N GLU A 49 -41.98 25.40 -42.20
CA GLU A 49 -41.97 26.66 -42.93
C GLU A 49 -41.97 26.41 -44.43
N ILE A 50 -42.84 27.10 -45.15
CA ILE A 50 -43.06 26.82 -46.55
C ILE A 50 -42.59 27.96 -47.46
N THR A 51 -42.05 29.02 -46.85
CA THR A 51 -41.60 30.18 -47.61
C THR A 51 -40.13 30.48 -47.41
N HIS A 52 -39.55 31.22 -48.35
CA HIS A 52 -38.19 31.74 -48.28
C HIS A 52 -37.08 30.68 -48.26
N HIS A 53 -37.43 29.43 -47.98
CA HIS A 53 -36.41 28.39 -47.82
C HIS A 53 -36.15 27.61 -49.10
N ALA A 54 -34.93 27.10 -49.24
CA ALA A 54 -34.58 26.20 -50.31
C ALA A 54 -34.56 24.76 -49.79
N VAL A 55 -35.15 23.85 -50.54
CA VAL A 55 -35.31 22.48 -50.07
C VAL A 55 -33.98 21.73 -49.95
N SER A 56 -32.97 22.19 -50.67
CA SER A 56 -31.67 21.52 -50.64
C SER A 56 -30.53 22.48 -51.00
N ARG A 57 -29.31 21.96 -50.97
CA ARG A 57 -28.13 22.75 -51.29
C ARG A 57 -27.99 22.94 -52.80
N GLY A 58 -28.83 22.25 -53.55
CA GLY A 58 -28.79 22.31 -55.00
C GLY A 58 -29.16 23.67 -55.55
N SER A 59 -30.01 24.39 -54.82
CA SER A 59 -30.46 25.71 -55.23
C SER A 59 -29.29 26.67 -55.36
N ALA A 60 -28.50 26.77 -54.30
CA ALA A 60 -27.30 27.61 -54.33
C ALA A 60 -26.25 26.99 -55.25
N LYS A 61 -26.32 25.68 -55.41
CA LYS A 61 -25.38 24.97 -56.26
C LYS A 61 -25.61 25.31 -57.72
N LEU A 62 -26.87 25.55 -58.07
CA LEU A 62 -27.23 25.96 -59.42
C LEU A 62 -27.08 27.46 -59.58
N GLN A 63 -27.17 28.18 -58.46
CA GLN A 63 -27.03 29.63 -58.45
C GLN A 63 -25.65 30.04 -58.95
N TRP A 64 -24.64 29.25 -58.60
CA TRP A 64 -23.26 29.54 -58.95
C TRP A 64 -23.06 29.60 -60.45
N PHE A 65 -23.83 28.81 -61.17
CA PHE A 65 -23.75 28.75 -62.63
C PHE A 65 -24.45 29.93 -63.29
N VAL A 66 -25.66 30.22 -62.81
CA VAL A 66 -26.50 31.24 -63.43
C VAL A 66 -25.91 32.64 -63.33
N GLU A 67 -25.44 33.01 -62.15
CA GLU A 67 -24.90 34.34 -61.91
C GLU A 67 -23.62 34.59 -62.70
N ARG A 68 -23.00 33.50 -63.17
CA ARG A 68 -21.80 33.59 -63.99
C ARG A 68 -22.15 33.37 -65.45
N ASN A 69 -23.46 33.40 -65.74
CA ASN A 69 -23.97 33.27 -67.10
C ASN A 69 -23.52 32.01 -67.83
N MET A 70 -23.24 30.96 -67.08
CA MET A 70 -22.86 29.68 -67.69
C MET A 70 -24.09 28.99 -68.23
N VAL A 71 -25.24 29.26 -67.62
CA VAL A 71 -26.50 28.75 -68.11
C VAL A 71 -27.62 29.74 -67.81
N ILE A 72 -28.37 30.10 -68.85
CA ILE A 72 -29.47 31.04 -68.71
C ILE A 72 -30.80 30.37 -69.05
N PRO A 73 -31.48 29.84 -68.02
CA PRO A 73 -32.75 29.12 -68.18
C PRO A 73 -33.82 29.97 -68.87
N GLU A 74 -34.33 29.46 -69.99
CA GLU A 74 -35.36 30.18 -70.75
C GLU A 74 -36.56 29.28 -71.04
N GLY A 75 -37.74 29.88 -71.13
CA GLY A 75 -38.96 29.17 -71.47
C GLY A 75 -39.24 27.96 -70.59
N ARG A 76 -39.67 26.88 -71.22
CA ARG A 76 -39.95 25.64 -70.49
C ARG A 76 -38.66 25.03 -69.97
N VAL A 77 -38.61 24.83 -68.67
CA VAL A 77 -37.43 24.26 -68.03
C VAL A 77 -37.71 22.85 -67.52
N ILE A 78 -36.98 21.88 -68.03
CA ILE A 78 -37.17 20.51 -67.63
C ILE A 78 -36.04 20.05 -66.72
N ASP A 79 -36.41 19.66 -65.50
CA ASP A 79 -35.43 19.31 -64.48
C ASP A 79 -35.44 17.81 -64.23
N LEU A 80 -34.61 17.09 -64.97
CA LEU A 80 -34.47 15.64 -64.80
C LEU A 80 -33.78 15.32 -63.49
N GLY A 81 -34.47 14.57 -62.63
CA GLY A 81 -33.94 14.26 -61.31
C GLY A 81 -34.00 15.46 -60.40
N CYS A 82 -35.19 16.03 -60.28
CA CYS A 82 -35.39 17.21 -59.44
C CYS A 82 -35.22 16.86 -57.96
N GLY A 83 -35.58 15.63 -57.61
CA GLY A 83 -35.46 15.15 -56.25
C GLY A 83 -36.28 15.97 -55.28
N ARG A 84 -35.59 16.71 -54.41
CA ARG A 84 -36.27 17.58 -53.46
C ARG A 84 -36.83 18.80 -54.19
N GLY A 85 -36.24 19.12 -55.33
CA GLY A 85 -36.69 20.24 -56.15
C GLY A 85 -35.84 21.47 -55.96
N GLY A 86 -34.57 21.26 -55.64
CA GLY A 86 -33.65 22.36 -55.36
C GLY A 86 -33.43 23.27 -56.55
N TRP A 87 -33.33 22.67 -57.74
CA TRP A 87 -33.07 23.44 -58.95
C TRP A 87 -34.33 24.08 -59.50
N SER A 88 -35.46 23.39 -59.34
CA SER A 88 -36.71 23.84 -59.91
C SER A 88 -37.22 25.13 -59.27
N TYR A 89 -37.22 25.18 -57.94
CA TYR A 89 -37.74 26.35 -57.23
C TYR A 89 -36.87 27.59 -57.47
N TYR A 90 -35.59 27.36 -57.74
CA TYR A 90 -34.68 28.47 -58.00
C TYR A 90 -34.91 29.05 -59.39
N CYS A 91 -35.13 28.17 -60.36
CA CYS A 91 -35.36 28.60 -61.74
C CYS A 91 -36.70 29.32 -61.88
N ALA A 92 -37.60 29.08 -60.92
CA ALA A 92 -38.92 29.69 -60.95
C ALA A 92 -38.85 31.20 -60.80
N GLY A 93 -37.88 31.66 -60.01
CA GLY A 93 -37.74 33.07 -59.74
C GLY A 93 -36.90 33.81 -60.76
N LEU A 94 -36.60 33.14 -61.87
CA LEU A 94 -35.79 33.74 -62.91
C LEU A 94 -36.65 34.47 -63.94
N LYS A 95 -36.03 35.38 -64.67
CA LYS A 95 -36.76 36.27 -65.58
C LYS A 95 -37.28 35.56 -66.82
N LYS A 96 -36.37 34.95 -67.59
CA LYS A 96 -36.70 34.41 -68.90
C LYS A 96 -37.36 33.03 -68.83
N VAL A 97 -37.75 32.62 -67.62
CA VAL A 97 -38.41 31.33 -67.44
C VAL A 97 -39.93 31.49 -67.43
N THR A 98 -40.61 30.66 -68.21
CA THR A 98 -42.07 30.73 -68.29
C THR A 98 -42.74 29.51 -67.68
N GLU A 99 -41.99 28.41 -67.60
CA GLU A 99 -42.54 27.16 -67.05
C GLU A 99 -41.44 26.25 -66.56
N VAL A 100 -41.66 25.61 -65.42
CA VAL A 100 -40.71 24.66 -64.85
C VAL A 100 -41.36 23.31 -64.62
N ARG A 101 -40.77 22.26 -65.18
CA ARG A 101 -41.29 20.91 -65.02
C ARG A 101 -40.25 19.99 -64.39
N GLY A 102 -40.64 19.28 -63.35
CA GLY A 102 -39.73 18.42 -62.62
C GLY A 102 -40.04 16.94 -62.80
N TYR A 103 -38.99 16.12 -62.78
CA TYR A 103 -39.15 14.68 -62.93
C TYR A 103 -38.21 13.92 -61.98
N THR A 104 -38.79 13.08 -61.13
CA THR A 104 -38.00 12.29 -60.19
C THR A 104 -38.63 10.92 -59.98
N LYS A 105 -37.79 9.89 -59.94
CA LYS A 105 -38.25 8.53 -59.76
C LYS A 105 -38.98 8.35 -58.44
N GLY A 106 -38.45 8.96 -57.38
CA GLY A 106 -39.06 8.91 -56.07
C GLY A 106 -39.13 7.50 -55.51
N GLY A 107 -40.06 7.29 -54.59
CA GLY A 107 -40.23 5.99 -53.95
C GLY A 107 -39.18 5.73 -52.89
N PRO A 108 -39.17 4.51 -52.34
CA PRO A 108 -38.20 4.11 -51.31
C PRO A 108 -36.76 4.21 -51.80
N GLY A 109 -35.91 4.84 -51.01
CA GLY A 109 -34.50 4.98 -51.34
C GLY A 109 -34.21 6.22 -52.16
N HIS A 110 -35.27 6.92 -52.58
CA HIS A 110 -35.12 8.13 -53.38
C HIS A 110 -35.90 9.29 -52.76
N GLU A 111 -35.38 10.49 -52.95
CA GLU A 111 -36.01 11.68 -52.39
C GLU A 111 -37.31 12.02 -53.11
N GLU A 112 -38.29 12.48 -52.33
CA GLU A 112 -39.58 12.90 -52.87
C GLU A 112 -39.66 14.42 -52.96
N PRO A 113 -40.34 14.92 -54.00
CA PRO A 113 -40.52 16.37 -54.21
C PRO A 113 -41.16 17.06 -53.02
N VAL A 114 -40.56 18.15 -52.56
CA VAL A 114 -41.08 18.89 -51.41
C VAL A 114 -41.86 20.12 -51.85
N PRO A 115 -43.17 20.14 -51.59
CA PRO A 115 -44.03 21.27 -51.97
C PRO A 115 -43.68 22.54 -51.20
N MET A 116 -43.44 23.62 -51.93
CA MET A 116 -43.10 24.90 -51.32
C MET A 116 -43.96 26.03 -51.90
N SER A 117 -44.05 27.12 -51.16
CA SER A 117 -44.81 28.28 -51.62
C SER A 117 -43.88 29.45 -51.91
N THR A 118 -42.66 29.14 -52.33
CA THR A 118 -41.68 30.17 -52.65
C THR A 118 -42.09 30.93 -53.91
N TYR A 119 -41.39 32.02 -54.19
CA TYR A 119 -41.72 32.88 -55.33
C TYR A 119 -41.58 32.13 -56.65
N GLY A 120 -42.71 31.91 -57.31
CA GLY A 120 -42.73 31.23 -58.60
C GLY A 120 -43.18 29.80 -58.50
N TRP A 121 -43.77 29.44 -57.37
CA TRP A 121 -44.20 28.07 -57.14
C TRP A 121 -45.32 27.65 -58.08
N ASN A 122 -46.07 28.64 -58.58
CA ASN A 122 -47.25 28.37 -59.39
C ASN A 122 -46.91 27.83 -60.78
N ILE A 123 -45.68 28.08 -61.24
CA ILE A 123 -45.25 27.58 -62.54
C ILE A 123 -44.42 26.32 -62.39
N VAL A 124 -44.23 25.88 -61.15
CA VAL A 124 -43.43 24.69 -60.87
C VAL A 124 -44.30 23.44 -60.84
N LYS A 125 -43.93 22.46 -61.66
CA LYS A 125 -44.67 21.21 -61.72
C LYS A 125 -43.73 20.03 -61.46
N LEU A 126 -43.77 19.50 -60.24
CA LEU A 126 -42.92 18.38 -59.87
C LEU A 126 -43.71 17.07 -59.92
N MET A 127 -43.13 16.07 -60.58
CA MET A 127 -43.78 14.78 -60.73
C MET A 127 -42.92 13.63 -60.22
N SER A 128 -43.47 12.85 -59.29
CA SER A 128 -42.79 11.69 -58.77
C SER A 128 -43.20 10.45 -59.55
N GLY A 129 -42.43 9.38 -59.40
CA GLY A 129 -42.71 8.14 -60.09
C GLY A 129 -42.37 8.21 -61.56
N LYS A 130 -41.42 9.06 -61.91
CA LYS A 130 -41.00 9.23 -63.29
C LYS A 130 -39.56 8.81 -63.49
N ASP A 131 -39.35 7.73 -64.25
CA ASP A 131 -38.00 7.30 -64.60
C ASP A 131 -37.60 7.92 -65.92
N VAL A 132 -36.60 8.80 -65.88
CA VAL A 132 -36.21 9.59 -67.04
C VAL A 132 -35.66 8.75 -68.19
N PHE A 133 -35.24 7.53 -67.90
CA PHE A 133 -34.67 6.67 -68.93
C PHE A 133 -35.74 6.06 -69.81
N TYR A 134 -37.00 6.19 -69.38
CA TYR A 134 -38.13 5.65 -70.15
C TYR A 134 -39.01 6.76 -70.68
N LEU A 135 -38.59 8.01 -70.46
CA LEU A 135 -39.39 9.16 -70.88
C LEU A 135 -38.99 9.66 -72.26
N PRO A 136 -39.98 9.81 -73.15
CA PRO A 136 -39.77 10.42 -74.47
C PRO A 136 -39.52 11.92 -74.36
N PRO A 137 -38.54 12.44 -75.11
CA PRO A 137 -38.15 13.85 -75.08
C PRO A 137 -39.30 14.79 -75.34
N GLU A 138 -39.33 15.91 -74.63
CA GLU A 138 -40.38 16.92 -74.80
C GLU A 138 -39.78 18.25 -75.25
N LYS A 139 -40.61 19.11 -75.82
CA LYS A 139 -40.17 20.44 -76.24
C LYS A 139 -39.76 21.28 -75.05
N CYS A 140 -38.52 21.74 -75.05
CA CYS A 140 -38.01 22.57 -73.96
C CYS A 140 -36.92 23.52 -74.45
N ASP A 141 -36.86 24.69 -73.83
CA ASP A 141 -35.83 25.66 -74.14
C ASP A 141 -34.71 25.58 -73.12
N THR A 142 -34.91 24.72 -72.12
CA THR A 142 -33.92 24.51 -71.07
C THR A 142 -33.99 23.09 -70.53
N LEU A 143 -32.84 22.43 -70.47
CA LEU A 143 -32.77 21.05 -70.00
C LEU A 143 -31.81 20.93 -68.83
N LEU A 144 -32.32 20.50 -67.67
CA LEU A 144 -31.49 20.35 -66.48
C LEU A 144 -31.48 18.91 -65.98
N CYS A 145 -30.31 18.44 -65.60
CA CYS A 145 -30.16 17.08 -65.09
C CYS A 145 -29.08 16.99 -64.02
N ASP A 146 -29.46 16.47 -62.86
CA ASP A 146 -28.53 16.31 -61.75
C ASP A 146 -28.48 14.86 -61.30
N ILE A 147 -28.74 13.96 -62.24
CA ILE A 147 -28.81 12.53 -61.92
C ILE A 147 -27.45 11.86 -62.02
N GLY A 148 -27.09 11.13 -60.96
CA GLY A 148 -25.83 10.41 -60.91
C GLY A 148 -25.55 9.91 -59.50
N GLU A 149 -25.34 8.61 -59.38
CA GLU A 149 -25.08 8.01 -58.08
C GLU A 149 -23.65 7.49 -57.97
N SER A 150 -22.90 8.07 -57.03
CA SER A 150 -21.50 7.72 -56.85
C SER A 150 -21.30 6.27 -56.42
N SER A 151 -20.11 5.75 -56.62
CA SER A 151 -19.79 4.38 -56.26
C SER A 151 -18.29 4.16 -56.11
N PRO A 152 -17.89 3.36 -55.12
CA PRO A 152 -16.47 3.07 -54.85
C PRO A 152 -15.72 2.57 -56.07
N SER A 153 -16.40 1.80 -56.91
CA SER A 153 -15.77 1.28 -58.14
C SER A 153 -15.96 2.26 -59.29
N PRO A 154 -14.84 2.74 -59.86
CA PRO A 154 -14.87 3.69 -60.97
C PRO A 154 -15.49 3.10 -62.22
N THR A 155 -15.40 1.79 -62.38
CA THR A 155 -15.99 1.10 -63.52
C THR A 155 -17.51 1.18 -63.47
N VAL A 156 -18.05 1.20 -62.25
CA VAL A 156 -19.49 1.30 -62.06
C VAL A 156 -19.96 2.72 -62.39
N GLU A 157 -19.21 3.71 -61.93
CA GLU A 157 -19.51 5.11 -62.24
C GLU A 157 -19.43 5.36 -63.74
N GLU A 158 -18.56 4.62 -64.41
CA GLU A 158 -18.39 4.76 -65.85
C GLU A 158 -19.66 4.40 -66.60
N SER A 159 -20.25 3.27 -66.24
CA SER A 159 -21.47 2.79 -66.89
C SER A 159 -22.65 3.70 -66.59
N ARG A 160 -22.72 4.18 -65.35
CA ARG A 160 -23.81 5.04 -64.92
C ARG A 160 -23.74 6.40 -65.61
N THR A 161 -22.53 6.87 -65.89
CA THR A 161 -22.33 8.16 -66.53
C THR A 161 -22.74 8.11 -67.99
N ILE A 162 -22.30 7.06 -68.69
CA ILE A 162 -22.58 6.90 -70.10
C ILE A 162 -24.08 6.74 -70.36
N ARG A 163 -24.75 5.97 -69.51
CA ARG A 163 -26.18 5.72 -69.65
C ARG A 163 -26.96 7.04 -69.56
N VAL A 164 -26.51 7.94 -68.71
CA VAL A 164 -27.15 9.25 -68.58
C VAL A 164 -26.93 10.09 -69.83
N LEU A 165 -25.71 10.09 -70.32
CA LEU A 165 -25.34 10.87 -71.49
C LEU A 165 -26.15 10.48 -72.72
N LYS A 166 -26.39 9.18 -72.90
CA LYS A 166 -27.17 8.70 -74.02
C LYS A 166 -28.63 9.09 -73.87
N MET A 167 -29.07 9.30 -72.63
CA MET A 167 -30.46 9.59 -72.35
C MET A 167 -30.77 11.09 -72.48
N VAL A 168 -29.81 11.92 -72.09
CA VAL A 168 -30.01 13.37 -72.13
C VAL A 168 -29.72 13.95 -73.50
N GLU A 169 -29.20 13.11 -74.40
CA GLU A 169 -28.82 13.57 -75.72
C GLU A 169 -30.01 14.02 -76.59
N PRO A 170 -31.10 13.23 -76.65
CA PRO A 170 -32.19 13.69 -77.53
C PRO A 170 -32.92 14.94 -77.01
N TRP A 171 -32.73 15.25 -75.74
CA TRP A 171 -33.41 16.40 -75.13
C TRP A 171 -32.78 17.72 -75.55
N LEU A 172 -31.54 17.66 -76.03
CA LEU A 172 -30.79 18.87 -76.36
C LEU A 172 -30.96 19.26 -77.83
N LYS A 173 -31.70 20.35 -78.06
CA LYS A 173 -31.94 20.83 -79.42
C LYS A 173 -31.67 22.32 -79.53
N ASN A 174 -30.40 22.69 -79.56
CA ASN A 174 -29.97 24.09 -79.61
C ASN A 174 -30.61 24.95 -78.53
N ASN A 175 -30.63 24.41 -77.31
CA ASN A 175 -31.17 25.13 -76.16
C ASN A 175 -30.20 25.12 -74.99
N GLN A 176 -30.52 25.90 -73.96
CA GLN A 176 -29.67 25.95 -72.77
C GLN A 176 -29.75 24.66 -71.98
N PHE A 177 -28.63 24.23 -71.42
CA PHE A 177 -28.61 22.99 -70.65
C PHE A 177 -27.53 22.98 -69.58
N CYS A 178 -27.72 22.11 -68.59
CA CYS A 178 -26.76 21.94 -67.51
C CYS A 178 -26.88 20.55 -66.91
N ILE A 179 -26.07 19.62 -67.40
CA ILE A 179 -26.16 18.24 -66.96
C ILE A 179 -24.98 17.85 -66.06
N LYS A 180 -25.24 17.00 -65.09
CA LYS A 180 -24.19 16.57 -64.17
C LYS A 180 -23.44 15.37 -64.73
N VAL A 181 -22.11 15.46 -64.72
CA VAL A 181 -21.28 14.35 -65.14
C VAL A 181 -20.64 13.69 -63.92
N LEU A 182 -21.13 12.51 -63.57
CA LEU A 182 -20.66 11.79 -62.38
C LEU A 182 -19.18 11.47 -62.48
N ASN A 183 -18.80 10.72 -63.51
CA ASN A 183 -17.42 10.31 -63.69
C ASN A 183 -16.86 10.80 -65.02
N PRO A 184 -16.23 11.98 -65.02
CA PRO A 184 -15.68 12.58 -66.24
C PRO A 184 -14.25 12.15 -66.54
N TYR A 185 -13.57 11.51 -65.59
CA TYR A 185 -12.15 11.19 -65.77
C TYR A 185 -11.94 9.84 -66.45
N MET A 186 -13.00 9.05 -66.57
CA MET A 186 -12.91 7.77 -67.27
C MET A 186 -12.75 7.98 -68.77
N PRO A 187 -11.87 7.19 -69.42
CA PRO A 187 -11.53 7.30 -70.83
C PRO A 187 -12.75 7.25 -71.76
N THR A 188 -13.55 6.20 -71.65
CA THR A 188 -14.69 6.00 -72.53
C THR A 188 -15.73 7.11 -72.39
N VAL A 189 -15.81 7.69 -71.19
CA VAL A 189 -16.73 8.78 -70.93
C VAL A 189 -16.34 10.02 -71.71
N ILE A 190 -15.05 10.33 -71.71
CA ILE A 190 -14.52 11.49 -72.42
C ILE A 190 -14.82 11.40 -73.90
N GLU A 191 -14.77 10.19 -74.45
CA GLU A 191 -15.07 9.97 -75.86
C GLU A 191 -16.47 10.43 -76.20
N HIS A 192 -17.42 10.14 -75.30
CA HIS A 192 -18.79 10.60 -75.48
C HIS A 192 -18.89 12.10 -75.28
N LEU A 193 -18.15 12.60 -74.30
CA LEU A 193 -18.15 14.04 -74.01
C LEU A 193 -17.63 14.83 -75.19
N GLU A 194 -16.54 14.35 -75.79
CA GLU A 194 -15.98 15.01 -76.96
C GLU A 194 -16.93 14.90 -78.14
N ARG A 195 -17.66 13.78 -78.20
CA ARG A 195 -18.65 13.57 -79.26
C ARG A 195 -19.81 14.52 -79.11
N LEU A 196 -20.24 14.73 -77.86
CA LEU A 196 -21.35 15.62 -77.57
C LEU A 196 -20.94 17.09 -77.65
N GLN A 197 -19.65 17.34 -77.48
CA GLN A 197 -19.15 18.71 -77.52
C GLN A 197 -19.13 19.25 -78.95
N ARG A 198 -18.81 18.38 -79.90
CA ARG A 198 -18.79 18.77 -81.31
C ARG A 198 -20.19 18.98 -81.85
N LYS A 199 -21.18 18.42 -81.16
CA LYS A 199 -22.55 18.42 -81.66
C LYS A 199 -23.41 19.50 -81.01
N HIS A 200 -23.27 19.67 -79.70
CA HIS A 200 -24.10 20.62 -78.97
C HIS A 200 -23.30 21.77 -78.38
N GLY A 201 -21.98 21.71 -78.52
CA GLY A 201 -21.12 22.75 -77.98
C GLY A 201 -21.05 22.70 -76.47
N GLY A 202 -20.69 23.82 -75.86
CA GLY A 202 -20.63 23.91 -74.41
C GLY A 202 -19.26 23.66 -73.84
N MET A 203 -19.21 23.46 -72.52
CA MET A 203 -17.94 23.24 -71.82
C MET A 203 -18.19 22.59 -70.46
N LEU A 204 -17.25 21.77 -70.02
CA LEU A 204 -17.35 21.08 -68.74
C LEU A 204 -16.73 21.92 -67.64
N VAL A 205 -17.53 22.25 -66.61
CA VAL A 205 -17.07 23.13 -65.54
C VAL A 205 -17.24 22.50 -64.16
N ARG A 206 -16.21 22.63 -63.33
CA ARG A 206 -16.25 22.14 -61.96
C ARG A 206 -16.84 23.16 -61.01
N ASN A 207 -17.76 22.73 -60.17
CA ASN A 207 -18.40 23.61 -59.20
C ASN A 207 -17.71 23.53 -57.84
N PRO A 208 -17.30 24.70 -57.32
CA PRO A 208 -16.61 24.76 -56.01
C PRO A 208 -17.51 24.33 -54.85
N LEU A 209 -18.82 24.34 -55.07
CA LEU A 209 -19.75 23.92 -54.02
C LEU A 209 -19.84 22.40 -53.93
N SER A 210 -19.32 21.72 -54.95
CA SER A 210 -19.27 20.26 -54.96
C SER A 210 -18.19 19.77 -54.02
N ARG A 211 -18.52 18.77 -53.22
CA ARG A 211 -17.59 18.24 -52.23
C ARG A 211 -16.44 17.49 -52.89
N ASN A 212 -15.34 17.36 -52.16
CA ASN A 212 -14.15 16.69 -52.67
C ASN A 212 -14.33 15.18 -52.77
N SER A 213 -15.39 14.67 -52.16
CA SER A 213 -15.66 13.23 -52.17
C SER A 213 -16.08 12.76 -53.56
N THR A 214 -16.45 13.70 -54.41
CA THR A 214 -16.87 13.37 -55.77
C THR A 214 -16.11 14.20 -56.79
N HIS A 215 -15.81 13.59 -57.93
CA HIS A 215 -15.10 14.26 -59.01
C HIS A 215 -16.09 14.76 -60.05
N GLU A 216 -17.31 15.06 -59.59
CA GLU A 216 -18.38 15.45 -60.50
C GLU A 216 -18.14 16.80 -61.14
N MET A 217 -18.47 16.89 -62.42
CA MET A 217 -18.38 18.15 -63.15
C MET A 217 -19.68 18.36 -63.92
N TYR A 218 -19.96 19.62 -64.27
CA TYR A 218 -21.22 19.94 -64.93
C TYR A 218 -21.00 20.51 -66.33
N TRP A 219 -21.63 19.87 -67.31
CA TRP A 219 -21.56 20.33 -68.69
C TRP A 219 -22.57 21.44 -68.94
N ILE A 220 -22.08 22.67 -69.02
CA ILE A 220 -22.95 23.82 -69.28
C ILE A 220 -22.99 24.14 -70.76
N SER A 221 -24.00 24.91 -71.16
CA SER A 221 -24.20 25.24 -72.57
C SER A 221 -23.36 26.43 -73.02
N ASN A 222 -23.32 27.46 -72.19
CA ASN A 222 -22.61 28.68 -72.55
C ASN A 222 -21.17 28.68 -72.10
N GLY A 223 -20.27 28.23 -72.98
CA GLY A 223 -18.85 28.20 -72.68
C GLY A 223 -18.06 27.44 -73.72
N THR A 224 -16.73 27.49 -73.59
CA THR A 224 -15.85 26.80 -74.51
C THR A 224 -14.51 26.46 -73.87
N GLY A 225 -13.81 25.49 -74.43
CA GLY A 225 -12.52 25.08 -73.92
C GLY A 225 -12.25 23.60 -74.11
N ASN A 226 -11.04 23.17 -73.75
CA ASN A 226 -10.66 21.78 -73.89
C ASN A 226 -11.14 20.94 -72.71
N ILE A 227 -11.87 19.87 -73.02
CA ILE A 227 -12.42 19.01 -71.98
C ILE A 227 -11.34 18.23 -71.25
N VAL A 228 -10.46 17.57 -72.01
CA VAL A 228 -9.41 16.75 -71.45
C VAL A 228 -8.55 17.51 -70.44
N SER A 229 -8.19 18.74 -70.79
CA SER A 229 -7.39 19.58 -69.90
C SER A 229 -8.15 19.91 -68.63
N SER A 230 -9.37 20.41 -68.79
CA SER A 230 -10.19 20.84 -67.67
C SER A 230 -10.44 19.73 -66.66
N VAL A 231 -10.65 18.52 -67.15
CA VAL A 231 -10.90 17.38 -66.28
C VAL A 231 -9.68 17.06 -65.43
N ASN A 232 -8.51 17.05 -66.06
CA ASN A 232 -7.26 16.76 -65.36
C ASN A 232 -6.91 17.83 -64.33
N MET A 233 -7.31 19.07 -64.59
CA MET A 233 -7.05 20.15 -63.65
C MET A 233 -7.83 19.93 -62.37
N VAL A 234 -9.03 19.37 -62.51
CA VAL A 234 -9.86 19.04 -61.36
C VAL A 234 -9.23 17.90 -60.57
N SER A 235 -8.72 16.91 -61.29
CA SER A 235 -8.07 15.76 -60.67
C SER A 235 -6.83 16.18 -59.88
N ARG A 236 -6.08 17.13 -60.44
CA ARG A 236 -4.88 17.63 -59.77
C ARG A 236 -5.24 18.40 -58.51
N LEU A 237 -6.38 19.09 -58.55
CA LEU A 237 -6.84 19.86 -57.40
C LEU A 237 -7.26 18.95 -56.25
N LEU A 238 -8.04 17.91 -56.59
CA LEU A 238 -8.52 16.97 -55.58
C LEU A 238 -7.36 16.17 -54.99
N LEU A 239 -6.34 15.91 -55.82
CA LEU A 239 -5.15 15.21 -55.35
C LEU A 239 -4.28 16.12 -54.50
N ASN A 240 -4.40 17.42 -54.75
CA ASN A 240 -3.65 18.41 -53.99
C ASN A 240 -4.28 18.68 -52.63
N ARG A 241 -5.60 18.56 -52.56
CA ARG A 241 -6.32 18.80 -51.32
C ARG A 241 -6.17 17.62 -50.35
N PHE A 242 -5.57 16.55 -50.83
CA PHE A 242 -5.25 15.41 -49.97
C PHE A 242 -4.16 15.78 -48.97
N THR A 243 -3.29 16.70 -49.38
CA THR A 243 -2.20 17.16 -48.53
C THR A 243 -2.72 18.00 -47.38
N MET A 244 -3.46 19.04 -47.70
CA MET A 244 -4.03 19.93 -46.69
C MET A 244 -5.51 19.65 -46.49
N THR A 245 -5.87 19.17 -45.30
CA THR A 245 -7.23 18.74 -45.03
C THR A 245 -7.94 19.67 -44.05
N HIS A 246 -7.19 20.20 -43.08
CA HIS A 246 -7.79 21.02 -42.03
C HIS A 246 -8.11 22.44 -42.50
N ARG A 247 -8.18 22.62 -43.82
CA ARG A 247 -8.52 23.92 -44.39
C ARG A 247 -10.02 24.15 -44.30
N ARG A 248 -10.41 25.16 -43.51
CA ARG A 248 -11.83 25.44 -43.27
C ARG A 248 -12.57 25.77 -44.56
N PRO A 249 -13.75 25.18 -44.75
CA PRO A 249 -14.58 25.43 -45.92
C PRO A 249 -15.17 26.84 -45.90
N THR A 250 -15.14 27.52 -47.06
CA THR A 250 -15.70 28.86 -47.17
C THR A 250 -17.22 28.81 -47.05
N ILE A 251 -17.74 29.50 -46.04
CA ILE A 251 -19.17 29.51 -45.78
C ILE A 251 -19.84 30.73 -46.40
N GLU A 252 -20.94 30.49 -47.12
CA GLU A 252 -21.68 31.57 -47.74
C GLU A 252 -23.16 31.52 -47.35
N LYS A 253 -23.88 32.61 -47.58
CA LYS A 253 -25.30 32.67 -47.28
C LYS A 253 -26.12 31.90 -48.31
N ASP A 254 -27.15 31.21 -47.83
CA ASP A 254 -28.03 30.46 -48.72
C ASP A 254 -28.95 31.40 -49.47
N VAL A 255 -29.56 30.92 -50.55
CA VAL A 255 -30.40 31.75 -51.40
C VAL A 255 -31.81 31.90 -50.82
N ASP A 256 -32.34 33.12 -50.87
CA ASP A 256 -33.71 33.39 -50.45
C ASP A 256 -34.63 33.30 -51.65
N LEU A 257 -35.48 32.27 -51.67
CA LEU A 257 -36.37 32.05 -52.80
C LEU A 257 -37.67 32.83 -52.68
N GLY A 258 -37.77 33.65 -51.63
CA GLY A 258 -38.93 34.50 -51.42
C GLY A 258 -40.22 33.71 -51.27
N ALA A 259 -41.33 34.35 -51.63
CA ALA A 259 -42.65 33.72 -51.54
C ALA A 259 -43.64 34.36 -52.49
N GLY A 260 -44.86 33.83 -52.51
CA GLY A 260 -45.92 34.37 -53.34
C GLY A 260 -45.95 33.77 -54.74
N THR A 261 -47.01 34.07 -55.47
CA THR A 261 -47.15 33.58 -56.83
C THR A 261 -46.44 34.49 -57.81
N ARG A 262 -46.24 34.02 -59.04
CA ARG A 262 -45.52 34.79 -60.04
C ARG A 262 -46.26 34.80 -61.39
N HIS A 263 -46.57 35.99 -61.86
CA HIS A 263 -47.21 36.14 -63.17
C HIS A 263 -46.27 36.87 -64.12
N VAL A 264 -45.74 36.15 -65.10
CA VAL A 264 -44.73 36.69 -66.01
C VAL A 264 -45.31 37.78 -66.91
N ASN A 265 -46.60 37.68 -67.20
CA ASN A 265 -47.25 38.62 -68.12
C ASN A 265 -47.37 40.03 -67.54
N ALA A 266 -47.73 40.11 -66.26
CA ALA A 266 -47.89 41.41 -65.60
C ALA A 266 -46.68 41.76 -64.74
N GLU A 267 -45.56 41.11 -65.02
CA GLU A 267 -44.33 41.31 -64.26
C GLU A 267 -43.47 42.49 -64.71
N PRO A 268 -43.22 42.64 -66.04
CA PRO A 268 -42.30 43.71 -66.44
C PRO A 268 -42.78 45.12 -66.12
N GLU A 269 -41.86 46.08 -66.24
CA GLU A 269 -42.12 47.46 -65.88
C GLU A 269 -42.32 48.35 -67.11
N THR A 270 -43.35 49.18 -67.06
CA THR A 270 -43.61 50.16 -68.12
C THR A 270 -43.32 51.56 -67.61
N PRO A 271 -42.09 52.05 -67.86
CA PRO A 271 -41.59 53.31 -67.27
C PRO A 271 -41.99 54.55 -68.07
N ASN A 272 -41.73 55.71 -67.48
CA ASN A 272 -41.91 56.98 -68.17
C ASN A 272 -40.55 57.51 -68.60
N MET A 273 -40.48 58.11 -69.79
CA MET A 273 -39.19 58.49 -70.36
C MET A 273 -38.90 59.98 -70.32
N ASP A 274 -39.90 60.80 -70.61
CA ASP A 274 -39.71 62.25 -70.71
C ASP A 274 -39.24 62.87 -69.39
N VAL A 275 -39.37 62.12 -68.31
CA VAL A 275 -38.94 62.57 -66.99
C VAL A 275 -37.49 62.17 -66.71
N ILE A 276 -37.18 60.90 -66.95
CA ILE A 276 -35.86 60.36 -66.62
C ILE A 276 -34.91 60.33 -67.82
N GLY A 277 -35.44 60.60 -69.01
CA GLY A 277 -34.68 60.51 -70.24
C GLY A 277 -33.45 61.42 -70.27
N GLU A 278 -33.58 62.61 -69.70
CA GLU A 278 -32.47 63.54 -69.66
C GLU A 278 -31.33 63.00 -68.81
N ARG A 279 -31.69 62.33 -67.72
CA ARG A 279 -30.70 61.73 -66.83
C ARG A 279 -29.97 60.57 -67.49
N ILE A 280 -30.72 59.74 -68.20
CA ILE A 280 -30.16 58.59 -68.88
C ILE A 280 -29.22 59.03 -70.01
N LYS A 281 -29.61 60.08 -70.71
CA LYS A 281 -28.84 60.59 -71.84
C LYS A 281 -27.46 61.09 -71.39
N ARG A 282 -27.44 61.80 -70.25
CA ARG A 282 -26.19 62.35 -69.74
C ARG A 282 -25.22 61.25 -69.31
N ILE A 283 -25.77 60.18 -68.74
CA ILE A 283 -24.96 59.04 -68.33
C ILE A 283 -24.43 58.30 -69.56
N LYS A 284 -25.27 58.17 -70.57
CA LYS A 284 -24.90 57.46 -71.79
C LYS A 284 -23.80 58.18 -72.56
N GLU A 285 -23.91 59.50 -72.65
CA GLU A 285 -22.91 60.30 -73.36
C GLU A 285 -21.59 60.32 -72.62
N GLU A 286 -21.64 60.34 -71.30
CA GLU A 286 -20.44 60.33 -70.48
C GLU A 286 -19.66 59.04 -70.64
N HIS A 287 -20.39 57.94 -70.76
CA HIS A 287 -19.77 56.62 -70.91
C HIS A 287 -20.10 56.02 -72.27
N SER A 288 -19.98 56.82 -73.32
CA SER A 288 -20.30 56.40 -74.66
C SER A 288 -19.24 55.48 -75.25
N SER A 289 -18.13 55.34 -74.53
CA SER A 289 -17.02 54.52 -74.98
C SER A 289 -17.37 53.03 -74.96
N THR A 290 -18.04 52.60 -73.90
CA THR A 290 -18.36 51.19 -73.73
C THR A 290 -19.85 50.94 -73.54
N TRP A 291 -20.66 51.95 -73.87
CA TRP A 291 -22.11 51.83 -73.71
C TRP A 291 -22.69 50.78 -74.65
N HIS A 292 -23.45 49.85 -74.09
CA HIS A 292 -24.09 48.80 -74.87
C HIS A 292 -25.35 48.29 -74.19
N TYR A 293 -26.13 47.48 -74.90
CA TYR A 293 -27.36 46.93 -74.35
C TYR A 293 -27.25 45.43 -74.17
N ASP A 294 -27.17 45.00 -72.91
CA ASP A 294 -27.09 43.57 -72.60
C ASP A 294 -28.47 42.94 -72.71
N ASP A 295 -28.60 41.98 -73.62
CA ASP A 295 -29.90 41.37 -73.90
C ASP A 295 -30.30 40.35 -72.84
N GLU A 296 -29.33 39.91 -72.04
CA GLU A 296 -29.59 38.89 -71.03
C GLU A 296 -29.58 39.48 -69.63
N ASN A 297 -30.14 40.67 -69.48
CA ASN A 297 -30.27 41.30 -68.17
C ASN A 297 -31.32 40.59 -67.32
N PRO A 298 -31.00 40.36 -66.03
CA PRO A 298 -31.88 39.61 -65.14
C PRO A 298 -33.00 40.45 -64.56
N TYR A 299 -33.06 41.72 -64.91
CA TYR A 299 -34.05 42.64 -64.35
C TYR A 299 -35.45 42.33 -64.84
N LYS A 300 -36.40 42.28 -63.91
CA LYS A 300 -37.77 41.88 -64.22
C LYS A 300 -38.74 43.03 -64.01
N THR A 301 -38.92 43.44 -62.76
CA THR A 301 -39.86 44.49 -62.41
C THR A 301 -39.21 45.87 -62.50
N TRP A 302 -37.98 45.92 -62.99
CA TRP A 302 -37.28 47.17 -63.19
C TRP A 302 -36.95 47.37 -64.67
N ALA A 303 -37.08 48.60 -65.13
CA ALA A 303 -36.82 48.91 -66.53
C ALA A 303 -35.34 49.00 -66.83
N TYR A 304 -34.83 48.03 -67.59
CA TYR A 304 -33.43 48.03 -67.99
C TYR A 304 -33.21 48.95 -69.19
N HIS A 305 -32.19 49.80 -69.09
CA HIS A 305 -31.91 50.77 -70.15
C HIS A 305 -30.63 50.45 -70.90
N GLY A 306 -29.56 50.17 -70.16
CA GLY A 306 -28.29 49.86 -70.78
C GLY A 306 -27.20 49.48 -69.78
N SER A 307 -25.98 49.34 -70.28
CA SER A 307 -24.85 48.98 -69.42
C SER A 307 -23.53 49.50 -69.98
N TYR A 308 -22.52 49.59 -69.12
CA TYR A 308 -21.19 50.01 -69.55
C TYR A 308 -20.13 49.43 -68.62
N GLU A 309 -18.97 49.13 -69.19
CA GLU A 309 -17.90 48.46 -68.46
C GLU A 309 -17.33 49.31 -67.33
N VAL A 310 -17.17 48.70 -66.16
CA VAL A 310 -16.57 49.36 -65.01
C VAL A 310 -15.54 48.46 -64.33
N LYS A 311 -15.05 48.90 -63.19
CA LYS A 311 -14.11 48.10 -62.40
C LYS A 311 -14.78 47.58 -61.14
N ALA A 312 -14.29 46.45 -60.64
CA ALA A 312 -14.89 45.80 -59.48
C ALA A 312 -14.87 46.69 -58.23
N THR A 313 -15.97 46.69 -57.50
CA THR A 313 -16.08 47.50 -56.29
C THR A 313 -16.81 46.73 -55.18
N GLY A 314 -16.18 46.65 -54.02
CA GLY A 314 -16.78 45.97 -52.88
C GLY A 314 -15.95 44.78 -52.42
N SER A 315 -16.30 44.25 -51.26
CA SER A 315 -15.58 43.11 -50.70
C SER A 315 -16.54 41.98 -50.33
N ALA A 316 -16.04 40.75 -50.33
CA ALA A 316 -16.85 39.59 -50.00
C ALA A 316 -17.08 39.49 -48.49
N SER A 317 -16.06 39.86 -47.73
CA SER A 317 -16.15 39.83 -46.27
C SER A 317 -15.92 41.22 -45.69
N SER A 318 -16.39 41.41 -44.45
CA SER A 318 -16.24 42.70 -43.78
C SER A 318 -15.05 42.69 -42.84
N MET A 319 -14.48 43.88 -42.61
CA MET A 319 -13.33 44.02 -41.73
C MET A 319 -13.72 43.80 -40.27
N ILE A 320 -12.94 42.99 -39.56
CA ILE A 320 -13.22 42.66 -38.18
C ILE A 320 -12.50 43.60 -37.22
N ASN A 321 -13.25 44.17 -36.28
CA ASN A 321 -12.67 44.99 -35.24
C ASN A 321 -11.78 44.14 -34.32
N GLY A 322 -10.48 44.21 -34.54
CA GLY A 322 -9.54 43.37 -33.81
C GLY A 322 -9.49 43.61 -32.32
N VAL A 323 -9.83 44.83 -31.91
CA VAL A 323 -9.79 45.20 -30.50
C VAL A 323 -10.77 44.37 -29.68
N VAL A 324 -12.04 44.39 -30.07
CA VAL A 324 -13.08 43.68 -29.33
C VAL A 324 -12.99 42.17 -29.53
N LYS A 325 -12.35 41.75 -30.61
CA LYS A 325 -12.23 40.33 -30.91
C LYS A 325 -11.27 39.66 -29.93
N LEU A 326 -10.24 40.39 -29.51
CA LEU A 326 -9.28 39.87 -28.55
C LEU A 326 -9.85 39.84 -27.14
N LEU A 327 -10.97 40.52 -26.96
CA LEU A 327 -11.61 40.57 -25.65
C LEU A 327 -12.86 39.70 -25.61
N THR A 328 -13.51 39.54 -26.76
CA THR A 328 -14.67 38.69 -26.87
C THR A 328 -14.30 37.32 -27.43
N LYS A 329 -13.26 36.72 -26.86
CA LYS A 329 -12.77 35.43 -27.30
C LYS A 329 -13.81 34.29 -27.22
N PRO A 330 -14.59 34.21 -26.12
CA PRO A 330 -15.56 33.10 -26.08
C PRO A 330 -16.61 33.14 -27.18
N TRP A 331 -16.81 34.30 -27.80
CA TRP A 331 -17.83 34.43 -28.83
C TRP A 331 -17.28 34.17 -30.22
N ASP A 332 -16.08 33.59 -30.28
CA ASP A 332 -15.49 33.23 -31.56
C ASP A 332 -16.07 31.92 -32.08
N VAL A 333 -16.69 31.16 -31.19
CA VAL A 333 -17.25 29.87 -31.54
C VAL A 333 -18.76 29.97 -31.80
N VAL A 334 -19.32 31.14 -31.51
CA VAL A 334 -20.75 31.36 -31.70
C VAL A 334 -21.06 31.69 -33.15
N PRO A 335 -21.92 30.87 -33.78
CA PRO A 335 -22.30 31.03 -35.20
C PRO A 335 -22.95 32.37 -35.50
N MET A 336 -23.91 32.77 -34.66
CA MET A 336 -24.67 33.99 -34.88
C MET A 336 -23.78 35.22 -34.96
N VAL A 337 -22.74 35.25 -34.13
CA VAL A 337 -21.80 36.37 -34.12
C VAL A 337 -21.00 36.40 -35.42
N THR A 338 -20.68 35.22 -35.94
CA THR A 338 -19.89 35.10 -37.16
C THR A 338 -20.71 35.50 -38.38
N GLN A 339 -22.00 35.16 -38.38
CA GLN A 339 -22.86 35.39 -39.53
C GLN A 339 -22.99 36.86 -39.90
N MET A 340 -22.90 37.73 -38.90
CA MET A 340 -23.10 39.16 -39.12
C MET A 340 -21.91 39.82 -39.82
N ALA A 341 -20.81 39.07 -39.93
CA ALA A 341 -19.62 39.59 -40.59
C ALA A 341 -19.43 38.96 -41.97
N MET A 342 -20.46 38.24 -42.42
CA MET A 342 -20.40 37.56 -43.70
C MET A 342 -21.13 38.35 -44.78
N THR A 343 -21.17 39.66 -44.62
CA THR A 343 -21.85 40.53 -45.58
C THR A 343 -21.08 40.62 -46.89
N ASP A 344 -21.73 40.22 -47.97
CA ASP A 344 -21.11 40.26 -49.30
C ASP A 344 -21.52 41.52 -50.06
N THR A 345 -20.53 42.31 -50.46
CA THR A 345 -20.80 43.57 -51.15
C THR A 345 -20.21 43.56 -52.56
N THR A 346 -19.72 42.40 -52.99
CA THR A 346 -19.18 42.23 -54.33
C THR A 346 -20.27 42.37 -55.39
N PRO A 347 -19.88 42.70 -56.63
CA PRO A 347 -20.85 42.77 -57.74
C PRO A 347 -21.72 41.51 -57.86
N PHE A 348 -21.16 40.36 -57.52
CA PHE A 348 -21.94 39.12 -57.47
C PHE A 348 -23.01 39.22 -56.39
N GLY A 349 -22.62 39.73 -55.22
CA GLY A 349 -23.53 39.88 -54.10
C GLY A 349 -24.61 40.91 -54.36
N GLN A 350 -24.25 41.98 -55.04
CA GLN A 350 -25.20 43.05 -55.36
C GLN A 350 -26.36 42.52 -56.20
N GLN A 351 -26.06 41.57 -57.08
CA GLN A 351 -27.09 40.97 -57.92
C GLN A 351 -27.92 39.96 -57.14
N ARG A 352 -27.28 39.27 -56.19
CA ARG A 352 -27.96 38.29 -55.37
C ARG A 352 -28.94 38.97 -54.42
N VAL A 353 -28.51 40.09 -53.82
CA VAL A 353 -29.37 40.85 -52.92
C VAL A 353 -30.52 41.48 -53.69
N PHE A 354 -30.23 41.93 -54.90
CA PHE A 354 -31.23 42.60 -55.73
C PHE A 354 -32.38 41.67 -56.10
N LYS A 355 -32.05 40.44 -56.45
CA LYS A 355 -33.06 39.49 -56.92
C LYS A 355 -33.95 38.99 -55.79
N GLU A 356 -33.37 38.81 -54.61
CA GLU A 356 -34.07 38.19 -53.50
C GLU A 356 -35.03 39.13 -52.78
N LYS A 357 -34.75 40.43 -52.81
CA LYS A 357 -35.57 41.39 -52.08
C LYS A 357 -36.00 42.59 -52.92
N VAL A 358 -35.07 43.15 -53.66
CA VAL A 358 -35.34 44.39 -54.41
C VAL A 358 -36.21 44.15 -55.65
N ASP A 359 -35.98 43.04 -56.33
CA ASP A 359 -36.68 42.76 -57.58
C ASP A 359 -38.02 42.05 -57.35
N THR A 360 -38.97 42.77 -56.76
CA THR A 360 -40.32 42.27 -56.57
C THR A 360 -41.34 43.32 -56.95
N ARG A 361 -42.58 42.89 -57.18
CA ARG A 361 -43.63 43.83 -57.54
C ARG A 361 -44.85 43.67 -56.65
N THR A 362 -45.32 44.79 -56.12
CA THR A 362 -46.50 44.81 -55.27
C THR A 362 -47.75 45.07 -56.10
N PRO A 363 -48.73 44.15 -56.01
CA PRO A 363 -49.99 44.23 -56.77
C PRO A 363 -50.74 45.52 -56.50
N ARG A 364 -51.42 46.02 -57.53
CA ARG A 364 -52.21 47.25 -57.40
C ARG A 364 -53.40 47.02 -56.47
N PRO A 365 -53.48 47.82 -55.39
CA PRO A 365 -54.56 47.72 -54.41
C PRO A 365 -55.93 47.89 -55.03
N MET A 366 -56.94 47.29 -54.42
CA MET A 366 -58.31 47.39 -54.92
C MET A 366 -58.82 48.82 -54.82
N PRO A 367 -59.68 49.23 -55.77
CA PRO A 367 -60.23 50.59 -55.85
C PRO A 367 -60.80 51.09 -54.52
N GLY A 368 -61.45 50.22 -53.77
CA GLY A 368 -62.00 50.58 -52.48
C GLY A 368 -60.91 50.93 -51.49
N THR A 369 -59.84 50.13 -51.50
CA THR A 369 -58.72 50.36 -50.61
C THR A 369 -58.00 51.67 -50.98
N ARG A 370 -57.87 51.91 -52.28
CA ARG A 370 -57.23 53.12 -52.78
C ARG A 370 -58.00 54.36 -52.31
N LYS A 371 -59.31 54.21 -52.18
CA LYS A 371 -60.17 55.30 -51.73
C LYS A 371 -59.86 55.66 -50.28
N VAL A 372 -59.89 54.65 -49.41
CA VAL A 372 -59.70 54.86 -47.98
C VAL A 372 -58.31 55.40 -47.67
N MET A 373 -57.32 54.94 -48.42
CA MET A 373 -55.95 55.41 -48.25
C MET A 373 -55.84 56.90 -48.55
N GLU A 374 -56.62 57.35 -49.53
CA GLU A 374 -56.63 58.76 -49.92
C GLU A 374 -57.37 59.59 -48.89
N ILE A 375 -58.44 59.03 -48.33
CA ILE A 375 -59.24 59.72 -47.34
C ILE A 375 -58.45 59.93 -46.05
N THR A 376 -57.83 58.86 -45.56
CA THR A 376 -57.09 58.89 -44.31
C THR A 376 -55.86 59.78 -44.42
N ALA A 377 -55.26 59.82 -45.60
CA ALA A 377 -54.06 60.63 -45.82
C ALA A 377 -54.35 62.12 -45.64
N GLU A 378 -55.43 62.59 -46.25
CA GLU A 378 -55.81 64.01 -46.15
C GLU A 378 -56.18 64.37 -44.73
N TRP A 379 -56.78 63.42 -44.01
CA TRP A 379 -57.13 63.63 -42.62
C TRP A 379 -55.89 63.68 -41.75
N LEU A 380 -54.90 62.86 -42.10
CA LEU A 380 -53.69 62.75 -41.30
C LEU A 380 -52.78 63.96 -41.50
N TRP A 381 -52.64 64.40 -42.74
CA TRP A 381 -51.82 65.56 -43.04
C TRP A 381 -52.38 66.83 -42.39
N ARG A 382 -53.71 66.96 -42.40
CA ARG A 382 -54.36 68.11 -41.81
C ARG A 382 -54.19 68.13 -40.30
N THR A 383 -54.00 66.95 -39.72
CA THR A 383 -53.83 66.83 -38.27
C THR A 383 -52.37 67.07 -37.89
N LEU A 384 -51.45 66.62 -38.73
CA LEU A 384 -50.03 66.81 -38.50
C LEU A 384 -49.63 68.28 -38.67
N GLY A 385 -50.34 68.98 -39.55
CA GLY A 385 -50.06 70.37 -39.82
C GLY A 385 -51.03 71.31 -39.12
N ARG A 386 -51.54 70.87 -37.98
CA ARG A 386 -52.49 71.67 -37.21
C ARG A 386 -51.81 72.88 -36.58
N ASN A 387 -50.52 72.75 -36.32
CA ASN A 387 -49.75 73.81 -35.70
C ASN A 387 -48.59 74.26 -36.59
N LYS A 388 -47.76 73.32 -37.00
CA LYS A 388 -46.58 73.61 -37.79
C LYS A 388 -46.93 73.94 -39.24
N ARG A 389 -46.17 74.86 -39.82
CA ARG A 389 -46.32 75.20 -41.24
C ARG A 389 -45.10 74.73 -42.02
N PRO A 390 -45.33 74.09 -43.18
CA PRO A 390 -44.24 73.63 -44.05
C PRO A 390 -43.35 74.79 -44.50
N ARG A 391 -42.05 74.54 -44.58
CA ARG A 391 -41.10 75.60 -44.92
C ARG A 391 -39.93 75.08 -45.76
N LEU A 392 -39.21 76.02 -46.36
CA LEU A 392 -38.00 75.69 -47.11
C LEU A 392 -36.77 75.73 -46.20
N CYS A 393 -35.94 74.71 -46.28
CA CYS A 393 -34.71 74.68 -45.52
C CYS A 393 -33.63 75.51 -46.23
N THR A 394 -32.61 75.90 -45.49
CA THR A 394 -31.58 76.79 -46.02
C THR A 394 -30.23 76.10 -46.20
N ARG A 395 -29.34 76.77 -46.92
CA ARG A 395 -27.97 76.31 -47.12
C ARG A 395 -27.23 76.29 -45.79
N GLU A 396 -27.57 77.25 -44.92
CA GLU A 396 -26.93 77.36 -43.61
C GLU A 396 -27.24 76.15 -42.73
N GLU A 397 -28.47 75.65 -42.84
CA GLU A 397 -28.88 74.47 -42.07
C GLU A 397 -28.16 73.22 -42.57
N PHE A 398 -28.01 73.13 -43.89
CA PHE A 398 -27.36 71.98 -44.51
C PHE A 398 -25.89 71.91 -44.12
N THR A 399 -25.22 73.06 -44.20
CA THR A 399 -23.80 73.15 -43.90
C THR A 399 -23.51 72.81 -42.44
N LYS A 400 -24.36 73.31 -41.55
CA LYS A 400 -24.17 73.11 -40.11
C LYS A 400 -24.24 71.63 -39.72
N LYS A 401 -25.12 70.88 -40.37
CA LYS A 401 -25.30 69.47 -40.06
C LYS A 401 -24.22 68.62 -40.75
N VAL A 402 -23.66 69.13 -41.84
CA VAL A 402 -22.59 68.42 -42.53
C VAL A 402 -21.29 68.51 -41.74
N ARG A 403 -20.96 69.69 -41.26
CA ARG A 403 -19.76 69.91 -40.46
C ARG A 403 -19.81 69.11 -39.17
N THR A 404 -21.00 68.98 -38.60
CA THR A 404 -21.18 68.22 -37.37
C THR A 404 -21.50 66.76 -37.68
N SER A 420 -13.65 65.12 -50.03
CA SER A 420 -14.47 64.59 -48.95
C SER A 420 -15.90 65.11 -49.02
N ALA A 421 -16.59 65.09 -47.89
CA ALA A 421 -17.96 65.57 -47.82
C ALA A 421 -18.02 66.94 -47.13
N ARG A 422 -17.21 67.09 -46.08
CA ARG A 422 -17.18 68.33 -45.32
C ARG A 422 -16.43 69.42 -46.09
N ALA A 423 -15.67 69.01 -47.10
CA ALA A 423 -14.90 69.94 -47.91
C ALA A 423 -15.67 70.35 -49.16
N ALA A 424 -16.67 69.55 -49.51
CA ALA A 424 -17.47 69.81 -50.72
C ALA A 424 -18.42 70.98 -50.52
N VAL A 425 -18.73 71.29 -49.26
CA VAL A 425 -19.65 72.36 -48.96
C VAL A 425 -18.96 73.73 -49.03
N GLU A 426 -17.64 73.72 -48.87
CA GLU A 426 -16.88 74.97 -48.93
C GLU A 426 -16.61 75.37 -50.37
N ASP A 427 -16.69 74.40 -51.27
CA ASP A 427 -16.49 74.65 -52.69
C ASP A 427 -17.71 75.36 -53.27
N GLU A 428 -17.49 76.57 -53.80
CA GLU A 428 -18.57 77.38 -54.33
C GLU A 428 -19.12 76.81 -55.63
N GLU A 429 -18.27 76.11 -56.37
CA GLU A 429 -18.66 75.52 -57.64
C GLU A 429 -19.74 74.47 -57.44
N PHE A 430 -19.69 73.80 -56.29
CA PHE A 430 -20.69 72.79 -55.94
C PHE A 430 -22.08 73.39 -55.81
N TRP A 431 -22.16 74.59 -55.25
CA TRP A 431 -23.44 75.25 -55.02
C TRP A 431 -24.05 75.79 -56.31
N LYS A 432 -23.20 76.09 -57.28
CA LYS A 432 -23.70 76.61 -58.55
C LYS A 432 -24.27 75.49 -59.41
N LEU A 433 -23.72 74.29 -59.25
CA LEU A 433 -24.26 73.11 -59.92
C LEU A 433 -25.65 72.82 -59.40
N VAL A 434 -25.86 73.08 -58.11
CA VAL A 434 -27.16 72.88 -57.48
C VAL A 434 -28.21 73.80 -58.09
N ASP A 435 -27.84 75.05 -58.30
CA ASP A 435 -28.74 76.04 -58.88
C ASP A 435 -29.17 75.62 -60.29
N ARG A 436 -28.21 75.15 -61.08
CA ARG A 436 -28.51 74.70 -62.43
C ARG A 436 -29.48 73.51 -62.43
N GLU A 437 -29.38 72.69 -61.39
CA GLU A 437 -30.27 71.54 -61.24
C GLU A 437 -31.61 71.96 -60.65
N ARG A 438 -31.56 72.97 -59.78
CA ARG A 438 -32.78 73.47 -59.13
C ARG A 438 -33.70 74.13 -60.14
N GLU A 439 -33.13 74.95 -61.02
CA GLU A 439 -33.92 75.65 -62.03
C GLU A 439 -34.56 74.66 -63.00
N LEU A 440 -33.93 73.52 -63.19
CA LEU A 440 -34.50 72.46 -64.00
C LEU A 440 -35.71 71.86 -63.29
N HIS A 441 -35.60 71.70 -61.98
CA HIS A 441 -36.70 71.19 -61.17
C HIS A 441 -37.88 72.16 -61.17
N LYS A 442 -37.57 73.45 -61.25
CA LYS A 442 -38.60 74.48 -61.33
C LYS A 442 -39.28 74.44 -62.70
N LEU A 443 -38.59 73.86 -63.67
CA LEU A 443 -39.14 73.70 -65.01
C LEU A 443 -39.73 72.32 -65.20
N GLY A 444 -39.73 71.53 -64.13
CA GLY A 444 -40.27 70.18 -64.16
C GLY A 444 -39.33 69.21 -64.88
N LYS A 445 -38.03 69.44 -64.73
CA LYS A 445 -37.04 68.60 -65.39
C LYS A 445 -35.98 68.14 -64.40
N CYS A 446 -35.44 66.94 -64.61
CA CYS A 446 -34.41 66.41 -63.75
C CYS A 446 -33.22 65.94 -64.57
N GLY A 447 -32.01 66.17 -64.05
CA GLY A 447 -30.81 65.90 -64.82
C GLY A 447 -29.67 65.20 -64.10
N SER A 448 -29.50 65.49 -62.82
CA SER A 448 -28.32 64.99 -62.11
C SER A 448 -28.67 64.16 -60.87
N CYS A 449 -29.96 63.93 -60.64
CA CYS A 449 -30.39 63.17 -59.46
C CYS A 449 -30.37 61.68 -59.74
N VAL A 450 -29.26 61.03 -59.38
CA VAL A 450 -29.12 59.59 -59.56
C VAL A 450 -28.70 58.91 -58.26
N TYR A 451 -29.38 57.83 -57.91
CA TYR A 451 -29.11 57.11 -56.67
C TYR A 451 -28.11 55.98 -56.88
N ASN A 452 -27.29 55.72 -55.87
CA ASN A 452 -26.32 54.63 -55.92
C ASN A 452 -26.60 53.58 -54.87
N MET A 453 -26.20 52.34 -55.16
CA MET A 453 -26.39 51.24 -54.22
C MET A 453 -25.19 51.09 -53.29
N LEU A 478 -24.75 63.66 -54.58
CA LEU A 478 -24.93 64.45 -53.36
C LEU A 478 -25.92 65.59 -53.58
N GLY A 479 -25.73 66.34 -54.68
CA GLY A 479 -26.52 67.53 -54.94
C GLY A 479 -28.02 67.28 -54.92
N ALA A 480 -28.41 66.04 -55.23
CA ALA A 480 -29.80 65.63 -55.17
C ALA A 480 -30.29 65.59 -53.72
N ARG A 481 -29.42 65.16 -52.82
CA ARG A 481 -29.77 65.04 -51.41
C ARG A 481 -30.03 66.42 -50.78
N TYR A 482 -29.28 67.42 -51.24
CA TYR A 482 -29.45 68.78 -50.74
C TYR A 482 -30.80 69.36 -51.21
N LEU A 483 -31.15 69.09 -52.46
CA LEU A 483 -32.40 69.58 -53.02
C LEU A 483 -33.61 68.98 -52.31
N GLU A 484 -33.47 67.73 -51.87
CA GLU A 484 -34.53 67.08 -51.11
C GLU A 484 -34.63 67.68 -49.73
N PHE A 485 -33.48 67.96 -49.12
CA PHE A 485 -33.43 68.58 -47.80
C PHE A 485 -33.98 69.99 -47.86
N GLU A 486 -33.76 70.67 -48.98
CA GLU A 486 -34.22 72.04 -49.16
C GLU A 486 -35.74 72.11 -49.18
N ALA A 487 -36.37 71.01 -49.62
CA ALA A 487 -37.82 70.97 -49.78
C ALA A 487 -38.52 70.23 -48.65
N LEU A 488 -38.08 69.01 -48.39
CA LEU A 488 -38.76 68.14 -47.43
C LEU A 488 -38.01 67.97 -46.12
N GLY A 489 -36.95 68.75 -45.94
CA GLY A 489 -36.13 68.64 -44.75
C GLY A 489 -36.78 69.20 -43.51
N PHE A 490 -37.87 69.95 -43.71
CA PHE A 490 -38.56 70.61 -42.61
C PHE A 490 -39.24 69.60 -41.68
N LEU A 491 -39.51 68.41 -42.20
CA LEU A 491 -40.18 67.36 -41.42
C LEU A 491 -39.32 66.91 -40.24
N ASN A 492 -38.01 66.86 -40.45
CA ASN A 492 -37.09 66.39 -39.43
C ASN A 492 -36.58 67.51 -38.54
N GLU A 493 -36.32 68.66 -39.15
CA GLU A 493 -35.77 69.80 -38.41
C GLU A 493 -36.80 70.40 -37.46
N ASP A 494 -38.04 70.51 -37.91
CA ASP A 494 -39.10 71.06 -37.08
C ASP A 494 -39.77 69.95 -36.26
N HIS A 495 -39.29 68.72 -36.44
CA HIS A 495 -39.79 67.57 -35.71
C HIS A 495 -41.30 67.37 -35.89
N TRP A 496 -41.69 67.06 -37.12
CA TRP A 496 -43.11 66.86 -37.43
C TRP A 496 -43.64 65.58 -36.82
N PHE A 497 -42.77 64.60 -36.63
CA PHE A 497 -43.19 63.28 -36.15
C PHE A 497 -42.88 63.07 -34.67
N SER A 498 -42.76 64.16 -33.93
CA SER A 498 -42.62 64.07 -32.49
C SER A 498 -43.94 63.59 -31.88
N ARG A 499 -43.86 62.95 -30.72
CA ARG A 499 -45.05 62.39 -30.10
C ARG A 499 -46.02 63.48 -29.65
N GLU A 500 -45.50 64.67 -29.40
CA GLU A 500 -46.32 65.80 -28.98
C GLU A 500 -47.17 66.31 -30.13
N ASN A 501 -46.68 66.11 -31.35
CA ASN A 501 -47.35 66.63 -32.54
C ASN A 501 -48.00 65.53 -33.38
N SER A 502 -47.47 64.32 -33.31
CA SER A 502 -47.97 63.23 -34.14
C SER A 502 -48.69 62.15 -33.34
N TYR A 503 -48.67 62.28 -32.02
CA TYR A 503 -49.35 61.36 -31.09
C TYR A 503 -48.82 59.93 -31.13
N SER A 504 -48.47 59.44 -32.33
CA SER A 504 -48.00 58.08 -32.48
C SER A 504 -46.49 57.98 -32.66
N GLY A 505 -45.92 58.97 -33.34
CA GLY A 505 -44.50 58.99 -33.62
C GLY A 505 -43.63 59.04 -32.38
N VAL A 506 -42.38 58.64 -32.51
CA VAL A 506 -41.44 58.63 -31.40
C VAL A 506 -40.14 59.31 -31.78
N GLU A 507 -40.21 60.21 -32.76
CA GLU A 507 -39.03 60.89 -33.27
C GLU A 507 -38.45 61.83 -32.22
N GLY A 508 -37.17 61.68 -31.95
CA GLY A 508 -36.46 62.57 -31.04
C GLY A 508 -36.56 62.17 -29.58
N GLU A 509 -37.27 61.07 -29.31
CA GLU A 509 -37.45 60.61 -27.95
C GLU A 509 -36.18 59.93 -27.42
N GLY A 510 -35.68 58.96 -28.17
CA GLY A 510 -34.48 58.26 -27.78
C GLY A 510 -34.75 56.82 -27.39
N LEU A 511 -33.72 55.98 -27.47
CA LEU A 511 -33.85 54.56 -27.17
C LEU A 511 -34.18 54.30 -25.71
N HIS A 512 -33.64 55.14 -24.83
CA HIS A 512 -33.82 54.94 -23.39
C HIS A 512 -35.20 55.35 -22.91
N LYS A 513 -35.97 55.99 -23.77
CA LYS A 513 -37.31 56.45 -23.41
C LYS A 513 -38.40 55.63 -24.06
N LEU A 514 -38.03 54.83 -25.06
CA LEU A 514 -38.98 54.02 -25.80
C LEU A 514 -39.69 53.02 -24.90
N GLY A 515 -38.94 52.45 -23.95
CA GLY A 515 -39.49 51.47 -23.03
C GLY A 515 -40.55 52.06 -22.14
N TYR A 516 -40.31 53.28 -21.66
CA TYR A 516 -41.28 53.97 -20.81
C TYR A 516 -42.54 54.29 -21.59
N ILE A 517 -42.40 54.54 -22.89
CA ILE A 517 -43.55 54.80 -23.75
C ILE A 517 -44.43 53.58 -23.87
N LEU A 518 -43.83 52.43 -24.15
CA LEU A 518 -44.56 51.19 -24.31
C LEU A 518 -45.25 50.77 -23.02
N ARG A 519 -44.66 51.12 -21.89
CA ARG A 519 -45.27 50.79 -20.60
C ARG A 519 -46.52 51.63 -20.37
N ASP A 520 -46.48 52.88 -20.83
CA ASP A 520 -47.63 53.76 -20.70
C ASP A 520 -48.76 53.32 -21.61
N ILE A 521 -48.41 52.81 -22.78
CA ILE A 521 -49.39 52.30 -23.73
C ILE A 521 -50.10 51.08 -23.17
N SER A 522 -49.36 50.24 -22.46
CA SER A 522 -49.91 49.02 -21.87
C SER A 522 -50.97 49.35 -20.81
N LYS A 523 -50.89 50.54 -20.24
CA LYS A 523 -51.85 50.98 -19.24
C LYS A 523 -53.21 51.28 -19.86
N ILE A 524 -53.20 51.59 -21.16
CA ILE A 524 -54.43 51.86 -21.88
C ILE A 524 -55.27 50.60 -22.04
N PRO A 525 -56.53 50.65 -21.59
CA PRO A 525 -57.46 49.52 -21.68
C PRO A 525 -57.66 49.07 -23.14
N GLY A 526 -57.89 47.77 -23.32
CA GLY A 526 -58.08 47.22 -24.65
C GLY A 526 -57.55 45.79 -24.76
N GLY A 527 -57.24 45.39 -25.99
CA GLY A 527 -56.72 44.05 -26.23
C GLY A 527 -55.22 43.95 -25.98
N ALA A 528 -54.61 42.92 -26.54
CA ALA A 528 -53.17 42.72 -26.37
C ALA A 528 -52.37 43.65 -27.28
N MET A 529 -51.09 43.80 -26.98
CA MET A 529 -50.22 44.66 -27.77
C MET A 529 -49.61 43.89 -28.94
N TYR A 530 -49.92 44.34 -30.16
CA TYR A 530 -49.42 43.70 -31.35
C TYR A 530 -48.24 44.47 -31.95
N ALA A 531 -47.30 43.74 -32.54
CA ALA A 531 -46.14 44.37 -33.16
C ALA A 531 -45.63 43.53 -34.32
N ASP A 532 -46.21 43.74 -35.50
CA ASP A 532 -45.82 42.99 -36.69
C ASP A 532 -44.77 43.72 -37.50
N ASP A 533 -43.74 42.99 -37.91
CA ASP A 533 -42.69 43.56 -38.73
C ASP A 533 -42.95 43.25 -40.20
N THR A 534 -42.79 44.25 -41.06
CA THR A 534 -43.10 44.09 -42.48
C THR A 534 -41.86 43.69 -43.28
N ALA A 535 -41.98 42.62 -44.06
CA ALA A 535 -40.88 42.12 -44.86
C ALA A 535 -40.59 43.04 -46.05
N GLY A 536 -39.49 43.78 -45.96
CA GLY A 536 -39.10 44.68 -47.02
C GLY A 536 -40.11 45.79 -47.21
N TRP A 537 -40.17 46.69 -46.24
CA TRP A 537 -41.13 47.79 -46.26
C TRP A 537 -40.96 48.70 -47.46
N ASP A 538 -39.72 49.08 -47.75
CA ASP A 538 -39.43 50.01 -48.83
C ASP A 538 -39.76 49.42 -50.20
N THR A 539 -39.80 48.09 -50.28
CA THR A 539 -40.09 47.42 -51.55
C THR A 539 -41.58 47.16 -51.72
N ARG A 540 -42.36 47.61 -50.76
CA ARG A 540 -43.80 47.39 -50.78
C ARG A 540 -44.59 48.69 -50.78
N ILE A 541 -43.93 49.78 -51.18
CA ILE A 541 -44.60 51.07 -51.31
C ILE A 541 -45.19 51.20 -52.71
N THR A 542 -46.52 51.19 -52.78
CA THR A 542 -47.20 51.25 -54.06
C THR A 542 -47.19 52.66 -54.64
N GLU A 543 -47.65 52.79 -55.88
CA GLU A 543 -47.75 54.10 -56.51
C GLU A 543 -48.84 54.92 -55.83
N ASP A 544 -49.83 54.24 -55.27
CA ASP A 544 -50.90 54.91 -54.55
C ASP A 544 -50.39 55.47 -53.23
N ASP A 545 -49.42 54.79 -52.64
CA ASP A 545 -48.82 55.24 -51.39
C ASP A 545 -48.06 56.54 -51.59
N LEU A 546 -47.36 56.65 -52.72
CA LEU A 546 -46.57 57.83 -53.03
C LEU A 546 -47.43 59.05 -53.30
N HIS A 547 -48.56 58.85 -53.98
CA HIS A 547 -49.47 59.95 -54.30
C HIS A 547 -50.11 60.51 -53.03
N ASN A 548 -50.26 59.66 -52.02
CA ASN A 548 -50.80 60.09 -50.74
C ASN A 548 -49.79 60.92 -49.96
N GLU A 549 -48.51 60.60 -50.16
CA GLU A 549 -47.44 61.35 -49.52
C GLU A 549 -47.22 62.68 -50.24
N GLU A 550 -47.78 62.78 -51.43
CA GLU A 550 -47.62 63.97 -52.26
C GLU A 550 -48.54 65.09 -51.80
N LYS A 551 -49.56 64.75 -51.02
CA LYS A 551 -50.58 65.70 -50.62
C LYS A 551 -50.10 66.76 -49.63
N ILE A 552 -48.90 66.56 -49.09
CA ILE A 552 -48.34 67.50 -48.13
C ILE A 552 -48.04 68.84 -48.80
N THR A 553 -47.85 68.82 -50.12
CA THR A 553 -47.53 70.03 -50.88
C THR A 553 -48.70 71.01 -50.92
N GLN A 554 -49.88 70.56 -50.53
CA GLN A 554 -51.07 71.41 -50.53
C GLN A 554 -51.02 72.46 -49.43
N GLN A 555 -50.15 72.24 -48.44
CA GLN A 555 -50.01 73.17 -47.34
C GLN A 555 -48.78 74.05 -47.50
N MET A 556 -48.17 73.99 -48.67
CA MET A 556 -46.94 74.73 -48.94
C MET A 556 -47.17 75.95 -49.82
N ASP A 557 -46.26 76.91 -49.72
CA ASP A 557 -46.30 78.10 -50.55
C ASP A 557 -46.00 77.74 -52.00
N PRO A 558 -46.57 78.51 -52.96
CA PRO A 558 -46.39 78.27 -54.39
C PRO A 558 -44.93 78.11 -54.82
N GLU A 559 -44.02 78.86 -54.21
CA GLU A 559 -42.61 78.74 -54.53
C GLU A 559 -42.02 77.48 -53.89
N HIS A 560 -42.59 77.06 -52.77
CA HIS A 560 -42.18 75.84 -52.09
C HIS A 560 -42.87 74.65 -52.74
N ARG A 561 -44.14 74.82 -53.08
CA ARG A 561 -44.95 73.76 -53.66
C ARG A 561 -44.42 73.32 -55.03
N GLN A 562 -43.90 74.27 -55.81
CA GLN A 562 -43.40 73.96 -57.14
C GLN A 562 -42.07 73.21 -57.07
N LEU A 563 -41.36 73.36 -55.96
CA LEU A 563 -40.09 72.68 -55.77
C LEU A 563 -40.31 71.30 -55.15
N ALA A 564 -41.29 71.21 -54.26
CA ALA A 564 -41.60 69.97 -53.58
C ALA A 564 -42.18 68.94 -54.55
N ASN A 565 -43.13 69.37 -55.37
CA ASN A 565 -43.74 68.50 -56.36
C ASN A 565 -42.72 67.94 -57.34
N ALA A 566 -41.65 68.68 -57.57
CA ALA A 566 -40.56 68.24 -58.41
C ALA A 566 -39.86 67.05 -57.77
N ILE A 567 -39.56 67.19 -56.48
CA ILE A 567 -38.89 66.13 -55.73
C ILE A 567 -39.71 64.84 -55.74
N PHE A 568 -41.02 64.96 -55.55
CA PHE A 568 -41.90 63.80 -55.56
C PHE A 568 -42.01 63.17 -56.94
N LYS A 569 -42.17 63.99 -57.96
CA LYS A 569 -42.42 63.49 -59.30
C LYS A 569 -41.16 63.08 -60.05
N LEU A 570 -40.06 63.78 -59.80
CA LEU A 570 -38.84 63.55 -60.57
C LEU A 570 -37.81 62.69 -59.84
N THR A 571 -37.92 62.58 -58.51
CA THR A 571 -36.92 61.85 -57.74
C THR A 571 -37.53 60.70 -56.93
N TYR A 572 -38.83 60.75 -56.68
CA TYR A 572 -39.49 59.72 -55.89
C TYR A 572 -40.39 58.83 -56.75
N GLN A 573 -41.37 59.42 -57.41
CA GLN A 573 -42.27 58.67 -58.27
C GLN A 573 -41.57 58.23 -59.56
N ASN A 574 -40.37 58.76 -59.76
CA ASN A 574 -39.50 58.34 -60.85
C ASN A 574 -38.04 58.48 -60.41
N LYS A 575 -37.24 57.45 -60.64
CA LYS A 575 -35.86 57.47 -60.17
C LYS A 575 -34.93 56.57 -60.98
N VAL A 576 -33.66 56.97 -61.04
CA VAL A 576 -32.65 56.20 -61.76
C VAL A 576 -31.58 55.70 -60.79
N VAL A 577 -31.35 54.40 -60.78
CA VAL A 577 -30.41 53.80 -59.85
C VAL A 577 -29.31 53.01 -60.57
N LYS A 578 -28.08 53.23 -60.15
CA LYS A 578 -26.93 52.49 -60.69
C LYS A 578 -26.66 51.24 -59.86
N VAL A 579 -26.33 50.14 -60.53
CA VAL A 579 -26.07 48.88 -59.84
C VAL A 579 -25.08 48.01 -60.62
N GLN A 580 -24.07 47.50 -59.92
CA GLN A 580 -23.05 46.67 -60.55
C GLN A 580 -23.57 45.26 -60.85
N ARG A 581 -22.98 44.64 -61.87
CA ARG A 581 -23.37 43.29 -62.28
C ARG A 581 -22.24 42.60 -63.05
N PRO A 582 -21.86 41.40 -62.61
CA PRO A 582 -20.78 40.64 -63.23
C PRO A 582 -21.16 40.05 -64.59
N THR A 583 -20.23 40.13 -65.53
CA THR A 583 -20.42 39.57 -66.87
C THR A 583 -19.19 38.75 -67.25
N PRO A 584 -19.34 37.83 -68.21
CA PRO A 584 -18.18 37.03 -68.64
C PRO A 584 -17.04 37.87 -69.24
N LYS A 585 -17.34 39.11 -69.61
CA LYS A 585 -16.32 40.01 -70.15
C LYS A 585 -15.72 40.87 -69.05
N GLY A 586 -16.41 40.96 -67.92
CA GLY A 586 -15.96 41.77 -66.80
C GLY A 586 -17.12 42.30 -65.98
N THR A 587 -16.90 43.39 -65.26
CA THR A 587 -17.93 44.00 -64.45
C THR A 587 -18.52 45.21 -65.16
N VAL A 588 -19.85 45.26 -65.25
CA VAL A 588 -20.53 46.37 -65.90
C VAL A 588 -21.49 47.07 -64.95
N MET A 589 -21.88 48.29 -65.31
CA MET A 589 -22.82 49.06 -64.51
C MET A 589 -24.13 49.23 -65.26
N ASP A 590 -25.20 48.69 -64.70
CA ASP A 590 -26.51 48.77 -65.36
C ASP A 590 -27.29 49.99 -64.91
N ILE A 591 -28.13 50.50 -65.80
CA ILE A 591 -28.97 51.65 -65.49
C ILE A 591 -30.44 51.22 -65.48
N ILE A 592 -31.05 51.26 -64.31
CA ILE A 592 -32.44 50.83 -64.16
C ILE A 592 -33.33 51.94 -63.61
N SER A 593 -34.64 51.72 -63.67
CA SER A 593 -35.61 52.71 -63.20
C SER A 593 -36.95 52.06 -62.86
N ARG A 594 -37.64 52.63 -61.88
CA ARG A 594 -38.96 52.14 -61.47
C ARG A 594 -39.77 53.28 -60.88
N LYS A 595 -41.09 53.22 -61.05
CA LYS A 595 -41.96 54.33 -60.66
C LYS A 595 -42.72 54.11 -59.36
N ASP A 596 -42.15 53.31 -58.46
CA ASP A 596 -42.72 53.13 -57.13
C ASP A 596 -41.67 52.74 -56.10
N GLN A 597 -42.06 51.92 -55.14
CA GLN A 597 -41.19 51.51 -54.04
C GLN A 597 -40.60 52.70 -53.30
N ARG A 598 -39.44 52.48 -52.69
CA ARG A 598 -38.80 53.52 -51.88
C ARG A 598 -37.28 53.44 -51.95
N GLY A 599 -36.64 54.60 -52.11
CA GLY A 599 -35.19 54.67 -52.07
C GLY A 599 -34.72 54.63 -50.63
N SER A 600 -33.84 53.69 -50.33
CA SER A 600 -33.35 53.49 -48.97
C SER A 600 -32.56 54.71 -48.48
N GLY A 601 -31.72 55.25 -49.34
CA GLY A 601 -30.90 56.40 -48.98
C GLY A 601 -31.49 57.72 -49.42
N GLN A 602 -32.53 58.15 -48.72
CA GLN A 602 -33.19 59.41 -49.03
C GLN A 602 -33.38 60.26 -47.76
N VAL A 603 -33.74 61.52 -47.95
CA VAL A 603 -33.95 62.43 -46.84
C VAL A 603 -35.26 62.13 -46.11
N GLY A 604 -36.33 61.96 -46.88
CA GLY A 604 -37.63 61.71 -46.31
C GLY A 604 -37.94 60.23 -46.17
N THR A 605 -36.91 59.42 -45.98
CA THR A 605 -37.10 57.99 -45.82
C THR A 605 -37.82 57.68 -44.52
N TYR A 606 -37.28 58.18 -43.41
CA TYR A 606 -37.85 57.94 -42.10
C TYR A 606 -39.23 58.58 -41.95
N GLY A 607 -39.37 59.78 -42.49
CA GLY A 607 -40.61 60.53 -42.36
C GLY A 607 -41.78 59.88 -43.08
N LEU A 608 -41.64 59.70 -44.39
CA LEU A 608 -42.72 59.17 -45.20
C LEU A 608 -43.10 57.74 -44.81
N ASN A 609 -42.12 56.97 -44.36
CA ASN A 609 -42.38 55.62 -43.88
C ASN A 609 -43.17 55.64 -42.58
N THR A 610 -42.87 56.63 -41.74
CA THR A 610 -43.59 56.80 -40.48
C THR A 610 -45.03 57.21 -40.74
N PHE A 611 -45.21 58.09 -41.74
CA PHE A 611 -46.53 58.60 -42.09
C PHE A 611 -47.42 57.50 -42.64
N THR A 612 -46.95 56.81 -43.68
CA THR A 612 -47.73 55.78 -44.34
C THR A 612 -48.07 54.64 -43.40
N ASN A 613 -47.13 54.29 -42.53
CA ASN A 613 -47.35 53.22 -41.56
C ASN A 613 -48.45 53.59 -40.57
N MET A 614 -48.49 54.86 -40.16
CA MET A 614 -49.55 55.35 -39.29
C MET A 614 -50.89 55.23 -39.99
N GLU A 615 -50.89 55.48 -41.29
CA GLU A 615 -52.09 55.33 -42.10
C GLU A 615 -52.50 53.86 -42.21
N ALA A 616 -51.50 53.01 -42.44
CA ALA A 616 -51.74 51.58 -42.65
C ALA A 616 -52.34 50.91 -41.43
N GLN A 617 -51.83 51.25 -40.25
CA GLN A 617 -52.31 50.64 -39.01
C GLN A 617 -53.69 51.18 -38.63
N LEU A 618 -54.00 52.39 -39.06
CA LEU A 618 -55.29 52.99 -38.79
C LEU A 618 -56.40 52.24 -39.51
N ILE A 619 -56.19 52.00 -40.80
CA ILE A 619 -57.15 51.29 -41.64
C ILE A 619 -57.43 49.90 -41.06
N ARG A 620 -56.38 49.25 -40.58
CA ARG A 620 -56.52 47.90 -40.02
C ARG A 620 -57.38 47.91 -38.77
N GLN A 621 -57.30 48.98 -38.00
CA GLN A 621 -58.14 49.11 -36.81
C GLN A 621 -59.61 49.27 -37.20
N MET A 622 -59.85 50.01 -38.27
CA MET A 622 -61.21 50.19 -38.79
C MET A 622 -61.79 48.83 -39.18
N GLU A 623 -60.97 48.01 -39.82
CA GLU A 623 -61.38 46.67 -40.22
C GLU A 623 -61.63 45.81 -38.98
N GLY A 624 -60.84 46.04 -37.95
CA GLY A 624 -60.98 45.31 -36.70
C GLY A 624 -62.24 45.69 -35.95
N GLU A 625 -62.56 46.99 -35.97
CA GLU A 625 -63.74 47.48 -35.27
C GLU A 625 -65.02 47.25 -36.08
N GLY A 626 -64.86 46.94 -37.36
CA GLY A 626 -65.98 46.64 -38.22
C GLY A 626 -66.42 47.81 -39.07
N VAL A 627 -65.60 48.85 -39.12
CA VAL A 627 -65.90 50.02 -39.93
C VAL A 627 -65.79 49.70 -41.41
N LEU A 628 -64.66 49.12 -41.80
CA LEU A 628 -64.44 48.72 -43.18
C LEU A 628 -64.70 47.23 -43.39
N SER A 629 -65.55 46.91 -44.35
CA SER A 629 -65.88 45.52 -44.63
C SER A 629 -65.21 45.05 -45.93
N LYS A 630 -65.34 43.77 -46.23
CA LYS A 630 -64.77 43.21 -47.45
C LYS A 630 -65.42 43.82 -48.67
N ALA A 631 -66.70 44.17 -48.55
CA ALA A 631 -67.45 44.78 -49.64
C ALA A 631 -66.95 46.20 -49.90
N ASP A 632 -66.60 46.90 -48.83
CA ASP A 632 -66.15 48.28 -48.94
C ASP A 632 -64.82 48.38 -49.68
N LEU A 633 -63.94 47.41 -49.44
CA LEU A 633 -62.64 47.41 -50.08
C LEU A 633 -62.74 47.07 -51.57
N GLU A 634 -63.83 46.42 -51.95
CA GLU A 634 -64.06 46.06 -53.34
C GLU A 634 -64.94 47.10 -54.02
N ASN A 635 -65.65 47.89 -53.21
CA ASN A 635 -66.53 48.93 -53.72
C ASN A 635 -65.75 50.19 -54.09
N PRO A 636 -65.76 50.54 -55.38
CA PRO A 636 -65.06 51.74 -55.85
C PRO A 636 -65.73 53.03 -55.39
N HIS A 637 -66.95 52.91 -54.89
CA HIS A 637 -67.69 54.07 -54.39
C HIS A 637 -68.18 53.85 -52.96
N PRO A 638 -67.27 53.90 -51.98
CA PRO A 638 -67.66 53.72 -50.57
C PRO A 638 -68.06 55.04 -49.91
N LEU A 639 -69.08 55.00 -49.07
CA LEU A 639 -69.53 56.20 -48.37
C LEU A 639 -68.47 56.68 -47.38
N GLU A 640 -68.03 57.92 -47.57
CA GLU A 640 -66.96 58.49 -46.75
C GLU A 640 -67.50 59.04 -45.44
N LYS A 641 -68.81 58.89 -45.23
CA LYS A 641 -69.45 59.44 -44.05
C LYS A 641 -69.06 58.68 -42.78
N LYS A 642 -69.09 57.35 -42.85
CA LYS A 642 -68.76 56.53 -41.70
C LYS A 642 -67.27 56.56 -41.39
N ILE A 643 -66.46 56.78 -42.42
CA ILE A 643 -65.01 56.81 -42.26
C ILE A 643 -64.55 58.13 -41.66
N THR A 644 -65.09 59.23 -42.17
CA THR A 644 -64.74 60.56 -41.68
C THR A 644 -65.19 60.73 -40.24
N GLN A 645 -66.39 60.24 -39.94
CA GLN A 645 -66.94 60.33 -38.60
C GLN A 645 -66.09 59.55 -37.61
N TRP A 646 -65.52 58.44 -38.07
CA TRP A 646 -64.66 57.61 -37.24
C TRP A 646 -63.33 58.30 -36.96
N LEU A 647 -62.83 59.04 -37.95
CA LEU A 647 -61.58 59.76 -37.82
C LEU A 647 -61.74 61.02 -36.98
N GLU A 648 -62.86 61.71 -37.15
CA GLU A 648 -63.11 62.96 -36.43
C GLU A 648 -63.35 62.72 -34.96
N THR A 649 -63.93 61.56 -34.62
CA THR A 649 -64.29 61.26 -33.24
C THR A 649 -63.26 60.38 -32.55
N LYS A 650 -63.06 59.16 -33.07
CA LYS A 650 -62.20 58.19 -32.43
C LYS A 650 -60.77 58.26 -32.95
N GLY A 651 -60.56 59.01 -34.03
CA GLY A 651 -59.28 59.05 -34.72
C GLY A 651 -58.09 59.45 -33.87
N VAL A 652 -58.31 60.37 -32.93
CA VAL A 652 -57.23 60.88 -32.10
C VAL A 652 -56.73 59.83 -31.11
N GLU A 653 -57.65 59.20 -30.38
CA GLU A 653 -57.28 58.23 -29.37
C GLU A 653 -56.58 57.01 -29.97
N ARG A 654 -57.01 56.61 -31.16
CA ARG A 654 -56.42 55.47 -31.85
C ARG A 654 -54.95 55.71 -32.16
N LEU A 655 -54.60 56.99 -32.35
CA LEU A 655 -53.21 57.36 -32.59
C LEU A 655 -52.39 57.28 -31.30
N LYS A 656 -53.07 57.47 -30.18
CA LYS A 656 -52.41 57.42 -28.88
C LYS A 656 -52.16 55.99 -28.44
N ARG A 657 -52.77 55.04 -29.15
CA ARG A 657 -52.63 53.63 -28.82
C ARG A 657 -51.49 52.99 -29.61
N MET A 658 -50.74 53.79 -30.34
CA MET A 658 -49.69 53.26 -31.20
C MET A 658 -48.34 53.90 -30.97
N ALA A 659 -47.29 53.15 -31.29
CA ALA A 659 -45.93 53.66 -31.27
C ALA A 659 -45.21 53.23 -32.55
N ILE A 660 -45.03 54.17 -33.46
CA ILE A 660 -44.54 53.84 -34.80
C ILE A 660 -43.25 54.56 -35.16
N SER A 661 -42.26 53.79 -35.58
CA SER A 661 -40.98 54.33 -36.04
C SER A 661 -40.54 53.65 -37.32
N GLY A 662 -40.76 54.31 -38.45
CA GLY A 662 -40.41 53.75 -39.74
C GLY A 662 -41.32 52.58 -40.11
N ASP A 663 -40.74 51.40 -40.20
CA ASP A 663 -41.52 50.21 -40.54
C ASP A 663 -41.94 49.45 -39.28
N ASP A 664 -41.22 49.68 -38.19
CA ASP A 664 -41.56 49.07 -36.91
C ASP A 664 -42.76 49.79 -36.28
N CYS A 665 -43.72 49.02 -35.79
CA CYS A 665 -44.92 49.59 -35.20
C CYS A 665 -45.47 48.73 -34.08
N VAL A 666 -46.00 49.39 -33.05
CA VAL A 666 -46.63 48.71 -31.93
C VAL A 666 -48.03 49.26 -31.71
N VAL A 667 -49.03 48.41 -31.87
CA VAL A 667 -50.42 48.84 -31.77
C VAL A 667 -51.17 48.11 -30.67
N LYS A 668 -51.85 48.87 -29.83
CA LYS A 668 -52.71 48.28 -28.80
C LYS A 668 -54.15 48.69 -29.05
N PRO A 669 -54.87 47.89 -29.85
CA PRO A 669 -56.26 48.16 -30.24
C PRO A 669 -57.25 48.05 -29.09
N ILE A 670 -58.52 48.30 -29.37
CA ILE A 670 -59.55 48.26 -28.35
C ILE A 670 -59.93 46.82 -28.01
N ASP A 671 -59.65 45.90 -28.93
CA ASP A 671 -59.95 44.49 -28.71
C ASP A 671 -59.04 43.60 -29.55
N ASP A 672 -59.30 42.30 -29.54
CA ASP A 672 -58.46 41.35 -30.24
C ASP A 672 -59.02 40.95 -31.60
N ARG A 673 -59.95 41.75 -32.12
CA ARG A 673 -60.46 41.56 -33.47
C ARG A 673 -59.43 42.07 -34.47
N PHE A 674 -58.51 42.89 -33.96
CA PHE A 674 -57.44 43.48 -34.76
C PHE A 674 -56.50 42.42 -35.34
N ALA A 675 -56.41 41.28 -34.65
CA ALA A 675 -55.50 40.22 -35.06
C ALA A 675 -55.96 39.55 -36.35
N ASN A 676 -57.27 39.45 -36.54
CA ASN A 676 -57.83 38.78 -37.70
C ASN A 676 -58.12 39.73 -38.85
N ALA A 677 -57.83 41.00 -38.64
CA ALA A 677 -58.02 42.01 -39.69
C ALA A 677 -56.82 42.02 -40.63
N LEU A 678 -56.92 41.28 -41.72
CA LEU A 678 -55.78 41.08 -42.61
C LEU A 678 -56.11 41.40 -44.06
N LEU A 679 -57.38 41.65 -44.35
CA LEU A 679 -57.82 41.90 -45.72
C LEU A 679 -57.21 43.17 -46.29
N ALA A 680 -57.23 44.24 -45.50
CA ALA A 680 -56.76 45.53 -45.97
C ALA A 680 -55.25 45.64 -45.91
N LEU A 681 -54.65 45.05 -44.88
CA LEU A 681 -53.21 45.11 -44.70
C LEU A 681 -52.48 44.41 -45.84
N ASN A 682 -53.06 43.33 -46.35
CA ASN A 682 -52.47 42.60 -47.46
C ASN A 682 -52.77 43.27 -48.79
N ASP A 683 -53.95 43.86 -48.90
CA ASP A 683 -54.35 44.52 -50.14
C ASP A 683 -53.55 45.79 -50.36
N MET A 684 -53.11 46.41 -49.27
CA MET A 684 -52.26 47.59 -49.37
C MET A 684 -50.85 47.20 -49.78
N GLY A 685 -50.57 45.90 -49.69
CA GLY A 685 -49.28 45.37 -50.11
C GLY A 685 -48.28 45.26 -48.97
N LYS A 686 -48.74 45.52 -47.76
CA LYS A 686 -47.87 45.45 -46.59
C LYS A 686 -47.96 44.09 -45.91
N VAL A 687 -47.33 43.09 -46.51
CA VAL A 687 -47.38 41.73 -46.01
C VAL A 687 -46.38 41.51 -44.87
N ARG A 688 -46.83 40.88 -43.80
CA ARG A 688 -46.00 40.62 -42.64
C ARG A 688 -44.87 39.65 -42.95
N LYS A 689 -43.85 39.62 -42.11
CA LYS A 689 -42.67 38.79 -42.34
C LYS A 689 -42.76 37.46 -41.60
N ASP A 690 -42.36 36.38 -42.28
CA ASP A 690 -42.25 35.05 -41.68
C ASP A 690 -43.57 34.57 -41.08
N ILE A 691 -44.65 34.69 -41.85
CA ILE A 691 -45.97 34.27 -41.41
C ILE A 691 -46.93 34.26 -42.61
N PRO A 692 -47.73 33.19 -42.74
CA PRO A 692 -48.76 33.09 -43.78
C PRO A 692 -49.61 34.33 -43.87
N GLN A 693 -49.97 34.73 -45.08
CA GLN A 693 -50.70 35.98 -45.30
C GLN A 693 -52.06 36.01 -44.64
N TRP A 694 -52.62 34.84 -44.35
CA TRP A 694 -53.96 34.77 -43.79
C TRP A 694 -53.99 34.17 -42.39
N GLN A 695 -52.87 34.26 -41.69
CA GLN A 695 -52.80 33.78 -40.31
C GLN A 695 -52.85 34.93 -39.32
N PRO A 696 -53.80 34.86 -38.36
CA PRO A 696 -54.00 35.89 -37.33
C PRO A 696 -52.72 36.17 -36.54
N SER A 697 -52.40 37.44 -36.35
CA SER A 697 -51.20 37.83 -35.63
C SER A 697 -51.32 37.51 -34.14
N LYS A 698 -50.18 37.33 -33.49
CA LYS A 698 -50.15 37.05 -32.06
C LYS A 698 -49.63 38.26 -31.29
N GLY A 699 -50.37 38.66 -30.26
CA GLY A 699 -50.00 39.82 -29.47
C GLY A 699 -49.52 39.47 -28.08
N TRP A 700 -49.03 40.47 -27.36
CA TRP A 700 -48.55 40.27 -25.99
C TRP A 700 -49.27 41.20 -25.02
N HIS A 701 -49.68 40.66 -23.88
CA HIS A 701 -50.29 41.46 -22.83
C HIS A 701 -49.21 42.00 -21.90
N ASP A 702 -48.00 41.51 -22.08
CA ASP A 702 -46.85 42.00 -21.33
C ASP A 702 -45.99 42.88 -22.21
N TRP A 703 -45.84 44.15 -21.82
CA TRP A 703 -45.11 45.12 -22.63
C TRP A 703 -43.61 44.81 -22.67
N GLN A 704 -43.17 43.94 -21.77
CA GLN A 704 -41.74 43.58 -21.71
C GLN A 704 -41.36 42.64 -22.85
N GLN A 705 -42.35 41.93 -23.39
CA GLN A 705 -42.10 40.98 -24.47
C GLN A 705 -42.41 41.56 -25.83
N VAL A 706 -42.76 42.84 -25.86
CA VAL A 706 -43.11 43.51 -27.11
C VAL A 706 -41.87 44.01 -27.84
N PRO A 707 -41.64 43.50 -29.06
CA PRO A 707 -40.50 43.91 -29.88
C PRO A 707 -40.75 45.23 -30.60
N PHE A 708 -39.79 46.15 -30.50
CA PHE A 708 -39.90 47.44 -31.17
C PHE A 708 -38.52 48.05 -31.38
N CYS A 709 -38.27 48.51 -32.61
CA CYS A 709 -36.97 49.05 -32.98
C CYS A 709 -35.86 48.06 -32.68
N SER A 710 -36.09 46.80 -33.04
CA SER A 710 -35.13 45.72 -32.83
C SER A 710 -34.73 45.60 -31.36
N HIS A 711 -35.67 45.85 -30.46
CA HIS A 711 -35.41 45.80 -29.04
C HIS A 711 -36.62 45.39 -28.22
N HIS A 712 -36.37 44.73 -27.09
CA HIS A 712 -37.40 44.53 -26.09
C HIS A 712 -36.96 45.26 -24.82
N PHE A 713 -37.86 45.40 -23.86
CA PHE A 713 -37.57 46.21 -22.68
C PHE A 713 -37.86 45.50 -21.37
N HIS A 714 -37.07 45.81 -20.36
CA HIS A 714 -37.23 45.21 -19.04
C HIS A 714 -37.46 46.26 -17.96
N GLU A 715 -38.23 45.91 -16.94
CA GLU A 715 -38.44 46.78 -15.79
C GLU A 715 -37.78 46.17 -14.54
N LEU A 716 -36.63 46.72 -14.17
CA LEU A 716 -35.88 46.19 -13.03
C LEU A 716 -35.94 47.12 -11.83
N ILE A 717 -35.66 46.58 -10.65
CA ILE A 717 -35.80 47.32 -9.40
C ILE A 717 -34.44 47.52 -8.73
N MET A 718 -34.06 48.78 -8.55
CA MET A 718 -32.79 49.11 -7.93
C MET A 718 -32.80 48.77 -6.44
N LYS A 719 -31.65 48.92 -5.80
CA LYS A 719 -31.52 48.59 -4.39
C LYS A 719 -32.33 49.55 -3.52
N ASP A 720 -32.47 50.79 -3.97
CA ASP A 720 -33.21 51.80 -3.21
C ASP A 720 -34.71 51.66 -3.39
N GLY A 721 -35.12 50.82 -4.33
CA GLY A 721 -36.54 50.56 -4.57
C GLY A 721 -37.07 51.23 -5.82
N ARG A 722 -36.28 52.13 -6.39
CA ARG A 722 -36.68 52.84 -7.60
C ARG A 722 -36.70 51.90 -8.80
N LYS A 723 -37.50 52.26 -9.81
CA LYS A 723 -37.66 51.42 -10.99
C LYS A 723 -37.09 52.08 -12.24
N LEU A 724 -36.42 51.28 -13.07
CA LEU A 724 -35.91 51.74 -14.35
C LEU A 724 -36.43 50.86 -15.47
N VAL A 725 -36.62 51.44 -16.65
CA VAL A 725 -37.01 50.67 -17.82
C VAL A 725 -35.90 50.73 -18.86
N VAL A 726 -35.27 49.58 -19.09
CA VAL A 726 -34.08 49.52 -19.93
C VAL A 726 -34.34 48.82 -21.26
N PRO A 727 -33.60 49.23 -22.30
CA PRO A 727 -33.65 48.55 -23.61
C PRO A 727 -32.84 47.26 -23.60
N CYS A 728 -33.25 46.28 -24.40
CA CYS A 728 -32.58 45.00 -24.43
C CYS A 728 -32.78 44.27 -25.76
N ARG A 729 -31.87 43.36 -26.07
CA ARG A 729 -31.91 42.57 -27.29
C ARG A 729 -30.96 41.40 -27.14
N PRO A 730 -31.10 40.36 -27.99
CA PRO A 730 -30.18 39.22 -27.97
C PRO A 730 -28.70 39.64 -27.94
N GLN A 731 -27.97 39.13 -26.95
CA GLN A 731 -26.61 39.56 -26.69
C GLN A 731 -25.68 39.30 -27.88
N ASP A 732 -25.95 38.24 -28.63
CA ASP A 732 -25.13 37.89 -29.77
C ASP A 732 -25.21 38.93 -30.88
N GLU A 733 -26.27 39.72 -30.87
CA GLU A 733 -26.46 40.77 -31.87
C GLU A 733 -25.57 41.97 -31.55
N LEU A 734 -25.56 42.38 -30.29
CA LEU A 734 -24.77 43.53 -29.87
C LEU A 734 -23.28 43.28 -30.03
N ILE A 735 -22.85 42.07 -29.70
CA ILE A 735 -21.45 41.69 -29.84
C ILE A 735 -21.11 41.49 -31.32
N GLY A 736 -22.09 41.00 -32.07
CA GLY A 736 -21.93 40.82 -33.50
C GLY A 736 -21.71 42.14 -34.21
N ARG A 737 -22.43 43.17 -33.78
CA ARG A 737 -22.30 44.50 -34.35
C ARG A 737 -21.01 45.17 -33.90
N ALA A 738 -20.54 44.78 -32.72
CA ALA A 738 -19.34 45.39 -32.15
C ALA A 738 -18.07 44.84 -32.79
N ARG A 739 -18.14 43.61 -33.27
CA ARG A 739 -16.97 42.94 -33.83
C ARG A 739 -16.76 43.25 -35.31
N ILE A 740 -17.63 44.09 -35.87
CA ILE A 740 -17.46 44.51 -37.25
C ILE A 740 -17.00 45.96 -37.30
N SER A 741 -16.32 46.33 -38.38
CA SER A 741 -15.85 47.69 -38.57
C SER A 741 -16.32 48.24 -39.91
N GLN A 742 -17.08 49.34 -39.85
CA GLN A 742 -17.61 49.97 -41.06
C GLN A 742 -16.48 50.48 -41.94
N GLY A 743 -16.40 49.95 -43.15
CA GLY A 743 -15.33 50.30 -44.07
C GLY A 743 -14.11 49.42 -43.84
N ALA A 744 -13.08 49.63 -44.64
CA ALA A 744 -11.86 48.84 -44.54
C ALA A 744 -10.63 49.74 -44.48
N GLY A 745 -9.50 49.17 -44.06
CA GLY A 745 -8.25 49.91 -44.01
C GLY A 745 -8.19 50.88 -42.84
N TRP A 746 -8.84 50.54 -41.74
CA TRP A 746 -8.80 51.38 -40.55
C TRP A 746 -7.58 51.07 -39.70
N SER A 747 -6.90 52.11 -39.24
CA SER A 747 -5.74 51.95 -38.39
C SER A 747 -6.13 51.42 -37.02
N LEU A 748 -5.14 51.02 -36.24
CA LEU A 748 -5.38 50.48 -34.91
C LEU A 748 -6.05 51.52 -34.01
N ARG A 749 -5.68 52.78 -34.20
CA ARG A 749 -6.25 53.87 -33.43
C ARG A 749 -7.73 54.06 -33.77
N GLU A 750 -8.03 54.05 -35.07
CA GLU A 750 -9.39 54.23 -35.55
C GLU A 750 -10.30 53.08 -35.10
N THR A 751 -9.75 51.88 -35.05
CA THR A 751 -10.50 50.71 -34.61
C THR A 751 -10.69 50.74 -33.09
N ALA A 752 -9.71 51.29 -32.39
CA ALA A 752 -9.79 51.40 -30.94
C ALA A 752 -10.83 52.45 -30.53
N CYS A 753 -10.86 53.55 -31.26
CA CYS A 753 -11.83 54.61 -31.01
C CYS A 753 -13.24 54.12 -31.32
N LEU A 754 -13.36 53.25 -32.32
CA LEU A 754 -14.62 52.62 -32.65
C LEU A 754 -15.06 51.67 -31.55
N GLY A 755 -14.08 51.00 -30.95
CA GLY A 755 -14.36 50.06 -29.88
C GLY A 755 -14.81 50.73 -28.61
N LYS A 756 -14.25 51.91 -28.34
CA LYS A 756 -14.60 52.65 -27.13
C LYS A 756 -16.02 53.20 -27.22
N ALA A 757 -16.44 53.53 -28.43
CA ALA A 757 -17.79 54.03 -28.67
C ALA A 757 -18.83 52.98 -28.32
N TYR A 758 -18.66 51.78 -28.86
CA TYR A 758 -19.55 50.67 -28.55
C TYR A 758 -19.47 50.31 -27.08
N ALA A 759 -18.29 50.45 -26.50
CA ALA A 759 -18.08 50.12 -25.09
C ALA A 759 -18.88 51.02 -24.18
N GLN A 760 -18.79 52.33 -24.43
CA GLN A 760 -19.52 53.30 -23.63
C GLN A 760 -21.02 53.22 -23.92
N MET A 761 -21.37 52.71 -25.09
CA MET A 761 -22.78 52.50 -25.43
C MET A 761 -23.36 51.42 -24.53
N TRP A 762 -22.61 50.34 -24.35
CA TRP A 762 -23.02 49.25 -23.49
C TRP A 762 -23.14 49.69 -22.05
N ALA A 763 -22.20 50.54 -21.62
CA ALA A 763 -22.17 50.99 -20.24
C ALA A 763 -23.31 51.96 -19.94
N LEU A 764 -23.94 52.47 -20.98
CA LEU A 764 -25.00 53.45 -20.82
C LEU A 764 -26.38 52.87 -21.10
N MET A 765 -26.45 51.93 -22.03
CA MET A 765 -27.73 51.36 -22.43
C MET A 765 -27.92 49.92 -21.95
N TYR A 766 -26.86 49.13 -22.03
CA TYR A 766 -26.95 47.72 -21.69
C TYR A 766 -26.13 47.38 -20.45
N PHE A 767 -26.12 48.31 -19.50
CA PHE A 767 -25.41 48.12 -18.24
C PHE A 767 -25.99 46.97 -17.44
N HIS A 768 -27.27 46.69 -17.67
CA HIS A 768 -27.99 45.66 -16.94
C HIS A 768 -27.54 44.25 -17.30
N ARG A 769 -26.69 44.14 -18.32
CA ARG A 769 -26.18 42.84 -18.75
C ARG A 769 -24.80 42.58 -18.15
N ARG A 770 -24.67 41.45 -17.47
CA ARG A 770 -23.45 41.13 -16.75
C ARG A 770 -22.24 40.95 -17.67
N ASP A 771 -22.46 40.29 -18.81
CA ASP A 771 -21.38 40.05 -19.75
C ASP A 771 -20.95 41.32 -20.47
N LEU A 772 -21.92 42.19 -20.77
CA LEU A 772 -21.65 43.40 -21.54
C LEU A 772 -20.96 44.47 -20.72
N ARG A 773 -21.35 44.62 -19.45
CA ARG A 773 -20.74 45.61 -18.58
C ARG A 773 -19.30 45.23 -18.29
N LEU A 774 -19.06 43.93 -18.17
CA LEU A 774 -17.72 43.41 -17.91
C LEU A 774 -16.84 43.64 -19.14
N ALA A 775 -17.43 43.45 -20.32
CA ALA A 775 -16.71 43.67 -21.56
C ALA A 775 -16.44 45.15 -21.77
N SER A 776 -17.39 45.98 -21.37
CA SER A 776 -17.27 47.43 -21.53
C SER A 776 -16.09 47.97 -20.73
N ASN A 777 -16.00 47.57 -19.46
CA ASN A 777 -14.90 48.00 -18.61
C ASN A 777 -13.57 47.42 -19.08
N ALA A 778 -13.63 46.27 -19.74
CA ALA A 778 -12.42 45.64 -20.27
C ALA A 778 -11.89 46.44 -21.44
N ILE A 779 -12.78 46.90 -22.31
CA ILE A 779 -12.39 47.69 -23.46
C ILE A 779 -11.84 49.04 -23.03
N CYS A 780 -12.54 49.70 -22.11
CA CYS A 780 -12.13 51.01 -21.61
C CYS A 780 -10.78 50.93 -20.89
N SER A 781 -10.48 49.76 -20.35
CA SER A 781 -9.20 49.53 -19.69
C SER A 781 -8.10 49.34 -20.71
N ALA A 782 -8.46 48.74 -21.85
CA ALA A 782 -7.50 48.48 -22.92
C ALA A 782 -7.31 49.72 -23.78
N VAL A 783 -8.39 50.47 -23.99
CA VAL A 783 -8.35 51.69 -24.79
C VAL A 783 -7.88 52.87 -23.95
N PRO A 784 -6.90 53.63 -24.48
CA PRO A 784 -6.38 54.84 -23.82
C PRO A 784 -7.49 55.79 -23.39
N VAL A 785 -7.35 56.37 -22.21
CA VAL A 785 -8.40 57.22 -21.65
C VAL A 785 -8.58 58.50 -22.46
N HIS A 786 -7.49 59.08 -22.92
CA HIS A 786 -7.53 60.38 -23.59
C HIS A 786 -8.02 60.27 -25.04
N TRP A 787 -7.98 59.07 -25.59
CA TRP A 787 -8.39 58.87 -26.98
C TRP A 787 -9.89 59.06 -27.15
N VAL A 788 -10.26 59.97 -28.04
CA VAL A 788 -11.66 60.31 -28.27
C VAL A 788 -12.36 59.30 -29.18
N PRO A 789 -13.52 58.80 -28.72
CA PRO A 789 -14.34 57.85 -29.50
C PRO A 789 -14.90 58.49 -30.76
N THR A 790 -14.63 57.90 -31.93
CA THR A 790 -15.15 58.45 -33.17
C THR A 790 -15.77 57.38 -34.06
N SER A 791 -17.02 57.63 -34.47
CA SER A 791 -17.76 56.77 -35.40
C SER A 791 -18.97 57.54 -35.94
N ARG A 792 -19.74 56.89 -36.81
CA ARG A 792 -20.87 57.55 -37.48
C ARG A 792 -22.01 57.86 -36.53
N THR A 793 -21.75 58.67 -35.50
CA THR A 793 -22.78 59.06 -34.54
C THR A 793 -22.42 60.30 -33.73
N THR A 794 -23.37 60.74 -32.91
CA THR A 794 -23.16 61.82 -31.94
C THR A 794 -24.13 61.62 -30.78
N HIS A 795 -24.36 60.36 -30.42
CA HIS A 795 -25.27 60.02 -29.33
C HIS A 795 -24.67 60.40 -27.97
N GLN A 796 -25.37 60.06 -26.89
CA GLN A 796 -24.99 60.48 -25.55
C GLN A 796 -23.74 59.77 -25.03
N TRP A 797 -23.27 58.76 -25.75
CA TRP A 797 -22.07 58.04 -25.35
C TRP A 797 -20.85 58.46 -26.18
N MET A 798 -20.98 59.59 -26.88
CA MET A 798 -19.91 60.08 -27.73
C MET A 798 -19.17 61.23 -27.07
N THR A 799 -18.79 61.05 -25.81
CA THR A 799 -18.06 62.07 -25.07
C THR A 799 -16.92 61.44 -24.25
N THR A 800 -16.11 62.28 -23.63
CA THR A 800 -14.98 61.83 -22.83
C THR A 800 -15.24 61.97 -21.34
N GLU A 801 -16.47 62.31 -20.99
CA GLU A 801 -16.87 62.48 -19.61
C GLU A 801 -16.95 61.14 -18.89
N ASP A 802 -16.99 61.18 -17.56
CA ASP A 802 -17.14 59.97 -16.76
C ASP A 802 -18.53 59.37 -16.96
N MET A 803 -18.56 58.12 -17.41
CA MET A 803 -19.81 57.45 -17.73
C MET A 803 -20.76 57.34 -16.53
N LEU A 804 -20.20 57.30 -15.34
CA LEU A 804 -21.00 57.24 -14.12
C LEU A 804 -21.83 58.51 -13.95
N THR A 805 -21.19 59.65 -14.18
CA THR A 805 -21.87 60.93 -14.10
C THR A 805 -22.87 61.08 -15.23
N VAL A 806 -22.52 60.54 -16.40
CA VAL A 806 -23.41 60.54 -17.54
C VAL A 806 -24.64 59.68 -17.27
N TRP A 807 -24.40 58.53 -16.65
CA TRP A 807 -25.48 57.62 -16.29
C TRP A 807 -26.48 58.30 -15.36
N ASN A 808 -25.97 59.08 -14.42
CA ASN A 808 -26.82 59.80 -13.48
C ASN A 808 -27.60 60.92 -14.15
N ARG A 809 -27.03 61.48 -15.21
CA ARG A 809 -27.68 62.56 -15.94
C ARG A 809 -28.78 62.01 -16.84
N VAL A 810 -28.59 60.80 -17.34
CA VAL A 810 -29.53 60.20 -18.29
C VAL A 810 -30.69 59.51 -17.60
N TRP A 811 -30.36 58.60 -16.67
CA TRP A 811 -31.38 57.74 -16.06
C TRP A 811 -31.98 58.33 -14.78
N ILE A 812 -31.43 59.44 -14.30
CA ILE A 812 -31.94 60.05 -13.08
C ILE A 812 -32.33 61.51 -13.28
N GLU A 813 -31.37 62.32 -13.72
CA GLU A 813 -31.59 63.74 -13.87
C GLU A 813 -32.59 64.06 -14.98
N ASP A 814 -32.30 63.60 -16.20
CA ASP A 814 -33.14 63.91 -17.35
C ASP A 814 -34.19 62.84 -17.60
N ASN A 815 -34.55 62.10 -16.55
CA ASN A 815 -35.57 61.07 -16.66
C ASN A 815 -36.88 61.53 -16.04
N PRO A 816 -37.88 61.81 -16.88
CA PRO A 816 -39.19 62.31 -16.44
C PRO A 816 -40.00 61.27 -15.67
N TRP A 817 -39.64 60.00 -15.82
CA TRP A 817 -40.34 58.93 -15.10
C TRP A 817 -39.64 58.62 -13.78
N MET A 818 -38.65 59.43 -13.43
CA MET A 818 -37.92 59.26 -12.18
C MET A 818 -38.20 60.42 -11.22
N GLU A 819 -39.10 60.19 -10.27
CA GLU A 819 -39.49 61.23 -9.33
C GLU A 819 -38.41 61.48 -8.28
N ASP A 820 -37.66 60.45 -7.94
CA ASP A 820 -36.60 60.57 -6.94
C ASP A 820 -35.26 60.87 -7.62
N LYS A 821 -34.77 62.10 -7.43
CA LYS A 821 -33.56 62.55 -8.11
C LYS A 821 -32.29 62.26 -7.32
N THR A 822 -32.37 61.32 -6.38
CA THR A 822 -31.20 60.94 -5.60
C THR A 822 -30.18 60.21 -6.49
N PRO A 823 -28.99 60.81 -6.65
CA PRO A 823 -27.95 60.30 -7.53
C PRO A 823 -27.40 58.95 -7.08
N VAL A 824 -26.77 58.23 -8.01
CA VAL A 824 -26.14 56.95 -7.70
C VAL A 824 -24.63 57.13 -7.63
N THR A 825 -24.05 56.77 -6.49
CA THR A 825 -22.64 57.08 -6.21
C THR A 825 -21.66 56.04 -6.76
N THR A 826 -22.17 54.88 -7.15
CA THR A 826 -21.29 53.82 -7.64
C THR A 826 -22.00 52.85 -8.57
N TRP A 827 -21.23 52.19 -9.43
CA TRP A 827 -21.77 51.23 -10.38
C TRP A 827 -22.29 49.98 -9.68
N GLU A 828 -21.86 49.78 -8.44
CA GLU A 828 -22.32 48.64 -7.65
C GLU A 828 -23.80 48.79 -7.30
N ASP A 829 -24.28 50.02 -7.30
CA ASP A 829 -25.69 50.29 -7.03
C ASP A 829 -26.50 50.26 -8.32
N VAL A 830 -25.79 50.27 -9.45
CA VAL A 830 -26.43 50.14 -10.75
C VAL A 830 -26.82 48.70 -11.01
N PRO A 831 -28.13 48.43 -11.05
CA PRO A 831 -28.69 47.07 -11.05
C PRO A 831 -28.43 46.29 -12.33
N TYR A 832 -28.40 44.97 -12.19
CA TYR A 832 -28.31 44.07 -13.34
C TYR A 832 -29.69 43.47 -13.63
N LEU A 833 -29.72 42.56 -14.60
CA LEU A 833 -30.91 41.76 -14.85
C LEU A 833 -30.91 40.57 -13.93
N GLY A 834 -32.01 39.83 -13.90
CA GLY A 834 -32.04 38.56 -13.19
C GLY A 834 -31.17 37.59 -13.96
N LYS A 835 -30.47 36.72 -13.24
CA LYS A 835 -29.58 35.76 -13.88
C LYS A 835 -30.37 34.87 -14.84
N ARG A 836 -31.59 34.53 -14.45
CA ARG A 836 -32.48 33.75 -15.31
C ARG A 836 -32.88 34.57 -16.52
N GLU A 837 -33.15 35.85 -16.29
CA GLU A 837 -33.56 36.76 -17.36
C GLU A 837 -32.41 37.03 -18.30
N ASP A 838 -31.21 37.18 -17.74
CA ASP A 838 -30.02 37.49 -18.53
C ASP A 838 -29.66 36.33 -19.45
N GLN A 839 -29.66 35.12 -18.89
CA GLN A 839 -29.31 33.92 -19.65
C GLN A 839 -30.24 33.70 -20.82
N TRP A 840 -31.52 33.99 -20.62
CA TRP A 840 -32.52 33.81 -21.66
C TRP A 840 -32.30 34.80 -22.80
N CYS A 841 -31.64 35.92 -22.49
CA CYS A 841 -31.37 36.93 -23.49
C CYS A 841 -30.03 36.70 -24.18
N GLY A 842 -29.39 35.58 -23.87
CA GLY A 842 -28.19 35.18 -24.56
C GLY A 842 -26.90 35.34 -23.77
N SER A 843 -27.02 35.49 -22.46
CA SER A 843 -25.85 35.64 -21.60
C SER A 843 -25.10 34.34 -21.50
N LEU A 844 -23.81 34.41 -21.16
CA LEU A 844 -22.97 33.23 -21.07
C LEU A 844 -22.57 32.94 -19.62
N ILE A 845 -23.19 33.65 -18.69
CA ILE A 845 -22.88 33.47 -17.28
C ILE A 845 -23.22 32.05 -16.84
N GLY A 846 -22.28 31.41 -16.15
CA GLY A 846 -22.46 30.04 -15.70
C GLY A 846 -21.63 29.07 -16.50
N LEU A 847 -21.31 29.44 -17.74
CA LEU A 847 -20.49 28.60 -18.60
C LEU A 847 -19.02 28.66 -18.18
N THR A 848 -18.28 27.61 -18.50
CA THR A 848 -16.87 27.53 -18.14
C THR A 848 -16.03 28.50 -18.95
N SER A 849 -16.36 28.63 -20.23
CA SER A 849 -15.64 29.51 -21.13
C SER A 849 -15.74 30.97 -20.69
N ARG A 850 -16.94 31.38 -20.32
CA ARG A 850 -17.15 32.74 -19.81
C ARG A 850 -16.47 32.90 -18.45
N ALA A 851 -16.51 31.84 -17.65
CA ALA A 851 -15.90 31.86 -16.32
C ALA A 851 -14.39 32.00 -16.42
N THR A 852 -13.79 31.25 -17.35
CA THR A 852 -12.36 31.33 -17.59
C THR A 852 -11.99 32.71 -18.12
N TRP A 853 -12.85 33.26 -18.98
CA TRP A 853 -12.59 34.56 -19.60
C TRP A 853 -12.66 35.71 -18.60
N ALA A 854 -13.81 35.86 -17.95
CA ALA A 854 -14.08 36.97 -17.04
C ALA A 854 -13.07 37.10 -15.91
N GLN A 855 -12.39 36.00 -15.58
CA GLN A 855 -11.44 36.01 -14.48
C GLN A 855 -10.01 36.11 -14.99
N ASN A 856 -9.81 35.78 -16.26
CA ASN A 856 -8.52 35.94 -16.91
C ASN A 856 -8.55 37.10 -17.90
N ILE A 857 -9.48 38.02 -17.68
CA ILE A 857 -9.64 39.18 -18.55
C ILE A 857 -8.44 40.12 -18.41
N LEU A 858 -7.78 40.06 -17.26
CA LEU A 858 -6.65 40.93 -16.98
C LEU A 858 -5.50 40.69 -17.96
N THR A 859 -5.40 39.47 -18.46
CA THR A 859 -4.35 39.10 -19.40
C THR A 859 -4.62 39.69 -20.78
N ALA A 860 -5.86 39.56 -21.24
CA ALA A 860 -6.24 40.05 -22.56
C ALA A 860 -6.12 41.58 -22.63
N ILE A 861 -6.48 42.25 -21.55
CA ILE A 861 -6.38 43.71 -21.49
C ILE A 861 -4.93 44.14 -21.61
N GLN A 862 -4.05 43.46 -20.86
CA GLN A 862 -2.63 43.76 -20.89
C GLN A 862 -2.05 43.48 -22.27
N GLN A 863 -2.61 42.50 -22.96
CA GLN A 863 -2.17 42.15 -24.30
C GLN A 863 -2.45 43.29 -25.28
N VAL A 864 -3.64 43.87 -25.17
CA VAL A 864 -4.03 44.97 -26.04
C VAL A 864 -3.19 46.21 -25.76
N ARG A 865 -2.95 46.48 -24.48
CA ARG A 865 -2.14 47.62 -24.08
C ARG A 865 -0.71 47.52 -24.63
N SER A 866 -0.21 46.30 -24.75
CA SER A 866 1.14 46.07 -25.26
C SER A 866 1.24 46.40 -26.75
N LEU A 867 0.15 46.16 -27.47
CA LEU A 867 0.11 46.42 -28.90
C LEU A 867 0.03 47.92 -29.19
N ILE A 868 -0.61 48.65 -28.29
CA ILE A 868 -0.79 50.08 -28.47
C ILE A 868 0.52 50.84 -28.23
N GLY A 869 1.13 50.59 -27.08
CA GLY A 869 2.38 51.23 -26.74
C GLY A 869 2.35 51.91 -25.38
N ASN A 870 3.38 52.68 -25.08
CA ASN A 870 3.48 53.37 -23.81
C ASN A 870 2.59 54.61 -23.78
N GLU A 871 1.34 54.41 -23.40
CA GLU A 871 0.40 55.53 -23.27
C GLU A 871 -0.27 55.49 -21.90
N GLU A 872 -1.20 56.43 -21.69
CA GLU A 872 -1.86 56.56 -20.40
C GLU A 872 -3.18 55.80 -20.37
N PHE A 873 -3.30 54.86 -19.43
CA PHE A 873 -4.51 54.06 -19.30
C PHE A 873 -5.12 54.19 -17.91
N LEU A 874 -6.25 53.53 -17.72
CA LEU A 874 -6.91 53.51 -16.42
C LEU A 874 -7.65 52.19 -16.22
N ASP A 875 -7.60 51.66 -15.01
CA ASP A 875 -8.23 50.38 -14.71
C ASP A 875 -9.72 50.54 -14.40
N TYR A 876 -10.55 50.03 -15.30
CA TYR A 876 -12.00 50.14 -15.14
C TYR A 876 -12.59 48.93 -14.44
N MET A 877 -11.77 47.92 -14.22
CA MET A 877 -12.22 46.69 -13.57
C MET A 877 -12.67 46.87 -12.11
N PRO A 878 -12.00 47.72 -11.32
CA PRO A 878 -12.50 47.89 -9.94
C PRO A 878 -13.85 48.60 -9.86
N SER A 879 -14.43 48.99 -10.98
CA SER A 879 -15.73 49.65 -10.98
C SER A 879 -16.82 48.71 -10.47
N MET A 880 -16.65 47.41 -10.71
CA MET A 880 -17.59 46.41 -10.21
C MET A 880 -17.08 45.80 -8.91
N LYS A 881 -17.93 45.02 -8.25
CA LYS A 881 -17.66 44.54 -6.90
C LYS A 881 -16.49 43.56 -6.78
N ARG A 882 -16.52 42.52 -7.62
CA ARG A 882 -15.60 41.39 -7.53
C ARG A 882 -14.14 41.81 -7.43
N PHE A 883 -13.74 42.73 -8.31
CA PHE A 883 -12.36 43.20 -8.37
C PHE A 883 -12.08 44.23 -7.29
N ARG A 884 -13.13 44.85 -6.77
CA ARG A 884 -13.01 45.80 -5.67
C ARG A 884 -12.76 45.06 -4.36
N LYS A 885 -13.39 43.90 -4.22
CA LYS A 885 -13.19 43.04 -3.06
C LYS A 885 -11.89 42.25 -3.21
N GLU A 886 -11.43 42.14 -4.45
CA GLU A 886 -10.17 41.46 -4.75
C GLU A 886 -9.01 42.44 -4.72
N GLU A 887 -9.30 43.69 -4.36
CA GLU A 887 -8.28 44.71 -4.24
C GLU A 887 -8.18 45.20 -2.80
N GLU A 888 -9.28 45.07 -2.06
CA GLU A 888 -9.32 45.45 -0.66
C GLU A 888 -8.86 44.29 0.22
N SER A 889 -9.01 43.08 -0.28
CA SER A 889 -8.54 41.89 0.43
C SER A 889 -7.13 41.54 0.00
N GLU A 890 -7.00 41.04 -1.23
CA GLU A 890 -5.70 40.64 -1.79
C GLU A 890 -4.63 41.72 -1.66
N GLY A 891 -5.05 42.97 -1.78
CA GLY A 891 -4.13 44.10 -1.66
C GLY A 891 -3.67 44.35 -0.23
N ALA A 892 -4.58 44.18 0.72
CA ALA A 892 -4.27 44.47 2.12
C ALA A 892 -3.59 43.30 2.83
N ILE A 893 -3.77 42.09 2.30
CA ILE A 893 -3.14 40.91 2.89
C ILE A 893 -1.64 40.95 2.72
N TRP A 894 -1.17 40.75 1.50
CA TRP A 894 0.25 40.73 1.21
C TRP A 894 0.72 42.07 0.66
N GLU B 7 -75.64 29.95 14.26
CA GLU B 7 -74.61 29.55 13.31
C GLU B 7 -75.20 28.69 12.20
N THR B 8 -75.10 29.18 10.97
CA THR B 8 -75.69 28.50 9.81
C THR B 8 -74.93 27.23 9.44
N LEU B 9 -75.54 26.43 8.56
CA LEU B 9 -74.92 25.18 8.10
C LEU B 9 -73.74 25.47 7.17
N GLY B 10 -73.82 26.58 6.46
CA GLY B 10 -72.76 26.96 5.54
C GLY B 10 -71.47 27.27 6.27
N GLU B 11 -71.60 27.91 7.42
CA GLU B 11 -70.43 28.24 8.24
C GLU B 11 -69.79 26.97 8.80
N LYS B 12 -70.63 25.98 9.10
CA LYS B 12 -70.15 24.70 9.61
C LYS B 12 -69.46 23.90 8.52
N TRP B 13 -69.88 24.15 7.28
CA TRP B 13 -69.28 23.49 6.13
C TRP B 13 -67.88 24.03 5.85
N LYS B 14 -67.72 25.35 6.00
CA LYS B 14 -66.43 25.99 5.77
C LYS B 14 -65.39 25.50 6.76
N LYS B 15 -65.84 25.16 7.96
CA LYS B 15 -64.95 24.66 8.99
C LYS B 15 -64.41 23.28 8.63
N LYS B 16 -65.30 22.39 8.20
CA LYS B 16 -64.91 21.04 7.81
C LYS B 16 -64.03 21.06 6.57
N LEU B 17 -64.23 22.06 5.72
CA LEU B 17 -63.45 22.19 4.50
C LEU B 17 -62.00 22.55 4.82
N ASN B 18 -61.82 23.51 5.71
CA ASN B 18 -60.49 23.97 6.08
C ASN B 18 -59.75 22.95 6.96
N GLN B 19 -60.53 22.08 7.60
CA GLN B 19 -59.95 21.06 8.48
C GLN B 19 -59.33 19.92 7.66
N LEU B 20 -59.84 19.72 6.45
CA LEU B 20 -59.34 18.66 5.59
C LEU B 20 -57.88 18.88 5.20
N SER B 21 -57.13 17.79 5.12
CA SER B 21 -55.75 17.84 4.67
C SER B 21 -55.70 18.09 3.16
N ARG B 22 -54.53 18.45 2.66
CA ARG B 22 -54.37 18.71 1.23
C ARG B 22 -54.62 17.46 0.41
N LYS B 23 -54.40 16.30 1.02
CA LYS B 23 -54.68 15.02 0.37
C LYS B 23 -56.19 14.78 0.30
N GLU B 24 -56.88 15.13 1.39
CA GLU B 24 -58.32 14.96 1.46
C GLU B 24 -59.07 16.03 0.67
N PHE B 25 -58.44 17.19 0.56
CA PHE B 25 -59.05 18.33 -0.13
C PHE B 25 -59.21 18.08 -1.63
N ASP B 26 -58.18 17.51 -2.24
CA ASP B 26 -58.18 17.26 -3.67
C ASP B 26 -59.09 16.10 -4.06
N LEU B 27 -59.45 15.28 -3.09
CA LEU B 27 -60.29 14.12 -3.35
C LEU B 27 -61.77 14.43 -3.16
N TYR B 28 -62.06 15.48 -2.42
CA TYR B 28 -63.44 15.84 -2.11
C TYR B 28 -63.99 16.87 -3.10
N LYS B 29 -63.12 17.73 -3.61
CA LYS B 29 -63.53 18.82 -4.48
C LYS B 29 -64.21 18.35 -5.76
N LYS B 30 -63.91 17.13 -6.18
CA LYS B 30 -64.51 16.56 -7.39
C LYS B 30 -65.32 15.32 -7.07
N SER B 31 -65.79 15.20 -5.84
CA SER B 31 -66.54 14.02 -5.41
C SER B 31 -68.03 14.14 -5.71
N GLY B 32 -68.48 13.41 -6.73
CA GLY B 32 -69.90 13.34 -7.04
C GLY B 32 -70.39 14.43 -7.97
N ILE B 33 -69.54 15.42 -8.26
CA ILE B 33 -69.95 16.52 -9.11
C ILE B 33 -69.91 16.15 -10.59
N THR B 34 -70.02 17.16 -11.44
CA THR B 34 -69.96 16.95 -12.89
C THR B 34 -68.88 17.85 -13.49
N GLU B 35 -68.12 17.31 -14.43
CA GLU B 35 -67.11 18.11 -15.11
C GLU B 35 -66.94 17.65 -16.55
N VAL B 36 -66.39 18.52 -17.38
CA VAL B 36 -66.17 18.21 -18.79
C VAL B 36 -64.70 17.86 -19.04
N ASP B 37 -64.47 17.02 -20.04
CA ASP B 37 -63.12 16.63 -20.41
C ASP B 37 -62.40 17.79 -21.09
N ARG B 38 -61.33 18.25 -20.46
CA ARG B 38 -60.58 19.40 -20.98
C ARG B 38 -59.23 19.00 -21.53
N THR B 39 -58.92 17.71 -21.50
CA THR B 39 -57.63 17.21 -21.95
C THR B 39 -57.35 17.58 -23.41
N GLU B 40 -58.34 17.38 -24.27
CA GLU B 40 -58.20 17.71 -25.68
C GLU B 40 -58.15 19.21 -25.89
N ALA B 41 -58.95 19.94 -25.11
CA ALA B 41 -59.01 21.39 -25.22
C ALA B 41 -57.71 22.04 -24.75
N LYS B 42 -57.21 21.61 -23.60
CA LYS B 42 -55.96 22.16 -23.05
C LYS B 42 -54.79 21.89 -23.99
N GLU B 43 -54.74 20.68 -24.54
CA GLU B 43 -53.67 20.30 -25.44
C GLU B 43 -53.75 21.13 -26.74
N GLY B 44 -54.96 21.39 -27.19
CA GLY B 44 -55.17 22.15 -28.41
C GLY B 44 -54.72 23.59 -28.27
N LEU B 45 -55.02 24.19 -27.12
CA LEU B 45 -54.65 25.58 -26.87
C LEU B 45 -53.14 25.73 -26.74
N LYS B 46 -52.48 24.66 -26.30
CA LYS B 46 -51.03 24.67 -26.17
C LYS B 46 -50.38 24.68 -27.53
N ARG B 47 -51.00 23.99 -28.48
CA ARG B 47 -50.48 23.91 -29.84
C ARG B 47 -50.64 25.24 -30.56
N GLY B 48 -51.75 25.93 -30.29
CA GLY B 48 -52.00 27.23 -30.89
C GLY B 48 -53.25 27.25 -31.75
N GLU B 49 -54.12 26.25 -31.57
CA GLU B 49 -55.38 26.19 -32.30
C GLU B 49 -56.31 27.30 -31.86
N ILE B 50 -57.18 27.72 -32.77
CA ILE B 50 -58.11 28.83 -32.51
C ILE B 50 -59.50 28.57 -33.06
N THR B 51 -59.86 27.29 -33.18
CA THR B 51 -61.12 26.94 -33.83
C THR B 51 -62.21 26.49 -32.84
N HIS B 52 -62.33 25.18 -32.68
CA HIS B 52 -63.46 24.60 -31.95
C HIS B 52 -63.35 24.71 -30.43
N HIS B 53 -62.13 24.73 -29.92
CA HIS B 53 -61.89 24.63 -28.48
C HIS B 53 -62.44 25.81 -27.69
N ALA B 54 -62.81 25.54 -26.44
CA ALA B 54 -63.24 26.59 -25.51
C ALA B 54 -62.10 26.93 -24.57
N VAL B 55 -61.98 28.20 -24.22
CA VAL B 55 -60.84 28.67 -23.44
C VAL B 55 -60.85 28.19 -22.00
N SER B 56 -62.03 27.86 -21.48
CA SER B 56 -62.13 27.41 -20.10
C SER B 56 -63.39 26.58 -19.86
N ARG B 57 -63.57 26.14 -18.62
CA ARG B 57 -64.73 25.33 -18.27
C ARG B 57 -65.99 26.18 -18.23
N GLY B 58 -65.81 27.47 -17.96
CA GLY B 58 -66.93 28.39 -17.80
C GLY B 58 -67.86 28.40 -19.00
N SER B 59 -67.30 28.19 -20.18
CA SER B 59 -68.08 28.10 -21.40
C SER B 59 -69.09 26.98 -21.31
N ALA B 60 -68.68 25.87 -20.71
CA ALA B 60 -69.57 24.74 -20.49
C ALA B 60 -70.43 24.95 -19.26
N LYS B 61 -69.92 25.75 -18.32
CA LYS B 61 -70.66 26.05 -17.10
C LYS B 61 -71.88 26.92 -17.40
N LEU B 62 -71.68 27.90 -18.28
CA LEU B 62 -72.77 28.77 -18.70
C LEU B 62 -73.77 28.01 -19.55
N GLN B 63 -73.28 26.99 -20.24
CA GLN B 63 -74.12 26.17 -21.10
C GLN B 63 -75.21 25.48 -20.30
N TRP B 64 -74.87 25.08 -19.07
CA TRP B 64 -75.81 24.38 -18.20
C TRP B 64 -77.00 25.26 -17.85
N PHE B 65 -76.77 26.57 -17.83
CA PHE B 65 -77.84 27.52 -17.53
C PHE B 65 -78.69 27.81 -18.75
N VAL B 66 -78.03 28.03 -19.89
CA VAL B 66 -78.73 28.38 -21.11
C VAL B 66 -79.54 27.20 -21.63
N GLU B 67 -79.00 26.00 -21.47
CA GLU B 67 -79.66 24.78 -21.93
C GLU B 67 -80.99 24.56 -21.22
N ARG B 68 -81.09 25.08 -20.00
CA ARG B 68 -82.30 24.93 -19.19
C ARG B 68 -83.09 26.22 -19.13
N ASN B 69 -82.81 27.13 -20.05
CA ASN B 69 -83.52 28.40 -20.17
C ASN B 69 -83.51 29.24 -18.90
N MET B 70 -82.52 29.03 -18.05
CA MET B 70 -82.40 29.84 -16.83
C MET B 70 -81.91 31.24 -17.17
N VAL B 71 -81.17 31.34 -18.26
CA VAL B 71 -80.77 32.63 -18.79
C VAL B 71 -80.74 32.56 -20.31
N ILE B 72 -81.38 33.53 -20.96
CA ILE B 72 -81.40 33.58 -22.42
C ILE B 72 -80.80 34.88 -22.91
N PRO B 73 -79.48 34.86 -23.19
CA PRO B 73 -78.75 36.04 -23.66
C PRO B 73 -79.31 36.58 -24.97
N GLU B 74 -79.51 37.89 -25.03
CA GLU B 74 -80.06 38.54 -26.20
C GLU B 74 -79.53 39.96 -26.34
N GLY B 75 -79.50 40.47 -27.57
CA GLY B 75 -79.02 41.80 -27.84
C GLY B 75 -77.58 42.01 -27.42
N ARG B 76 -77.31 43.16 -26.80
CA ARG B 76 -75.97 43.48 -26.34
C ARG B 76 -75.69 42.78 -25.02
N VAL B 77 -74.72 41.86 -25.04
CA VAL B 77 -74.37 41.10 -23.84
C VAL B 77 -73.10 41.63 -23.20
N ILE B 78 -73.20 42.05 -21.94
CA ILE B 78 -72.04 42.53 -21.22
C ILE B 78 -71.55 41.49 -20.21
N ASP B 79 -70.33 41.01 -20.40
CA ASP B 79 -69.76 39.99 -19.53
C ASP B 79 -68.70 40.59 -18.62
N LEU B 80 -69.10 40.89 -17.38
CA LEU B 80 -68.17 41.42 -16.38
C LEU B 80 -67.30 40.32 -15.81
N GLY B 81 -65.99 40.47 -15.95
CA GLY B 81 -65.06 39.44 -15.48
C GLY B 81 -65.05 38.25 -16.42
N CYS B 82 -64.87 38.52 -17.70
CA CYS B 82 -64.85 37.47 -18.71
C CYS B 82 -63.61 36.60 -18.57
N GLY B 83 -62.56 37.16 -17.98
CA GLY B 83 -61.32 36.43 -17.77
C GLY B 83 -60.68 36.04 -19.08
N ARG B 84 -60.73 34.74 -19.38
CA ARG B 84 -60.17 34.22 -20.62
C ARG B 84 -61.20 34.27 -21.73
N GLY B 85 -62.43 34.61 -21.37
CA GLY B 85 -63.51 34.77 -22.35
C GLY B 85 -64.32 33.50 -22.54
N GLY B 86 -64.52 32.76 -21.46
CA GLY B 86 -65.26 31.52 -21.53
C GLY B 86 -66.73 31.73 -21.83
N TRP B 87 -67.35 32.61 -21.06
CA TRP B 87 -68.78 32.88 -21.22
C TRP B 87 -69.06 33.65 -22.50
N SER B 88 -68.16 34.56 -22.86
CA SER B 88 -68.37 35.44 -24.00
C SER B 88 -68.43 34.68 -25.32
N TYR B 89 -67.50 33.77 -25.52
CA TYR B 89 -67.43 33.03 -26.78
C TYR B 89 -68.60 32.09 -26.94
N TYR B 90 -69.19 31.66 -25.83
CA TYR B 90 -70.35 30.78 -25.89
C TYR B 90 -71.60 31.57 -26.25
N CYS B 91 -71.71 32.78 -25.73
CA CYS B 91 -72.85 33.63 -26.02
C CYS B 91 -72.83 34.10 -27.47
N ALA B 92 -71.65 34.11 -28.07
CA ALA B 92 -71.50 34.55 -29.45
C ALA B 92 -72.24 33.63 -30.41
N GLY B 93 -72.26 32.34 -30.09
CA GLY B 93 -72.89 31.36 -30.96
C GLY B 93 -74.37 31.19 -30.70
N LEU B 94 -74.91 31.99 -29.78
CA LEU B 94 -76.33 31.90 -29.44
C LEU B 94 -77.17 32.68 -30.44
N LYS B 95 -78.46 32.35 -30.49
CA LYS B 95 -79.36 32.87 -31.52
C LYS B 95 -79.64 34.37 -31.36
N LYS B 96 -80.24 34.75 -30.25
CA LYS B 96 -80.74 36.11 -30.07
C LYS B 96 -79.64 37.11 -29.75
N VAL B 97 -78.40 36.64 -29.70
CA VAL B 97 -77.27 37.51 -29.40
C VAL B 97 -76.73 38.19 -30.65
N THR B 98 -76.58 39.51 -30.59
CA THR B 98 -76.08 40.28 -31.72
C THR B 98 -74.78 41.00 -31.40
N GLU B 99 -74.43 41.07 -30.12
CA GLU B 99 -73.21 41.75 -29.69
C GLU B 99 -72.78 41.28 -28.31
N VAL B 100 -71.47 41.08 -28.14
CA VAL B 100 -70.91 40.66 -26.86
C VAL B 100 -69.74 41.54 -26.44
N ARG B 101 -69.84 42.15 -25.27
CA ARG B 101 -68.76 42.96 -24.74
C ARG B 101 -68.25 42.37 -23.42
N GLY B 102 -66.98 42.00 -23.40
CA GLY B 102 -66.37 41.41 -22.22
C GLY B 102 -65.34 42.31 -21.58
N TYR B 103 -65.33 42.33 -20.25
CA TYR B 103 -64.41 43.19 -19.51
C TYR B 103 -63.64 42.41 -18.45
N THR B 104 -62.34 42.64 -18.37
CA THR B 104 -61.50 41.95 -17.39
C THR B 104 -60.38 42.87 -16.92
N LYS B 105 -60.04 42.77 -15.64
CA LYS B 105 -59.00 43.60 -15.05
C LYS B 105 -57.64 43.37 -15.71
N GLY B 106 -57.32 42.11 -15.97
CA GLY B 106 -56.05 41.76 -16.60
C GLY B 106 -54.86 42.07 -15.72
N GLY B 107 -53.69 42.19 -16.33
CA GLY B 107 -52.48 42.47 -15.59
C GLY B 107 -51.97 41.25 -14.84
N PRO B 108 -50.89 41.43 -14.05
CA PRO B 108 -50.29 40.35 -13.27
C PRO B 108 -51.27 39.76 -12.26
N GLY B 109 -51.43 38.44 -12.27
CA GLY B 109 -52.30 37.76 -11.34
C GLY B 109 -53.65 37.42 -11.94
N HIS B 110 -54.12 38.25 -12.86
CA HIS B 110 -55.41 38.04 -13.48
C HIS B 110 -55.26 37.57 -14.93
N GLU B 111 -56.19 36.74 -15.38
CA GLU B 111 -56.12 36.20 -16.73
C GLU B 111 -56.57 37.22 -17.77
N GLU B 112 -55.73 37.43 -18.78
CA GLU B 112 -56.09 38.30 -19.89
C GLU B 112 -56.88 37.53 -20.93
N PRO B 113 -57.79 38.22 -21.64
CA PRO B 113 -58.64 37.61 -22.66
C PRO B 113 -57.83 36.89 -23.73
N VAL B 114 -58.23 35.67 -24.06
CA VAL B 114 -57.54 34.88 -25.08
C VAL B 114 -58.29 34.93 -26.41
N PRO B 115 -57.62 35.48 -27.44
CA PRO B 115 -58.22 35.61 -28.77
C PRO B 115 -58.50 34.27 -29.44
N MET B 116 -59.72 34.11 -29.95
CA MET B 116 -60.12 32.88 -30.62
C MET B 116 -60.86 33.20 -31.91
N SER B 117 -61.06 32.18 -32.74
CA SER B 117 -61.80 32.34 -33.98
C SER B 117 -63.02 31.41 -34.01
N THR B 118 -63.69 31.29 -32.88
CA THR B 118 -64.89 30.48 -32.78
C THR B 118 -66.03 31.10 -33.56
N TYR B 119 -67.10 30.34 -33.78
CA TYR B 119 -68.25 30.83 -34.53
C TYR B 119 -68.92 32.00 -33.82
N GLY B 120 -68.73 33.19 -34.38
CA GLY B 120 -69.33 34.39 -33.81
C GLY B 120 -68.29 35.28 -33.15
N TRP B 121 -67.04 35.12 -33.57
CA TRP B 121 -65.94 35.89 -32.98
C TRP B 121 -66.00 37.36 -33.37
N ASN B 122 -66.65 37.64 -34.49
CA ASN B 122 -66.67 38.99 -35.05
C ASN B 122 -67.55 39.95 -34.25
N ILE B 123 -68.38 39.41 -33.37
CA ILE B 123 -69.26 40.25 -32.54
C ILE B 123 -68.79 40.27 -31.10
N VAL B 124 -67.58 39.77 -30.86
CA VAL B 124 -67.04 39.71 -29.51
C VAL B 124 -65.95 40.75 -29.29
N LYS B 125 -66.13 41.60 -28.29
CA LYS B 125 -65.16 42.64 -27.97
C LYS B 125 -64.64 42.48 -26.55
N LEU B 126 -63.49 41.84 -26.39
CA LEU B 126 -62.90 41.62 -25.08
C LEU B 126 -61.84 42.68 -24.77
N MET B 127 -62.07 43.45 -23.71
CA MET B 127 -61.17 44.52 -23.32
C MET B 127 -60.48 44.24 -21.99
N SER B 128 -59.15 44.26 -21.99
CA SER B 128 -58.38 44.05 -20.77
C SER B 128 -58.01 45.40 -20.15
N GLY B 129 -57.55 45.36 -18.90
CA GLY B 129 -57.16 46.57 -18.20
C GLY B 129 -58.36 47.39 -17.79
N LYS B 130 -59.48 46.71 -17.58
CA LYS B 130 -60.73 47.37 -17.20
C LYS B 130 -61.18 46.96 -15.80
N ASP B 131 -61.16 47.91 -14.87
CA ASP B 131 -61.66 47.67 -13.52
C ASP B 131 -63.17 47.91 -13.51
N VAL B 132 -63.93 46.85 -13.30
CA VAL B 132 -65.39 46.92 -13.39
C VAL B 132 -66.01 47.80 -12.31
N PHE B 133 -65.31 47.99 -11.20
CA PHE B 133 -65.83 48.78 -10.10
C PHE B 133 -65.75 50.28 -10.40
N TYR B 134 -64.91 50.63 -11.37
CA TYR B 134 -64.80 52.02 -11.79
C TYR B 134 -65.37 52.19 -13.19
N LEU B 135 -66.23 51.27 -13.58
CA LEU B 135 -66.83 51.25 -14.90
C LEU B 135 -68.28 51.71 -14.88
N PRO B 136 -68.59 52.82 -15.56
CA PRO B 136 -69.96 53.34 -15.64
C PRO B 136 -70.88 52.40 -16.41
N PRO B 137 -72.08 52.14 -15.89
CA PRO B 137 -73.07 51.24 -16.48
C PRO B 137 -73.40 51.58 -17.93
N GLU B 138 -73.66 50.55 -18.74
CA GLU B 138 -74.00 50.75 -20.13
C GLU B 138 -75.34 50.10 -20.46
N LYS B 139 -75.95 50.51 -21.56
CA LYS B 139 -77.22 49.94 -21.99
C LYS B 139 -77.01 48.51 -22.50
N CYS B 140 -77.66 47.55 -21.86
CA CYS B 140 -77.50 46.16 -22.24
C CYS B 140 -78.79 45.37 -22.01
N ASP B 141 -78.92 44.24 -22.71
CA ASP B 141 -80.06 43.37 -22.55
C ASP B 141 -79.68 42.12 -21.77
N THR B 142 -78.39 42.00 -21.46
CA THR B 142 -77.87 40.86 -20.71
C THR B 142 -76.64 41.25 -19.92
N LEU B 143 -76.65 40.95 -18.63
CA LEU B 143 -75.53 41.28 -17.76
C LEU B 143 -74.99 40.04 -17.05
N LEU B 144 -73.75 39.67 -17.37
CA LEU B 144 -73.14 38.49 -16.79
C LEU B 144 -71.98 38.86 -15.88
N CYS B 145 -71.80 38.11 -14.81
CA CYS B 145 -70.72 38.37 -13.88
C CYS B 145 -70.25 37.10 -13.16
N ASP B 146 -68.99 36.73 -13.39
CA ASP B 146 -68.43 35.53 -12.78
C ASP B 146 -67.31 35.92 -11.81
N ILE B 147 -67.41 37.12 -11.26
CA ILE B 147 -66.38 37.65 -10.38
C ILE B 147 -66.55 37.16 -8.94
N GLY B 148 -65.47 36.64 -8.37
CA GLY B 148 -65.48 36.17 -6.99
C GLY B 148 -64.22 35.40 -6.64
N GLU B 149 -63.50 35.87 -5.63
CA GLU B 149 -62.26 35.24 -5.21
C GLU B 149 -62.43 34.43 -3.94
N SER B 150 -62.26 33.11 -4.05
CA SER B 150 -62.41 32.21 -2.91
C SER B 150 -61.39 32.53 -1.82
N SER B 151 -61.80 32.34 -0.57
CA SER B 151 -60.94 32.60 0.57
C SER B 151 -61.34 31.73 1.77
N PRO B 152 -60.34 31.23 2.51
CA PRO B 152 -60.58 30.41 3.71
C PRO B 152 -61.45 31.10 4.75
N SER B 153 -61.37 32.43 4.81
CA SER B 153 -62.17 33.19 5.75
C SER B 153 -63.49 33.65 5.11
N PRO B 154 -64.61 33.18 5.66
CA PRO B 154 -65.94 33.53 5.15
C PRO B 154 -66.27 35.00 5.35
N THR B 155 -65.67 35.62 6.35
CA THR B 155 -65.88 37.05 6.60
C THR B 155 -65.25 37.87 5.48
N VAL B 156 -64.15 37.37 4.93
CA VAL B 156 -63.50 38.00 3.80
C VAL B 156 -64.37 37.86 2.55
N GLU B 157 -64.82 36.63 2.30
CA GLU B 157 -65.72 36.36 1.18
C GLU B 157 -66.99 37.18 1.29
N GLU B 158 -67.40 37.45 2.52
CA GLU B 158 -68.57 38.28 2.79
C GLU B 158 -68.39 39.68 2.22
N SER B 159 -67.28 40.31 2.56
CA SER B 159 -66.99 41.66 2.07
C SER B 159 -66.79 41.67 0.56
N ARG B 160 -66.24 40.58 0.03
CA ARG B 160 -66.04 40.45 -1.40
C ARG B 160 -67.36 40.36 -2.15
N THR B 161 -68.26 39.52 -1.64
CA THR B 161 -69.54 39.27 -2.28
C THR B 161 -70.43 40.51 -2.27
N ILE B 162 -70.50 41.18 -1.14
CA ILE B 162 -71.33 42.37 -1.00
C ILE B 162 -70.90 43.48 -1.96
N ARG B 163 -69.58 43.67 -2.07
CA ARG B 163 -69.02 44.68 -2.96
C ARG B 163 -69.43 44.42 -4.41
N VAL B 164 -69.46 43.15 -4.79
CA VAL B 164 -69.85 42.75 -6.13
C VAL B 164 -71.34 43.04 -6.38
N LEU B 165 -72.16 42.65 -5.42
CA LEU B 165 -73.62 42.82 -5.55
C LEU B 165 -74.01 44.28 -5.68
N LYS B 166 -73.30 45.16 -4.98
CA LYS B 166 -73.59 46.59 -5.03
C LYS B 166 -72.97 47.24 -6.26
N MET B 167 -72.25 46.45 -7.05
CA MET B 167 -71.61 46.94 -8.25
C MET B 167 -72.44 46.62 -9.48
N VAL B 168 -73.07 45.45 -9.48
CA VAL B 168 -73.85 45.00 -10.63
C VAL B 168 -75.28 45.52 -10.60
N GLU B 169 -75.63 46.22 -9.51
CA GLU B 169 -76.98 46.73 -9.33
C GLU B 169 -77.40 47.77 -10.39
N PRO B 170 -76.55 48.79 -10.65
CA PRO B 170 -77.01 49.78 -11.64
C PRO B 170 -77.06 49.23 -13.07
N TRP B 171 -76.42 48.09 -13.29
CA TRP B 171 -76.36 47.49 -14.62
C TRP B 171 -77.67 46.83 -15.00
N LEU B 172 -78.41 46.37 -13.99
CA LEU B 172 -79.64 45.62 -14.22
C LEU B 172 -80.84 46.54 -14.44
N LYS B 173 -81.36 46.53 -15.66
CA LYS B 173 -82.52 47.36 -16.01
C LYS B 173 -83.57 46.53 -16.73
N ASN B 174 -84.25 45.65 -15.98
CA ASN B 174 -85.26 44.74 -16.53
C ASN B 174 -84.71 43.94 -17.72
N ASN B 175 -83.58 43.28 -17.49
CA ASN B 175 -82.93 42.49 -18.53
C ASN B 175 -82.42 41.17 -17.98
N GLN B 176 -82.02 40.27 -18.87
CA GLN B 176 -81.48 38.98 -18.47
C GLN B 176 -80.17 39.16 -17.71
N PHE B 177 -79.91 38.27 -16.77
CA PHE B 177 -78.67 38.34 -16.02
C PHE B 177 -78.29 37.00 -15.39
N CYS B 178 -77.00 36.83 -15.15
CA CYS B 178 -76.48 35.64 -14.49
C CYS B 178 -75.20 35.97 -13.74
N ILE B 179 -75.32 36.32 -12.47
CA ILE B 179 -74.18 36.72 -11.66
C ILE B 179 -73.78 35.64 -10.68
N LYS B 180 -72.50 35.58 -10.35
CA LYS B 180 -71.99 34.56 -9.43
C LYS B 180 -71.95 35.07 -7.99
N VAL B 181 -72.65 34.38 -7.11
CA VAL B 181 -72.61 34.69 -5.70
C VAL B 181 -71.56 33.82 -5.02
N LEU B 182 -70.45 34.43 -4.63
CA LEU B 182 -69.34 33.71 -4.03
C LEU B 182 -69.75 33.06 -2.71
N ASN B 183 -70.20 33.87 -1.77
CA ASN B 183 -70.59 33.38 -0.45
C ASN B 183 -72.05 33.68 -0.16
N PRO B 184 -72.94 32.73 -0.48
CA PRO B 184 -74.38 32.89 -0.30
C PRO B 184 -74.89 32.41 1.06
N TYR B 185 -74.05 31.71 1.82
CA TYR B 185 -74.49 31.14 3.08
C TYR B 185 -74.35 32.11 4.25
N MET B 186 -73.69 33.24 4.02
CA MET B 186 -73.55 34.27 5.05
C MET B 186 -74.86 35.02 5.21
N PRO B 187 -75.33 35.16 6.46
CA PRO B 187 -76.60 35.80 6.81
C PRO B 187 -76.77 37.20 6.22
N THR B 188 -75.71 38.01 6.32
CA THR B 188 -75.77 39.39 5.82
C THR B 188 -75.93 39.41 4.30
N VAL B 189 -75.32 38.45 3.62
CA VAL B 189 -75.41 38.37 2.17
C VAL B 189 -76.82 37.98 1.76
N ILE B 190 -77.43 37.07 2.51
CA ILE B 190 -78.80 36.64 2.25
C ILE B 190 -79.77 37.81 2.34
N GLU B 191 -79.53 38.70 3.28
CA GLU B 191 -80.37 39.88 3.45
C GLU B 191 -80.34 40.76 2.22
N HIS B 192 -79.20 40.77 1.53
CA HIS B 192 -79.09 41.50 0.28
C HIS B 192 -79.78 40.76 -0.85
N LEU B 193 -79.58 39.44 -0.89
CA LEU B 193 -80.18 38.62 -1.93
C LEU B 193 -81.70 38.65 -1.87
N GLU B 194 -82.24 38.66 -0.65
CA GLU B 194 -83.68 38.78 -0.47
C GLU B 194 -84.16 40.15 -0.96
N ARG B 195 -83.32 41.16 -0.75
CA ARG B 195 -83.64 42.51 -1.18
C ARG B 195 -83.56 42.63 -2.70
N LEU B 196 -82.55 42.01 -3.28
CA LEU B 196 -82.35 42.05 -4.73
C LEU B 196 -83.43 41.25 -5.46
N GLN B 197 -83.92 40.20 -4.82
CA GLN B 197 -84.94 39.36 -5.44
C GLN B 197 -86.28 40.09 -5.53
N ARG B 198 -86.55 40.95 -4.56
CA ARG B 198 -87.79 41.70 -4.54
C ARG B 198 -87.82 42.77 -5.64
N LYS B 199 -86.64 43.17 -6.09
CA LYS B 199 -86.52 44.28 -7.02
C LYS B 199 -86.32 43.82 -8.46
N HIS B 200 -85.51 42.80 -8.66
CA HIS B 200 -85.18 42.35 -10.01
C HIS B 200 -85.63 40.92 -10.29
N GLY B 201 -86.17 40.26 -9.28
CA GLY B 201 -86.64 38.89 -9.44
C GLY B 201 -85.50 37.91 -9.64
N GLY B 202 -85.84 36.71 -10.10
CA GLY B 202 -84.83 35.69 -10.36
C GLY B 202 -84.82 34.62 -9.29
N MET B 203 -83.77 33.80 -9.30
CA MET B 203 -83.63 32.70 -8.34
C MET B 203 -82.17 32.29 -8.21
N LEU B 204 -81.77 31.92 -7.00
CA LEU B 204 -80.40 31.47 -6.75
C LEU B 204 -80.27 29.99 -7.09
N VAL B 205 -79.36 29.68 -8.01
CA VAL B 205 -79.23 28.31 -8.51
C VAL B 205 -77.81 27.76 -8.37
N ARG B 206 -77.71 26.56 -7.82
CA ARG B 206 -76.43 25.87 -7.70
C ARG B 206 -76.08 25.10 -8.96
N ASN B 207 -74.88 25.34 -9.48
CA ASN B 207 -74.42 24.66 -10.69
C ASN B 207 -73.66 23.39 -10.32
N PRO B 208 -74.09 22.24 -10.85
CA PRO B 208 -73.43 20.96 -10.57
C PRO B 208 -72.01 20.89 -11.10
N LEU B 209 -71.69 21.74 -12.07
CA LEU B 209 -70.34 21.79 -12.63
C LEU B 209 -69.39 22.51 -11.68
N SER B 210 -69.95 23.23 -10.71
CA SER B 210 -69.15 23.89 -9.68
C SER B 210 -68.64 22.87 -8.69
N ARG B 211 -67.35 22.95 -8.37
CA ARG B 211 -66.72 21.98 -7.49
C ARG B 211 -67.24 22.09 -6.06
N ASN B 212 -66.95 21.07 -5.25
CA ASN B 212 -67.39 21.05 -3.87
C ASN B 212 -66.50 21.93 -2.97
N SER B 213 -65.39 22.39 -3.54
CA SER B 213 -64.46 23.24 -2.79
C SER B 213 -65.03 24.62 -2.55
N THR B 214 -66.03 24.99 -3.35
CA THR B 214 -66.68 26.29 -3.21
C THR B 214 -68.19 26.16 -3.08
N HIS B 215 -68.79 27.02 -2.28
CA HIS B 215 -70.23 27.02 -2.05
C HIS B 215 -70.90 28.05 -2.95
N GLU B 216 -70.28 28.32 -4.10
CA GLU B 216 -70.76 29.34 -5.00
C GLU B 216 -72.11 28.99 -5.62
N MET B 217 -72.96 29.99 -5.77
CA MET B 217 -74.25 29.83 -6.41
C MET B 217 -74.49 30.99 -7.37
N TYR B 218 -75.27 30.75 -8.41
CA TYR B 218 -75.50 31.76 -9.43
C TYR B 218 -76.93 32.30 -9.39
N TRP B 219 -77.04 33.63 -9.35
CA TRP B 219 -78.34 34.29 -9.36
C TRP B 219 -78.82 34.53 -10.78
N ILE B 220 -79.56 33.58 -11.33
CA ILE B 220 -80.07 33.70 -12.68
C ILE B 220 -81.30 34.61 -12.72
N SER B 221 -81.73 34.98 -13.92
CA SER B 221 -82.82 35.93 -14.08
C SER B 221 -84.18 35.23 -14.18
N ASN B 222 -84.22 34.06 -14.79
CA ASN B 222 -85.48 33.37 -15.04
C ASN B 222 -85.76 32.27 -14.01
N GLY B 223 -86.65 32.57 -13.08
CA GLY B 223 -87.03 31.60 -12.07
C GLY B 223 -87.47 32.25 -10.78
N THR B 224 -87.91 31.43 -9.82
CA THR B 224 -88.33 31.93 -8.52
C THR B 224 -88.19 30.87 -7.44
N GLY B 225 -88.48 31.24 -6.20
CA GLY B 225 -88.40 30.31 -5.09
C GLY B 225 -87.78 30.93 -3.86
N ASN B 226 -87.71 30.17 -2.78
CA ASN B 226 -87.12 30.64 -1.54
C ASN B 226 -85.60 30.53 -1.57
N ILE B 227 -84.92 31.65 -1.36
CA ILE B 227 -83.46 31.68 -1.40
C ILE B 227 -82.85 30.94 -0.22
N VAL B 228 -83.33 31.24 0.98
CA VAL B 228 -82.82 30.64 2.20
C VAL B 228 -82.93 29.13 2.18
N SER B 229 -84.08 28.63 1.71
CA SER B 229 -84.30 27.19 1.63
C SER B 229 -83.37 26.56 0.61
N SER B 230 -83.15 27.25 -0.50
CA SER B 230 -82.30 26.74 -1.58
C SER B 230 -80.84 26.66 -1.14
N VAL B 231 -80.39 27.68 -0.41
CA VAL B 231 -79.01 27.72 0.08
C VAL B 231 -78.74 26.55 1.02
N ASN B 232 -79.66 26.31 1.94
CA ASN B 232 -79.52 25.21 2.90
C ASN B 232 -79.53 23.85 2.20
N MET B 233 -80.22 23.76 1.07
CA MET B 233 -80.22 22.54 0.28
C MET B 233 -78.82 22.27 -0.27
N VAL B 234 -78.15 23.33 -0.68
CA VAL B 234 -76.79 23.22 -1.18
C VAL B 234 -75.83 22.98 -0.03
N SER B 235 -76.10 23.62 1.10
CA SER B 235 -75.28 23.43 2.30
C SER B 235 -75.40 21.99 2.79
N ARG B 236 -76.59 21.42 2.67
CA ARG B 236 -76.80 20.02 3.02
C ARG B 236 -76.01 19.10 2.09
N LEU B 237 -76.08 19.39 0.80
CA LEU B 237 -75.45 18.56 -0.23
C LEU B 237 -73.95 18.48 -0.03
N LEU B 238 -73.32 19.63 0.21
CA LEU B 238 -71.88 19.68 0.39
C LEU B 238 -71.47 19.02 1.71
N LEU B 239 -72.38 19.01 2.67
CA LEU B 239 -72.12 18.38 3.97
C LEU B 239 -72.45 16.90 3.94
N ASN B 240 -73.36 16.51 3.04
CA ASN B 240 -73.75 15.11 2.91
C ASN B 240 -72.73 14.28 2.16
N ARG B 241 -71.66 14.93 1.68
CA ARG B 241 -70.68 14.26 0.85
C ARG B 241 -69.35 14.05 1.56
N PHE B 242 -69.43 13.56 2.79
CA PHE B 242 -68.25 13.07 3.51
C PHE B 242 -68.58 11.69 4.03
N THR B 243 -69.87 11.43 4.20
CA THR B 243 -70.36 10.13 4.60
C THR B 243 -70.02 9.11 3.52
N MET B 244 -70.34 9.45 2.28
CA MET B 244 -69.93 8.65 1.14
C MET B 244 -68.47 8.93 0.82
N THR B 245 -67.68 7.87 0.70
CA THR B 245 -66.25 7.99 0.49
C THR B 245 -65.94 8.79 -0.77
N HIS B 246 -66.28 8.21 -1.93
CA HIS B 246 -66.07 8.88 -3.21
C HIS B 246 -66.82 8.21 -4.34
N ARG B 247 -67.64 9.00 -5.04
CA ARG B 247 -68.24 8.54 -6.29
C ARG B 247 -67.67 9.40 -7.43
N ARG B 248 -67.06 8.74 -8.40
CA ARG B 248 -66.36 9.41 -9.49
C ARG B 248 -67.26 10.40 -10.23
N PRO B 249 -66.75 11.64 -10.43
CA PRO B 249 -67.51 12.69 -11.12
C PRO B 249 -67.86 12.32 -12.55
N THR B 250 -69.11 12.57 -12.94
CA THR B 250 -69.56 12.28 -14.29
C THR B 250 -68.85 13.17 -15.30
N ILE B 251 -68.20 12.54 -16.27
CA ILE B 251 -67.44 13.27 -17.28
C ILE B 251 -68.25 13.45 -18.56
N GLU B 252 -68.34 14.69 -19.03
CA GLU B 252 -69.08 14.99 -20.25
C GLU B 252 -68.18 15.62 -21.31
N LYS B 253 -68.70 15.75 -22.52
CA LYS B 253 -67.95 16.31 -23.63
C LYS B 253 -67.95 17.84 -23.58
N ASP B 254 -66.80 18.44 -23.83
CA ASP B 254 -66.68 19.90 -23.85
C ASP B 254 -67.45 20.48 -25.03
N VAL B 255 -67.79 21.75 -24.95
CA VAL B 255 -68.61 22.41 -25.96
C VAL B 255 -67.83 22.67 -27.25
N ASP B 256 -68.48 22.39 -28.38
CA ASP B 256 -67.91 22.72 -29.68
C ASP B 256 -68.42 24.08 -30.12
N LEU B 257 -67.55 25.08 -30.09
CA LEU B 257 -67.94 26.45 -30.40
C LEU B 257 -67.83 26.78 -31.88
N GLY B 258 -67.49 25.77 -32.69
CA GLY B 258 -67.38 25.94 -34.13
C GLY B 258 -66.34 26.96 -34.54
N ALA B 259 -66.49 27.51 -35.73
CA ALA B 259 -65.55 28.50 -36.25
C ALA B 259 -66.19 29.40 -37.30
N GLY B 260 -65.42 30.34 -37.83
CA GLY B 260 -65.91 31.24 -38.86
C GLY B 260 -66.67 32.43 -38.28
N THR B 261 -67.05 33.34 -39.16
CA THR B 261 -67.79 34.53 -38.75
C THR B 261 -69.28 34.24 -38.67
N ARG B 262 -70.03 35.17 -38.09
CA ARG B 262 -71.48 35.01 -37.97
C ARG B 262 -72.23 36.30 -38.27
N HIS B 263 -73.07 36.27 -39.30
CA HIS B 263 -73.90 37.40 -39.66
C HIS B 263 -75.37 37.10 -39.39
N VAL B 264 -75.95 37.84 -38.46
CA VAL B 264 -77.32 37.59 -38.02
C VAL B 264 -78.34 37.86 -39.11
N ASN B 265 -78.05 38.85 -39.95
CA ASN B 265 -78.98 39.26 -41.00
C ASN B 265 -79.21 38.17 -42.04
N ALA B 266 -78.15 37.45 -42.40
CA ALA B 266 -78.24 36.38 -43.38
C ALA B 266 -78.18 35.01 -42.71
N GLU B 267 -78.70 34.94 -41.48
CA GLU B 267 -78.66 33.72 -40.70
C GLU B 267 -79.96 32.89 -40.71
N PRO B 268 -81.13 33.53 -40.52
CA PRO B 268 -82.33 32.70 -40.45
C PRO B 268 -82.71 32.03 -41.77
N GLU B 269 -83.69 31.14 -41.71
CA GLU B 269 -84.13 30.38 -42.88
C GLU B 269 -85.49 30.88 -43.38
N THR B 270 -85.60 31.07 -44.69
CA THR B 270 -86.86 31.46 -45.31
C THR B 270 -87.38 30.35 -46.20
N PRO B 271 -88.27 29.50 -45.65
CA PRO B 271 -88.79 28.32 -46.34
C PRO B 271 -89.93 28.60 -47.29
N ASN B 272 -90.34 27.59 -48.05
CA ASN B 272 -91.49 27.69 -48.94
C ASN B 272 -92.66 26.89 -48.38
N MET B 273 -93.65 27.59 -47.86
CA MET B 273 -94.79 26.95 -47.20
C MET B 273 -95.67 26.17 -48.16
N ASP B 274 -95.48 26.39 -49.46
CA ASP B 274 -96.28 25.71 -50.47
C ASP B 274 -95.91 24.24 -50.57
N VAL B 275 -94.67 23.92 -50.20
CA VAL B 275 -94.16 22.57 -50.31
C VAL B 275 -94.34 21.78 -49.02
N ILE B 276 -93.87 22.36 -47.91
CA ILE B 276 -93.87 21.65 -46.64
C ILE B 276 -95.14 21.90 -45.83
N GLY B 277 -96.00 22.79 -46.32
CA GLY B 277 -97.18 23.20 -45.59
C GLY B 277 -98.16 22.10 -45.26
N GLU B 278 -98.44 21.23 -46.23
CA GLU B 278 -99.41 20.17 -46.04
C GLU B 278 -98.92 19.16 -44.99
N ARG B 279 -97.62 18.95 -44.95
CA ARG B 279 -97.02 18.06 -43.96
C ARG B 279 -97.13 18.65 -42.56
N ILE B 280 -96.90 19.95 -42.45
CA ILE B 280 -96.99 20.64 -41.18
C ILE B 280 -98.43 20.66 -40.66
N LYS B 281 -99.36 21.00 -41.54
CA LYS B 281 -100.77 21.04 -41.19
C LYS B 281 -101.27 19.66 -40.74
N ARG B 282 -100.83 18.62 -41.44
CA ARG B 282 -101.25 17.27 -41.12
C ARG B 282 -100.74 16.83 -39.75
N ILE B 283 -99.46 17.10 -39.49
CA ILE B 283 -98.87 16.81 -38.19
C ILE B 283 -99.56 17.60 -37.08
N LYS B 284 -99.82 18.87 -37.36
CA LYS B 284 -100.48 19.75 -36.40
C LYS B 284 -101.86 19.25 -36.00
N GLU B 285 -102.62 18.79 -36.99
CA GLU B 285 -103.99 18.35 -36.73
C GLU B 285 -104.05 17.05 -35.94
N GLU B 286 -102.99 16.25 -36.03
CA GLU B 286 -102.95 15.00 -35.30
C GLU B 286 -102.50 15.21 -33.85
N HIS B 287 -101.68 16.22 -33.64
CA HIS B 287 -101.19 16.54 -32.30
C HIS B 287 -101.71 17.89 -31.85
N SER B 288 -102.98 18.16 -32.15
CA SER B 288 -103.59 19.46 -31.85
C SER B 288 -103.82 19.64 -30.35
N SER B 289 -103.74 18.56 -29.60
CA SER B 289 -103.99 18.59 -28.17
C SER B 289 -102.90 19.36 -27.42
N THR B 290 -101.64 19.13 -27.81
CA THR B 290 -100.52 19.74 -27.12
C THR B 290 -99.68 20.62 -28.04
N TRP B 291 -100.23 20.98 -29.19
CA TRP B 291 -99.53 21.79 -30.16
C TRP B 291 -99.36 23.23 -29.66
N HIS B 292 -98.16 23.78 -29.85
CA HIS B 292 -97.86 25.13 -29.43
C HIS B 292 -96.65 25.70 -30.16
N TYR B 293 -96.38 26.98 -29.95
CA TYR B 293 -95.24 27.64 -30.59
C TYR B 293 -94.30 28.23 -29.55
N ASP B 294 -93.18 27.55 -29.32
CA ASP B 294 -92.19 28.01 -28.36
C ASP B 294 -91.46 29.25 -28.89
N ASP B 295 -91.55 30.35 -28.15
CA ASP B 295 -90.96 31.61 -28.59
C ASP B 295 -89.46 31.65 -28.37
N GLU B 296 -88.96 30.78 -27.52
CA GLU B 296 -87.54 30.78 -27.18
C GLU B 296 -86.81 29.55 -27.73
N ASN B 297 -87.08 29.24 -29.00
CA ASN B 297 -86.40 28.15 -29.67
C ASN B 297 -85.00 28.57 -30.12
N PRO B 298 -83.99 27.71 -29.88
CA PRO B 298 -82.60 28.03 -30.17
C PRO B 298 -82.24 27.90 -31.64
N TYR B 299 -83.19 27.50 -32.47
CA TYR B 299 -82.94 27.29 -33.90
C TYR B 299 -82.65 28.61 -34.61
N LYS B 300 -81.47 28.70 -35.21
CA LYS B 300 -81.07 29.91 -35.91
C LYS B 300 -81.18 29.73 -37.42
N THR B 301 -80.45 28.76 -37.95
CA THR B 301 -80.38 28.54 -39.38
C THR B 301 -81.50 27.64 -39.90
N TRP B 302 -82.32 27.15 -38.98
CA TRP B 302 -83.47 26.32 -39.35
C TRP B 302 -84.76 27.07 -39.14
N ALA B 303 -85.76 26.76 -39.96
CA ALA B 303 -87.06 27.41 -39.85
C ALA B 303 -87.95 26.69 -38.85
N TYR B 304 -88.15 27.30 -37.68
CA TYR B 304 -89.00 26.73 -36.64
C TYR B 304 -90.47 26.93 -36.97
N HIS B 305 -91.25 25.86 -36.83
CA HIS B 305 -92.67 25.90 -37.17
C HIS B 305 -93.56 25.72 -35.94
N GLY B 306 -93.23 24.74 -35.10
CA GLY B 306 -94.02 24.47 -33.91
C GLY B 306 -93.48 23.36 -33.03
N SER B 307 -94.23 23.00 -32.01
CA SER B 307 -93.83 21.94 -31.09
C SER B 307 -95.03 21.34 -30.37
N TYR B 308 -94.81 20.20 -29.72
CA TYR B 308 -95.86 19.53 -28.96
C TYR B 308 -95.26 18.61 -27.91
N GLU B 309 -96.05 18.29 -26.88
CA GLU B 309 -95.57 17.50 -25.75
C GLU B 309 -95.41 16.02 -26.11
N VAL B 310 -94.35 15.41 -25.60
CA VAL B 310 -94.10 13.99 -25.81
C VAL B 310 -93.69 13.32 -24.50
N LYS B 311 -93.72 11.98 -24.49
CA LYS B 311 -93.33 11.22 -23.32
C LYS B 311 -91.82 11.01 -23.28
N ALA B 312 -91.28 10.85 -22.08
CA ALA B 312 -89.85 10.65 -21.90
C ALA B 312 -89.42 9.26 -22.39
N SER B 318 -76.92 1.19 -25.01
CA SER B 318 -76.96 0.10 -25.99
C SER B 318 -76.84 -1.25 -25.31
N MET B 319 -77.41 -2.29 -25.93
CA MET B 319 -77.35 -3.63 -25.39
C MET B 319 -76.01 -4.28 -25.74
N ILE B 320 -75.39 -4.92 -24.76
CA ILE B 320 -74.05 -5.49 -24.95
C ILE B 320 -74.10 -6.98 -25.29
N ASN B 321 -73.41 -7.36 -26.35
CA ASN B 321 -73.28 -8.77 -26.72
C ASN B 321 -72.44 -9.52 -25.70
N GLY B 322 -73.05 -10.49 -25.03
CA GLY B 322 -72.39 -11.23 -23.96
C GLY B 322 -71.42 -12.28 -24.44
N VAL B 323 -71.69 -12.88 -25.58
CA VAL B 323 -70.86 -13.97 -26.11
C VAL B 323 -69.45 -13.49 -26.39
N VAL B 324 -69.32 -12.38 -27.09
CA VAL B 324 -68.02 -11.84 -27.44
C VAL B 324 -67.37 -11.14 -26.25
N LYS B 325 -68.17 -10.77 -25.27
CA LYS B 325 -67.67 -10.06 -24.10
C LYS B 325 -66.90 -11.00 -23.18
N LEU B 326 -67.44 -12.21 -22.99
CA LEU B 326 -66.81 -13.20 -22.12
C LEU B 326 -65.51 -13.73 -22.70
N LEU B 327 -65.39 -13.64 -24.03
CA LEU B 327 -64.20 -14.14 -24.71
C LEU B 327 -63.16 -13.03 -24.89
N THR B 328 -63.58 -11.78 -24.68
CA THR B 328 -62.68 -10.65 -24.75
C THR B 328 -62.50 -10.01 -23.38
N LYS B 329 -62.19 -10.85 -22.39
CA LYS B 329 -62.02 -10.40 -21.01
C LYS B 329 -60.96 -9.31 -20.82
N PRO B 330 -59.78 -9.43 -21.47
CA PRO B 330 -58.79 -8.37 -21.25
C PRO B 330 -59.22 -7.01 -21.80
N TRP B 331 -60.18 -7.01 -22.71
CA TRP B 331 -60.63 -5.77 -23.34
C TRP B 331 -61.76 -5.11 -22.56
N ASP B 332 -62.01 -5.62 -21.36
CA ASP B 332 -63.04 -5.04 -20.49
C ASP B 332 -62.51 -3.81 -19.78
N VAL B 333 -61.19 -3.70 -19.70
CA VAL B 333 -60.55 -2.57 -19.03
C VAL B 333 -60.08 -1.53 -20.03
N VAL B 334 -60.35 -1.78 -21.31
CA VAL B 334 -59.95 -0.85 -22.36
C VAL B 334 -60.93 0.33 -22.45
N PRO B 335 -60.40 1.56 -22.35
CA PRO B 335 -61.20 2.79 -22.39
C PRO B 335 -62.03 2.93 -23.66
N MET B 336 -61.41 2.74 -24.82
CA MET B 336 -62.10 2.90 -26.09
C MET B 336 -63.27 1.93 -26.23
N VAL B 337 -63.08 0.71 -25.73
CA VAL B 337 -64.12 -0.31 -25.75
C VAL B 337 -65.32 0.12 -24.90
N THR B 338 -65.04 0.66 -23.72
CA THR B 338 -66.08 1.07 -22.80
C THR B 338 -66.89 2.25 -23.34
N GLN B 339 -66.20 3.22 -23.94
CA GLN B 339 -66.84 4.44 -24.42
C GLN B 339 -67.88 4.19 -25.52
N MET B 340 -67.69 3.13 -26.28
CA MET B 340 -68.59 2.83 -27.39
C MET B 340 -69.94 2.32 -26.92
N ALA B 341 -70.00 1.86 -25.68
CA ALA B 341 -71.25 1.35 -25.12
C ALA B 341 -71.92 2.38 -24.22
N MET B 342 -71.30 3.56 -24.13
CA MET B 342 -71.81 4.62 -23.27
C MET B 342 -72.55 5.70 -24.07
N THR B 343 -72.98 5.34 -25.27
CA THR B 343 -73.66 6.29 -26.14
C THR B 343 -75.18 6.25 -25.96
N ASP B 344 -75.64 6.66 -24.78
CA ASP B 344 -77.06 6.73 -24.48
C ASP B 344 -77.47 8.18 -24.25
N THR B 345 -77.50 8.97 -25.31
CA THR B 345 -77.72 10.41 -25.21
C THR B 345 -79.17 10.77 -24.89
N THR B 346 -79.33 11.74 -23.99
CA THR B 346 -80.63 12.27 -23.63
C THR B 346 -81.05 13.38 -24.59
N PRO B 347 -82.32 13.83 -24.52
CA PRO B 347 -82.72 15.02 -25.27
C PRO B 347 -81.80 16.22 -25.02
N PHE B 348 -81.18 16.28 -23.85
CA PHE B 348 -80.16 17.28 -23.57
C PHE B 348 -79.00 17.12 -24.53
N GLY B 349 -78.64 15.87 -24.81
CA GLY B 349 -77.53 15.56 -25.69
C GLY B 349 -77.83 15.89 -27.14
N GLN B 350 -79.04 15.56 -27.58
CA GLN B 350 -79.43 15.78 -28.97
C GLN B 350 -79.38 17.26 -29.33
N GLN B 351 -79.88 18.11 -28.44
CA GLN B 351 -79.83 19.56 -28.65
C GLN B 351 -78.39 20.06 -28.59
N ARG B 352 -77.59 19.40 -27.76
CA ARG B 352 -76.19 19.76 -27.62
C ARG B 352 -75.43 19.43 -28.91
N VAL B 353 -75.81 18.31 -29.53
CA VAL B 353 -75.20 17.88 -30.78
C VAL B 353 -75.73 18.72 -31.94
N PHE B 354 -77.01 19.05 -31.88
CA PHE B 354 -77.66 19.80 -32.94
C PHE B 354 -77.03 21.19 -33.12
N LYS B 355 -76.42 21.71 -32.06
CA LYS B 355 -75.80 23.02 -32.11
C LYS B 355 -74.38 22.94 -32.68
N GLU B 356 -74.08 23.86 -33.59
CA GLU B 356 -72.75 23.97 -34.21
C GLU B 356 -72.24 22.66 -34.83
N LYS B 357 -73.16 21.80 -35.23
CA LYS B 357 -72.81 20.58 -35.95
C LYS B 357 -73.84 20.33 -37.05
N VAL B 358 -75.07 20.75 -36.78
CA VAL B 358 -76.16 20.64 -37.74
C VAL B 358 -76.76 22.01 -38.00
N ASP B 359 -76.79 22.83 -36.94
CA ASP B 359 -77.38 24.16 -37.02
C ASP B 359 -76.35 25.20 -37.46
N THR B 360 -75.85 25.06 -38.69
CA THR B 360 -74.95 26.05 -39.27
C THR B 360 -75.39 26.39 -40.69
N ARG B 361 -74.96 27.54 -41.19
CA ARG B 361 -75.35 27.97 -42.51
C ARG B 361 -74.14 28.16 -43.43
N THR B 362 -74.16 27.45 -44.55
CA THR B 362 -73.08 27.54 -45.53
C THR B 362 -73.32 28.68 -46.51
N PRO B 363 -72.37 29.63 -46.57
CA PRO B 363 -72.43 30.77 -47.50
C PRO B 363 -72.54 30.30 -48.95
N ARG B 364 -73.47 30.89 -49.70
CA ARG B 364 -73.70 30.50 -51.07
C ARG B 364 -72.48 30.77 -51.94
N PRO B 365 -72.04 29.76 -52.71
CA PRO B 365 -70.88 29.84 -53.60
C PRO B 365 -70.95 31.01 -54.57
N MET B 366 -69.79 31.53 -54.94
CA MET B 366 -69.70 32.65 -55.87
C MET B 366 -70.27 32.27 -57.23
N PRO B 367 -70.83 33.25 -57.95
CA PRO B 367 -71.46 33.05 -59.27
C PRO B 367 -70.58 32.27 -60.25
N GLY B 368 -69.28 32.53 -60.22
CA GLY B 368 -68.36 31.82 -61.10
C GLY B 368 -68.20 30.37 -60.70
N THR B 369 -68.14 30.14 -59.39
CA THR B 369 -67.99 28.78 -58.87
C THR B 369 -69.20 27.92 -59.19
N ARG B 370 -70.38 28.51 -59.09
CA ARG B 370 -71.62 27.80 -59.38
C ARG B 370 -71.66 27.38 -60.85
N LYS B 371 -71.09 28.21 -61.72
CA LYS B 371 -71.02 27.91 -63.14
C LYS B 371 -70.13 26.69 -63.37
N VAL B 372 -68.98 26.66 -62.70
CA VAL B 372 -68.04 25.57 -62.84
C VAL B 372 -68.63 24.26 -62.33
N MET B 373 -69.31 24.34 -61.19
CA MET B 373 -69.97 23.17 -60.63
C MET B 373 -71.05 22.66 -61.56
N GLU B 374 -71.69 23.58 -62.26
CA GLU B 374 -72.77 23.24 -63.18
C GLU B 374 -72.24 22.48 -64.39
N ILE B 375 -71.20 23.03 -65.01
CA ILE B 375 -70.62 22.44 -66.21
C ILE B 375 -70.06 21.05 -65.92
N THR B 376 -69.34 20.93 -64.81
CA THR B 376 -68.72 19.68 -64.44
C THR B 376 -69.75 18.61 -64.15
N ALA B 377 -70.78 18.97 -63.39
CA ALA B 377 -71.85 18.03 -63.04
C ALA B 377 -72.56 17.51 -64.29
N GLU B 378 -72.80 18.40 -65.25
CA GLU B 378 -73.40 18.00 -66.51
C GLU B 378 -72.50 17.03 -67.24
N TRP B 379 -71.21 17.35 -67.25
CA TRP B 379 -70.22 16.49 -67.88
C TRP B 379 -70.09 15.17 -67.13
N LEU B 380 -70.26 15.23 -65.81
CA LEU B 380 -70.10 14.06 -64.97
C LEU B 380 -71.26 13.09 -65.12
N TRP B 381 -72.48 13.61 -65.12
CA TRP B 381 -73.67 12.78 -65.30
C TRP B 381 -73.66 12.10 -66.65
N ARG B 382 -73.26 12.84 -67.68
CA ARG B 382 -73.17 12.31 -69.03
C ARG B 382 -72.12 11.20 -69.10
N THR B 383 -71.08 11.34 -68.28
CA THR B 383 -70.02 10.34 -68.24
C THR B 383 -70.49 9.07 -67.56
N LEU B 384 -71.22 9.22 -66.46
CA LEU B 384 -71.71 8.08 -65.70
C LEU B 384 -72.78 7.31 -66.47
N GLY B 385 -73.61 8.05 -67.19
CA GLY B 385 -74.69 7.44 -67.95
C GLY B 385 -74.32 7.18 -69.40
N ARG B 386 -73.04 6.92 -69.64
CA ARG B 386 -72.55 6.67 -70.98
C ARG B 386 -72.93 5.26 -71.43
N ASN B 387 -73.22 4.39 -70.47
CA ASN B 387 -73.59 3.02 -70.76
C ASN B 387 -74.91 2.62 -70.12
N LYS B 388 -75.01 2.86 -68.82
CA LYS B 388 -76.20 2.47 -68.07
C LYS B 388 -77.33 3.48 -68.25
N ARG B 389 -78.55 2.97 -68.27
CA ARG B 389 -79.73 3.83 -68.34
C ARG B 389 -80.47 3.82 -67.01
N PRO B 390 -80.83 5.01 -66.52
CA PRO B 390 -81.60 5.16 -65.28
C PRO B 390 -82.94 4.42 -65.35
N ARG B 391 -83.28 3.71 -64.29
CA ARG B 391 -84.50 2.91 -64.26
C ARG B 391 -85.23 3.01 -62.92
N LEU B 392 -86.50 2.62 -62.93
CA LEU B 392 -87.30 2.58 -61.71
C LEU B 392 -87.11 1.25 -60.99
N CYS B 393 -86.91 1.31 -59.69
CA CYS B 393 -86.81 0.09 -58.89
C CYS B 393 -88.21 -0.40 -58.53
N THR B 394 -88.32 -1.68 -58.22
CA THR B 394 -89.62 -2.29 -58.00
C THR B 394 -89.89 -2.65 -56.55
N ARG B 395 -91.16 -2.94 -56.26
CA ARG B 395 -91.57 -3.40 -54.95
C ARG B 395 -90.94 -4.75 -54.61
N GLU B 396 -90.79 -5.59 -55.63
CA GLU B 396 -90.20 -6.91 -55.47
C GLU B 396 -88.75 -6.81 -55.03
N GLU B 397 -88.02 -5.85 -55.60
CA GLU B 397 -86.63 -5.62 -55.23
C GLU B 397 -86.53 -5.12 -53.79
N PHE B 398 -87.46 -4.25 -53.42
CA PHE B 398 -87.50 -3.69 -52.08
C PHE B 398 -87.82 -4.75 -51.05
N THR B 399 -88.64 -5.72 -51.45
CA THR B 399 -89.01 -6.83 -50.58
C THR B 399 -87.82 -7.73 -50.28
N LYS B 400 -87.09 -8.07 -51.34
CA LYS B 400 -85.93 -8.95 -51.20
C LYS B 400 -84.80 -8.29 -50.41
N LYS B 401 -84.68 -6.98 -50.55
CA LYS B 401 -83.63 -6.23 -49.86
C LYS B 401 -83.85 -6.16 -48.36
N VAL B 402 -85.07 -5.78 -47.98
CA VAL B 402 -85.41 -5.61 -46.57
C VAL B 402 -85.29 -6.92 -45.80
N ARG B 403 -84.40 -6.93 -44.81
CA ARG B 403 -84.21 -8.09 -43.96
C ARG B 403 -84.33 -7.74 -42.48
N THR B 404 -84.54 -8.75 -41.66
CA THR B 404 -84.60 -8.62 -40.21
C THR B 404 -85.67 -7.64 -39.74
N ASN B 405 -85.25 -6.44 -39.32
CA ASN B 405 -86.17 -5.50 -38.70
C ASN B 405 -86.15 -4.10 -39.31
N ALA B 406 -84.96 -3.67 -39.75
CA ALA B 406 -84.76 -2.31 -40.28
C ALA B 406 -85.21 -1.26 -39.27
N ALA B 407 -85.96 -0.27 -39.75
CA ALA B 407 -86.45 0.81 -38.88
C ALA B 407 -87.70 1.46 -39.45
N MET B 408 -88.84 1.24 -38.80
CA MET B 408 -90.09 1.86 -39.21
C MET B 408 -90.50 2.96 -38.23
N GLY B 409 -89.52 3.51 -37.52
CA GLY B 409 -89.77 4.59 -36.58
C GLY B 409 -90.34 5.81 -37.29
N ALA B 410 -91.63 6.04 -37.10
CA ALA B 410 -92.31 7.11 -37.80
C ALA B 410 -93.14 7.97 -36.87
N VAL B 411 -93.84 8.95 -37.45
CA VAL B 411 -94.75 9.79 -36.69
C VAL B 411 -95.97 10.17 -37.54
N PHE B 412 -97.01 9.34 -37.41
CA PHE B 412 -98.28 9.55 -38.09
C PHE B 412 -99.31 8.60 -37.49
N THR B 413 -100.50 9.12 -37.22
CA THR B 413 -101.51 8.37 -36.47
C THR B 413 -101.99 7.11 -37.20
N GLU B 414 -101.66 6.99 -38.47
CA GLU B 414 -102.09 5.85 -39.27
C GLU B 414 -100.90 5.08 -39.82
N GLU B 415 -99.81 5.04 -39.05
CA GLU B 415 -98.58 4.42 -39.52
C GLU B 415 -97.92 3.52 -38.48
N ASN B 416 -97.91 3.96 -37.22
CA ASN B 416 -97.19 3.24 -36.17
C ASN B 416 -97.88 1.94 -35.74
N GLN B 417 -98.80 1.45 -36.56
CA GLN B 417 -99.52 0.22 -36.24
C GLN B 417 -98.65 -1.00 -36.48
N TRP B 418 -97.66 -0.87 -37.35
CA TRP B 418 -96.72 -1.96 -37.61
C TRP B 418 -95.60 -1.96 -36.59
N ASP B 419 -94.93 -3.10 -36.44
CA ASP B 419 -93.85 -3.22 -35.46
C ASP B 419 -92.56 -3.68 -36.12
N SER B 420 -92.67 -4.25 -37.31
CA SER B 420 -91.50 -4.72 -38.04
C SER B 420 -91.63 -4.42 -39.53
N ALA B 421 -90.49 -4.30 -40.21
CA ALA B 421 -90.47 -3.98 -41.63
C ALA B 421 -91.05 -5.11 -42.46
N ARG B 422 -90.69 -6.35 -42.11
CA ARG B 422 -91.18 -7.53 -42.83
C ARG B 422 -92.70 -7.61 -42.80
N ALA B 423 -93.30 -7.18 -41.70
CA ALA B 423 -94.75 -7.25 -41.53
C ALA B 423 -95.47 -6.28 -42.46
N ALA B 424 -94.94 -5.07 -42.58
CA ALA B 424 -95.56 -4.05 -43.42
C ALA B 424 -95.48 -4.45 -44.89
N VAL B 425 -94.35 -5.03 -45.29
CA VAL B 425 -94.16 -5.47 -46.66
C VAL B 425 -95.19 -6.52 -47.05
N GLU B 426 -95.47 -7.43 -46.12
CA GLU B 426 -96.44 -8.49 -46.36
C GLU B 426 -97.87 -7.99 -46.31
N ASP B 427 -98.07 -6.80 -45.74
CA ASP B 427 -99.40 -6.22 -45.62
C ASP B 427 -99.72 -5.34 -46.82
N GLU B 428 -100.88 -5.57 -47.43
CA GLU B 428 -101.30 -4.83 -48.61
C GLU B 428 -101.74 -3.42 -48.26
N GLU B 429 -102.25 -3.25 -47.04
CA GLU B 429 -102.71 -1.95 -46.57
C GLU B 429 -101.56 -0.94 -46.51
N PHE B 430 -100.35 -1.45 -46.30
CA PHE B 430 -99.16 -0.62 -46.28
C PHE B 430 -98.90 -0.02 -47.65
N TRP B 431 -98.92 -0.87 -48.68
CA TRP B 431 -98.66 -0.42 -50.04
C TRP B 431 -99.78 0.47 -50.56
N LYS B 432 -100.97 0.31 -50.01
CA LYS B 432 -102.09 1.19 -50.32
C LYS B 432 -101.80 2.60 -49.80
N LEU B 433 -101.17 2.65 -48.64
CA LEU B 433 -100.76 3.92 -48.04
C LEU B 433 -99.62 4.52 -48.84
N VAL B 434 -98.72 3.67 -49.30
CA VAL B 434 -97.59 4.09 -50.13
C VAL B 434 -98.09 4.62 -51.46
N ASP B 435 -99.09 3.94 -52.02
CA ASP B 435 -99.66 4.31 -53.31
C ASP B 435 -100.28 5.70 -53.22
N ARG B 436 -100.94 6.01 -52.10
CA ARG B 436 -101.57 7.30 -51.92
C ARG B 436 -100.55 8.42 -51.84
N GLU B 437 -99.36 8.11 -51.31
CA GLU B 437 -98.30 9.09 -51.23
C GLU B 437 -97.59 9.25 -52.57
N ARG B 438 -97.46 8.15 -53.30
CA ARG B 438 -96.88 8.19 -54.64
C ARG B 438 -97.77 9.01 -55.56
N GLU B 439 -99.08 8.83 -55.40
CA GLU B 439 -100.06 9.54 -56.22
C GLU B 439 -100.00 11.03 -55.95
N LEU B 440 -99.61 11.40 -54.72
CA LEU B 440 -99.40 12.79 -54.37
C LEU B 440 -98.15 13.33 -55.04
N HIS B 441 -97.11 12.51 -55.08
CA HIS B 441 -95.86 12.90 -55.72
C HIS B 441 -96.05 13.11 -57.22
N LYS B 442 -96.95 12.33 -57.80
CA LYS B 442 -97.25 12.46 -59.22
C LYS B 442 -97.89 13.80 -59.52
N LEU B 443 -98.62 14.33 -58.53
CA LEU B 443 -99.22 15.66 -58.66
C LEU B 443 -98.25 16.74 -58.21
N GLY B 444 -97.12 16.32 -57.66
CA GLY B 444 -96.12 17.25 -57.18
C GLY B 444 -96.40 17.75 -55.79
N LYS B 445 -97.00 16.90 -54.96
CA LYS B 445 -97.33 17.25 -53.60
C LYS B 445 -96.81 16.21 -52.62
N CYS B 446 -96.47 16.63 -51.40
CA CYS B 446 -95.97 15.71 -50.39
C CYS B 446 -96.74 15.86 -49.09
N GLY B 447 -96.94 14.75 -48.39
CA GLY B 447 -97.73 14.78 -47.16
C GLY B 447 -97.37 13.72 -46.13
N SER B 448 -96.37 12.91 -46.40
CA SER B 448 -96.02 11.82 -45.48
C SER B 448 -94.53 11.65 -45.28
N CYS B 449 -93.73 12.45 -45.98
CA CYS B 449 -92.28 12.33 -45.89
C CYS B 449 -91.70 13.29 -44.86
N VAL B 450 -91.47 12.79 -43.65
CA VAL B 450 -90.92 13.60 -42.56
C VAL B 450 -89.76 12.87 -41.87
N TYR B 451 -88.64 13.58 -41.70
CA TYR B 451 -87.44 13.01 -41.10
C TYR B 451 -87.52 12.98 -39.57
N ASN B 452 -86.83 12.02 -38.98
CA ASN B 452 -86.73 11.90 -37.52
C ASN B 452 -85.28 11.84 -37.06
N MET B 453 -84.99 12.49 -35.94
CA MET B 453 -83.64 12.52 -35.41
C MET B 453 -83.40 11.37 -34.42
N SER B 470 -74.72 8.50 -32.02
CA SER B 470 -74.94 9.65 -31.16
C SER B 470 -75.16 10.92 -31.98
N ARG B 471 -74.65 10.92 -33.21
CA ARG B 471 -74.80 12.07 -34.10
C ARG B 471 -76.20 12.16 -34.70
N ALA B 472 -76.32 12.88 -35.81
CA ALA B 472 -77.62 13.13 -36.43
C ALA B 472 -77.94 12.11 -37.51
N ILE B 473 -78.84 11.18 -37.20
CA ILE B 473 -79.34 10.24 -38.20
C ILE B 473 -80.79 10.56 -38.55
N TRP B 474 -81.07 10.67 -39.85
CA TRP B 474 -82.39 11.10 -40.31
C TRP B 474 -83.15 9.97 -40.99
N TYR B 475 -83.84 9.15 -40.20
CA TYR B 475 -84.57 8.02 -40.73
C TYR B 475 -86.08 8.30 -40.84
N MET B 476 -86.56 8.34 -42.08
CA MET B 476 -88.00 8.48 -42.32
C MET B 476 -88.67 7.11 -42.23
N TRP B 477 -89.98 7.08 -42.45
CA TRP B 477 -90.71 5.82 -42.38
C TRP B 477 -90.45 4.99 -43.61
N LEU B 478 -90.83 3.71 -43.55
CA LEU B 478 -90.53 2.76 -44.61
C LEU B 478 -91.17 3.15 -45.94
N GLY B 479 -92.29 3.85 -45.87
CA GLY B 479 -92.99 4.30 -47.06
C GLY B 479 -92.18 5.33 -47.85
N ALA B 480 -91.70 6.35 -47.15
CA ALA B 480 -90.89 7.38 -47.78
C ALA B 480 -89.56 6.81 -48.23
N ARG B 481 -89.06 5.82 -47.50
CA ARG B 481 -87.81 5.16 -47.84
C ARG B 481 -87.95 4.37 -49.14
N TYR B 482 -89.13 3.81 -49.36
CA TYR B 482 -89.38 3.02 -50.56
C TYR B 482 -89.47 3.90 -51.80
N LEU B 483 -90.17 5.03 -51.67
CA LEU B 483 -90.38 5.94 -52.80
C LEU B 483 -89.06 6.52 -53.28
N GLU B 484 -88.13 6.72 -52.36
CA GLU B 484 -86.79 7.17 -52.73
C GLU B 484 -86.04 6.03 -53.42
N PHE B 485 -86.24 4.82 -52.91
CA PHE B 485 -85.61 3.64 -53.48
C PHE B 485 -86.17 3.33 -54.86
N GLU B 486 -87.46 3.62 -55.05
CA GLU B 486 -88.12 3.36 -56.33
C GLU B 486 -87.57 4.25 -57.43
N ALA B 487 -87.21 5.48 -57.06
CA ALA B 487 -86.80 6.47 -58.04
C ALA B 487 -85.28 6.59 -58.18
N LEU B 488 -84.58 6.69 -57.05
CA LEU B 488 -83.14 6.92 -57.07
C LEU B 488 -82.34 5.71 -56.62
N GLY B 489 -83.01 4.58 -56.45
CA GLY B 489 -82.37 3.39 -55.95
C GLY B 489 -81.50 2.68 -56.98
N PHE B 490 -81.71 3.01 -58.25
CA PHE B 490 -80.99 2.37 -59.33
C PHE B 490 -79.50 2.68 -59.27
N LEU B 491 -79.15 3.79 -58.64
CA LEU B 491 -77.76 4.21 -58.51
C LEU B 491 -76.94 3.16 -57.76
N ASN B 492 -77.56 2.52 -56.78
CA ASN B 492 -76.90 1.50 -55.99
C ASN B 492 -77.13 0.10 -56.56
N GLU B 493 -78.31 -0.10 -57.14
CA GLU B 493 -78.67 -1.41 -57.67
C GLU B 493 -77.92 -1.74 -58.95
N ASP B 494 -77.81 -0.75 -59.83
CA ASP B 494 -77.12 -0.96 -61.11
C ASP B 494 -75.64 -0.68 -60.99
N HIS B 495 -75.18 -0.39 -59.77
CA HIS B 495 -73.77 -0.12 -59.48
C HIS B 495 -73.23 0.99 -60.34
N TRP B 496 -73.90 2.13 -60.33
CA TRP B 496 -73.49 3.29 -61.13
C TRP B 496 -72.14 3.81 -60.70
N PHE B 497 -71.81 3.66 -59.42
CA PHE B 497 -70.57 4.21 -58.89
C PHE B 497 -69.52 3.13 -58.68
N SER B 498 -69.60 2.05 -59.46
CA SER B 498 -68.56 1.05 -59.47
C SER B 498 -67.33 1.62 -60.16
N ARG B 499 -66.16 1.06 -59.87
CA ARG B 499 -64.92 1.60 -60.40
C ARG B 499 -64.84 1.43 -61.91
N GLU B 500 -65.51 0.41 -62.43
CA GLU B 500 -65.51 0.16 -63.87
C GLU B 500 -66.32 1.22 -64.59
N ASN B 501 -67.33 1.76 -63.90
CA ASN B 501 -68.25 2.70 -64.52
C ASN B 501 -67.93 4.16 -64.21
N SER B 502 -67.42 4.42 -63.01
CA SER B 502 -67.19 5.79 -62.56
C SER B 502 -65.72 6.14 -62.45
N TYR B 503 -64.85 5.16 -62.71
CA TYR B 503 -63.39 5.35 -62.68
C TYR B 503 -62.84 5.74 -61.31
N SER B 504 -63.62 6.45 -60.50
CA SER B 504 -63.16 6.90 -59.20
C SER B 504 -63.78 6.12 -58.06
N GLY B 505 -65.09 5.88 -58.16
CA GLY B 505 -65.83 5.21 -57.10
C GLY B 505 -65.32 3.81 -56.79
N VAL B 506 -65.67 3.30 -55.62
CA VAL B 506 -65.24 1.97 -55.19
C VAL B 506 -66.42 1.13 -54.73
N GLU B 507 -67.61 1.49 -55.20
CA GLU B 507 -68.83 0.81 -54.79
C GLU B 507 -68.86 -0.63 -55.27
N GLY B 508 -69.03 -1.57 -54.34
CA GLY B 508 -69.17 -2.97 -54.66
C GLY B 508 -67.84 -3.70 -54.80
N GLU B 509 -66.74 -2.95 -54.69
CA GLU B 509 -65.42 -3.53 -54.84
C GLU B 509 -65.07 -4.45 -53.68
N GLY B 510 -65.43 -4.03 -52.47
CA GLY B 510 -65.15 -4.81 -51.28
C GLY B 510 -63.97 -4.29 -50.50
N LEU B 511 -63.94 -4.58 -49.20
CA LEU B 511 -62.89 -4.11 -48.32
C LEU B 511 -61.54 -4.74 -48.66
N HIS B 512 -61.58 -5.94 -49.21
CA HIS B 512 -60.37 -6.69 -49.53
C HIS B 512 -59.66 -6.14 -50.76
N LYS B 513 -60.40 -5.46 -51.62
CA LYS B 513 -59.84 -4.93 -52.85
C LYS B 513 -59.36 -3.49 -52.71
N LEU B 514 -59.88 -2.79 -51.69
CA LEU B 514 -59.57 -1.37 -51.50
C LEU B 514 -58.08 -1.12 -51.36
N GLY B 515 -57.39 -2.03 -50.68
CA GLY B 515 -55.96 -1.90 -50.48
C GLY B 515 -55.18 -2.00 -51.77
N TYR B 516 -55.58 -2.94 -52.62
CA TYR B 516 -54.91 -3.13 -53.90
C TYR B 516 -55.12 -1.93 -54.81
N ILE B 517 -56.28 -1.30 -54.68
CA ILE B 517 -56.60 -0.13 -55.50
C ILE B 517 -55.64 1.02 -55.18
N LEU B 518 -55.42 1.27 -53.90
CA LEU B 518 -54.52 2.35 -53.48
C LEU B 518 -53.09 2.08 -53.94
N ARG B 519 -52.75 0.80 -54.05
CA ARG B 519 -51.42 0.43 -54.52
C ARG B 519 -51.26 0.82 -55.99
N ASP B 520 -52.32 0.61 -56.77
CA ASP B 520 -52.31 0.95 -58.18
C ASP B 520 -52.26 2.46 -58.36
N ILE B 521 -52.93 3.18 -57.47
CA ILE B 521 -52.91 4.64 -57.51
C ILE B 521 -51.52 5.16 -57.18
N SER B 522 -50.84 4.46 -56.28
CA SER B 522 -49.50 4.86 -55.86
C SER B 522 -48.50 4.82 -57.01
N LYS B 523 -48.83 4.05 -58.05
CA LYS B 523 -47.94 3.90 -59.19
C LYS B 523 -48.11 5.07 -60.18
N ILE B 524 -49.27 5.72 -60.12
CA ILE B 524 -49.55 6.84 -61.02
C ILE B 524 -48.65 8.02 -60.73
N PRO B 525 -47.94 8.51 -61.76
CA PRO B 525 -47.05 9.66 -61.65
C PRO B 525 -47.77 10.92 -61.19
N GLY B 526 -47.05 11.83 -60.54
CA GLY B 526 -47.63 13.06 -60.04
C GLY B 526 -47.12 13.42 -58.67
N GLY B 527 -47.89 14.23 -57.95
CA GLY B 527 -47.51 14.63 -56.60
C GLY B 527 -47.80 13.55 -55.57
N ALA B 528 -47.75 13.92 -54.30
CA ALA B 528 -48.02 12.98 -53.23
C ALA B 528 -49.51 12.66 -53.15
N MET B 529 -49.84 11.60 -52.41
CA MET B 529 -51.23 11.19 -52.25
C MET B 529 -51.90 11.96 -51.12
N TYR B 530 -52.91 12.75 -51.47
CA TYR B 530 -53.63 13.56 -50.49
C TYR B 530 -54.95 12.89 -50.11
N ALA B 531 -55.30 12.97 -48.84
CA ALA B 531 -56.55 12.42 -48.35
C ALA B 531 -57.14 13.29 -47.24
N ASP B 532 -57.73 14.42 -47.64
CA ASP B 532 -58.29 15.35 -46.68
C ASP B 532 -59.70 14.97 -46.28
N ASP B 533 -60.04 15.22 -45.02
CA ASP B 533 -61.37 14.92 -44.50
C ASP B 533 -62.16 16.21 -44.30
N THR B 534 -63.36 16.26 -44.86
CA THR B 534 -64.22 17.42 -44.73
C THR B 534 -65.09 17.33 -43.48
N ALA B 535 -65.18 18.42 -42.74
CA ALA B 535 -65.92 18.45 -41.48
C ALA B 535 -67.42 18.56 -41.71
N GLY B 536 -68.15 17.51 -41.35
CA GLY B 536 -69.59 17.49 -41.46
C GLY B 536 -70.05 17.63 -42.90
N TRP B 537 -69.73 16.65 -43.72
CA TRP B 537 -70.01 16.69 -45.15
C TRP B 537 -71.48 16.94 -45.46
N ASP B 538 -72.37 16.26 -44.74
CA ASP B 538 -73.80 16.36 -44.99
C ASP B 538 -74.34 17.76 -44.75
N THR B 539 -73.60 18.55 -43.99
CA THR B 539 -74.03 19.90 -43.65
C THR B 539 -73.43 20.93 -44.60
N ARG B 540 -72.35 20.56 -45.28
CA ARG B 540 -71.66 21.49 -46.16
C ARG B 540 -72.27 21.50 -47.56
N ILE B 541 -73.39 20.82 -47.72
CA ILE B 541 -74.06 20.74 -49.00
C ILE B 541 -74.94 21.96 -49.25
N THR B 542 -74.70 22.64 -50.37
CA THR B 542 -75.47 23.81 -50.73
C THR B 542 -76.63 23.45 -51.64
N GLU B 543 -77.51 24.40 -51.89
CA GLU B 543 -78.64 24.18 -52.77
C GLU B 543 -78.17 23.96 -54.20
N ASP B 544 -77.12 24.68 -54.58
CA ASP B 544 -76.57 24.56 -55.93
C ASP B 544 -76.00 23.17 -56.16
N ASP B 545 -75.46 22.57 -55.10
CA ASP B 545 -74.97 21.20 -55.19
C ASP B 545 -76.14 20.26 -55.46
N LEU B 546 -77.27 20.52 -54.81
CA LEU B 546 -78.45 19.70 -54.98
C LEU B 546 -79.02 19.84 -56.39
N HIS B 547 -79.00 21.07 -56.92
CA HIS B 547 -79.50 21.31 -58.26
C HIS B 547 -78.65 20.61 -59.30
N ASN B 548 -77.34 20.55 -59.04
CA ASN B 548 -76.44 19.87 -59.95
C ASN B 548 -76.68 18.37 -59.97
N GLU B 549 -77.02 17.82 -58.82
CA GLU B 549 -77.29 16.39 -58.72
C GLU B 549 -78.65 16.07 -59.33
N GLU B 550 -79.52 17.06 -59.39
CA GLU B 550 -80.85 16.88 -59.94
C GLU B 550 -80.79 16.72 -61.47
N LYS B 551 -79.66 17.10 -62.05
CA LYS B 551 -79.49 17.06 -63.50
C LYS B 551 -79.45 15.65 -64.06
N ILE B 552 -79.50 14.65 -63.19
CA ILE B 552 -79.55 13.25 -63.62
C ILE B 552 -80.94 12.93 -64.19
N THR B 553 -81.91 13.78 -63.87
CA THR B 553 -83.28 13.58 -64.31
C THR B 553 -83.46 13.73 -65.81
N GLN B 554 -82.41 14.21 -66.48
CA GLN B 554 -82.45 14.41 -67.92
C GLN B 554 -82.30 13.09 -68.68
N GLN B 555 -81.91 12.05 -67.96
CA GLN B 555 -81.67 10.75 -68.59
C GLN B 555 -82.73 9.72 -68.24
N MET B 556 -83.88 10.18 -67.77
CA MET B 556 -84.93 9.26 -67.33
C MET B 556 -86.20 9.40 -68.16
N ASP B 557 -87.00 8.33 -68.17
CA ASP B 557 -88.29 8.32 -68.86
C ASP B 557 -89.24 9.30 -68.19
N PRO B 558 -90.19 9.87 -68.96
CA PRO B 558 -91.18 10.80 -68.45
C PRO B 558 -91.90 10.31 -67.19
N GLU B 559 -92.15 9.01 -67.12
CA GLU B 559 -92.75 8.43 -65.93
C GLU B 559 -91.77 8.47 -64.77
N HIS B 560 -90.54 8.06 -65.04
CA HIS B 560 -89.48 8.07 -64.05
C HIS B 560 -89.09 9.50 -63.71
N ARG B 561 -89.19 10.38 -64.70
CA ARG B 561 -88.79 11.77 -64.54
C ARG B 561 -89.61 12.47 -63.46
N GLN B 562 -90.92 12.28 -63.50
CA GLN B 562 -91.81 12.97 -62.57
C GLN B 562 -91.64 12.49 -61.13
N LEU B 563 -91.49 11.18 -60.96
CA LEU B 563 -91.38 10.60 -59.62
C LEU B 563 -90.14 11.08 -58.89
N ALA B 564 -89.00 10.99 -59.55
CA ALA B 564 -87.73 11.36 -58.93
C ALA B 564 -87.63 12.87 -58.72
N ASN B 565 -88.17 13.63 -59.66
CA ASN B 565 -88.15 15.08 -59.57
C ASN B 565 -88.94 15.57 -58.36
N ALA B 566 -89.93 14.78 -57.95
CA ALA B 566 -90.69 15.08 -56.75
C ALA B 566 -89.83 14.92 -55.51
N ILE B 567 -89.08 13.81 -55.46
CA ILE B 567 -88.22 13.52 -54.33
C ILE B 567 -87.16 14.60 -54.15
N PHE B 568 -86.61 15.08 -55.26
CA PHE B 568 -85.60 16.13 -55.20
C PHE B 568 -86.17 17.41 -54.60
N LYS B 569 -87.31 17.86 -55.12
CA LYS B 569 -87.91 19.11 -54.67
C LYS B 569 -88.58 18.98 -53.30
N LEU B 570 -89.42 17.96 -53.15
CA LEU B 570 -90.28 17.86 -51.98
C LEU B 570 -89.62 17.18 -50.78
N THR B 571 -88.57 16.39 -51.02
CA THR B 571 -87.95 15.63 -49.94
C THR B 571 -86.50 16.03 -49.71
N TYR B 572 -85.80 16.42 -50.78
CA TYR B 572 -84.39 16.76 -50.65
C TYR B 572 -84.17 18.27 -50.56
N GLN B 573 -84.66 18.99 -51.56
CA GLN B 573 -84.50 20.44 -51.58
C GLN B 573 -85.40 21.12 -50.55
N ASN B 574 -86.35 20.36 -50.03
CA ASN B 574 -87.20 20.80 -48.93
C ASN B 574 -87.49 19.62 -48.00
N LYS B 575 -87.37 19.83 -46.69
CA LYS B 575 -87.52 18.73 -45.76
C LYS B 575 -88.06 19.16 -44.41
N VAL B 576 -88.80 18.26 -43.76
CA VAL B 576 -89.34 18.50 -42.44
C VAL B 576 -88.71 17.52 -41.44
N VAL B 577 -88.10 18.07 -40.40
CA VAL B 577 -87.35 17.25 -39.45
C VAL B 577 -87.93 17.36 -38.03
N LYS B 578 -88.04 16.22 -37.35
CA LYS B 578 -88.47 16.19 -35.96
C LYS B 578 -87.32 15.91 -35.02
N VAL B 579 -87.08 16.84 -34.10
CA VAL B 579 -86.01 16.68 -33.12
C VAL B 579 -86.52 16.91 -31.71
N GLN B 580 -86.26 15.94 -30.82
CA GLN B 580 -86.71 16.02 -29.44
C GLN B 580 -85.91 17.04 -28.66
N ARG B 581 -86.60 17.97 -28.00
CA ARG B 581 -85.94 19.02 -27.24
C ARG B 581 -86.53 19.15 -25.84
N PRO B 582 -85.66 19.19 -24.82
CA PRO B 582 -86.07 19.35 -23.42
C PRO B 582 -86.47 20.78 -23.08
N THR B 583 -87.51 20.92 -22.26
CA THR B 583 -88.00 22.23 -21.82
C THR B 583 -88.17 22.24 -20.31
N PRO B 584 -88.24 23.43 -19.70
CA PRO B 584 -88.51 23.50 -18.26
C PRO B 584 -89.89 22.92 -17.90
N LYS B 585 -90.77 22.80 -18.88
CA LYS B 585 -92.09 22.24 -18.66
C LYS B 585 -92.09 20.74 -18.88
N GLY B 586 -91.15 20.26 -19.69
CA GLY B 586 -91.02 18.84 -19.97
C GLY B 586 -90.21 18.58 -21.22
N THR B 587 -90.61 17.58 -21.99
CA THR B 587 -89.93 17.26 -23.24
C THR B 587 -90.87 17.47 -24.43
N VAL B 588 -90.38 18.18 -25.43
CA VAL B 588 -91.19 18.48 -26.61
C VAL B 588 -90.53 18.03 -27.89
N MET B 589 -91.31 17.95 -28.96
CA MET B 589 -90.82 17.58 -30.28
C MET B 589 -91.03 18.72 -31.26
N ASP B 590 -89.94 19.31 -31.74
CA ASP B 590 -90.02 20.51 -32.57
C ASP B 590 -90.18 20.19 -34.06
N ILE B 591 -90.67 21.17 -34.81
CA ILE B 591 -90.82 21.05 -36.26
C ILE B 591 -89.96 22.06 -36.98
N ILE B 592 -88.93 21.58 -37.67
CA ILE B 592 -88.01 22.46 -38.36
C ILE B 592 -87.91 22.12 -39.85
N SER B 593 -87.37 23.06 -40.63
CA SER B 593 -87.24 22.85 -42.07
C SER B 593 -86.05 23.60 -42.64
N ARG B 594 -85.40 22.99 -43.63
CA ARG B 594 -84.23 23.57 -44.26
C ARG B 594 -84.09 23.06 -45.69
N LYS B 595 -83.42 23.83 -46.54
CA LYS B 595 -83.33 23.49 -47.95
C LYS B 595 -81.99 22.85 -48.35
N ASP B 596 -80.89 23.49 -47.97
CA ASP B 596 -79.58 23.13 -48.52
C ASP B 596 -78.99 21.84 -47.98
N GLN B 597 -79.15 21.60 -46.69
CA GLN B 597 -78.49 20.47 -46.03
C GLN B 597 -79.01 19.12 -46.51
N ARG B 598 -78.13 18.12 -46.53
CA ARG B 598 -78.49 16.78 -46.99
C ARG B 598 -78.80 15.82 -45.84
N GLY B 599 -79.80 14.96 -46.05
CA GLY B 599 -80.15 13.95 -45.07
C GLY B 599 -79.16 12.80 -45.00
N SER B 600 -78.91 12.32 -43.80
CA SER B 600 -77.94 11.25 -43.58
C SER B 600 -78.56 9.88 -43.81
N GLY B 601 -79.86 9.77 -43.60
CA GLY B 601 -80.55 8.49 -43.72
C GLY B 601 -81.37 8.36 -44.99
N GLN B 602 -80.96 9.08 -46.03
CA GLN B 602 -81.64 9.01 -47.32
C GLN B 602 -81.08 7.87 -48.17
N VAL B 603 -81.84 7.44 -49.16
CA VAL B 603 -81.42 6.33 -50.01
C VAL B 603 -80.24 6.71 -50.89
N GLY B 604 -80.35 7.86 -51.56
CA GLY B 604 -79.30 8.33 -52.44
C GLY B 604 -78.21 9.09 -51.73
N THR B 605 -78.10 8.87 -50.42
CA THR B 605 -77.09 9.56 -49.62
C THR B 605 -75.69 9.21 -50.08
N TYR B 606 -75.37 7.92 -50.11
CA TYR B 606 -74.05 7.46 -50.53
C TYR B 606 -73.78 7.80 -51.98
N GLY B 607 -74.78 7.59 -52.83
CA GLY B 607 -74.64 7.85 -54.25
C GLY B 607 -74.34 9.31 -54.56
N LEU B 608 -75.19 10.20 -54.08
CA LEU B 608 -75.05 11.62 -54.37
C LEU B 608 -73.79 12.21 -53.73
N ASN B 609 -73.47 11.76 -52.53
CA ASN B 609 -72.26 12.21 -51.86
C ASN B 609 -71.01 11.85 -52.65
N THR B 610 -71.02 10.65 -53.22
CA THR B 610 -69.90 10.21 -54.05
C THR B 610 -69.83 11.07 -55.31
N PHE B 611 -70.98 11.49 -55.80
CA PHE B 611 -71.06 12.29 -57.01
C PHE B 611 -70.45 13.67 -56.80
N THR B 612 -71.00 14.42 -55.85
CA THR B 612 -70.58 15.78 -55.58
C THR B 612 -69.11 15.82 -55.17
N ASN B 613 -68.67 14.82 -54.42
CA ASN B 613 -67.28 14.74 -54.02
C ASN B 613 -66.38 14.57 -55.23
N MET B 614 -66.79 13.70 -56.15
CA MET B 614 -66.06 13.54 -57.41
C MET B 614 -66.03 14.85 -58.16
N GLU B 615 -67.15 15.56 -58.14
CA GLU B 615 -67.25 16.86 -58.76
C GLU B 615 -66.31 17.86 -58.10
N ALA B 616 -66.37 17.92 -56.76
CA ALA B 616 -65.59 18.88 -56.00
C ALA B 616 -64.09 18.64 -56.16
N GLN B 617 -63.67 17.39 -56.10
CA GLN B 617 -62.26 17.07 -56.20
C GLN B 617 -61.71 17.38 -57.59
N LEU B 618 -62.54 17.19 -58.62
CA LEU B 618 -62.14 17.55 -59.97
C LEU B 618 -61.91 19.05 -60.07
N ILE B 619 -62.78 19.82 -59.43
CA ILE B 619 -62.69 21.28 -59.44
C ILE B 619 -61.38 21.74 -58.79
N ARG B 620 -61.02 21.12 -57.68
CA ARG B 620 -59.81 21.50 -56.96
C ARG B 620 -58.56 21.20 -57.78
N GLN B 621 -58.61 20.13 -58.57
CA GLN B 621 -57.49 19.78 -59.42
C GLN B 621 -57.30 20.82 -60.52
N MET B 622 -58.41 21.38 -61.00
CA MET B 622 -58.35 22.42 -62.02
C MET B 622 -57.57 23.62 -61.49
N GLU B 623 -57.89 24.02 -60.26
CA GLU B 623 -57.21 25.14 -59.61
C GLU B 623 -55.75 24.82 -59.39
N GLY B 624 -55.47 23.56 -59.08
CA GLY B 624 -54.11 23.12 -58.85
C GLY B 624 -53.29 23.12 -60.13
N GLU B 625 -53.97 22.98 -61.26
CA GLU B 625 -53.31 22.98 -62.56
C GLU B 625 -53.33 24.37 -63.18
N GLY B 626 -53.91 25.32 -62.48
CA GLY B 626 -53.95 26.70 -62.93
C GLY B 626 -55.03 26.95 -63.96
N VAL B 627 -55.98 26.03 -64.07
CA VAL B 627 -57.09 26.19 -65.00
C VAL B 627 -58.03 27.29 -64.53
N LEU B 628 -58.38 27.25 -63.24
CA LEU B 628 -59.25 28.26 -62.66
C LEU B 628 -58.48 29.23 -61.78
N SER B 629 -58.78 30.51 -61.92
CA SER B 629 -58.13 31.53 -61.11
C SER B 629 -59.11 32.12 -60.10
N LYS B 630 -58.59 32.99 -59.23
CA LYS B 630 -59.43 33.66 -58.24
C LYS B 630 -60.46 34.54 -58.94
N ALA B 631 -60.05 35.16 -60.03
CA ALA B 631 -60.93 36.03 -60.80
C ALA B 631 -62.07 35.22 -61.43
N ASP B 632 -61.75 34.02 -61.89
CA ASP B 632 -62.73 33.16 -62.54
C ASP B 632 -63.86 32.79 -61.60
N LEU B 633 -63.53 32.58 -60.33
CA LEU B 633 -64.53 32.22 -59.33
C LEU B 633 -65.47 33.39 -59.05
N GLU B 634 -64.92 34.60 -59.11
CA GLU B 634 -65.71 35.80 -58.87
C GLU B 634 -66.45 36.24 -60.13
N ASN B 635 -65.88 35.89 -61.28
CA ASN B 635 -66.46 36.26 -62.57
C ASN B 635 -67.76 35.51 -62.85
N PRO B 636 -68.87 36.25 -62.92
CA PRO B 636 -70.17 35.65 -63.20
C PRO B 636 -70.31 35.19 -64.65
N HIS B 637 -69.35 35.58 -65.49
CA HIS B 637 -69.36 35.18 -66.89
C HIS B 637 -68.03 34.55 -67.30
N PRO B 638 -67.77 33.31 -66.83
CA PRO B 638 -66.52 32.63 -67.14
C PRO B 638 -66.58 31.90 -68.48
N LEU B 639 -65.48 31.91 -69.21
CA LEU B 639 -65.41 31.21 -70.50
C LEU B 639 -65.45 29.69 -70.29
N GLU B 640 -66.48 29.06 -70.83
CA GLU B 640 -66.68 27.63 -70.65
C GLU B 640 -65.77 26.81 -71.56
N LYS B 641 -65.03 27.50 -72.42
CA LYS B 641 -64.19 26.83 -73.40
C LYS B 641 -63.03 26.06 -72.75
N LYS B 642 -62.26 26.75 -71.92
CA LYS B 642 -61.09 26.14 -71.30
C LYS B 642 -61.48 25.09 -70.25
N ILE B 643 -62.67 25.22 -69.71
CA ILE B 643 -63.17 24.28 -68.72
C ILE B 643 -63.63 23.00 -69.37
N THR B 644 -64.37 23.14 -70.47
CA THR B 644 -64.89 21.99 -71.20
C THR B 644 -63.76 21.17 -71.81
N GLN B 645 -62.78 21.87 -72.36
CA GLN B 645 -61.63 21.20 -72.96
C GLN B 645 -60.86 20.38 -71.94
N TRP B 646 -60.71 20.92 -70.74
CA TRP B 646 -59.99 20.25 -69.67
C TRP B 646 -60.71 18.98 -69.23
N LEU B 647 -62.04 19.01 -69.32
CA LEU B 647 -62.85 17.86 -68.91
C LEU B 647 -62.91 16.80 -70.00
N GLU B 648 -62.88 17.22 -71.24
CA GLU B 648 -63.00 16.29 -72.37
C GLU B 648 -61.68 15.61 -72.69
N THR B 649 -60.57 16.27 -72.35
CA THR B 649 -59.25 15.72 -72.65
C THR B 649 -58.65 14.99 -71.47
N LYS B 650 -58.67 15.63 -70.30
CA LYS B 650 -57.98 15.10 -69.13
C LYS B 650 -58.95 14.67 -68.04
N GLY B 651 -60.23 14.95 -68.24
CA GLY B 651 -61.24 14.69 -67.24
C GLY B 651 -61.30 13.25 -66.76
N VAL B 652 -61.35 12.33 -67.72
CA VAL B 652 -61.40 10.91 -67.39
C VAL B 652 -60.10 10.46 -66.72
N GLU B 653 -58.99 11.06 -67.16
CA GLU B 653 -57.69 10.70 -66.63
C GLU B 653 -57.58 11.12 -65.16
N ARG B 654 -58.13 12.28 -64.83
CA ARG B 654 -58.10 12.77 -63.46
C ARG B 654 -58.98 11.92 -62.54
N LEU B 655 -60.02 11.35 -63.10
CA LEU B 655 -60.95 10.51 -62.33
C LEU B 655 -60.29 9.21 -61.90
N LYS B 656 -59.37 8.71 -62.70
CA LYS B 656 -58.68 7.46 -62.40
C LYS B 656 -57.67 7.67 -61.28
N ARG B 657 -57.32 8.93 -61.03
CA ARG B 657 -56.34 9.27 -60.00
C ARG B 657 -56.96 9.29 -58.61
N MET B 658 -58.27 9.09 -58.54
CA MET B 658 -58.99 9.22 -57.29
C MET B 658 -59.76 7.97 -56.91
N ALA B 659 -59.93 7.79 -55.60
CA ALA B 659 -60.78 6.73 -55.07
C ALA B 659 -61.74 7.34 -54.06
N ILE B 660 -62.98 7.52 -54.47
CA ILE B 660 -63.94 8.27 -53.66
C ILE B 660 -65.14 7.45 -53.23
N SER B 661 -65.35 7.39 -51.92
CA SER B 661 -66.52 6.72 -51.36
C SER B 661 -67.21 7.63 -50.35
N GLY B 662 -68.31 8.25 -50.78
CA GLY B 662 -69.02 9.19 -49.93
C GLY B 662 -68.23 10.46 -49.77
N ASP B 663 -67.84 10.77 -48.53
CA ASP B 663 -67.06 11.97 -48.26
C ASP B 663 -65.57 11.66 -48.21
N ASP B 664 -65.24 10.40 -47.92
CA ASP B 664 -63.85 9.97 -47.93
C ASP B 664 -63.30 9.98 -49.35
N CYS B 665 -62.15 10.63 -49.53
CA CYS B 665 -61.56 10.76 -50.85
C CYS B 665 -60.04 10.70 -50.79
N VAL B 666 -59.44 10.04 -51.77
CA VAL B 666 -57.99 9.96 -51.90
C VAL B 666 -57.57 10.45 -53.28
N VAL B 667 -56.90 11.58 -53.34
CA VAL B 667 -56.54 12.19 -54.60
C VAL B 667 -55.03 12.25 -54.82
N LYS B 668 -54.56 11.74 -55.94
CA LYS B 668 -53.16 11.85 -56.31
C LYS B 668 -53.02 12.68 -57.58
N PRO B 669 -52.88 14.00 -57.43
CA PRO B 669 -52.80 14.96 -58.54
C PRO B 669 -51.53 14.82 -59.35
N ILE B 670 -51.39 15.66 -60.37
CA ILE B 670 -50.22 15.62 -61.24
C ILE B 670 -49.06 16.37 -60.62
N ASP B 671 -49.34 17.21 -59.63
CA ASP B 671 -48.29 17.90 -58.88
C ASP B 671 -48.81 18.36 -57.53
N ASP B 672 -47.91 18.92 -56.72
CA ASP B 672 -48.25 19.27 -55.34
C ASP B 672 -48.73 20.71 -55.19
N ARG B 673 -49.13 21.33 -56.31
CA ARG B 673 -49.77 22.64 -56.25
C ARG B 673 -51.21 22.44 -55.78
N PHE B 674 -51.66 21.19 -55.87
CA PHE B 674 -52.99 20.80 -55.43
C PHE B 674 -53.19 21.06 -53.95
N ALA B 675 -52.10 20.99 -53.19
CA ALA B 675 -52.15 21.20 -51.74
C ALA B 675 -52.43 22.67 -51.42
N ASN B 676 -51.97 23.57 -52.28
CA ASN B 676 -52.14 25.00 -52.05
C ASN B 676 -53.38 25.55 -52.74
N ALA B 677 -54.09 24.69 -53.47
CA ALA B 677 -55.32 25.08 -54.15
C ALA B 677 -56.52 24.91 -53.23
N LEU B 678 -56.87 25.98 -52.52
CA LEU B 678 -57.92 25.90 -51.50
C LEU B 678 -59.02 26.93 -51.73
N LEU B 679 -58.90 27.72 -52.78
CA LEU B 679 -59.84 28.79 -53.06
C LEU B 679 -61.23 28.25 -53.39
N ALA B 680 -61.27 27.30 -54.32
CA ALA B 680 -62.53 26.75 -54.79
C ALA B 680 -63.15 25.79 -53.79
N LEU B 681 -62.29 25.09 -53.05
CA LEU B 681 -62.76 24.09 -52.09
C LEU B 681 -63.50 24.73 -50.93
N ASN B 682 -63.03 25.90 -50.50
CA ASN B 682 -63.64 26.60 -49.38
C ASN B 682 -64.91 27.33 -49.81
N ASP B 683 -64.95 27.80 -51.05
CA ASP B 683 -66.10 28.56 -51.53
C ASP B 683 -67.31 27.66 -51.74
N MET B 684 -67.05 26.39 -52.09
CA MET B 684 -68.14 25.44 -52.30
C MET B 684 -68.73 24.99 -50.97
N GLY B 685 -68.03 25.30 -49.88
CA GLY B 685 -68.51 24.98 -48.55
C GLY B 685 -67.84 23.77 -47.93
N LYS B 686 -67.12 23.02 -48.75
CA LYS B 686 -66.45 21.81 -48.28
C LYS B 686 -65.16 22.14 -47.55
N VAL B 687 -65.28 22.48 -46.27
CA VAL B 687 -64.12 22.86 -45.47
C VAL B 687 -63.47 21.64 -44.83
N ARG B 688 -62.15 21.57 -44.91
CA ARG B 688 -61.40 20.47 -44.33
C ARG B 688 -61.50 20.46 -42.80
N LYS B 689 -61.30 19.29 -42.21
CA LYS B 689 -61.48 19.13 -40.77
C LYS B 689 -60.17 19.24 -39.99
N ASP B 690 -60.21 19.95 -38.87
CA ASP B 690 -59.09 20.07 -37.95
C ASP B 690 -57.83 20.61 -38.63
N ILE B 691 -58.00 21.66 -39.42
CA ILE B 691 -56.88 22.29 -40.12
C ILE B 691 -57.32 23.65 -40.64
N PRO B 692 -56.49 24.69 -40.42
CA PRO B 692 -56.76 26.06 -40.86
C PRO B 692 -57.24 26.13 -42.31
N GLN B 693 -58.15 27.05 -42.58
CA GLN B 693 -58.80 27.14 -43.88
C GLN B 693 -57.83 27.50 -45.00
N TRP B 694 -56.72 28.15 -44.64
CA TRP B 694 -55.76 28.61 -45.63
C TRP B 694 -54.52 27.73 -45.69
N GLN B 695 -54.29 26.94 -44.65
CA GLN B 695 -53.11 26.09 -44.58
C GLN B 695 -53.15 24.98 -45.62
N PRO B 696 -52.06 24.83 -46.38
CA PRO B 696 -51.92 23.78 -47.40
C PRO B 696 -52.07 22.38 -46.81
N SER B 697 -52.62 21.46 -47.59
CA SER B 697 -52.86 20.10 -47.13
C SER B 697 -51.56 19.29 -47.07
N LYS B 698 -51.52 18.35 -46.13
CA LYS B 698 -50.37 17.46 -46.00
C LYS B 698 -50.69 16.10 -46.59
N GLY B 699 -49.83 15.63 -47.49
CA GLY B 699 -50.05 14.37 -48.16
C GLY B 699 -49.07 13.28 -47.77
N TRP B 700 -49.41 12.04 -48.12
CA TRP B 700 -48.55 10.90 -47.84
C TRP B 700 -47.95 10.33 -49.12
N HIS B 701 -46.68 9.95 -49.06
CA HIS B 701 -46.01 9.33 -50.21
C HIS B 701 -46.13 7.81 -50.13
N ASP B 702 -46.49 7.32 -48.95
CA ASP B 702 -46.68 5.89 -48.75
C ASP B 702 -48.17 5.57 -48.67
N TRP B 703 -48.65 4.74 -49.58
CA TRP B 703 -50.07 4.44 -49.67
C TRP B 703 -50.55 3.62 -48.47
N GLN B 704 -49.61 2.97 -47.78
CA GLN B 704 -49.96 2.15 -46.63
C GLN B 704 -50.41 2.99 -45.44
N GLN B 705 -49.94 4.25 -45.40
CA GLN B 705 -50.29 5.15 -44.32
C GLN B 705 -51.48 6.02 -44.68
N VAL B 706 -52.06 5.77 -45.85
CA VAL B 706 -53.20 6.56 -46.31
C VAL B 706 -54.51 6.02 -45.76
N PRO B 707 -55.22 6.85 -44.98
CA PRO B 707 -56.51 6.47 -44.39
C PRO B 707 -57.66 6.57 -45.40
N PHE B 708 -58.52 5.55 -45.40
CA PHE B 708 -59.65 5.53 -46.32
C PHE B 708 -60.73 4.57 -45.82
N CYS B 709 -61.96 5.07 -45.73
CA CYS B 709 -63.08 4.30 -45.21
C CYS B 709 -62.79 3.70 -43.85
N SER B 710 -62.26 4.54 -42.95
CA SER B 710 -61.90 4.12 -41.61
C SER B 710 -60.94 2.93 -41.61
N HIS B 711 -60.06 2.89 -42.62
CA HIS B 711 -59.11 1.78 -42.74
C HIS B 711 -57.77 2.24 -43.33
N HIS B 712 -56.70 1.61 -42.87
CA HIS B 712 -55.41 1.72 -43.54
C HIS B 712 -55.00 0.32 -43.99
N PHE B 713 -54.02 0.24 -44.88
CA PHE B 713 -53.68 -1.04 -45.49
C PHE B 713 -52.21 -1.40 -45.38
N HIS B 714 -51.93 -2.70 -45.27
CA HIS B 714 -50.56 -3.18 -45.18
C HIS B 714 -50.24 -4.15 -46.30
N GLU B 715 -48.97 -4.21 -46.70
CA GLU B 715 -48.52 -5.15 -47.73
C GLU B 715 -47.82 -6.34 -47.09
N LEU B 716 -48.53 -7.46 -47.00
CA LEU B 716 -47.99 -8.66 -46.37
C LEU B 716 -47.16 -9.51 -47.33
N ILE B 717 -46.06 -10.05 -46.83
CA ILE B 717 -45.24 -10.97 -47.61
C ILE B 717 -45.25 -12.33 -46.94
N MET B 718 -45.82 -13.32 -47.62
CA MET B 718 -45.95 -14.66 -47.06
C MET B 718 -44.60 -15.37 -46.95
N LYS B 719 -44.66 -16.65 -46.62
CA LYS B 719 -43.47 -17.47 -46.52
C LYS B 719 -43.02 -17.94 -47.89
N ASP B 720 -43.96 -17.95 -48.84
CA ASP B 720 -43.66 -18.41 -50.20
C ASP B 720 -43.25 -17.25 -51.10
N GLY B 721 -43.36 -16.03 -50.59
CA GLY B 721 -42.93 -14.85 -51.32
C GLY B 721 -44.06 -14.04 -51.92
N ARG B 722 -45.24 -14.63 -52.00
CA ARG B 722 -46.39 -13.93 -52.57
C ARG B 722 -46.85 -12.80 -51.65
N LYS B 723 -47.45 -11.76 -52.24
CA LYS B 723 -47.83 -10.57 -51.49
C LYS B 723 -49.35 -10.46 -51.28
N LEU B 724 -49.72 -10.05 -50.08
CA LEU B 724 -51.12 -9.75 -49.75
C LEU B 724 -51.27 -8.34 -49.24
N VAL B 725 -52.32 -7.66 -49.70
CA VAL B 725 -52.64 -6.34 -49.20
C VAL B 725 -53.92 -6.40 -48.38
N VAL B 726 -53.78 -6.26 -47.07
CA VAL B 726 -54.90 -6.45 -46.17
C VAL B 726 -55.38 -5.15 -45.55
N PRO B 727 -56.69 -5.07 -45.26
CA PRO B 727 -57.26 -3.91 -44.57
C PRO B 727 -56.97 -3.95 -43.08
N CYS B 728 -56.78 -2.78 -42.48
CA CYS B 728 -56.46 -2.70 -41.06
C CYS B 728 -56.98 -1.42 -40.43
N ARG B 729 -57.10 -1.45 -39.10
CA ARG B 729 -57.59 -0.31 -38.33
C ARG B 729 -57.30 -0.59 -36.86
N PRO B 730 -57.38 0.45 -35.99
CA PRO B 730 -57.20 0.22 -34.55
C PRO B 730 -58.04 -0.94 -34.03
N GLN B 731 -57.39 -1.93 -33.43
CA GLN B 731 -58.04 -3.17 -33.02
C GLN B 731 -59.14 -2.92 -31.99
N ASP B 732 -58.99 -1.86 -31.22
CA ASP B 732 -59.99 -1.53 -30.20
C ASP B 732 -61.31 -1.12 -30.83
N GLU B 733 -61.25 -0.59 -32.05
CA GLU B 733 -62.44 -0.18 -32.77
C GLU B 733 -63.26 -1.38 -33.22
N LEU B 734 -62.58 -2.41 -33.71
CA LEU B 734 -63.25 -3.62 -34.18
C LEU B 734 -63.88 -4.39 -33.03
N ILE B 735 -63.13 -4.57 -31.95
CA ILE B 735 -63.61 -5.31 -30.80
C ILE B 735 -64.68 -4.52 -30.05
N GLY B 736 -64.46 -3.21 -29.90
CA GLY B 736 -65.42 -2.35 -29.24
C GLY B 736 -66.75 -2.30 -29.96
N ARG B 737 -66.72 -2.48 -31.28
CA ARG B 737 -67.92 -2.48 -32.09
C ARG B 737 -68.56 -3.85 -32.12
N ALA B 738 -67.73 -4.88 -31.93
CA ALA B 738 -68.21 -6.26 -31.95
C ALA B 738 -68.95 -6.61 -30.66
N ARG B 739 -68.65 -5.87 -29.60
CA ARG B 739 -69.26 -6.11 -28.30
C ARG B 739 -70.59 -5.37 -28.17
N ILE B 740 -70.99 -4.67 -29.22
CA ILE B 740 -72.24 -3.92 -29.22
C ILE B 740 -73.33 -4.63 -30.02
N SER B 741 -74.41 -4.99 -29.33
CA SER B 741 -75.56 -5.60 -29.99
C SER B 741 -76.56 -4.52 -30.38
N GLN B 742 -76.70 -4.29 -31.68
CA GLN B 742 -77.62 -3.28 -32.19
C GLN B 742 -79.06 -3.60 -31.82
N GLY B 743 -79.68 -2.69 -31.08
CA GLY B 743 -81.05 -2.88 -30.63
C GLY B 743 -81.11 -3.63 -29.31
N ALA B 744 -82.32 -3.90 -28.84
CA ALA B 744 -82.51 -4.61 -27.58
C ALA B 744 -83.54 -5.73 -27.72
N GLY B 745 -83.68 -6.54 -26.68
CA GLY B 745 -84.63 -7.63 -26.68
C GLY B 745 -84.19 -8.78 -27.58
N TRP B 746 -82.88 -8.99 -27.66
CA TRP B 746 -82.35 -10.08 -28.48
C TRP B 746 -82.12 -11.34 -27.66
N SER B 747 -82.43 -12.49 -28.25
CA SER B 747 -82.24 -13.77 -27.60
C SER B 747 -80.77 -14.13 -27.50
N LEU B 748 -80.50 -15.27 -26.86
CA LEU B 748 -79.14 -15.80 -26.77
C LEU B 748 -78.67 -16.27 -28.15
N ARG B 749 -79.62 -16.64 -28.99
CA ARG B 749 -79.31 -17.13 -30.33
C ARG B 749 -78.78 -16.02 -31.23
N GLU B 750 -79.54 -14.94 -31.33
CA GLU B 750 -79.18 -13.80 -32.18
C GLU B 750 -77.85 -13.17 -31.74
N THR B 751 -77.61 -13.13 -30.44
CA THR B 751 -76.37 -12.59 -29.92
C THR B 751 -75.20 -13.51 -30.26
N ALA B 752 -75.49 -14.81 -30.34
CA ALA B 752 -74.47 -15.77 -30.72
C ALA B 752 -74.26 -15.78 -32.23
N CYS B 753 -75.35 -15.61 -32.96
CA CYS B 753 -75.28 -15.56 -34.42
C CYS B 753 -74.57 -14.30 -34.89
N LEU B 754 -74.72 -13.23 -34.12
CA LEU B 754 -74.03 -11.98 -34.39
C LEU B 754 -72.54 -12.13 -34.09
N GLY B 755 -72.25 -12.88 -33.03
CA GLY B 755 -70.87 -13.12 -32.63
C GLY B 755 -70.12 -13.94 -33.68
N LYS B 756 -70.80 -14.94 -34.22
CA LYS B 756 -70.20 -15.78 -35.25
C LYS B 756 -70.02 -14.99 -36.54
N ALA B 757 -70.90 -14.03 -36.76
CA ALA B 757 -70.83 -13.16 -37.93
C ALA B 757 -69.57 -12.30 -37.89
N TYR B 758 -69.32 -11.70 -36.73
CA TYR B 758 -68.14 -10.87 -36.54
C TYR B 758 -66.87 -11.71 -36.53
N ALA B 759 -66.98 -12.93 -36.02
CA ALA B 759 -65.83 -13.83 -35.93
C ALA B 759 -65.35 -14.24 -37.31
N GLN B 760 -66.29 -14.61 -38.17
CA GLN B 760 -65.94 -15.03 -39.52
C GLN B 760 -65.42 -13.86 -40.35
N MET B 761 -65.85 -12.65 -40.02
CA MET B 761 -65.37 -11.46 -40.69
C MET B 761 -63.90 -11.25 -40.39
N TRP B 762 -63.53 -11.44 -39.13
CA TRP B 762 -62.16 -11.27 -38.70
C TRP B 762 -61.24 -12.32 -39.32
N ALA B 763 -61.73 -13.55 -39.40
CA ALA B 763 -60.94 -14.66 -39.93
C ALA B 763 -60.80 -14.56 -41.44
N LEU B 764 -61.56 -13.66 -42.05
CA LEU B 764 -61.56 -13.51 -43.50
C LEU B 764 -60.90 -12.20 -43.92
N MET B 765 -60.98 -11.19 -43.05
CA MET B 765 -60.44 -9.88 -43.36
C MET B 765 -59.24 -9.52 -42.49
N TYR B 766 -59.43 -9.55 -41.18
CA TYR B 766 -58.39 -9.15 -40.25
C TYR B 766 -57.67 -10.36 -39.67
N PHE B 767 -57.47 -11.38 -40.50
CA PHE B 767 -56.76 -12.58 -40.11
C PHE B 767 -55.31 -12.28 -39.75
N HIS B 768 -54.77 -11.23 -40.37
CA HIS B 768 -53.39 -10.81 -40.13
C HIS B 768 -53.20 -10.38 -38.68
N ARG B 769 -54.26 -9.89 -38.05
CA ARG B 769 -54.21 -9.51 -36.65
C ARG B 769 -54.16 -10.74 -35.76
N ARG B 770 -53.14 -10.79 -34.90
CA ARG B 770 -52.91 -11.97 -34.07
C ARG B 770 -54.02 -12.20 -33.06
N ASP B 771 -54.43 -11.13 -32.37
CA ASP B 771 -55.43 -11.25 -31.33
C ASP B 771 -56.80 -11.59 -31.90
N LEU B 772 -57.10 -11.08 -33.08
CA LEU B 772 -58.42 -11.24 -33.67
C LEU B 772 -58.68 -12.65 -34.18
N ARG B 773 -57.64 -13.29 -34.72
CA ARG B 773 -57.79 -14.65 -35.22
C ARG B 773 -57.98 -15.61 -34.06
N LEU B 774 -57.28 -15.35 -32.96
CA LEU B 774 -57.42 -16.18 -31.77
C LEU B 774 -58.83 -16.07 -31.23
N ALA B 775 -59.37 -14.85 -31.24
CA ALA B 775 -60.74 -14.62 -30.79
C ALA B 775 -61.72 -15.28 -31.74
N SER B 776 -61.43 -15.21 -33.03
CA SER B 776 -62.30 -15.78 -34.05
C SER B 776 -62.35 -17.31 -33.92
N ASN B 777 -61.21 -17.92 -33.65
CA ASN B 777 -61.15 -19.37 -33.46
C ASN B 777 -61.81 -19.79 -32.16
N ALA B 778 -61.98 -18.84 -31.25
CA ALA B 778 -62.61 -19.11 -29.96
C ALA B 778 -64.13 -19.02 -30.09
N ILE B 779 -64.60 -17.97 -30.75
CA ILE B 779 -66.03 -17.77 -30.93
C ILE B 779 -66.65 -18.91 -31.73
N CYS B 780 -65.99 -19.30 -32.81
CA CYS B 780 -66.47 -20.39 -33.64
C CYS B 780 -66.49 -21.72 -32.88
N SER B 781 -65.66 -21.81 -31.85
CA SER B 781 -65.59 -23.02 -31.04
C SER B 781 -66.67 -23.01 -29.95
N ALA B 782 -67.12 -21.82 -29.58
CA ALA B 782 -68.13 -21.66 -28.56
C ALA B 782 -69.54 -21.65 -29.16
N VAL B 783 -69.61 -21.30 -30.44
CA VAL B 783 -70.87 -21.25 -31.16
C VAL B 783 -71.10 -22.53 -31.95
N PRO B 784 -72.30 -23.13 -31.82
CA PRO B 784 -72.68 -24.34 -32.56
C PRO B 784 -72.42 -24.23 -34.05
N VAL B 785 -71.90 -25.30 -34.65
CA VAL B 785 -71.50 -25.28 -36.05
C VAL B 785 -72.69 -25.13 -36.98
N HIS B 786 -73.82 -25.69 -36.59
CA HIS B 786 -75.00 -25.71 -37.45
C HIS B 786 -75.78 -24.40 -37.40
N TRP B 787 -75.43 -23.53 -36.46
CA TRP B 787 -76.12 -22.24 -36.35
C TRP B 787 -75.68 -21.29 -37.46
N VAL B 788 -76.65 -20.58 -38.02
CA VAL B 788 -76.41 -19.70 -39.16
C VAL B 788 -76.23 -18.25 -38.73
N PRO B 789 -75.14 -17.61 -39.18
CA PRO B 789 -74.87 -16.19 -38.92
C PRO B 789 -76.01 -15.30 -39.41
N THR B 790 -76.37 -14.30 -38.63
CA THR B 790 -77.50 -13.43 -38.96
C THR B 790 -77.08 -11.99 -39.23
N SER B 791 -76.96 -11.21 -38.16
CA SER B 791 -76.63 -9.78 -38.24
C SER B 791 -77.60 -9.05 -39.16
N ARG B 792 -77.04 -8.29 -40.11
CA ARG B 792 -77.86 -7.59 -41.09
C ARG B 792 -77.10 -7.38 -42.39
N THR B 793 -75.82 -7.75 -42.38
CA THR B 793 -74.98 -7.63 -43.57
C THR B 793 -74.92 -8.96 -44.31
N THR B 794 -74.74 -8.91 -45.63
CA THR B 794 -74.68 -10.11 -46.45
C THR B 794 -73.46 -10.10 -47.37
N HIS B 795 -72.29 -10.12 -46.77
CA HIS B 795 -71.04 -10.14 -47.52
C HIS B 795 -70.58 -11.58 -47.75
N GLN B 796 -69.26 -11.80 -47.78
CA GLN B 796 -68.73 -13.12 -48.10
C GLN B 796 -68.43 -13.96 -46.86
N TRP B 797 -68.52 -13.35 -45.68
CA TRP B 797 -68.33 -14.11 -44.44
C TRP B 797 -69.68 -14.54 -43.88
N MET B 798 -70.71 -14.50 -44.72
CA MET B 798 -72.05 -14.85 -44.30
C MET B 798 -72.46 -16.23 -44.80
N THR B 799 -71.59 -17.21 -44.58
CA THR B 799 -71.87 -18.59 -44.98
C THR B 799 -71.41 -19.58 -43.92
N THR B 800 -71.89 -20.82 -44.01
CA THR B 800 -71.51 -21.86 -43.07
C THR B 800 -70.38 -22.70 -43.64
N GLU B 801 -69.87 -22.27 -44.78
CA GLU B 801 -68.78 -22.97 -45.45
C GLU B 801 -67.48 -22.77 -44.67
N ASP B 802 -66.53 -23.68 -44.87
CA ASP B 802 -65.23 -23.60 -44.20
C ASP B 802 -64.50 -22.32 -44.59
N MET B 803 -64.16 -21.53 -43.58
CA MET B 803 -63.53 -20.23 -43.82
C MET B 803 -62.19 -20.34 -44.55
N LEU B 804 -61.45 -21.40 -44.25
CA LEU B 804 -60.16 -21.62 -44.88
C LEU B 804 -60.32 -21.83 -46.38
N THR B 805 -61.38 -22.54 -46.76
CA THR B 805 -61.69 -22.75 -48.17
C THR B 805 -62.16 -21.45 -48.80
N VAL B 806 -62.89 -20.66 -48.03
CA VAL B 806 -63.36 -19.36 -48.49
C VAL B 806 -62.18 -18.40 -48.63
N TRP B 807 -61.28 -18.44 -47.66
CA TRP B 807 -60.09 -17.60 -47.64
C TRP B 807 -59.27 -17.78 -48.92
N ASN B 808 -59.12 -19.03 -49.35
CA ASN B 808 -58.39 -19.33 -50.58
C ASN B 808 -59.15 -18.84 -51.79
N ARG B 809 -60.48 -18.80 -51.69
CA ARG B 809 -61.30 -18.34 -52.80
C ARG B 809 -61.29 -16.82 -52.88
N VAL B 810 -61.04 -16.17 -51.75
CA VAL B 810 -61.06 -14.72 -51.70
C VAL B 810 -59.70 -14.10 -52.00
N TRP B 811 -58.66 -14.60 -51.34
CA TRP B 811 -57.35 -13.96 -51.43
C TRP B 811 -56.44 -14.60 -52.47
N ILE B 812 -56.83 -15.76 -52.99
CA ILE B 812 -56.00 -16.46 -53.96
C ILE B 812 -56.71 -16.69 -55.29
N GLU B 813 -57.85 -17.38 -55.24
CA GLU B 813 -58.55 -17.79 -56.45
C GLU B 813 -59.15 -16.60 -57.19
N ASP B 814 -60.02 -15.85 -56.52
CA ASP B 814 -60.71 -14.73 -57.16
C ASP B 814 -60.00 -13.41 -56.92
N ASN B 815 -58.71 -13.48 -56.62
CA ASN B 815 -57.91 -12.27 -56.42
C ASN B 815 -57.09 -11.95 -57.66
N PRO B 816 -57.50 -10.89 -58.39
CA PRO B 816 -56.88 -10.54 -59.67
C PRO B 816 -55.46 -9.98 -59.53
N TRP B 817 -55.05 -9.64 -58.31
CA TRP B 817 -53.71 -9.14 -58.08
C TRP B 817 -52.77 -10.26 -57.64
N MET B 818 -53.27 -11.50 -57.70
CA MET B 818 -52.47 -12.66 -57.35
C MET B 818 -52.27 -13.55 -58.57
N GLU B 819 -51.06 -13.54 -59.12
CA GLU B 819 -50.77 -14.30 -60.33
C GLU B 819 -50.60 -15.79 -60.04
N ASP B 820 -49.97 -16.10 -58.90
CA ASP B 820 -49.75 -17.49 -58.52
C ASP B 820 -50.94 -18.04 -57.77
N LYS B 821 -51.68 -18.94 -58.40
CA LYS B 821 -52.92 -19.47 -57.83
C LYS B 821 -52.68 -20.69 -56.95
N THR B 822 -51.47 -20.83 -56.41
CA THR B 822 -51.14 -21.93 -55.54
C THR B 822 -51.90 -21.81 -54.22
N PRO B 823 -52.81 -22.76 -53.96
CA PRO B 823 -53.70 -22.70 -52.79
C PRO B 823 -52.96 -22.82 -51.46
N VAL B 824 -53.58 -22.32 -50.40
CA VAL B 824 -53.05 -22.47 -49.06
C VAL B 824 -53.80 -23.59 -48.34
N THR B 825 -53.06 -24.56 -47.83
CA THR B 825 -53.66 -25.78 -47.30
C THR B 825 -53.90 -25.77 -45.80
N THR B 826 -53.44 -24.73 -45.11
CA THR B 826 -53.62 -24.64 -43.67
C THR B 826 -53.54 -23.21 -43.15
N TRP B 827 -54.11 -22.99 -41.96
CA TRP B 827 -54.08 -21.67 -41.34
C TRP B 827 -52.67 -21.33 -40.87
N GLU B 828 -51.82 -22.34 -40.77
CA GLU B 828 -50.43 -22.14 -40.35
C GLU B 828 -49.64 -21.38 -41.41
N ASP B 829 -50.10 -21.47 -42.64
CA ASP B 829 -49.44 -20.78 -43.75
C ASP B 829 -50.07 -19.43 -44.02
N VAL B 830 -51.14 -19.11 -43.28
CA VAL B 830 -51.78 -17.81 -43.38
C VAL B 830 -51.03 -16.78 -42.53
N PRO B 831 -50.38 -15.82 -43.20
CA PRO B 831 -49.44 -14.89 -42.55
C PRO B 831 -50.10 -13.87 -41.63
N TYR B 832 -49.33 -13.36 -40.68
CA TYR B 832 -49.75 -12.28 -39.80
C TYR B 832 -48.99 -11.01 -40.14
N LEU B 833 -49.40 -9.89 -39.56
CA LEU B 833 -48.65 -8.65 -39.66
C LEU B 833 -47.33 -8.79 -38.90
N GLY B 834 -46.45 -7.82 -39.07
CA GLY B 834 -45.25 -7.76 -38.27
C GLY B 834 -45.65 -7.56 -36.83
N LYS B 835 -44.95 -8.22 -35.91
CA LYS B 835 -45.29 -8.14 -34.49
C LYS B 835 -45.23 -6.71 -33.99
N ARG B 836 -44.32 -5.92 -34.56
CA ARG B 836 -44.21 -4.51 -34.22
C ARG B 836 -45.32 -3.72 -34.91
N GLU B 837 -45.69 -4.16 -36.10
CA GLU B 837 -46.74 -3.50 -36.87
C GLU B 837 -48.10 -3.74 -36.25
N ASP B 838 -48.30 -4.95 -35.72
CA ASP B 838 -49.56 -5.33 -35.12
C ASP B 838 -49.79 -4.57 -33.82
N GLN B 839 -48.76 -4.50 -32.99
CA GLN B 839 -48.83 -3.81 -31.70
C GLN B 839 -49.16 -2.33 -31.87
N TRP B 840 -48.64 -1.73 -32.93
CA TRP B 840 -48.88 -0.33 -33.20
C TRP B 840 -50.34 -0.07 -33.54
N CYS B 841 -51.01 -1.09 -34.06
CA CYS B 841 -52.40 -0.97 -34.45
C CYS B 841 -53.34 -1.42 -33.34
N GLY B 842 -52.80 -1.56 -32.13
CA GLY B 842 -53.62 -1.81 -30.96
C GLY B 842 -53.64 -3.24 -30.46
N SER B 843 -52.69 -4.05 -30.93
CA SER B 843 -52.62 -5.44 -30.49
C SER B 843 -52.13 -5.52 -29.05
N LEU B 844 -52.61 -6.53 -28.33
CA LEU B 844 -52.22 -6.69 -26.94
C LEU B 844 -51.20 -7.80 -26.76
N ILE B 845 -50.65 -8.27 -27.88
CA ILE B 845 -49.68 -9.35 -27.84
C ILE B 845 -48.43 -8.92 -27.10
N GLY B 846 -47.89 -9.81 -26.28
CA GLY B 846 -46.71 -9.53 -25.49
C GLY B 846 -47.04 -9.16 -24.06
N LEU B 847 -48.30 -8.82 -23.82
CA LEU B 847 -48.76 -8.44 -22.48
C LEU B 847 -49.16 -9.66 -21.67
N THR B 848 -49.06 -9.54 -20.35
CA THR B 848 -49.38 -10.64 -19.46
C THR B 848 -50.87 -10.93 -19.43
N SER B 849 -51.68 -9.88 -19.61
CA SER B 849 -53.13 -10.01 -19.61
C SER B 849 -53.60 -10.79 -20.83
N ARG B 850 -52.84 -10.70 -21.91
CA ARG B 850 -53.17 -11.37 -23.15
C ARG B 850 -52.72 -12.82 -23.10
N ALA B 851 -51.56 -13.06 -22.52
CA ALA B 851 -51.01 -14.41 -22.41
C ALA B 851 -51.86 -15.28 -21.49
N THR B 852 -52.37 -14.66 -20.42
CA THR B 852 -53.25 -15.35 -19.49
C THR B 852 -54.55 -15.75 -20.18
N TRP B 853 -55.04 -14.84 -21.02
CA TRP B 853 -56.27 -15.07 -21.76
C TRP B 853 -56.08 -16.12 -22.86
N ALA B 854 -54.92 -16.12 -23.48
CA ALA B 854 -54.62 -17.04 -24.57
C ALA B 854 -54.47 -18.47 -24.06
N GLN B 855 -54.08 -18.61 -22.81
CA GLN B 855 -53.85 -19.93 -22.22
C GLN B 855 -55.12 -20.46 -21.56
N ASN B 856 -55.92 -19.55 -21.02
CA ASN B 856 -57.15 -19.93 -20.33
C ASN B 856 -58.38 -19.70 -21.18
N ILE B 857 -58.19 -19.66 -22.50
CA ILE B 857 -59.29 -19.45 -23.42
C ILE B 857 -60.21 -20.68 -23.44
N LEU B 858 -59.62 -21.85 -23.20
CA LEU B 858 -60.37 -23.10 -23.21
C LEU B 858 -61.45 -23.12 -22.14
N THR B 859 -61.15 -22.48 -21.01
CA THR B 859 -62.10 -22.40 -19.90
C THR B 859 -63.29 -21.54 -20.28
N ALA B 860 -63.02 -20.44 -20.96
CA ALA B 860 -64.07 -19.51 -21.38
C ALA B 860 -65.00 -20.14 -22.41
N ILE B 861 -64.44 -21.02 -23.23
CA ILE B 861 -65.22 -21.68 -24.27
C ILE B 861 -66.21 -22.68 -23.67
N GLN B 862 -65.74 -23.50 -22.75
CA GLN B 862 -66.59 -24.50 -22.10
C GLN B 862 -67.69 -23.83 -21.29
N GLN B 863 -67.43 -22.59 -20.85
CA GLN B 863 -68.41 -21.83 -20.11
C GLN B 863 -69.56 -21.41 -21.02
N VAL B 864 -69.22 -20.93 -22.21
CA VAL B 864 -70.22 -20.51 -23.18
C VAL B 864 -71.04 -21.70 -23.66
N ARG B 865 -70.37 -22.80 -23.97
CA ARG B 865 -71.04 -24.01 -24.41
C ARG B 865 -72.06 -24.50 -23.38
N SER B 866 -71.67 -24.42 -22.12
CA SER B 866 -72.55 -24.85 -21.02
C SER B 866 -73.76 -23.94 -20.91
N LEU B 867 -73.56 -22.65 -21.15
CA LEU B 867 -74.65 -21.69 -21.09
C LEU B 867 -75.60 -21.87 -22.27
N ILE B 868 -75.04 -22.26 -23.41
CA ILE B 868 -75.85 -22.52 -24.60
C ILE B 868 -76.62 -23.83 -24.43
N GLY B 869 -75.92 -24.87 -23.98
CA GLY B 869 -76.52 -26.17 -23.76
C GLY B 869 -75.82 -27.26 -24.51
N ASN B 870 -76.46 -28.43 -24.58
CA ASN B 870 -75.88 -29.57 -25.29
C ASN B 870 -76.11 -29.50 -26.79
N GLU B 871 -75.15 -28.90 -27.49
CA GLU B 871 -75.21 -28.80 -28.94
C GLU B 871 -73.96 -29.40 -29.58
N GLU B 872 -73.81 -29.21 -30.88
CA GLU B 872 -72.64 -29.73 -31.59
C GLU B 872 -71.59 -28.65 -31.75
N PHE B 873 -70.42 -28.86 -31.12
CA PHE B 873 -69.34 -27.89 -31.15
C PHE B 873 -68.07 -28.50 -31.73
N LEU B 874 -67.09 -27.64 -32.01
CA LEU B 874 -65.81 -28.08 -32.54
C LEU B 874 -64.66 -27.32 -31.89
N ASP B 875 -63.45 -27.86 -32.05
CA ASP B 875 -62.25 -27.21 -31.52
C ASP B 875 -61.38 -26.69 -32.66
N TYR B 876 -61.27 -25.37 -32.76
CA TYR B 876 -60.57 -24.74 -33.87
C TYR B 876 -59.12 -24.40 -33.57
N MET B 877 -58.81 -24.16 -32.30
CA MET B 877 -57.46 -23.77 -31.90
C MET B 877 -56.46 -24.91 -32.10
N PRO B 878 -55.31 -24.59 -32.70
CA PRO B 878 -54.25 -25.57 -32.97
C PRO B 878 -53.52 -26.00 -31.71
N GLU C 7 20.27 -65.10 -35.93
CA GLU C 7 20.10 -64.00 -35.00
C GLU C 7 19.55 -62.76 -35.71
N THR C 8 18.39 -62.29 -35.26
CA THR C 8 17.73 -61.14 -35.87
C THR C 8 18.46 -59.84 -35.56
N LEU C 9 18.20 -58.81 -36.37
CA LEU C 9 18.81 -57.51 -36.15
C LEU C 9 18.27 -56.86 -34.88
N GLY C 10 17.02 -57.19 -34.54
CA GLY C 10 16.40 -56.68 -33.34
C GLY C 10 17.02 -57.24 -32.09
N GLU C 11 17.47 -58.49 -32.18
CA GLU C 11 18.15 -59.14 -31.08
C GLU C 11 19.56 -58.56 -30.91
N LYS C 12 20.15 -58.17 -32.03
CA LYS C 12 21.43 -57.46 -32.02
C LYS C 12 21.22 -56.06 -31.45
N TRP C 13 20.05 -55.50 -31.74
CA TRP C 13 19.65 -54.21 -31.22
C TRP C 13 19.40 -54.26 -29.71
N LYS C 14 18.98 -55.43 -29.24
CA LYS C 14 18.70 -55.62 -27.81
C LYS C 14 19.95 -55.46 -26.95
N LYS C 15 20.97 -56.26 -27.23
CA LYS C 15 22.19 -56.22 -26.44
C LYS C 15 22.96 -54.92 -26.64
N LYS C 16 22.82 -54.32 -27.83
CA LYS C 16 23.45 -53.04 -28.11
C LYS C 16 22.82 -51.97 -27.22
N LEU C 17 21.51 -52.09 -27.01
CA LEU C 17 20.78 -51.17 -26.15
C LEU C 17 21.16 -51.38 -24.69
N ASN C 18 21.34 -52.64 -24.30
CA ASN C 18 21.69 -52.98 -22.94
C ASN C 18 23.09 -52.47 -22.57
N GLN C 19 23.97 -52.42 -23.56
CA GLN C 19 25.35 -51.98 -23.34
C GLN C 19 25.48 -50.47 -23.50
N LEU C 20 24.41 -49.82 -23.94
CA LEU C 20 24.39 -48.38 -24.10
C LEU C 20 24.39 -47.70 -22.73
N SER C 21 25.13 -46.59 -22.64
CA SER C 21 25.14 -45.80 -21.41
C SER C 21 23.74 -45.26 -21.12
N ARG C 22 23.35 -45.29 -19.85
CA ARG C 22 22.02 -44.89 -19.44
C ARG C 22 21.78 -43.39 -19.55
N LYS C 23 22.83 -42.65 -19.91
CA LYS C 23 22.70 -41.21 -20.15
C LYS C 23 22.36 -40.95 -21.61
N GLU C 24 22.97 -41.73 -22.50
CA GLU C 24 22.69 -41.63 -23.93
C GLU C 24 21.52 -42.54 -24.29
N PHE C 25 20.97 -43.21 -23.29
CA PHE C 25 19.84 -44.11 -23.48
C PHE C 25 18.57 -43.33 -23.81
N ASP C 26 18.37 -42.20 -23.12
CA ASP C 26 17.17 -41.39 -23.30
C ASP C 26 17.31 -40.42 -24.47
N LEU C 27 18.55 -40.23 -24.94
CA LEU C 27 18.79 -39.32 -26.05
C LEU C 27 18.64 -40.03 -27.40
N TYR C 28 18.73 -41.35 -27.37
CA TYR C 28 18.62 -42.15 -28.59
C TYR C 28 17.19 -42.60 -28.87
N LYS C 29 16.44 -42.87 -27.80
CA LYS C 29 15.15 -43.53 -27.91
C LYS C 29 14.07 -42.71 -28.62
N LYS C 30 14.15 -41.39 -28.53
CA LYS C 30 13.06 -40.56 -29.04
C LYS C 30 13.52 -39.52 -30.08
N SER C 31 14.79 -39.55 -30.44
CA SER C 31 15.32 -38.59 -31.40
C SER C 31 14.77 -38.87 -32.80
N GLY C 32 13.60 -38.30 -33.08
CA GLY C 32 12.97 -38.46 -34.39
C GLY C 32 11.53 -38.93 -34.31
N ILE C 33 11.13 -39.43 -33.15
CA ILE C 33 9.77 -39.94 -32.98
C ILE C 33 8.82 -38.87 -32.46
N THR C 34 7.58 -39.25 -32.25
CA THR C 34 6.54 -38.32 -31.82
C THR C 34 6.09 -38.58 -30.39
N GLU C 35 5.90 -37.51 -29.63
CA GLU C 35 5.33 -37.60 -28.28
C GLU C 35 4.42 -36.40 -28.03
N VAL C 36 3.46 -36.57 -27.13
CA VAL C 36 2.51 -35.52 -26.83
C VAL C 36 2.90 -34.75 -25.58
N ASP C 37 2.53 -33.46 -25.54
CA ASP C 37 2.83 -32.62 -24.40
C ASP C 37 1.94 -32.96 -23.22
N ARG C 38 2.53 -33.54 -22.17
CA ARG C 38 1.80 -33.96 -20.99
C ARG C 38 2.05 -33.02 -19.82
N THR C 39 2.54 -31.82 -20.12
CA THR C 39 2.87 -30.85 -19.08
C THR C 39 1.62 -30.38 -18.34
N GLU C 40 0.70 -29.76 -19.07
CA GLU C 40 -0.53 -29.25 -18.48
C GLU C 40 -1.45 -30.37 -18.00
N ALA C 41 -1.25 -31.56 -18.55
CA ALA C 41 -2.07 -32.71 -18.21
C ALA C 41 -1.85 -33.14 -16.76
N LYS C 42 -0.65 -33.61 -16.47
CA LYS C 42 -0.34 -34.13 -15.13
C LYS C 42 -0.33 -33.02 -14.09
N GLU C 43 -0.06 -31.79 -14.53
CA GLU C 43 -0.09 -30.65 -13.62
C GLU C 43 -1.53 -30.36 -13.20
N GLY C 44 -2.45 -30.44 -14.15
CA GLY C 44 -3.85 -30.23 -13.88
C GLY C 44 -4.43 -31.34 -13.02
N LEU C 45 -3.97 -32.56 -13.25
CA LEU C 45 -4.40 -33.71 -12.46
C LEU C 45 -3.88 -33.60 -11.04
N LYS C 46 -2.73 -32.93 -10.90
CA LYS C 46 -2.13 -32.72 -9.59
C LYS C 46 -2.94 -31.69 -8.82
N ARG C 47 -3.64 -30.83 -9.55
CA ARG C 47 -4.47 -29.78 -8.95
C ARG C 47 -5.87 -30.31 -8.64
N GLY C 48 -6.24 -31.41 -9.29
CA GLY C 48 -7.52 -32.04 -9.04
C GLY C 48 -8.52 -31.87 -10.17
N GLU C 49 -8.04 -31.40 -11.32
CA GLU C 49 -8.91 -31.21 -12.48
C GLU C 49 -9.36 -32.56 -13.04
N ILE C 50 -10.68 -32.70 -13.20
CA ILE C 50 -11.25 -33.96 -13.66
C ILE C 50 -11.88 -33.83 -15.05
N THR C 51 -11.53 -32.76 -15.76
CA THR C 51 -12.10 -32.50 -17.08
C THR C 51 -11.02 -32.23 -18.12
N HIS C 52 -11.35 -32.52 -19.39
CA HIS C 52 -10.52 -32.19 -20.54
C HIS C 52 -9.16 -32.90 -20.59
N HIS C 53 -8.71 -33.46 -19.48
CA HIS C 53 -7.38 -34.06 -19.42
C HIS C 53 -7.41 -35.57 -19.64
N ALA C 54 -6.32 -36.10 -20.15
CA ALA C 54 -6.16 -37.55 -20.29
C ALA C 54 -5.25 -38.07 -19.17
N VAL C 55 -5.55 -39.26 -18.68
CA VAL C 55 -4.83 -39.82 -17.54
C VAL C 55 -3.43 -40.33 -17.90
N SER C 56 -3.18 -40.53 -19.19
CA SER C 56 -1.90 -41.05 -19.63
C SER C 56 -1.62 -40.74 -21.09
N ARG C 57 -0.49 -41.22 -21.59
CA ARG C 57 -0.12 -41.01 -22.99
C ARG C 57 -0.77 -42.06 -23.88
N GLY C 58 -1.38 -43.06 -23.25
CA GLY C 58 -2.05 -44.12 -23.98
C GLY C 58 -3.28 -43.64 -24.73
N SER C 59 -3.92 -42.59 -24.20
CA SER C 59 -5.09 -42.01 -24.84
C SER C 59 -4.72 -41.45 -26.21
N ALA C 60 -3.61 -40.71 -26.26
CA ALA C 60 -3.12 -40.16 -27.52
C ALA C 60 -2.52 -41.27 -28.37
N LYS C 61 -2.03 -42.31 -27.71
CA LYS C 61 -1.42 -43.44 -28.40
C LYS C 61 -2.48 -44.26 -29.13
N LEU C 62 -3.64 -44.42 -28.49
CA LEU C 62 -4.73 -45.17 -29.08
C LEU C 62 -5.40 -44.39 -30.19
N GLN C 63 -5.37 -43.07 -30.08
CA GLN C 63 -5.96 -42.19 -31.08
C GLN C 63 -5.29 -42.39 -32.44
N TRP C 64 -3.98 -42.62 -32.41
CA TRP C 64 -3.19 -42.80 -33.62
C TRP C 64 -3.70 -43.99 -34.44
N PHE C 65 -4.19 -45.00 -33.76
CA PHE C 65 -4.72 -46.19 -34.42
C PHE C 65 -6.13 -45.95 -34.95
N VAL C 66 -6.94 -45.26 -34.16
CA VAL C 66 -8.34 -45.06 -34.49
C VAL C 66 -8.54 -44.13 -35.68
N GLU C 67 -7.84 -43.00 -35.68
CA GLU C 67 -8.00 -42.01 -36.75
C GLU C 67 -7.47 -42.52 -38.08
N ARG C 68 -6.71 -43.61 -38.03
CA ARG C 68 -6.21 -44.25 -39.25
C ARG C 68 -7.00 -45.51 -39.53
N ASN C 69 -8.11 -45.67 -38.83
CA ASN C 69 -9.06 -46.76 -39.05
C ASN C 69 -8.45 -48.15 -38.96
N MET C 70 -7.39 -48.29 -38.14
CA MET C 70 -6.78 -49.58 -37.92
C MET C 70 -7.65 -50.42 -36.98
N VAL C 71 -8.33 -49.73 -36.06
CA VAL C 71 -9.25 -50.37 -35.13
C VAL C 71 -10.40 -49.43 -34.80
N ILE C 72 -11.63 -49.90 -35.02
CA ILE C 72 -12.81 -49.10 -34.75
C ILE C 72 -13.64 -49.70 -33.62
N PRO C 73 -13.48 -49.15 -32.41
CA PRO C 73 -14.21 -49.61 -31.22
C PRO C 73 -15.73 -49.55 -31.41
N GLU C 74 -16.41 -50.62 -31.04
CA GLU C 74 -17.85 -50.72 -31.27
C GLU C 74 -18.55 -51.47 -30.14
N GLY C 75 -19.73 -50.98 -29.75
CA GLY C 75 -20.53 -51.62 -28.72
C GLY C 75 -19.78 -51.71 -27.40
N ARG C 76 -19.81 -52.89 -26.78
CA ARG C 76 -19.04 -53.14 -25.57
C ARG C 76 -17.55 -53.14 -25.89
N VAL C 77 -16.79 -52.38 -25.12
CA VAL C 77 -15.35 -52.33 -25.29
C VAL C 77 -14.64 -52.77 -24.01
N ILE C 78 -13.86 -53.85 -24.11
CA ILE C 78 -13.14 -54.35 -22.96
C ILE C 78 -11.67 -53.96 -23.03
N ASP C 79 -11.20 -53.23 -22.02
CA ASP C 79 -9.83 -52.76 -21.98
C ASP C 79 -9.01 -53.54 -20.94
N LEU C 80 -8.46 -54.67 -21.36
CA LEU C 80 -7.63 -55.48 -20.48
C LEU C 80 -6.33 -54.74 -20.15
N GLY C 81 -6.02 -54.66 -18.86
CA GLY C 81 -4.86 -53.92 -18.41
C GLY C 81 -5.05 -52.44 -18.64
N CYS C 82 -6.18 -51.92 -18.17
CA CYS C 82 -6.53 -50.52 -18.36
C CYS C 82 -5.58 -49.60 -17.61
N GLY C 83 -5.06 -50.08 -16.48
CA GLY C 83 -4.14 -49.30 -15.67
C GLY C 83 -4.74 -47.99 -15.19
N ARG C 84 -4.23 -46.88 -15.72
CA ARG C 84 -4.77 -45.57 -15.38
C ARG C 84 -6.08 -45.32 -16.10
N GLY C 85 -6.32 -46.06 -17.17
CA GLY C 85 -7.55 -45.95 -17.94
C GLY C 85 -7.42 -45.01 -19.12
N GLY C 86 -6.25 -44.98 -19.73
CA GLY C 86 -5.99 -44.10 -20.86
C GLY C 86 -6.78 -44.48 -22.09
N TRP C 87 -6.87 -45.78 -22.36
CA TRP C 87 -7.61 -46.26 -23.52
C TRP C 87 -9.11 -46.21 -23.29
N SER C 88 -9.51 -46.45 -22.05
CA SER C 88 -10.93 -46.52 -21.71
C SER C 88 -11.65 -45.19 -21.88
N TYR C 89 -11.03 -44.12 -21.38
CA TYR C 89 -11.65 -42.80 -21.42
C TYR C 89 -11.76 -42.26 -22.84
N TYR C 90 -10.80 -42.60 -23.68
CA TYR C 90 -10.81 -42.11 -25.07
C TYR C 90 -11.90 -42.78 -25.88
N CYS C 91 -12.09 -44.08 -25.70
CA CYS C 91 -13.09 -44.83 -26.44
C CYS C 91 -14.50 -44.41 -26.04
N ALA C 92 -14.63 -43.83 -24.86
CA ALA C 92 -15.93 -43.42 -24.34
C ALA C 92 -16.58 -42.35 -25.22
N GLY C 93 -15.75 -41.49 -25.80
CA GLY C 93 -16.24 -40.39 -26.62
C GLY C 93 -16.54 -40.78 -28.05
N LEU C 94 -16.16 -41.99 -28.43
CA LEU C 94 -16.35 -42.46 -29.80
C LEU C 94 -17.82 -42.78 -30.08
N LYS C 95 -18.18 -42.72 -31.36
CA LYS C 95 -19.57 -42.87 -31.79
C LYS C 95 -20.10 -44.29 -31.62
N LYS C 96 -19.37 -45.26 -32.15
CA LYS C 96 -19.84 -46.64 -32.20
C LYS C 96 -19.78 -47.35 -30.85
N VAL C 97 -19.25 -46.67 -29.84
CA VAL C 97 -19.08 -47.28 -28.52
C VAL C 97 -20.31 -47.08 -27.64
N THR C 98 -20.77 -48.16 -27.02
CA THR C 98 -21.94 -48.10 -26.15
C THR C 98 -21.56 -48.36 -24.69
N GLU C 99 -20.46 -49.07 -24.48
CA GLU C 99 -20.01 -49.40 -23.14
C GLU C 99 -18.51 -49.70 -23.11
N VAL C 100 -17.83 -49.21 -22.08
CA VAL C 100 -16.41 -49.46 -21.90
C VAL C 100 -16.13 -50.13 -20.56
N ARG C 101 -15.46 -51.28 -20.61
CA ARG C 101 -15.11 -52.01 -19.40
C ARG C 101 -13.59 -52.12 -19.25
N GLY C 102 -13.08 -51.64 -18.11
CA GLY C 102 -11.65 -51.67 -17.86
C GLY C 102 -11.28 -52.60 -16.72
N TYR C 103 -10.27 -53.42 -16.95
CA TYR C 103 -9.79 -54.36 -15.94
C TYR C 103 -8.31 -54.16 -15.67
N THR C 104 -7.92 -54.31 -14.40
CA THR C 104 -6.52 -54.19 -14.02
C THR C 104 -6.23 -54.95 -12.73
N LYS C 105 -4.98 -55.29 -12.51
CA LYS C 105 -4.58 -56.05 -11.34
C LYS C 105 -4.53 -55.16 -10.10
N GLY C 106 -4.00 -53.95 -10.26
CA GLY C 106 -3.93 -52.99 -9.18
C GLY C 106 -2.99 -53.41 -8.07
N GLY C 107 -3.04 -52.69 -6.95
CA GLY C 107 -2.19 -52.97 -5.82
C GLY C 107 -0.81 -52.35 -5.95
N PRO C 108 0.06 -52.58 -4.96
CA PRO C 108 1.43 -52.07 -4.96
C PRO C 108 2.22 -52.55 -6.18
N GLY C 109 2.95 -51.64 -6.81
CA GLY C 109 3.71 -51.96 -7.99
C GLY C 109 2.85 -51.91 -9.23
N HIS C 110 1.62 -51.46 -9.08
CA HIS C 110 0.68 -51.35 -10.20
C HIS C 110 0.01 -49.99 -10.24
N GLU C 111 -0.47 -49.60 -11.42
CA GLU C 111 -1.18 -48.34 -11.57
C GLU C 111 -2.68 -48.53 -11.38
N GLU C 112 -3.23 -47.82 -10.41
CA GLU C 112 -4.65 -47.87 -10.10
C GLU C 112 -5.44 -46.91 -10.98
N PRO C 113 -6.65 -47.31 -11.38
CA PRO C 113 -7.54 -46.48 -12.20
C PRO C 113 -7.79 -45.10 -11.61
N VAL C 114 -7.65 -44.07 -12.43
CA VAL C 114 -7.87 -42.70 -11.99
C VAL C 114 -9.24 -42.19 -12.45
N PRO C 115 -10.12 -41.88 -11.49
CA PRO C 115 -11.47 -41.41 -11.80
C PRO C 115 -11.48 -40.05 -12.47
N MET C 116 -12.20 -39.94 -13.58
CA MET C 116 -12.31 -38.67 -14.32
C MET C 116 -13.75 -38.42 -14.73
N SER C 117 -14.06 -37.15 -15.00
CA SER C 117 -15.39 -36.77 -15.44
C SER C 117 -15.38 -36.32 -16.89
N THR C 118 -14.53 -36.96 -17.70
CA THR C 118 -14.43 -36.64 -19.12
C THR C 118 -15.68 -37.08 -19.86
N TYR C 119 -15.80 -36.67 -21.11
CA TYR C 119 -16.97 -36.95 -21.93
C TYR C 119 -17.18 -38.45 -22.10
N GLY C 120 -18.29 -38.94 -21.56
CA GLY C 120 -18.62 -40.35 -21.65
C GLY C 120 -18.14 -41.17 -20.47
N TRP C 121 -17.96 -40.50 -19.33
CA TRP C 121 -17.46 -41.18 -18.15
C TRP C 121 -18.49 -42.14 -17.58
N ASN C 122 -19.76 -41.94 -17.94
CA ASN C 122 -20.85 -42.74 -17.40
C ASN C 122 -20.90 -44.14 -17.98
N ILE C 123 -20.23 -44.35 -19.11
CA ILE C 123 -20.20 -45.67 -19.74
C ILE C 123 -18.87 -46.36 -19.48
N VAL C 124 -18.02 -45.74 -18.67
CA VAL C 124 -16.72 -46.30 -18.34
C VAL C 124 -16.77 -47.05 -17.01
N LYS C 125 -16.36 -48.30 -17.03
CA LYS C 125 -16.35 -49.12 -15.82
C LYS C 125 -14.97 -49.68 -15.53
N LEU C 126 -14.16 -48.90 -14.80
CA LEU C 126 -12.83 -49.34 -14.42
C LEU C 126 -12.87 -50.16 -13.14
N MET C 127 -12.33 -51.38 -13.20
CA MET C 127 -12.37 -52.28 -12.06
C MET C 127 -10.97 -52.78 -11.71
N SER C 128 -10.56 -52.52 -10.47
CA SER C 128 -9.24 -52.94 -9.99
C SER C 128 -9.32 -54.27 -9.25
N GLY C 129 -8.15 -54.83 -8.96
CA GLY C 129 -8.08 -56.10 -8.25
C GLY C 129 -8.53 -57.26 -9.10
N LYS C 130 -8.22 -57.20 -10.40
CA LYS C 130 -8.63 -58.23 -11.34
C LYS C 130 -7.49 -58.70 -12.23
N ASP C 131 -7.09 -59.95 -12.06
CA ASP C 131 -6.05 -60.54 -12.91
C ASP C 131 -6.70 -61.13 -14.16
N VAL C 132 -6.32 -60.58 -15.31
CA VAL C 132 -6.93 -60.96 -16.58
C VAL C 132 -6.67 -62.43 -16.94
N PHE C 133 -5.63 -63.01 -16.35
CA PHE C 133 -5.29 -64.40 -16.60
C PHE C 133 -6.28 -65.34 -15.90
N TYR C 134 -7.02 -64.79 -14.95
CA TYR C 134 -8.02 -65.56 -14.23
C TYR C 134 -9.43 -65.11 -14.62
N LEU C 135 -9.50 -64.20 -15.59
CA LEU C 135 -10.78 -63.66 -16.04
C LEU C 135 -11.38 -64.47 -17.18
N PRO C 136 -12.60 -64.98 -16.98
CA PRO C 136 -13.31 -65.72 -18.02
C PRO C 136 -13.79 -64.82 -19.15
N PRO C 137 -13.77 -65.32 -20.40
CA PRO C 137 -14.20 -64.57 -21.59
C PRO C 137 -15.62 -64.03 -21.49
N GLU C 138 -15.79 -62.75 -21.82
CA GLU C 138 -17.11 -62.12 -21.79
C GLU C 138 -17.54 -61.73 -23.20
N LYS C 139 -18.85 -61.56 -23.39
CA LYS C 139 -19.38 -61.16 -24.69
C LYS C 139 -19.03 -59.71 -24.97
N CYS C 140 -18.23 -59.48 -26.00
CA CYS C 140 -17.82 -58.13 -26.37
C CYS C 140 -17.70 -57.96 -27.87
N ASP C 141 -17.90 -56.74 -28.34
CA ASP C 141 -17.76 -56.43 -29.76
C ASP C 141 -16.39 -55.81 -30.03
N THR C 142 -15.65 -55.56 -28.96
CA THR C 142 -14.32 -54.97 -29.07
C THR C 142 -13.45 -55.35 -27.87
N LEU C 143 -12.21 -55.73 -28.14
CA LEU C 143 -11.29 -56.13 -27.08
C LEU C 143 -9.97 -55.37 -27.16
N LEU C 144 -9.56 -54.77 -26.05
CA LEU C 144 -8.30 -54.04 -26.01
C LEU C 144 -7.35 -54.63 -24.97
N CYS C 145 -6.06 -54.60 -25.26
CA CYS C 145 -5.06 -55.14 -24.34
C CYS C 145 -3.70 -54.47 -24.53
N ASP C 146 -3.29 -53.70 -23.53
CA ASP C 146 -2.00 -53.01 -23.58
C ASP C 146 -1.05 -53.60 -22.54
N ILE C 147 -1.23 -54.88 -22.25
CA ILE C 147 -0.45 -55.54 -21.21
C ILE C 147 0.93 -55.97 -21.72
N GLY C 148 1.96 -55.59 -20.98
CA GLY C 148 3.33 -55.94 -21.33
C GLY C 148 4.34 -55.24 -20.44
N GLU C 149 5.29 -56.01 -19.93
CA GLU C 149 6.32 -55.46 -19.05
C GLU C 149 7.70 -55.62 -19.66
N SER C 150 8.33 -54.50 -20.02
CA SER C 150 9.64 -54.51 -20.65
C SER C 150 10.71 -55.10 -19.73
N SER C 151 11.70 -55.75 -20.33
CA SER C 151 12.77 -56.38 -19.57
C SER C 151 14.03 -56.55 -20.44
N PRO C 152 15.22 -56.38 -19.83
CA PRO C 152 16.49 -56.56 -20.52
C PRO C 152 16.65 -57.95 -21.12
N SER C 153 16.00 -58.94 -20.51
CA SER C 153 16.05 -60.30 -21.01
C SER C 153 14.84 -60.61 -21.91
N PRO C 154 15.12 -60.91 -23.19
CA PRO C 154 14.06 -61.24 -24.16
C PRO C 154 13.37 -62.55 -23.84
N THR C 155 14.07 -63.44 -23.14
CA THR C 155 13.50 -64.72 -22.73
C THR C 155 12.40 -64.51 -21.70
N VAL C 156 12.58 -63.51 -20.85
CA VAL C 156 11.56 -63.14 -19.88
C VAL C 156 10.38 -62.52 -20.60
N GLU C 157 10.68 -61.69 -21.60
CA GLU C 157 9.65 -61.09 -22.43
C GLU C 157 8.92 -62.15 -23.25
N GLU C 158 9.63 -63.22 -23.56
CA GLU C 158 9.08 -64.32 -24.35
C GLU C 158 7.92 -65.01 -23.64
N SER C 159 8.19 -65.51 -22.45
CA SER C 159 7.20 -66.27 -21.68
C SER C 159 5.96 -65.44 -21.35
N ARG C 160 6.17 -64.16 -21.06
CA ARG C 160 5.06 -63.29 -20.71
C ARG C 160 4.17 -63.00 -21.92
N THR C 161 4.80 -62.82 -23.08
CA THR C 161 4.07 -62.49 -24.30
C THR C 161 3.15 -63.62 -24.73
N ILE C 162 3.67 -64.84 -24.70
CA ILE C 162 2.91 -66.02 -25.12
C ILE C 162 1.66 -66.23 -24.25
N ARG C 163 1.81 -65.99 -22.96
CA ARG C 163 0.69 -66.13 -22.02
C ARG C 163 -0.48 -65.22 -22.40
N VAL C 164 -0.15 -64.01 -22.83
CA VAL C 164 -1.17 -63.03 -23.22
C VAL C 164 -1.84 -63.44 -24.52
N LEU C 165 -1.03 -63.91 -25.47
CA LEU C 165 -1.53 -64.28 -26.79
C LEU C 165 -2.56 -65.41 -26.71
N LYS C 166 -2.35 -66.34 -25.79
CA LYS C 166 -3.29 -67.44 -25.59
C LYS C 166 -4.50 -66.95 -24.80
N MET C 167 -4.26 -65.97 -23.93
CA MET C 167 -5.31 -65.43 -23.08
C MET C 167 -6.37 -64.66 -23.87
N VAL C 168 -5.92 -63.91 -24.87
CA VAL C 168 -6.80 -63.04 -25.64
C VAL C 168 -7.58 -63.78 -26.72
N GLU C 169 -7.14 -64.99 -27.04
CA GLU C 169 -7.74 -65.77 -28.13
C GLU C 169 -9.21 -66.15 -27.91
N PRO C 170 -9.58 -66.68 -26.72
CA PRO C 170 -10.99 -67.03 -26.57
C PRO C 170 -11.92 -65.81 -26.55
N TRP C 171 -11.36 -64.65 -26.26
CA TRP C 171 -12.14 -63.41 -26.22
C TRP C 171 -12.45 -62.91 -27.62
N LEU C 172 -11.64 -63.33 -28.59
CA LEU C 172 -11.80 -62.88 -29.97
C LEU C 172 -12.80 -63.74 -30.74
N LYS C 173 -13.95 -63.16 -31.05
CA LYS C 173 -14.99 -63.85 -31.82
C LYS C 173 -15.45 -62.99 -32.99
N ASN C 174 -14.59 -62.87 -34.00
CA ASN C 174 -14.85 -62.04 -35.18
C ASN C 174 -15.21 -60.60 -34.81
N ASN C 175 -14.54 -60.08 -33.79
CA ASN C 175 -14.71 -58.70 -33.37
C ASN C 175 -13.43 -57.89 -33.56
N GLN C 176 -13.52 -56.58 -33.41
CA GLN C 176 -12.35 -55.73 -33.57
C GLN C 176 -11.49 -55.73 -32.30
N PHE C 177 -10.19 -55.50 -32.47
CA PHE C 177 -9.27 -55.57 -31.35
C PHE C 177 -7.99 -54.76 -31.58
N CYS C 178 -7.21 -54.63 -30.52
CA CYS C 178 -5.92 -53.94 -30.57
C CYS C 178 -5.04 -54.38 -29.41
N ILE C 179 -4.15 -55.33 -29.67
CA ILE C 179 -3.31 -55.91 -28.63
C ILE C 179 -1.84 -55.54 -28.82
N LYS C 180 -1.18 -55.12 -27.73
CA LYS C 180 0.24 -54.80 -27.77
C LYS C 180 1.10 -56.06 -27.73
N VAL C 181 2.11 -56.10 -28.58
CA VAL C 181 3.07 -57.21 -28.59
C VAL C 181 4.43 -56.72 -28.13
N LEU C 182 4.92 -57.26 -27.02
CA LEU C 182 6.17 -56.81 -26.42
C LEU C 182 7.39 -57.11 -27.29
N ASN C 183 7.63 -58.38 -27.55
CA ASN C 183 8.77 -58.79 -28.37
C ASN C 183 8.35 -59.60 -29.60
N PRO C 184 8.04 -58.90 -30.70
CA PRO C 184 7.61 -59.52 -31.96
C PRO C 184 8.77 -60.13 -32.74
N TYR C 185 9.99 -59.73 -32.41
CA TYR C 185 11.18 -60.23 -33.09
C TYR C 185 11.53 -61.64 -32.63
N MET C 186 10.86 -62.09 -31.57
CA MET C 186 11.09 -63.43 -31.05
C MET C 186 10.43 -64.48 -31.94
N PRO C 187 11.23 -65.45 -32.42
CA PRO C 187 10.80 -66.51 -33.34
C PRO C 187 9.56 -67.28 -32.87
N THR C 188 9.55 -67.69 -31.61
CA THR C 188 8.44 -68.49 -31.08
C THR C 188 7.15 -67.68 -31.01
N VAL C 189 7.29 -66.35 -30.93
CA VAL C 189 6.13 -65.47 -30.94
C VAL C 189 5.54 -65.41 -32.34
N ILE C 190 6.42 -65.32 -33.34
CA ILE C 190 6.02 -65.27 -34.74
C ILE C 190 5.21 -66.49 -35.12
N GLU C 191 5.57 -67.64 -34.54
CA GLU C 191 4.86 -68.89 -34.79
C GLU C 191 3.38 -68.77 -34.45
N HIS C 192 3.08 -68.14 -33.32
CA HIS C 192 1.71 -67.93 -32.90
C HIS C 192 1.06 -66.79 -33.68
N LEU C 193 1.86 -65.79 -34.03
CA LEU C 193 1.37 -64.64 -34.79
C LEU C 193 0.86 -65.08 -36.16
N GLU C 194 1.50 -66.08 -36.74
CA GLU C 194 1.07 -66.63 -38.02
C GLU C 194 -0.23 -67.41 -37.85
N ARG C 195 -0.41 -68.00 -36.68
CA ARG C 195 -1.63 -68.75 -36.36
C ARG C 195 -2.79 -67.79 -36.14
N LEU C 196 -2.52 -66.70 -35.43
CA LEU C 196 -3.54 -65.69 -35.14
C LEU C 196 -3.98 -64.98 -36.42
N GLN C 197 -3.06 -64.86 -37.37
CA GLN C 197 -3.35 -64.21 -38.64
C GLN C 197 -4.22 -65.10 -39.51
N ARG C 198 -4.14 -66.40 -39.29
CA ARG C 198 -4.94 -67.37 -40.03
C ARG C 198 -6.41 -67.32 -39.62
N LYS C 199 -6.64 -67.13 -38.32
CA LYS C 199 -7.99 -67.20 -37.77
C LYS C 199 -8.70 -65.85 -37.82
N HIS C 200 -8.08 -64.83 -37.23
CA HIS C 200 -8.73 -63.53 -37.07
C HIS C 200 -8.17 -62.48 -38.02
N GLY C 201 -7.10 -62.81 -38.72
CA GLY C 201 -6.47 -61.88 -39.64
C GLY C 201 -5.77 -60.73 -38.93
N GLY C 202 -5.82 -59.55 -39.53
CA GLY C 202 -5.19 -58.39 -38.96
C GLY C 202 -3.76 -58.20 -39.42
N MET C 203 -3.07 -57.23 -38.82
CA MET C 203 -1.68 -56.97 -39.16
C MET C 203 -0.96 -56.26 -38.02
N LEU C 204 0.32 -56.58 -37.84
CA LEU C 204 1.11 -55.97 -36.78
C LEU C 204 1.61 -54.59 -37.20
N VAL C 205 1.31 -53.58 -36.39
CA VAL C 205 1.64 -52.20 -36.72
C VAL C 205 2.46 -51.52 -35.62
N ARG C 206 3.54 -50.85 -36.02
CA ARG C 206 4.37 -50.09 -35.10
C ARG C 206 3.82 -48.69 -34.88
N ASN C 207 3.79 -48.25 -33.63
CA ASN C 207 3.31 -46.91 -33.30
C ASN C 207 4.47 -45.94 -33.06
N PRO C 208 4.49 -44.83 -33.80
CA PRO C 208 5.56 -43.83 -33.68
C PRO C 208 5.59 -43.16 -32.30
N LEU C 209 4.47 -43.19 -31.60
CA LEU C 209 4.40 -42.63 -30.26
C LEU C 209 5.10 -43.54 -29.25
N SER C 210 5.27 -44.80 -29.62
CA SER C 210 6.03 -45.74 -28.80
C SER C 210 7.52 -45.45 -28.91
N ARG C 211 8.17 -45.23 -27.78
CA ARG C 211 9.58 -44.88 -27.77
C ARG C 211 10.45 -46.08 -28.13
N ASN C 212 11.60 -45.81 -28.74
CA ASN C 212 12.46 -46.85 -29.29
C ASN C 212 13.24 -47.64 -28.25
N SER C 213 12.87 -47.47 -26.98
CA SER C 213 13.50 -48.25 -25.92
C SER C 213 12.92 -49.66 -25.89
N THR C 214 11.78 -49.83 -26.55
CA THR C 214 11.12 -51.13 -26.62
C THR C 214 10.69 -51.43 -28.06
N HIS C 215 10.90 -52.66 -28.48
CA HIS C 215 10.56 -53.09 -29.84
C HIS C 215 9.08 -53.47 -29.93
N GLU C 216 8.25 -52.85 -29.10
CA GLU C 216 6.84 -53.19 -29.00
C GLU C 216 6.07 -52.81 -30.26
N MET C 217 5.12 -53.66 -30.64
CA MET C 217 4.24 -53.39 -31.76
C MET C 217 2.82 -53.80 -31.42
N TYR C 218 1.85 -53.36 -32.22
CA TYR C 218 0.44 -53.60 -31.92
C TYR C 218 -0.26 -54.39 -33.02
N TRP C 219 -1.15 -55.29 -32.63
CA TRP C 219 -1.92 -56.10 -33.56
C TRP C 219 -3.36 -55.62 -33.65
N ILE C 220 -3.71 -55.04 -34.80
CA ILE C 220 -5.07 -54.55 -35.01
C ILE C 220 -5.93 -55.59 -35.72
N SER C 221 -7.21 -55.32 -35.84
CA SER C 221 -8.15 -56.25 -36.44
C SER C 221 -8.34 -55.99 -37.94
N ASN C 222 -8.52 -54.73 -38.31
CA ASN C 222 -8.76 -54.37 -39.69
C ASN C 222 -7.45 -54.08 -40.44
N GLY C 223 -7.03 -55.02 -41.27
CA GLY C 223 -5.81 -54.86 -42.04
C GLY C 223 -5.21 -56.18 -42.48
N THR C 224 -4.31 -56.12 -43.45
CA THR C 224 -3.64 -57.32 -43.95
C THR C 224 -2.26 -56.96 -44.49
N GLY C 225 -1.28 -57.83 -44.24
CA GLY C 225 0.06 -57.62 -44.74
C GLY C 225 1.06 -58.60 -44.15
N ASN C 226 2.33 -58.41 -44.52
CA ASN C 226 3.39 -59.29 -44.03
C ASN C 226 3.82 -58.91 -42.61
N ILE C 227 3.82 -59.90 -41.73
CA ILE C 227 4.18 -59.68 -40.33
C ILE C 227 5.68 -59.47 -40.18
N VAL C 228 6.46 -60.33 -40.82
CA VAL C 228 7.92 -60.30 -40.69
C VAL C 228 8.51 -59.03 -41.28
N SER C 229 8.02 -58.65 -42.47
CA SER C 229 8.54 -57.47 -43.16
C SER C 229 8.35 -56.20 -42.34
N SER C 230 7.24 -56.13 -41.61
CA SER C 230 6.96 -54.99 -40.75
C SER C 230 7.93 -54.96 -39.58
N VAL C 231 8.26 -56.13 -39.04
CA VAL C 231 9.20 -56.24 -37.94
C VAL C 231 10.60 -55.83 -38.37
N ASN C 232 11.03 -56.33 -39.52
CA ASN C 232 12.32 -55.99 -40.08
C ASN C 232 12.40 -54.50 -40.42
N MET C 233 11.26 -53.94 -40.82
CA MET C 233 11.17 -52.52 -41.11
C MET C 233 11.45 -51.71 -39.85
N VAL C 234 10.96 -52.21 -38.72
CA VAL C 234 11.18 -51.56 -37.43
C VAL C 234 12.62 -51.69 -36.99
N SER C 235 13.14 -52.91 -37.06
CA SER C 235 14.51 -53.19 -36.61
C SER C 235 15.53 -52.42 -37.42
N ARG C 236 15.27 -52.25 -38.71
CA ARG C 236 16.14 -51.47 -39.58
C ARG C 236 16.11 -50.00 -39.17
N LEU C 237 14.97 -49.56 -38.69
CA LEU C 237 14.81 -48.17 -38.25
C LEU C 237 15.56 -47.90 -36.96
N LEU C 238 15.38 -48.78 -35.98
CA LEU C 238 15.98 -48.62 -34.66
C LEU C 238 17.49 -48.57 -34.73
N LEU C 239 18.08 -49.48 -35.50
CA LEU C 239 19.53 -49.54 -35.63
C LEU C 239 20.08 -48.32 -36.37
N ASN C 240 19.30 -47.81 -37.32
CA ASN C 240 19.73 -46.67 -38.12
C ASN C 240 19.61 -45.35 -37.36
N ARG C 241 18.88 -45.37 -36.25
CA ARG C 241 18.72 -44.17 -35.43
C ARG C 241 19.90 -44.02 -34.47
N PHE C 242 20.71 -45.07 -34.37
CA PHE C 242 21.89 -45.04 -33.49
C PHE C 242 22.96 -44.09 -34.01
N THR C 243 23.17 -44.10 -35.32
CA THR C 243 24.23 -43.31 -35.94
C THR C 243 23.91 -41.81 -35.91
N MET C 244 22.67 -41.47 -35.59
CA MET C 244 22.27 -40.08 -35.50
C MET C 244 21.59 -39.79 -34.16
N ARG C 248 15.71 -33.30 -31.35
CA ARG C 248 14.62 -32.75 -30.56
C ARG C 248 13.31 -33.49 -30.83
N PRO C 249 12.48 -33.65 -29.79
CA PRO C 249 11.23 -34.41 -29.88
C PRO C 249 10.17 -33.75 -30.76
N THR C 250 9.31 -34.56 -31.36
CA THR C 250 8.19 -34.05 -32.15
C THR C 250 6.96 -33.89 -31.27
N ILE C 251 6.70 -32.66 -30.86
CA ILE C 251 5.60 -32.37 -29.93
C ILE C 251 4.26 -32.27 -30.63
N GLU C 252 3.25 -32.90 -30.04
CA GLU C 252 1.88 -32.80 -30.54
C GLU C 252 0.93 -32.46 -29.41
N LYS C 253 -0.19 -31.83 -29.75
CA LYS C 253 -1.20 -31.47 -28.76
C LYS C 253 -1.88 -32.72 -28.19
N ASP C 254 -1.93 -32.81 -26.87
CA ASP C 254 -2.58 -33.93 -26.21
C ASP C 254 -4.08 -33.89 -26.45
N VAL C 255 -4.72 -35.05 -26.32
CA VAL C 255 -6.15 -35.16 -26.61
C VAL C 255 -7.01 -34.39 -25.61
N ASP C 256 -8.12 -33.85 -26.10
CA ASP C 256 -9.08 -33.16 -25.24
C ASP C 256 -10.33 -34.03 -25.11
N LEU C 257 -10.45 -34.72 -23.99
CA LEU C 257 -11.51 -35.70 -23.79
C LEU C 257 -12.81 -35.08 -23.29
N GLY C 258 -12.87 -33.76 -23.26
CA GLY C 258 -14.08 -33.05 -22.87
C GLY C 258 -14.57 -33.37 -21.48
N ALA C 259 -15.89 -33.27 -21.28
CA ALA C 259 -16.50 -33.55 -19.99
C ALA C 259 -18.00 -33.81 -20.13
N GLY C 260 -18.64 -34.15 -19.03
CA GLY C 260 -20.08 -34.37 -19.01
C GLY C 260 -20.49 -35.77 -19.40
N THR C 261 -21.78 -36.08 -19.21
CA THR C 261 -22.31 -37.40 -19.54
C THR C 261 -22.53 -37.58 -21.05
N ARG C 262 -23.05 -38.73 -21.46
CA ARG C 262 -23.13 -39.06 -22.88
C ARG C 262 -24.46 -39.69 -23.30
N HIS C 263 -24.72 -40.91 -22.83
CA HIS C 263 -25.92 -41.70 -23.12
C HIS C 263 -25.98 -42.25 -24.55
N VAL C 264 -25.97 -41.35 -25.54
CA VAL C 264 -25.96 -41.62 -27.00
C VAL C 264 -27.36 -41.68 -27.62
N ASN C 265 -28.39 -41.93 -26.82
CA ASN C 265 -29.74 -42.03 -27.36
C ASN C 265 -30.32 -40.65 -27.71
N ALA C 266 -29.62 -39.60 -27.30
CA ALA C 266 -30.06 -38.23 -27.60
C ALA C 266 -28.98 -37.48 -28.38
N GLU C 267 -27.95 -38.22 -28.79
CA GLU C 267 -26.83 -37.63 -29.53
C GLU C 267 -27.11 -37.28 -31.00
N PRO C 268 -27.63 -38.23 -31.80
CA PRO C 268 -27.68 -37.97 -33.25
C PRO C 268 -28.53 -36.77 -33.65
N GLU C 269 -28.15 -36.14 -34.75
CA GLU C 269 -28.85 -34.97 -35.26
C GLU C 269 -29.99 -35.36 -36.19
N THR C 270 -31.14 -34.72 -36.01
CA THR C 270 -32.29 -34.94 -36.87
C THR C 270 -32.61 -33.69 -37.67
N PRO C 271 -31.99 -33.54 -38.85
CA PRO C 271 -32.13 -32.35 -39.68
C PRO C 271 -33.43 -32.32 -40.46
N ASN C 272 -33.74 -31.16 -41.03
CA ASN C 272 -34.91 -31.01 -41.89
C ASN C 272 -34.49 -30.93 -43.34
N MET C 273 -34.71 -32.01 -44.08
CA MET C 273 -34.30 -32.08 -45.49
C MET C 273 -35.13 -31.16 -46.38
N ASP C 274 -36.18 -30.57 -45.81
CA ASP C 274 -37.02 -29.64 -46.55
C ASP C 274 -36.22 -28.38 -46.87
N VAL C 275 -35.31 -28.02 -45.97
CA VAL C 275 -34.54 -26.79 -46.12
C VAL C 275 -33.23 -27.01 -46.86
N ILE C 276 -32.45 -27.99 -46.42
CA ILE C 276 -31.13 -28.22 -46.97
C ILE C 276 -31.11 -29.25 -48.10
N GLY C 277 -32.30 -29.66 -48.53
CA GLY C 277 -32.42 -30.69 -49.56
C GLY C 277 -31.85 -30.28 -50.91
N GLU C 278 -32.15 -29.05 -51.33
CA GLU C 278 -31.71 -28.58 -52.64
C GLU C 278 -30.20 -28.41 -52.71
N ARG C 279 -29.61 -27.97 -51.60
CA ARG C 279 -28.17 -27.71 -51.56
C ARG C 279 -27.36 -29.00 -51.64
N ILE C 280 -27.77 -30.00 -50.87
CA ILE C 280 -27.11 -31.30 -50.89
C ILE C 280 -27.23 -31.95 -52.27
N LYS C 281 -28.43 -31.82 -52.85
CA LYS C 281 -28.68 -32.36 -54.18
C LYS C 281 -27.76 -31.74 -55.22
N ARG C 282 -27.55 -30.43 -55.12
CA ARG C 282 -26.73 -29.71 -56.08
C ARG C 282 -25.26 -30.08 -55.93
N ILE C 283 -24.87 -30.41 -54.70
CA ILE C 283 -23.50 -30.83 -54.42
C ILE C 283 -23.28 -32.27 -54.87
N LYS C 284 -24.26 -33.13 -54.58
CA LYS C 284 -24.18 -34.54 -54.91
C LYS C 284 -24.03 -34.76 -56.41
N GLU C 285 -24.81 -34.00 -57.20
CA GLU C 285 -24.76 -34.12 -58.65
C GLU C 285 -23.46 -33.54 -59.21
N GLU C 286 -22.84 -32.65 -58.44
CA GLU C 286 -21.59 -32.02 -58.88
C GLU C 286 -20.44 -33.01 -58.86
N HIS C 287 -20.22 -33.62 -57.70
CA HIS C 287 -19.16 -34.61 -57.54
C HIS C 287 -19.72 -36.03 -57.62
N SER C 288 -20.58 -36.26 -58.60
CA SER C 288 -21.24 -37.55 -58.75
C SER C 288 -20.27 -38.66 -59.14
N SER C 289 -19.09 -38.26 -59.58
CA SER C 289 -18.06 -39.21 -60.01
C SER C 289 -17.53 -40.02 -58.84
N THR C 290 -17.31 -39.35 -57.72
CA THR C 290 -16.72 -39.99 -56.54
C THR C 290 -17.63 -39.93 -55.32
N TRP C 291 -18.89 -39.61 -55.54
CA TRP C 291 -19.86 -39.49 -54.44
C TRP C 291 -20.17 -40.86 -53.85
N HIS C 292 -20.12 -40.95 -52.53
CA HIS C 292 -20.39 -42.20 -51.83
C HIS C 292 -20.84 -41.94 -50.40
N TYR C 293 -21.43 -42.96 -49.77
CA TYR C 293 -21.88 -42.84 -48.39
C TYR C 293 -20.99 -43.67 -47.46
N ASP C 294 -20.08 -43.00 -46.78
CA ASP C 294 -19.18 -43.68 -45.84
C ASP C 294 -19.96 -44.11 -44.60
N ASP C 295 -19.98 -45.42 -44.36
CA ASP C 295 -20.72 -45.97 -43.23
C ASP C 295 -19.97 -45.78 -41.93
N GLU C 296 -18.69 -45.44 -42.02
CA GLU C 296 -17.85 -45.29 -40.84
C GLU C 296 -17.53 -43.83 -40.54
N ASN C 297 -18.53 -42.98 -40.63
CA ASN C 297 -18.35 -41.56 -40.29
C ASN C 297 -18.37 -41.35 -38.79
N PRO C 298 -17.37 -40.62 -38.27
CA PRO C 298 -17.20 -40.41 -36.83
C PRO C 298 -18.13 -39.33 -36.26
N TYR C 299 -19.02 -38.81 -37.10
CA TYR C 299 -19.92 -37.73 -36.69
C TYR C 299 -21.03 -38.23 -35.78
N LYS C 300 -21.17 -37.61 -34.62
CA LYS C 300 -22.13 -38.03 -33.61
C LYS C 300 -23.29 -37.06 -33.51
N THR C 301 -22.97 -35.79 -33.29
CA THR C 301 -23.98 -34.75 -33.10
C THR C 301 -24.30 -34.03 -34.40
N TRP C 302 -23.60 -34.40 -35.47
CA TRP C 302 -23.85 -33.82 -36.78
C TRP C 302 -24.56 -34.83 -37.68
N ALA C 303 -25.26 -34.32 -38.69
CA ALA C 303 -26.00 -35.18 -39.61
C ALA C 303 -25.20 -35.45 -40.88
N TYR C 304 -24.63 -36.65 -40.96
CA TYR C 304 -23.83 -37.05 -42.11
C TYR C 304 -24.71 -37.33 -43.32
N HIS C 305 -24.32 -36.81 -44.47
CA HIS C 305 -25.10 -36.98 -45.69
C HIS C 305 -24.35 -37.79 -46.75
N GLY C 306 -23.05 -37.53 -46.88
CA GLY C 306 -22.24 -38.23 -47.85
C GLY C 306 -20.82 -37.71 -47.93
N SER C 307 -20.05 -38.25 -48.87
CA SER C 307 -18.66 -37.82 -49.06
C SER C 307 -18.19 -38.07 -50.48
N TYR C 308 -17.08 -37.44 -50.86
CA TYR C 308 -16.50 -37.62 -52.17
C TYR C 308 -14.99 -37.40 -52.13
N GLU C 309 -14.26 -38.06 -53.03
CA GLU C 309 -12.82 -37.97 -53.07
C GLU C 309 -12.35 -36.55 -53.40
N VAL C 310 -11.26 -36.13 -52.77
CA VAL C 310 -10.72 -34.80 -52.98
C VAL C 310 -9.22 -34.79 -52.68
N LYS C 311 -8.51 -33.81 -53.21
CA LYS C 311 -7.07 -33.68 -53.01
C LYS C 311 -6.76 -33.12 -51.64
N ALA C 312 -5.56 -33.39 -51.15
CA ALA C 312 -5.14 -32.95 -49.81
C ALA C 312 -5.05 -31.44 -49.73
N THR C 313 -5.61 -30.88 -48.66
CA THR C 313 -5.61 -29.44 -48.45
C THR C 313 -5.19 -29.07 -47.03
N GLY C 314 -4.19 -28.21 -46.92
CA GLY C 314 -3.72 -27.77 -45.62
C GLY C 314 -2.27 -28.12 -45.37
N SER C 315 -1.72 -27.61 -44.28
CA SER C 315 -0.33 -27.89 -43.91
C SER C 315 -0.23 -28.30 -42.45
N ALA C 316 0.91 -28.88 -42.08
CA ALA C 316 1.13 -29.35 -40.72
C ALA C 316 1.66 -28.23 -39.83
N SER C 317 2.44 -27.33 -40.41
CA SER C 317 3.03 -26.22 -39.66
C SER C 317 2.68 -24.88 -40.29
N SER C 318 2.90 -23.81 -39.55
CA SER C 318 2.63 -22.47 -40.04
C SER C 318 3.92 -21.75 -40.44
N MET C 319 3.80 -20.81 -41.37
CA MET C 319 4.96 -20.07 -41.86
C MET C 319 5.50 -19.13 -40.80
N ILE C 320 6.82 -19.13 -40.63
CA ILE C 320 7.47 -18.26 -39.66
C ILE C 320 7.86 -16.93 -40.29
N ASN C 321 7.49 -15.83 -39.64
CA ASN C 321 7.87 -14.51 -40.09
C ASN C 321 9.37 -14.32 -39.97
N GLY C 322 10.03 -14.20 -41.12
CA GLY C 322 11.48 -14.12 -41.18
C GLY C 322 12.10 -12.96 -40.45
N VAL C 323 11.65 -11.75 -40.79
CA VAL C 323 12.25 -10.53 -40.25
C VAL C 323 12.03 -10.39 -38.75
N VAL C 324 10.97 -11.03 -38.25
CA VAL C 324 10.64 -10.94 -36.83
C VAL C 324 11.44 -11.97 -36.03
N LYS C 325 11.54 -13.19 -36.56
CA LYS C 325 12.26 -14.27 -35.90
C LYS C 325 13.73 -13.91 -35.70
N LEU C 326 14.33 -13.32 -36.73
CA LEU C 326 15.75 -12.99 -36.69
C LEU C 326 16.07 -11.95 -35.63
N LEU C 327 15.10 -11.11 -35.31
CA LEU C 327 15.30 -10.06 -34.32
C LEU C 327 14.85 -10.51 -32.93
N THR C 328 14.17 -11.65 -32.87
CA THR C 328 13.71 -12.19 -31.60
C THR C 328 14.40 -13.51 -31.30
N LYS C 329 15.73 -13.50 -31.31
CA LYS C 329 16.52 -14.70 -31.07
C LYS C 329 16.38 -15.29 -29.66
N PRO C 330 16.34 -14.45 -28.60
CA PRO C 330 16.21 -15.06 -27.28
C PRO C 330 14.89 -15.79 -27.07
N TRP C 331 13.87 -15.42 -27.83
CA TRP C 331 12.55 -16.04 -27.68
C TRP C 331 12.42 -17.30 -28.51
N ASP C 332 13.54 -17.83 -28.98
CA ASP C 332 13.54 -19.10 -29.70
C ASP C 332 13.54 -20.26 -28.71
N VAL C 333 14.00 -19.98 -27.49
CA VAL C 333 14.06 -20.98 -26.45
C VAL C 333 12.71 -21.11 -25.75
N VAL C 334 11.95 -20.02 -25.74
CA VAL C 334 10.66 -19.98 -25.06
C VAL C 334 9.65 -20.95 -25.71
N PRO C 335 9.11 -21.87 -24.90
CA PRO C 335 8.15 -22.88 -25.36
C PRO C 335 6.84 -22.27 -25.87
N MET C 336 6.40 -21.19 -25.22
CA MET C 336 5.16 -20.53 -25.60
C MET C 336 5.21 -20.01 -27.04
N VAL C 337 6.38 -19.52 -27.43
CA VAL C 337 6.58 -19.00 -28.78
C VAL C 337 6.48 -20.11 -29.82
N THR C 338 7.04 -21.28 -29.48
CA THR C 338 7.09 -22.41 -30.40
C THR C 338 5.72 -23.00 -30.70
N GLN C 339 4.91 -23.18 -29.65
CA GLN C 339 3.62 -23.85 -29.79
C GLN C 339 2.65 -23.09 -30.69
N MET C 340 2.85 -21.79 -30.82
CA MET C 340 1.96 -20.96 -31.63
C MET C 340 2.28 -21.11 -33.12
N ALA C 341 3.34 -21.85 -33.41
CA ALA C 341 3.74 -22.10 -34.79
C ALA C 341 3.43 -23.54 -35.19
N MET C 342 2.88 -24.30 -34.25
CA MET C 342 2.60 -25.71 -34.47
C MET C 342 1.11 -25.96 -34.70
N THR C 343 0.44 -24.98 -35.30
CA THR C 343 -0.97 -25.11 -35.64
C THR C 343 -1.16 -26.08 -36.79
N ASP C 344 -1.86 -27.19 -36.52
CA ASP C 344 -2.06 -28.23 -37.51
C ASP C 344 -3.35 -28.01 -38.31
N THR C 345 -3.22 -27.99 -39.63
CA THR C 345 -4.37 -27.76 -40.51
C THR C 345 -4.61 -28.96 -41.41
N THR C 346 -3.83 -30.02 -41.20
CA THR C 346 -3.97 -31.25 -41.96
C THR C 346 -5.31 -31.92 -41.69
N PRO C 347 -5.81 -32.73 -42.64
CA PRO C 347 -7.05 -33.48 -42.49
C PRO C 347 -7.14 -34.24 -41.17
N PHE C 348 -6.02 -34.77 -40.70
CA PHE C 348 -5.96 -35.42 -39.40
C PHE C 348 -6.25 -34.42 -38.29
N GLY C 349 -5.59 -33.27 -38.36
CA GLY C 349 -5.77 -32.23 -37.36
C GLY C 349 -7.17 -31.67 -37.35
N GLN C 350 -7.76 -31.54 -38.54
CA GLN C 350 -9.11 -31.00 -38.65
C GLN C 350 -10.12 -31.89 -37.94
N GLN C 351 -10.00 -33.19 -38.15
CA GLN C 351 -10.93 -34.15 -37.53
C GLN C 351 -10.69 -34.26 -36.02
N ARG C 352 -9.43 -34.10 -35.61
CA ARG C 352 -9.10 -34.17 -34.20
C ARG C 352 -9.69 -32.98 -33.45
N VAL C 353 -9.55 -31.79 -34.02
CA VAL C 353 -10.11 -30.59 -33.43
C VAL C 353 -11.64 -30.64 -33.44
N PHE C 354 -12.18 -31.16 -34.53
CA PHE C 354 -13.63 -31.28 -34.71
C PHE C 354 -14.25 -32.11 -33.59
N LYS C 355 -13.61 -33.23 -33.27
CA LYS C 355 -14.12 -34.12 -32.24
C LYS C 355 -13.99 -33.52 -30.85
N GLU C 356 -12.88 -32.81 -30.62
CA GLU C 356 -12.58 -32.28 -29.30
C GLU C 356 -13.43 -31.08 -28.92
N LYS C 357 -13.90 -30.32 -29.91
CA LYS C 357 -14.66 -29.11 -29.62
C LYS C 357 -15.97 -29.00 -30.38
N VAL C 358 -15.92 -29.19 -31.70
CA VAL C 358 -17.08 -28.96 -32.54
C VAL C 358 -18.17 -30.02 -32.37
N ASP C 359 -17.79 -31.28 -32.33
CA ASP C 359 -18.74 -32.38 -32.25
C ASP C 359 -19.27 -32.57 -30.83
N THR C 360 -20.11 -31.65 -30.38
CA THR C 360 -20.75 -31.76 -29.08
C THR C 360 -22.24 -31.41 -29.17
N ARG C 361 -22.97 -31.73 -28.11
CA ARG C 361 -24.41 -31.47 -28.08
C ARG C 361 -24.81 -30.78 -26.80
N THR C 362 -25.26 -29.53 -26.92
CA THR C 362 -25.70 -28.76 -25.77
C THR C 362 -27.15 -29.08 -25.42
N PRO C 363 -27.38 -29.52 -24.18
CA PRO C 363 -28.73 -29.85 -23.69
C PRO C 363 -29.68 -28.66 -23.78
N ARG C 364 -30.90 -28.92 -24.25
CA ARG C 364 -31.89 -27.86 -24.42
C ARG C 364 -32.33 -27.32 -23.06
N PRO C 365 -32.32 -25.99 -22.91
CA PRO C 365 -32.70 -25.30 -21.67
C PRO C 365 -34.09 -25.68 -21.18
N MET C 366 -34.30 -25.63 -19.87
CA MET C 366 -35.58 -25.96 -19.27
C MET C 366 -36.66 -24.96 -19.68
N PRO C 367 -37.92 -25.41 -19.76
CA PRO C 367 -39.07 -24.58 -20.17
C PRO C 367 -39.14 -23.23 -19.46
N GLY C 368 -38.72 -23.18 -18.21
CA GLY C 368 -38.70 -21.94 -17.46
C GLY C 368 -37.63 -21.00 -17.99
N THR C 369 -36.46 -21.56 -18.26
CA THR C 369 -35.33 -20.77 -18.75
C THR C 369 -35.60 -20.22 -20.14
N ARG C 370 -36.16 -21.06 -21.00
CA ARG C 370 -36.47 -20.64 -22.37
C ARG C 370 -37.46 -19.49 -22.38
N LYS C 371 -38.33 -19.46 -21.38
CA LYS C 371 -39.33 -18.42 -21.26
C LYS C 371 -38.70 -17.11 -20.82
N VAL C 372 -37.80 -17.19 -19.84
CA VAL C 372 -37.11 -16.01 -19.35
C VAL C 372 -36.24 -15.38 -20.42
N MET C 373 -35.56 -16.23 -21.20
CA MET C 373 -34.72 -15.75 -22.29
C MET C 373 -35.55 -15.02 -23.34
N GLU C 374 -36.77 -15.51 -23.56
CA GLU C 374 -37.65 -14.93 -24.57
C GLU C 374 -38.11 -13.53 -24.16
N ILE C 375 -38.37 -13.35 -22.87
CA ILE C 375 -38.83 -12.07 -22.37
C ILE C 375 -37.71 -11.04 -22.44
N THR C 376 -36.51 -11.44 -22.04
CA THR C 376 -35.37 -10.54 -22.01
C THR C 376 -34.95 -10.15 -23.41
N ALA C 377 -34.94 -11.11 -24.33
CA ALA C 377 -34.53 -10.88 -25.70
C ALA C 377 -35.38 -9.81 -26.37
N GLU C 378 -36.70 -9.89 -26.19
CA GLU C 378 -37.60 -8.91 -26.77
C GLU C 378 -37.34 -7.53 -26.17
N TRP C 379 -37.13 -7.49 -24.86
CA TRP C 379 -36.84 -6.24 -24.18
C TRP C 379 -35.49 -5.68 -24.62
N LEU C 380 -34.54 -6.59 -24.86
CA LEU C 380 -33.20 -6.19 -25.25
C LEU C 380 -33.18 -5.64 -26.67
N TRP C 381 -33.93 -6.27 -27.56
CA TRP C 381 -34.01 -5.80 -28.94
C TRP C 381 -34.69 -4.43 -28.99
N ARG C 382 -35.76 -4.27 -28.22
CA ARG C 382 -36.47 -3.00 -28.17
C ARG C 382 -35.60 -1.90 -27.62
N THR C 383 -34.63 -2.28 -26.78
CA THR C 383 -33.72 -1.31 -26.18
C THR C 383 -32.64 -0.89 -27.18
N LEU C 384 -32.13 -1.85 -27.93
CA LEU C 384 -31.09 -1.57 -28.91
C LEU C 384 -31.62 -0.75 -30.07
N GLY C 385 -32.88 -0.99 -30.42
CA GLY C 385 -33.51 -0.30 -31.54
C GLY C 385 -34.43 0.80 -31.09
N ARG C 386 -33.97 1.59 -30.12
CA ARG C 386 -34.78 2.70 -29.60
C ARG C 386 -34.53 3.97 -30.40
N ASN C 387 -33.35 4.07 -31.01
CA ASN C 387 -32.99 5.24 -31.78
C ASN C 387 -32.52 4.87 -33.18
N LYS C 388 -32.19 3.60 -33.36
CA LYS C 388 -31.73 3.12 -34.66
C LYS C 388 -32.75 2.19 -35.28
N ARG C 389 -32.99 2.35 -36.58
CA ARG C 389 -33.92 1.50 -37.30
C ARG C 389 -33.17 0.62 -38.29
N PRO C 390 -33.50 -0.67 -38.34
CA PRO C 390 -32.85 -1.65 -39.22
C PRO C 390 -32.93 -1.24 -40.69
N ARG C 391 -31.88 -1.57 -41.44
CA ARG C 391 -31.84 -1.23 -42.86
C ARG C 391 -31.08 -2.26 -43.67
N LEU C 392 -31.21 -2.17 -44.99
CA LEU C 392 -30.48 -3.04 -45.91
C LEU C 392 -29.14 -2.44 -46.26
N CYS C 393 -28.12 -3.28 -46.34
CA CYS C 393 -26.79 -2.83 -46.76
C CYS C 393 -26.65 -3.00 -48.27
N THR C 394 -26.02 -2.03 -48.91
CA THR C 394 -25.95 -1.98 -50.36
C THR C 394 -24.66 -2.59 -50.92
N ARG C 395 -24.67 -2.81 -52.23
CA ARG C 395 -23.50 -3.33 -52.94
C ARG C 395 -22.33 -2.36 -52.84
N GLU C 396 -22.64 -1.06 -52.88
CA GLU C 396 -21.62 -0.03 -52.81
C GLU C 396 -20.86 -0.09 -51.49
N GLU C 397 -21.58 -0.38 -50.41
CA GLU C 397 -20.95 -0.54 -49.10
C GLU C 397 -20.07 -1.77 -49.09
N PHE C 398 -20.55 -2.84 -49.71
CA PHE C 398 -19.83 -4.10 -49.75
C PHE C 398 -18.56 -3.98 -50.57
N THR C 399 -18.63 -3.23 -51.66
CA THR C 399 -17.48 -3.04 -52.54
C THR C 399 -16.32 -2.35 -51.83
N LYS C 400 -16.63 -1.28 -51.11
CA LYS C 400 -15.61 -0.51 -50.40
C LYS C 400 -15.04 -1.29 -49.22
N LYS C 401 -15.88 -2.08 -48.57
CA LYS C 401 -15.46 -2.82 -47.38
C LYS C 401 -14.56 -3.99 -47.74
N VAL C 402 -14.83 -4.65 -48.86
CA VAL C 402 -14.05 -5.79 -49.29
C VAL C 402 -12.62 -5.38 -49.64
N ARG C 403 -11.68 -5.96 -48.91
CA ARG C 403 -10.26 -5.70 -49.12
C ARG C 403 -9.76 -6.45 -50.35
N THR C 404 -8.63 -6.02 -50.89
CA THR C 404 -8.06 -6.60 -52.09
C THR C 404 -7.74 -8.08 -51.91
N ASN C 405 -7.21 -8.44 -50.74
CA ASN C 405 -6.91 -9.82 -50.42
C ASN C 405 -7.95 -10.43 -49.48
N ALA C 406 -9.04 -10.94 -50.06
CA ALA C 406 -10.10 -11.55 -49.27
C ALA C 406 -10.39 -12.95 -49.77
N ALA C 407 -10.62 -13.87 -48.84
CA ALA C 407 -10.89 -15.26 -49.18
C ALA C 407 -12.26 -15.40 -49.85
N MET C 408 -12.27 -15.94 -51.06
CA MET C 408 -13.49 -16.14 -51.81
C MET C 408 -14.43 -17.11 -51.12
N GLY C 409 -13.87 -18.23 -50.67
CA GLY C 409 -14.66 -19.27 -50.02
C GLY C 409 -15.58 -19.94 -51.03
N ALA C 410 -15.24 -19.81 -52.30
CA ALA C 410 -16.04 -20.38 -53.38
C ALA C 410 -15.99 -21.89 -53.36
N VAL C 411 -17.15 -22.52 -53.26
CA VAL C 411 -17.24 -23.97 -53.25
C VAL C 411 -18.43 -24.44 -54.09
N PHE C 412 -18.18 -24.55 -55.39
CA PHE C 412 -19.17 -25.03 -56.35
C PHE C 412 -18.52 -25.29 -57.71
N THR C 413 -19.30 -25.20 -58.78
CA THR C 413 -18.78 -25.48 -60.12
C THR C 413 -18.70 -24.22 -60.98
N GLU C 414 -19.40 -23.16 -60.59
CA GLU C 414 -19.43 -21.93 -61.36
C GLU C 414 -19.05 -20.73 -60.50
N GLU C 415 -18.27 -20.99 -59.45
CA GLU C 415 -17.85 -19.95 -58.52
C GLU C 415 -16.33 -19.87 -58.41
N ASN C 416 -15.64 -20.88 -58.94
CA ASN C 416 -14.18 -20.90 -58.93
C ASN C 416 -13.63 -20.21 -60.17
N GLN C 417 -14.36 -19.23 -60.68
CA GLN C 417 -13.98 -18.52 -61.89
C GLN C 417 -13.21 -17.25 -61.55
N TRP C 418 -13.16 -16.92 -60.27
CA TRP C 418 -12.48 -15.70 -59.82
C TRP C 418 -11.31 -16.00 -58.90
N ASP C 419 -10.23 -15.24 -59.06
CA ASP C 419 -9.08 -15.34 -58.17
C ASP C 419 -9.16 -14.30 -57.07
N SER C 420 -8.99 -13.04 -57.44
CA SER C 420 -9.05 -11.94 -56.48
C SER C 420 -10.50 -11.57 -56.18
N ALA C 421 -10.80 -11.38 -54.89
CA ALA C 421 -12.14 -10.99 -54.48
C ALA C 421 -12.48 -9.61 -55.00
N ARG C 422 -11.48 -8.73 -55.03
CA ARG C 422 -11.67 -7.36 -55.49
C ARG C 422 -12.01 -7.35 -56.98
N ALA C 423 -11.52 -8.35 -57.70
CA ALA C 423 -11.81 -8.50 -59.12
C ALA C 423 -13.18 -9.13 -59.31
N ALA C 424 -13.57 -9.98 -58.36
CA ALA C 424 -14.87 -10.63 -58.41
C ALA C 424 -15.99 -9.63 -58.15
N VAL C 425 -15.68 -8.60 -57.37
CA VAL C 425 -16.66 -7.57 -57.04
C VAL C 425 -17.01 -6.75 -58.27
N GLU C 426 -16.00 -6.30 -59.00
CA GLU C 426 -16.21 -5.47 -60.18
C GLU C 426 -16.80 -6.27 -61.34
N ASP C 427 -16.81 -7.60 -61.20
CA ASP C 427 -17.38 -8.45 -62.23
C ASP C 427 -18.90 -8.44 -62.13
N GLU C 428 -19.56 -8.00 -63.20
CA GLU C 428 -21.01 -7.90 -63.20
C GLU C 428 -21.67 -9.28 -63.21
N GLU C 429 -20.97 -10.25 -63.78
CA GLU C 429 -21.51 -11.61 -63.87
C GLU C 429 -21.58 -12.26 -62.50
N PHE C 430 -20.76 -11.78 -61.57
CA PHE C 430 -20.76 -12.27 -60.19
C PHE C 430 -22.03 -11.89 -59.46
N TRP C 431 -22.46 -10.64 -59.62
CA TRP C 431 -23.63 -10.13 -58.93
C TRP C 431 -24.91 -10.75 -59.50
N LYS C 432 -24.83 -11.26 -60.72
CA LYS C 432 -25.97 -11.94 -61.31
C LYS C 432 -26.18 -13.30 -60.65
N LEU C 433 -25.10 -13.94 -60.26
CA LEU C 433 -25.18 -15.18 -59.50
C LEU C 433 -25.70 -14.91 -58.11
N VAL C 434 -25.35 -13.74 -57.58
CA VAL C 434 -25.84 -13.31 -56.28
C VAL C 434 -27.33 -13.06 -56.32
N ASP C 435 -27.77 -12.36 -57.38
CA ASP C 435 -29.18 -12.03 -57.55
C ASP C 435 -30.00 -13.31 -57.71
N ARG C 436 -29.39 -14.33 -58.31
CA ARG C 436 -30.05 -15.61 -58.51
C ARG C 436 -30.38 -16.28 -57.18
N GLU C 437 -29.40 -16.29 -56.28
CA GLU C 437 -29.58 -16.91 -54.98
C GLU C 437 -30.55 -16.10 -54.11
N ARG C 438 -30.53 -14.78 -54.28
CA ARG C 438 -31.41 -13.90 -53.53
C ARG C 438 -32.87 -14.15 -53.86
N GLU C 439 -33.15 -14.37 -55.14
CA GLU C 439 -34.51 -14.60 -55.60
C GLU C 439 -35.06 -15.91 -55.05
N LEU C 440 -34.15 -16.82 -54.70
CA LEU C 440 -34.53 -18.08 -54.06
C LEU C 440 -34.83 -17.83 -52.59
N HIS C 441 -34.10 -16.91 -51.99
CA HIS C 441 -34.29 -16.55 -50.59
C HIS C 441 -35.64 -15.87 -50.39
N LYS C 442 -36.05 -15.08 -51.38
CA LYS C 442 -37.33 -14.37 -51.33
C LYS C 442 -38.50 -15.34 -51.42
N LEU C 443 -38.21 -16.56 -51.87
CA LEU C 443 -39.23 -17.60 -51.97
C LEU C 443 -39.12 -18.58 -50.82
N GLY C 444 -38.21 -18.30 -49.90
CA GLY C 444 -38.00 -19.14 -48.73
C GLY C 444 -37.18 -20.38 -49.05
N LYS C 445 -36.32 -20.27 -50.05
CA LYS C 445 -35.49 -21.39 -50.47
C LYS C 445 -34.01 -20.99 -50.51
N CYS C 446 -33.13 -21.99 -50.58
CA CYS C 446 -31.70 -21.75 -50.62
C CYS C 446 -31.00 -22.79 -51.49
N GLY C 447 -29.90 -22.40 -52.12
CA GLY C 447 -29.21 -23.29 -53.04
C GLY C 447 -27.72 -23.09 -53.20
N SER C 448 -27.16 -22.08 -52.54
CA SER C 448 -25.74 -21.79 -52.72
C SER C 448 -25.01 -21.51 -51.40
N CYS C 449 -25.76 -21.25 -50.34
CA CYS C 449 -25.16 -20.94 -49.04
C CYS C 449 -24.63 -22.21 -48.38
N VAL C 450 -23.30 -22.28 -48.23
CA VAL C 450 -22.66 -23.45 -47.66
C VAL C 450 -21.36 -23.07 -46.94
N TYR C 451 -21.18 -23.62 -45.73
CA TYR C 451 -20.04 -23.28 -44.90
C TYR C 451 -18.82 -24.16 -45.18
N ASN C 452 -17.65 -23.66 -44.81
CA ASN C 452 -16.41 -24.42 -44.93
C ASN C 452 -15.64 -24.45 -43.61
N MET C 453 -15.05 -25.60 -43.28
CA MET C 453 -14.35 -25.77 -42.01
C MET C 453 -12.90 -25.31 -42.08
N MET C 454 -12.26 -25.52 -43.23
CA MET C 454 -10.87 -25.18 -43.44
C MET C 454 -9.97 -25.88 -42.42
N ALA C 472 -11.03 -23.07 -36.38
CA ALA C 472 -12.34 -23.59 -36.79
C ALA C 472 -13.22 -22.47 -37.32
N ILE C 473 -12.83 -21.90 -38.46
CA ILE C 473 -13.59 -20.82 -39.08
C ILE C 473 -14.73 -21.38 -39.93
N TRP C 474 -15.74 -20.55 -40.17
CA TRP C 474 -16.93 -20.97 -40.90
C TRP C 474 -17.19 -20.05 -42.09
N TYR C 475 -16.13 -19.63 -42.76
CA TYR C 475 -16.25 -18.69 -43.87
C TYR C 475 -17.02 -19.31 -45.04
N MET C 476 -18.04 -18.60 -45.50
CA MET C 476 -18.89 -19.09 -46.59
C MET C 476 -18.45 -18.55 -47.93
N TRP C 477 -19.24 -18.85 -48.97
CA TRP C 477 -19.00 -18.31 -50.29
C TRP C 477 -19.24 -16.81 -50.32
N LEU C 478 -18.41 -16.09 -51.06
CA LEU C 478 -18.46 -14.63 -51.12
C LEU C 478 -19.85 -14.10 -51.45
N GLY C 479 -20.48 -14.71 -52.45
CA GLY C 479 -21.82 -14.30 -52.85
C GLY C 479 -22.82 -14.54 -51.74
N ALA C 480 -22.67 -15.65 -51.04
CA ALA C 480 -23.56 -16.00 -49.94
C ALA C 480 -23.27 -15.12 -48.72
N ARG C 481 -22.01 -14.70 -48.59
CA ARG C 481 -21.61 -13.88 -47.46
C ARG C 481 -22.10 -12.45 -47.65
N TYR C 482 -22.30 -12.05 -48.90
CA TYR C 482 -22.84 -10.72 -49.17
C TYR C 482 -24.32 -10.62 -48.81
N LEU C 483 -25.08 -11.62 -49.22
CA LEU C 483 -26.51 -11.68 -48.92
C LEU C 483 -26.72 -11.65 -47.41
N GLU C 484 -25.80 -12.27 -46.69
CA GLU C 484 -25.79 -12.24 -45.23
C GLU C 484 -25.48 -10.82 -44.75
N PHE C 485 -24.57 -10.17 -45.46
CA PHE C 485 -24.16 -8.81 -45.12
C PHE C 485 -25.21 -7.78 -45.51
N GLU C 486 -26.05 -8.14 -46.48
CA GLU C 486 -27.04 -7.22 -46.99
C GLU C 486 -28.14 -6.95 -45.98
N ALA C 487 -28.61 -8.00 -45.31
CA ALA C 487 -29.75 -7.89 -44.42
C ALA C 487 -29.38 -7.73 -42.96
N LEU C 488 -28.19 -8.22 -42.58
CA LEU C 488 -27.79 -8.21 -41.18
C LEU C 488 -26.51 -7.42 -40.94
N GLY C 489 -25.97 -6.81 -41.99
CA GLY C 489 -24.74 -6.07 -41.88
C GLY C 489 -24.91 -4.72 -41.19
N PHE C 490 -26.17 -4.30 -41.04
CA PHE C 490 -26.46 -3.01 -40.45
C PHE C 490 -26.09 -2.96 -38.97
N LEU C 491 -25.99 -4.13 -38.36
CA LEU C 491 -25.62 -4.23 -36.94
C LEU C 491 -24.20 -3.75 -36.70
N ASN C 492 -23.35 -3.89 -37.71
CA ASN C 492 -21.96 -3.49 -37.59
C ASN C 492 -21.70 -2.11 -38.18
N GLU C 493 -22.47 -1.75 -39.19
CA GLU C 493 -22.26 -0.47 -39.89
C GLU C 493 -22.90 0.69 -39.15
N ASP C 494 -24.05 0.44 -38.53
CA ASP C 494 -24.75 1.48 -37.78
C ASP C 494 -24.33 1.46 -36.32
N HIS C 495 -23.40 0.58 -35.98
CA HIS C 495 -22.86 0.46 -34.63
C HIS C 495 -23.97 0.23 -33.61
N TRP C 496 -24.76 -0.81 -33.81
CA TRP C 496 -25.85 -1.14 -32.91
C TRP C 496 -25.34 -1.55 -31.53
N PHE C 497 -24.14 -2.10 -31.48
CA PHE C 497 -23.57 -2.58 -30.23
C PHE C 497 -22.49 -1.66 -29.70
N SER C 498 -22.56 -0.40 -30.08
CA SER C 498 -21.66 0.61 -29.52
C SER C 498 -22.08 0.90 -28.08
N ARG C 499 -21.16 1.41 -27.28
CA ARG C 499 -21.45 1.66 -25.88
C ARG C 499 -22.48 2.77 -25.71
N GLU C 500 -22.57 3.66 -26.70
CA GLU C 500 -23.54 4.73 -26.66
C GLU C 500 -24.95 4.19 -26.89
N ASN C 501 -25.04 3.08 -27.61
CA ASN C 501 -26.33 2.51 -27.98
C ASN C 501 -26.74 1.31 -27.14
N SER C 502 -25.76 0.53 -26.70
CA SER C 502 -26.05 -0.72 -25.99
C SER C 502 -25.67 -0.66 -24.51
N TYR C 503 -25.03 0.43 -24.10
CA TYR C 503 -24.59 0.63 -22.72
C TYR C 503 -23.53 -0.37 -22.26
N SER C 504 -23.67 -1.63 -22.68
CA SER C 504 -22.75 -2.69 -22.28
C SER C 504 -21.64 -2.91 -23.29
N GLY C 505 -21.99 -2.89 -24.56
CA GLY C 505 -21.04 -3.16 -25.63
C GLY C 505 -19.87 -2.20 -25.67
N VAL C 506 -18.81 -2.61 -26.36
CA VAL C 506 -17.62 -1.78 -26.48
C VAL C 506 -17.14 -1.74 -27.92
N GLU C 507 -18.07 -1.97 -28.85
CA GLU C 507 -17.74 -2.00 -30.28
C GLU C 507 -17.33 -0.61 -30.77
N GLY C 508 -16.21 -0.55 -31.48
CA GLY C 508 -15.75 0.69 -32.07
C GLY C 508 -14.96 1.55 -31.12
N GLU C 509 -14.81 1.10 -29.89
CA GLU C 509 -14.08 1.86 -28.88
C GLU C 509 -12.57 1.72 -29.06
N GLY C 510 -12.13 0.50 -29.35
CA GLY C 510 -10.71 0.26 -29.56
C GLY C 510 -10.03 -0.29 -28.31
N LEU C 511 -8.85 -0.86 -28.50
CA LEU C 511 -8.12 -1.48 -27.40
C LEU C 511 -7.60 -0.46 -26.40
N HIS C 512 -7.29 0.74 -26.88
CA HIS C 512 -6.70 1.78 -26.04
C HIS C 512 -7.73 2.43 -25.12
N LYS C 513 -9.01 2.18 -25.38
CA LYS C 513 -10.07 2.77 -24.57
C LYS C 513 -10.68 1.78 -23.60
N LEU C 514 -10.46 0.49 -23.85
CA LEU C 514 -11.05 -0.57 -23.03
C LEU C 514 -10.64 -0.47 -21.57
N GLY C 515 -9.37 -0.12 -21.34
CA GLY C 515 -8.85 0.00 -20.00
C GLY C 515 -9.53 1.08 -19.20
N TYR C 516 -9.80 2.22 -19.83
CA TYR C 516 -10.47 3.32 -19.17
C TYR C 516 -11.90 2.94 -18.81
N ILE C 517 -12.51 2.10 -19.63
CA ILE C 517 -13.88 1.66 -19.40
C ILE C 517 -13.96 0.82 -18.13
N LEU C 518 -13.08 -0.16 -18.00
CA LEU C 518 -13.05 -1.03 -16.84
C LEU C 518 -12.80 -0.24 -15.56
N ARG C 519 -12.03 0.84 -15.69
CA ARG C 519 -11.78 1.71 -14.56
C ARG C 519 -13.07 2.44 -14.16
N ASP C 520 -13.84 2.82 -15.17
CA ASP C 520 -15.12 3.49 -14.93
C ASP C 520 -16.15 2.51 -14.35
N ILE C 521 -16.01 1.24 -14.71
CA ILE C 521 -16.88 0.20 -14.16
C ILE C 521 -16.59 0.01 -12.68
N SER C 522 -15.31 0.08 -12.32
CA SER C 522 -14.90 -0.10 -10.94
C SER C 522 -15.46 0.99 -10.03
N LYS C 523 -15.77 2.14 -10.61
CA LYS C 523 -16.34 3.25 -9.86
C LYS C 523 -17.73 2.92 -9.37
N ILE C 524 -18.46 2.12 -10.14
CA ILE C 524 -19.82 1.73 -9.81
C ILE C 524 -19.86 0.86 -8.56
N PRO C 525 -20.58 1.32 -7.53
CA PRO C 525 -20.72 0.57 -6.26
C PRO C 525 -21.35 -0.80 -6.48
N GLY C 526 -21.02 -1.74 -5.61
CA GLY C 526 -21.57 -3.08 -5.70
C GLY C 526 -20.59 -4.15 -5.27
N GLY C 527 -20.71 -5.32 -5.86
CA GLY C 527 -19.81 -6.43 -5.56
C GLY C 527 -18.51 -6.32 -6.34
N ALA C 528 -17.71 -7.39 -6.28
CA ALA C 528 -16.45 -7.43 -7.01
C ALA C 528 -16.68 -7.64 -8.50
N MET C 529 -15.63 -7.42 -9.30
CA MET C 529 -15.72 -7.56 -10.74
C MET C 529 -15.46 -8.99 -11.19
N TYR C 530 -16.42 -9.58 -11.88
CA TYR C 530 -16.30 -10.96 -12.35
C TYR C 530 -16.13 -11.00 -13.87
N ALA C 531 -15.28 -11.90 -14.34
CA ALA C 531 -15.04 -12.05 -15.77
C ALA C 531 -14.73 -13.50 -16.12
N ASP C 532 -15.77 -14.30 -16.29
CA ASP C 532 -15.61 -15.71 -16.60
C ASP C 532 -15.59 -15.97 -18.10
N ASP C 533 -14.75 -16.90 -18.51
CA ASP C 533 -14.64 -17.27 -19.92
C ASP C 533 -15.49 -18.51 -20.21
N THR C 534 -16.24 -18.46 -21.30
CA THR C 534 -17.09 -19.58 -21.68
C THR C 534 -16.38 -20.51 -22.66
N ALA C 535 -16.34 -21.79 -22.32
CA ALA C 535 -15.65 -22.78 -23.14
C ALA C 535 -16.38 -23.05 -24.45
N GLY C 536 -15.82 -22.55 -25.55
CA GLY C 536 -16.38 -22.75 -26.87
C GLY C 536 -17.75 -22.13 -27.01
N TRP C 537 -17.79 -20.80 -27.04
CA TRP C 537 -19.03 -20.06 -27.08
C TRP C 537 -19.90 -20.41 -28.29
N ASP C 538 -19.26 -20.52 -29.45
CA ASP C 538 -19.98 -20.78 -30.69
C ASP C 538 -20.68 -22.14 -30.69
N THR C 539 -20.19 -23.04 -29.86
CA THR C 539 -20.78 -24.38 -29.77
C THR C 539 -21.85 -24.44 -28.68
N ARG C 540 -21.91 -23.41 -27.85
CA ARG C 540 -22.86 -23.37 -26.75
C ARG C 540 -24.16 -22.69 -27.16
N ILE C 541 -24.19 -22.15 -28.38
CA ILE C 541 -25.39 -21.51 -28.89
C ILE C 541 -26.50 -22.53 -29.11
N THR C 542 -27.62 -22.32 -28.45
CA THR C 542 -28.74 -23.25 -28.54
C THR C 542 -29.74 -22.81 -29.60
N GLU C 543 -30.69 -23.69 -29.90
CA GLU C 543 -31.74 -23.39 -30.87
C GLU C 543 -32.63 -22.27 -30.37
N ASP C 544 -32.80 -22.18 -29.06
CA ASP C 544 -33.62 -21.14 -28.46
C ASP C 544 -32.91 -19.79 -28.54
N ASP C 545 -31.59 -19.81 -28.42
CA ASP C 545 -30.80 -18.59 -28.51
C ASP C 545 -30.93 -17.98 -29.89
N LEU C 546 -30.81 -18.82 -30.92
CA LEU C 546 -30.95 -18.37 -32.30
C LEU C 546 -32.36 -17.82 -32.56
N HIS C 547 -33.35 -18.44 -31.93
CA HIS C 547 -34.73 -18.04 -32.10
C HIS C 547 -34.96 -16.66 -31.47
N ASN C 548 -34.23 -16.39 -30.39
CA ASN C 548 -34.33 -15.10 -29.71
C ASN C 548 -33.67 -14.00 -30.52
N GLU C 549 -32.59 -14.34 -31.22
CA GLU C 549 -31.87 -13.38 -32.04
C GLU C 549 -32.66 -13.03 -33.29
N GLU C 550 -33.54 -13.94 -33.70
CA GLU C 550 -34.34 -13.77 -34.90
C GLU C 550 -35.38 -12.66 -34.73
N LYS C 551 -35.69 -12.33 -33.48
CA LYS C 551 -36.75 -11.38 -33.18
C LYS C 551 -36.42 -9.95 -33.58
N ILE C 552 -35.24 -9.75 -34.15
CA ILE C 552 -34.85 -8.43 -34.65
C ILE C 552 -35.61 -8.12 -35.94
N THR C 553 -36.07 -9.17 -36.62
CA THR C 553 -36.79 -9.02 -37.87
C THR C 553 -38.12 -8.30 -37.68
N GLN C 554 -38.60 -8.26 -36.44
CA GLN C 554 -39.85 -7.58 -36.11
C GLN C 554 -39.73 -6.08 -36.35
N GLN C 555 -38.51 -5.56 -36.25
CA GLN C 555 -38.27 -4.14 -36.41
C GLN C 555 -37.86 -3.79 -37.83
N MET C 556 -37.90 -4.78 -38.71
CA MET C 556 -37.49 -4.59 -40.10
C MET C 556 -38.68 -4.39 -41.02
N ASP C 557 -38.44 -3.67 -42.12
CA ASP C 557 -39.46 -3.47 -43.14
C ASP C 557 -39.84 -4.81 -43.78
N PRO C 558 -41.10 -4.94 -44.22
CA PRO C 558 -41.62 -6.18 -44.81
C PRO C 558 -40.72 -6.78 -45.89
N GLU C 559 -40.16 -5.93 -46.75
CA GLU C 559 -39.28 -6.40 -47.81
C GLU C 559 -37.93 -6.79 -47.22
N HIS C 560 -37.50 -6.03 -46.22
CA HIS C 560 -36.25 -6.32 -45.52
C HIS C 560 -36.42 -7.55 -44.64
N ARG C 561 -37.60 -7.67 -44.03
CA ARG C 561 -37.90 -8.78 -43.14
C ARG C 561 -37.83 -10.12 -43.87
N GLN C 562 -38.25 -10.11 -45.13
CA GLN C 562 -38.26 -11.34 -45.93
C GLN C 562 -36.85 -11.84 -46.20
N LEU C 563 -35.94 -10.93 -46.52
CA LEU C 563 -34.55 -11.29 -46.79
C LEU C 563 -33.87 -11.81 -45.53
N ALA C 564 -34.17 -11.16 -44.40
CA ALA C 564 -33.57 -11.54 -43.14
C ALA C 564 -34.07 -12.91 -42.67
N ASN C 565 -35.37 -13.13 -42.84
CA ASN C 565 -35.98 -14.41 -42.45
C ASN C 565 -35.38 -15.58 -43.20
N ALA C 566 -34.87 -15.30 -44.40
CA ALA C 566 -34.25 -16.33 -45.21
C ALA C 566 -32.83 -16.62 -44.73
N ILE C 567 -32.20 -15.63 -44.12
CA ILE C 567 -30.84 -15.80 -43.62
C ILE C 567 -30.83 -16.61 -42.32
N PHE C 568 -31.74 -16.28 -41.41
CA PHE C 568 -31.82 -16.98 -40.13
C PHE C 568 -32.28 -18.42 -40.30
N LYS C 569 -33.36 -18.61 -41.06
CA LYS C 569 -33.94 -19.93 -41.23
C LYS C 569 -33.05 -20.87 -42.04
N LEU C 570 -32.53 -20.38 -43.16
CA LEU C 570 -31.90 -21.26 -44.14
C LEU C 570 -30.37 -21.30 -44.05
N THR C 571 -29.78 -20.32 -43.37
CA THR C 571 -28.33 -20.27 -43.28
C THR C 571 -27.83 -20.34 -41.83
N TYR C 572 -28.67 -19.94 -40.89
CA TYR C 572 -28.28 -19.95 -39.48
C TYR C 572 -28.90 -21.12 -38.72
N GLN C 573 -30.22 -21.19 -38.72
CA GLN C 573 -30.93 -22.27 -38.04
C GLN C 573 -30.70 -23.61 -38.74
N ASN C 574 -30.23 -23.54 -39.98
CA ASN C 574 -29.84 -24.72 -40.74
C ASN C 574 -28.61 -24.42 -41.58
N LYS C 575 -27.61 -25.28 -41.51
CA LYS C 575 -26.34 -25.01 -42.17
C LYS C 575 -25.70 -26.25 -42.76
N VAL C 576 -25.13 -26.11 -43.95
CA VAL C 576 -24.41 -27.19 -44.60
C VAL C 576 -22.92 -26.91 -44.60
N VAL C 577 -22.14 -27.84 -44.03
CA VAL C 577 -20.72 -27.62 -43.85
C VAL C 577 -19.87 -28.70 -44.53
N LYS C 578 -18.78 -28.27 -45.15
CA LYS C 578 -17.80 -29.21 -45.72
C LYS C 578 -16.58 -29.33 -44.82
N VAL C 579 -16.15 -30.56 -44.59
CA VAL C 579 -14.99 -30.83 -43.75
C VAL C 579 -14.18 -32.01 -44.28
N GLN C 580 -12.88 -31.80 -44.44
CA GLN C 580 -12.00 -32.83 -44.99
C GLN C 580 -11.72 -33.93 -43.96
N ARG C 581 -11.72 -35.17 -44.42
CA ARG C 581 -11.50 -36.32 -43.54
C ARG C 581 -10.61 -37.37 -44.19
N PRO C 582 -9.58 -37.82 -43.46
CA PRO C 582 -8.65 -38.84 -43.97
C PRO C 582 -9.25 -40.25 -43.97
N THR C 583 -9.02 -40.99 -45.05
CA THR C 583 -9.49 -42.35 -45.18
C THR C 583 -8.36 -43.26 -45.64
N PRO C 584 -8.47 -44.58 -45.41
CA PRO C 584 -7.44 -45.50 -45.90
C PRO C 584 -7.30 -45.48 -47.42
N LYS C 585 -8.35 -45.07 -48.12
CA LYS C 585 -8.29 -44.94 -49.57
C LYS C 585 -7.64 -43.62 -49.98
N GLY C 586 -7.92 -42.57 -49.21
CA GLY C 586 -7.37 -41.25 -49.49
C GLY C 586 -8.01 -40.19 -48.63
N THR C 587 -8.25 -39.02 -49.21
CA THR C 587 -8.88 -37.92 -48.49
C THR C 587 -10.24 -37.59 -49.09
N VAL C 588 -11.26 -37.53 -48.25
CA VAL C 588 -12.61 -37.25 -48.72
C VAL C 588 -13.19 -36.00 -48.08
N MET C 589 -14.21 -35.43 -48.72
CA MET C 589 -14.89 -34.24 -48.22
C MET C 589 -16.30 -34.58 -47.78
N ASP C 590 -16.57 -34.46 -46.48
CA ASP C 590 -17.85 -34.84 -45.93
C ASP C 590 -18.89 -33.73 -46.01
N ILE C 591 -20.15 -34.11 -45.95
CA ILE C 591 -21.25 -33.15 -45.96
C ILE C 591 -22.12 -33.32 -44.73
N ILE C 592 -21.99 -32.40 -43.79
CA ILE C 592 -22.71 -32.48 -42.53
C ILE C 592 -23.64 -31.29 -42.30
N SER C 593 -24.51 -31.41 -41.30
CA SER C 593 -25.48 -30.35 -41.02
C SER C 593 -26.07 -30.46 -39.62
N ARG C 594 -26.31 -29.30 -39.00
CA ARG C 594 -27.02 -29.24 -37.73
C ARG C 594 -27.73 -27.90 -37.58
N LYS C 595 -28.33 -27.66 -36.42
CA LYS C 595 -29.18 -26.50 -36.24
C LYS C 595 -28.66 -25.48 -35.23
N ASP C 596 -28.22 -25.97 -34.07
CA ASP C 596 -28.00 -25.12 -32.91
C ASP C 596 -26.76 -24.22 -32.98
N GLN C 597 -25.63 -24.80 -33.38
CA GLN C 597 -24.35 -24.09 -33.29
C GLN C 597 -24.27 -22.84 -34.17
N ARG C 598 -23.22 -22.05 -33.95
CA ARG C 598 -23.03 -20.79 -34.64
C ARG C 598 -21.77 -20.78 -35.50
N GLY C 599 -21.86 -20.17 -36.68
CA GLY C 599 -20.70 -19.98 -37.53
C GLY C 599 -19.81 -18.88 -36.97
N SER C 600 -18.52 -19.18 -36.79
CA SER C 600 -17.61 -18.23 -36.18
C SER C 600 -17.08 -17.21 -37.18
N GLY C 601 -17.05 -17.59 -38.45
CA GLY C 601 -16.52 -16.72 -39.49
C GLY C 601 -17.58 -15.96 -40.26
N GLN C 602 -18.84 -16.20 -39.92
CA GLN C 602 -19.95 -15.55 -40.61
C GLN C 602 -20.05 -14.08 -40.21
N VAL C 603 -20.91 -13.34 -40.92
CA VAL C 603 -21.00 -11.90 -40.74
C VAL C 603 -21.53 -11.49 -39.37
N GLY C 604 -22.69 -12.03 -39.00
CA GLY C 604 -23.32 -11.66 -37.74
C GLY C 604 -22.79 -12.41 -36.54
N THR C 605 -21.50 -12.74 -36.56
CA THR C 605 -20.87 -13.46 -35.47
C THR C 605 -20.71 -12.57 -34.23
N TYR C 606 -19.94 -11.50 -34.39
CA TYR C 606 -19.64 -10.61 -33.28
C TYR C 606 -20.89 -9.93 -32.72
N GLY C 607 -21.82 -9.61 -33.60
CA GLY C 607 -23.04 -8.93 -33.20
C GLY C 607 -23.94 -9.78 -32.34
N LEU C 608 -24.39 -10.91 -32.89
CA LEU C 608 -25.34 -11.78 -32.21
C LEU C 608 -24.76 -12.40 -30.95
N ASN C 609 -23.46 -12.69 -30.97
CA ASN C 609 -22.80 -13.23 -29.79
C ASN C 609 -22.77 -12.22 -28.66
N THR C 610 -22.61 -10.95 -29.01
CA THR C 610 -22.63 -9.88 -28.02
C THR C 610 -24.03 -9.75 -27.44
N PHE C 611 -25.03 -9.86 -28.30
CA PHE C 611 -26.43 -9.79 -27.88
C PHE C 611 -26.76 -10.93 -26.92
N THR C 612 -26.50 -12.16 -27.35
CA THR C 612 -26.79 -13.34 -26.55
C THR C 612 -26.08 -13.30 -25.21
N ASN C 613 -24.85 -12.81 -25.23
CA ASN C 613 -24.08 -12.69 -23.99
C ASN C 613 -24.68 -11.63 -23.08
N MET C 614 -25.11 -10.52 -23.66
CA MET C 614 -25.75 -9.45 -22.90
C MET C 614 -27.02 -9.95 -22.22
N GLU C 615 -27.76 -10.79 -22.94
CA GLU C 615 -28.96 -11.40 -22.40
C GLU C 615 -28.61 -12.38 -21.29
N ALA C 616 -27.61 -13.21 -21.52
CA ALA C 616 -27.23 -14.25 -20.58
C ALA C 616 -26.74 -13.66 -19.26
N GLN C 617 -25.89 -12.65 -19.34
CA GLN C 617 -25.33 -12.04 -18.15
C GLN C 617 -26.39 -11.32 -17.34
N LEU C 618 -27.38 -10.74 -18.02
CA LEU C 618 -28.50 -10.11 -17.33
C LEU C 618 -29.27 -11.15 -16.52
N ILE C 619 -29.53 -12.30 -17.14
CA ILE C 619 -30.26 -13.38 -16.49
C ILE C 619 -29.53 -13.85 -15.24
N ARG C 620 -28.20 -13.93 -15.32
CA ARG C 620 -27.42 -14.37 -14.17
C ARG C 620 -27.45 -13.34 -13.05
N GLN C 621 -27.60 -12.08 -13.41
CA GLN C 621 -27.72 -11.02 -12.41
C GLN C 621 -29.08 -11.12 -11.70
N MET C 622 -30.10 -11.52 -12.45
CA MET C 622 -31.42 -11.74 -11.87
C MET C 622 -31.38 -12.86 -10.85
N GLU C 623 -30.67 -13.93 -11.19
CA GLU C 623 -30.54 -15.09 -10.31
C GLU C 623 -29.84 -14.70 -9.02
N GLY C 624 -28.86 -13.81 -9.12
CA GLY C 624 -28.12 -13.36 -7.96
C GLY C 624 -28.94 -12.45 -7.07
N GLU C 625 -29.83 -11.68 -7.68
CA GLU C 625 -30.66 -10.73 -6.95
C GLU C 625 -31.95 -11.37 -6.45
N GLY C 626 -32.08 -12.67 -6.66
CA GLY C 626 -33.22 -13.42 -6.14
C GLY C 626 -34.50 -13.24 -6.95
N VAL C 627 -34.37 -12.62 -8.12
CA VAL C 627 -35.53 -12.44 -9.00
C VAL C 627 -35.98 -13.78 -9.56
N LEU C 628 -35.00 -14.59 -9.95
CA LEU C 628 -35.28 -15.93 -10.46
C LEU C 628 -34.86 -16.97 -9.45
N SER C 629 -35.66 -18.02 -9.31
CA SER C 629 -35.35 -19.11 -8.39
C SER C 629 -35.14 -20.40 -9.16
N LYS C 630 -34.70 -21.44 -8.47
CA LYS C 630 -34.54 -22.76 -9.07
C LYS C 630 -35.88 -23.28 -9.55
N ALA C 631 -36.93 -22.93 -8.81
CA ALA C 631 -38.28 -23.34 -9.16
C ALA C 631 -38.74 -22.67 -10.45
N ASP C 632 -38.46 -21.37 -10.57
CA ASP C 632 -38.87 -20.60 -11.73
C ASP C 632 -38.19 -21.10 -13.01
N LEU C 633 -36.96 -21.55 -12.89
CA LEU C 633 -36.22 -22.06 -14.05
C LEU C 633 -36.78 -23.39 -14.52
N GLU C 634 -37.39 -24.14 -13.59
CA GLU C 634 -37.96 -25.43 -13.91
C GLU C 634 -39.43 -25.30 -14.27
N ASN C 635 -40.10 -24.32 -13.66
CA ASN C 635 -41.51 -24.08 -13.91
C ASN C 635 -41.74 -23.42 -15.27
N PRO C 636 -42.48 -24.10 -16.15
CA PRO C 636 -42.77 -23.58 -17.49
C PRO C 636 -43.66 -22.34 -17.49
N HIS C 637 -44.15 -21.95 -16.32
CA HIS C 637 -45.01 -20.77 -16.20
C HIS C 637 -44.54 -19.84 -15.09
N PRO C 638 -43.48 -19.07 -15.34
CA PRO C 638 -42.99 -18.08 -14.36
C PRO C 638 -43.68 -16.73 -14.53
N LEU C 639 -43.84 -16.00 -13.42
CA LEU C 639 -44.47 -14.70 -13.46
C LEU C 639 -43.65 -13.69 -14.26
N GLU C 640 -44.23 -13.19 -15.34
CA GLU C 640 -43.54 -12.25 -16.21
C GLU C 640 -43.48 -10.86 -15.61
N LYS C 641 -44.33 -10.61 -14.61
CA LYS C 641 -44.43 -9.28 -14.01
C LYS C 641 -43.14 -8.91 -13.28
N LYS C 642 -42.66 -9.81 -12.43
CA LYS C 642 -41.48 -9.55 -11.62
C LYS C 642 -40.23 -9.41 -12.49
N ILE C 643 -40.26 -10.03 -13.67
CA ILE C 643 -39.14 -9.96 -14.59
C ILE C 643 -39.18 -8.67 -15.39
N THR C 644 -40.35 -8.34 -15.91
CA THR C 644 -40.52 -7.13 -16.69
C THR C 644 -40.30 -5.89 -15.82
N GLN C 645 -40.76 -5.96 -14.58
CA GLN C 645 -40.60 -4.85 -13.63
C GLN C 645 -39.13 -4.60 -13.34
N TRP C 646 -38.35 -5.68 -13.38
CA TRP C 646 -36.92 -5.59 -13.08
C TRP C 646 -36.15 -5.02 -14.27
N LEU C 647 -36.67 -5.25 -15.46
CA LEU C 647 -36.01 -4.81 -16.68
C LEU C 647 -36.30 -3.35 -17.01
N GLU C 648 -37.55 -2.95 -16.82
CA GLU C 648 -37.96 -1.59 -17.19
C GLU C 648 -37.46 -0.55 -16.18
N THR C 649 -36.97 -1.02 -15.04
CA THR C 649 -36.51 -0.11 -14.00
C THR C 649 -35.02 -0.22 -13.75
N LYS C 650 -34.52 -1.45 -13.59
CA LYS C 650 -33.13 -1.67 -13.25
C LYS C 650 -32.32 -2.17 -14.44
N GLY C 651 -33.01 -2.55 -15.51
CA GLY C 651 -32.37 -3.15 -16.67
C GLY C 651 -31.25 -2.34 -17.28
N VAL C 652 -31.51 -1.07 -17.55
CA VAL C 652 -30.52 -0.20 -18.16
C VAL C 652 -29.31 -0.03 -17.26
N GLU C 653 -29.55 0.08 -15.96
CA GLU C 653 -28.48 0.27 -14.98
C GLU C 653 -27.58 -0.96 -14.92
N ARG C 654 -28.19 -2.14 -14.99
CA ARG C 654 -27.43 -3.39 -14.95
C ARG C 654 -26.59 -3.54 -16.21
N LEU C 655 -27.08 -2.99 -17.31
CA LEU C 655 -26.36 -3.03 -18.57
C LEU C 655 -25.11 -2.17 -18.50
N LYS C 656 -25.20 -1.05 -17.81
CA LYS C 656 -24.07 -0.14 -17.68
C LYS C 656 -22.97 -0.74 -16.81
N ARG C 657 -23.35 -1.73 -16.00
CA ARG C 657 -22.41 -2.38 -15.10
C ARG C 657 -21.55 -3.42 -15.83
N MET C 658 -21.80 -3.59 -17.13
CA MET C 658 -21.14 -4.64 -17.88
C MET C 658 -20.38 -4.12 -19.09
N ALA C 659 -19.33 -4.84 -19.46
CA ALA C 659 -18.58 -4.56 -20.68
C ALA C 659 -18.43 -5.86 -21.46
N ILE C 660 -19.18 -5.97 -22.56
CA ILE C 660 -19.26 -7.22 -23.28
C ILE C 660 -18.84 -7.11 -24.74
N SER C 661 -17.88 -7.94 -25.13
CA SER C 661 -17.41 -8.00 -26.50
C SER C 661 -17.32 -9.45 -26.96
N GLY C 662 -18.32 -9.89 -27.72
CA GLY C 662 -18.38 -11.26 -28.18
C GLY C 662 -18.70 -12.22 -27.06
N ASP C 663 -17.75 -13.08 -26.73
CA ASP C 663 -17.93 -14.04 -25.64
C ASP C 663 -17.33 -13.52 -24.35
N ASP C 664 -16.33 -12.65 -24.46
CA ASP C 664 -15.70 -12.06 -23.29
C ASP C 664 -16.63 -11.06 -22.63
N CYS C 665 -16.62 -11.04 -21.30
CA CYS C 665 -17.53 -10.18 -20.55
C CYS C 665 -16.95 -9.79 -19.21
N VAL C 666 -17.27 -8.58 -18.76
CA VAL C 666 -16.85 -8.10 -17.45
C VAL C 666 -18.04 -7.49 -16.72
N VAL C 667 -18.43 -8.11 -15.61
CA VAL C 667 -19.62 -7.69 -14.89
C VAL C 667 -19.33 -7.32 -13.44
N LYS C 668 -19.78 -6.14 -13.02
CA LYS C 668 -19.68 -5.74 -11.62
C LYS C 668 -21.07 -5.54 -11.03
N PRO C 669 -21.66 -6.61 -10.51
CA PRO C 669 -23.03 -6.64 -9.97
C PRO C 669 -23.18 -5.83 -8.69
N ILE C 670 -24.40 -5.78 -8.15
CA ILE C 670 -24.67 -5.02 -6.95
C ILE C 670 -24.16 -5.72 -5.71
N ASP C 671 -23.90 -7.01 -5.83
CA ASP C 671 -23.38 -7.79 -4.70
C ASP C 671 -22.66 -9.04 -5.21
N ASP C 672 -22.09 -9.80 -4.28
CA ASP C 672 -21.31 -10.97 -4.66
C ASP C 672 -22.15 -12.25 -4.68
N ARG C 673 -23.47 -12.09 -4.70
CA ARG C 673 -24.37 -13.23 -4.85
C ARG C 673 -24.31 -13.74 -6.28
N PHE C 674 -23.78 -12.89 -7.17
CA PHE C 674 -23.59 -13.22 -8.57
C PHE C 674 -22.67 -14.42 -8.74
N ALA C 675 -21.75 -14.60 -7.80
CA ALA C 675 -20.77 -15.67 -7.86
C ALA C 675 -21.43 -17.05 -7.69
N ASN C 676 -22.43 -17.11 -6.82
CA ASN C 676 -23.12 -18.37 -6.54
C ASN C 676 -24.35 -18.56 -7.42
N ALA C 677 -24.47 -17.74 -8.45
CA ALA C 677 -25.58 -17.84 -9.40
C ALA C 677 -25.15 -18.58 -10.66
N LEU C 678 -25.31 -19.90 -10.66
CA LEU C 678 -24.81 -20.73 -11.75
C LEU C 678 -25.89 -21.60 -12.36
N LEU C 679 -27.08 -21.59 -11.76
CA LEU C 679 -28.16 -22.46 -12.20
C LEU C 679 -28.61 -22.12 -13.61
N ALA C 680 -28.95 -20.86 -13.82
CA ALA C 680 -29.47 -20.41 -15.10
C ALA C 680 -28.36 -20.33 -16.15
N LEU C 681 -27.14 -20.08 -15.69
CA LEU C 681 -26.01 -19.95 -16.59
C LEU C 681 -25.68 -21.27 -17.27
N ASN C 682 -25.66 -22.35 -16.49
CA ASN C 682 -25.37 -23.67 -17.02
C ASN C 682 -26.52 -24.22 -17.84
N ASP C 683 -27.75 -23.84 -17.48
CA ASP C 683 -28.94 -24.34 -18.15
C ASP C 683 -29.07 -23.75 -19.55
N MET C 684 -28.56 -22.54 -19.74
CA MET C 684 -28.57 -21.91 -21.05
C MET C 684 -27.51 -22.52 -21.95
N GLY C 685 -26.61 -23.28 -21.34
CA GLY C 685 -25.55 -23.95 -22.08
C GLY C 685 -24.23 -23.22 -22.00
N LYS C 686 -24.24 -22.04 -21.39
CA LYS C 686 -23.04 -21.23 -21.29
C LYS C 686 -22.16 -21.67 -20.12
N VAL C 687 -21.45 -22.78 -20.30
CA VAL C 687 -20.59 -23.31 -19.25
C VAL C 687 -19.24 -22.62 -19.24
N ARG C 688 -18.79 -22.23 -18.06
CA ARG C 688 -17.51 -21.54 -17.90
C ARG C 688 -16.34 -22.45 -18.25
N LYS C 689 -15.17 -21.85 -18.45
CA LYS C 689 -13.98 -22.58 -18.87
C LYS C 689 -13.03 -22.89 -17.71
N ASP C 690 -12.56 -24.13 -17.67
CA ASP C 690 -11.56 -24.57 -16.70
C ASP C 690 -12.00 -24.36 -15.25
N ILE C 691 -13.24 -24.73 -14.97
CA ILE C 691 -13.80 -24.60 -13.62
C ILE C 691 -15.09 -25.42 -13.51
N PRO C 692 -15.21 -26.21 -12.43
CA PRO C 692 -16.41 -27.03 -12.17
C PRO C 692 -17.70 -26.24 -12.32
N GLN C 693 -18.73 -26.87 -12.87
CA GLN C 693 -19.98 -26.20 -13.17
C GLN C 693 -20.69 -25.67 -11.92
N TRP C 694 -20.38 -26.25 -10.77
CA TRP C 694 -21.05 -25.87 -9.54
C TRP C 694 -20.08 -25.26 -8.53
N GLN C 695 -19.00 -24.66 -9.03
CA GLN C 695 -18.08 -23.94 -8.17
C GLN C 695 -18.22 -22.44 -8.39
N PRO C 696 -18.40 -21.67 -7.30
CA PRO C 696 -18.58 -20.22 -7.34
C PRO C 696 -17.45 -19.51 -8.06
N SER C 697 -17.80 -18.49 -8.85
CA SER C 697 -16.82 -17.75 -9.62
C SER C 697 -16.01 -16.82 -8.74
N LYS C 698 -14.72 -16.66 -9.09
CA LYS C 698 -13.84 -15.76 -8.36
C LYS C 698 -13.88 -14.37 -9.00
N GLY C 699 -13.80 -13.34 -8.16
CA GLY C 699 -13.86 -11.97 -8.65
C GLY C 699 -12.67 -11.14 -8.26
N TRP C 700 -12.47 -10.04 -8.97
CA TRP C 700 -11.37 -9.13 -8.68
C TRP C 700 -11.89 -7.79 -8.15
N HIS C 701 -11.23 -7.27 -7.12
CA HIS C 701 -11.59 -5.96 -6.59
C HIS C 701 -10.71 -4.89 -7.21
N ASP C 702 -9.71 -5.33 -7.97
CA ASP C 702 -8.83 -4.41 -8.68
C ASP C 702 -9.07 -4.51 -10.19
N TRP C 703 -9.42 -3.38 -10.80
CA TRP C 703 -9.74 -3.35 -12.22
C TRP C 703 -8.52 -3.63 -13.08
N GLN C 704 -7.35 -3.49 -12.51
CA GLN C 704 -6.10 -3.71 -13.23
C GLN C 704 -5.79 -5.19 -13.38
N GLN C 705 -6.49 -6.02 -12.60
CA GLN C 705 -6.28 -7.46 -12.64
C GLN C 705 -7.39 -8.16 -13.40
N VAL C 706 -8.31 -7.38 -13.96
CA VAL C 706 -9.46 -7.94 -14.66
C VAL C 706 -9.14 -8.23 -16.13
N PRO C 707 -9.23 -9.51 -16.52
CA PRO C 707 -8.98 -9.93 -17.90
C PRO C 707 -10.15 -9.61 -18.82
N PHE C 708 -9.85 -9.02 -19.97
CA PHE C 708 -10.87 -8.67 -20.94
C PHE C 708 -10.27 -8.59 -22.34
N CYS C 709 -10.87 -9.31 -23.28
CA CYS C 709 -10.36 -9.42 -24.65
C CYS C 709 -8.91 -9.86 -24.66
N SER C 710 -8.62 -10.90 -23.86
CA SER C 710 -7.27 -11.45 -23.73
C SER C 710 -6.26 -10.37 -23.31
N HIS C 711 -6.72 -9.41 -22.52
CA HIS C 711 -5.88 -8.31 -22.08
C HIS C 711 -6.20 -7.85 -20.67
N HIS C 712 -5.17 -7.45 -19.93
CA HIS C 712 -5.36 -6.73 -18.68
C HIS C 712 -4.84 -5.32 -18.87
N PHE C 713 -5.10 -4.43 -17.91
CA PHE C 713 -4.76 -3.03 -18.10
C PHE C 713 -4.07 -2.43 -16.87
N HIS C 714 -3.01 -1.67 -17.11
CA HIS C 714 -2.28 -1.01 -16.03
C HIS C 714 -2.51 0.49 -16.05
N GLU C 715 -2.25 1.15 -14.92
CA GLU C 715 -2.36 2.60 -14.84
C GLU C 715 -0.99 3.23 -14.69
N LEU C 716 -0.58 3.99 -15.71
CA LEU C 716 0.75 4.61 -15.70
C LEU C 716 0.67 6.10 -15.39
N ILE C 717 1.73 6.61 -14.77
CA ILE C 717 1.82 8.03 -14.44
C ILE C 717 2.99 8.66 -15.17
N MET C 718 2.70 9.61 -16.05
CA MET C 718 3.73 10.27 -16.83
C MET C 718 4.59 11.18 -15.96
N LYS C 719 5.66 11.72 -16.55
CA LYS C 719 6.57 12.60 -15.83
C LYS C 719 5.91 13.90 -15.43
N ASP C 720 4.98 14.37 -16.27
CA ASP C 720 4.28 15.63 -16.00
C ASP C 720 3.23 15.45 -14.91
N GLY C 721 2.88 14.20 -14.63
CA GLY C 721 1.93 13.89 -13.58
C GLY C 721 0.61 13.35 -14.10
N ARG C 722 0.45 13.35 -15.43
CA ARG C 722 -0.77 12.86 -16.04
C ARG C 722 -0.84 11.34 -16.01
N LYS C 723 -2.06 10.81 -16.04
CA LYS C 723 -2.27 9.37 -15.95
C LYS C 723 -2.58 8.74 -17.29
N LEU C 724 -2.12 7.51 -17.48
CA LEU C 724 -2.40 6.76 -18.70
C LEU C 724 -2.82 5.33 -18.37
N VAL C 725 -3.84 4.84 -19.07
CA VAL C 725 -4.27 3.46 -18.92
C VAL C 725 -3.91 2.66 -20.16
N VAL C 726 -2.94 1.76 -20.01
CA VAL C 726 -2.41 1.03 -21.15
C VAL C 726 -2.80 -0.44 -21.14
N PRO C 727 -3.04 -1.01 -22.33
CA PRO C 727 -3.34 -2.44 -22.47
C PRO C 727 -2.10 -3.30 -22.32
N CYS C 728 -2.27 -4.50 -21.78
CA CYS C 728 -1.14 -5.39 -21.54
C CYS C 728 -1.55 -6.86 -21.56
N ARG C 729 -0.57 -7.73 -21.78
CA ARG C 729 -0.78 -9.16 -21.82
C ARG C 729 0.58 -9.86 -21.74
N PRO C 730 0.60 -11.17 -21.44
CA PRO C 730 1.86 -11.92 -21.44
C PRO C 730 2.69 -11.70 -22.71
N GLN C 731 3.90 -11.19 -22.53
CA GLN C 731 4.76 -10.81 -23.65
C GLN C 731 5.05 -11.98 -24.59
N ASP C 732 5.03 -13.20 -24.05
CA ASP C 732 5.28 -14.39 -24.84
C ASP C 732 4.18 -14.64 -25.87
N GLU C 733 3.02 -14.04 -25.64
CA GLU C 733 1.88 -14.20 -26.55
C GLU C 733 2.02 -13.28 -27.76
N LEU C 734 2.39 -12.03 -27.53
CA LEU C 734 2.53 -11.05 -28.60
C LEU C 734 3.65 -11.41 -29.56
N ILE C 735 4.81 -11.72 -28.99
CA ILE C 735 5.98 -12.06 -29.78
C ILE C 735 5.79 -13.37 -30.53
N GLY C 736 5.10 -14.31 -29.88
CA GLY C 736 4.80 -15.59 -30.48
C GLY C 736 3.95 -15.44 -31.73
N ARG C 737 2.94 -14.58 -31.64
CA ARG C 737 2.07 -14.31 -32.77
C ARG C 737 2.78 -13.49 -33.85
N ALA C 738 3.64 -12.58 -33.41
CA ALA C 738 4.36 -11.70 -34.33
C ALA C 738 5.31 -12.49 -35.24
N ARG C 739 5.74 -13.64 -34.76
CA ARG C 739 6.64 -14.49 -35.53
C ARG C 739 5.86 -15.43 -36.46
N ILE C 740 4.55 -15.24 -36.51
CA ILE C 740 3.70 -16.07 -37.35
C ILE C 740 3.23 -15.35 -38.60
N SER C 741 3.60 -15.88 -39.75
CA SER C 741 3.13 -15.36 -41.03
C SER C 741 1.95 -16.16 -41.53
N GLN C 742 0.74 -15.64 -41.32
CA GLN C 742 -0.48 -16.32 -41.73
C GLN C 742 -0.53 -16.53 -43.23
N GLY C 743 -0.59 -17.79 -43.64
CA GLY C 743 -0.59 -18.12 -45.06
C GLY C 743 0.78 -18.54 -45.53
N ALA C 744 0.88 -18.96 -46.79
CA ALA C 744 2.15 -19.39 -47.36
C ALA C 744 2.39 -18.72 -48.70
N GLY C 745 3.61 -18.89 -49.23
CA GLY C 745 3.97 -18.33 -50.51
C GLY C 745 4.05 -16.81 -50.48
N TRP C 746 4.42 -16.27 -49.32
CA TRP C 746 4.55 -14.82 -49.18
C TRP C 746 5.96 -14.35 -49.52
N SER C 747 6.03 -13.21 -50.19
CA SER C 747 7.31 -12.62 -50.57
C SER C 747 7.98 -11.99 -49.36
N LEU C 748 9.22 -11.53 -49.55
CA LEU C 748 9.97 -10.88 -48.49
C LEU C 748 9.32 -9.56 -48.10
N ARG C 749 8.67 -8.92 -49.07
CA ARG C 749 8.03 -7.63 -48.85
C ARG C 749 6.82 -7.75 -47.92
N GLU C 750 5.94 -8.69 -48.22
CA GLU C 750 4.73 -8.89 -47.42
C GLU C 750 5.05 -9.30 -45.99
N THR C 751 6.07 -10.12 -45.82
CA THR C 751 6.48 -10.56 -44.49
C THR C 751 7.14 -9.41 -43.73
N ALA C 752 7.77 -8.50 -44.47
CA ALA C 752 8.39 -7.32 -43.86
C ALA C 752 7.30 -6.30 -43.50
N CYS C 753 6.31 -6.17 -44.36
CA CYS C 753 5.18 -5.29 -44.09
C CYS C 753 4.36 -5.82 -42.93
N LEU C 754 4.32 -7.14 -42.79
CA LEU C 754 3.66 -7.78 -41.66
C LEU C 754 4.43 -7.49 -40.38
N GLY C 755 5.76 -7.52 -40.47
CA GLY C 755 6.61 -7.23 -39.32
C GLY C 755 6.54 -5.78 -38.93
N LYS C 756 6.42 -4.90 -39.92
CA LYS C 756 6.32 -3.48 -39.67
C LYS C 756 4.99 -3.13 -39.01
N ALA C 757 3.94 -3.84 -39.41
CA ALA C 757 2.61 -3.63 -38.84
C ALA C 757 2.61 -3.99 -37.36
N TYR C 758 3.18 -5.15 -37.03
CA TYR C 758 3.27 -5.57 -35.65
C TYR C 758 4.19 -4.66 -34.85
N ALA C 759 5.20 -4.12 -35.52
CA ALA C 759 6.15 -3.22 -34.88
C ALA C 759 5.48 -1.90 -34.51
N GLN C 760 4.66 -1.39 -35.42
CA GLN C 760 3.95 -0.14 -35.18
C GLN C 760 2.81 -0.34 -34.19
N MET C 761 2.39 -1.60 -34.01
CA MET C 761 1.35 -1.91 -33.04
C MET C 761 1.89 -1.81 -31.63
N TRP C 762 3.10 -2.33 -31.43
CA TRP C 762 3.75 -2.31 -30.13
C TRP C 762 4.07 -0.89 -29.69
N ALA C 763 4.26 0.00 -30.65
CA ALA C 763 4.59 1.38 -30.35
C ALA C 763 3.40 2.14 -29.79
N LEU C 764 2.20 1.68 -30.10
CA LEU C 764 0.99 2.38 -29.68
C LEU C 764 0.29 1.70 -28.50
N MET C 765 0.37 0.38 -28.45
CA MET C 765 -0.36 -0.38 -27.45
C MET C 765 0.54 -0.91 -26.34
N TYR C 766 1.72 -1.40 -26.71
CA TYR C 766 2.59 -2.04 -25.74
C TYR C 766 3.94 -1.35 -25.63
N PHE C 767 3.93 -0.02 -25.75
CA PHE C 767 5.16 0.77 -25.65
C PHE C 767 5.74 0.72 -24.26
N HIS C 768 4.87 0.47 -23.27
CA HIS C 768 5.29 0.39 -21.88
C HIS C 768 6.20 -0.80 -21.62
N ARG C 769 6.15 -1.78 -22.51
CA ARG C 769 7.04 -2.94 -22.42
C ARG C 769 8.42 -2.59 -22.96
N ARG C 770 9.44 -2.76 -22.13
CA ARG C 770 10.80 -2.38 -22.50
C ARG C 770 11.35 -3.22 -23.64
N ASP C 771 11.02 -4.51 -23.64
CA ASP C 771 11.51 -5.42 -24.67
C ASP C 771 10.80 -5.19 -26.00
N LEU C 772 9.54 -4.78 -25.93
CA LEU C 772 8.73 -4.63 -27.14
C LEU C 772 9.01 -3.32 -27.87
N ARG C 773 9.23 -2.25 -27.11
CA ARG C 773 9.52 -0.95 -27.73
C ARG C 773 10.89 -0.99 -28.39
N LEU C 774 11.81 -1.70 -27.77
CA LEU C 774 13.15 -1.85 -28.31
C LEU C 774 13.10 -2.67 -29.60
N ALA C 775 12.28 -3.71 -29.59
CA ALA C 775 12.11 -4.56 -30.76
C ALA C 775 11.41 -3.82 -31.88
N SER C 776 10.43 -3.00 -31.51
CA SER C 776 9.68 -2.21 -32.48
C SER C 776 10.60 -1.23 -33.21
N ASN C 777 11.51 -0.62 -32.46
CA ASN C 777 12.48 0.29 -33.05
C ASN C 777 13.47 -0.44 -33.94
N ALA C 778 13.69 -1.71 -33.63
CA ALA C 778 14.62 -2.54 -34.40
C ALA C 778 14.00 -2.96 -35.72
N ILE C 779 12.73 -3.35 -35.68
CA ILE C 779 12.03 -3.78 -36.88
C ILE C 779 11.82 -2.62 -37.85
N CYS C 780 11.40 -1.48 -37.31
CA CYS C 780 11.18 -0.28 -38.13
C CYS C 780 12.48 0.21 -38.75
N SER C 781 13.59 -0.08 -38.10
CA SER C 781 14.90 0.33 -38.61
C SER C 781 15.36 -0.59 -39.74
N ALA C 782 14.95 -1.86 -39.67
CA ALA C 782 15.33 -2.84 -40.67
C ALA C 782 14.42 -2.75 -41.90
N VAL C 783 13.12 -2.66 -41.65
CA VAL C 783 12.14 -2.55 -42.72
C VAL C 783 12.20 -1.17 -43.37
N PRO C 784 12.23 -1.13 -44.72
CA PRO C 784 12.22 0.10 -45.51
C PRO C 784 11.15 1.09 -45.04
N VAL C 785 11.51 2.37 -45.03
CA VAL C 785 10.64 3.41 -44.48
C VAL C 785 9.36 3.60 -45.30
N HIS C 786 9.49 3.58 -46.61
CA HIS C 786 8.36 3.89 -47.49
C HIS C 786 7.49 2.67 -47.80
N TRP C 787 7.73 1.57 -47.09
CA TRP C 787 6.92 0.38 -47.28
C TRP C 787 5.68 0.41 -46.39
N VAL C 788 4.51 0.29 -47.02
CA VAL C 788 3.24 0.34 -46.31
C VAL C 788 2.87 -1.02 -45.73
N PRO C 789 2.62 -1.07 -44.41
CA PRO C 789 2.20 -2.30 -43.71
C PRO C 789 0.95 -2.91 -44.34
N THR C 790 0.87 -4.23 -44.31
CA THR C 790 -0.26 -4.94 -44.91
C THR C 790 -1.01 -5.79 -43.89
N SER C 791 -0.88 -7.11 -44.02
CA SER C 791 -1.52 -8.07 -43.11
C SER C 791 -3.04 -7.93 -43.09
N ARG C 792 -3.68 -8.66 -42.18
CA ARG C 792 -5.12 -8.58 -42.00
C ARG C 792 -5.44 -7.70 -40.81
N THR C 793 -4.62 -6.68 -40.63
CA THR C 793 -4.81 -5.67 -39.61
C THR C 793 -5.24 -4.37 -40.28
N THR C 794 -5.87 -3.47 -39.55
CA THR C 794 -6.33 -2.19 -40.11
C THR C 794 -6.44 -1.05 -39.09
N HIS C 795 -6.22 0.17 -39.58
CA HIS C 795 -6.45 1.42 -38.84
C HIS C 795 -5.47 1.71 -37.70
N GLN C 796 -5.36 2.99 -37.34
CA GLN C 796 -4.52 3.51 -36.26
C GLN C 796 -3.02 3.37 -36.56
N TRP C 797 -2.48 2.17 -36.42
CA TRP C 797 -1.04 1.96 -36.65
C TRP C 797 -0.77 1.36 -38.02
N MET C 798 -1.66 1.65 -38.97
CA MET C 798 -1.49 1.22 -40.34
C MET C 798 -1.18 2.42 -41.22
N THR C 799 0.00 3.00 -41.02
CA THR C 799 0.37 4.21 -41.73
C THR C 799 1.89 4.33 -41.82
N THR C 800 2.34 5.30 -42.62
CA THR C 800 3.76 5.55 -42.80
C THR C 800 4.20 6.79 -42.03
N GLU C 801 3.25 7.40 -41.31
CA GLU C 801 3.54 8.59 -40.53
C GLU C 801 4.46 8.26 -39.36
N ASP C 802 5.03 9.29 -38.76
CA ASP C 802 5.88 9.10 -37.59
C ASP C 802 5.05 8.61 -36.41
N MET C 803 5.56 7.59 -35.71
CA MET C 803 4.80 6.94 -34.66
C MET C 803 4.54 7.85 -33.46
N LEU C 804 5.50 8.71 -33.15
CA LEU C 804 5.34 9.65 -32.05
C LEU C 804 4.20 10.62 -32.34
N THR C 805 4.05 10.98 -33.61
CA THR C 805 2.96 11.84 -34.04
C THR C 805 1.62 11.15 -33.83
N VAL C 806 1.55 9.88 -34.22
CA VAL C 806 0.34 9.09 -34.08
C VAL C 806 0.03 8.85 -32.61
N TRP C 807 1.07 8.62 -31.82
CA TRP C 807 0.92 8.37 -30.39
C TRP C 807 0.24 9.54 -29.69
N ASN C 808 0.66 10.76 -30.02
CA ASN C 808 0.07 11.96 -29.43
C ASN C 808 -1.38 12.13 -29.85
N ARG C 809 -1.69 11.76 -31.09
CA ARG C 809 -3.03 11.91 -31.61
C ARG C 809 -3.98 10.90 -30.95
N VAL C 810 -3.42 9.79 -30.50
CA VAL C 810 -4.22 8.72 -29.91
C VAL C 810 -4.40 8.89 -28.40
N TRP C 811 -3.29 9.09 -27.70
CA TRP C 811 -3.30 9.09 -26.24
C TRP C 811 -3.50 10.47 -25.62
N ILE C 812 -3.41 11.52 -26.43
CA ILE C 812 -3.54 12.87 -25.91
C ILE C 812 -4.64 13.65 -26.59
N GLU C 813 -4.57 13.75 -27.92
CA GLU C 813 -5.51 14.54 -28.68
C GLU C 813 -6.92 13.94 -28.66
N ASP C 814 -7.06 12.75 -29.23
CA ASP C 814 -8.36 12.10 -29.34
C ASP C 814 -8.73 11.33 -28.08
N ASN C 815 -7.97 11.51 -27.02
CA ASN C 815 -8.23 10.84 -25.76
C ASN C 815 -9.22 11.63 -24.91
N PRO C 816 -10.43 11.09 -24.72
CA PRO C 816 -11.48 11.77 -23.97
C PRO C 816 -11.21 11.80 -22.47
N TRP C 817 -10.37 10.90 -21.98
CA TRP C 817 -10.03 10.88 -20.56
C TRP C 817 -8.80 11.73 -20.26
N MET C 818 -8.26 12.35 -21.30
CA MET C 818 -7.09 13.21 -21.14
C MET C 818 -7.48 14.68 -21.23
N GLU C 819 -7.61 15.33 -20.08
CA GLU C 819 -8.01 16.73 -20.04
C GLU C 819 -6.89 17.64 -20.54
N ASP C 820 -5.69 17.46 -20.00
CA ASP C 820 -4.55 18.25 -20.42
C ASP C 820 -4.06 17.79 -21.79
N LYS C 821 -4.29 18.64 -22.79
CA LYS C 821 -3.96 18.29 -24.17
C LYS C 821 -2.55 18.69 -24.55
N THR C 822 -1.69 18.84 -23.56
CA THR C 822 -0.29 19.20 -23.80
C THR C 822 0.44 18.05 -24.48
N PRO C 823 0.92 18.28 -25.71
CA PRO C 823 1.56 17.26 -26.54
C PRO C 823 2.86 16.73 -25.95
N VAL C 824 3.36 15.63 -26.53
CA VAL C 824 4.64 15.06 -26.12
C VAL C 824 5.63 15.10 -27.27
N THR C 825 6.75 15.77 -27.06
CA THR C 825 7.69 16.05 -28.15
C THR C 825 8.81 15.03 -28.27
N THR C 826 8.88 14.08 -27.35
CA THR C 826 9.94 13.08 -27.37
C THR C 826 9.49 11.73 -26.80
N TRP C 827 10.20 10.67 -27.17
CA TRP C 827 9.88 9.34 -26.70
C TRP C 827 10.34 9.10 -25.27
N GLU C 828 11.20 9.98 -24.77
CA GLU C 828 11.73 9.83 -23.42
C GLU C 828 10.68 10.21 -22.37
N ASP C 829 9.69 10.99 -22.78
CA ASP C 829 8.60 11.37 -21.89
C ASP C 829 7.52 10.30 -21.87
N VAL C 830 7.68 9.29 -22.72
CA VAL C 830 6.75 8.16 -22.76
C VAL C 830 7.21 7.09 -21.77
N PRO C 831 6.43 6.90 -20.69
CA PRO C 831 6.81 6.03 -19.57
C PRO C 831 6.65 4.54 -19.84
N TYR C 832 7.47 3.74 -19.19
CA TYR C 832 7.35 2.29 -19.24
C TYR C 832 6.58 1.79 -18.03
N LEU C 833 6.40 0.48 -17.96
CA LEU C 833 5.93 -0.16 -16.74
C LEU C 833 7.08 -0.21 -15.74
N GLY C 834 6.78 -0.58 -14.51
CA GLY C 834 7.83 -0.81 -13.53
C GLY C 834 8.60 -2.05 -13.93
N LYS C 835 9.89 -2.06 -13.66
CA LYS C 835 10.73 -3.23 -13.95
C LYS C 835 10.22 -4.42 -13.17
N ARG C 836 9.72 -4.16 -11.97
CA ARG C 836 9.08 -5.18 -11.13
C ARG C 836 7.78 -5.65 -11.76
N GLU C 837 7.10 -4.74 -12.44
CA GLU C 837 5.81 -5.04 -13.05
C GLU C 837 6.01 -5.70 -14.41
N ASP C 838 7.06 -5.29 -15.12
CA ASP C 838 7.33 -5.79 -16.45
C ASP C 838 7.70 -7.28 -16.42
N GLN C 839 8.48 -7.66 -15.42
CA GLN C 839 8.94 -9.04 -15.30
C GLN C 839 7.78 -10.02 -15.06
N TRP C 840 6.73 -9.54 -14.41
CA TRP C 840 5.55 -10.37 -14.17
C TRP C 840 4.90 -10.76 -15.48
N CYS C 841 4.75 -9.77 -16.37
CA CYS C 841 4.05 -9.98 -17.62
C CYS C 841 4.92 -10.70 -18.66
N GLY C 842 6.10 -11.14 -18.24
CA GLY C 842 6.94 -12.00 -19.06
C GLY C 842 8.07 -11.31 -19.79
N SER C 843 8.52 -10.18 -19.25
CA SER C 843 9.64 -9.46 -19.85
C SER C 843 10.95 -10.16 -19.52
N LEU C 844 11.87 -10.20 -20.47
CA LEU C 844 13.13 -10.89 -20.28
C LEU C 844 14.22 -9.93 -19.81
N ILE C 845 13.83 -8.75 -19.37
CA ILE C 845 14.78 -7.75 -18.89
C ILE C 845 15.50 -8.25 -17.64
N GLY C 846 16.83 -8.14 -17.64
CA GLY C 846 17.64 -8.60 -16.53
C GLY C 846 18.32 -9.91 -16.84
N LEU C 847 17.78 -10.66 -17.80
CA LEU C 847 18.35 -11.93 -18.19
C LEU C 847 19.59 -11.74 -19.07
N THR C 848 20.48 -12.72 -19.02
CA THR C 848 21.72 -12.65 -19.79
C THR C 848 21.44 -12.70 -21.29
N SER C 849 20.55 -13.60 -21.69
CA SER C 849 20.21 -13.77 -23.09
C SER C 849 19.66 -12.50 -23.72
N ARG C 850 18.88 -11.76 -22.94
CA ARG C 850 18.31 -10.50 -23.41
C ARG C 850 19.38 -9.41 -23.43
N ALA C 851 20.29 -9.48 -22.47
CA ALA C 851 21.37 -8.51 -22.36
C ALA C 851 22.26 -8.56 -23.60
N THR C 852 22.68 -9.76 -23.97
CA THR C 852 23.51 -9.95 -25.16
C THR C 852 22.76 -9.54 -26.41
N TRP C 853 21.46 -9.79 -26.40
CA TRP C 853 20.60 -9.46 -27.53
C TRP C 853 20.48 -7.95 -27.73
N ALA C 854 20.38 -7.22 -26.62
CA ALA C 854 20.23 -5.77 -26.68
C ALA C 854 21.52 -5.09 -27.10
N GLN C 855 22.64 -5.76 -26.87
CA GLN C 855 23.95 -5.21 -27.19
C GLN C 855 24.32 -5.45 -28.65
N ASN C 856 23.90 -6.59 -29.18
CA ASN C 856 24.22 -6.96 -30.54
C ASN C 856 23.02 -6.83 -31.48
N ILE C 857 22.04 -6.03 -31.07
CA ILE C 857 20.84 -5.83 -31.88
C ILE C 857 21.17 -5.03 -33.13
N LEU C 858 22.21 -4.21 -33.05
CA LEU C 858 22.63 -3.40 -34.19
C LEU C 858 23.11 -4.28 -35.33
N THR C 859 23.75 -5.39 -34.98
CA THR C 859 24.26 -6.33 -35.97
C THR C 859 23.12 -7.09 -36.63
N ALA C 860 22.11 -7.45 -35.83
CA ALA C 860 20.96 -8.20 -36.33
C ALA C 860 20.15 -7.38 -37.32
N ILE C 861 20.06 -6.08 -37.07
CA ILE C 861 19.32 -5.19 -37.96
C ILE C 861 19.99 -5.11 -39.32
N GLN C 862 21.30 -4.85 -39.32
CA GLN C 862 22.07 -4.73 -40.55
C GLN C 862 22.03 -6.02 -41.37
N GLN C 863 21.95 -7.15 -40.68
CA GLN C 863 21.86 -8.44 -41.35
C GLN C 863 20.58 -8.54 -42.18
N VAL C 864 19.47 -8.11 -41.59
CA VAL C 864 18.19 -8.08 -42.29
C VAL C 864 18.27 -7.10 -43.46
N ARG C 865 18.92 -5.98 -43.23
CA ARG C 865 19.10 -4.94 -44.25
C ARG C 865 19.84 -5.49 -45.47
N SER C 866 20.85 -6.32 -45.23
CA SER C 866 21.64 -6.90 -46.30
C SER C 866 20.84 -7.95 -47.07
N LEU C 867 19.88 -8.57 -46.40
CA LEU C 867 19.06 -9.60 -47.01
C LEU C 867 17.90 -9.01 -47.80
N ILE C 868 17.43 -7.84 -47.38
CA ILE C 868 16.33 -7.17 -48.08
C ILE C 868 16.79 -6.63 -49.43
N GLY C 869 17.85 -5.82 -49.41
CA GLY C 869 18.38 -5.25 -50.64
C GLY C 869 18.77 -3.79 -50.47
N ASN C 870 18.94 -3.10 -51.59
CA ASN C 870 19.33 -1.70 -51.59
C ASN C 870 18.13 -0.76 -51.50
N GLU C 871 17.74 -0.43 -50.28
CA GLU C 871 16.63 0.49 -50.05
C GLU C 871 17.05 1.61 -49.11
N GLU C 872 16.17 2.58 -48.92
CA GLU C 872 16.43 3.70 -48.02
C GLU C 872 15.96 3.39 -46.62
N PHE C 873 16.89 3.40 -45.66
CA PHE C 873 16.57 3.03 -44.29
C PHE C 873 16.79 4.18 -43.31
N LEU C 874 16.22 4.02 -42.11
CA LEU C 874 16.41 4.98 -41.03
C LEU C 874 16.76 4.23 -39.74
N ASP C 875 17.29 4.95 -38.76
CA ASP C 875 17.69 4.34 -37.51
C ASP C 875 16.90 4.89 -36.33
N TYR C 876 16.00 4.06 -35.79
CA TYR C 876 15.18 4.47 -34.65
C TYR C 876 15.83 4.03 -33.34
N MET C 877 17.16 4.01 -33.34
CA MET C 877 17.93 3.65 -32.16
C MET C 877 18.09 4.88 -31.25
N PRO C 878 18.55 4.67 -29.99
CA PRO C 878 18.64 5.81 -29.07
C PRO C 878 19.52 6.95 -29.58
N GLU D 7 -10.58 16.86 33.95
CA GLU D 7 -10.13 15.69 33.20
C GLU D 7 -10.85 14.42 33.66
N THR D 8 -11.45 13.71 32.71
CA THR D 8 -12.20 12.50 33.01
C THR D 8 -11.29 11.29 33.20
N LEU D 9 -11.85 10.23 33.76
CA LEU D 9 -11.09 9.01 34.02
C LEU D 9 -10.62 8.34 32.73
N GLY D 10 -11.42 8.47 31.68
CA GLY D 10 -11.08 7.91 30.40
C GLY D 10 -9.83 8.54 29.82
N GLU D 11 -9.71 9.85 30.00
CA GLU D 11 -8.53 10.57 29.52
C GLU D 11 -7.30 10.17 30.32
N LYS D 12 -7.50 9.93 31.61
CA LYS D 12 -6.42 9.49 32.48
C LYS D 12 -5.91 8.12 32.04
N TRP D 13 -6.83 7.28 31.57
CA TRP D 13 -6.49 5.97 31.05
C TRP D 13 -5.77 6.10 29.72
N LYS D 14 -6.18 7.08 28.92
CA LYS D 14 -5.61 7.27 27.59
C LYS D 14 -4.14 7.69 27.68
N LYS D 15 -3.85 8.65 28.55
CA LYS D 15 -2.49 9.12 28.72
C LYS D 15 -1.64 8.10 29.46
N LYS D 16 -2.30 7.21 30.21
CA LYS D 16 -1.61 6.12 30.88
C LYS D 16 -1.12 5.12 29.84
N LEU D 17 -1.83 5.09 28.70
CA LEU D 17 -1.42 4.30 27.56
C LEU D 17 -0.36 5.09 26.78
N ASN D 18 -0.06 4.64 25.56
CA ASN D 18 0.90 5.31 24.67
C ASN D 18 2.33 5.39 25.23
N GLN D 19 2.46 5.60 26.54
CA GLN D 19 3.77 5.62 27.18
C GLN D 19 4.37 4.22 27.20
N LEU D 20 3.51 3.21 27.06
CA LEU D 20 3.94 1.82 27.07
C LEU D 20 4.64 1.44 25.77
N SER D 21 5.68 0.61 25.87
CA SER D 21 6.33 0.08 24.69
C SER D 21 5.46 -0.98 24.05
N ARG D 22 5.84 -1.42 22.85
CA ARG D 22 5.06 -2.42 22.12
C ARG D 22 4.91 -3.71 22.92
N LYS D 23 5.97 -4.10 23.60
CA LYS D 23 5.95 -5.30 24.45
C LYS D 23 4.96 -5.11 25.61
N GLU D 24 5.02 -3.94 26.24
CA GLU D 24 4.11 -3.63 27.34
C GLU D 24 2.69 -3.47 26.83
N PHE D 25 2.57 -3.01 25.59
CA PHE D 25 1.27 -2.77 24.98
C PHE D 25 0.60 -4.07 24.59
N ASP D 26 1.36 -4.99 24.00
CA ASP D 26 0.82 -6.26 23.53
C ASP D 26 0.35 -7.15 24.68
N LEU D 27 0.98 -7.00 25.84
CA LEU D 27 0.59 -7.78 27.01
C LEU D 27 -0.72 -7.26 27.61
N TYR D 28 -0.87 -5.95 27.64
CA TYR D 28 -2.03 -5.33 28.25
C TYR D 28 -3.29 -5.46 27.40
N LYS D 29 -3.12 -5.41 26.09
CA LYS D 29 -4.27 -5.39 25.18
C LYS D 29 -5.07 -6.68 25.23
N LYS D 30 -4.41 -7.78 25.61
CA LYS D 30 -5.09 -9.07 25.68
C LYS D 30 -5.10 -9.63 27.10
N SER D 31 -4.92 -8.75 28.08
CA SER D 31 -4.86 -9.17 29.48
C SER D 31 -6.25 -9.22 30.11
N GLY D 32 -6.69 -10.42 30.46
CA GLY D 32 -7.95 -10.60 31.16
C GLY D 32 -9.17 -10.47 30.28
N ILE D 33 -8.95 -10.36 28.97
CA ILE D 33 -10.05 -10.23 28.03
C ILE D 33 -10.59 -11.58 27.60
N THR D 34 -11.43 -11.58 26.57
CA THR D 34 -11.97 -12.81 26.01
C THR D 34 -11.85 -12.77 24.50
N GLU D 35 -11.47 -13.88 23.88
CA GLU D 35 -11.39 -13.97 22.43
C GLU D 35 -11.63 -15.38 21.94
N VAL D 36 -12.10 -15.50 20.71
CA VAL D 36 -12.39 -16.80 20.13
C VAL D 36 -11.19 -17.35 19.37
N ASP D 37 -11.09 -18.68 19.31
CA ASP D 37 -9.98 -19.34 18.63
C ASP D 37 -10.16 -19.21 17.12
N ARG D 38 -9.49 -18.22 16.53
CA ARG D 38 -9.62 -17.96 15.11
C ARG D 38 -8.67 -18.82 14.27
N THR D 39 -7.88 -19.64 14.95
CA THR D 39 -6.84 -20.43 14.29
C THR D 39 -7.42 -21.36 13.22
N GLU D 40 -8.40 -22.16 13.61
CA GLU D 40 -9.03 -23.09 12.69
C GLU D 40 -9.80 -22.35 11.60
N ALA D 41 -10.35 -21.20 11.96
CA ALA D 41 -11.15 -20.40 11.03
C ALA D 41 -10.28 -19.66 10.03
N LYS D 42 -9.25 -18.98 10.54
CA LYS D 42 -8.37 -18.19 9.68
C LYS D 42 -7.63 -19.07 8.69
N GLU D 43 -7.26 -20.26 9.14
CA GLU D 43 -6.55 -21.21 8.29
C GLU D 43 -7.45 -21.73 7.18
N GLY D 44 -8.72 -21.90 7.50
CA GLY D 44 -9.69 -22.36 6.52
C GLY D 44 -9.96 -21.34 5.44
N LEU D 45 -10.08 -20.08 5.83
CA LEU D 45 -10.33 -19.00 4.89
C LEU D 45 -9.16 -18.82 3.94
N LYS D 46 -7.96 -19.17 4.40
CA LYS D 46 -6.77 -19.08 3.58
C LYS D 46 -6.80 -20.14 2.48
N ARG D 47 -7.39 -21.29 2.79
CA ARG D 47 -7.51 -22.37 1.81
C ARG D 47 -8.70 -22.15 0.88
N GLY D 48 -9.47 -21.09 1.15
CA GLY D 48 -10.60 -20.75 0.31
C GLY D 48 -11.89 -21.45 0.69
N GLU D 49 -11.95 -21.94 1.93
CA GLU D 49 -13.17 -22.57 2.44
C GLU D 49 -14.28 -21.54 2.51
N ILE D 50 -15.47 -21.91 2.08
CA ILE D 50 -16.55 -20.95 1.94
C ILE D 50 -17.72 -21.27 2.88
N THR D 51 -17.57 -22.31 3.67
CA THR D 51 -18.64 -22.73 4.57
C THR D 51 -18.22 -22.78 6.03
N HIS D 52 -19.19 -22.63 6.92
CA HIS D 52 -19.03 -22.78 8.37
C HIS D 52 -18.13 -21.73 9.04
N HIS D 53 -17.38 -20.95 8.25
CA HIS D 53 -16.41 -20.04 8.82
C HIS D 53 -16.93 -18.61 8.94
N ALA D 54 -16.47 -17.90 9.97
CA ALA D 54 -16.76 -16.50 10.12
C ALA D 54 -15.59 -15.67 9.62
N VAL D 55 -15.87 -14.61 8.87
CA VAL D 55 -14.83 -13.84 8.21
C VAL D 55 -14.01 -12.99 9.17
N SER D 56 -14.51 -12.80 10.39
CA SER D 56 -13.81 -11.98 11.37
C SER D 56 -14.27 -12.27 12.79
N ARG D 57 -13.64 -11.60 13.75
CA ARG D 57 -14.01 -11.76 15.15
C ARG D 57 -15.29 -10.98 15.47
N GLY D 58 -15.73 -10.17 14.51
CA GLY D 58 -16.94 -9.38 14.68
C GLY D 58 -18.17 -10.24 14.83
N SER D 59 -18.19 -11.37 14.13
CA SER D 59 -19.33 -12.30 14.20
C SER D 59 -19.52 -12.81 15.62
N ALA D 60 -18.41 -13.13 16.28
CA ALA D 60 -18.47 -13.57 17.66
C ALA D 60 -18.77 -12.40 18.58
N LYS D 61 -18.28 -11.22 18.21
CA LYS D 61 -18.47 -10.02 19.01
C LYS D 61 -19.94 -9.63 19.03
N LEU D 62 -20.60 -9.76 17.89
CA LEU D 62 -22.02 -9.42 17.78
C LEU D 62 -22.87 -10.46 18.48
N GLN D 63 -22.39 -11.70 18.50
CA GLN D 63 -23.12 -12.80 19.12
C GLN D 63 -23.32 -12.56 20.60
N TRP D 64 -22.32 -11.97 21.24
CA TRP D 64 -22.35 -11.70 22.68
C TRP D 64 -23.50 -10.76 23.03
N PHE D 65 -23.84 -9.87 22.11
CA PHE D 65 -24.93 -8.94 22.31
C PHE D 65 -26.27 -9.61 22.09
N VAL D 66 -26.39 -10.37 21.00
CA VAL D 66 -27.65 -11.00 20.64
C VAL D 66 -28.00 -12.10 21.64
N GLU D 67 -26.99 -12.82 22.12
CA GLU D 67 -27.20 -13.92 23.03
C GLU D 67 -27.77 -13.45 24.35
N ARG D 68 -27.56 -12.18 24.67
CA ARG D 68 -28.06 -11.60 25.91
C ARG D 68 -29.21 -10.64 25.64
N ASN D 69 -29.79 -10.75 24.45
CA ASN D 69 -30.96 -9.97 24.05
C ASN D 69 -30.77 -8.46 24.16
N MET D 70 -29.53 -8.00 24.04
CA MET D 70 -29.25 -6.57 24.04
C MET D 70 -29.68 -5.95 22.73
N VAL D 71 -29.68 -6.77 21.67
CA VAL D 71 -30.16 -6.35 20.37
C VAL D 71 -30.73 -7.54 19.61
N ILE D 72 -31.99 -7.44 19.20
CA ILE D 72 -32.65 -8.51 18.49
C ILE D 72 -32.92 -8.12 17.05
N PRO D 73 -32.02 -8.52 16.13
CA PRO D 73 -32.16 -8.20 14.71
C PRO D 73 -33.42 -8.82 14.12
N GLU D 74 -34.22 -8.00 13.45
CA GLU D 74 -35.47 -8.47 12.87
C GLU D 74 -35.75 -7.79 11.54
N GLY D 75 -36.44 -8.51 10.65
CA GLY D 75 -36.84 -7.97 9.37
C GLY D 75 -35.67 -7.55 8.50
N ARG D 76 -35.67 -6.28 8.09
CA ARG D 76 -34.62 -5.75 7.24
C ARG D 76 -33.49 -5.15 8.06
N VAL D 77 -32.28 -5.67 7.86
CA VAL D 77 -31.13 -5.23 8.63
C VAL D 77 -30.10 -4.48 7.78
N ILE D 78 -29.80 -3.25 8.16
CA ILE D 78 -28.77 -2.48 7.49
C ILE D 78 -27.48 -2.49 8.31
N ASP D 79 -26.40 -2.90 7.68
CA ASP D 79 -25.11 -3.00 8.37
C ASP D 79 -24.12 -1.97 7.83
N LEU D 80 -24.09 -0.79 8.45
CA LEU D 80 -23.16 0.25 8.05
C LEU D 80 -21.74 -0.12 8.43
N GLY D 81 -20.84 -0.01 7.45
CA GLY D 81 -19.44 -0.36 7.67
C GLY D 81 -19.29 -1.84 7.91
N CYS D 82 -19.82 -2.64 6.99
CA CYS D 82 -19.77 -4.09 7.10
C CYS D 82 -18.34 -4.60 6.94
N GLY D 83 -17.59 -3.96 6.05
CA GLY D 83 -16.22 -4.34 5.80
C GLY D 83 -16.09 -5.77 5.32
N ARG D 84 -15.55 -6.64 6.17
CA ARG D 84 -15.42 -8.05 5.84
C ARG D 84 -16.78 -8.71 5.79
N GLY D 85 -17.72 -8.19 6.59
CA GLY D 85 -19.07 -8.71 6.64
C GLY D 85 -19.28 -9.66 7.78
N GLY D 86 -18.58 -9.44 8.89
CA GLY D 86 -18.65 -10.31 10.04
C GLY D 86 -20.02 -10.30 10.70
N TRP D 87 -20.62 -9.12 10.78
CA TRP D 87 -21.93 -8.98 11.40
C TRP D 87 -23.06 -9.39 10.47
N SER D 88 -22.86 -9.14 9.17
CA SER D 88 -23.91 -9.40 8.18
C SER D 88 -24.23 -10.88 8.05
N TYR D 89 -23.21 -11.71 7.91
CA TYR D 89 -23.41 -13.14 7.72
C TYR D 89 -24.00 -13.81 8.95
N TYR D 90 -23.75 -13.24 10.12
CA TYR D 90 -24.24 -13.82 11.36
C TYR D 90 -25.73 -13.55 11.56
N CYS D 91 -26.16 -12.34 11.19
CA CYS D 91 -27.56 -11.95 11.36
C CYS D 91 -28.47 -12.77 10.44
N ALA D 92 -27.92 -13.22 9.32
CA ALA D 92 -28.69 -13.97 8.34
C ALA D 92 -29.17 -15.31 8.90
N GLY D 93 -28.48 -15.79 9.94
CA GLY D 93 -28.83 -17.06 10.54
C GLY D 93 -29.83 -16.94 11.66
N LEU D 94 -30.33 -15.73 11.88
CA LEU D 94 -31.29 -15.50 12.96
C LEU D 94 -32.72 -15.64 12.46
N LYS D 95 -33.64 -15.86 13.39
CA LYS D 95 -35.02 -16.15 13.05
C LYS D 95 -35.76 -14.97 12.45
N LYS D 96 -35.81 -13.87 13.20
CA LYS D 96 -36.64 -12.72 12.83
C LYS D 96 -36.06 -11.91 11.66
N VAL D 97 -34.84 -12.25 11.25
CA VAL D 97 -34.19 -11.52 10.17
C VAL D 97 -34.68 -12.00 8.80
N THR D 98 -35.07 -11.05 7.95
CA THR D 98 -35.59 -11.37 6.64
C THR D 98 -34.68 -10.90 5.52
N GLU D 99 -33.87 -9.89 5.81
CA GLU D 99 -32.96 -9.33 4.81
C GLU D 99 -31.80 -8.59 5.47
N VAL D 100 -30.61 -8.73 4.90
CA VAL D 100 -29.43 -8.05 5.41
C VAL D 100 -28.70 -7.26 4.34
N ARG D 101 -28.60 -5.95 4.55
CA ARG D 101 -27.87 -5.08 3.64
C ARG D 101 -26.55 -4.66 4.25
N GLY D 102 -25.46 -4.93 3.54
CA GLY D 102 -24.13 -4.57 4.02
C GLY D 102 -23.52 -3.45 3.20
N TYR D 103 -23.18 -2.36 3.86
CA TYR D 103 -22.58 -1.21 3.20
C TYR D 103 -21.20 -0.92 3.75
N THR D 104 -20.23 -0.75 2.85
CA THR D 104 -18.86 -0.42 3.25
C THR D 104 -18.19 0.48 2.23
N LYS D 105 -17.03 1.02 2.61
CA LYS D 105 -16.32 1.93 1.73
C LYS D 105 -15.52 1.17 0.68
N GLY D 106 -14.82 0.13 1.12
CA GLY D 106 -14.04 -0.70 0.22
C GLY D 106 -12.83 0.03 -0.33
N GLY D 107 -12.22 -0.55 -1.36
CA GLY D 107 -11.03 0.03 -1.97
C GLY D 107 -9.81 -0.12 -1.10
N PRO D 108 -8.69 0.48 -1.53
CA PRO D 108 -7.43 0.46 -0.77
C PRO D 108 -7.56 1.13 0.59
N GLY D 109 -7.04 0.47 1.62
CA GLY D 109 -7.10 1.02 2.96
C GLY D 109 -8.29 0.52 3.76
N HIS D 110 -9.23 -0.12 3.06
CA HIS D 110 -10.42 -0.65 3.71
C HIS D 110 -10.69 -2.09 3.28
N GLU D 111 -11.33 -2.84 4.16
CA GLU D 111 -11.59 -4.25 3.89
C GLU D 111 -12.73 -4.42 2.89
N GLU D 112 -12.51 -5.28 1.90
CA GLU D 112 -13.53 -5.60 0.92
C GLU D 112 -14.42 -6.73 1.42
N PRO D 113 -15.71 -6.69 1.05
CA PRO D 113 -16.67 -7.74 1.41
C PRO D 113 -16.22 -9.12 0.96
N VAL D 114 -16.32 -10.10 1.85
CA VAL D 114 -15.90 -11.46 1.54
C VAL D 114 -17.09 -12.35 1.22
N PRO D 115 -17.12 -12.89 -0.01
CA PRO D 115 -18.20 -13.79 -0.44
C PRO D 115 -18.17 -15.12 0.30
N MET D 116 -19.26 -15.44 1.01
CA MET D 116 -19.36 -16.68 1.75
C MET D 116 -20.65 -17.42 1.42
N SER D 117 -20.64 -18.73 1.62
CA SER D 117 -21.82 -19.54 1.38
C SER D 117 -22.35 -20.14 2.68
N THR D 118 -22.18 -19.40 3.78
CA THR D 118 -22.72 -19.82 5.07
C THR D 118 -24.23 -19.76 5.05
N TYR D 119 -24.87 -20.28 6.11
CA TYR D 119 -26.32 -20.33 6.18
C TYR D 119 -26.92 -18.94 6.10
N GLY D 120 -27.89 -18.78 5.20
CA GLY D 120 -28.57 -17.50 5.02
C GLY D 120 -27.85 -16.53 4.12
N TRP D 121 -26.91 -17.03 3.32
CA TRP D 121 -26.14 -16.16 2.43
C TRP D 121 -27.00 -15.56 1.33
N ASN D 122 -28.16 -16.16 1.07
CA ASN D 122 -29.03 -15.72 0.00
C ASN D 122 -29.79 -14.44 0.33
N ILE D 123 -29.84 -14.08 1.61
CA ILE D 123 -30.49 -12.85 2.02
C ILE D 123 -29.48 -11.79 2.42
N VAL D 124 -28.21 -12.06 2.13
CA VAL D 124 -27.15 -11.12 2.45
C VAL D 124 -26.75 -10.30 1.23
N LYS D 125 -26.77 -8.98 1.37
CA LYS D 125 -26.40 -8.10 0.28
C LYS D 125 -25.26 -7.17 0.67
N LEU D 126 -24.03 -7.63 0.43
CA LEU D 126 -22.85 -6.83 0.73
C LEU D 126 -22.50 -5.92 -0.43
N MET D 127 -22.49 -4.62 -0.18
CA MET D 127 -22.26 -3.65 -1.23
C MET D 127 -21.05 -2.77 -0.92
N SER D 128 -20.10 -2.72 -1.86
CA SER D 128 -18.87 -1.95 -1.67
C SER D 128 -18.90 -0.64 -2.43
N GLY D 129 -17.95 0.22 -2.14
CA GLY D 129 -17.86 1.52 -2.78
C GLY D 129 -18.94 2.48 -2.30
N LYS D 130 -19.32 2.34 -1.03
CA LYS D 130 -20.36 3.16 -0.44
C LYS D 130 -19.86 3.96 0.76
N ASP D 131 -19.82 5.27 0.61
CA ASP D 131 -19.47 6.15 1.72
C ASP D 131 -20.74 6.48 2.50
N VAL D 132 -20.87 5.88 3.68
CA VAL D 132 -22.10 5.97 4.46
C VAL D 132 -22.41 7.39 4.92
N PHE D 133 -21.37 8.23 5.00
CA PHE D 133 -21.56 9.62 5.40
C PHE D 133 -22.33 10.38 4.34
N TYR D 134 -22.24 9.92 3.10
CA TYR D 134 -22.92 10.56 1.98
C TYR D 134 -24.08 9.70 1.49
N LEU D 135 -24.48 8.73 2.30
CA LEU D 135 -25.54 7.81 1.93
C LEU D 135 -26.85 8.19 2.60
N PRO D 136 -27.92 8.35 1.79
CA PRO D 136 -29.25 8.72 2.28
C PRO D 136 -29.92 7.59 3.07
N PRO D 137 -30.54 7.93 4.19
CA PRO D 137 -31.21 6.97 5.09
C PRO D 137 -32.24 6.12 4.38
N GLU D 138 -32.36 4.86 4.81
CA GLU D 138 -33.35 3.96 4.24
C GLU D 138 -34.24 3.38 5.34
N LYS D 139 -35.45 2.97 4.96
CA LYS D 139 -36.35 2.30 5.88
C LYS D 139 -35.70 1.01 6.37
N CYS D 140 -35.77 0.76 7.67
CA CYS D 140 -35.12 -0.41 8.24
C CYS D 140 -35.72 -0.79 9.59
N ASP D 141 -35.58 -2.06 9.96
CA ASP D 141 -36.07 -2.54 11.25
C ASP D 141 -34.91 -2.79 12.19
N THR D 142 -33.69 -2.73 11.66
CA THR D 142 -32.49 -2.95 12.45
C THR D 142 -31.28 -2.25 11.81
N LEU D 143 -30.62 -1.40 12.60
CA LEU D 143 -29.44 -0.71 12.12
C LEU D 143 -28.19 -1.15 12.88
N LEU D 144 -27.18 -1.59 12.15
CA LEU D 144 -25.92 -1.99 12.76
C LEU D 144 -24.77 -1.15 12.22
N CYS D 145 -23.91 -0.68 13.13
CA CYS D 145 -22.78 0.14 12.73
C CYS D 145 -21.55 -0.11 13.60
N ASP D 146 -20.52 -0.68 13.00
CA ASP D 146 -19.29 -0.97 13.71
C ASP D 146 -18.17 -0.06 13.20
N ILE D 147 -18.53 1.15 12.82
CA ILE D 147 -17.58 2.11 12.26
C ILE D 147 -16.88 2.92 13.33
N GLY D 148 -15.55 2.95 13.26
CA GLY D 148 -14.75 3.70 14.21
C GLY D 148 -13.28 3.34 14.10
N GLU D 149 -12.45 4.33 13.76
CA GLU D 149 -11.02 4.10 13.59
C GLU D 149 -10.22 4.68 14.75
N SER D 150 -9.52 3.81 15.47
CA SER D 150 -8.77 4.23 16.65
C SER D 150 -7.64 5.19 16.28
N SER D 151 -7.22 6.00 17.25
CA SER D 151 -6.16 6.98 17.04
C SER D 151 -5.48 7.34 18.36
N PRO D 152 -4.17 7.56 18.31
CA PRO D 152 -3.39 7.95 19.50
C PRO D 152 -3.94 9.20 20.17
N SER D 153 -4.49 10.11 19.39
CA SER D 153 -5.07 11.33 19.94
C SER D 153 -6.55 11.14 20.26
N PRO D 154 -6.93 11.37 21.52
CA PRO D 154 -8.32 11.24 21.96
C PRO D 154 -9.23 12.27 21.29
N THR D 155 -8.66 13.40 20.89
CA THR D 155 -9.40 14.45 20.22
C THR D 155 -9.80 14.00 18.82
N VAL D 156 -8.94 13.22 18.19
CA VAL D 156 -9.22 12.67 16.86
C VAL D 156 -10.35 11.66 16.94
N GLU D 157 -10.24 10.75 17.91
CA GLU D 157 -11.29 9.76 18.13
C GLU D 157 -12.59 10.44 18.54
N GLU D 158 -12.47 11.58 19.22
CA GLU D 158 -13.63 12.35 19.63
C GLU D 158 -14.43 12.82 18.43
N SER D 159 -13.72 13.38 17.44
CA SER D 159 -14.37 13.88 16.24
C SER D 159 -14.96 12.75 15.42
N ARG D 160 -14.22 11.66 15.30
CA ARG D 160 -14.68 10.49 14.55
C ARG D 160 -15.92 9.89 15.19
N THR D 161 -15.97 9.91 16.51
CA THR D 161 -17.11 9.38 17.24
C THR D 161 -18.35 10.21 16.99
N ILE D 162 -18.19 11.53 17.10
CA ILE D 162 -19.31 12.45 16.89
C ILE D 162 -19.81 12.36 15.46
N ARG D 163 -18.89 12.26 14.51
CA ARG D 163 -19.24 12.16 13.09
C ARG D 163 -20.13 10.96 12.81
N VAL D 164 -19.89 9.86 13.51
CA VAL D 164 -20.69 8.66 13.34
C VAL D 164 -22.06 8.82 13.98
N LEU D 165 -22.09 9.42 15.18
CA LEU D 165 -23.33 9.62 15.92
C LEU D 165 -24.32 10.48 15.16
N LYS D 166 -23.81 11.50 14.46
CA LYS D 166 -24.65 12.41 13.71
C LYS D 166 -25.11 11.77 12.41
N MET D 167 -24.49 10.66 12.04
CA MET D 167 -24.79 9.99 10.78
C MET D 167 -25.81 8.88 10.97
N VAL D 168 -25.78 8.25 12.14
CA VAL D 168 -26.64 7.09 12.41
C VAL D 168 -28.00 7.47 12.96
N GLU D 169 -28.13 8.71 13.40
CA GLU D 169 -29.38 9.18 14.00
C GLU D 169 -30.57 9.15 13.03
N PRO D 170 -30.41 9.62 11.78
CA PRO D 170 -31.58 9.57 10.90
C PRO D 170 -32.03 8.15 10.56
N TRP D 171 -31.14 7.19 10.71
CA TRP D 171 -31.46 5.79 10.39
C TRP D 171 -32.34 5.16 11.45
N LEU D 172 -32.41 5.78 12.62
CA LEU D 172 -33.16 5.21 13.74
C LEU D 172 -34.61 5.68 13.77
N LYS D 173 -35.51 4.79 13.36
CA LYS D 173 -36.93 5.10 13.38
C LYS D 173 -37.69 4.09 14.23
N ASN D 174 -37.49 4.16 15.54
CA ASN D 174 -38.12 3.25 16.49
C ASN D 174 -37.84 1.79 16.13
N ASN D 175 -36.56 1.46 16.01
CA ASN D 175 -36.14 0.12 15.64
C ASN D 175 -34.95 -0.35 16.44
N GLN D 176 -34.60 -1.62 16.30
CA GLN D 176 -33.44 -2.19 16.99
C GLN D 176 -32.15 -1.63 16.42
N PHE D 177 -31.14 -1.46 17.26
CA PHE D 177 -29.85 -0.97 16.79
C PHE D 177 -28.69 -1.37 17.69
N CYS D 178 -27.49 -1.34 17.12
CA CYS D 178 -26.27 -1.64 17.85
C CYS D 178 -25.10 -0.90 17.22
N ILE D 179 -24.77 0.25 17.79
CA ILE D 179 -23.77 1.14 17.21
C ILE D 179 -22.54 1.29 18.09
N LYS D 180 -21.37 1.13 17.49
CA LYS D 180 -20.13 1.23 18.25
C LYS D 180 -19.74 2.67 18.53
N VAL D 181 -19.53 2.97 19.81
CA VAL D 181 -19.02 4.27 20.20
C VAL D 181 -17.53 4.18 20.46
N LEU D 182 -16.74 4.76 19.57
CA LEU D 182 -15.29 4.67 19.64
C LEU D 182 -14.72 5.30 20.91
N ASN D 183 -15.06 6.56 21.14
CA ASN D 183 -14.55 7.29 22.30
C ASN D 183 -15.68 7.89 23.14
N PRO D 184 -16.22 7.10 24.07
CA PRO D 184 -17.36 7.50 24.90
C PRO D 184 -16.97 8.31 26.14
N TYR D 185 -15.68 8.41 26.45
CA TYR D 185 -15.26 9.08 27.68
C TYR D 185 -15.01 10.56 27.47
N MET D 186 -15.09 11.03 26.23
CA MET D 186 -14.95 12.45 25.94
C MET D 186 -16.22 13.20 26.32
N PRO D 187 -16.07 14.33 27.02
CA PRO D 187 -17.19 15.13 27.52
C PRO D 187 -18.18 15.53 26.45
N THR D 188 -17.69 15.97 25.29
CA THR D 188 -18.56 16.41 24.21
C THR D 188 -19.32 15.24 23.60
N VAL D 189 -18.72 14.06 23.65
CA VAL D 189 -19.36 12.87 23.12
C VAL D 189 -20.52 12.43 24.00
N ILE D 190 -20.32 12.50 25.31
CA ILE D 190 -21.34 12.14 26.27
C ILE D 190 -22.59 13.00 26.08
N GLU D 191 -22.39 14.29 25.82
CA GLU D 191 -23.50 15.20 25.60
C GLU D 191 -24.36 14.76 24.41
N HIS D 192 -23.72 14.21 23.40
CA HIS D 192 -24.45 13.66 22.25
C HIS D 192 -25.15 12.36 22.64
N LEU D 193 -24.43 11.52 23.38
CA LEU D 193 -24.98 10.24 23.80
C LEU D 193 -26.18 10.43 24.72
N GLU D 194 -26.08 11.36 25.65
CA GLU D 194 -27.19 11.68 26.54
C GLU D 194 -28.37 12.21 25.74
N ARG D 195 -28.07 13.07 24.77
CA ARG D 195 -29.10 13.62 23.90
C ARG D 195 -29.78 12.54 23.09
N LEU D 196 -28.97 11.64 22.53
CA LEU D 196 -29.47 10.54 21.72
C LEU D 196 -30.28 9.56 22.56
N GLN D 197 -29.92 9.43 23.83
CA GLN D 197 -30.63 8.53 24.72
C GLN D 197 -31.97 9.11 25.12
N ARG D 198 -32.06 10.45 25.12
CA ARG D 198 -33.31 11.12 25.43
C ARG D 198 -34.34 10.93 24.34
N LYS D 199 -33.87 10.63 23.13
CA LYS D 199 -34.74 10.54 21.97
C LYS D 199 -35.03 9.10 21.57
N HIS D 200 -33.98 8.29 21.46
CA HIS D 200 -34.12 6.92 20.98
C HIS D 200 -33.94 5.88 22.08
N GLY D 201 -33.61 6.35 23.28
CA GLY D 201 -33.42 5.45 24.40
C GLY D 201 -32.18 4.58 24.26
N GLY D 202 -32.25 3.37 24.80
CA GLY D 202 -31.14 2.44 24.72
C GLY D 202 -30.17 2.56 25.88
N MET D 203 -29.04 1.86 25.78
CA MET D 203 -28.04 1.88 26.83
C MET D 203 -26.65 1.55 26.27
N LEU D 204 -25.62 2.18 26.84
CA LEU D 204 -24.26 1.96 26.40
C LEU D 204 -23.66 0.75 27.12
N VAL D 205 -23.15 -0.21 26.35
CA VAL D 205 -22.66 -1.45 26.92
C VAL D 205 -21.23 -1.77 26.46
N ARG D 206 -20.40 -2.22 27.40
CA ARG D 206 -19.03 -2.63 27.10
C ARG D 206 -18.97 -4.10 26.74
N ASN D 207 -18.30 -4.42 25.63
CA ASN D 207 -18.15 -5.79 25.19
C ASN D 207 -16.83 -6.38 25.70
N PRO D 208 -16.91 -7.53 26.40
CA PRO D 208 -15.72 -8.18 26.96
C PRO D 208 -14.78 -8.73 25.89
N LEU D 209 -15.29 -9.00 24.70
CA LEU D 209 -14.46 -9.50 23.61
C LEU D 209 -13.59 -8.39 23.03
N SER D 210 -13.89 -7.15 23.38
CA SER D 210 -13.10 -6.02 22.93
C SER D 210 -11.82 -5.92 23.74
N ARG D 211 -10.70 -5.67 23.05
CA ARG D 211 -9.40 -5.60 23.69
C ARG D 211 -9.29 -4.39 24.61
N ASN D 212 -8.37 -4.45 25.57
CA ASN D 212 -8.19 -3.37 26.53
C ASN D 212 -7.47 -2.17 25.91
N SER D 213 -6.99 -2.34 24.69
CA SER D 213 -6.30 -1.26 23.99
C SER D 213 -7.26 -0.16 23.57
N THR D 214 -8.53 -0.50 23.49
CA THR D 214 -9.56 0.46 23.10
C THR D 214 -10.63 0.62 24.17
N HIS D 215 -11.17 1.83 24.28
CA HIS D 215 -12.20 2.13 25.26
C HIS D 215 -13.57 2.12 24.59
N GLU D 216 -13.69 1.35 23.51
CA GLU D 216 -14.90 1.33 22.71
C GLU D 216 -16.08 0.70 23.46
N MET D 217 -17.26 1.28 23.26
CA MET D 217 -18.49 0.74 23.81
C MET D 217 -19.56 0.70 22.74
N TYR D 218 -20.60 -0.08 22.97
CA TYR D 218 -21.64 -0.27 21.97
C TYR D 218 -23.00 0.21 22.47
N TRP D 219 -23.67 1.02 21.66
CA TRP D 219 -24.97 1.56 21.99
C TRP D 219 -26.09 0.65 21.48
N ILE D 220 -26.63 -0.18 22.37
CA ILE D 220 -27.70 -1.08 21.99
C ILE D 220 -29.06 -0.43 22.23
N SER D 221 -30.11 -1.07 21.70
CA SER D 221 -31.46 -0.51 21.78
C SER D 221 -32.20 -0.96 23.02
N ASN D 222 -32.06 -2.24 23.37
CA ASN D 222 -32.79 -2.81 24.48
C ASN D 222 -32.03 -2.73 25.80
N GLY D 223 -32.38 -1.75 26.62
CA GLY D 223 -31.72 -1.56 27.91
C GLY D 223 -31.83 -0.14 28.41
N THR D 224 -31.42 0.08 29.66
CA THR D 224 -31.48 1.40 30.27
C THR D 224 -30.41 1.56 31.35
N GLY D 225 -30.15 2.80 31.74
CA GLY D 225 -29.17 3.09 32.76
C GLY D 225 -28.43 4.38 32.49
N ASN D 226 -27.60 4.80 33.45
CA ASN D 226 -26.85 6.03 33.32
C ASN D 226 -25.62 5.85 32.43
N ILE D 227 -25.46 6.75 31.46
CA ILE D 227 -24.36 6.67 30.53
C ILE D 227 -23.02 6.98 31.20
N VAL D 228 -22.97 8.12 31.89
CA VAL D 228 -21.77 8.57 32.56
C VAL D 228 -21.27 7.53 33.57
N SER D 229 -22.20 6.95 34.31
CA SER D 229 -21.85 5.93 35.29
C SER D 229 -21.29 4.69 34.61
N SER D 230 -21.86 4.33 33.46
CA SER D 230 -21.42 3.15 32.73
C SER D 230 -20.03 3.34 32.16
N VAL D 231 -19.76 4.53 31.61
CA VAL D 231 -18.47 4.82 31.00
C VAL D 231 -17.35 4.78 32.03
N ASN D 232 -17.57 5.40 33.18
CA ASN D 232 -16.55 5.45 34.23
C ASN D 232 -16.20 4.07 34.76
N MET D 233 -17.20 3.19 34.86
CA MET D 233 -16.97 1.84 35.34
C MET D 233 -16.13 1.06 34.32
N VAL D 234 -16.27 1.42 33.04
CA VAL D 234 -15.43 0.84 32.01
C VAL D 234 -14.03 1.45 32.13
N SER D 235 -13.99 2.75 32.43
CA SER D 235 -12.73 3.45 32.61
C SER D 235 -11.99 2.90 33.83
N ARG D 236 -12.73 2.59 34.89
CA ARG D 236 -12.13 2.02 36.10
C ARG D 236 -11.56 0.64 35.82
N LEU D 237 -12.25 -0.13 34.99
CA LEU D 237 -11.81 -1.47 34.65
C LEU D 237 -10.50 -1.44 33.86
N LEU D 238 -10.44 -0.59 32.85
CA LEU D 238 -9.25 -0.49 32.01
C LEU D 238 -8.08 0.12 32.78
N LEU D 239 -8.40 0.98 33.74
CA LEU D 239 -7.37 1.57 34.60
C LEU D 239 -6.82 0.53 35.56
N ASN D 240 -7.70 -0.30 36.10
CA ASN D 240 -7.31 -1.31 37.06
C ASN D 240 -6.51 -2.44 36.42
N ARG D 241 -6.78 -2.71 35.15
CA ARG D 241 -6.11 -3.79 34.45
C ARG D 241 -4.66 -3.45 34.10
N PHE D 242 -4.31 -2.18 34.26
CA PHE D 242 -2.91 -1.76 34.13
C PHE D 242 -2.07 -2.39 35.22
N THR D 243 -2.68 -2.59 36.39
CA THR D 243 -1.98 -3.16 37.53
C THR D 243 -1.74 -4.66 37.33
N MET D 244 -2.75 -5.36 36.83
CA MET D 244 -2.64 -6.80 36.64
C MET D 244 -2.62 -7.19 35.17
N THR D 245 -1.43 -7.50 34.67
CA THR D 245 -1.27 -8.03 33.33
C THR D 245 -1.04 -9.54 33.44
N HIS D 246 -0.35 -10.12 32.46
CA HIS D 246 0.03 -11.53 32.49
C HIS D 246 -1.15 -12.47 32.70
N ARG D 247 -2.36 -12.01 32.39
CA ARG D 247 -3.56 -12.80 32.59
C ARG D 247 -4.01 -13.45 31.29
N ARG D 248 -4.01 -14.77 31.26
CA ARG D 248 -4.43 -15.51 30.09
C ARG D 248 -5.91 -15.25 29.79
N PRO D 249 -6.20 -14.81 28.56
CA PRO D 249 -7.57 -14.51 28.14
C PRO D 249 -8.41 -15.78 28.00
N THR D 250 -9.68 -15.68 28.37
CA THR D 250 -10.59 -16.81 28.27
C THR D 250 -10.84 -17.17 26.81
N ILE D 251 -10.48 -18.40 26.44
CA ILE D 251 -10.62 -18.85 25.06
C ILE D 251 -11.97 -19.53 24.82
N GLU D 252 -12.74 -19.00 23.88
CA GLU D 252 -14.03 -19.58 23.53
C GLU D 252 -14.04 -20.15 22.12
N LYS D 253 -15.02 -21.01 21.84
CA LYS D 253 -15.16 -21.62 20.53
C LYS D 253 -15.73 -20.62 19.53
N ASP D 254 -15.10 -20.53 18.36
CA ASP D 254 -15.58 -19.64 17.32
C ASP D 254 -16.92 -20.11 16.80
N VAL D 255 -17.70 -19.19 16.25
CA VAL D 255 -19.06 -19.50 15.80
C VAL D 255 -19.06 -20.39 14.57
N ASP D 256 -20.15 -21.15 14.40
CA ASP D 256 -20.35 -21.96 13.22
C ASP D 256 -21.58 -21.45 12.47
N LEU D 257 -21.33 -20.77 11.36
CA LEU D 257 -22.40 -20.12 10.62
C LEU D 257 -23.10 -21.05 9.63
N GLY D 258 -22.80 -22.34 9.72
CA GLY D 258 -23.44 -23.33 8.88
C GLY D 258 -23.18 -23.14 7.40
N ALA D 259 -24.07 -23.67 6.57
CA ALA D 259 -23.93 -23.56 5.12
C ALA D 259 -25.26 -23.78 4.41
N GLY D 260 -25.32 -23.37 3.15
CA GLY D 260 -26.51 -23.57 2.34
C GLY D 260 -27.46 -22.39 2.34
N THR D 261 -28.46 -22.44 1.49
CA THR D 261 -29.48 -21.40 1.41
C THR D 261 -30.41 -21.46 2.62
N ARG D 262 -31.28 -20.47 2.75
CA ARG D 262 -32.17 -20.40 3.91
C ARG D 262 -33.64 -20.66 3.58
N HIS D 263 -34.24 -19.75 2.84
CA HIS D 263 -35.68 -19.81 2.52
C HIS D 263 -36.53 -19.81 3.79
N VAL D 264 -36.88 -18.62 4.24
CA VAL D 264 -37.60 -18.44 5.51
C VAL D 264 -39.00 -19.04 5.49
N ASN D 265 -39.60 -19.06 4.31
CA ASN D 265 -40.98 -19.53 4.17
C ASN D 265 -41.13 -21.02 4.47
N ALA D 266 -40.08 -21.79 4.20
CA ALA D 266 -40.11 -23.23 4.46
C ALA D 266 -39.22 -23.57 5.64
N GLU D 267 -39.21 -22.71 6.65
CA GLU D 267 -38.35 -22.86 7.81
C GLU D 267 -39.07 -23.33 9.09
N PRO D 268 -40.22 -22.72 9.43
CA PRO D 268 -40.82 -23.12 10.71
C PRO D 268 -41.34 -24.55 10.77
N GLU D 269 -41.77 -24.96 11.95
CA GLU D 269 -42.21 -26.33 12.20
C GLU D 269 -43.70 -26.39 12.54
N THR D 270 -44.38 -27.40 12.02
CA THR D 270 -45.80 -27.60 12.28
C THR D 270 -46.06 -28.92 12.98
N PRO D 271 -46.33 -28.88 14.30
CA PRO D 271 -46.60 -30.07 15.11
C PRO D 271 -48.02 -30.60 14.89
N ASN D 272 -48.37 -31.67 15.59
CA ASN D 272 -49.69 -32.26 15.48
C ASN D 272 -50.56 -31.93 16.69
N MET D 273 -49.91 -31.72 17.83
CA MET D 273 -50.56 -31.31 19.07
C MET D 273 -51.55 -32.33 19.63
N ASP D 274 -51.83 -33.40 18.88
CA ASP D 274 -52.71 -34.45 19.36
C ASP D 274 -51.89 -35.57 19.95
N VAL D 275 -50.61 -35.61 19.58
CA VAL D 275 -49.69 -36.61 20.08
C VAL D 275 -48.86 -36.05 21.23
N ILE D 276 -48.28 -34.88 21.01
CA ILE D 276 -47.43 -34.25 22.01
C ILE D 276 -48.24 -33.39 22.97
N GLY D 277 -49.55 -33.32 22.74
CA GLY D 277 -50.43 -32.48 23.54
C GLY D 277 -50.46 -32.82 25.00
N GLU D 278 -50.55 -34.11 25.31
CA GLU D 278 -50.66 -34.56 26.69
C GLU D 278 -49.38 -34.33 27.47
N ARG D 279 -48.24 -34.55 26.80
CA ARG D 279 -46.94 -34.36 27.43
C ARG D 279 -46.71 -32.93 27.87
N ILE D 280 -47.00 -31.99 26.97
CA ILE D 280 -46.84 -30.57 27.27
C ILE D 280 -47.81 -30.15 28.36
N LYS D 281 -48.98 -30.77 28.37
CA LYS D 281 -50.01 -30.46 29.36
C LYS D 281 -49.52 -30.72 30.78
N ARG D 282 -48.84 -31.85 30.97
CA ARG D 282 -48.33 -32.22 32.28
C ARG D 282 -47.21 -31.29 32.73
N ILE D 283 -46.36 -30.90 31.78
CA ILE D 283 -45.27 -29.97 32.06
C ILE D 283 -45.82 -28.60 32.42
N LYS D 284 -46.89 -28.21 31.72
CA LYS D 284 -47.51 -26.91 31.93
C LYS D 284 -48.13 -26.80 33.33
N GLU D 285 -48.88 -27.83 33.71
CA GLU D 285 -49.57 -27.84 35.00
C GLU D 285 -48.57 -27.88 36.15
N GLU D 286 -47.48 -28.60 35.96
CA GLU D 286 -46.48 -28.76 37.00
C GLU D 286 -45.80 -27.42 37.33
N HIS D 287 -45.43 -26.69 36.30
CA HIS D 287 -44.76 -25.41 36.47
C HIS D 287 -45.68 -24.26 36.13
N SER D 288 -46.94 -24.35 36.56
CA SER D 288 -47.95 -23.34 36.25
C SER D 288 -47.68 -22.03 36.99
N SER D 289 -46.79 -22.07 37.98
CA SER D 289 -46.48 -20.89 38.77
C SER D 289 -45.66 -19.88 37.96
N THR D 290 -44.77 -20.38 37.11
CA THR D 290 -43.90 -19.52 36.32
C THR D 290 -43.99 -19.80 34.83
N TRP D 291 -45.06 -20.45 34.41
CA TRP D 291 -45.25 -20.77 33.00
C TRP D 291 -45.63 -19.53 32.21
N HIS D 292 -44.99 -19.34 31.05
CA HIS D 292 -45.25 -18.20 30.20
C HIS D 292 -44.80 -18.44 28.77
N TYR D 293 -45.09 -17.49 27.89
CA TYR D 293 -44.69 -17.60 26.50
C TYR D 293 -43.74 -16.47 26.13
N ASP D 294 -42.48 -16.81 25.86
CA ASP D 294 -41.49 -15.83 25.46
C ASP D 294 -41.66 -15.50 23.99
N ASP D 295 -41.86 -14.22 23.68
CA ASP D 295 -42.07 -13.79 22.32
C ASP D 295 -40.76 -13.68 21.54
N GLU D 296 -39.65 -13.83 22.25
CA GLU D 296 -38.35 -13.64 21.65
C GLU D 296 -37.54 -14.93 21.59
N ASN D 297 -38.22 -16.05 21.38
CA ASN D 297 -37.53 -17.33 21.25
C ASN D 297 -36.82 -17.44 19.92
N PRO D 298 -35.56 -17.90 19.93
CA PRO D 298 -34.72 -17.97 18.74
C PRO D 298 -34.93 -19.21 17.90
N TYR D 299 -35.89 -20.05 18.29
CA TYR D 299 -36.12 -21.32 17.60
C TYR D 299 -36.77 -21.11 16.23
N LYS D 300 -36.16 -21.69 15.20
CA LYS D 300 -36.64 -21.53 13.84
C LYS D 300 -37.32 -22.78 13.33
N THR D 301 -36.57 -23.87 13.26
CA THR D 301 -37.07 -25.13 12.70
C THR D 301 -37.73 -26.00 13.76
N TRP D 302 -37.86 -25.48 14.97
CA TRP D 302 -38.50 -26.20 16.05
C TRP D 302 -39.75 -25.47 16.54
N ALA D 303 -40.73 -26.23 17.02
CA ALA D 303 -41.98 -25.65 17.48
C ALA D 303 -41.88 -25.23 18.95
N TYR D 304 -41.78 -23.94 19.19
CA TYR D 304 -41.73 -23.41 20.55
C TYR D 304 -43.10 -23.42 21.20
N HIS D 305 -43.18 -23.97 22.40
CA HIS D 305 -44.46 -24.10 23.09
C HIS D 305 -44.59 -23.18 24.29
N GLY D 306 -43.55 -23.14 25.13
CA GLY D 306 -43.58 -22.31 26.32
C GLY D 306 -42.27 -22.29 27.09
N SER D 307 -42.27 -21.59 28.22
CA SER D 307 -41.07 -21.49 29.05
C SER D 307 -41.42 -21.27 30.52
N TYR D 308 -40.51 -21.67 31.40
CA TYR D 308 -40.68 -21.47 32.83
C TYR D 308 -39.33 -21.27 33.51
N GLU D 309 -39.35 -20.54 34.62
CA GLU D 309 -38.12 -20.24 35.35
C GLU D 309 -37.52 -21.51 35.96
N VAL D 310 -36.20 -21.59 35.94
CA VAL D 310 -35.49 -22.73 36.51
C VAL D 310 -34.08 -22.33 36.90
N LYS D 311 -33.48 -23.08 37.82
CA LYS D 311 -32.12 -22.81 38.27
C LYS D 311 -31.11 -23.21 37.20
N ALA D 312 -29.98 -22.50 37.18
CA ALA D 312 -28.94 -22.74 36.18
C ALA D 312 -28.34 -24.13 36.30
N THR D 313 -27.88 -24.67 35.17
CA THR D 313 -27.32 -26.02 35.12
C THR D 313 -26.22 -26.12 34.08
N GLY D 314 -25.05 -26.62 34.50
CA GLY D 314 -23.94 -26.81 33.59
C GLY D 314 -22.71 -26.01 33.99
N SER D 315 -21.58 -26.33 33.36
CA SER D 315 -20.33 -25.65 33.65
C SER D 315 -19.68 -25.16 32.35
N ALA D 316 -18.88 -24.10 32.46
CA ALA D 316 -18.23 -23.52 31.30
C ALA D 316 -17.14 -24.43 30.75
N SER D 317 -16.45 -25.14 31.64
CA SER D 317 -15.38 -26.04 31.24
C SER D 317 -15.59 -27.43 31.84
N SER D 318 -14.87 -28.41 31.30
CA SER D 318 -14.95 -29.78 31.79
C SER D 318 -13.86 -30.06 32.83
N MET D 319 -14.11 -31.04 33.70
CA MET D 319 -13.16 -31.39 34.73
C MET D 319 -11.92 -32.04 34.14
N ILE D 320 -10.75 -31.56 34.56
CA ILE D 320 -9.48 -32.05 34.05
C ILE D 320 -8.96 -33.22 34.87
N ASN D 321 -8.57 -34.29 34.18
CA ASN D 321 -7.99 -35.45 34.83
C ASN D 321 -6.62 -35.11 35.43
N GLY D 322 -6.54 -35.18 36.76
CA GLY D 322 -5.35 -34.74 37.47
C GLY D 322 -4.11 -35.58 37.25
N VAL D 323 -4.21 -36.88 37.50
CA VAL D 323 -3.05 -37.77 37.43
C VAL D 323 -2.49 -37.88 36.02
N VAL D 324 -3.33 -37.61 35.02
CA VAL D 324 -2.89 -37.66 33.64
C VAL D 324 -2.23 -36.34 33.26
N LYS D 325 -2.75 -35.25 33.79
CA LYS D 325 -2.22 -33.92 33.50
C LYS D 325 -0.79 -33.76 34.00
N LEU D 326 -0.53 -34.27 35.19
CA LEU D 326 0.79 -34.14 35.80
C LEU D 326 1.86 -34.92 35.05
N LEU D 327 1.45 -36.01 34.42
CA LEU D 327 2.38 -36.88 33.70
C LEU D 327 2.52 -36.47 32.24
N THR D 328 1.54 -35.70 31.75
CA THR D 328 1.58 -35.23 30.37
C THR D 328 1.82 -33.72 30.31
N LYS D 329 2.93 -33.31 30.91
CA LYS D 329 3.29 -31.89 30.99
C LYS D 329 3.52 -31.20 29.63
N PRO D 330 4.25 -31.85 28.68
CA PRO D 330 4.49 -31.14 27.43
C PRO D 330 3.24 -30.86 26.60
N TRP D 331 2.15 -31.55 26.91
CA TRP D 331 0.91 -31.38 26.14
C TRP D 331 -0.02 -30.35 26.77
N ASP D 332 0.50 -29.59 27.73
CA ASP D 332 -0.28 -28.53 28.35
C ASP D 332 -0.34 -27.31 27.44
N VAL D 333 0.63 -27.20 26.54
CA VAL D 333 0.73 -26.05 25.66
C VAL D 333 0.25 -26.40 24.25
N VAL D 334 -0.21 -27.63 24.07
CA VAL D 334 -0.72 -28.07 22.77
C VAL D 334 -2.17 -27.64 22.60
N PRO D 335 -2.45 -26.84 21.55
CA PRO D 335 -3.76 -26.26 21.27
C PRO D 335 -4.88 -27.30 21.18
N MET D 336 -4.66 -28.37 20.42
CA MET D 336 -5.68 -29.39 20.21
C MET D 336 -6.09 -30.05 21.52
N VAL D 337 -5.12 -30.25 22.41
CA VAL D 337 -5.38 -30.86 23.70
C VAL D 337 -6.27 -29.97 24.56
N THR D 338 -6.03 -28.66 24.47
CA THR D 338 -6.77 -27.70 25.28
C THR D 338 -8.20 -27.48 24.77
N GLN D 339 -8.40 -27.66 23.46
CA GLN D 339 -9.71 -27.42 22.85
C GLN D 339 -10.77 -28.40 23.33
N MET D 340 -10.35 -29.62 23.65
CA MET D 340 -11.29 -30.67 24.03
C MET D 340 -11.87 -30.44 25.41
N ALA D 341 -11.27 -29.52 26.16
CA ALA D 341 -11.75 -29.21 27.50
C ALA D 341 -12.59 -27.93 27.51
N MET D 342 -12.83 -27.39 26.32
CA MET D 342 -13.59 -26.15 26.18
C MET D 342 -15.06 -26.42 25.94
N THR D 343 -15.52 -27.60 26.38
CA THR D 343 -16.93 -27.96 26.25
C THR D 343 -17.79 -27.13 27.19
N ASP D 344 -18.70 -26.35 26.62
CA ASP D 344 -19.55 -25.47 27.41
C ASP D 344 -20.95 -26.05 27.57
N THR D 345 -21.37 -26.28 28.81
CA THR D 345 -22.67 -26.88 29.09
C THR D 345 -23.60 -25.88 29.77
N THR D 346 -23.14 -24.64 29.90
CA THR D 346 -23.95 -23.57 30.48
C THR D 346 -25.15 -23.26 29.59
N PRO D 347 -26.22 -22.66 30.16
CA PRO D 347 -27.38 -22.24 29.38
C PRO D 347 -27.01 -21.46 28.12
N PHE D 348 -25.96 -20.66 28.19
CA PHE D 348 -25.45 -19.97 27.02
C PHE D 348 -24.92 -20.97 26.01
N GLY D 349 -24.16 -21.95 26.50
CA GLY D 349 -23.55 -22.95 25.65
C GLY D 349 -24.56 -23.84 24.94
N GLN D 350 -25.66 -24.13 25.62
CA GLN D 350 -26.69 -25.00 25.06
C GLN D 350 -27.38 -24.34 23.87
N GLN D 351 -27.51 -23.02 23.94
CA GLN D 351 -28.13 -22.26 22.85
C GLN D 351 -27.20 -22.15 21.66
N ARG D 352 -25.90 -21.98 21.93
CA ARG D 352 -24.91 -21.86 20.88
C ARG D 352 -24.82 -23.15 20.07
N VAL D 353 -24.82 -24.28 20.77
CA VAL D 353 -24.73 -25.58 20.11
C VAL D 353 -26.00 -25.87 19.32
N PHE D 354 -27.14 -25.52 19.90
CA PHE D 354 -28.44 -25.75 19.27
C PHE D 354 -28.56 -24.99 17.96
N LYS D 355 -28.06 -23.76 17.95
CA LYS D 355 -28.14 -22.91 16.78
C LYS D 355 -27.19 -23.38 15.68
N GLU D 356 -26.04 -23.90 16.08
CA GLU D 356 -24.99 -24.26 15.12
C GLU D 356 -25.14 -25.67 14.57
N LYS D 357 -25.94 -26.50 15.22
CA LYS D 357 -26.08 -27.89 14.79
C LYS D 357 -27.53 -28.36 14.68
N VAL D 358 -28.30 -28.19 15.74
CA VAL D 358 -29.63 -28.77 15.82
C VAL D 358 -30.67 -28.02 15.00
N ASP D 359 -30.61 -26.70 15.05
CA ASP D 359 -31.64 -25.87 14.43
C ASP D 359 -31.47 -25.73 12.91
N THR D 360 -31.66 -26.84 12.20
CA THR D 360 -31.62 -26.84 10.74
C THR D 360 -32.73 -27.72 10.18
N ARG D 361 -33.17 -27.42 8.96
CA ARG D 361 -34.23 -28.20 8.33
C ARG D 361 -33.77 -28.89 7.05
N THR D 362 -34.08 -30.17 6.93
CA THR D 362 -33.74 -30.94 5.76
C THR D 362 -34.91 -31.00 4.78
N PRO D 363 -34.68 -30.58 3.53
CA PRO D 363 -35.70 -30.60 2.49
C PRO D 363 -36.24 -32.02 2.24
N ARG D 364 -37.55 -32.13 2.06
CA ARG D 364 -38.18 -33.43 1.85
C ARG D 364 -37.76 -34.03 0.51
N PRO D 365 -37.33 -35.29 0.53
CA PRO D 365 -36.88 -36.02 -0.67
C PRO D 365 -37.93 -36.06 -1.78
N MET D 366 -37.48 -36.19 -3.01
CA MET D 366 -38.37 -36.25 -4.17
C MET D 366 -39.21 -37.53 -4.15
N PRO D 367 -40.43 -37.45 -4.72
CA PRO D 367 -41.35 -38.60 -4.79
C PRO D 367 -40.71 -39.86 -5.35
N GLY D 368 -39.85 -39.71 -6.35
CA GLY D 368 -39.16 -40.84 -6.93
C GLY D 368 -38.19 -41.44 -5.94
N THR D 369 -37.53 -40.59 -5.17
CA THR D 369 -36.56 -41.04 -4.18
C THR D 369 -37.24 -41.77 -3.03
N ARG D 370 -38.39 -41.28 -2.61
CA ARG D 370 -39.14 -41.87 -1.51
C ARG D 370 -39.55 -43.30 -1.82
N LYS D 371 -39.93 -43.54 -3.07
CA LYS D 371 -40.33 -44.88 -3.49
C LYS D 371 -39.14 -45.83 -3.45
N VAL D 372 -38.00 -45.36 -3.94
CA VAL D 372 -36.78 -46.17 -3.95
C VAL D 372 -36.35 -46.50 -2.52
N MET D 373 -36.45 -45.52 -1.64
CA MET D 373 -36.12 -45.73 -0.23
C MET D 373 -37.07 -46.72 0.42
N GLU D 374 -38.33 -46.69 0.00
CA GLU D 374 -39.35 -47.57 0.55
C GLU D 374 -39.15 -49.01 0.11
N ILE D 375 -38.77 -49.18 -1.16
CA ILE D 375 -38.55 -50.51 -1.73
C ILE D 375 -37.34 -51.17 -1.08
N THR D 376 -36.25 -50.42 -0.97
CA THR D 376 -35.01 -50.94 -0.41
C THR D 376 -35.19 -51.27 1.07
N ALA D 377 -35.96 -50.45 1.77
CA ALA D 377 -36.18 -50.63 3.21
C ALA D 377 -36.89 -51.95 3.51
N GLU D 378 -37.96 -52.23 2.77
CA GLU D 378 -38.71 -53.46 2.98
C GLU D 378 -37.86 -54.68 2.65
N TRP D 379 -36.97 -54.54 1.68
CA TRP D 379 -36.09 -55.63 1.28
C TRP D 379 -35.00 -55.87 2.32
N LEU D 380 -34.55 -54.78 2.95
CA LEU D 380 -33.44 -54.86 3.89
C LEU D 380 -33.89 -55.45 5.23
N TRP D 381 -35.08 -55.06 5.68
CA TRP D 381 -35.63 -55.61 6.92
C TRP D 381 -35.87 -57.11 6.80
N ARG D 382 -36.36 -57.53 5.64
CA ARG D 382 -36.60 -58.95 5.38
C ARG D 382 -35.29 -59.71 5.37
N THR D 383 -34.23 -59.05 4.90
CA THR D 383 -32.91 -59.67 4.83
C THR D 383 -32.33 -59.89 6.23
N LEU D 384 -32.47 -58.88 7.08
CA LEU D 384 -31.95 -58.95 8.44
C LEU D 384 -32.75 -59.92 9.29
N GLY D 385 -34.04 -60.04 9.00
CA GLY D 385 -34.92 -60.89 9.76
C GLY D 385 -35.15 -62.24 9.12
N ARG D 386 -34.18 -62.69 8.33
CA ARG D 386 -34.30 -63.98 7.64
C ARG D 386 -34.06 -65.13 8.61
N ASN D 387 -33.37 -64.85 9.71
CA ASN D 387 -33.05 -65.86 10.70
C ASN D 387 -33.59 -65.48 12.08
N LYS D 388 -33.21 -64.30 12.54
CA LYS D 388 -33.63 -63.82 13.85
C LYS D 388 -35.08 -63.34 13.81
N ARG D 389 -35.73 -63.36 14.98
CA ARG D 389 -37.11 -62.91 15.08
C ARG D 389 -37.26 -61.88 16.20
N PRO D 390 -37.93 -60.76 15.90
CA PRO D 390 -38.16 -59.67 16.86
C PRO D 390 -38.80 -60.15 18.16
N ARG D 391 -38.31 -59.66 19.29
CA ARG D 391 -38.82 -60.07 20.59
C ARG D 391 -38.92 -58.89 21.54
N LEU D 392 -39.71 -59.08 22.60
CA LEU D 392 -39.84 -58.07 23.64
C LEU D 392 -38.74 -58.21 24.69
N CYS D 393 -38.06 -57.12 24.99
CA CYS D 393 -37.08 -57.12 26.07
C CYS D 393 -37.80 -57.07 27.40
N THR D 394 -37.22 -57.70 28.42
CA THR D 394 -37.87 -57.82 29.71
C THR D 394 -37.29 -56.86 30.75
N ARG D 395 -38.01 -56.68 31.84
CA ARG D 395 -37.54 -55.87 32.96
C ARG D 395 -36.27 -56.46 33.56
N GLU D 396 -36.20 -57.78 33.57
CA GLU D 396 -35.04 -58.49 34.10
C GLU D 396 -33.79 -58.18 33.29
N GLU D 397 -33.95 -58.04 31.98
CA GLU D 397 -32.83 -57.70 31.10
C GLU D 397 -32.36 -56.27 31.36
N PHE D 398 -33.31 -55.38 31.65
CA PHE D 398 -33.00 -53.99 31.87
C PHE D 398 -32.30 -53.78 33.21
N THR D 399 -32.76 -54.50 34.23
CA THR D 399 -32.21 -54.38 35.57
C THR D 399 -30.77 -54.87 35.64
N LYS D 400 -30.46 -55.92 34.89
CA LYS D 400 -29.12 -56.50 34.90
C LYS D 400 -28.10 -55.56 34.26
N LYS D 401 -28.48 -54.91 33.16
CA LYS D 401 -27.57 -54.03 32.45
C LYS D 401 -27.22 -52.79 33.28
N VAL D 402 -28.17 -52.34 34.09
CA VAL D 402 -27.96 -51.18 34.95
C VAL D 402 -26.99 -51.51 36.09
N ARG D 403 -27.22 -52.64 36.73
CA ARG D 403 -26.41 -53.06 37.87
C ARG D 403 -24.97 -53.40 37.46
N THR D 404 -24.84 -54.09 36.33
CA THR D 404 -23.52 -54.50 35.85
C THR D 404 -22.66 -53.31 35.45
N ASN D 405 -23.30 -52.27 34.90
CA ASN D 405 -22.58 -51.07 34.51
C ASN D 405 -22.10 -50.28 35.72
N ALA D 406 -23.02 -49.97 36.63
CA ALA D 406 -22.69 -49.24 37.84
C ALA D 406 -22.23 -50.18 38.95
N SER D 420 -30.60 -41.10 41.41
CA SER D 420 -29.66 -41.98 40.73
C SER D 420 -30.39 -43.03 39.90
N ALA D 421 -29.68 -43.63 38.95
CA ALA D 421 -30.25 -44.65 38.09
C ALA D 421 -30.36 -45.99 38.80
N ARG D 422 -29.55 -46.17 39.83
CA ARG D 422 -29.53 -47.41 40.59
C ARG D 422 -30.69 -47.49 41.57
N ALA D 423 -31.21 -46.33 41.96
CA ALA D 423 -32.29 -46.26 42.94
C ALA D 423 -33.64 -46.52 42.29
N ALA D 424 -33.76 -46.19 41.01
CA ALA D 424 -35.01 -46.32 40.29
C ALA D 424 -35.34 -47.78 40.00
N VAL D 425 -34.31 -48.57 39.71
CA VAL D 425 -34.51 -49.96 39.32
C VAL D 425 -34.90 -50.85 40.49
N GLU D 426 -34.55 -50.43 41.71
CA GLU D 426 -34.87 -51.20 42.90
C GLU D 426 -36.24 -50.82 43.44
N ASP D 427 -36.60 -49.55 43.25
CA ASP D 427 -37.89 -49.04 43.70
C ASP D 427 -39.03 -49.67 42.89
N GLU D 428 -39.94 -50.34 43.58
CA GLU D 428 -41.07 -50.98 42.93
C GLU D 428 -42.09 -49.94 42.47
N GLU D 429 -42.08 -48.79 43.14
CA GLU D 429 -42.99 -47.70 42.81
C GLU D 429 -42.66 -47.13 41.43
N PHE D 430 -41.41 -47.26 41.03
CA PHE D 430 -40.94 -46.80 39.73
C PHE D 430 -41.60 -47.58 38.60
N TRP D 431 -41.58 -48.91 38.71
CA TRP D 431 -42.12 -49.78 37.68
C TRP D 431 -43.64 -49.63 37.56
N LYS D 432 -44.27 -49.18 38.64
CA LYS D 432 -45.70 -48.94 38.63
C LYS D 432 -46.01 -47.73 37.75
N LEU D 433 -45.12 -46.74 37.77
CA LEU D 433 -45.26 -45.56 36.93
C LEU D 433 -44.97 -45.94 35.48
N VAL D 434 -44.04 -46.87 35.29
CA VAL D 434 -43.71 -47.36 33.96
C VAL D 434 -44.88 -48.15 33.38
N ASP D 435 -45.48 -48.98 34.23
CA ASP D 435 -46.62 -49.77 33.82
C ASP D 435 -47.80 -48.87 33.46
N ARG D 436 -47.94 -47.77 34.21
CA ARG D 436 -48.97 -46.79 33.93
C ARG D 436 -48.77 -46.13 32.57
N GLU D 437 -47.53 -45.72 32.30
CA GLU D 437 -47.19 -45.07 31.04
C GLU D 437 -47.34 -46.03 29.87
N ARG D 438 -47.08 -47.31 30.13
CA ARG D 438 -47.20 -48.33 29.10
C ARG D 438 -48.64 -48.43 28.62
N GLU D 439 -49.58 -48.34 29.57
CA GLU D 439 -51.00 -48.41 29.25
C GLU D 439 -51.42 -47.25 28.35
N LEU D 440 -50.77 -46.11 28.53
CA LEU D 440 -51.01 -44.95 27.66
C LEU D 440 -50.49 -45.23 26.27
N HIS D 441 -49.31 -45.86 26.19
CA HIS D 441 -48.73 -46.22 24.90
C HIS D 441 -49.60 -47.27 24.20
N LYS D 442 -50.23 -48.12 24.98
CA LYS D 442 -51.11 -49.16 24.44
C LYS D 442 -52.44 -48.58 24.01
N LEU D 443 -52.67 -47.31 24.34
CA LEU D 443 -53.87 -46.60 23.90
C LEU D 443 -53.54 -45.60 22.80
N GLY D 444 -52.26 -45.50 22.47
CA GLY D 444 -51.81 -44.58 21.44
C GLY D 444 -51.58 -43.18 21.99
N LYS D 445 -51.37 -43.09 23.30
CA LYS D 445 -51.15 -41.80 23.95
C LYS D 445 -49.79 -41.76 24.64
N CYS D 446 -49.27 -40.56 24.86
CA CYS D 446 -47.99 -40.39 25.53
C CYS D 446 -48.06 -39.27 26.55
N GLY D 447 -47.38 -39.45 27.68
CA GLY D 447 -47.49 -38.48 28.76
C GLY D 447 -46.23 -38.14 29.51
N SER D 448 -45.22 -39.00 29.45
CA SER D 448 -44.03 -38.81 30.26
C SER D 448 -42.72 -38.99 29.49
N CYS D 449 -42.82 -39.22 28.18
CA CYS D 449 -41.63 -39.43 27.38
C CYS D 449 -41.10 -38.11 26.81
N VAL D 450 -40.27 -37.43 27.60
CA VAL D 450 -39.66 -36.17 27.16
C VAL D 450 -38.14 -36.27 27.16
N TYR D 451 -37.52 -35.71 26.13
CA TYR D 451 -36.07 -35.80 25.97
C TYR D 451 -35.35 -34.61 26.59
N ASN D 452 -34.15 -34.85 27.11
CA ASN D 452 -33.33 -33.80 27.67
C ASN D 452 -32.03 -33.62 26.91
N MET D 453 -31.56 -32.38 26.82
CA MET D 453 -30.31 -32.07 26.14
C MET D 453 -29.12 -32.17 27.09
N TYR D 475 -38.72 -36.65 36.89
CA TYR D 475 -37.68 -37.55 36.43
C TYR D 475 -38.29 -38.86 35.96
N MET D 476 -39.56 -38.80 35.57
CA MET D 476 -40.26 -39.94 35.04
C MET D 476 -39.58 -40.39 33.78
N TRP D 477 -38.44 -39.79 33.48
CA TRP D 477 -37.89 -39.88 32.13
C TRP D 477 -37.28 -41.24 31.83
N LEU D 478 -36.71 -41.87 32.84
CA LEU D 478 -35.99 -43.12 32.65
C LEU D 478 -36.92 -44.27 32.26
N GLY D 479 -38.15 -44.27 32.80
CA GLY D 479 -39.14 -45.26 32.43
C GLY D 479 -39.42 -45.27 30.94
N ALA D 480 -39.36 -44.10 30.32
CA ALA D 480 -39.57 -43.98 28.88
C ALA D 480 -38.45 -44.65 28.10
N ARG D 481 -37.27 -44.75 28.71
CA ARG D 481 -36.14 -45.41 28.08
C ARG D 481 -36.35 -46.91 28.06
N TYR D 482 -36.87 -47.44 29.17
CA TYR D 482 -37.17 -48.86 29.27
C TYR D 482 -38.21 -49.29 28.25
N LEU D 483 -39.27 -48.50 28.15
CA LEU D 483 -40.33 -48.76 27.18
C LEU D 483 -39.78 -48.76 25.77
N GLU D 484 -38.80 -47.89 25.54
CA GLU D 484 -38.08 -47.85 24.26
C GLU D 484 -37.18 -49.08 24.14
N PHE D 485 -36.58 -49.46 25.26
CA PHE D 485 -35.72 -50.64 25.31
C PHE D 485 -36.54 -51.92 25.23
N GLU D 486 -37.74 -51.88 25.79
CA GLU D 486 -38.61 -53.05 25.79
C GLU D 486 -39.05 -53.42 24.38
N ALA D 487 -39.21 -52.41 23.54
CA ALA D 487 -39.75 -52.61 22.21
C ALA D 487 -38.66 -52.78 21.16
N LEU D 488 -37.60 -51.99 21.25
CA LEU D 488 -36.58 -51.97 20.21
C LEU D 488 -35.19 -52.31 20.71
N GLY D 489 -35.11 -52.88 21.90
CA GLY D 489 -33.83 -53.24 22.48
C GLY D 489 -33.25 -54.50 21.89
N PHE D 490 -34.10 -55.28 21.22
CA PHE D 490 -33.70 -56.57 20.68
C PHE D 490 -32.70 -56.41 19.53
N LEU D 491 -32.63 -55.21 18.97
CA LEU D 491 -31.71 -54.92 17.89
C LEU D 491 -30.26 -54.97 18.37
N ASN D 492 -30.06 -54.64 19.64
CA ASN D 492 -28.72 -54.63 20.20
C ASN D 492 -28.43 -55.88 21.01
N GLU D 493 -29.43 -56.41 21.67
CA GLU D 493 -29.26 -57.58 22.53
C GLU D 493 -29.09 -58.85 21.72
N ASP D 494 -29.89 -58.99 20.66
CA ASP D 494 -29.83 -60.18 19.82
C ASP D 494 -28.83 -60.03 18.69
N HIS D 495 -28.12 -58.91 18.69
CA HIS D 495 -27.08 -58.62 17.70
C HIS D 495 -27.59 -58.74 16.27
N TRP D 496 -28.56 -57.91 15.93
CA TRP D 496 -29.14 -57.92 14.59
C TRP D 496 -28.15 -57.39 13.55
N PHE D 497 -27.32 -56.43 13.97
CA PHE D 497 -26.40 -55.77 13.04
C PHE D 497 -24.99 -56.35 13.13
N SER D 498 -24.89 -57.60 13.56
CA SER D 498 -23.61 -58.29 13.54
C SER D 498 -23.24 -58.59 12.09
N ARG D 499 -21.95 -58.78 11.84
CA ARG D 499 -21.48 -58.98 10.47
C ARG D 499 -21.98 -60.30 9.90
N GLU D 500 -22.30 -61.24 10.78
CA GLU D 500 -22.82 -62.53 10.36
C GLU D 500 -24.26 -62.40 9.87
N ASN D 501 -24.99 -61.44 10.43
CA ASN D 501 -26.40 -61.28 10.14
C ASN D 501 -26.70 -60.11 9.21
N SER D 502 -25.82 -59.10 9.23
CA SER D 502 -26.07 -57.89 8.46
C SER D 502 -25.06 -57.69 7.34
N TYR D 503 -24.08 -58.58 7.25
CA TYR D 503 -23.04 -58.54 6.22
C TYR D 503 -22.17 -57.28 6.26
N SER D 504 -22.82 -56.12 6.39
CA SER D 504 -22.10 -54.85 6.39
C SER D 504 -21.71 -54.40 7.79
N GLY D 505 -22.57 -54.70 8.76
CA GLY D 505 -22.37 -54.25 10.12
C GLY D 505 -21.10 -54.77 10.77
N VAL D 506 -20.66 -54.10 11.83
CA VAL D 506 -19.48 -54.51 12.57
C VAL D 506 -19.75 -54.49 14.07
N GLU D 507 -21.02 -54.68 14.44
CA GLU D 507 -21.42 -54.62 15.84
C GLU D 507 -20.84 -55.78 16.64
N GLY D 508 -20.23 -55.45 17.77
CA GLY D 508 -19.68 -56.45 18.67
C GLY D 508 -18.40 -57.08 18.17
N GLU D 509 -17.82 -56.49 17.13
CA GLU D 509 -16.61 -57.04 16.54
C GLU D 509 -15.37 -56.57 17.29
N GLY D 510 -15.33 -55.28 17.63
CA GLY D 510 -14.23 -54.72 18.40
C GLY D 510 -13.27 -53.91 17.56
N LEU D 511 -12.61 -52.94 18.21
CA LEU D 511 -11.69 -52.05 17.53
C LEU D 511 -10.47 -52.79 16.98
N HIS D 512 -10.05 -53.83 17.69
CA HIS D 512 -8.86 -54.58 17.31
C HIS D 512 -9.09 -55.44 16.07
N LYS D 513 -10.35 -55.59 15.68
CA LYS D 513 -10.70 -56.41 14.52
C LYS D 513 -11.15 -55.56 13.34
N LEU D 514 -11.41 -54.27 13.59
CA LEU D 514 -11.90 -53.37 12.55
C LEU D 514 -10.88 -53.21 11.42
N GLY D 515 -9.60 -53.17 11.78
CA GLY D 515 -8.54 -52.99 10.82
C GLY D 515 -8.41 -54.15 9.85
N TYR D 516 -8.52 -55.36 10.37
CA TYR D 516 -8.40 -56.56 9.55
C TYR D 516 -9.55 -56.67 8.56
N ILE D 517 -10.72 -56.18 8.95
CA ILE D 517 -11.89 -56.20 8.08
C ILE D 517 -11.67 -55.33 6.86
N LEU D 518 -11.17 -54.11 7.09
CA LEU D 518 -10.93 -53.17 6.01
C LEU D 518 -9.89 -53.70 5.03
N ARG D 519 -8.91 -54.43 5.53
CA ARG D 519 -7.89 -55.03 4.69
C ARG D 519 -8.50 -56.12 3.82
N ASP D 520 -9.46 -56.85 4.39
CA ASP D 520 -10.15 -57.90 3.65
C ASP D 520 -11.05 -57.31 2.58
N ILE D 521 -11.66 -56.17 2.89
CA ILE D 521 -12.49 -55.47 1.93
C ILE D 521 -11.61 -54.92 0.81
N SER D 522 -10.39 -54.52 1.16
CA SER D 522 -9.44 -54.00 0.19
C SER D 522 -9.04 -55.06 -0.82
N LYS D 523 -9.23 -56.33 -0.45
CA LYS D 523 -8.91 -57.43 -1.34
C LYS D 523 -10.03 -57.65 -2.36
N ILE D 524 -11.22 -57.16 -2.04
CA ILE D 524 -12.36 -57.29 -2.93
C ILE D 524 -12.18 -56.42 -4.17
N PRO D 525 -12.24 -57.04 -5.36
CA PRO D 525 -12.09 -56.33 -6.63
C PRO D 525 -13.12 -55.23 -6.82
N GLY D 526 -12.70 -54.10 -7.37
CA GLY D 526 -13.59 -52.98 -7.60
C GLY D 526 -12.86 -51.66 -7.73
N GLY D 527 -13.57 -50.57 -7.47
CA GLY D 527 -12.99 -49.25 -7.53
C GLY D 527 -12.25 -48.89 -6.27
N ALA D 528 -12.11 -47.59 -6.01
CA ALA D 528 -11.42 -47.12 -4.81
C ALA D 528 -12.31 -47.24 -3.58
N MET D 529 -11.70 -47.17 -2.41
CA MET D 529 -12.44 -47.24 -1.15
C MET D 529 -12.88 -45.84 -0.71
N TYR D 530 -14.19 -45.61 -0.74
CA TYR D 530 -14.73 -44.30 -0.38
C TYR D 530 -15.27 -44.29 1.05
N ALA D 531 -15.06 -43.17 1.74
CA ALA D 531 -15.53 -43.02 3.10
C ALA D 531 -15.96 -41.58 3.39
N ASP D 532 -17.16 -41.22 2.95
CA ASP D 532 -17.66 -39.87 3.13
C ASP D 532 -18.36 -39.71 4.47
N ASP D 533 -17.97 -38.68 5.22
CA ASP D 533 -18.55 -38.41 6.52
C ASP D 533 -19.74 -37.47 6.38
N THR D 534 -20.87 -37.86 6.95
CA THR D 534 -22.09 -37.05 6.87
C THR D 534 -22.13 -36.00 7.96
N ALA D 535 -22.34 -34.75 7.56
CA ALA D 535 -22.37 -33.63 8.50
C ALA D 535 -23.66 -33.62 9.32
N GLY D 536 -23.54 -33.96 10.60
CA GLY D 536 -24.67 -33.96 11.50
C GLY D 536 -25.73 -34.97 11.10
N TRP D 537 -25.39 -36.25 11.20
CA TRP D 537 -26.25 -37.33 10.76
C TRP D 537 -27.61 -37.33 11.45
N ASP D 538 -27.61 -37.11 12.76
CA ASP D 538 -28.84 -37.17 13.55
C ASP D 538 -29.83 -36.09 13.13
N THR D 539 -29.34 -35.03 12.49
CA THR D 539 -30.19 -33.94 12.03
C THR D 539 -30.63 -34.17 10.59
N ARG D 540 -29.97 -35.10 9.90
CA ARG D 540 -30.28 -35.37 8.51
C ARG D 540 -31.39 -36.39 8.35
N ILE D 541 -31.84 -36.96 9.46
CA ILE D 541 -32.91 -37.95 9.43
C ILE D 541 -34.25 -37.29 9.13
N THR D 542 -34.85 -37.68 8.01
CA THR D 542 -36.15 -37.15 7.60
C THR D 542 -37.28 -38.02 8.14
N GLU D 543 -38.52 -37.56 7.94
CA GLU D 543 -39.68 -38.33 8.38
C GLU D 543 -39.79 -39.64 7.63
N ASP D 544 -39.52 -39.59 6.33
CA ASP D 544 -39.59 -40.77 5.48
C ASP D 544 -38.60 -41.83 5.93
N ASP D 545 -37.42 -41.39 6.36
CA ASP D 545 -36.42 -42.32 6.89
C ASP D 545 -36.95 -43.01 8.13
N LEU D 546 -37.61 -42.24 8.99
CA LEU D 546 -38.23 -42.81 10.18
C LEU D 546 -39.40 -43.72 9.79
N HIS D 547 -40.11 -43.35 8.74
CA HIS D 547 -41.25 -44.13 8.26
C HIS D 547 -40.78 -45.47 7.70
N ASN D 548 -39.58 -45.48 7.13
CA ASN D 548 -39.01 -46.70 6.58
C ASN D 548 -38.49 -47.63 7.67
N GLU D 549 -37.99 -47.04 8.75
CA GLU D 549 -37.50 -47.80 9.88
C GLU D 549 -38.65 -48.42 10.66
N GLU D 550 -39.82 -47.84 10.51
CA GLU D 550 -41.01 -48.30 11.23
C GLU D 550 -41.52 -49.62 10.66
N LYS D 551 -41.03 -49.98 9.47
CA LYS D 551 -41.51 -51.17 8.77
C LYS D 551 -41.06 -52.46 9.45
N ILE D 552 -40.22 -52.36 10.47
CA ILE D 552 -39.77 -53.52 11.23
C ILE D 552 -40.91 -54.07 12.09
N THR D 553 -41.90 -53.21 12.36
CA THR D 553 -43.04 -53.60 13.19
C THR D 553 -43.90 -54.67 12.52
N GLN D 554 -43.69 -54.89 11.23
CA GLN D 554 -44.45 -55.88 10.48
C GLN D 554 -43.94 -57.29 10.76
N GLN D 555 -42.77 -57.40 11.37
CA GLN D 555 -42.19 -58.70 11.69
C GLN D 555 -42.40 -59.06 13.15
N MET D 556 -43.15 -58.23 13.86
CA MET D 556 -43.38 -58.44 15.28
C MET D 556 -44.73 -59.06 15.58
N ASP D 557 -44.86 -59.63 16.77
CA ASP D 557 -46.12 -60.18 17.24
C ASP D 557 -47.09 -59.05 17.53
N PRO D 558 -48.40 -59.31 17.40
CA PRO D 558 -49.46 -58.32 17.64
C PRO D 558 -49.33 -57.56 18.96
N GLU D 559 -48.86 -58.23 20.00
CA GLU D 559 -48.67 -57.59 21.29
C GLU D 559 -47.37 -56.81 21.31
N HIS D 560 -46.37 -57.32 20.58
CA HIS D 560 -45.08 -56.65 20.47
C HIS D 560 -45.18 -55.44 19.55
N ARG D 561 -45.86 -55.62 18.43
CA ARG D 561 -46.02 -54.56 17.43
C ARG D 561 -46.75 -53.34 18.02
N GLN D 562 -47.72 -53.60 18.89
CA GLN D 562 -48.52 -52.55 19.48
C GLN D 562 -47.68 -51.58 20.32
N LEU D 563 -46.73 -52.13 21.05
CA LEU D 563 -45.86 -51.33 21.89
C LEU D 563 -44.80 -50.61 21.06
N ALA D 564 -44.34 -51.27 20.00
CA ALA D 564 -43.32 -50.70 19.14
C ALA D 564 -43.88 -49.53 18.33
N ASN D 565 -45.06 -49.71 17.77
CA ASN D 565 -45.72 -48.66 17.01
C ASN D 565 -45.95 -47.41 17.86
N ALA D 566 -46.16 -47.63 19.15
CA ALA D 566 -46.32 -46.52 20.08
C ALA D 566 -45.01 -45.76 20.22
N ILE D 567 -43.91 -46.50 20.23
CA ILE D 567 -42.59 -45.89 20.36
C ILE D 567 -42.26 -45.02 19.15
N PHE D 568 -42.53 -45.54 17.95
CA PHE D 568 -42.26 -44.80 16.72
C PHE D 568 -43.17 -43.59 16.58
N LYS D 569 -44.46 -43.79 16.81
CA LYS D 569 -45.44 -42.73 16.63
C LYS D 569 -45.31 -41.61 17.67
N LEU D 570 -45.12 -41.99 18.93
CA LEU D 570 -45.24 -41.03 20.03
C LEU D 570 -43.89 -40.51 20.55
N THR D 571 -42.82 -41.26 20.32
CA THR D 571 -41.52 -40.87 20.87
C THR D 571 -40.46 -40.63 19.79
N TYR D 572 -40.69 -41.15 18.59
CA TYR D 572 -39.73 -40.96 17.51
C TYR D 572 -40.22 -39.96 16.47
N GLN D 573 -41.37 -40.25 15.87
CA GLN D 573 -41.94 -39.36 14.86
C GLN D 573 -42.49 -38.10 15.51
N ASN D 574 -42.55 -38.10 16.83
CA ASN D 574 -42.92 -36.93 17.63
C ASN D 574 -42.13 -36.93 18.92
N LYS D 575 -41.56 -35.79 19.30
CA LYS D 575 -40.76 -35.73 20.51
C LYS D 575 -40.80 -34.35 21.16
N VAL D 576 -40.72 -34.34 22.48
CA VAL D 576 -40.70 -33.10 23.24
C VAL D 576 -39.37 -32.96 23.97
N VAL D 577 -38.69 -31.83 23.77
CA VAL D 577 -37.36 -31.64 24.31
C VAL D 577 -37.27 -30.41 25.22
N LYS D 578 -36.68 -30.59 26.39
CA LYS D 578 -36.39 -29.48 27.29
C LYS D 578 -35.02 -28.88 26.99
N VAL D 579 -34.94 -27.55 27.01
CA VAL D 579 -33.68 -26.86 26.73
C VAL D 579 -33.61 -25.53 27.48
N GLN D 580 -32.51 -25.31 28.19
CA GLN D 580 -32.32 -24.08 28.94
C GLN D 580 -31.95 -22.93 28.02
N ARG D 581 -32.27 -21.71 28.47
CA ARG D 581 -31.98 -20.52 27.69
C ARG D 581 -31.86 -19.29 28.59
N PRO D 582 -30.75 -18.57 28.47
CA PRO D 582 -30.51 -17.36 29.29
C PRO D 582 -31.41 -16.20 28.89
N THR D 583 -31.93 -15.50 29.89
CA THR D 583 -32.80 -14.35 29.67
C THR D 583 -32.35 -13.18 30.55
N PRO D 584 -32.74 -11.94 30.18
CA PRO D 584 -32.39 -10.80 31.03
C PRO D 584 -33.00 -10.89 32.43
N LYS D 585 -34.03 -11.71 32.60
CA LYS D 585 -34.64 -11.90 33.91
C LYS D 585 -34.00 -13.04 34.66
N GLY D 586 -33.32 -13.92 33.94
CA GLY D 586 -32.65 -15.06 34.53
C GLY D 586 -32.48 -16.20 33.56
N THR D 587 -32.66 -17.43 34.04
CA THR D 587 -32.55 -18.60 33.19
C THR D 587 -33.89 -19.34 33.15
N VAL D 588 -34.34 -19.65 31.94
CA VAL D 588 -35.63 -20.32 31.76
C VAL D 588 -35.47 -21.62 31.00
N MET D 589 -36.50 -22.46 31.07
CA MET D 589 -36.50 -23.74 30.38
C MET D 589 -37.57 -23.76 29.28
N ASP D 590 -37.13 -23.84 28.03
CA ASP D 590 -38.06 -23.83 26.91
C ASP D 590 -38.56 -25.23 26.58
N ILE D 591 -39.73 -25.30 25.95
CA ILE D 591 -40.32 -26.56 25.53
C ILE D 591 -40.51 -26.59 24.02
N ILE D 592 -39.73 -27.43 23.35
CA ILE D 592 -39.77 -27.49 21.89
C ILE D 592 -40.20 -28.88 21.40
N SER D 593 -40.42 -28.98 20.09
CA SER D 593 -40.86 -30.24 19.50
C SER D 593 -40.60 -30.30 17.99
N ARG D 594 -40.14 -31.46 17.53
CA ARG D 594 -39.93 -31.68 16.11
C ARG D 594 -40.18 -33.14 15.77
N LYS D 595 -40.41 -33.43 14.49
CA LYS D 595 -40.86 -34.75 14.06
C LYS D 595 -39.78 -35.59 13.38
N ASP D 596 -38.91 -34.95 12.62
CA ASP D 596 -38.00 -35.68 11.74
C ASP D 596 -36.67 -36.08 12.39
N GLN D 597 -36.07 -35.17 13.14
CA GLN D 597 -34.72 -35.39 13.65
C GLN D 597 -34.61 -36.59 14.59
N ARG D 598 -33.38 -37.08 14.73
CA ARG D 598 -33.10 -38.26 15.55
C ARG D 598 -32.58 -37.87 16.93
N GLY D 599 -33.05 -38.56 17.96
CA GLY D 599 -32.57 -38.34 19.31
C GLY D 599 -31.23 -39.03 19.53
N SER D 600 -30.28 -38.31 20.12
CA SER D 600 -28.94 -38.84 20.31
C SER D 600 -28.87 -39.87 21.43
N GLY D 601 -29.64 -39.64 22.49
CA GLY D 601 -29.61 -40.51 23.65
C GLY D 601 -30.63 -41.64 23.59
N GLN D 602 -31.18 -41.88 22.40
CA GLN D 602 -32.18 -42.92 22.22
C GLN D 602 -31.55 -44.31 22.19
N VAL D 603 -32.37 -45.32 22.46
CA VAL D 603 -31.90 -46.70 22.54
C VAL D 603 -31.47 -47.24 21.18
N GLY D 604 -32.37 -47.19 20.21
CA GLY D 604 -32.09 -47.72 18.88
C GLY D 604 -31.32 -46.74 18.01
N THR D 605 -30.55 -45.87 18.64
CA THR D 605 -29.77 -44.86 17.92
C THR D 605 -28.74 -45.51 17.01
N TYR D 606 -27.91 -46.37 17.58
CA TYR D 606 -26.86 -47.03 16.82
C TYR D 606 -27.44 -47.97 15.78
N GLY D 607 -28.55 -48.61 16.11
CA GLY D 607 -29.18 -49.58 15.23
C GLY D 607 -29.81 -48.95 14.00
N LEU D 608 -30.77 -48.06 14.23
CA LEU D 608 -31.53 -47.45 13.14
C LEU D 608 -30.66 -46.59 12.23
N ASN D 609 -29.67 -45.91 12.81
CA ASN D 609 -28.74 -45.13 12.01
C ASN D 609 -27.90 -46.01 11.11
N THR D 610 -27.57 -47.20 11.61
CA THR D 610 -26.81 -48.16 10.82
C THR D 610 -27.67 -48.67 9.66
N PHE D 611 -28.94 -48.93 9.95
CA PHE D 611 -29.88 -49.41 8.96
C PHE D 611 -30.06 -48.41 7.83
N THR D 612 -30.40 -47.18 8.21
CA THR D 612 -30.65 -46.12 7.24
C THR D 612 -29.41 -45.83 6.40
N ASN D 613 -28.24 -45.90 7.04
CA ASN D 613 -26.99 -45.68 6.34
C ASN D 613 -26.72 -46.80 5.34
N MET D 614 -27.04 -48.03 5.72
CA MET D 614 -26.91 -49.17 4.82
C MET D 614 -27.84 -48.99 3.62
N GLU D 615 -29.02 -48.45 3.88
CA GLU D 615 -30.00 -48.17 2.84
C GLU D 615 -29.50 -47.08 1.89
N ALA D 616 -28.93 -46.03 2.46
CA ALA D 616 -28.48 -44.88 1.68
C ALA D 616 -27.26 -45.20 0.82
N GLN D 617 -26.30 -45.92 1.39
CA GLN D 617 -25.08 -46.26 0.67
C GLN D 617 -25.39 -47.24 -0.46
N LEU D 618 -26.46 -47.99 -0.30
CA LEU D 618 -26.89 -48.97 -1.30
C LEU D 618 -27.35 -48.28 -2.58
N ILE D 619 -28.38 -47.44 -2.43
CA ILE D 619 -28.99 -46.76 -3.57
C ILE D 619 -28.04 -45.75 -4.22
N ARG D 620 -26.93 -45.45 -3.56
CA ARG D 620 -25.89 -44.63 -4.17
C ARG D 620 -25.05 -45.49 -5.11
N GLN D 621 -24.89 -46.77 -4.76
CA GLN D 621 -24.19 -47.69 -5.63
C GLN D 621 -25.05 -48.00 -6.86
N MET D 622 -26.36 -47.99 -6.67
CA MET D 622 -27.29 -48.17 -7.78
C MET D 622 -27.11 -47.06 -8.80
N GLU D 623 -27.02 -45.83 -8.28
CA GLU D 623 -26.79 -44.66 -9.11
C GLU D 623 -25.44 -44.75 -9.80
N GLY D 624 -24.46 -45.35 -9.12
CA GLY D 624 -23.14 -45.53 -9.67
C GLY D 624 -23.12 -46.53 -10.81
N GLU D 625 -23.94 -47.57 -10.69
CA GLU D 625 -24.00 -48.60 -11.72
C GLU D 625 -24.91 -48.18 -12.87
N GLY D 626 -25.70 -47.13 -12.64
CA GLY D 626 -26.59 -46.62 -13.66
C GLY D 626 -27.99 -47.17 -13.54
N VAL D 627 -28.29 -47.79 -12.40
CA VAL D 627 -29.61 -48.35 -12.17
C VAL D 627 -30.64 -47.26 -11.99
N LEU D 628 -30.25 -46.18 -11.32
CA LEU D 628 -31.14 -45.06 -11.07
C LEU D 628 -30.62 -43.80 -11.74
N SER D 629 -31.49 -43.14 -12.50
CA SER D 629 -31.12 -41.88 -13.15
C SER D 629 -31.81 -40.70 -12.48
N LYS D 630 -31.52 -39.50 -12.95
CA LYS D 630 -32.13 -38.30 -12.41
C LYS D 630 -33.63 -38.32 -12.67
N ALA D 631 -34.02 -38.89 -13.82
CA ALA D 631 -35.43 -39.03 -14.16
C ALA D 631 -36.08 -40.11 -13.31
N ASP D 632 -35.26 -41.01 -12.77
CA ASP D 632 -35.74 -42.09 -11.94
C ASP D 632 -35.96 -41.63 -10.51
N LEU D 633 -35.51 -40.42 -10.19
CA LEU D 633 -35.69 -39.87 -8.87
C LEU D 633 -36.80 -38.82 -8.84
N GLU D 634 -37.29 -38.47 -10.02
CA GLU D 634 -38.33 -37.46 -10.14
C GLU D 634 -39.70 -38.07 -10.37
N ASN D 635 -39.73 -39.22 -11.06
CA ASN D 635 -40.99 -39.88 -11.40
C ASN D 635 -41.68 -40.48 -10.18
N PRO D 636 -42.92 -40.05 -9.92
CA PRO D 636 -43.72 -40.60 -8.82
C PRO D 636 -44.19 -42.02 -9.13
N HIS D 637 -44.02 -42.45 -10.37
CA HIS D 637 -44.41 -43.80 -10.78
C HIS D 637 -43.25 -44.52 -11.46
N PRO D 638 -42.26 -44.97 -10.66
CA PRO D 638 -41.11 -45.68 -11.21
C PRO D 638 -41.30 -47.20 -11.23
N LEU D 639 -40.84 -47.84 -12.30
CA LEU D 639 -40.94 -49.30 -12.42
C LEU D 639 -40.07 -49.98 -11.38
N GLU D 640 -40.68 -50.87 -10.61
CA GLU D 640 -40.01 -51.53 -9.50
C GLU D 640 -39.32 -52.83 -9.92
N LYS D 641 -39.35 -53.12 -11.22
CA LYS D 641 -38.80 -54.38 -11.71
C LYS D 641 -37.29 -54.38 -11.71
N LYS D 642 -36.68 -53.31 -12.24
CA LYS D 642 -35.24 -53.21 -12.31
C LYS D 642 -34.61 -53.03 -10.93
N ILE D 643 -35.39 -52.50 -10.01
CA ILE D 643 -34.91 -52.26 -8.65
C ILE D 643 -34.89 -53.56 -7.86
N THR D 644 -35.99 -54.31 -7.94
CA THR D 644 -36.11 -55.57 -7.23
C THR D 644 -35.13 -56.61 -7.76
N GLN D 645 -34.97 -56.61 -9.08
CA GLN D 645 -34.05 -57.55 -9.74
C GLN D 645 -32.62 -57.35 -9.24
N TRP D 646 -32.25 -56.08 -9.02
CA TRP D 646 -30.91 -55.75 -8.56
C TRP D 646 -30.69 -56.21 -7.12
N LEU D 647 -31.64 -55.89 -6.25
CA LEU D 647 -31.56 -56.25 -4.83
C LEU D 647 -31.50 -57.76 -4.60
N GLU D 648 -32.30 -58.50 -5.36
CA GLU D 648 -32.39 -59.94 -5.17
C GLU D 648 -31.16 -60.67 -5.70
N THR D 649 -30.50 -60.08 -6.70
CA THR D 649 -29.38 -60.74 -7.35
C THR D 649 -28.03 -60.26 -6.81
N LYS D 650 -27.87 -58.95 -6.69
CA LYS D 650 -26.58 -58.37 -6.33
C LYS D 650 -26.59 -57.72 -4.96
N GLY D 651 -27.78 -57.50 -4.42
CA GLY D 651 -27.94 -56.79 -3.15
C GLY D 651 -27.11 -57.31 -2.00
N VAL D 652 -27.03 -58.64 -1.89
CA VAL D 652 -26.26 -59.27 -0.83
C VAL D 652 -24.76 -59.02 -1.02
N GLU D 653 -24.32 -59.10 -2.27
CA GLU D 653 -22.90 -58.92 -2.58
C GLU D 653 -22.45 -57.49 -2.30
N ARG D 654 -23.32 -56.53 -2.57
CA ARG D 654 -23.00 -55.12 -2.34
C ARG D 654 -22.85 -54.83 -0.85
N LEU D 655 -23.65 -55.50 -0.04
CA LEU D 655 -23.59 -55.32 1.40
C LEU D 655 -22.26 -55.80 1.97
N LYS D 656 -21.65 -56.77 1.29
CA LYS D 656 -20.37 -57.31 1.73
C LYS D 656 -19.22 -56.36 1.38
N ARG D 657 -19.51 -55.40 0.51
CA ARG D 657 -18.50 -54.44 0.09
C ARG D 657 -18.41 -53.26 1.04
N MET D 658 -19.28 -53.24 2.05
CA MET D 658 -19.37 -52.09 2.95
C MET D 658 -19.14 -52.45 4.41
N ALA D 659 -18.59 -51.49 5.15
CA ALA D 659 -18.43 -51.63 6.59
C ALA D 659 -19.05 -50.41 7.27
N ILE D 660 -20.24 -50.58 7.83
CA ILE D 660 -21.00 -49.46 8.35
C ILE D 660 -21.29 -49.56 9.85
N SER D 661 -20.84 -48.54 10.58
CA SER D 661 -21.11 -48.47 12.01
C SER D 661 -21.73 -47.12 12.36
N GLY D 662 -23.05 -47.04 12.30
CA GLY D 662 -23.76 -45.81 12.57
C GLY D 662 -23.75 -44.89 11.37
N ASP D 663 -23.10 -43.74 11.51
CA ASP D 663 -23.03 -42.77 10.43
C ASP D 663 -21.73 -42.93 9.62
N ASP D 664 -20.71 -43.48 10.28
CA ASP D 664 -19.44 -43.74 9.61
C ASP D 664 -19.58 -44.91 8.63
N CYS D 665 -19.18 -44.69 7.39
CA CYS D 665 -19.34 -45.71 6.36
C CYS D 665 -18.12 -45.81 5.46
N VAL D 666 -17.75 -47.04 5.11
CA VAL D 666 -16.66 -47.29 4.19
C VAL D 666 -17.12 -48.22 3.07
N VAL D 667 -17.11 -47.71 1.84
CA VAL D 667 -17.62 -48.46 0.70
C VAL D 667 -16.58 -48.62 -0.40
N LYS D 668 -16.39 -49.85 -0.86
CA LYS D 668 -15.55 -50.12 -2.01
C LYS D 668 -16.40 -50.69 -3.15
N PRO D 669 -16.94 -49.81 -3.99
CA PRO D 669 -17.87 -50.14 -5.06
C PRO D 669 -17.22 -50.88 -6.23
N ILE D 670 -18.03 -51.19 -7.24
CA ILE D 670 -17.56 -51.87 -8.44
C ILE D 670 -16.56 -51.00 -9.20
N ASP D 671 -16.93 -49.74 -9.40
CA ASP D 671 -16.09 -48.81 -10.13
C ASP D 671 -16.07 -47.45 -9.45
N ASP D 672 -15.44 -46.47 -10.11
CA ASP D 672 -15.30 -45.15 -9.52
C ASP D 672 -16.40 -44.21 -9.98
N ARG D 673 -17.46 -44.77 -10.54
CA ARG D 673 -18.63 -43.99 -10.90
C ARG D 673 -19.39 -43.60 -9.64
N PHE D 674 -19.09 -44.32 -8.56
CA PHE D 674 -19.68 -44.06 -7.24
C PHE D 674 -19.35 -42.67 -6.74
N ALA D 675 -18.20 -42.14 -7.15
CA ALA D 675 -17.74 -40.84 -6.69
C ALA D 675 -18.63 -39.72 -7.21
N ASN D 676 -19.08 -39.86 -8.46
CA ASN D 676 -19.91 -38.83 -9.08
C ASN D 676 -21.40 -39.04 -8.82
N ALA D 677 -21.72 -40.12 -8.12
CA ALA D 677 -23.11 -40.41 -7.78
C ALA D 677 -23.54 -39.64 -6.54
N LEU D 678 -24.01 -38.42 -6.74
CA LEU D 678 -24.35 -37.53 -5.64
C LEU D 678 -25.78 -37.03 -5.70
N LEU D 679 -26.53 -37.49 -6.69
CA LEU D 679 -27.90 -37.04 -6.89
C LEU D 679 -28.82 -37.55 -5.78
N ALA D 680 -28.80 -38.86 -5.55
CA ALA D 680 -29.68 -39.47 -4.56
C ALA D 680 -29.22 -39.17 -3.15
N LEU D 681 -27.90 -39.12 -2.96
CA LEU D 681 -27.33 -38.89 -1.64
C LEU D 681 -27.74 -37.53 -1.08
N ASN D 682 -27.62 -36.49 -1.89
CA ASN D 682 -27.95 -35.13 -1.46
C ASN D 682 -29.44 -34.90 -1.37
N ASP D 683 -30.21 -35.64 -2.17
CA ASP D 683 -31.65 -35.49 -2.19
C ASP D 683 -32.27 -36.04 -0.91
N MET D 684 -31.62 -37.04 -0.33
CA MET D 684 -32.11 -37.64 0.91
C MET D 684 -31.72 -36.80 2.12
N GLY D 685 -30.85 -35.82 1.90
CA GLY D 685 -30.42 -34.92 2.96
C GLY D 685 -29.08 -35.32 3.54
N LYS D 686 -28.63 -36.53 3.22
CA LYS D 686 -27.37 -37.04 3.73
C LYS D 686 -26.18 -36.33 3.08
N VAL D 687 -25.97 -35.07 3.45
CA VAL D 687 -24.91 -34.26 2.87
C VAL D 687 -23.57 -34.54 3.54
N ARG D 688 -22.52 -34.68 2.72
CA ARG D 688 -21.18 -34.93 3.23
C ARG D 688 -20.61 -33.71 3.94
N LYS D 689 -19.63 -33.93 4.80
CA LYS D 689 -19.07 -32.85 5.62
C LYS D 689 -17.85 -32.19 4.99
N ASP D 690 -17.80 -30.87 5.09
CA ASP D 690 -16.65 -30.08 4.64
C ASP D 690 -16.31 -30.31 3.16
N ILE D 691 -17.32 -30.20 2.31
CA ILE D 691 -17.17 -30.42 0.87
C ILE D 691 -18.40 -29.92 0.13
N PRO D 692 -18.20 -29.22 -1.00
CA PRO D 692 -19.30 -28.81 -1.88
C PRO D 692 -20.20 -29.98 -2.25
N GLN D 693 -21.50 -29.74 -2.30
CA GLN D 693 -22.47 -30.82 -2.49
C GLN D 693 -22.29 -31.57 -3.80
N TRP D 694 -21.76 -30.90 -4.82
CA TRP D 694 -21.65 -31.52 -6.14
C TRP D 694 -20.21 -31.88 -6.51
N GLN D 695 -19.29 -31.64 -5.58
CA GLN D 695 -17.90 -32.04 -5.80
C GLN D 695 -17.75 -33.53 -5.53
N PRO D 696 -17.22 -34.26 -6.52
CA PRO D 696 -17.05 -35.72 -6.45
C PRO D 696 -16.27 -36.17 -5.23
N SER D 697 -16.57 -37.37 -4.74
CA SER D 697 -15.91 -37.91 -3.56
C SER D 697 -14.51 -38.42 -3.89
N LYS D 698 -13.59 -38.25 -2.94
CA LYS D 698 -12.24 -38.79 -3.10
C LYS D 698 -12.10 -40.11 -2.36
N GLY D 699 -11.65 -41.14 -3.08
CA GLY D 699 -11.50 -42.45 -2.49
C GLY D 699 -10.04 -42.86 -2.28
N TRP D 700 -9.81 -43.77 -1.34
CA TRP D 700 -8.47 -44.30 -1.09
C TRP D 700 -8.30 -45.68 -1.72
N HIS D 701 -7.06 -46.03 -2.04
CA HIS D 701 -6.78 -47.38 -2.51
C HIS D 701 -5.93 -48.13 -1.48
N ASP D 702 -5.21 -47.36 -0.67
CA ASP D 702 -4.52 -47.91 0.49
C ASP D 702 -5.49 -47.98 1.67
N TRP D 703 -5.85 -49.19 2.08
CA TRP D 703 -6.80 -49.38 3.19
C TRP D 703 -6.25 -48.78 4.48
N GLN D 704 -4.95 -48.58 4.52
CA GLN D 704 -4.28 -47.98 5.68
C GLN D 704 -4.59 -46.49 5.80
N GLN D 705 -5.10 -45.89 4.73
CA GLN D 705 -5.42 -44.47 4.73
C GLN D 705 -6.92 -44.24 4.77
N VAL D 706 -7.67 -45.29 5.07
CA VAL D 706 -9.13 -45.19 5.13
C VAL D 706 -9.63 -44.93 6.54
N PRO D 707 -10.23 -43.75 6.77
CA PRO D 707 -10.75 -43.38 8.09
C PRO D 707 -12.06 -44.09 8.43
N PHE D 708 -12.14 -44.63 9.64
CA PHE D 708 -13.34 -45.32 10.08
C PHE D 708 -13.41 -45.33 11.61
N CYS D 709 -14.56 -44.93 12.13
CA CYS D 709 -14.78 -44.80 13.57
C CYS D 709 -13.70 -43.95 14.23
N SER D 710 -13.44 -42.79 13.62
CA SER D 710 -12.43 -41.85 14.11
C SER D 710 -11.07 -42.51 14.24
N HIS D 711 -10.81 -43.48 13.36
CA HIS D 711 -9.55 -44.23 13.40
C HIS D 711 -9.07 -44.63 12.01
N HIS D 712 -7.75 -44.73 11.86
CA HIS D 712 -7.15 -45.34 10.69
C HIS D 712 -6.29 -46.50 11.16
N PHE D 713 -5.88 -47.37 10.24
CA PHE D 713 -5.17 -48.58 10.62
C PHE D 713 -3.85 -48.75 9.89
N HIS D 714 -2.87 -49.34 10.56
CA HIS D 714 -1.57 -49.57 9.97
C HIS D 714 -1.22 -51.06 9.99
N GLU D 715 -0.43 -51.50 9.01
CA GLU D 715 0.03 -52.88 8.98
C GLU D 715 1.49 -52.95 9.44
N LEU D 716 1.71 -53.64 10.55
CA LEU D 716 3.04 -53.70 11.15
C LEU D 716 3.68 -55.07 10.98
N ILE D 717 5.00 -55.09 10.87
CA ILE D 717 5.75 -56.34 10.78
C ILE D 717 6.56 -56.57 12.05
N MET D 718 6.21 -57.63 12.76
CA MET D 718 6.89 -57.95 14.02
C MET D 718 8.33 -58.40 13.78
N LYS D 719 9.09 -58.52 14.86
CA LYS D 719 10.48 -58.93 14.77
C LYS D 719 10.60 -60.37 14.30
N ASP D 720 9.59 -61.18 14.60
CA ASP D 720 9.59 -62.58 14.20
C ASP D 720 9.10 -62.76 12.77
N GLY D 721 8.53 -61.71 12.21
CA GLY D 721 8.06 -61.73 10.82
C GLY D 721 6.56 -61.70 10.68
N ARG D 722 5.84 -61.95 11.77
CA ARG D 722 4.38 -61.94 11.74
C ARG D 722 3.83 -60.53 11.56
N LYS D 723 2.64 -60.43 11.00
CA LYS D 723 2.03 -59.14 10.70
C LYS D 723 0.84 -58.83 11.60
N LEU D 724 0.72 -57.56 11.99
CA LEU D 724 -0.38 -57.10 12.83
C LEU D 724 -1.04 -55.86 12.25
N VAL D 725 -2.34 -55.72 12.47
CA VAL D 725 -3.07 -54.54 12.05
C VAL D 725 -3.64 -53.80 13.26
N VAL D 726 -3.11 -52.61 13.51
CA VAL D 726 -3.45 -51.86 14.72
C VAL D 726 -4.22 -50.58 14.41
N PRO D 727 -5.13 -50.18 15.31
CA PRO D 727 -5.86 -48.91 15.17
C PRO D 727 -4.99 -47.72 15.50
N CYS D 728 -5.25 -46.59 14.84
CA CYS D 728 -4.47 -45.38 15.07
C CYS D 728 -5.28 -44.12 14.81
N ARG D 729 -4.86 -43.02 15.43
CA ARG D 729 -5.49 -41.72 15.28
C ARG D 729 -4.54 -40.66 15.82
N PRO D 730 -4.75 -39.38 15.45
CA PRO D 730 -3.92 -38.28 15.95
C PRO D 730 -3.68 -38.35 17.46
N GLN D 731 -2.42 -38.31 17.85
CA GLN D 731 -2.02 -38.49 19.23
C GLN D 731 -2.62 -37.43 20.15
N ASP D 732 -2.82 -36.23 19.61
CA ASP D 732 -3.38 -35.13 20.40
C ASP D 732 -4.82 -35.41 20.80
N GLU D 733 -5.48 -36.27 20.04
CA GLU D 733 -6.87 -36.61 20.32
C GLU D 733 -6.98 -37.59 21.49
N LEU D 734 -6.06 -38.55 21.54
CA LEU D 734 -6.06 -39.56 22.58
C LEU D 734 -5.63 -38.99 23.92
N ILE D 735 -4.61 -38.15 23.90
CA ILE D 735 -4.12 -37.52 25.12
C ILE D 735 -5.12 -36.48 25.62
N GLY D 736 -5.74 -35.77 24.68
CA GLY D 736 -6.73 -34.79 25.02
C GLY D 736 -7.97 -35.40 25.63
N ARG D 737 -8.27 -36.64 25.22
CA ARG D 737 -9.43 -37.36 25.74
C ARG D 737 -9.15 -37.93 27.12
N ALA D 738 -7.92 -38.41 27.32
CA ALA D 738 -7.53 -39.01 28.59
C ALA D 738 -7.46 -37.97 29.70
N ARG D 739 -7.25 -36.71 29.31
CA ARG D 739 -7.18 -35.62 30.27
C ARG D 739 -8.56 -35.10 30.64
N ILE D 740 -9.59 -35.74 30.10
CA ILE D 740 -10.96 -35.35 30.38
C ILE D 740 -11.64 -36.33 31.32
N SER D 741 -12.10 -35.83 32.45
CA SER D 741 -12.80 -36.66 33.43
C SER D 741 -14.30 -36.49 33.32
N GLN D 742 -14.99 -37.55 32.90
CA GLN D 742 -16.43 -37.54 32.79
C GLN D 742 -17.07 -37.38 34.16
N GLY D 743 -17.77 -36.25 34.36
CA GLY D 743 -18.36 -35.96 35.64
C GLY D 743 -17.49 -35.02 36.46
N ALA D 744 -18.08 -34.32 37.40
CA ALA D 744 -17.34 -33.36 38.23
C ALA D 744 -17.26 -33.83 39.68
N GLY D 745 -16.22 -33.37 40.36
CA GLY D 745 -16.04 -33.70 41.77
C GLY D 745 -15.64 -35.14 42.01
N TRP D 746 -14.54 -35.55 41.39
CA TRP D 746 -14.03 -36.90 41.59
C TRP D 746 -12.76 -36.89 42.44
N SER D 747 -12.67 -37.85 43.37
CA SER D 747 -11.52 -37.92 44.28
C SER D 747 -10.26 -38.35 43.54
N LEU D 748 -9.12 -38.25 44.23
CA LEU D 748 -7.83 -38.62 43.65
C LEU D 748 -7.79 -40.10 43.30
N ARG D 749 -8.35 -40.93 44.17
CA ARG D 749 -8.38 -42.36 43.93
C ARG D 749 -9.30 -42.68 42.75
N GLU D 750 -10.43 -41.97 42.68
CA GLU D 750 -11.37 -42.13 41.58
C GLU D 750 -10.74 -41.66 40.28
N THR D 751 -9.92 -40.62 40.38
CA THR D 751 -9.24 -40.05 39.21
C THR D 751 -8.15 -40.99 38.74
N ALA D 752 -7.39 -41.54 39.69
CA ALA D 752 -6.28 -42.44 39.37
C ALA D 752 -6.78 -43.72 38.71
N CYS D 753 -7.91 -44.24 39.18
CA CYS D 753 -8.49 -45.45 38.61
C CYS D 753 -8.96 -45.20 37.19
N LEU D 754 -9.42 -43.98 36.92
CA LEU D 754 -9.83 -43.60 35.57
C LEU D 754 -8.60 -43.48 34.68
N GLY D 755 -7.51 -42.98 35.25
CA GLY D 755 -6.27 -42.81 34.51
C GLY D 755 -5.61 -44.12 34.13
N LYS D 756 -5.69 -45.09 35.03
CA LYS D 756 -5.10 -46.40 34.78
C LYS D 756 -5.87 -47.14 33.70
N ALA D 757 -7.15 -46.82 33.58
CA ALA D 757 -8.00 -47.42 32.54
C ALA D 757 -7.53 -46.99 31.16
N TYR D 758 -7.32 -45.69 30.98
CA TYR D 758 -6.82 -45.16 29.72
C TYR D 758 -5.43 -45.69 29.40
N ALA D 759 -4.60 -45.81 30.44
CA ALA D 759 -3.23 -46.28 30.27
C ALA D 759 -3.20 -47.71 29.77
N GLN D 760 -4.02 -48.56 30.38
CA GLN D 760 -4.06 -49.96 30.00
C GLN D 760 -4.70 -50.14 28.62
N MET D 761 -5.58 -49.21 28.26
CA MET D 761 -6.19 -49.24 26.94
C MET D 761 -5.15 -48.88 25.88
N TRP D 762 -4.26 -47.97 26.22
CA TRP D 762 -3.17 -47.59 25.32
C TRP D 762 -2.22 -48.76 25.11
N ALA D 763 -1.94 -49.49 26.19
CA ALA D 763 -1.02 -50.61 26.12
C ALA D 763 -1.61 -51.77 25.32
N LEU D 764 -2.92 -51.77 25.16
CA LEU D 764 -3.61 -52.85 24.45
C LEU D 764 -3.87 -52.47 23.00
N MET D 765 -4.23 -51.21 22.77
CA MET D 765 -4.60 -50.74 21.44
C MET D 765 -3.52 -49.91 20.76
N TYR D 766 -3.10 -48.83 21.43
CA TYR D 766 -2.17 -47.90 20.83
C TYR D 766 -0.74 -48.11 21.34
N PHE D 767 -0.37 -49.37 21.53
CA PHE D 767 0.96 -49.73 22.02
C PHE D 767 2.03 -49.38 20.99
N HIS D 768 1.63 -49.30 19.73
CA HIS D 768 2.55 -48.99 18.64
C HIS D 768 3.04 -47.55 18.71
N ARG D 769 2.38 -46.73 19.53
CA ARG D 769 2.80 -45.35 19.70
C ARG D 769 3.85 -45.23 20.79
N ARG D 770 4.98 -44.62 20.46
CA ARG D 770 6.10 -44.51 21.38
C ARG D 770 5.75 -43.62 22.58
N ASP D 771 5.15 -42.47 22.31
CA ASP D 771 4.81 -41.52 23.36
C ASP D 771 3.72 -42.05 24.28
N LEU D 772 2.84 -42.88 23.73
CA LEU D 772 1.73 -43.40 24.51
C LEU D 772 2.13 -44.57 25.38
N ARG D 773 3.01 -45.44 24.86
CA ARG D 773 3.48 -46.57 25.64
C ARG D 773 4.31 -46.09 26.83
N LEU D 774 5.06 -45.02 26.61
CA LEU D 774 5.86 -44.41 27.67
C LEU D 774 4.95 -43.86 28.75
N ALA D 775 3.90 -43.19 28.33
CA ALA D 775 2.94 -42.60 29.27
C ALA D 775 2.12 -43.68 29.96
N SER D 776 1.81 -44.74 29.22
CA SER D 776 1.02 -45.85 29.77
C SER D 776 1.78 -46.53 30.91
N ASN D 777 3.06 -46.79 30.68
CA ASN D 777 3.90 -47.39 31.70
C ASN D 777 4.19 -46.43 32.84
N ALA D 778 4.09 -45.13 32.55
CA ALA D 778 4.28 -44.10 33.56
C ALA D 778 3.09 -44.06 34.51
N ILE D 779 1.89 -44.04 33.94
CA ILE D 779 0.67 -43.99 34.72
C ILE D 779 0.53 -45.21 35.62
N CYS D 780 0.70 -46.39 35.06
CA CYS D 780 0.59 -47.64 35.81
C CYS D 780 1.64 -47.71 36.91
N SER D 781 2.76 -47.02 36.73
CA SER D 781 3.81 -46.99 37.72
C SER D 781 3.46 -46.03 38.86
N ALA D 782 2.70 -44.99 38.53
CA ALA D 782 2.31 -44.00 39.52
C ALA D 782 1.03 -44.41 40.24
N VAL D 783 0.24 -45.27 39.61
CA VAL D 783 -0.99 -45.75 40.19
C VAL D 783 -0.79 -47.13 40.82
N PRO D 784 -1.26 -47.30 42.06
CA PRO D 784 -1.18 -48.58 42.80
C PRO D 784 -1.67 -49.76 41.98
N VAL D 785 -1.00 -50.90 42.14
CA VAL D 785 -1.26 -52.06 41.31
C VAL D 785 -2.66 -52.63 41.49
N HIS D 786 -3.08 -52.79 42.73
CA HIS D 786 -4.34 -53.47 43.02
C HIS D 786 -5.55 -52.56 42.84
N TRP D 787 -5.32 -51.30 42.49
CA TRP D 787 -6.43 -50.39 42.24
C TRP D 787 -7.11 -50.74 40.92
N VAL D 788 -8.43 -50.90 40.97
CA VAL D 788 -9.20 -51.34 39.82
C VAL D 788 -9.71 -50.16 38.99
N PRO D 789 -9.46 -50.20 37.67
CA PRO D 789 -9.96 -49.20 36.72
C PRO D 789 -11.49 -49.13 36.73
N THR D 790 -12.05 -47.96 36.50
CA THR D 790 -13.50 -47.77 36.58
C THR D 790 -14.11 -47.26 35.29
N SER D 791 -14.01 -45.95 35.06
CA SER D 791 -14.60 -45.28 33.90
C SER D 791 -16.09 -45.56 33.79
N HIS D 795 -14.12 -52.89 28.60
CA HIS D 795 -14.11 -54.03 27.69
C HIS D 795 -13.02 -55.04 28.06
N GLN D 796 -11.94 -55.04 27.29
CA GLN D 796 -10.86 -56.00 27.51
C GLN D 796 -9.73 -55.41 28.35
N TRP D 797 -9.58 -54.09 28.29
CA TRP D 797 -8.51 -53.41 29.03
C TRP D 797 -8.94 -53.05 30.45
N MET D 798 -10.08 -53.59 30.88
CA MET D 798 -10.61 -53.30 32.20
C MET D 798 -10.36 -54.47 33.16
N THR D 799 -9.10 -54.66 33.54
CA THR D 799 -8.75 -55.75 34.44
C THR D 799 -7.45 -55.43 35.19
N THR D 800 -7.14 -56.26 36.19
CA THR D 800 -5.95 -56.07 37.00
C THR D 800 -4.84 -57.04 36.57
N GLU D 801 -5.12 -57.84 35.55
CA GLU D 801 -4.15 -58.81 35.05
C GLU D 801 -2.99 -58.12 34.36
N ASP D 802 -1.93 -58.87 34.11
CA ASP D 802 -0.77 -58.34 33.40
C ASP D 802 -1.13 -58.03 31.96
N MET D 803 -0.82 -56.81 31.52
CA MET D 803 -1.21 -56.36 30.19
C MET D 803 -0.56 -57.18 29.08
N LEU D 804 0.67 -57.63 29.32
CA LEU D 804 1.38 -58.44 28.34
C LEU D 804 0.67 -59.77 28.11
N THR D 805 0.11 -60.32 29.19
CA THR D 805 -0.66 -61.55 29.10
C THR D 805 -1.95 -61.29 28.33
N VAL D 806 -2.58 -60.15 28.61
CA VAL D 806 -3.79 -59.75 27.90
C VAL D 806 -3.49 -59.47 26.43
N TRP D 807 -2.33 -58.85 26.19
CA TRP D 807 -1.90 -58.52 24.84
C TRP D 807 -1.78 -59.77 23.98
N ASN D 808 -1.18 -60.81 24.55
CA ASN D 808 -1.00 -62.07 23.84
C ASN D 808 -2.32 -62.78 23.58
N ARG D 809 -3.26 -62.62 24.50
CA ARG D 809 -4.56 -63.29 24.38
C ARG D 809 -5.41 -62.61 23.32
N VAL D 810 -5.22 -61.32 23.15
CA VAL D 810 -6.02 -60.54 22.21
C VAL D 810 -5.46 -60.58 20.79
N TRP D 811 -4.18 -60.23 20.65
CA TRP D 811 -3.58 -60.06 19.32
C TRP D 811 -3.04 -61.36 18.73
N ILE D 812 -2.93 -62.41 19.54
CA ILE D 812 -2.36 -63.66 19.06
C ILE D 812 -3.31 -64.85 19.23
N GLU D 813 -3.67 -65.15 20.48
CA GLU D 813 -4.48 -66.31 20.79
C GLU D 813 -5.87 -66.23 20.17
N ASP D 814 -6.62 -65.20 20.53
CA ASP D 814 -7.99 -65.06 20.05
C ASP D 814 -8.08 -64.29 18.74
N ASN D 815 -6.94 -64.16 18.06
CA ASN D 815 -6.90 -63.47 16.78
C ASN D 815 -7.04 -64.45 15.63
N PRO D 816 -8.17 -64.38 14.91
CA PRO D 816 -8.45 -65.29 13.80
C PRO D 816 -7.57 -65.04 12.57
N TRP D 817 -7.00 -63.84 12.48
CA TRP D 817 -6.12 -63.51 11.36
C TRP D 817 -4.66 -63.79 11.68
N MET D 818 -4.42 -64.38 12.85
CA MET D 818 -3.08 -64.75 13.25
C MET D 818 -2.93 -66.27 13.25
N GLU D 819 -2.25 -66.80 12.23
CA GLU D 819 -2.09 -68.25 12.09
C GLU D 819 -1.12 -68.80 13.13
N ASP D 820 0.05 -68.19 13.26
CA ASP D 820 1.04 -68.64 14.22
C ASP D 820 0.68 -68.19 15.64
N LYS D 821 0.40 -69.16 16.50
CA LYS D 821 -0.02 -68.87 17.86
C LYS D 821 1.16 -68.79 18.83
N THR D 822 2.34 -68.45 18.30
CA THR D 822 3.52 -68.32 19.12
C THR D 822 3.45 -67.06 20.00
N PRO D 823 3.42 -67.26 21.33
CA PRO D 823 3.27 -66.17 22.29
C PRO D 823 4.46 -65.21 22.29
N VAL D 824 4.24 -64.00 22.79
CA VAL D 824 5.31 -63.02 22.92
C VAL D 824 5.67 -62.85 24.39
N THR D 825 6.96 -62.98 24.70
CA THR D 825 7.41 -63.04 26.09
C THR D 825 7.90 -61.69 26.63
N THR D 826 8.02 -60.70 25.76
CA THR D 826 8.51 -59.39 26.19
C THR D 826 7.94 -58.25 25.35
N TRP D 827 7.96 -57.04 25.90
CA TRP D 827 7.47 -55.87 25.20
C TRP D 827 8.50 -55.36 24.21
N GLU D 828 9.71 -55.90 24.27
CA GLU D 828 10.76 -55.53 23.33
C GLU D 828 10.48 -56.13 21.95
N ASP D 829 9.69 -57.20 21.93
CA ASP D 829 9.29 -57.82 20.67
C ASP D 829 8.00 -57.21 20.15
N VAL D 830 7.38 -56.36 20.97
CA VAL D 830 6.19 -55.64 20.56
C VAL D 830 6.59 -54.38 19.81
N PRO D 831 6.29 -54.34 18.50
CA PRO D 831 6.81 -53.32 17.59
C PRO D 831 6.17 -51.95 17.73
N TYR D 832 6.92 -50.93 17.34
CA TYR D 832 6.42 -49.56 17.25
C TYR D 832 6.00 -49.25 15.82
N LEU D 833 5.57 -48.03 15.58
CA LEU D 833 5.34 -47.55 14.22
C LEU D 833 6.66 -47.09 13.63
N GLY D 834 6.65 -46.72 12.35
CA GLY D 834 7.80 -46.09 11.74
C GLY D 834 8.02 -44.75 12.41
N LYS D 835 9.29 -44.37 12.60
CA LYS D 835 9.61 -43.12 13.27
C LYS D 835 8.98 -41.93 12.55
N ARG D 836 8.95 -41.99 11.23
CA ARG D 836 8.30 -40.97 10.43
C ARG D 836 6.79 -41.16 10.47
N GLU D 837 6.36 -42.42 10.45
CA GLU D 837 4.94 -42.76 10.53
C GLU D 837 4.35 -42.29 11.85
N ASP D 838 5.14 -42.40 12.91
CA ASP D 838 4.70 -42.03 14.24
C ASP D 838 4.59 -40.52 14.37
N GLN D 839 5.61 -39.82 13.88
CA GLN D 839 5.62 -38.35 13.94
C GLN D 839 4.50 -37.74 13.11
N TRP D 840 4.16 -38.39 12.01
CA TRP D 840 3.11 -37.91 11.14
C TRP D 840 1.74 -38.02 11.81
N CYS D 841 1.61 -38.97 12.73
CA CYS D 841 0.36 -39.17 13.45
C CYS D 841 0.27 -38.29 14.69
N GLY D 842 1.26 -37.42 14.87
CA GLY D 842 1.22 -36.45 15.94
C GLY D 842 2.09 -36.76 17.14
N SER D 843 3.21 -37.45 16.89
CA SER D 843 4.15 -37.77 17.96
C SER D 843 5.09 -36.59 18.22
N LEU D 844 5.75 -36.60 19.37
CA LEU D 844 6.62 -35.50 19.75
C LEU D 844 8.07 -35.94 19.89
N ILE D 845 8.40 -37.07 19.27
CA ILE D 845 9.77 -37.58 19.32
C ILE D 845 10.72 -36.59 18.66
N GLY D 846 11.70 -36.12 19.44
CA GLY D 846 12.68 -35.19 18.94
C GLY D 846 12.65 -33.85 19.65
N LEU D 847 11.44 -33.39 19.96
CA LEU D 847 11.25 -32.10 20.62
C LEU D 847 11.91 -32.07 21.99
N THR D 848 12.39 -30.89 22.38
CA THR D 848 13.08 -30.73 23.65
C THR D 848 12.14 -30.92 24.83
N SER D 849 10.88 -30.53 24.66
CA SER D 849 9.88 -30.66 25.71
C SER D 849 9.56 -32.12 25.98
N ARG D 850 9.60 -32.94 24.93
CA ARG D 850 9.34 -34.36 25.07
C ARG D 850 10.57 -35.08 25.59
N ALA D 851 11.74 -34.62 25.18
CA ALA D 851 13.00 -35.20 25.61
C ALA D 851 13.18 -35.05 27.12
N THR D 852 13.01 -33.82 27.60
CA THR D 852 13.15 -33.52 29.02
C THR D 852 12.15 -34.33 29.83
N TRP D 853 10.95 -34.48 29.29
CA TRP D 853 9.89 -35.24 29.95
C TRP D 853 10.21 -36.74 29.99
N ALA D 854 10.88 -37.23 28.95
CA ALA D 854 11.16 -38.66 28.84
C ALA D 854 12.18 -39.12 29.88
N GLN D 855 13.25 -38.35 30.04
CA GLN D 855 14.33 -38.74 30.93
C GLN D 855 13.98 -38.49 32.39
N ASN D 856 13.41 -37.33 32.68
CA ASN D 856 13.04 -36.98 34.05
C ASN D 856 11.61 -37.43 34.38
N ILE D 857 11.20 -38.56 33.81
CA ILE D 857 9.87 -39.09 34.05
C ILE D 857 9.78 -39.68 35.45
N LEU D 858 10.91 -40.15 35.97
CA LEU D 858 10.96 -40.77 37.30
C LEU D 858 10.62 -39.76 38.38
N THR D 859 10.90 -38.48 38.11
CA THR D 859 10.60 -37.42 39.06
C THR D 859 9.10 -37.14 39.08
N ALA D 860 8.47 -37.22 37.90
CA ALA D 860 7.05 -36.97 37.78
C ALA D 860 6.23 -38.06 38.45
N ILE D 861 6.69 -39.30 38.33
CA ILE D 861 6.00 -40.43 38.94
C ILE D 861 6.02 -40.31 40.46
N GLN D 862 7.18 -39.94 41.00
CA GLN D 862 7.34 -39.80 42.45
C GLN D 862 6.43 -38.72 43.01
N GLN D 863 6.21 -37.66 42.23
CA GLN D 863 5.33 -36.58 42.65
C GLN D 863 3.90 -37.09 42.81
N VAL D 864 3.47 -37.93 41.90
CA VAL D 864 2.14 -38.53 41.97
C VAL D 864 2.05 -39.49 43.15
N ARG D 865 3.10 -40.29 43.34
CA ARG D 865 3.14 -41.23 44.45
C ARG D 865 3.16 -40.49 45.78
N SER D 866 3.74 -39.30 45.80
CA SER D 866 3.81 -38.49 47.01
C SER D 866 2.46 -37.87 47.31
N LEU D 867 1.58 -37.83 46.30
CA LEU D 867 0.24 -37.29 46.47
C LEU D 867 -0.73 -38.36 46.93
N ILE D 868 -0.52 -39.58 46.46
CA ILE D 868 -1.39 -40.69 46.80
C ILE D 868 -1.15 -41.15 48.24
N GLY D 869 0.10 -41.49 48.56
CA GLY D 869 0.44 -41.93 49.90
C GLY D 869 1.04 -43.32 49.92
N ASN D 870 0.97 -43.96 51.09
CA ASN D 870 1.51 -45.31 51.24
C ASN D 870 0.67 -46.37 50.53
N GLU D 871 1.13 -46.79 49.36
CA GLU D 871 0.48 -47.86 48.62
C GLU D 871 1.52 -48.81 48.05
N GLU D 872 1.05 -49.87 47.40
CA GLU D 872 1.95 -50.83 46.78
C GLU D 872 2.19 -50.47 45.31
N PHE D 873 3.33 -49.86 45.05
CA PHE D 873 3.66 -49.40 43.70
C PHE D 873 4.66 -50.32 43.01
N LEU D 874 4.48 -50.49 41.70
CA LEU D 874 5.38 -51.29 40.90
C LEU D 874 5.93 -50.46 39.75
N ASP D 875 7.21 -50.64 39.43
CA ASP D 875 7.85 -49.87 38.38
C ASP D 875 7.61 -50.49 37.01
N TYR D 876 6.84 -49.80 36.17
CA TYR D 876 6.49 -50.30 34.84
C TYR D 876 7.44 -49.80 33.77
N MET D 877 8.30 -48.85 34.13
CA MET D 877 9.26 -48.27 33.18
C MET D 877 10.23 -49.28 32.55
N PRO D 878 10.72 -50.27 33.32
CA PRO D 878 11.60 -51.24 32.67
C PRO D 878 10.93 -52.12 31.60
N SER D 879 9.64 -51.89 31.34
CA SER D 879 8.94 -52.64 30.31
C SER D 879 9.32 -52.14 28.91
N MET D 880 10.08 -51.05 28.86
CA MET D 880 10.51 -50.49 27.58
C MET D 880 11.96 -50.86 27.30
N LYS D 881 12.49 -50.37 26.19
CA LYS D 881 13.85 -50.70 25.77
C LYS D 881 14.86 -49.71 26.35
N ARG D 882 14.47 -48.46 26.47
CA ARG D 882 15.37 -47.40 26.95
C ARG D 882 15.61 -47.50 28.45
N PHE D 883 14.53 -47.71 29.21
CA PHE D 883 14.64 -47.77 30.66
C PHE D 883 15.02 -49.17 31.15
N ARG D 884 16.14 -49.68 30.66
CA ARG D 884 16.62 -50.98 31.08
C ARG D 884 18.13 -51.06 30.92
N LYS D 885 18.62 -50.53 29.81
CA LYS D 885 20.06 -50.48 29.56
C LYS D 885 20.73 -49.56 30.55
N GLU D 886 20.06 -48.46 30.88
CA GLU D 886 20.57 -47.50 31.85
C GLU D 886 20.51 -48.05 33.26
N GLU D 887 19.52 -48.91 33.51
CA GLU D 887 19.34 -49.51 34.82
C GLU D 887 20.19 -50.77 34.98
N GLU D 888 20.96 -51.10 33.94
CA GLU D 888 21.81 -52.29 33.97
C GLU D 888 23.27 -51.91 33.82
N SER D 889 23.54 -50.86 33.03
CA SER D 889 24.90 -50.41 32.80
C SER D 889 25.47 -49.72 34.03
N GLU D 890 24.59 -49.30 34.94
CA GLU D 890 25.02 -48.64 36.17
C GLU D 890 25.57 -49.65 37.17
N GLY D 891 26.78 -50.14 36.89
CA GLY D 891 27.43 -51.10 37.77
C GLY D 891 28.72 -50.57 38.36
N GLU E 7 46.58 -25.66 -55.46
CA GLU E 7 45.57 -25.07 -54.58
C GLU E 7 45.80 -25.49 -53.13
N THR E 8 45.96 -24.50 -52.25
CA THR E 8 46.25 -24.77 -50.85
C THR E 8 45.00 -25.24 -50.10
N LEU E 9 45.21 -25.69 -48.87
CA LEU E 9 44.11 -26.15 -48.03
C LEU E 9 43.23 -25.00 -47.60
N GLY E 10 43.84 -23.83 -47.39
CA GLY E 10 43.12 -22.64 -46.99
C GLY E 10 42.15 -22.18 -48.05
N GLU E 11 42.55 -22.32 -49.31
CA GLU E 11 41.69 -21.94 -50.43
C GLU E 11 40.46 -22.85 -50.48
N LYS E 12 40.66 -24.13 -50.17
CA LYS E 12 39.57 -25.09 -50.14
C LYS E 12 38.63 -24.79 -48.98
N TRP E 13 39.20 -24.30 -47.89
CA TRP E 13 38.45 -23.97 -46.69
C TRP E 13 37.51 -22.78 -46.92
N LYS E 14 38.00 -21.78 -47.63
CA LYS E 14 37.25 -20.56 -47.89
C LYS E 14 36.04 -20.85 -48.79
N LYS E 15 36.19 -21.83 -49.67
CA LYS E 15 35.11 -22.22 -50.57
C LYS E 15 33.92 -22.78 -49.81
N LYS E 16 34.20 -23.71 -48.90
CA LYS E 16 33.16 -24.35 -48.11
C LYS E 16 32.50 -23.34 -47.16
N LEU E 17 33.28 -22.38 -46.69
CA LEU E 17 32.79 -21.39 -45.75
C LEU E 17 31.72 -20.49 -46.37
N ASN E 18 31.93 -20.11 -47.62
CA ASN E 18 31.01 -19.20 -48.31
C ASN E 18 29.74 -19.90 -48.77
N GLN E 19 29.78 -21.22 -48.83
CA GLN E 19 28.62 -21.99 -49.26
C GLN E 19 27.62 -22.22 -48.14
N LEU E 20 28.07 -22.04 -46.90
CA LEU E 20 27.23 -22.31 -45.74
C LEU E 20 26.15 -21.24 -45.57
N SER E 21 24.97 -21.68 -45.15
CA SER E 21 23.88 -20.76 -44.86
C SER E 21 24.12 -20.08 -43.52
N ARG E 22 23.33 -19.04 -43.23
CA ARG E 22 23.48 -18.29 -41.99
C ARG E 22 23.26 -19.18 -40.77
N LYS E 23 22.29 -20.08 -40.86
CA LYS E 23 22.02 -21.02 -39.77
C LYS E 23 23.20 -21.96 -39.56
N GLU E 24 23.87 -22.32 -40.64
CA GLU E 24 25.05 -23.18 -40.56
C GLU E 24 26.29 -22.38 -40.18
N PHE E 25 26.27 -21.09 -40.53
CA PHE E 25 27.41 -20.22 -40.29
C PHE E 25 27.56 -19.86 -38.82
N ASP E 26 26.46 -19.48 -38.18
CA ASP E 26 26.48 -19.03 -36.79
C ASP E 26 26.99 -20.11 -35.85
N LEU E 27 26.57 -21.35 -36.09
CA LEU E 27 26.97 -22.47 -35.23
C LEU E 27 28.46 -22.78 -35.37
N TYR E 28 28.93 -22.83 -36.62
CA TYR E 28 30.33 -23.14 -36.88
C TYR E 28 31.25 -22.00 -36.47
N LYS E 29 30.69 -20.79 -36.43
CA LYS E 29 31.47 -19.59 -36.11
C LYS E 29 32.08 -19.67 -34.72
N LYS E 30 31.32 -20.21 -33.76
CA LYS E 30 31.80 -20.30 -32.38
C LYS E 30 31.97 -21.74 -31.93
N SER E 31 32.01 -22.66 -32.89
CA SER E 31 32.11 -24.08 -32.57
C SER E 31 33.53 -24.48 -32.19
N GLY E 32 33.68 -25.02 -30.98
CA GLY E 32 34.95 -25.55 -30.53
C GLY E 32 35.98 -24.50 -30.15
N ILE E 33 35.66 -23.23 -30.39
CA ILE E 33 36.59 -22.16 -30.10
C ILE E 33 36.57 -21.77 -28.63
N THR E 34 37.34 -20.76 -28.28
CA THR E 34 37.34 -20.20 -26.94
C THR E 34 36.99 -18.72 -27.02
N GLU E 35 36.06 -18.28 -26.17
CA GLU E 35 35.68 -16.87 -26.15
C GLU E 35 35.50 -16.37 -24.73
N VAL E 36 35.50 -15.05 -24.57
CA VAL E 36 35.39 -14.43 -23.25
C VAL E 36 34.03 -13.78 -23.07
N ASP E 37 33.44 -13.98 -21.89
CA ASP E 37 32.14 -13.41 -21.57
C ASP E 37 32.18 -11.88 -21.60
N ARG E 38 31.48 -11.30 -22.57
CA ARG E 38 31.48 -9.85 -22.75
C ARG E 38 30.15 -9.23 -22.32
N THR E 39 29.28 -10.06 -21.73
CA THR E 39 27.96 -9.60 -21.34
C THR E 39 28.02 -8.54 -20.24
N GLU E 40 28.71 -8.86 -19.16
CA GLU E 40 28.81 -7.95 -18.02
C GLU E 40 29.59 -6.69 -18.40
N ALA E 41 30.55 -6.84 -19.31
CA ALA E 41 31.40 -5.73 -19.71
C ALA E 41 30.64 -4.70 -20.54
N LYS E 42 30.02 -5.14 -21.63
CA LYS E 42 29.33 -4.25 -22.54
C LYS E 42 28.14 -3.55 -21.87
N GLU E 43 27.47 -4.27 -20.97
CA GLU E 43 26.35 -3.69 -20.23
C GLU E 43 26.85 -2.63 -19.26
N GLY E 44 28.09 -2.80 -18.81
CA GLY E 44 28.71 -1.84 -17.91
C GLY E 44 29.16 -0.58 -18.62
N LEU E 45 29.59 -0.74 -19.87
CA LEU E 45 30.04 0.40 -20.66
C LEU E 45 28.86 1.27 -21.06
N LYS E 46 27.72 0.63 -21.26
CA LYS E 46 26.47 1.35 -21.56
C LYS E 46 26.08 2.21 -20.37
N ARG E 47 26.39 1.73 -19.17
CA ARG E 47 26.10 2.47 -17.96
C ARG E 47 27.12 3.59 -17.75
N GLY E 48 28.24 3.49 -18.46
CA GLY E 48 29.26 4.52 -18.42
C GLY E 48 30.35 4.25 -17.40
N GLU E 49 30.64 2.98 -17.17
CA GLU E 49 31.72 2.61 -16.25
C GLU E 49 33.06 2.74 -16.96
N ILE E 50 34.00 3.43 -16.31
CA ILE E 50 35.28 3.76 -16.93
C ILE E 50 36.46 3.18 -16.16
N THR E 51 36.19 2.29 -15.22
CA THR E 51 37.24 1.77 -14.35
C THR E 51 37.82 0.44 -14.82
N HIS E 52 37.25 -0.67 -14.35
CA HIS E 52 37.85 -1.98 -14.52
C HIS E 52 37.67 -2.56 -15.94
N HIS E 53 36.58 -2.21 -16.59
CA HIS E 53 36.19 -2.84 -17.85
C HIS E 53 37.21 -2.67 -18.98
N ALA E 54 37.19 -3.61 -19.92
CA ALA E 54 38.01 -3.52 -21.13
C ALA E 54 37.11 -3.19 -22.30
N VAL E 55 37.66 -2.50 -23.31
CA VAL E 55 36.83 -1.92 -24.35
C VAL E 55 36.46 -2.93 -25.44
N SER E 56 37.31 -3.91 -25.66
CA SER E 56 37.05 -4.88 -26.71
C SER E 56 37.62 -6.25 -26.36
N ARG E 57 37.24 -7.26 -27.15
CA ARG E 57 37.69 -8.62 -26.92
C ARG E 57 39.18 -8.78 -27.20
N GLY E 58 39.77 -7.78 -27.86
CA GLY E 58 41.18 -7.82 -28.19
C GLY E 58 42.09 -7.82 -26.98
N SER E 59 41.60 -7.28 -25.87
CA SER E 59 42.37 -7.22 -24.64
C SER E 59 42.72 -8.62 -24.13
N ALA E 60 41.73 -9.52 -24.18
CA ALA E 60 41.95 -10.90 -23.76
C ALA E 60 42.72 -11.67 -24.83
N LYS E 61 42.53 -11.26 -26.08
CA LYS E 61 43.21 -11.91 -27.20
C LYS E 61 44.71 -11.67 -27.13
N LEU E 62 45.09 -10.46 -26.77
CA LEU E 62 46.50 -10.10 -26.63
C LEU E 62 47.09 -10.74 -25.38
N GLN E 63 46.24 -10.90 -24.37
CA GLN E 63 46.66 -11.51 -23.11
C GLN E 63 47.20 -12.92 -23.33
N TRP E 64 46.58 -13.64 -24.26
CA TRP E 64 46.96 -15.01 -24.55
C TRP E 64 48.40 -15.09 -25.06
N PHE E 65 48.83 -14.04 -25.75
CA PHE E 65 50.18 -13.97 -26.28
C PHE E 65 51.18 -13.52 -25.23
N VAL E 66 50.76 -12.60 -24.38
CA VAL E 66 51.64 -12.03 -23.36
C VAL E 66 52.00 -13.04 -22.28
N GLU E 67 51.00 -13.74 -21.77
CA GLU E 67 51.21 -14.69 -20.68
C GLU E 67 52.08 -15.86 -21.11
N ARG E 68 52.10 -16.13 -22.42
CA ARG E 68 52.94 -17.19 -22.96
C ARG E 68 54.26 -16.62 -23.45
N ASN E 69 54.50 -15.36 -23.13
CA ASN E 69 55.75 -14.67 -23.44
C ASN E 69 56.10 -14.68 -24.93
N MET E 70 55.07 -14.74 -25.77
CA MET E 70 55.28 -14.65 -27.21
C MET E 70 55.60 -13.21 -27.60
N VAL E 71 55.09 -12.28 -26.81
CA VAL E 71 55.40 -10.87 -27.00
C VAL E 71 55.53 -10.18 -25.66
N ILE E 72 56.65 -9.51 -25.44
CA ILE E 72 56.90 -8.79 -24.20
C ILE E 72 57.02 -7.29 -24.45
N PRO E 73 55.90 -6.57 -24.33
CA PRO E 73 55.84 -5.13 -24.57
C PRO E 73 56.78 -4.35 -23.67
N GLU E 74 57.72 -3.61 -24.26
CA GLU E 74 58.67 -2.82 -23.52
C GLU E 74 58.68 -1.37 -23.98
N GLY E 75 58.96 -0.45 -23.06
CA GLY E 75 59.12 0.96 -23.38
C GLY E 75 57.97 1.57 -24.14
N ARG E 76 58.29 2.31 -25.20
CA ARG E 76 57.28 2.96 -26.02
C ARG E 76 56.57 1.96 -26.92
N VAL E 77 55.27 1.78 -26.70
CA VAL E 77 54.49 0.84 -27.49
C VAL E 77 53.57 1.55 -28.46
N ILE E 78 53.70 1.24 -29.74
CA ILE E 78 52.84 1.82 -30.76
C ILE E 78 51.83 0.82 -31.28
N ASP E 79 50.55 1.12 -31.08
CA ASP E 79 49.48 0.23 -31.48
C ASP E 79 48.80 0.70 -32.77
N LEU E 80 49.20 0.12 -33.89
CA LEU E 80 48.61 0.47 -35.18
C LEU E 80 47.21 -0.12 -35.29
N GLY E 81 46.25 0.73 -35.64
CA GLY E 81 44.86 0.30 -35.73
C GLY E 81 44.31 -0.05 -34.36
N CYS E 82 44.52 0.87 -33.42
CA CYS E 82 44.10 0.65 -32.03
C CYS E 82 42.59 0.55 -31.92
N GLY E 83 41.89 1.28 -32.78
CA GLY E 83 40.43 1.27 -32.79
C GLY E 83 39.84 1.70 -31.47
N ARG E 84 39.22 0.75 -30.76
CA ARG E 84 38.64 1.04 -29.46
C ARG E 84 39.73 1.15 -28.39
N GLY E 85 40.87 0.53 -28.68
CA GLY E 85 42.02 0.58 -27.79
C GLY E 85 42.12 -0.63 -26.88
N GLY E 86 41.71 -1.79 -27.39
CA GLY E 86 41.72 -3.01 -26.62
C GLY E 86 43.12 -3.42 -26.20
N TRP E 87 44.07 -3.30 -27.12
CA TRP E 87 45.44 -3.70 -26.85
C TRP E 87 46.18 -2.64 -26.04
N SER E 88 45.82 -1.39 -26.26
CA SER E 88 46.52 -0.27 -25.64
C SER E 88 46.39 -0.25 -24.13
N TYR E 89 45.16 -0.30 -23.63
CA TYR E 89 44.91 -0.24 -22.19
C TYR E 89 45.49 -1.45 -21.46
N TYR E 90 45.56 -2.58 -22.15
CA TYR E 90 46.07 -3.81 -21.54
C TYR E 90 47.58 -3.72 -21.31
N CYS E 91 48.29 -3.15 -22.28
CA CYS E 91 49.74 -3.02 -22.18
C CYS E 91 50.14 -2.00 -21.12
N ALA E 92 49.22 -1.10 -20.80
CA ALA E 92 49.49 -0.03 -19.84
C ALA E 92 49.81 -0.59 -18.47
N GLY E 93 49.15 -1.69 -18.11
CA GLY E 93 49.32 -2.28 -16.79
C GLY E 93 50.55 -3.17 -16.69
N LEU E 94 51.21 -3.40 -17.83
CA LEU E 94 52.38 -4.27 -17.85
C LEU E 94 53.59 -3.58 -17.25
N LYS E 95 54.56 -4.37 -16.81
CA LYS E 95 55.73 -3.86 -16.10
C LYS E 95 56.71 -3.14 -17.01
N LYS E 96 57.10 -3.79 -18.09
CA LYS E 96 58.15 -3.28 -18.96
C LYS E 96 57.71 -2.08 -19.80
N VAL E 97 56.41 -1.76 -19.75
CA VAL E 97 55.87 -0.67 -20.55
C VAL E 97 55.97 0.66 -19.83
N THR E 98 56.42 1.69 -20.54
CA THR E 98 56.55 3.03 -19.97
C THR E 98 55.70 4.05 -20.72
N GLU E 99 55.27 3.70 -21.92
CA GLU E 99 54.48 4.61 -22.75
C GLU E 99 53.73 3.85 -23.84
N VAL E 100 52.50 4.25 -24.09
CA VAL E 100 51.67 3.62 -25.12
C VAL E 100 51.09 4.65 -26.08
N ARG E 101 51.33 4.44 -27.37
CA ARG E 101 50.78 5.31 -28.41
C ARG E 101 49.83 4.53 -29.32
N GLY E 102 48.64 5.08 -29.55
CA GLY E 102 47.65 4.41 -30.36
C GLY E 102 47.22 5.23 -31.56
N TYR E 103 47.10 4.57 -32.70
CA TYR E 103 46.68 5.23 -33.92
C TYR E 103 45.56 4.47 -34.61
N THR E 104 44.48 5.18 -34.96
CA THR E 104 43.37 4.58 -35.66
C THR E 104 42.78 5.54 -36.69
N LYS E 105 42.05 4.99 -37.65
CA LYS E 105 41.48 5.81 -38.72
C LYS E 105 40.25 6.56 -38.23
N GLY E 106 39.36 5.86 -37.53
CA GLY E 106 38.15 6.47 -37.02
C GLY E 106 37.20 6.88 -38.13
N GLY E 107 36.23 7.72 -37.78
CA GLY E 107 35.25 8.18 -38.75
C GLY E 107 34.20 7.12 -39.02
N PRO E 108 33.28 7.40 -39.95
CA PRO E 108 32.21 6.49 -40.33
C PRO E 108 32.74 5.17 -40.87
N GLY E 109 32.32 4.05 -40.27
CA GLY E 109 32.74 2.74 -40.71
C GLY E 109 33.91 2.20 -39.91
N HIS E 110 34.42 3.02 -38.99
CA HIS E 110 35.54 2.62 -38.15
C HIS E 110 35.30 2.96 -36.69
N GLU E 111 35.84 2.15 -35.80
CA GLU E 111 35.65 2.35 -34.37
C GLU E 111 36.47 3.51 -33.84
N GLU E 112 35.87 4.29 -32.95
CA GLU E 112 36.56 5.42 -32.33
C GLU E 112 37.16 4.99 -30.98
N PRO E 113 38.28 5.62 -30.61
CA PRO E 113 38.94 5.33 -29.32
C PRO E 113 38.02 5.58 -28.13
N VAL E 114 37.95 4.61 -27.22
CA VAL E 114 37.11 4.72 -26.04
C VAL E 114 37.92 5.19 -24.84
N PRO E 115 37.58 6.37 -24.31
CA PRO E 115 38.25 6.94 -23.14
C PRO E 115 38.04 6.09 -21.90
N MET E 116 39.11 5.83 -21.16
CA MET E 116 39.02 4.99 -19.97
C MET E 116 39.86 5.53 -18.82
N SER E 117 39.65 4.96 -17.64
CA SER E 117 40.44 5.33 -16.47
C SER E 117 41.08 4.08 -15.88
N THR E 118 41.37 3.12 -16.74
CA THR E 118 42.01 1.87 -16.31
C THR E 118 43.40 2.13 -15.76
N TYR E 119 43.98 1.13 -15.11
CA TYR E 119 45.30 1.27 -14.53
C TYR E 119 46.35 1.55 -15.60
N GLY E 120 46.97 2.71 -15.49
CA GLY E 120 47.99 3.12 -16.45
C GLY E 120 47.42 3.90 -17.61
N TRP E 121 46.29 4.56 -17.39
CA TRP E 121 45.65 5.36 -18.42
C TRP E 121 46.46 6.63 -18.71
N ASN E 122 47.32 6.99 -17.76
CA ASN E 122 48.09 8.22 -17.87
C ASN E 122 49.25 8.12 -18.87
N ILE E 123 49.51 6.91 -19.36
CA ILE E 123 50.58 6.70 -20.33
C ILE E 123 50.03 6.26 -21.67
N VAL E 124 48.70 6.20 -21.77
CA VAL E 124 48.05 5.78 -22.99
C VAL E 124 47.62 6.98 -23.83
N LYS E 125 48.04 7.00 -25.08
CA LYS E 125 47.70 8.10 -25.99
C LYS E 125 46.99 7.57 -27.23
N LEU E 126 45.67 7.66 -27.23
CA LEU E 126 44.88 7.18 -28.37
C LEU E 126 44.48 8.33 -29.28
N MET E 127 44.84 8.22 -30.56
CA MET E 127 44.56 9.27 -31.53
C MET E 127 43.71 8.74 -32.68
N SER E 128 42.68 9.50 -33.05
CA SER E 128 41.83 9.14 -34.17
C SER E 128 42.18 9.98 -35.39
N GLY E 129 41.58 9.64 -36.53
CA GLY E 129 41.82 10.36 -37.76
C GLY E 129 43.23 10.14 -38.28
N LYS E 130 43.77 8.96 -38.06
CA LYS E 130 45.12 8.63 -38.48
C LYS E 130 45.17 7.36 -39.31
N ASP E 131 45.44 7.51 -40.60
CA ASP E 131 45.61 6.36 -41.47
C ASP E 131 47.08 5.94 -41.46
N VAL E 132 47.35 4.77 -40.91
CA VAL E 132 48.72 4.31 -40.69
C VAL E 132 49.48 4.08 -41.99
N PHE E 133 48.74 3.90 -43.09
CA PHE E 133 49.36 3.69 -44.39
C PHE E 133 50.09 4.94 -44.86
N TYR E 134 49.62 6.10 -44.42
CA TYR E 134 50.22 7.37 -44.81
C TYR E 134 51.10 7.91 -43.68
N LEU E 135 51.27 7.12 -42.63
CA LEU E 135 52.00 7.56 -41.45
C LEU E 135 53.45 7.10 -41.49
N PRO E 136 54.39 8.05 -41.34
CA PRO E 136 55.83 7.76 -41.33
C PRO E 136 56.28 7.05 -40.06
N PRO E 137 57.16 6.06 -40.19
CA PRO E 137 57.65 5.23 -39.08
C PRO E 137 58.18 6.04 -37.91
N GLU E 138 57.87 5.60 -36.70
CA GLU E 138 58.34 6.25 -35.48
C GLU E 138 59.18 5.29 -34.66
N LYS E 139 60.05 5.82 -33.82
CA LYS E 139 60.89 5.00 -32.95
C LYS E 139 60.04 4.34 -31.87
N CYS E 140 60.14 3.02 -31.76
CA CYS E 140 59.38 2.28 -30.76
C CYS E 140 60.09 1.00 -30.35
N ASP E 141 59.77 0.50 -29.17
CA ASP E 141 60.35 -0.74 -28.68
C ASP E 141 59.35 -1.88 -28.82
N THR E 142 58.13 -1.55 -29.19
CA THR E 142 57.08 -2.55 -29.38
C THR E 142 56.07 -2.09 -30.43
N LEU E 143 55.83 -2.95 -31.42
CA LEU E 143 54.91 -2.62 -32.50
C LEU E 143 53.72 -3.59 -32.51
N LEU E 144 52.52 -3.03 -32.48
CA LEU E 144 51.31 -3.84 -32.47
C LEU E 144 50.40 -3.48 -33.65
N CYS E 145 49.88 -4.49 -34.33
CA CYS E 145 49.00 -4.27 -35.47
C CYS E 145 47.90 -5.32 -35.54
N ASP E 146 46.66 -4.87 -35.40
CA ASP E 146 45.51 -5.76 -35.45
C ASP E 146 44.61 -5.40 -36.64
N ILE E 147 45.23 -4.85 -37.69
CA ILE E 147 44.49 -4.39 -38.85
C ILE E 147 44.25 -5.51 -39.86
N GLY E 148 43.00 -5.65 -40.28
CA GLY E 148 42.64 -6.66 -41.26
C GLY E 148 41.13 -6.82 -41.37
N GLU E 149 40.61 -6.63 -42.58
CA GLU E 149 39.17 -6.75 -42.81
C GLU E 149 38.85 -7.99 -43.62
N SER E 150 38.13 -8.93 -43.01
CA SER E 150 37.77 -10.18 -43.65
C SER E 150 36.90 -9.97 -44.88
N SER E 151 37.12 -10.77 -45.91
CA SER E 151 36.36 -10.68 -47.15
C SER E 151 36.10 -12.06 -47.75
N PRO E 152 34.88 -12.26 -48.28
CA PRO E 152 34.50 -13.53 -48.91
C PRO E 152 35.46 -13.97 -50.00
N SER E 153 35.98 -13.01 -50.77
CA SER E 153 36.94 -13.32 -51.81
C SER E 153 38.36 -13.33 -51.24
N PRO E 154 39.05 -14.48 -51.37
CA PRO E 154 40.41 -14.62 -50.84
C PRO E 154 41.39 -13.71 -51.56
N THR E 155 41.10 -13.38 -52.81
CA THR E 155 41.95 -12.49 -53.59
C THR E 155 41.93 -11.08 -53.01
N VAL E 156 40.77 -10.68 -52.51
CA VAL E 156 40.64 -9.37 -51.87
C VAL E 156 41.42 -9.35 -50.57
N GLU E 157 41.28 -10.41 -49.77
CA GLU E 157 42.04 -10.54 -48.53
C GLU E 157 43.53 -10.61 -48.81
N GLU E 158 43.88 -11.20 -49.96
CA GLU E 158 45.26 -11.31 -50.38
C GLU E 158 45.87 -9.94 -50.59
N SER E 159 45.11 -9.05 -51.22
CA SER E 159 45.58 -7.69 -51.50
C SER E 159 45.67 -6.88 -50.21
N ARG E 160 44.75 -7.12 -49.29
CA ARG E 160 44.71 -6.39 -48.03
C ARG E 160 45.80 -6.87 -47.07
N THR E 161 46.11 -8.16 -47.16
CA THR E 161 47.12 -8.75 -46.27
C THR E 161 48.51 -8.22 -46.59
N ILE E 162 48.84 -8.23 -47.88
CA ILE E 162 50.15 -7.76 -48.33
C ILE E 162 50.35 -6.28 -48.02
N ARG E 163 49.30 -5.49 -48.23
CA ARG E 163 49.34 -4.06 -48.00
C ARG E 163 49.73 -3.73 -46.57
N VAL E 164 49.23 -4.52 -45.63
CA VAL E 164 49.56 -4.33 -44.23
C VAL E 164 51.01 -4.74 -43.96
N LEU E 165 51.41 -5.87 -44.53
CA LEU E 165 52.75 -6.40 -44.32
C LEU E 165 53.83 -5.45 -44.81
N LYS E 166 53.58 -4.80 -45.95
CA LYS E 166 54.55 -3.86 -46.50
C LYS E 166 54.65 -2.60 -45.65
N MET E 167 53.55 -2.26 -45.00
CA MET E 167 53.48 -1.03 -44.22
C MET E 167 54.14 -1.17 -42.86
N VAL E 168 54.03 -2.35 -42.26
CA VAL E 168 54.55 -2.57 -40.91
C VAL E 168 56.03 -2.91 -40.90
N GLU E 169 56.59 -3.13 -42.09
CA GLU E 169 57.98 -3.55 -42.21
C GLU E 169 58.99 -2.51 -41.69
N PRO E 170 58.85 -1.23 -42.08
CA PRO E 170 59.85 -0.27 -41.59
C PRO E 170 59.76 -0.01 -40.09
N TRP E 171 58.63 -0.41 -39.47
CA TRP E 171 58.43 -0.19 -38.05
C TRP E 171 59.30 -1.12 -37.20
N LEU E 172 59.63 -2.28 -37.75
CA LEU E 172 60.34 -3.31 -37.00
C LEU E 172 61.85 -3.16 -37.09
N LYS E 173 62.47 -2.73 -35.99
CA LYS E 173 63.92 -2.58 -35.95
C LYS E 173 64.50 -3.26 -34.71
N ASN E 174 64.58 -4.59 -34.77
CA ASN E 174 65.08 -5.40 -33.65
C ASN E 174 64.32 -5.12 -32.35
N ASN E 175 63.01 -5.10 -32.42
CA ASN E 175 62.17 -4.87 -31.26
C ASN E 175 61.01 -5.86 -31.20
N GLN E 176 60.32 -5.89 -30.07
CA GLN E 176 59.17 -6.78 -29.89
C GLN E 176 58.03 -6.35 -30.82
N PHE E 177 57.26 -7.33 -31.30
CA PHE E 177 56.15 -7.02 -32.19
C PHE E 177 55.08 -8.11 -32.22
N CYS E 178 53.87 -7.71 -32.59
CA CYS E 178 52.75 -8.62 -32.73
C CYS E 178 51.82 -8.12 -33.84
N ILE E 179 51.93 -8.73 -35.02
CA ILE E 179 51.20 -8.25 -36.18
C ILE E 179 50.17 -9.26 -36.67
N LYS E 180 48.97 -8.77 -36.96
CA LYS E 180 47.88 -9.62 -37.42
C LYS E 180 48.01 -9.96 -38.90
N VAL E 181 47.86 -11.24 -39.23
CA VAL E 181 47.85 -11.68 -40.62
C VAL E 181 46.49 -12.25 -40.98
N LEU E 182 45.75 -11.50 -41.79
CA LEU E 182 44.39 -11.88 -42.16
C LEU E 182 44.34 -13.17 -42.97
N ASN E 183 45.05 -13.19 -44.09
CA ASN E 183 45.05 -14.33 -44.99
C ASN E 183 46.45 -14.90 -45.17
N PRO E 184 46.84 -15.85 -44.31
CA PRO E 184 48.17 -16.46 -44.34
C PRO E 184 48.27 -17.71 -45.22
N TYR E 185 47.17 -18.17 -45.78
CA TYR E 185 47.18 -19.40 -46.57
C TYR E 185 47.41 -19.15 -48.05
N MET E 186 47.36 -17.88 -48.46
CA MET E 186 47.63 -17.54 -49.85
C MET E 186 49.12 -17.65 -50.15
N PRO E 187 49.47 -18.30 -51.28
CA PRO E 187 50.85 -18.57 -51.68
C PRO E 187 51.73 -17.32 -51.72
N THR E 188 51.22 -16.25 -52.30
CA THR E 188 51.98 -15.00 -52.42
C THR E 188 52.27 -14.39 -51.05
N VAL E 189 51.34 -14.55 -50.13
CA VAL E 189 51.49 -14.02 -48.78
C VAL E 189 52.59 -14.76 -48.03
N ILE E 190 52.63 -16.08 -48.20
CA ILE E 190 53.63 -16.91 -47.54
C ILE E 190 55.04 -16.49 -47.97
N GLU E 191 55.16 -16.06 -49.22
CA GLU E 191 56.45 -15.61 -49.74
C GLU E 191 56.99 -14.43 -48.95
N HIS E 192 56.09 -13.50 -48.62
CA HIS E 192 56.48 -12.33 -47.84
C HIS E 192 56.78 -12.70 -46.41
N LEU E 193 55.99 -13.62 -45.86
CA LEU E 193 56.16 -14.06 -44.48
C LEU E 193 57.53 -14.71 -44.27
N GLU E 194 57.95 -15.54 -45.22
CA GLU E 194 59.24 -16.20 -45.15
C GLU E 194 60.37 -15.19 -45.24
N ARG E 195 60.21 -14.19 -46.10
CA ARG E 195 61.20 -13.14 -46.26
C ARG E 195 61.34 -12.34 -44.97
N LEU E 196 60.21 -12.03 -44.35
CA LEU E 196 60.21 -11.28 -43.09
C LEU E 196 60.79 -12.12 -41.96
N GLN E 197 60.57 -13.44 -42.03
CA GLN E 197 61.09 -14.35 -41.02
C GLN E 197 62.61 -14.48 -41.14
N ARG E 198 63.12 -14.25 -42.34
CA ARG E 198 64.56 -14.29 -42.58
C ARG E 198 65.21 -13.01 -42.09
N LYS E 199 64.43 -11.93 -42.03
CA LYS E 199 64.95 -10.62 -41.69
C LYS E 199 64.81 -10.33 -40.19
N HIS E 200 63.57 -10.39 -39.70
CA HIS E 200 63.30 -10.01 -38.32
C HIS E 200 63.04 -11.22 -37.43
N GLY E 201 62.95 -12.40 -38.03
CA GLY E 201 62.70 -13.62 -37.29
C GLY E 201 61.24 -13.72 -36.85
N GLY E 202 61.01 -14.40 -35.74
CA GLY E 202 59.66 -14.56 -35.21
C GLY E 202 58.99 -15.83 -35.69
N MET E 203 57.68 -15.92 -35.48
CA MET E 203 56.91 -17.10 -35.86
C MET E 203 55.43 -16.76 -35.95
N LEU E 204 54.74 -17.38 -36.90
CA LEU E 204 53.31 -17.16 -37.08
C LEU E 204 52.51 -18.07 -36.15
N VAL E 205 51.69 -17.47 -35.29
CA VAL E 205 50.96 -18.23 -34.27
C VAL E 205 49.45 -18.03 -34.36
N ARG E 206 48.70 -19.12 -34.32
CA ARG E 206 47.23 -19.07 -34.32
C ARG E 206 46.68 -18.91 -32.91
N ASN E 207 45.78 -17.94 -32.75
CA ASN E 207 45.15 -17.69 -31.45
C ASN E 207 43.84 -18.47 -31.33
N PRO E 208 43.71 -19.25 -30.25
CA PRO E 208 42.49 -20.05 -30.02
C PRO E 208 41.26 -19.20 -29.79
N LEU E 209 41.45 -17.95 -29.39
CA LEU E 209 40.33 -17.05 -29.15
C LEU E 209 39.75 -16.54 -30.47
N SER E 210 40.46 -16.79 -31.56
CA SER E 210 39.99 -16.40 -32.89
C SER E 210 38.92 -17.35 -33.38
N ARG E 211 37.81 -16.80 -33.88
CA ARG E 211 36.70 -17.60 -34.37
C ARG E 211 37.08 -18.39 -35.61
N ASN E 212 36.36 -19.49 -35.85
CA ASN E 212 36.64 -20.36 -36.99
C ASN E 212 36.23 -19.73 -38.32
N SER E 213 35.51 -18.62 -38.24
CA SER E 213 35.04 -17.93 -39.44
C SER E 213 36.19 -17.24 -40.15
N THR E 214 37.31 -17.06 -39.44
CA THR E 214 38.48 -16.42 -40.03
C THR E 214 39.72 -17.29 -39.89
N HIS E 215 40.61 -17.20 -40.87
CA HIS E 215 41.83 -17.98 -40.88
C HIS E 215 43.00 -17.12 -40.40
N GLU E 216 42.70 -16.12 -39.59
CA GLU E 216 43.68 -15.15 -39.15
C GLU E 216 44.75 -15.79 -38.25
N MET E 217 45.99 -15.32 -38.41
CA MET E 217 47.09 -15.74 -37.56
C MET E 217 47.93 -14.52 -37.19
N TYR E 218 48.72 -14.65 -36.14
CA TYR E 218 49.50 -13.52 -35.63
C TYR E 218 51.00 -13.78 -35.68
N TRP E 219 51.75 -12.77 -36.11
CA TRP E 219 53.20 -12.86 -36.20
C TRP E 219 53.87 -12.28 -34.96
N ILE E 220 54.30 -13.14 -34.07
CA ILE E 220 54.95 -12.69 -32.84
C ILE E 220 56.46 -12.58 -33.02
N SER E 221 57.12 -11.97 -32.03
CA SER E 221 58.56 -11.73 -32.12
C SER E 221 59.36 -12.90 -31.55
N ASN E 222 58.99 -13.34 -30.36
CA ASN E 222 59.74 -14.40 -29.68
C ASN E 222 59.25 -15.79 -30.07
N GLY E 223 59.94 -16.42 -31.02
CA GLY E 223 59.58 -17.76 -31.45
C GLY E 223 60.19 -18.10 -32.81
N THR E 224 60.05 -19.37 -33.19
CA THR E 224 60.58 -19.84 -34.46
C THR E 224 59.83 -21.06 -34.97
N GLY E 225 60.06 -21.43 -36.22
CA GLY E 225 59.42 -22.59 -36.81
C GLY E 225 59.02 -22.36 -38.26
N ASN E 226 58.53 -23.42 -38.89
CA ASN E 226 58.10 -23.33 -40.28
C ASN E 226 56.72 -22.73 -40.41
N ILE E 227 56.59 -21.70 -41.23
CA ILE E 227 55.34 -20.99 -41.39
C ILE E 227 54.32 -21.83 -42.16
N VAL E 228 54.77 -22.45 -43.25
CA VAL E 228 53.89 -23.22 -44.13
C VAL E 228 53.18 -24.34 -43.37
N SER E 229 53.96 -25.09 -42.60
CA SER E 229 53.40 -26.19 -41.81
C SER E 229 52.42 -25.65 -40.77
N SER E 230 52.73 -24.49 -40.20
CA SER E 230 51.87 -23.87 -39.20
C SER E 230 50.54 -23.49 -39.80
N VAL E 231 50.56 -22.99 -41.03
CA VAL E 231 49.34 -22.58 -41.72
C VAL E 231 48.45 -23.78 -42.01
N ASN E 232 49.06 -24.85 -42.52
CA ASN E 232 48.31 -26.05 -42.88
C ASN E 232 47.67 -26.73 -41.66
N MET E 233 48.36 -26.69 -40.53
CA MET E 233 47.81 -27.26 -39.31
C MET E 233 46.56 -26.50 -38.89
N VAL E 234 46.59 -25.19 -39.05
CA VAL E 234 45.42 -24.36 -38.80
C VAL E 234 44.33 -24.70 -39.82
N SER E 235 44.75 -24.89 -41.06
CA SER E 235 43.83 -25.26 -42.13
C SER E 235 43.18 -26.60 -41.85
N ARG E 236 43.98 -27.56 -41.39
CA ARG E 236 43.47 -28.87 -41.02
C ARG E 236 42.53 -28.78 -39.82
N LEU E 237 42.86 -27.88 -38.90
CA LEU E 237 42.06 -27.69 -37.69
C LEU E 237 40.69 -27.13 -38.03
N LEU E 238 40.66 -26.09 -38.84
CA LEU E 238 39.40 -25.46 -39.23
C LEU E 238 38.52 -26.41 -40.03
N LEU E 239 39.13 -27.14 -40.95
CA LEU E 239 38.40 -28.09 -41.78
C LEU E 239 37.86 -29.25 -40.96
N ASN E 240 38.59 -29.63 -39.92
CA ASN E 240 38.18 -30.75 -39.08
C ASN E 240 36.97 -30.41 -38.22
N ARG E 241 36.83 -29.13 -37.87
CA ARG E 241 35.73 -28.70 -37.02
C ARG E 241 34.45 -28.50 -37.82
N PHE E 242 34.51 -28.79 -39.12
CA PHE E 242 33.33 -28.73 -39.97
C PHE E 242 32.41 -29.92 -39.73
N THR E 243 32.98 -31.11 -39.76
CA THR E 243 32.19 -32.34 -39.75
C THR E 243 31.91 -32.88 -38.36
N MET E 244 32.66 -32.41 -37.36
CA MET E 244 32.47 -32.89 -36.00
C MET E 244 31.29 -32.20 -35.33
N THR E 245 30.84 -32.76 -34.22
CA THR E 245 29.69 -32.23 -33.50
C THR E 245 29.99 -30.85 -32.91
N HIS E 246 28.97 -30.01 -32.86
CA HIS E 246 29.11 -28.65 -32.38
C HIS E 246 29.50 -28.60 -30.90
N ARG E 247 30.74 -28.24 -30.63
CA ARG E 247 31.21 -28.06 -29.26
C ARG E 247 30.99 -26.62 -28.83
N ARG E 248 30.32 -26.44 -27.68
CA ARG E 248 30.08 -25.12 -27.14
C ARG E 248 31.38 -24.43 -26.78
N PRO E 249 31.51 -23.15 -27.13
CA PRO E 249 32.74 -22.37 -26.91
C PRO E 249 33.13 -22.28 -25.45
N THR E 250 34.39 -22.57 -25.16
CA THR E 250 34.91 -22.50 -23.79
C THR E 250 34.92 -21.05 -23.30
N ILE E 251 34.29 -20.82 -22.16
CA ILE E 251 34.17 -19.48 -21.60
C ILE E 251 35.22 -19.23 -20.52
N GLU E 252 35.90 -18.10 -20.62
CA GLU E 252 36.90 -17.74 -19.62
C GLU E 252 36.59 -16.38 -18.98
N LYS E 253 37.21 -16.12 -17.83
CA LYS E 253 37.02 -14.86 -17.13
C LYS E 253 37.75 -13.73 -17.85
N ASP E 254 37.11 -12.57 -17.93
CA ASP E 254 37.70 -11.42 -18.61
C ASP E 254 38.82 -10.80 -17.77
N VAL E 255 39.59 -9.92 -18.39
CA VAL E 255 40.72 -9.30 -17.71
C VAL E 255 40.31 -8.07 -16.92
N ASP E 256 40.72 -8.01 -15.66
CA ASP E 256 40.48 -6.83 -14.83
C ASP E 256 41.63 -5.85 -14.99
N LEU E 257 41.37 -4.77 -15.71
CA LEU E 257 42.41 -3.80 -16.02
C LEU E 257 42.64 -2.81 -14.89
N GLY E 258 41.93 -3.00 -13.78
CA GLY E 258 42.07 -2.14 -12.62
C GLY E 258 41.66 -0.71 -12.90
N ALA E 259 42.23 0.22 -12.14
CA ALA E 259 41.94 1.64 -12.31
C ALA E 259 43.02 2.52 -11.69
N GLY E 260 42.90 3.83 -11.88
CA GLY E 260 43.82 4.78 -11.29
C GLY E 260 45.08 4.98 -12.12
N THR E 261 45.91 5.94 -11.70
CA THR E 261 47.16 6.22 -12.39
C THR E 261 48.20 5.14 -12.08
N ARG E 262 49.36 5.23 -12.71
CA ARG E 262 50.38 4.20 -12.55
C ARG E 262 51.65 4.74 -11.89
N HIS E 263 52.38 5.61 -12.60
CA HIS E 263 53.66 6.15 -12.13
C HIS E 263 54.64 5.01 -11.85
N VAL E 264 55.37 4.60 -12.88
CA VAL E 264 56.26 3.44 -12.79
C VAL E 264 57.43 3.68 -11.84
N ASN E 265 57.78 4.95 -11.63
CA ASN E 265 58.94 5.30 -10.81
C ASN E 265 58.76 4.92 -9.35
N ALA E 266 57.54 5.07 -8.83
CA ALA E 266 57.27 4.77 -7.42
C ALA E 266 56.48 3.49 -7.28
N GLU E 267 56.62 2.60 -8.26
CA GLU E 267 55.89 1.33 -8.29
C GLU E 267 56.60 0.15 -7.62
N PRO E 268 57.91 -0.06 -7.88
CA PRO E 268 58.53 -1.27 -7.34
C PRO E 268 58.61 -1.31 -5.81
N GLU E 269 59.02 -2.46 -5.29
CA GLU E 269 59.09 -2.70 -3.85
C GLU E 269 60.53 -2.74 -3.36
N THR E 270 60.79 -2.11 -2.23
CA THR E 270 62.11 -2.12 -1.61
C THR E 270 62.06 -2.80 -0.25
N PRO E 271 62.61 -4.01 -0.16
CA PRO E 271 62.60 -4.80 1.08
C PRO E 271 63.79 -4.51 1.98
N ASN E 272 63.87 -5.21 3.10
CA ASN E 272 64.96 -5.02 4.06
C ASN E 272 65.99 -6.13 3.98
N MET E 273 65.54 -7.34 3.63
CA MET E 273 66.41 -8.50 3.41
C MET E 273 67.20 -8.92 4.66
N ASP E 274 66.96 -8.27 5.78
CA ASP E 274 67.61 -8.65 7.03
C ASP E 274 66.70 -9.55 7.84
N VAL E 275 65.40 -9.48 7.54
CA VAL E 275 64.41 -10.32 8.21
C VAL E 275 64.11 -11.54 7.37
N ILE E 276 63.79 -11.32 6.10
CA ILE E 276 63.44 -12.42 5.20
C ILE E 276 64.69 -13.07 4.61
N GLY E 277 65.86 -12.53 4.96
CA GLY E 277 67.11 -13.00 4.43
C GLY E 277 67.39 -14.47 4.68
N GLU E 278 67.16 -14.89 5.92
CA GLU E 278 67.42 -16.28 6.30
C GLU E 278 66.44 -17.24 5.62
N ARG E 279 65.20 -16.79 5.46
CA ARG E 279 64.18 -17.60 4.82
C ARG E 279 64.50 -17.87 3.36
N ILE E 280 64.87 -16.81 2.64
CA ILE E 280 65.22 -16.92 1.23
C ILE E 280 66.46 -17.80 1.07
N LYS E 281 67.41 -17.64 1.98
CA LYS E 281 68.64 -18.43 1.96
C LYS E 281 68.36 -19.92 2.06
N ARG E 282 67.45 -20.29 2.95
CA ARG E 282 67.10 -21.69 3.14
C ARG E 282 66.48 -22.28 1.87
N ILE E 283 65.62 -21.51 1.22
CA ILE E 283 65.00 -21.94 -0.02
C ILE E 283 66.04 -22.02 -1.13
N LYS E 284 66.92 -21.02 -1.18
CA LYS E 284 67.95 -20.95 -2.19
C LYS E 284 68.93 -22.11 -2.09
N GLU E 285 69.23 -22.52 -0.85
CA GLU E 285 70.14 -23.64 -0.62
C GLU E 285 69.45 -24.97 -0.89
N GLU E 286 68.13 -24.98 -0.75
CA GLU E 286 67.36 -26.22 -0.88
C GLU E 286 67.02 -26.52 -2.34
N HIS E 287 66.76 -25.45 -3.10
CA HIS E 287 66.45 -25.60 -4.52
C HIS E 287 67.61 -25.09 -5.38
N SER E 288 68.83 -25.29 -4.89
CA SER E 288 70.03 -24.80 -5.55
C SER E 288 70.26 -25.46 -6.91
N SER E 289 69.60 -26.58 -7.15
CA SER E 289 69.74 -27.30 -8.40
C SER E 289 69.10 -26.54 -9.56
N THR E 290 67.99 -25.87 -9.29
CA THR E 290 67.25 -25.15 -10.32
C THR E 290 67.04 -23.68 -9.99
N TRP E 291 67.77 -23.19 -8.99
CA TRP E 291 67.65 -21.80 -8.58
C TRP E 291 68.24 -20.85 -9.61
N HIS E 292 67.47 -19.84 -10.00
CA HIS E 292 67.94 -18.86 -10.97
C HIS E 292 67.21 -17.53 -10.82
N TYR E 293 67.67 -16.52 -11.54
CA TYR E 293 67.06 -15.20 -11.47
C TYR E 293 66.46 -14.82 -12.82
N ASP E 294 65.14 -14.95 -12.93
CA ASP E 294 64.45 -14.60 -14.17
C ASP E 294 64.43 -13.09 -14.35
N ASP E 295 65.06 -12.61 -15.41
CA ASP E 295 65.15 -11.18 -15.67
C ASP E 295 63.84 -10.63 -16.23
N GLU E 296 62.97 -11.52 -16.68
CA GLU E 296 61.71 -11.12 -17.28
C GLU E 296 60.50 -11.44 -16.40
N ASN E 297 60.62 -11.12 -15.11
CA ASN E 297 59.52 -11.31 -14.18
C ASN E 297 58.51 -10.18 -14.28
N PRO E 298 57.22 -10.52 -14.37
CA PRO E 298 56.14 -9.53 -14.52
C PRO E 298 55.77 -8.85 -13.20
N TYR E 299 56.47 -9.20 -12.12
CA TYR E 299 56.18 -8.64 -10.81
C TYR E 299 56.60 -7.18 -10.72
N LYS E 300 55.67 -6.32 -10.31
CA LYS E 300 55.92 -4.89 -10.25
C LYS E 300 56.02 -4.39 -8.81
N THR E 301 54.90 -4.47 -8.09
CA THR E 301 54.82 -3.97 -6.73
C THR E 301 55.36 -4.97 -5.71
N TRP E 302 55.82 -6.12 -6.20
CA TRP E 302 56.39 -7.15 -5.33
C TRP E 302 57.88 -7.30 -5.58
N ALA E 303 58.64 -7.44 -4.50
CA ALA E 303 60.09 -7.58 -4.61
C ALA E 303 60.47 -8.99 -5.05
N TYR E 304 60.93 -9.12 -6.29
CA TYR E 304 61.34 -10.41 -6.84
C TYR E 304 62.72 -10.80 -6.34
N HIS E 305 62.84 -12.04 -5.86
CA HIS E 305 64.11 -12.54 -5.35
C HIS E 305 64.73 -13.57 -6.28
N GLY E 306 63.95 -14.58 -6.66
CA GLY E 306 64.43 -15.62 -7.54
C GLY E 306 63.35 -16.61 -7.91
N SER E 307 63.73 -17.70 -8.54
CA SER E 307 62.78 -18.73 -8.96
C SER E 307 63.44 -20.10 -9.08
N TYR E 308 62.63 -21.13 -9.22
CA TYR E 308 63.13 -22.49 -9.41
C TYR E 308 62.09 -23.35 -10.13
N GLU E 309 62.56 -24.40 -10.79
CA GLU E 309 61.71 -25.23 -11.64
C GLU E 309 60.77 -26.11 -10.82
N VAL E 310 59.50 -26.11 -11.22
CA VAL E 310 58.49 -26.98 -10.61
C VAL E 310 57.57 -27.52 -11.70
N LYS E 311 56.69 -28.44 -11.31
CA LYS E 311 55.70 -28.96 -12.24
C LYS E 311 54.35 -28.29 -12.01
N ALA E 312 53.45 -28.41 -12.97
CA ALA E 312 52.15 -27.73 -12.94
C ALA E 312 51.32 -28.15 -11.74
N THR E 313 50.66 -27.17 -11.12
CA THR E 313 49.80 -27.43 -9.97
C THR E 313 48.49 -26.67 -10.10
N GLY E 314 47.38 -27.40 -10.00
CA GLY E 314 46.07 -26.80 -10.11
C GLY E 314 45.31 -27.31 -11.32
N SER E 315 44.06 -26.87 -11.45
CA SER E 315 43.22 -27.30 -12.57
C SER E 315 42.55 -26.11 -13.25
N ALA E 316 42.15 -26.30 -14.50
CA ALA E 316 41.50 -25.26 -15.27
C ALA E 316 40.03 -25.12 -14.86
N SER E 317 39.39 -26.25 -14.59
CA SER E 317 37.99 -26.25 -14.19
C SER E 317 37.81 -26.98 -12.85
N SER E 318 36.67 -26.74 -12.21
CA SER E 318 36.39 -27.38 -10.92
C SER E 318 35.43 -28.55 -11.09
N MET E 319 35.49 -29.47 -10.13
CA MET E 319 34.64 -30.66 -10.17
C MET E 319 33.17 -30.32 -9.92
N ILE E 320 32.29 -30.88 -10.75
CA ILE E 320 30.86 -30.64 -10.61
C ILE E 320 30.20 -31.75 -9.80
N ASN E 321 29.45 -31.36 -8.77
CA ASN E 321 28.74 -32.32 -7.93
C ASN E 321 27.61 -32.99 -8.73
N GLY E 322 27.80 -34.26 -9.03
CA GLY E 322 26.86 -35.01 -9.85
C GLY E 322 25.50 -35.18 -9.21
N VAL E 323 25.47 -35.30 -7.89
CA VAL E 323 24.22 -35.48 -7.16
C VAL E 323 23.35 -34.24 -7.25
N VAL E 324 23.96 -33.08 -7.05
CA VAL E 324 23.23 -31.82 -7.07
C VAL E 324 22.82 -31.44 -8.49
N LYS E 325 23.71 -31.66 -9.45
CA LYS E 325 23.47 -31.27 -10.84
C LYS E 325 22.25 -31.98 -11.44
N LEU E 326 22.13 -33.28 -11.15
CA LEU E 326 21.00 -34.05 -11.66
C LEU E 326 19.68 -33.59 -11.06
N LEU E 327 19.76 -33.01 -9.87
CA LEU E 327 18.57 -32.51 -9.19
C LEU E 327 18.33 -31.04 -9.51
N THR E 328 19.31 -30.40 -10.13
CA THR E 328 19.19 -29.01 -10.54
C THR E 328 19.40 -28.89 -12.05
N LYS E 329 18.64 -29.68 -12.81
CA LYS E 329 18.73 -29.70 -14.26
C LYS E 329 18.38 -28.36 -14.93
N PRO E 330 17.29 -27.69 -14.50
CA PRO E 330 16.99 -26.42 -15.16
C PRO E 330 18.06 -25.34 -14.95
N TRP E 331 18.92 -25.53 -13.95
CA TRP E 331 19.97 -24.56 -13.66
C TRP E 331 21.25 -24.89 -14.38
N ASP E 332 21.18 -25.80 -15.34
CA ASP E 332 22.34 -26.16 -16.15
C ASP E 332 22.51 -25.19 -17.31
N VAL E 333 21.49 -24.38 -17.55
CA VAL E 333 21.51 -23.41 -18.64
C VAL E 333 21.63 -21.99 -18.11
N VAL E 334 21.81 -21.85 -16.81
CA VAL E 334 21.95 -20.54 -16.19
C VAL E 334 23.42 -20.09 -16.19
N PRO E 335 23.70 -18.93 -16.80
CA PRO E 335 25.05 -18.38 -16.93
C PRO E 335 25.76 -18.18 -15.59
N MET E 336 25.04 -17.64 -14.60
CA MET E 336 25.63 -17.37 -13.29
C MET E 336 26.02 -18.66 -12.57
N VAL E 337 25.19 -19.68 -12.72
CA VAL E 337 25.43 -20.98 -12.10
C VAL E 337 26.69 -21.63 -12.66
N THR E 338 26.86 -21.54 -13.97
CA THR E 338 28.02 -22.12 -14.64
C THR E 338 29.29 -21.32 -14.37
N GLN E 339 29.13 -20.02 -14.16
CA GLN E 339 30.25 -19.10 -13.98
C GLN E 339 31.08 -19.42 -12.74
N MET E 340 30.44 -19.99 -11.73
CA MET E 340 31.13 -20.25 -10.46
C MET E 340 31.93 -21.55 -10.49
N ALA E 341 31.88 -22.26 -11.61
CA ALA E 341 32.52 -23.56 -11.72
C ALA E 341 33.71 -23.56 -12.68
N MET E 342 34.03 -22.40 -13.24
CA MET E 342 35.11 -22.30 -14.21
C MET E 342 36.38 -21.72 -13.59
N THR E 343 36.47 -21.77 -12.27
CA THR E 343 37.61 -21.23 -11.54
C THR E 343 38.91 -21.91 -11.97
N ASP E 344 39.88 -21.11 -12.39
CA ASP E 344 41.16 -21.62 -12.87
C ASP E 344 42.25 -21.45 -11.82
N THR E 345 42.98 -22.53 -11.56
CA THR E 345 44.04 -22.52 -10.55
C THR E 345 45.40 -22.87 -11.15
N THR E 346 45.44 -23.04 -12.47
CA THR E 346 46.68 -23.32 -13.18
C THR E 346 47.61 -22.11 -13.10
N PRO E 347 48.94 -22.34 -13.26
CA PRO E 347 49.92 -21.25 -13.25
C PRO E 347 49.55 -20.09 -14.17
N PHE E 348 48.90 -20.39 -15.29
CA PHE E 348 48.41 -19.35 -16.19
C PHE E 348 47.35 -18.50 -15.50
N GLY E 349 46.43 -19.17 -14.80
CA GLY E 349 45.35 -18.49 -14.12
C GLY E 349 45.83 -17.71 -12.91
N GLN E 350 46.79 -18.28 -12.18
CA GLN E 350 47.32 -17.64 -10.99
C GLN E 350 47.99 -16.32 -11.32
N GLN E 351 48.77 -16.31 -12.39
CA GLN E 351 49.44 -15.09 -12.83
C GLN E 351 48.43 -14.09 -13.39
N ARG E 352 47.36 -14.60 -13.97
CA ARG E 352 46.30 -13.75 -14.48
C ARG E 352 45.60 -13.03 -13.34
N VAL E 353 45.28 -13.76 -12.28
CA VAL E 353 44.60 -13.19 -11.13
C VAL E 353 45.53 -12.26 -10.36
N PHE E 354 46.79 -12.67 -10.23
CA PHE E 354 47.79 -11.90 -9.48
C PHE E 354 47.97 -10.50 -10.04
N LYS E 355 47.98 -10.40 -11.37
CA LYS E 355 48.21 -9.11 -12.04
C LYS E 355 47.01 -8.20 -11.90
N GLU E 356 45.82 -8.80 -11.80
CA GLU E 356 44.58 -8.04 -11.77
C GLU E 356 44.28 -7.44 -10.40
N LYS E 357 44.53 -8.19 -9.34
CA LYS E 357 44.15 -7.77 -8.00
C LYS E 357 45.33 -7.55 -7.06
N VAL E 358 46.15 -8.59 -6.89
CA VAL E 358 47.20 -8.59 -5.89
C VAL E 358 48.32 -7.58 -6.18
N ASP E 359 48.77 -7.53 -7.43
CA ASP E 359 49.91 -6.71 -7.80
C ASP E 359 49.53 -5.25 -8.02
N THR E 360 49.16 -4.56 -6.94
CA THR E 360 48.84 -3.14 -7.00
C THR E 360 49.47 -2.39 -5.82
N ARG E 361 49.70 -1.10 -6.00
CA ARG E 361 50.34 -0.28 -4.98
C ARG E 361 49.36 0.73 -4.38
N THR E 362 49.32 0.80 -3.06
CA THR E 362 48.46 1.77 -2.37
C THR E 362 49.29 2.93 -1.82
N PRO E 363 48.97 4.16 -2.23
CA PRO E 363 49.67 5.37 -1.80
C PRO E 363 49.67 5.55 -0.29
N ARG E 364 50.75 6.10 0.25
CA ARG E 364 50.87 6.34 1.68
C ARG E 364 49.95 7.46 2.13
N PRO E 365 49.18 7.23 3.21
CA PRO E 365 48.28 8.23 3.77
C PRO E 365 49.01 9.49 4.21
N MET E 366 48.32 10.62 4.20
CA MET E 366 48.90 11.90 4.61
C MET E 366 49.32 11.87 6.07
N PRO E 367 50.35 12.66 6.43
CA PRO E 367 50.86 12.74 7.80
C PRO E 367 49.77 12.99 8.85
N GLY E 368 48.80 13.83 8.51
CA GLY E 368 47.69 14.11 9.40
C GLY E 368 46.77 12.91 9.54
N THR E 369 46.57 12.20 8.43
CA THR E 369 45.71 11.02 8.43
C THR E 369 46.30 9.91 9.28
N ARG E 370 47.60 9.70 9.16
CA ARG E 370 48.29 8.67 9.93
C ARG E 370 48.23 8.97 11.42
N LYS E 371 48.20 10.26 11.75
CA LYS E 371 48.13 10.69 13.13
C LYS E 371 46.74 10.39 13.71
N VAL E 372 45.71 10.66 12.92
CA VAL E 372 44.33 10.38 13.33
C VAL E 372 44.11 8.88 13.49
N MET E 373 44.65 8.10 12.54
CA MET E 373 44.56 6.65 12.59
C MET E 373 45.26 6.11 13.82
N GLU E 374 46.32 6.79 14.25
CA GLU E 374 47.08 6.37 15.42
C GLU E 374 46.27 6.61 16.70
N ILE E 375 45.58 7.73 16.75
CA ILE E 375 44.79 8.09 17.92
C ILE E 375 43.57 7.19 18.08
N THR E 376 42.87 6.96 16.97
CA THR E 376 41.66 6.15 16.99
C THR E 376 41.96 4.70 17.34
N ALA E 377 43.05 4.17 16.78
CA ALA E 377 43.42 2.78 17.01
C ALA E 377 43.73 2.49 18.46
N GLU E 378 44.49 3.38 19.09
CA GLU E 378 44.86 3.21 20.49
C GLU E 378 43.61 3.27 21.38
N TRP E 379 42.72 4.19 21.08
CA TRP E 379 41.48 4.31 21.83
C TRP E 379 40.60 3.08 21.64
N LEU E 380 40.61 2.55 20.42
CA LEU E 380 39.78 1.40 20.09
C LEU E 380 40.28 0.15 20.81
N TRP E 381 41.60 0.01 20.93
CA TRP E 381 42.17 -1.11 21.65
C TRP E 381 41.87 -1.00 23.14
N ARG E 382 41.97 0.22 23.67
CA ARG E 382 41.66 0.47 25.08
C ARG E 382 40.21 0.14 25.38
N THR E 383 39.36 0.32 24.38
CA THR E 383 37.93 0.02 24.53
C THR E 383 37.67 -1.48 24.48
N LEU E 384 38.36 -2.17 23.57
CA LEU E 384 38.19 -3.61 23.42
C LEU E 384 38.74 -4.37 24.62
N GLY E 385 39.83 -3.88 25.20
CA GLY E 385 40.47 -4.54 26.32
C GLY E 385 40.03 -3.98 27.66
N ARG E 386 38.78 -3.54 27.74
CA ARG E 386 38.25 -2.98 28.97
C ARG E 386 37.90 -4.08 29.97
N ASN E 387 37.68 -5.29 29.46
CA ASN E 387 37.32 -6.42 30.30
C ASN E 387 38.19 -7.64 30.02
N LYS E 388 38.27 -8.02 28.75
CA LYS E 388 39.04 -9.19 28.35
C LYS E 388 40.54 -8.90 28.34
N ARG E 389 41.33 -9.83 28.86
CA ARG E 389 42.78 -9.71 28.82
C ARG E 389 43.37 -10.72 27.85
N PRO E 390 44.37 -10.29 27.06
CA PRO E 390 45.04 -11.14 26.08
C PRO E 390 45.69 -12.36 26.73
N ARG E 391 45.67 -13.49 26.02
CA ARG E 391 46.24 -14.73 26.55
C ARG E 391 46.85 -15.58 25.45
N LEU E 392 47.66 -16.55 25.85
CA LEU E 392 48.28 -17.48 24.92
C LEU E 392 47.39 -18.68 24.67
N CYS E 393 47.15 -19.00 23.40
CA CYS E 393 46.39 -20.19 23.05
C CYS E 393 47.28 -21.42 23.25
N THR E 394 46.65 -22.58 23.33
CA THR E 394 47.38 -23.81 23.64
C THR E 394 47.36 -24.82 22.50
N ARG E 395 48.25 -25.81 22.60
CA ARG E 395 48.27 -26.94 21.68
C ARG E 395 46.96 -27.71 21.78
N GLU E 396 46.40 -27.73 22.98
CA GLU E 396 45.14 -28.41 23.24
C GLU E 396 44.01 -27.80 22.42
N GLU E 397 43.90 -26.46 22.48
CA GLU E 397 42.89 -25.74 21.71
C GLU E 397 43.11 -25.93 20.22
N PHE E 398 44.37 -25.89 19.81
CA PHE E 398 44.72 -26.01 18.41
C PHE E 398 44.33 -27.37 17.85
N THR E 399 44.61 -28.42 18.62
CA THR E 399 44.35 -29.78 18.19
C THR E 399 42.87 -30.04 17.94
N LYS E 400 42.03 -29.51 18.82
CA LYS E 400 40.59 -29.70 18.70
C LYS E 400 40.03 -29.02 17.45
N LYS E 401 40.55 -27.84 17.14
CA LYS E 401 40.07 -27.08 16.00
C LYS E 401 40.61 -27.61 14.68
N VAL E 402 41.64 -28.45 14.77
CA VAL E 402 42.21 -29.07 13.56
C VAL E 402 41.19 -29.99 12.90
N ARG E 403 40.90 -29.71 11.63
CA ARG E 403 39.92 -30.48 10.88
C ARG E 403 40.59 -31.69 10.23
N THR E 404 39.76 -32.59 9.68
CA THR E 404 40.25 -33.83 9.08
C THR E 404 41.26 -33.57 7.96
N ASN E 405 40.84 -32.87 6.91
CA ASN E 405 41.73 -32.58 5.80
C ASN E 405 41.94 -31.09 5.59
N ALA E 406 42.99 -30.57 6.20
CA ALA E 406 43.42 -29.19 5.99
C ALA E 406 44.92 -29.18 5.72
N ALA E 407 45.27 -29.43 4.45
CA ALA E 407 46.67 -29.63 4.05
C ALA E 407 47.61 -28.54 4.56
N MET E 408 48.72 -28.98 5.14
CA MET E 408 49.73 -28.08 5.69
C MET E 408 50.41 -27.26 4.60
N GLY E 409 50.46 -27.81 3.39
CA GLY E 409 51.13 -27.16 2.28
C GLY E 409 52.61 -27.07 2.53
N ALA E 410 53.26 -28.23 2.60
CA ALA E 410 54.69 -28.30 2.87
C ALA E 410 55.50 -27.58 1.80
N VAL E 411 56.54 -26.86 2.23
CA VAL E 411 57.36 -26.08 1.32
C VAL E 411 58.84 -26.18 1.66
N PHE E 412 59.15 -26.79 2.80
CA PHE E 412 60.53 -26.98 3.21
C PHE E 412 60.92 -28.46 3.23
N THR E 413 60.52 -29.17 2.18
CA THR E 413 60.87 -30.58 1.96
C THR E 413 60.49 -31.52 3.11
N GLU E 414 61.18 -31.40 4.24
CA GLU E 414 61.03 -32.34 5.35
C GLU E 414 59.62 -32.36 5.92
N GLU E 415 58.84 -31.32 5.63
CA GLU E 415 57.49 -31.20 6.15
C GLU E 415 56.51 -32.08 5.42
N ASN E 416 56.89 -32.56 4.23
CA ASN E 416 56.03 -33.44 3.45
C ASN E 416 56.07 -34.87 4.00
N GLN E 417 56.66 -35.02 5.18
CA GLN E 417 56.77 -36.31 5.85
C GLN E 417 55.41 -36.88 6.19
N TRP E 418 54.46 -36.01 6.47
CA TRP E 418 53.09 -36.43 6.81
C TRP E 418 52.15 -36.27 5.62
N ASP E 419 50.87 -36.53 5.86
CA ASP E 419 49.87 -36.41 4.81
C ASP E 419 48.60 -35.77 5.34
N SER E 420 48.20 -36.17 6.54
CA SER E 420 47.03 -35.60 7.19
C SER E 420 47.43 -34.65 8.32
N ALA E 421 46.74 -33.52 8.40
CA ALA E 421 47.02 -32.53 9.43
C ALA E 421 46.68 -33.07 10.81
N ARG E 422 45.60 -33.86 10.88
CA ARG E 422 45.19 -34.48 12.14
C ARG E 422 46.22 -35.50 12.59
N ALA E 423 46.89 -36.13 11.64
CA ALA E 423 47.93 -37.10 11.95
C ALA E 423 49.23 -36.40 12.33
N ALA E 424 49.36 -35.14 11.91
CA ALA E 424 50.58 -34.38 12.17
C ALA E 424 50.61 -33.85 13.60
N VAL E 425 49.47 -33.41 14.10
CA VAL E 425 49.39 -32.80 15.43
C VAL E 425 49.58 -33.82 16.54
N GLU E 426 49.44 -35.10 16.21
CA GLU E 426 49.61 -36.17 17.20
C GLU E 426 51.04 -36.66 17.23
N ASP E 427 51.76 -36.46 16.13
CA ASP E 427 53.17 -36.84 16.07
C ASP E 427 54.04 -35.79 16.75
N GLU E 428 54.84 -36.23 17.72
CA GLU E 428 55.65 -35.31 18.51
C GLU E 428 56.75 -34.66 17.68
N GLU E 429 57.16 -35.33 16.61
CA GLU E 429 58.21 -34.82 15.74
C GLU E 429 57.78 -33.51 15.06
N PHE E 430 56.48 -33.37 14.85
CA PHE E 430 55.94 -32.16 14.26
C PHE E 430 56.08 -30.96 15.20
N TRP E 431 55.77 -31.18 16.47
CA TRP E 431 55.86 -30.12 17.48
C TRP E 431 57.31 -29.73 17.72
N LYS E 432 58.22 -30.69 17.57
CA LYS E 432 59.65 -30.41 17.71
C LYS E 432 60.10 -29.43 16.63
N LEU E 433 59.52 -29.56 15.44
CA LEU E 433 59.78 -28.62 14.36
C LEU E 433 59.22 -27.25 14.71
N VAL E 434 58.05 -27.25 15.33
CA VAL E 434 57.41 -26.01 15.77
C VAL E 434 58.24 -25.37 16.88
N ASP E 435 58.77 -26.19 17.78
CA ASP E 435 59.61 -25.71 18.86
C ASP E 435 60.87 -25.04 18.32
N ARG E 436 61.39 -25.57 17.21
CA ARG E 436 62.58 -25.00 16.60
C ARG E 436 62.30 -23.61 16.04
N GLU E 437 61.15 -23.45 15.40
CA GLU E 437 60.80 -22.19 14.75
C GLU E 437 60.41 -21.12 15.76
N ARG E 438 59.68 -21.52 16.80
CA ARG E 438 59.18 -20.57 17.79
C ARG E 438 60.32 -19.97 18.60
N GLU E 439 61.40 -20.73 18.78
CA GLU E 439 62.56 -20.22 19.49
C GLU E 439 63.23 -19.12 18.68
N LEU E 440 63.26 -19.31 17.36
CA LEU E 440 63.81 -18.31 16.46
C LEU E 440 63.02 -17.00 16.57
N HIS E 441 61.71 -17.13 16.77
CA HIS E 441 60.84 -15.97 16.92
C HIS E 441 61.14 -15.22 18.21
N LYS E 442 61.61 -15.95 19.22
CA LYS E 442 61.91 -15.36 20.52
C LYS E 442 63.16 -14.48 20.44
N LEU E 443 64.03 -14.77 19.48
CA LEU E 443 65.20 -13.93 19.24
C LEU E 443 64.90 -12.89 18.16
N GLY E 444 63.67 -12.89 17.68
CA GLY E 444 63.25 -11.96 16.66
C GLY E 444 63.71 -12.36 15.27
N LYS E 445 63.66 -13.65 15.00
CA LYS E 445 64.08 -14.17 13.69
C LYS E 445 63.03 -15.12 13.12
N CYS E 446 63.04 -15.28 11.81
CA CYS E 446 62.08 -16.14 11.14
C CYS E 446 62.78 -17.09 10.17
N GLY E 447 62.26 -18.30 10.03
CA GLY E 447 62.93 -19.32 9.25
C GLY E 447 62.08 -20.13 8.30
N SER E 448 60.93 -20.60 8.76
CA SER E 448 60.13 -21.54 7.96
C SER E 448 58.75 -21.01 7.61
N CYS E 449 58.48 -19.75 7.96
CA CYS E 449 57.17 -19.15 7.69
C CYS E 449 57.10 -18.63 6.26
N VAL E 450 56.44 -19.40 5.38
CA VAL E 450 56.31 -19.04 3.97
C VAL E 450 54.89 -19.22 3.48
N TYR E 451 54.33 -18.18 2.87
CA TYR E 451 52.98 -18.23 2.32
C TYR E 451 52.91 -18.99 1.00
N ASN E 452 51.82 -19.72 0.80
CA ASN E 452 51.53 -20.35 -0.47
C ASN E 452 50.43 -19.59 -1.18
N MET E 453 50.34 -19.71 -2.49
CA MET E 453 49.38 -18.90 -3.24
C MET E 453 48.52 -19.70 -4.22
N MET E 454 47.21 -19.61 -4.00
CA MET E 454 46.23 -20.14 -4.94
C MET E 454 45.24 -19.02 -5.26
N ILE E 473 43.56 -18.11 -2.11
CA ILE E 473 43.77 -17.71 -0.73
C ILE E 473 45.25 -17.91 -0.37
N TRP E 474 45.65 -17.40 0.79
CA TRP E 474 47.06 -17.47 1.20
C TRP E 474 47.25 -18.41 2.38
N TYR E 475 47.13 -19.71 2.14
CA TYR E 475 47.28 -20.67 3.23
C TYR E 475 48.75 -20.85 3.59
N MET E 476 49.10 -20.48 4.81
CA MET E 476 50.46 -20.64 5.31
C MET E 476 50.56 -21.95 6.08
N TRP E 477 51.73 -22.57 6.04
CA TRP E 477 51.99 -23.82 6.74
C TRP E 477 51.58 -23.73 8.21
N LEU E 478 50.86 -24.76 8.68
CA LEU E 478 50.28 -24.73 10.03
C LEU E 478 51.33 -24.67 11.14
N GLY E 479 52.56 -25.04 10.82
CA GLY E 479 53.66 -24.90 11.76
C GLY E 479 53.95 -23.43 12.01
N ALA E 480 53.65 -22.61 11.02
CA ALA E 480 53.80 -21.17 11.14
C ALA E 480 52.47 -20.53 11.53
N ARG E 481 51.37 -21.17 11.14
CA ARG E 481 50.04 -20.67 11.46
C ARG E 481 49.73 -20.86 12.93
N TYR E 482 50.22 -21.96 13.50
CA TYR E 482 50.03 -22.23 14.92
C TYR E 482 50.72 -21.18 15.77
N LEU E 483 51.88 -20.72 15.31
CA LEU E 483 52.63 -19.71 16.03
C LEU E 483 51.89 -18.37 16.01
N GLU E 484 51.04 -18.18 15.00
CA GLU E 484 50.16 -17.03 14.97
C GLU E 484 48.98 -17.27 15.91
N PHE E 485 48.42 -18.48 15.83
CA PHE E 485 47.31 -18.87 16.68
C PHE E 485 47.72 -18.85 18.15
N GLU E 486 48.94 -19.31 18.43
CA GLU E 486 49.47 -19.30 19.79
C GLU E 486 49.64 -17.87 20.28
N ALA E 487 50.09 -17.00 19.38
CA ALA E 487 50.32 -15.60 19.73
C ALA E 487 49.01 -14.83 19.83
N LEU E 488 48.28 -14.74 18.73
CA LEU E 488 47.03 -14.00 18.70
C LEU E 488 45.88 -14.79 18.08
N GLY E 489 45.41 -15.80 18.83
CA GLY E 489 44.25 -16.56 18.42
C GLY E 489 43.10 -16.29 19.37
N PHE E 490 43.39 -15.47 20.38
CA PHE E 490 42.41 -15.15 21.41
C PHE E 490 41.30 -14.25 20.88
N LEU E 491 41.56 -13.60 19.76
CA LEU E 491 40.57 -12.72 19.14
C LEU E 491 39.35 -13.49 18.66
N ASN E 492 39.53 -14.78 18.39
CA ASN E 492 38.43 -15.62 17.94
C ASN E 492 37.93 -16.55 19.03
N GLU E 493 38.81 -16.93 19.94
CA GLU E 493 38.45 -17.86 21.00
C GLU E 493 37.75 -17.16 22.16
N ASP E 494 38.27 -15.99 22.56
CA ASP E 494 37.67 -15.22 23.62
C ASP E 494 36.56 -14.32 23.10
N HIS E 495 36.37 -14.34 21.79
CA HIS E 495 35.34 -13.56 21.12
C HIS E 495 35.46 -12.07 21.43
N TRP E 496 36.60 -11.49 21.05
CA TRP E 496 36.85 -10.07 21.28
C TRP E 496 35.94 -9.19 20.43
N PHE E 497 35.56 -9.68 19.27
CA PHE E 497 34.77 -8.88 18.33
C PHE E 497 33.29 -9.27 18.36
N SER E 498 32.82 -9.72 19.51
CA SER E 498 31.39 -9.92 19.72
C SER E 498 30.74 -8.56 19.92
N ARG E 499 29.42 -8.49 19.72
CA ARG E 499 28.73 -7.21 19.81
C ARG E 499 28.60 -6.75 21.27
N GLU E 500 28.97 -7.63 22.20
CA GLU E 500 28.93 -7.29 23.61
C GLU E 500 30.19 -6.51 23.99
N ASN E 501 31.32 -6.89 23.40
CA ASN E 501 32.59 -6.27 23.75
C ASN E 501 32.97 -5.16 22.78
N SER E 502 32.68 -5.37 21.50
CA SER E 502 33.10 -4.44 20.46
C SER E 502 31.98 -3.48 20.04
N TYR E 503 30.76 -3.78 20.48
CA TYR E 503 29.57 -2.98 20.18
C TYR E 503 29.18 -2.97 18.70
N SER E 504 30.16 -3.17 17.82
CA SER E 504 29.91 -3.11 16.38
C SER E 504 30.08 -4.47 15.71
N GLY E 505 30.77 -5.39 16.38
CA GLY E 505 31.04 -6.70 15.82
C GLY E 505 29.81 -7.58 15.73
N VAL E 506 29.93 -8.70 15.04
CA VAL E 506 28.84 -9.66 14.91
C VAL E 506 29.33 -11.07 15.20
N GLU E 507 30.57 -11.18 15.64
CA GLU E 507 31.18 -12.47 15.93
C GLU E 507 30.43 -13.23 17.02
N GLY E 508 29.84 -14.35 16.64
CA GLY E 508 29.13 -15.19 17.59
C GLY E 508 27.62 -15.18 17.38
N GLU E 509 27.12 -14.14 16.71
CA GLU E 509 25.68 -14.01 16.47
C GLU E 509 25.19 -15.03 15.45
N GLY E 510 25.82 -15.06 14.29
CA GLY E 510 25.44 -16.00 13.24
C GLY E 510 24.55 -15.36 12.20
N LEU E 511 24.40 -16.04 11.07
CA LEU E 511 23.65 -15.53 9.94
C LEU E 511 22.18 -15.28 10.27
N HIS E 512 21.61 -16.13 11.11
CA HIS E 512 20.20 -16.04 11.46
C HIS E 512 19.89 -14.83 12.34
N LYS E 513 20.91 -14.23 12.93
CA LYS E 513 20.72 -13.08 13.80
C LYS E 513 21.11 -11.77 13.11
N LEU E 514 21.76 -11.88 11.96
CA LEU E 514 22.27 -10.71 11.23
C LEU E 514 21.15 -9.81 10.72
N GLY E 515 19.95 -10.37 10.57
CA GLY E 515 18.82 -9.61 10.10
C GLY E 515 18.21 -8.77 11.21
N TYR E 516 18.17 -9.35 12.40
CA TYR E 516 17.55 -8.69 13.54
C TYR E 516 18.41 -7.54 14.07
N ILE E 517 19.72 -7.62 13.87
CA ILE E 517 20.59 -6.57 14.37
C ILE E 517 20.48 -5.30 13.51
N LEU E 518 20.24 -5.47 12.22
CA LEU E 518 20.11 -4.34 11.32
C LEU E 518 18.80 -3.61 11.56
N ARG E 519 17.77 -4.38 11.91
CA ARG E 519 16.46 -3.81 12.22
C ARG E 519 16.55 -2.93 13.46
N ASP E 520 17.40 -3.33 14.40
CA ASP E 520 17.59 -2.57 15.63
C ASP E 520 18.40 -1.30 15.37
N ILE E 521 19.34 -1.38 14.44
CA ILE E 521 20.15 -0.23 14.09
C ILE E 521 19.31 0.82 13.37
N SER E 522 18.36 0.36 12.56
CA SER E 522 17.49 1.25 11.80
C SER E 522 16.65 2.12 12.72
N LYS E 523 16.43 1.67 13.96
CA LYS E 523 15.63 2.40 14.92
C LYS E 523 16.43 3.55 15.52
N ILE E 524 17.75 3.49 15.40
CA ILE E 524 18.62 4.53 15.92
C ILE E 524 18.46 5.82 15.13
N PRO E 525 18.18 6.94 15.82
CA PRO E 525 18.02 8.25 15.20
C PRO E 525 19.25 8.68 14.43
N GLY E 526 19.05 9.34 13.29
CA GLY E 526 20.16 9.80 12.47
C GLY E 526 19.78 9.92 11.00
N GLY E 527 20.77 9.77 10.13
CA GLY E 527 20.55 9.85 8.70
C GLY E 527 20.14 8.51 8.10
N ALA E 528 20.53 8.28 6.86
CA ALA E 528 20.21 7.02 6.19
C ALA E 528 21.28 5.97 6.47
N MET E 529 20.94 4.71 6.22
CA MET E 529 21.87 3.61 6.46
C MET E 529 22.80 3.43 5.28
N TYR E 530 24.10 3.67 5.50
CA TYR E 530 25.09 3.55 4.44
C TYR E 530 25.89 2.26 4.54
N ALA E 531 25.98 1.54 3.43
CA ALA E 531 26.74 0.30 3.38
C ALA E 531 27.55 0.21 2.09
N ASP E 532 28.83 0.54 2.19
CA ASP E 532 29.69 0.56 1.01
C ASP E 532 30.70 -0.58 1.03
N ASP E 533 30.72 -1.36 -0.05
CA ASP E 533 31.66 -2.46 -0.19
C ASP E 533 33.03 -1.95 -0.60
N THR E 534 34.06 -2.41 0.10
CA THR E 534 35.43 -1.99 -0.21
C THR E 534 36.06 -2.90 -1.25
N ALA E 535 36.61 -2.30 -2.30
CA ALA E 535 37.21 -3.07 -3.39
C ALA E 535 38.58 -3.62 -3.03
N GLY E 536 38.66 -4.94 -2.89
CA GLY E 536 39.91 -5.60 -2.60
C GLY E 536 40.51 -5.17 -1.28
N TRP E 537 39.81 -5.51 -0.20
CA TRP E 537 40.18 -5.06 1.14
C TRP E 537 41.60 -5.48 1.56
N ASP E 538 41.95 -6.73 1.26
CA ASP E 538 43.24 -7.28 1.67
C ASP E 538 44.41 -6.55 1.02
N THR E 539 44.16 -5.91 -0.12
CA THR E 539 45.20 -5.22 -0.85
C THR E 539 45.27 -3.74 -0.48
N ARG E 540 44.35 -3.29 0.36
CA ARG E 540 44.29 -1.90 0.77
C ARG E 540 44.98 -1.68 2.11
N ILE E 541 45.35 -2.77 2.77
CA ILE E 541 46.00 -2.70 4.07
C ILE E 541 47.39 -2.08 3.96
N THR E 542 47.58 -0.94 4.61
CA THR E 542 48.86 -0.24 4.55
C THR E 542 49.77 -0.66 5.69
N GLU E 543 51.00 -0.17 5.65
CA GLU E 543 51.97 -0.45 6.71
C GLU E 543 51.57 0.27 7.99
N ASP E 544 50.94 1.43 7.84
CA ASP E 544 50.48 2.21 8.98
C ASP E 544 49.35 1.49 9.69
N ASP E 545 48.55 0.75 8.92
CA ASP E 545 47.47 -0.05 9.48
C ASP E 545 48.04 -1.17 10.35
N LEU E 546 49.13 -1.77 9.90
CA LEU E 546 49.77 -2.85 10.62
C LEU E 546 50.39 -2.36 11.93
N HIS E 547 50.92 -1.13 11.90
CA HIS E 547 51.50 -0.54 13.09
C HIS E 547 50.43 -0.19 14.11
N ASN E 548 49.24 0.16 13.62
CA ASN E 548 48.11 0.46 14.49
C ASN E 548 47.59 -0.81 15.15
N GLU E 549 47.59 -1.91 14.41
CA GLU E 549 47.12 -3.18 14.93
C GLU E 549 48.16 -3.81 15.86
N GLU E 550 49.40 -3.37 15.73
CA GLU E 550 50.49 -3.91 16.54
C GLU E 550 50.44 -3.37 17.96
N LYS E 551 49.62 -2.34 18.17
CA LYS E 551 49.56 -1.66 19.46
C LYS E 551 48.81 -2.47 20.51
N ILE E 552 48.26 -3.61 20.11
CA ILE E 552 47.60 -4.52 21.04
C ILE E 552 48.64 -5.22 21.91
N THR E 553 49.88 -5.27 21.42
CA THR E 553 50.96 -5.91 22.14
C THR E 553 51.28 -5.20 23.44
N GLN E 554 50.87 -3.94 23.55
CA GLN E 554 51.12 -3.14 24.74
C GLN E 554 50.27 -3.61 25.92
N GLN E 555 49.27 -4.43 25.64
CA GLN E 555 48.38 -4.93 26.67
C GLN E 555 48.68 -6.37 27.06
N MET E 556 49.76 -6.92 26.50
CA MET E 556 50.09 -8.32 26.74
C MET E 556 51.31 -8.48 27.64
N ASP E 557 51.41 -9.65 28.26
CA ASP E 557 52.54 -9.98 29.13
C ASP E 557 53.84 -10.02 28.34
N PRO E 558 54.97 -9.66 28.99
CA PRO E 558 56.29 -9.61 28.37
C PRO E 558 56.64 -10.86 27.56
N GLU E 559 56.32 -12.03 28.09
CA GLU E 559 56.60 -13.28 27.39
C GLU E 559 55.64 -13.46 26.22
N HIS E 560 54.41 -13.02 26.40
CA HIS E 560 53.41 -13.06 25.35
C HIS E 560 53.72 -11.99 24.30
N ARG E 561 54.11 -10.81 24.79
CA ARG E 561 54.39 -9.68 23.92
C ARG E 561 55.53 -9.99 22.95
N GLN E 562 56.57 -10.61 23.46
CA GLN E 562 57.76 -10.90 22.65
C GLN E 562 57.43 -11.84 21.49
N LEU E 563 56.56 -12.81 21.73
CA LEU E 563 56.22 -13.80 20.72
C LEU E 563 55.35 -13.22 19.62
N ALA E 564 54.32 -12.45 20.01
CA ALA E 564 53.38 -11.90 19.05
C ALA E 564 53.96 -10.71 18.30
N ASN E 565 54.86 -9.98 18.95
CA ASN E 565 55.52 -8.86 18.30
C ASN E 565 56.37 -9.34 17.13
N ALA E 566 56.86 -10.57 17.25
CA ALA E 566 57.59 -11.21 16.16
C ALA E 566 56.63 -11.56 15.03
N ILE E 567 55.44 -12.03 15.39
CA ILE E 567 54.43 -12.39 14.42
C ILE E 567 54.03 -11.20 13.56
N PHE E 568 53.95 -10.03 14.18
CA PHE E 568 53.63 -8.81 13.45
C PHE E 568 54.76 -8.41 12.51
N LYS E 569 55.96 -8.31 13.05
CA LYS E 569 57.10 -7.79 12.29
C LYS E 569 57.68 -8.79 11.29
N LEU E 570 57.75 -10.06 11.68
CA LEU E 570 58.43 -11.05 10.85
C LEU E 570 57.49 -11.80 9.92
N THR E 571 56.20 -11.79 10.21
CA THR E 571 55.25 -12.58 9.43
C THR E 571 54.16 -11.74 8.78
N TYR E 572 53.79 -10.64 9.43
CA TYR E 572 52.74 -9.79 8.90
C TYR E 572 53.32 -8.59 8.15
N GLN E 573 54.14 -7.80 8.84
CA GLN E 573 54.74 -6.62 8.24
C GLN E 573 55.80 -6.98 7.21
N ASN E 574 56.21 -8.25 7.22
CA ASN E 574 57.13 -8.78 6.22
C ASN E 574 56.78 -10.24 5.93
N LYS E 575 56.76 -10.61 4.66
CA LYS E 575 56.34 -11.94 4.28
C LYS E 575 56.91 -12.42 2.95
N VAL E 576 57.19 -13.71 2.87
CA VAL E 576 57.70 -14.33 1.66
C VAL E 576 56.64 -15.24 1.06
N VAL E 577 56.37 -15.06 -0.24
CA VAL E 577 55.28 -15.79 -0.89
C VAL E 577 55.75 -16.62 -2.07
N LYS E 578 55.36 -17.89 -2.11
CA LYS E 578 55.61 -18.74 -3.25
C LYS E 578 54.45 -18.65 -4.25
N VAL E 579 54.78 -18.58 -5.54
CA VAL E 579 53.76 -18.46 -6.57
C VAL E 579 54.27 -19.00 -7.91
N GLN E 580 53.49 -19.87 -8.52
CA GLN E 580 53.86 -20.48 -9.79
C GLN E 580 53.65 -19.53 -10.97
N ARG E 581 54.44 -19.74 -12.02
CA ARG E 581 54.36 -18.92 -13.22
C ARG E 581 54.79 -19.68 -14.45
N PRO E 582 53.97 -19.63 -15.51
CA PRO E 582 54.27 -20.32 -16.77
C PRO E 582 55.39 -19.64 -17.56
N THR E 583 56.29 -20.45 -18.10
CA THR E 583 57.39 -19.97 -18.91
C THR E 583 57.47 -20.78 -20.20
N PRO E 584 58.14 -20.27 -21.23
CA PRO E 584 58.30 -21.05 -22.47
C PRO E 584 59.07 -22.35 -22.25
N LYS E 585 59.83 -22.43 -21.15
CA LYS E 585 60.57 -23.64 -20.82
C LYS E 585 59.73 -24.58 -19.96
N GLY E 586 58.70 -24.03 -19.32
CA GLY E 586 57.83 -24.81 -18.46
C GLY E 586 57.20 -23.98 -17.37
N THR E 587 57.06 -24.55 -16.18
CA THR E 587 56.52 -23.82 -15.05
C THR E 587 57.57 -23.61 -13.97
N VAL E 588 57.59 -22.42 -13.38
CA VAL E 588 58.56 -22.09 -12.35
C VAL E 588 57.89 -21.56 -11.10
N MET E 589 58.60 -21.61 -9.98
CA MET E 589 58.09 -21.13 -8.70
C MET E 589 58.83 -19.87 -8.27
N ASP E 590 58.18 -18.72 -8.43
CA ASP E 590 58.80 -17.45 -8.10
C ASP E 590 58.77 -17.16 -6.61
N ILE E 591 59.70 -16.34 -6.15
CA ILE E 591 59.77 -15.95 -4.75
C ILE E 591 59.69 -14.43 -4.60
N ILE E 592 58.61 -13.94 -4.00
CA ILE E 592 58.40 -12.51 -3.86
C ILE E 592 58.16 -12.11 -2.41
N SER E 593 58.16 -10.81 -2.16
CA SER E 593 57.96 -10.28 -0.81
C SER E 593 57.39 -8.87 -0.84
N ARG E 594 56.66 -8.50 0.21
CA ARG E 594 56.10 -7.17 0.31
C ARG E 594 55.82 -6.82 1.78
N LYS E 595 55.81 -5.53 2.09
CA LYS E 595 55.66 -5.07 3.46
C LYS E 595 54.20 -4.90 3.89
N ASP E 596 53.35 -4.45 2.97
CA ASP E 596 51.97 -4.15 3.31
C ASP E 596 51.00 -5.28 2.95
N GLN E 597 49.79 -4.90 2.55
CA GLN E 597 48.72 -5.85 2.21
C GLN E 597 48.36 -6.80 3.34
N ARG E 598 47.54 -7.79 3.03
CA ARG E 598 47.03 -8.71 4.03
C ARG E 598 46.94 -10.14 3.48
N GLY E 599 47.34 -11.11 4.31
CA GLY E 599 47.19 -12.50 3.96
C GLY E 599 45.78 -12.98 4.23
N SER E 600 45.12 -13.49 3.20
CA SER E 600 43.72 -13.93 3.34
C SER E 600 43.61 -15.23 4.13
N GLY E 601 44.73 -15.94 4.27
CA GLY E 601 44.74 -17.19 4.99
C GLY E 601 45.37 -17.09 6.37
N GLN E 602 45.57 -15.86 6.84
CA GLN E 602 46.16 -15.64 8.15
C GLN E 602 45.18 -15.98 9.26
N VAL E 603 45.68 -16.08 10.49
CA VAL E 603 44.84 -16.43 11.62
C VAL E 603 43.92 -15.27 12.02
N GLY E 604 44.51 -14.10 12.22
CA GLY E 604 43.76 -12.93 12.64
C GLY E 604 43.20 -12.14 11.47
N THR E 605 42.88 -12.85 10.38
CA THR E 605 42.35 -12.20 9.19
C THR E 605 41.00 -11.54 9.48
N TYR E 606 40.06 -12.34 9.99
CA TYR E 606 38.72 -11.84 10.30
C TYR E 606 38.76 -10.79 11.41
N GLY E 607 39.72 -10.92 12.31
CA GLY E 607 39.83 -10.02 13.46
C GLY E 607 40.44 -8.68 13.10
N LEU E 608 41.64 -8.73 12.55
CA LEU E 608 42.39 -7.50 12.26
C LEU E 608 41.69 -6.66 11.19
N ASN E 609 41.06 -7.32 10.23
CA ASN E 609 40.29 -6.62 9.21
C ASN E 609 39.09 -5.90 9.83
N THR E 610 38.50 -6.52 10.85
CA THR E 610 37.36 -5.94 11.54
C THR E 610 37.79 -4.69 12.30
N PHE E 611 38.93 -4.78 12.98
CA PHE E 611 39.44 -3.67 13.78
C PHE E 611 39.71 -2.44 12.95
N THR E 612 40.49 -2.61 11.89
CA THR E 612 40.89 -1.49 11.04
C THR E 612 39.68 -0.93 10.28
N ASN E 613 38.67 -1.77 10.08
CA ASN E 613 37.42 -1.30 9.45
C ASN E 613 36.61 -0.47 10.44
N MET E 614 36.55 -0.91 11.69
CA MET E 614 35.91 -0.13 12.75
C MET E 614 36.60 1.21 12.91
N GLU E 615 37.93 1.18 12.87
CA GLU E 615 38.73 2.39 12.97
C GLU E 615 38.45 3.35 11.81
N ALA E 616 38.38 2.80 10.60
CA ALA E 616 38.20 3.60 9.41
C ALA E 616 36.83 4.29 9.38
N GLN E 617 35.79 3.55 9.71
CA GLN E 617 34.43 4.08 9.68
C GLN E 617 34.25 5.19 10.70
N LEU E 618 34.88 5.05 11.86
CA LEU E 618 34.81 6.09 12.88
C LEU E 618 35.42 7.39 12.37
N ILE E 619 36.59 7.28 11.76
CA ILE E 619 37.29 8.44 11.23
C ILE E 619 36.44 9.14 10.17
N ARG E 620 35.77 8.34 9.32
CA ARG E 620 34.92 8.90 8.29
C ARG E 620 33.74 9.65 8.89
N GLN E 621 33.26 9.19 10.04
CA GLN E 621 32.17 9.86 10.72
C GLN E 621 32.63 11.18 11.31
N MET E 622 33.91 11.26 11.64
CA MET E 622 34.48 12.50 12.17
C MET E 622 34.46 13.58 11.10
N GLU E 623 34.87 13.22 9.89
CA GLU E 623 34.90 14.15 8.77
C GLU E 623 33.50 14.65 8.43
N GLY E 624 32.52 13.75 8.49
CA GLY E 624 31.15 14.09 8.20
C GLY E 624 30.55 15.05 9.22
N GLU E 625 31.06 14.99 10.45
CA GLU E 625 30.57 15.86 11.51
C GLU E 625 31.39 17.15 11.58
N GLY E 626 32.39 17.27 10.72
CA GLY E 626 33.20 18.46 10.66
C GLY E 626 34.35 18.46 11.64
N VAL E 627 34.55 17.32 12.30
CA VAL E 627 35.65 17.17 13.26
C VAL E 627 36.99 17.18 12.54
N LEU E 628 37.03 16.54 11.38
CA LEU E 628 38.24 16.48 10.57
C LEU E 628 38.05 17.18 9.23
N SER E 629 38.88 18.18 8.97
CA SER E 629 38.81 18.91 7.71
C SER E 629 39.98 18.53 6.82
N LYS E 630 39.99 19.07 5.60
CA LYS E 630 41.07 18.80 4.65
C LYS E 630 42.39 19.31 5.17
N ALA E 631 42.34 20.45 5.87
CA ALA E 631 43.54 21.05 6.45
C ALA E 631 44.11 20.16 7.55
N ASP E 632 43.22 19.52 8.31
CA ASP E 632 43.63 18.64 9.40
C ASP E 632 44.36 17.41 8.86
N LEU E 633 43.91 16.90 7.72
CA LEU E 633 44.51 15.73 7.12
C LEU E 633 45.90 16.04 6.57
N GLU E 634 46.11 17.29 6.18
CA GLU E 634 47.41 17.70 5.64
C GLU E 634 48.32 18.19 6.76
N ASN E 635 47.72 18.63 7.85
CA ASN E 635 48.47 19.13 9.01
C ASN E 635 49.21 18.01 9.74
N PRO E 636 50.54 18.08 9.75
CA PRO E 636 51.36 17.07 10.43
C PRO E 636 51.28 17.20 11.95
N HIS E 637 50.73 18.33 12.43
CA HIS E 637 50.59 18.56 13.86
C HIS E 637 49.14 18.89 14.24
N PRO E 638 48.25 17.90 14.17
CA PRO E 638 46.85 18.14 14.54
C PRO E 638 46.63 18.06 16.04
N LEU E 639 45.76 18.92 16.58
CA LEU E 639 45.47 18.90 17.99
C LEU E 639 44.71 17.65 18.39
N GLU E 640 45.31 16.83 19.25
CA GLU E 640 44.71 15.57 19.66
C GLU E 640 43.57 15.80 20.65
N LYS E 641 43.49 17.01 21.18
CA LYS E 641 42.48 17.35 22.19
C LYS E 641 41.08 17.24 21.63
N LYS E 642 40.86 17.79 20.44
CA LYS E 642 39.55 17.74 19.80
C LYS E 642 39.19 16.31 19.39
N ILE E 643 40.20 15.55 18.97
CA ILE E 643 39.99 14.19 18.51
C ILE E 643 39.69 13.25 19.67
N THR E 644 40.39 13.45 20.78
CA THR E 644 40.24 12.60 21.95
C THR E 644 38.88 12.82 22.62
N GLN E 645 38.48 14.08 22.75
CA GLN E 645 37.22 14.43 23.40
C GLN E 645 36.02 13.86 22.65
N TRP E 646 36.14 13.76 21.32
CA TRP E 646 35.08 13.21 20.50
C TRP E 646 34.98 11.69 20.67
N LEU E 647 36.12 11.06 20.94
CA LEU E 647 36.18 9.62 21.08
C LEU E 647 35.72 9.16 22.46
N GLU E 648 36.08 9.93 23.49
CA GLU E 648 35.76 9.56 24.86
C GLU E 648 34.28 9.77 25.17
N THR E 649 33.64 10.66 24.41
CA THR E 649 32.24 11.00 24.67
C THR E 649 31.30 10.32 23.67
N LYS E 650 31.51 10.59 22.39
CA LYS E 650 30.61 10.09 21.36
C LYS E 650 31.09 8.77 20.76
N GLY E 651 32.34 8.43 21.02
CA GLY E 651 32.97 7.26 20.43
C GLY E 651 32.21 5.97 20.66
N VAL E 652 31.85 5.71 21.91
CA VAL E 652 31.13 4.49 22.26
C VAL E 652 29.75 4.47 21.62
N GLU E 653 29.16 5.65 21.50
CA GLU E 653 27.83 5.77 20.90
C GLU E 653 27.88 5.51 19.41
N ARG E 654 28.93 6.00 18.75
CA ARG E 654 29.08 5.84 17.31
C ARG E 654 29.31 4.38 16.94
N LEU E 655 29.98 3.64 17.82
CA LEU E 655 30.24 2.23 17.59
C LEU E 655 28.96 1.42 17.57
N LYS E 656 27.96 1.87 18.33
CA LYS E 656 26.69 1.19 18.41
C LYS E 656 25.88 1.38 17.13
N ARG E 657 26.29 2.37 16.34
CA ARG E 657 25.59 2.70 15.11
C ARG E 657 26.04 1.85 13.92
N MET E 658 27.01 0.97 14.17
CA MET E 658 27.60 0.20 13.09
C MET E 658 27.57 -1.30 13.31
N ALA E 659 27.45 -2.05 12.22
CA ALA E 659 27.54 -3.49 12.24
C ALA E 659 28.62 -3.94 11.26
N ILE E 660 29.78 -4.29 11.79
CA ILE E 660 30.95 -4.54 10.95
C ILE E 660 31.47 -5.98 11.04
N SER E 661 31.60 -6.63 9.90
CA SER E 661 32.14 -7.97 9.82
C SER E 661 33.19 -8.06 8.71
N GLY E 662 34.46 -7.97 9.10
CA GLY E 662 35.54 -7.98 8.13
C GLY E 662 35.58 -6.69 7.34
N ASP E 663 35.38 -6.79 6.03
CA ASP E 663 35.35 -5.61 5.17
C ASP E 663 33.93 -5.08 5.01
N ASP E 664 32.96 -5.97 5.14
CA ASP E 664 31.55 -5.59 5.05
C ASP E 664 31.15 -4.78 6.26
N CYS E 665 30.48 -3.65 6.02
CA CYS E 665 30.08 -2.77 7.10
C CYS E 665 28.80 -2.00 6.78
N VAL E 666 27.98 -1.78 7.80
CA VAL E 666 26.76 -1.01 7.67
C VAL E 666 26.75 0.10 8.71
N VAL E 667 26.70 1.35 8.24
CA VAL E 667 26.77 2.49 9.14
C VAL E 667 25.55 3.39 9.02
N LYS E 668 24.93 3.72 10.15
CA LYS E 668 23.85 4.67 10.18
C LYS E 668 24.24 5.89 11.02
N PRO E 669 24.89 6.87 10.39
CA PRO E 669 25.42 8.08 11.03
C PRO E 669 24.33 9.00 11.54
N ILE E 670 24.73 10.09 12.21
CA ILE E 670 23.78 11.03 12.78
C ILE E 670 23.13 11.90 11.71
N ASP E 671 23.84 12.10 10.60
CA ASP E 671 23.30 12.84 9.47
C ASP E 671 23.81 12.25 8.16
N ASP E 672 23.55 12.95 7.06
CA ASP E 672 23.84 12.44 5.73
C ASP E 672 25.15 12.99 5.16
N ARG E 673 25.79 13.89 5.90
CA ARG E 673 27.07 14.46 5.48
C ARG E 673 28.14 13.38 5.39
N PHE E 674 27.88 12.28 6.09
CA PHE E 674 28.73 11.09 6.04
C PHE E 674 28.89 10.57 4.61
N ALA E 675 27.87 10.79 3.79
CA ALA E 675 27.90 10.31 2.41
C ALA E 675 28.91 11.08 1.58
N ASN E 676 29.05 12.37 1.85
CA ASN E 676 29.97 13.22 1.11
C ASN E 676 31.34 13.30 1.76
N ALA E 677 31.49 12.62 2.89
CA ALA E 677 32.78 12.57 3.59
C ALA E 677 33.65 11.45 3.02
N LEU E 678 34.51 11.81 2.08
CA LEU E 678 35.32 10.82 1.36
C LEU E 678 36.80 11.16 1.35
N LEU E 679 37.16 12.28 1.97
CA LEU E 679 38.55 12.71 2.02
C LEU E 679 39.40 11.71 2.78
N ALA E 680 38.97 11.38 4.00
CA ALA E 680 39.72 10.49 4.86
C ALA E 680 39.65 9.05 4.38
N LEU E 681 38.49 8.65 3.87
CA LEU E 681 38.27 7.28 3.44
C LEU E 681 39.17 6.88 2.28
N ASN E 682 39.33 7.77 1.31
CA ASN E 682 40.16 7.49 0.14
C ASN E 682 41.65 7.64 0.43
N ASP E 683 41.99 8.53 1.35
CA ASP E 683 43.38 8.77 1.69
C ASP E 683 43.96 7.59 2.47
N MET E 684 43.09 6.88 3.18
CA MET E 684 43.50 5.70 3.93
C MET E 684 43.69 4.51 3.00
N GLY E 685 43.24 4.67 1.76
CA GLY E 685 43.40 3.63 0.76
C GLY E 685 42.13 2.83 0.52
N LYS E 686 41.16 2.99 1.42
CA LYS E 686 39.91 2.25 1.33
C LYS E 686 39.03 2.82 0.23
N VAL E 687 39.03 2.17 -0.92
CA VAL E 687 38.24 2.62 -2.06
C VAL E 687 36.99 1.77 -2.23
N ARG E 688 35.85 2.42 -2.39
CA ARG E 688 34.58 1.73 -2.57
C ARG E 688 34.51 1.03 -3.92
N LYS E 689 33.67 0.01 -4.00
CA LYS E 689 33.54 -0.80 -5.21
C LYS E 689 32.41 -0.33 -6.12
N ASP E 690 32.66 -0.35 -7.42
CA ASP E 690 31.65 -0.05 -8.45
C ASP E 690 31.05 1.35 -8.30
N ILE E 691 31.76 2.23 -7.61
CA ILE E 691 31.34 3.61 -7.47
C ILE E 691 32.53 4.54 -7.74
N PRO E 692 32.34 5.54 -8.61
CA PRO E 692 33.35 6.55 -8.87
C PRO E 692 33.94 7.07 -7.58
N GLN E 693 35.26 7.21 -7.55
CA GLN E 693 36.02 7.50 -6.34
C GLN E 693 35.39 8.53 -5.40
N TRP E 694 34.92 9.63 -5.97
CA TRP E 694 34.45 10.67 -5.05
C TRP E 694 32.95 10.94 -5.15
N GLN E 695 32.23 10.02 -5.77
CA GLN E 695 30.77 10.09 -5.81
C GLN E 695 30.17 9.76 -4.45
N PRO E 696 29.26 10.62 -3.96
CA PRO E 696 28.57 10.42 -2.68
C PRO E 696 27.87 9.07 -2.59
N SER E 697 27.96 8.44 -1.42
CA SER E 697 27.37 7.12 -1.23
C SER E 697 25.84 7.21 -1.15
N LYS E 698 25.16 6.21 -1.71
CA LYS E 698 23.72 6.13 -1.63
C LYS E 698 23.31 5.37 -0.38
N GLY E 699 22.33 5.90 0.34
CA GLY E 699 21.88 5.29 1.58
C GLY E 699 20.48 4.72 1.50
N TRP E 700 20.18 3.77 2.37
CA TRP E 700 18.86 3.16 2.43
C TRP E 700 18.15 3.56 3.72
N HIS E 701 16.87 3.89 3.60
CA HIS E 701 16.05 4.19 4.77
C HIS E 701 15.30 2.95 5.22
N ASP E 702 15.34 1.91 4.39
CA ASP E 702 14.73 0.64 4.72
C ASP E 702 15.81 -0.40 5.02
N TRP E 703 15.76 -0.98 6.21
CA TRP E 703 16.78 -1.95 6.63
C TRP E 703 16.67 -3.25 5.83
N GLN E 704 15.52 -3.48 5.23
CA GLN E 704 15.31 -4.70 4.44
C GLN E 704 16.04 -4.64 3.10
N GLN E 705 16.42 -3.43 2.70
CA GLN E 705 17.12 -3.22 1.43
C GLN E 705 18.62 -3.13 1.63
N VAL E 706 19.06 -3.10 2.88
CA VAL E 706 20.47 -2.97 3.20
C VAL E 706 21.20 -4.30 3.06
N PRO E 707 22.21 -4.34 2.17
CA PRO E 707 23.03 -5.54 1.96
C PRO E 707 24.10 -5.69 3.05
N PHE E 708 24.32 -6.92 3.50
CA PHE E 708 25.31 -7.18 4.52
C PHE E 708 25.73 -8.65 4.50
N CYS E 709 27.04 -8.89 4.45
CA CYS E 709 27.59 -10.24 4.38
C CYS E 709 26.99 -11.02 3.21
N SER E 710 26.97 -10.39 2.04
CA SER E 710 26.44 -10.98 0.82
C SER E 710 24.99 -11.44 1.00
N HIS E 711 24.25 -10.75 1.86
CA HIS E 711 22.87 -11.11 2.13
C HIS E 711 22.00 -9.88 2.45
N HIS E 712 20.77 -9.90 1.96
CA HIS E 712 19.77 -8.93 2.38
C HIS E 712 18.76 -9.66 3.27
N PHE E 713 17.83 -8.93 3.86
CA PHE E 713 16.91 -9.52 4.82
C PHE E 713 15.46 -9.14 4.60
N HIS E 714 14.57 -10.12 4.76
CA HIS E 714 13.15 -9.90 4.63
C HIS E 714 12.45 -10.06 5.98
N GLU E 715 11.30 -9.41 6.13
CA GLU E 715 10.51 -9.55 7.34
C GLU E 715 9.32 -10.45 7.08
N LEU E 716 9.38 -11.67 7.60
CA LEU E 716 8.34 -12.67 7.33
C LEU E 716 7.30 -12.77 8.44
N ILE E 717 6.04 -12.77 8.05
CA ILE E 717 4.94 -12.98 8.99
C ILE E 717 4.46 -14.43 8.91
N MET E 718 4.55 -15.13 10.03
CA MET E 718 4.20 -16.55 10.07
C MET E 718 2.69 -16.76 9.99
N LYS E 719 2.29 -18.02 9.95
CA LYS E 719 0.88 -18.38 9.86
C LYS E 719 0.17 -18.11 11.18
N ASP E 720 0.95 -17.99 12.26
CA ASP E 720 0.42 -17.74 13.58
C ASP E 720 0.35 -16.23 13.86
N GLY E 721 1.03 -15.45 13.02
CA GLY E 721 1.05 -14.01 13.16
C GLY E 721 2.37 -13.53 13.73
N ARG E 722 3.22 -14.48 14.12
CA ARG E 722 4.53 -14.17 14.65
C ARG E 722 5.45 -13.72 13.52
N LYS E 723 6.33 -12.76 13.80
CA LYS E 723 7.18 -12.20 12.76
C LYS E 723 8.55 -12.88 12.73
N LEU E 724 9.18 -12.87 11.55
CA LEU E 724 10.49 -13.45 11.37
C LEU E 724 11.36 -12.61 10.43
N VAL E 725 12.64 -12.49 10.77
CA VAL E 725 13.60 -11.81 9.92
C VAL E 725 14.62 -12.80 9.41
N VAL E 726 14.52 -13.16 8.13
CA VAL E 726 15.34 -14.22 7.57
C VAL E 726 16.31 -13.70 6.52
N PRO E 727 17.57 -14.18 6.54
CA PRO E 727 18.56 -13.84 5.53
C PRO E 727 18.20 -14.37 4.15
N CYS E 728 18.54 -13.60 3.11
CA CYS E 728 18.23 -13.97 1.74
C CYS E 728 19.23 -13.39 0.75
N ARG E 729 19.29 -13.99 -0.44
CA ARG E 729 20.19 -13.56 -1.50
C ARG E 729 19.71 -14.17 -2.81
N PRO E 730 20.19 -13.63 -3.96
CA PRO E 730 19.85 -14.20 -5.26
C PRO E 730 20.00 -15.72 -5.32
N GLN E 731 18.92 -16.40 -5.71
CA GLN E 731 18.86 -17.86 -5.68
C GLN E 731 19.91 -18.51 -6.59
N ASP E 732 20.29 -17.80 -7.65
CA ASP E 732 21.29 -18.31 -8.58
C ASP E 732 22.67 -18.40 -7.94
N GLU E 733 22.87 -17.64 -6.86
CA GLU E 733 24.15 -17.62 -6.17
C GLU E 733 24.31 -18.82 -5.25
N LEU E 734 23.20 -19.23 -4.62
CA LEU E 734 23.23 -20.35 -3.68
C LEU E 734 23.36 -21.68 -4.39
N ILE E 735 22.61 -21.86 -5.46
CA ILE E 735 22.60 -23.11 -6.21
C ILE E 735 23.91 -23.31 -6.97
N GLY E 736 24.42 -22.24 -7.56
CA GLY E 736 25.68 -22.30 -8.28
C GLY E 736 26.85 -22.60 -7.36
N ARG E 737 26.69 -22.27 -6.08
CA ARG E 737 27.71 -22.52 -5.08
C ARG E 737 27.56 -23.94 -4.52
N ALA E 738 26.40 -24.54 -4.75
CA ALA E 738 26.11 -25.87 -4.24
C ALA E 738 26.59 -26.96 -5.20
N ARG E 739 26.67 -26.61 -6.48
CA ARG E 739 27.12 -27.56 -7.49
C ARG E 739 28.63 -27.78 -7.40
N ILE E 740 29.30 -26.89 -6.67
CA ILE E 740 30.75 -26.94 -6.57
C ILE E 740 31.23 -27.95 -5.53
N SER E 741 32.08 -28.87 -5.95
CA SER E 741 32.70 -29.83 -5.05
C SER E 741 34.18 -29.48 -4.85
N GLN E 742 34.48 -28.90 -3.69
CA GLN E 742 35.84 -28.46 -3.39
C GLN E 742 36.83 -29.62 -3.36
N GLY E 743 37.88 -29.51 -4.16
CA GLY E 743 38.89 -30.55 -4.24
C GLY E 743 38.54 -31.63 -5.24
N ALA E 744 39.50 -32.50 -5.53
CA ALA E 744 39.29 -33.60 -6.48
C ALA E 744 39.58 -34.94 -5.82
N GLY E 745 39.28 -36.02 -6.53
CA GLY E 745 39.51 -37.36 -6.02
C GLY E 745 38.57 -37.73 -4.90
N TRP E 746 37.36 -37.16 -4.93
CA TRP E 746 36.36 -37.43 -3.92
C TRP E 746 35.45 -38.58 -4.33
N SER E 747 35.10 -39.44 -3.37
CA SER E 747 34.18 -40.53 -3.61
C SER E 747 32.75 -40.01 -3.68
N LEU E 748 31.82 -40.87 -4.08
CA LEU E 748 30.42 -40.50 -4.17
C LEU E 748 29.85 -40.19 -2.79
N ARG E 749 30.37 -40.89 -1.78
CA ARG E 749 29.92 -40.70 -0.40
C ARG E 749 30.28 -39.32 0.12
N GLU E 750 31.48 -38.86 -0.22
CA GLU E 750 31.97 -37.56 0.22
C GLU E 750 31.26 -36.42 -0.49
N THR E 751 30.84 -36.66 -1.74
CA THR E 751 30.14 -35.64 -2.51
C THR E 751 28.67 -35.56 -2.13
N ALA E 752 28.13 -36.66 -1.61
CA ALA E 752 26.73 -36.73 -1.24
C ALA E 752 26.48 -36.07 0.11
N CYS E 753 27.35 -36.35 1.08
CA CYS E 753 27.23 -35.78 2.42
C CYS E 753 27.53 -34.28 2.40
N LEU E 754 28.27 -33.85 1.38
CA LEU E 754 28.51 -32.43 1.17
C LEU E 754 27.23 -31.78 0.65
N GLY E 755 26.56 -32.46 -0.26
CA GLY E 755 25.31 -31.99 -0.81
C GLY E 755 24.19 -32.01 0.22
N LYS E 756 24.24 -32.98 1.13
CA LYS E 756 23.26 -33.09 2.19
C LYS E 756 23.42 -31.93 3.17
N ALA E 757 24.66 -31.48 3.35
CA ALA E 757 24.95 -30.36 4.23
C ALA E 757 24.31 -29.08 3.71
N TYR E 758 24.49 -28.82 2.41
CA TYR E 758 23.88 -27.67 1.77
C TYR E 758 22.36 -27.79 1.77
N ALA E 759 21.86 -29.01 1.62
CA ALA E 759 20.42 -29.25 1.62
C ALA E 759 19.84 -28.98 3.00
N GLN E 760 20.60 -29.29 4.04
CA GLN E 760 20.16 -29.05 5.40
C GLN E 760 20.32 -27.59 5.79
N MET E 761 21.24 -26.90 5.12
CA MET E 761 21.43 -25.48 5.34
C MET E 761 20.27 -24.69 4.74
N TRP E 762 19.81 -25.13 3.57
CA TRP E 762 18.69 -24.50 2.90
C TRP E 762 17.40 -24.68 3.69
N ALA E 763 17.29 -25.81 4.37
CA ALA E 763 16.10 -26.11 5.15
C ALA E 763 16.11 -25.32 6.47
N LEU E 764 17.25 -24.73 6.79
CA LEU E 764 17.41 -24.00 8.05
C LEU E 764 17.46 -22.50 7.82
N MET E 765 18.16 -22.09 6.76
CA MET E 765 18.39 -20.67 6.51
C MET E 765 17.54 -20.11 5.38
N TYR E 766 17.34 -20.91 4.33
CA TYR E 766 16.61 -20.44 3.15
C TYR E 766 15.34 -21.25 2.90
N PHE E 767 14.65 -21.61 3.98
CA PHE E 767 13.45 -22.42 3.90
C PHE E 767 12.30 -21.67 3.23
N HIS E 768 12.37 -20.35 3.29
CA HIS E 768 11.31 -19.50 2.75
C HIS E 768 11.29 -19.48 1.22
N ARG E 769 12.27 -20.12 0.61
CA ARG E 769 12.35 -20.20 -0.84
C ARG E 769 11.67 -21.47 -1.35
N ARG E 770 10.77 -21.31 -2.32
CA ARG E 770 10.00 -22.42 -2.84
C ARG E 770 10.88 -23.42 -3.61
N ASP E 771 11.82 -22.90 -4.37
CA ASP E 771 12.69 -23.74 -5.18
C ASP E 771 13.76 -24.44 -4.35
N LEU E 772 14.19 -23.80 -3.27
CA LEU E 772 15.27 -24.32 -2.46
C LEU E 772 14.82 -25.41 -1.49
N ARG E 773 13.67 -25.21 -0.86
CA ARG E 773 13.13 -26.21 0.06
C ARG E 773 12.74 -27.47 -0.68
N LEU E 774 12.21 -27.31 -1.89
CA LEU E 774 11.83 -28.43 -2.72
C LEU E 774 13.06 -29.26 -3.08
N ALA E 775 14.16 -28.56 -3.36
CA ALA E 775 15.42 -29.21 -3.64
C ALA E 775 16.02 -29.81 -2.37
N SER E 776 15.79 -29.13 -1.25
CA SER E 776 16.29 -29.59 0.03
C SER E 776 15.66 -30.93 0.42
N ASN E 777 14.38 -31.07 0.13
CA ASN E 777 13.66 -32.32 0.39
C ASN E 777 13.98 -33.37 -0.66
N ALA E 778 14.55 -32.94 -1.78
CA ALA E 778 14.89 -33.85 -2.87
C ALA E 778 16.26 -34.48 -2.65
N ILE E 779 17.20 -33.68 -2.18
CA ILE E 779 18.56 -34.16 -1.92
C ILE E 779 18.59 -35.09 -0.72
N CYS E 780 17.94 -34.68 0.36
CA CYS E 780 17.91 -35.46 1.60
C CYS E 780 17.19 -36.80 1.43
N SER E 781 16.41 -36.91 0.36
CA SER E 781 15.69 -38.14 0.07
C SER E 781 16.55 -39.13 -0.70
N ALA E 782 17.41 -38.61 -1.57
CA ALA E 782 18.31 -39.44 -2.36
C ALA E 782 19.52 -39.88 -1.53
N VAL E 783 19.93 -39.02 -0.61
CA VAL E 783 21.07 -39.31 0.25
C VAL E 783 20.61 -40.07 1.50
N PRO E 784 21.27 -41.20 1.80
CA PRO E 784 20.97 -42.03 2.97
C PRO E 784 20.93 -41.26 4.28
N VAL E 785 20.17 -41.76 5.24
CA VAL E 785 19.96 -41.09 6.51
C VAL E 785 21.19 -41.21 7.42
N HIS E 786 21.96 -42.27 7.22
CA HIS E 786 23.05 -42.60 8.14
C HIS E 786 24.37 -41.91 7.79
N TRP E 787 24.48 -41.37 6.59
CA TRP E 787 25.71 -40.70 6.18
C TRP E 787 25.88 -39.36 6.90
N VAL E 788 27.00 -39.20 7.58
CA VAL E 788 27.28 -37.98 8.33
C VAL E 788 27.74 -36.86 7.39
N PRO E 789 26.99 -35.75 7.38
CA PRO E 789 27.33 -34.59 6.54
C PRO E 789 28.67 -33.98 6.92
N THR E 790 29.68 -34.15 6.07
CA THR E 790 30.98 -33.56 6.36
C THR E 790 31.32 -32.43 5.37
N SER E 791 31.92 -31.36 5.91
CA SER E 791 32.37 -30.21 5.16
C SER E 791 33.11 -29.25 6.09
N ARG E 792 33.67 -28.18 5.55
CA ARG E 792 34.43 -27.22 6.34
C ARG E 792 33.55 -26.38 7.29
N THR E 793 32.95 -27.04 8.29
CA THR E 793 32.16 -26.36 9.31
C THR E 793 31.83 -27.23 10.52
N THR E 794 31.10 -26.65 11.46
CA THR E 794 30.50 -27.34 12.60
C THR E 794 29.33 -26.50 13.09
N HIS E 795 28.47 -26.10 12.16
CA HIS E 795 27.36 -25.20 12.46
C HIS E 795 26.07 -25.97 12.79
N GLN E 796 24.99 -25.22 12.97
CA GLN E 796 23.71 -25.77 13.42
C GLN E 796 23.19 -26.89 12.51
N TRP E 797 23.49 -26.80 11.22
CA TRP E 797 23.00 -27.76 10.24
C TRP E 797 23.97 -28.92 10.01
N MET E 798 24.92 -29.10 10.93
CA MET E 798 25.89 -30.17 10.79
C MET E 798 25.58 -31.35 11.71
N THR E 799 24.32 -31.79 11.71
CA THR E 799 23.89 -32.93 12.49
C THR E 799 22.96 -33.83 11.68
N THR E 800 22.66 -35.01 12.22
CA THR E 800 21.79 -35.96 11.54
C THR E 800 20.36 -35.88 12.06
N GLU E 801 20.12 -34.91 12.93
CA GLU E 801 18.79 -34.70 13.51
C GLU E 801 17.80 -34.24 12.46
N ASP E 802 16.51 -34.35 12.77
CA ASP E 802 15.48 -33.89 11.85
C ASP E 802 15.47 -32.37 11.80
N MET E 803 15.50 -31.83 10.58
CA MET E 803 15.64 -30.39 10.38
C MET E 803 14.51 -29.58 11.00
N LEU E 804 13.31 -30.15 11.03
CA LEU E 804 12.17 -29.46 11.62
C LEU E 804 12.39 -29.22 13.11
N THR E 805 13.03 -30.19 13.76
CA THR E 805 13.31 -30.08 15.18
C THR E 805 14.41 -29.06 15.43
N VAL E 806 15.40 -29.06 14.55
CA VAL E 806 16.50 -28.11 14.63
C VAL E 806 15.98 -26.69 14.35
N TRP E 807 15.00 -26.61 13.46
CA TRP E 807 14.40 -25.33 13.10
C TRP E 807 13.77 -24.65 14.32
N ASN E 808 13.07 -25.44 15.13
CA ASN E 808 12.44 -24.92 16.34
C ASN E 808 13.49 -24.44 17.33
N ARG E 809 14.59 -25.17 17.42
CA ARG E 809 15.65 -24.85 18.37
C ARG E 809 16.35 -23.54 18.02
N VAL E 810 16.30 -23.19 16.74
CA VAL E 810 17.01 -22.00 16.26
C VAL E 810 16.09 -20.78 16.15
N TRP E 811 14.96 -20.95 15.48
CA TRP E 811 14.08 -19.83 15.18
C TRP E 811 13.03 -19.57 16.25
N ILE E 812 12.85 -20.53 17.16
CA ILE E 812 11.82 -20.39 18.20
C ILE E 812 12.40 -20.46 19.61
N GLU E 813 13.11 -21.55 19.90
CA GLU E 813 13.63 -21.78 21.24
C GLU E 813 14.72 -20.79 21.62
N ASP E 814 15.84 -20.84 20.90
CA ASP E 814 17.00 -20.01 21.22
C ASP E 814 16.95 -18.65 20.53
N ASN E 815 15.76 -18.27 20.05
CA ASN E 815 15.59 -16.99 19.40
C ASN E 815 15.16 -15.92 20.40
N PRO E 816 16.02 -14.93 20.64
CA PRO E 816 15.74 -13.87 21.62
C PRO E 816 14.70 -12.86 21.13
N TRP E 817 14.44 -12.85 19.83
CA TRP E 817 13.43 -11.95 19.27
C TRP E 817 12.09 -12.65 19.11
N MET E 818 12.00 -13.87 19.65
CA MET E 818 10.76 -14.63 19.62
C MET E 818 10.22 -14.82 21.04
N GLU E 819 9.28 -13.97 21.43
CA GLU E 819 8.72 -14.01 22.77
C GLU E 819 7.88 -15.26 22.99
N ASP E 820 6.96 -15.52 22.07
CA ASP E 820 6.12 -16.72 22.15
C ASP E 820 6.90 -17.95 21.73
N LYS E 821 7.26 -18.79 22.69
CA LYS E 821 8.10 -19.95 22.43
C LYS E 821 7.31 -21.17 22.00
N THR E 822 6.13 -20.95 21.41
CA THR E 822 5.32 -22.05 20.91
C THR E 822 5.96 -22.69 19.68
N PRO E 823 6.34 -23.97 19.80
CA PRO E 823 7.06 -24.70 18.75
C PRO E 823 6.22 -24.91 17.49
N VAL E 824 6.90 -25.26 16.39
CA VAL E 824 6.23 -25.57 15.13
C VAL E 824 6.33 -27.07 14.86
N THR E 825 5.19 -27.70 14.62
CA THR E 825 5.13 -29.16 14.55
C THR E 825 5.15 -29.70 13.12
N THR E 826 4.90 -28.84 12.14
CA THR E 826 4.87 -29.29 10.75
C THR E 826 5.53 -28.30 9.79
N TRP E 827 5.85 -28.78 8.59
CA TRP E 827 6.46 -27.95 7.57
C TRP E 827 5.42 -27.13 6.81
N GLU E 828 4.20 -27.09 7.35
CA GLU E 828 3.12 -26.33 6.73
C GLU E 828 2.94 -25.00 7.43
N ASP E 829 3.71 -24.79 8.49
CA ASP E 829 3.63 -23.56 9.27
C ASP E 829 4.83 -22.65 8.99
N VAL E 830 5.85 -23.19 8.33
CA VAL E 830 7.01 -22.39 7.94
C VAL E 830 6.67 -21.57 6.69
N PRO E 831 6.72 -20.25 6.82
CA PRO E 831 6.27 -19.33 5.77
C PRO E 831 7.23 -19.19 4.60
N TYR E 832 6.69 -18.99 3.41
CA TYR E 832 7.48 -18.70 2.22
C TYR E 832 7.52 -17.20 1.98
N LEU E 833 8.25 -16.79 0.95
CA LEU E 833 8.16 -15.44 0.45
C LEU E 833 6.96 -15.33 -0.47
N GLY E 834 6.55 -14.12 -0.80
CA GLY E 834 5.47 -13.91 -1.75
C GLY E 834 5.91 -14.37 -3.12
N LYS E 835 4.95 -14.68 -3.99
CA LYS E 835 5.25 -15.16 -5.33
C LYS E 835 6.09 -14.15 -6.11
N ARG E 836 5.71 -12.88 -6.06
CA ARG E 836 6.49 -11.84 -6.72
C ARG E 836 7.76 -11.55 -5.94
N GLU E 837 7.70 -11.75 -4.62
CA GLU E 837 8.86 -11.56 -3.77
C GLU E 837 9.95 -12.57 -4.10
N ASP E 838 9.54 -13.81 -4.32
CA ASP E 838 10.47 -14.89 -4.62
C ASP E 838 11.03 -14.76 -6.03
N GLN E 839 10.16 -14.48 -6.99
CA GLN E 839 10.56 -14.33 -8.39
C GLN E 839 11.57 -13.19 -8.56
N TRP E 840 11.37 -12.11 -7.81
CA TRP E 840 12.25 -10.97 -7.88
C TRP E 840 13.60 -11.30 -7.22
N CYS E 841 13.59 -12.31 -6.36
CA CYS E 841 14.81 -12.77 -5.71
C CYS E 841 15.50 -13.88 -6.50
N GLY E 842 14.91 -14.23 -7.64
CA GLY E 842 15.53 -15.18 -8.54
C GLY E 842 14.91 -16.56 -8.57
N SER E 843 13.62 -16.64 -8.23
CA SER E 843 12.92 -17.92 -8.27
C SER E 843 12.54 -18.28 -9.70
N LEU E 844 12.34 -19.55 -9.96
CA LEU E 844 12.02 -20.02 -11.31
C LEU E 844 10.57 -20.48 -11.41
N ILE E 845 9.81 -20.29 -10.33
CA ILE E 845 8.41 -20.69 -10.30
C ILE E 845 7.60 -19.91 -11.34
N GLY E 846 6.76 -20.64 -12.09
CA GLY E 846 5.97 -20.02 -13.13
C GLY E 846 6.47 -20.40 -14.51
N LEU E 847 7.71 -20.85 -14.58
CA LEU E 847 8.31 -21.26 -15.86
C LEU E 847 7.99 -22.72 -16.17
N THR E 848 8.09 -23.08 -17.43
CA THR E 848 7.80 -24.44 -17.88
C THR E 848 8.90 -25.40 -17.42
N SER E 849 10.13 -24.92 -17.43
CA SER E 849 11.27 -25.75 -17.04
C SER E 849 11.26 -26.09 -15.55
N ARG E 850 10.54 -25.27 -14.78
CA ARG E 850 10.43 -25.50 -13.34
C ARG E 850 9.34 -26.52 -13.04
N ALA E 851 8.23 -26.41 -13.76
CA ALA E 851 7.10 -27.33 -13.60
C ALA E 851 7.51 -28.73 -14.02
N THR E 852 8.38 -28.82 -15.03
CA THR E 852 8.91 -30.09 -15.49
C THR E 852 9.85 -30.66 -14.45
N TRP E 853 10.54 -29.78 -13.74
CA TRP E 853 11.50 -30.19 -12.71
C TRP E 853 10.80 -30.66 -11.44
N ALA E 854 9.66 -30.04 -11.13
CA ALA E 854 8.93 -30.34 -9.92
C ALA E 854 8.06 -31.58 -10.05
N GLN E 855 8.05 -32.17 -11.24
CA GLN E 855 7.21 -33.34 -11.49
C GLN E 855 8.04 -34.58 -11.79
N ASN E 856 9.31 -34.40 -12.11
CA ASN E 856 10.18 -35.52 -12.44
C ASN E 856 11.30 -35.71 -11.40
N ILE E 857 11.21 -34.99 -10.30
CA ILE E 857 12.21 -35.08 -9.24
C ILE E 857 12.25 -36.47 -8.63
N LEU E 858 11.11 -37.15 -8.62
CA LEU E 858 11.02 -38.50 -8.08
C LEU E 858 11.87 -39.47 -8.87
N THR E 859 12.03 -39.19 -10.16
CA THR E 859 12.85 -40.01 -11.04
C THR E 859 14.34 -39.73 -10.80
N ALA E 860 14.68 -38.46 -10.69
CA ALA E 860 16.06 -38.04 -10.48
C ALA E 860 16.59 -38.53 -9.14
N ILE E 861 15.71 -38.57 -8.13
CA ILE E 861 16.06 -39.09 -6.82
C ILE E 861 16.43 -40.56 -6.92
N GLN E 862 15.62 -41.31 -7.66
CA GLN E 862 15.85 -42.74 -7.83
C GLN E 862 17.15 -43.02 -8.57
N GLN E 863 17.51 -42.14 -9.50
CA GLN E 863 18.75 -42.30 -10.26
C GLN E 863 19.97 -42.16 -9.35
N VAL E 864 19.92 -41.19 -8.44
CA VAL E 864 21.00 -40.99 -7.50
C VAL E 864 21.09 -42.16 -6.52
N ARG E 865 19.93 -42.65 -6.09
CA ARG E 865 19.87 -43.78 -5.15
C ARG E 865 20.53 -45.03 -5.73
N SER E 866 20.36 -45.24 -7.03
CA SER E 866 20.94 -46.40 -7.70
C SER E 866 22.46 -46.28 -7.77
N LEU E 867 22.94 -45.05 -7.91
CA LEU E 867 24.38 -44.79 -7.97
C LEU E 867 25.02 -45.00 -6.60
N ILE E 868 24.32 -44.60 -5.55
CA ILE E 868 24.81 -44.76 -4.19
C ILE E 868 24.82 -46.23 -3.78
N GLY E 869 23.73 -46.93 -4.09
CA GLY E 869 23.64 -48.35 -3.80
C GLY E 869 22.56 -48.68 -2.80
N ASN E 870 22.53 -49.94 -2.37
CA ASN E 870 21.52 -50.39 -1.41
C ASN E 870 21.75 -49.78 -0.02
N GLU E 871 20.96 -48.77 0.30
CA GLU E 871 21.05 -48.11 1.60
C GLU E 871 19.68 -47.60 2.04
N GLU E 872 19.55 -47.25 3.31
CA GLU E 872 18.28 -46.79 3.86
C GLU E 872 17.93 -45.39 3.36
N PHE E 873 16.81 -45.29 2.66
CA PHE E 873 16.35 -44.02 2.10
C PHE E 873 15.03 -43.58 2.74
N LEU E 874 14.66 -42.33 2.50
CA LEU E 874 13.41 -41.79 3.03
C LEU E 874 12.86 -40.72 2.11
N ASP E 875 11.66 -40.96 1.58
CA ASP E 875 11.06 -40.05 0.61
C ASP E 875 10.46 -38.81 1.27
N TYR E 876 11.08 -37.66 1.06
CA TYR E 876 10.59 -36.40 1.60
C TYR E 876 9.65 -35.71 0.61
N GLU F 7 -19.29 32.29 16.31
CA GLU F 7 -18.66 31.59 15.21
C GLU F 7 -17.95 32.55 14.26
N THR F 8 -16.66 32.32 14.04
CA THR F 8 -15.85 33.20 13.20
C THR F 8 -16.06 32.90 11.71
N LEU F 9 -15.45 33.73 10.87
CA LEU F 9 -15.59 33.58 9.42
C LEU F 9 -14.83 32.36 8.91
N GLY F 10 -13.72 32.04 9.56
CA GLY F 10 -12.91 30.90 9.18
C GLY F 10 -13.64 29.59 9.36
N GLU F 11 -14.44 29.50 10.41
CA GLU F 11 -15.22 28.30 10.69
C GLU F 11 -16.30 28.10 9.62
N LYS F 12 -16.80 29.21 9.09
CA LYS F 12 -17.78 29.17 8.02
C LYS F 12 -17.15 28.73 6.72
N TRP F 13 -15.84 28.97 6.61
CA TRP F 13 -15.08 28.60 5.42
C TRP F 13 -14.71 27.12 5.41
N LYS F 14 -14.36 26.60 6.57
CA LYS F 14 -13.85 25.24 6.70
C LYS F 14 -14.85 24.20 6.21
N LYS F 15 -16.12 24.42 6.52
CA LYS F 15 -17.16 23.48 6.12
C LYS F 15 -17.51 23.61 4.65
N LYS F 16 -17.36 24.81 4.11
CA LYS F 16 -17.57 25.03 2.68
C LYS F 16 -16.52 24.28 1.88
N LEU F 17 -15.34 24.14 2.46
CA LEU F 17 -14.23 23.45 1.80
C LEU F 17 -14.51 21.95 1.69
N ASN F 18 -15.07 21.38 2.75
CA ASN F 18 -15.34 19.95 2.78
C ASN F 18 -16.55 19.59 1.91
N GLN F 19 -17.42 20.55 1.68
CA GLN F 19 -18.63 20.33 0.90
C GLN F 19 -18.30 20.15 -0.58
N LEU F 20 -17.22 20.77 -1.03
CA LEU F 20 -16.82 20.71 -2.43
C LEU F 20 -16.46 19.30 -2.86
N SER F 21 -16.70 19.00 -4.13
CA SER F 21 -16.29 17.72 -4.71
C SER F 21 -14.79 17.72 -4.97
N ARG F 22 -14.25 16.57 -5.35
CA ARG F 22 -12.82 16.46 -5.58
C ARG F 22 -12.37 17.29 -6.77
N LYS F 23 -13.22 17.38 -7.79
CA LYS F 23 -12.90 18.16 -8.97
C LYS F 23 -12.90 19.65 -8.67
N GLU F 24 -13.90 20.09 -7.90
CA GLU F 24 -14.00 21.50 -7.50
C GLU F 24 -12.89 21.85 -6.53
N PHE F 25 -12.45 20.87 -5.75
CA PHE F 25 -11.41 21.09 -4.75
C PHE F 25 -10.04 21.30 -5.41
N ASP F 26 -9.74 20.47 -6.40
CA ASP F 26 -8.45 20.54 -7.07
C ASP F 26 -8.28 21.82 -7.86
N LEU F 27 -9.39 22.39 -8.32
CA LEU F 27 -9.34 23.63 -9.09
C LEU F 27 -9.33 24.85 -8.18
N TYR F 28 -9.75 24.67 -6.94
CA TYR F 28 -9.83 25.78 -6.00
C TYR F 28 -8.55 25.97 -5.21
N LYS F 29 -7.90 24.87 -4.86
CA LYS F 29 -6.72 24.91 -3.99
C LYS F 29 -5.57 25.70 -4.62
N LYS F 30 -5.53 25.73 -5.94
CA LYS F 30 -4.47 26.46 -6.63
C LYS F 30 -5.03 27.63 -7.45
N SER F 31 -6.24 28.05 -7.10
CA SER F 31 -6.89 29.14 -7.83
C SER F 31 -6.48 30.51 -7.31
N GLY F 32 -5.80 31.28 -8.15
CA GLY F 32 -5.43 32.65 -7.82
C GLY F 32 -4.17 32.78 -7.00
N ILE F 33 -3.66 31.66 -6.49
CA ILE F 33 -2.45 31.68 -5.68
C ILE F 33 -1.20 31.80 -6.56
N THR F 34 -0.05 31.80 -5.91
CA THR F 34 1.22 31.81 -6.63
C THR F 34 1.98 30.53 -6.31
N GLU F 35 2.54 29.90 -7.33
CA GLU F 35 3.28 28.66 -7.13
C GLU F 35 4.57 28.65 -7.94
N VAL F 36 5.50 27.79 -7.55
CA VAL F 36 6.80 27.70 -8.18
C VAL F 36 6.89 26.48 -9.10
N ASP F 37 7.36 26.71 -10.32
CA ASP F 37 7.54 25.64 -11.29
C ASP F 37 8.57 24.64 -10.78
N ARG F 38 8.12 23.40 -10.56
CA ARG F 38 8.98 22.36 -10.03
C ARG F 38 9.35 21.32 -11.08
N THR F 39 8.91 21.55 -12.32
CA THR F 39 9.12 20.60 -13.40
C THR F 39 10.60 20.34 -13.67
N GLU F 40 11.43 21.33 -13.41
CA GLU F 40 12.88 21.18 -13.58
C GLU F 40 13.52 20.63 -12.32
N ALA F 41 12.87 20.88 -11.18
CA ALA F 41 13.41 20.44 -9.90
C ALA F 41 13.22 18.94 -9.68
N LYS F 42 11.97 18.49 -9.75
CA LYS F 42 11.64 17.10 -9.47
C LYS F 42 12.22 16.17 -10.53
N GLU F 43 12.43 16.69 -11.73
CA GLU F 43 13.02 15.90 -12.81
C GLU F 43 14.51 15.71 -12.56
N GLY F 44 15.16 16.75 -12.06
CA GLY F 44 16.57 16.69 -11.74
C GLY F 44 16.84 15.79 -10.56
N LEU F 45 16.01 15.89 -9.53
CA LEU F 45 16.14 15.07 -8.33
C LEU F 45 15.89 13.60 -8.65
N LYS F 46 15.05 13.34 -9.64
CA LYS F 46 14.75 11.99 -10.06
C LYS F 46 15.98 11.36 -10.73
N ARG F 47 16.75 12.18 -11.43
CA ARG F 47 17.95 11.70 -12.11
C ARG F 47 19.11 11.55 -11.15
N GLY F 48 18.96 12.09 -9.94
CA GLY F 48 19.98 11.97 -8.92
C GLY F 48 20.88 13.18 -8.81
N GLU F 49 20.47 14.29 -9.43
CA GLU F 49 21.23 15.52 -9.36
C GLU F 49 21.20 16.07 -7.93
N ILE F 50 22.38 16.40 -7.41
CA ILE F 50 22.51 16.76 -6.00
C ILE F 50 22.80 18.25 -5.81
N THR F 51 22.75 19.00 -6.90
CA THR F 51 23.07 20.42 -6.85
C THR F 51 21.96 21.31 -7.45
N HIS F 52 21.98 22.59 -7.08
CA HIS F 52 21.13 23.62 -7.67
C HIS F 52 19.62 23.46 -7.41
N HIS F 53 19.18 22.27 -7.05
CA HIS F 53 17.75 22.02 -6.90
C HIS F 53 17.27 22.18 -5.45
N ALA F 54 16.02 22.57 -5.30
CA ALA F 54 15.37 22.62 -3.99
C ALA F 54 14.54 21.36 -3.80
N VAL F 55 14.68 20.74 -2.64
CA VAL F 55 14.03 19.45 -2.39
C VAL F 55 12.51 19.55 -2.35
N SER F 56 12.00 20.74 -2.04
CA SER F 56 10.56 20.93 -1.94
C SER F 56 10.16 22.36 -2.26
N ARG F 57 8.85 22.62 -2.22
CA ARG F 57 8.35 23.97 -2.47
C ARG F 57 8.57 24.86 -1.25
N GLY F 58 8.87 24.23 -0.12
CA GLY F 58 9.06 24.95 1.13
C GLY F 58 10.26 25.88 1.10
N SER F 59 11.26 25.53 0.31
CA SER F 59 12.46 26.35 0.18
C SER F 59 12.10 27.72 -0.40
N ALA F 60 11.29 27.72 -1.45
CA ALA F 60 10.83 28.98 -2.05
C ALA F 60 9.76 29.62 -1.17
N LYS F 61 9.10 28.79 -0.37
CA LYS F 61 8.05 29.26 0.52
C LYS F 61 8.64 30.07 1.66
N LEU F 62 9.80 29.65 2.14
CA LEU F 62 10.50 30.36 3.20
C LEU F 62 11.16 31.61 2.66
N GLN F 63 11.51 31.58 1.38
CA GLN F 63 12.17 32.71 0.73
C GLN F 63 11.29 33.94 0.74
N TRP F 64 9.97 33.74 0.60
CA TRP F 64 9.02 34.83 0.54
C TRP F 64 9.03 35.64 1.83
N PHE F 65 9.26 34.96 2.95
CA PHE F 65 9.32 35.62 4.24
C PHE F 65 10.64 36.37 4.42
N VAL F 66 11.71 35.82 3.86
CA VAL F 66 13.03 36.41 4.00
C VAL F 66 13.17 37.67 3.15
N GLU F 67 12.56 37.64 1.97
CA GLU F 67 12.64 38.77 1.03
C GLU F 67 12.08 40.05 1.63
N ARG F 68 11.09 39.92 2.51
CA ARG F 68 10.44 41.08 3.09
C ARG F 68 10.86 41.30 4.54
N ASN F 69 11.99 40.69 4.91
CA ASN F 69 12.58 40.86 6.23
C ASN F 69 11.64 40.51 7.37
N MET F 70 10.70 39.60 7.12
CA MET F 70 9.78 39.16 8.15
C MET F 70 10.51 38.29 9.16
N VAL F 71 11.53 37.57 8.68
CA VAL F 71 12.36 36.74 9.53
C VAL F 71 13.80 36.73 9.02
N ILE F 72 14.74 37.02 9.90
CA ILE F 72 16.15 37.06 9.52
C ILE F 72 16.94 35.99 10.29
N PRO F 73 17.08 34.80 9.68
CA PRO F 73 17.82 33.69 10.29
C PRO F 73 19.25 34.08 10.64
N GLU F 74 19.61 33.91 11.91
CA GLU F 74 20.91 34.35 12.40
C GLU F 74 21.55 33.31 13.32
N GLY F 75 22.84 33.08 13.14
CA GLY F 75 23.59 32.16 13.97
C GLY F 75 23.10 30.73 13.87
N ARG F 76 22.81 30.12 15.01
CA ARG F 76 22.32 28.75 15.04
C ARG F 76 20.83 28.71 14.74
N VAL F 77 20.46 27.97 13.70
CA VAL F 77 19.06 27.88 13.28
C VAL F 77 18.52 26.47 13.49
N ILE F 78 17.44 26.37 14.25
CA ILE F 78 16.79 25.10 14.48
C ILE F 78 15.55 24.95 13.62
N ASP F 79 15.49 23.89 12.84
CA ASP F 79 14.35 23.65 11.96
C ASP F 79 13.54 22.45 12.40
N LEU F 80 12.48 22.70 13.17
CA LEU F 80 11.61 21.64 13.65
C LEU F 80 10.69 21.15 12.54
N GLY F 81 10.71 19.84 12.31
CA GLY F 81 9.92 19.25 11.24
C GLY F 81 10.50 19.60 9.88
N CYS F 82 11.80 19.35 9.72
CA CYS F 82 12.50 19.67 8.49
C CYS F 82 11.98 18.85 7.32
N GLY F 83 11.65 17.60 7.58
CA GLY F 83 11.14 16.70 6.56
C GLY F 83 12.12 16.51 5.41
N ARG F 84 11.78 17.07 4.26
CA ARG F 84 12.65 17.01 3.09
C ARG F 84 13.91 17.85 3.31
N GLY F 85 13.73 18.99 3.97
CA GLY F 85 14.83 19.88 4.28
C GLY F 85 14.85 21.13 3.43
N GLY F 86 13.68 21.57 2.98
CA GLY F 86 13.56 22.74 2.14
C GLY F 86 14.00 24.00 2.84
N TRP F 87 13.57 24.17 4.08
CA TRP F 87 13.89 25.36 4.85
C TRP F 87 15.36 25.40 5.25
N SER F 88 15.91 24.24 5.55
CA SER F 88 17.29 24.15 6.02
C SER F 88 18.30 24.54 4.94
N TYR F 89 18.11 24.01 3.74
CA TYR F 89 19.05 24.23 2.65
C TYR F 89 19.05 25.68 2.18
N TYR F 90 17.92 26.36 2.33
CA TYR F 90 17.83 27.76 1.93
C TYR F 90 18.53 28.67 2.93
N CYS F 91 18.38 28.36 4.22
CA CYS F 91 19.00 29.16 5.26
C CYS F 91 20.52 29.01 5.25
N ALA F 92 20.99 27.90 4.71
CA ALA F 92 22.42 27.63 4.64
C ALA F 92 23.14 28.67 3.77
N GLY F 93 22.44 29.17 2.76
CA GLY F 93 23.01 30.12 1.84
C GLY F 93 22.78 31.56 2.24
N LEU F 94 22.37 31.78 3.49
CA LEU F 94 22.13 33.12 4.00
C LEU F 94 23.36 33.66 4.73
N LYS F 95 23.43 34.98 4.84
CA LYS F 95 24.62 35.64 5.38
C LYS F 95 24.85 35.38 6.86
N LYS F 96 23.87 35.75 7.68
CA LYS F 96 24.03 35.72 9.14
C LYS F 96 23.87 34.33 9.74
N VAL F 97 23.67 33.32 8.88
CA VAL F 97 23.50 31.95 9.34
C VAL F 97 24.84 31.25 9.47
N THR F 98 25.09 30.64 10.63
CA THR F 98 26.34 29.97 10.88
C THR F 98 26.17 28.46 11.03
N GLU F 99 24.98 28.05 11.44
CA GLU F 99 24.70 26.63 11.69
C GLU F 99 23.22 26.31 11.56
N VAL F 100 22.91 25.19 10.93
CA VAL F 100 21.53 24.74 10.76
C VAL F 100 21.33 23.31 11.25
N ARG F 101 20.46 23.14 12.22
CA ARG F 101 20.16 21.81 12.76
C ARG F 101 18.72 21.41 12.47
N GLY F 102 18.56 20.31 11.75
CA GLY F 102 17.23 19.86 11.35
C GLY F 102 16.74 18.66 12.13
N TYR F 103 15.42 18.57 12.28
CA TYR F 103 14.80 17.46 13.00
C TYR F 103 13.50 17.04 12.33
N THR F 104 13.25 15.74 12.28
CA THR F 104 12.02 15.21 11.70
C THR F 104 11.70 13.83 12.25
N LYS F 105 10.45 13.43 12.13
CA LYS F 105 10.01 12.12 12.64
C LYS F 105 10.49 11.00 11.73
N GLY F 106 10.36 11.20 10.42
CA GLY F 106 10.80 10.22 9.45
C GLY F 106 10.00 8.93 9.52
N GLY F 107 10.55 7.87 8.94
CA GLY F 107 9.88 6.58 8.92
C GLY F 107 8.68 6.56 8.00
N PRO F 108 7.92 5.46 8.03
CA PRO F 108 6.72 5.30 7.18
C PRO F 108 5.67 6.36 7.49
N GLY F 109 5.17 7.02 6.44
CA GLY F 109 4.16 8.04 6.59
C GLY F 109 4.74 9.43 6.77
N HIS F 110 6.07 9.52 6.72
CA HIS F 110 6.75 10.80 6.85
C HIS F 110 7.90 10.91 5.85
N GLU F 111 8.15 12.12 5.39
CA GLU F 111 9.20 12.37 4.41
C GLU F 111 10.60 12.29 5.03
N GLU F 112 11.46 11.49 4.41
CA GLU F 112 12.84 11.34 4.88
C GLU F 112 13.72 12.46 4.35
N PRO F 113 14.70 12.89 5.16
CA PRO F 113 15.66 13.94 4.76
C PRO F 113 16.41 13.58 3.49
N VAL F 114 16.57 14.54 2.59
CA VAL F 114 17.27 14.32 1.34
C VAL F 114 18.65 14.98 1.34
N PRO F 115 19.71 14.17 1.24
CA PRO F 115 21.08 14.68 1.22
C PRO F 115 21.37 15.49 -0.04
N MET F 116 21.81 16.73 0.15
CA MET F 116 22.11 17.61 -0.98
C MET F 116 23.49 18.25 -0.81
N SER F 117 24.10 18.62 -1.93
CA SER F 117 25.41 19.26 -1.91
C SER F 117 25.29 20.73 -2.32
N THR F 118 24.19 21.37 -1.94
CA THR F 118 23.97 22.76 -2.29
C THR F 118 24.90 23.69 -1.53
N TYR F 119 24.91 24.96 -1.92
CA TYR F 119 25.79 25.95 -1.33
C TYR F 119 25.54 26.11 0.18
N GLY F 120 26.44 25.54 0.98
CA GLY F 120 26.34 25.62 2.42
C GLY F 120 25.84 24.33 3.05
N TRP F 121 26.03 23.23 2.34
CA TRP F 121 25.55 21.94 2.83
C TRP F 121 26.39 21.44 4.00
N ASN F 122 27.58 21.99 4.14
CA ASN F 122 28.50 21.56 5.19
C ASN F 122 28.08 22.01 6.59
N ILE F 123 27.22 23.02 6.64
CA ILE F 123 26.72 23.50 7.93
C ILE F 123 25.31 22.99 8.19
N VAL F 124 24.82 22.15 7.29
CA VAL F 124 23.48 21.59 7.41
C VAL F 124 23.52 20.22 8.09
N LYS F 125 22.80 20.10 9.21
CA LYS F 125 22.74 18.85 9.94
C LYS F 125 21.31 18.36 10.09
N LEU F 126 20.95 17.35 9.32
CA LEU F 126 19.59 16.81 9.36
C LEU F 126 19.55 15.48 10.11
N MET F 127 18.64 15.37 11.07
CA MET F 127 18.50 14.18 11.89
C MET F 127 17.08 13.64 11.85
N SER F 128 16.93 12.39 11.38
CA SER F 128 15.63 11.75 11.29
C SER F 128 15.34 10.90 12.52
N GLY F 129 14.11 10.44 12.65
CA GLY F 129 13.72 9.57 13.74
C GLY F 129 13.66 10.28 15.08
N LYS F 130 13.42 11.58 15.07
CA LYS F 130 13.34 12.36 16.29
C LYS F 130 12.03 13.12 16.40
N ASP F 131 11.30 12.90 17.50
CA ASP F 131 10.06 13.61 17.75
C ASP F 131 10.36 14.91 18.49
N VAL F 132 9.95 16.03 17.92
CA VAL F 132 10.26 17.34 18.47
C VAL F 132 9.57 17.60 19.81
N PHE F 133 8.48 16.87 20.07
CA PHE F 133 7.74 17.04 21.32
C PHE F 133 8.48 16.39 22.48
N TYR F 134 9.53 15.63 22.17
CA TYR F 134 10.27 14.89 23.19
C TYR F 134 11.73 15.31 23.30
N LEU F 135 12.12 16.31 22.52
CA LEU F 135 13.51 16.77 22.56
C LEU F 135 13.61 18.14 23.23
N PRO F 136 14.56 18.28 24.17
CA PRO F 136 14.74 19.46 25.02
C PRO F 136 15.23 20.69 24.25
N PRO F 137 14.92 21.90 24.77
CA PRO F 137 15.33 23.18 24.18
C PRO F 137 16.85 23.34 24.12
N GLU F 138 17.35 23.86 23.01
CA GLU F 138 18.78 24.10 22.86
C GLU F 138 19.03 25.58 22.60
N LYS F 139 20.26 26.02 22.81
CA LYS F 139 20.62 27.42 22.59
C LYS F 139 20.64 27.71 21.09
N CYS F 140 19.78 28.64 20.67
CA CYS F 140 19.71 29.02 19.26
C CYS F 140 19.24 30.46 19.10
N ASP F 141 19.67 31.10 18.02
CA ASP F 141 19.29 32.48 17.75
C ASP F 141 18.17 32.54 16.72
N THR F 142 17.71 31.37 16.28
CA THR F 142 16.65 31.29 15.29
C THR F 142 15.92 29.96 15.35
N LEU F 143 14.60 30.01 15.40
CA LEU F 143 13.79 28.81 15.42
C LEU F 143 12.80 28.78 14.26
N LEU F 144 12.75 27.65 13.57
CA LEU F 144 11.81 27.48 12.46
C LEU F 144 10.99 26.22 12.65
N CYS F 145 9.71 26.28 12.30
CA CYS F 145 8.83 25.13 12.44
C CYS F 145 7.73 25.12 11.39
N ASP F 146 7.64 24.03 10.65
CA ASP F 146 6.64 23.88 9.60
C ASP F 146 5.76 22.66 9.89
N ILE F 147 5.60 22.35 11.17
CA ILE F 147 4.85 21.17 11.58
C ILE F 147 3.36 21.44 11.69
N GLY F 148 2.56 20.62 11.02
CA GLY F 148 1.12 20.76 11.05
C GLY F 148 0.45 19.95 9.96
N GLU F 149 -0.53 19.14 10.33
CA GLU F 149 -1.25 18.30 9.37
C GLU F 149 -2.70 18.72 9.26
N SER F 150 -3.11 19.16 8.08
CA SER F 150 -4.48 19.61 7.85
C SER F 150 -5.48 18.49 8.06
N SER F 151 -6.66 18.84 8.55
CA SER F 151 -7.71 17.87 8.83
C SER F 151 -9.09 18.47 8.60
N PRO F 152 -10.02 17.67 8.05
CA PRO F 152 -11.40 18.09 7.81
C PRO F 152 -12.08 18.63 9.07
N SER F 153 -11.73 18.06 10.22
CA SER F 153 -12.28 18.52 11.48
C SER F 153 -11.45 19.64 12.07
N PRO F 154 -12.06 20.82 12.22
CA PRO F 154 -11.39 22.01 12.75
C PRO F 154 -10.98 21.85 14.22
N THR F 155 -11.69 20.97 14.93
CA THR F 155 -11.36 20.71 16.32
C THR F 155 -10.05 19.93 16.43
N VAL F 156 -9.79 19.10 15.42
CA VAL F 156 -8.56 18.33 15.38
C VAL F 156 -7.36 19.26 15.14
N GLU F 157 -7.50 20.12 14.14
CA GLU F 157 -6.45 21.09 13.83
C GLU F 157 -6.17 22.01 15.01
N GLU F 158 -7.19 22.23 15.82
CA GLU F 158 -7.07 23.05 17.02
C GLU F 158 -6.07 22.44 18.00
N SER F 159 -6.20 21.14 18.23
CA SER F 159 -5.32 20.43 19.14
C SER F 159 -3.91 20.33 18.57
N ARG F 160 -3.82 20.16 17.26
CA ARG F 160 -2.53 20.07 16.58
C ARG F 160 -1.76 21.38 16.75
N THR F 161 -2.45 22.49 16.57
CA THR F 161 -1.83 23.80 16.64
C THR F 161 -1.32 24.14 18.03
N ILE F 162 -2.19 23.99 19.02
CA ILE F 162 -1.86 24.33 20.40
C ILE F 162 -0.68 23.50 20.91
N ARG F 163 -0.67 22.22 20.57
CA ARG F 163 0.41 21.33 20.99
C ARG F 163 1.76 21.81 20.48
N VAL F 164 1.77 22.37 19.27
CA VAL F 164 2.98 22.91 18.69
C VAL F 164 3.37 24.21 19.39
N LEU F 165 2.39 25.06 19.63
CA LEU F 165 2.62 26.34 20.30
C LEU F 165 3.20 26.17 21.70
N LYS F 166 2.72 25.17 22.42
CA LYS F 166 3.20 24.88 23.76
C LYS F 166 4.59 24.29 23.73
N MET F 167 4.99 23.80 22.57
CA MET F 167 6.27 23.10 22.42
C MET F 167 7.37 24.04 21.93
N VAL F 168 7.02 24.98 21.07
CA VAL F 168 8.00 25.88 20.48
C VAL F 168 8.27 27.11 21.35
N GLU F 169 7.53 27.22 22.44
CA GLU F 169 7.65 28.38 23.33
C GLU F 169 8.99 28.45 24.09
N PRO F 170 9.46 27.33 24.67
CA PRO F 170 10.73 27.44 25.38
C PRO F 170 11.92 27.75 24.47
N TRP F 171 11.79 27.44 23.18
CA TRP F 171 12.85 27.70 22.22
C TRP F 171 12.98 29.19 21.90
N LEU F 172 11.92 29.94 22.17
CA LEU F 172 11.89 31.35 21.86
C LEU F 172 12.41 32.21 23.01
N LYS F 173 13.62 32.72 22.85
CA LYS F 173 14.23 33.57 23.87
C LYS F 173 14.70 34.88 23.24
N ASN F 174 13.74 35.72 22.86
CA ASN F 174 14.02 36.98 22.16
C ASN F 174 14.87 36.77 20.92
N ASN F 175 14.57 35.72 20.17
CA ASN F 175 15.28 35.42 18.94
C ASN F 175 14.37 35.52 17.74
N GLN F 176 14.94 35.34 16.54
CA GLN F 176 14.15 35.33 15.32
C GLN F 176 13.40 34.00 15.18
N PHE F 177 12.16 34.06 14.71
CA PHE F 177 11.38 32.84 14.57
C PHE F 177 10.37 32.89 13.45
N CYS F 178 9.88 31.71 13.06
CA CYS F 178 8.86 31.59 12.03
C CYS F 178 8.21 30.21 12.09
N ILE F 179 7.12 30.11 12.84
CA ILE F 179 6.42 28.85 12.99
C ILE F 179 5.11 28.86 12.23
N LYS F 180 4.63 27.67 11.86
CA LYS F 180 3.40 27.56 11.08
C LYS F 180 2.18 27.38 11.97
N VAL F 181 1.18 28.21 11.75
CA VAL F 181 -0.09 28.09 12.47
C VAL F 181 -1.16 27.52 11.55
N LEU F 182 -1.42 26.23 11.69
CA LEU F 182 -2.35 25.53 10.81
C LEU F 182 -3.76 26.11 10.89
N ASN F 183 -4.30 26.19 12.09
CA ASN F 183 -5.64 26.73 12.29
C ASN F 183 -5.64 27.93 13.22
N PRO F 184 -5.42 29.13 12.66
CA PRO F 184 -5.33 30.38 13.40
C PRO F 184 -6.68 31.03 13.68
N TYR F 185 -7.72 30.62 12.96
CA TYR F 185 -9.03 31.25 13.10
C TYR F 185 -9.82 30.67 14.27
N MET F 186 -9.22 29.72 14.97
CA MET F 186 -9.86 29.12 16.13
C MET F 186 -9.66 30.00 17.36
N PRO F 187 -10.77 30.33 18.05
CA PRO F 187 -10.77 31.25 19.21
C PRO F 187 -9.78 30.86 20.29
N THR F 188 -9.71 29.59 20.63
CA THR F 188 -8.81 29.12 21.69
C THR F 188 -7.35 29.28 21.29
N VAL F 189 -7.09 29.13 19.99
CA VAL F 189 -5.74 29.30 19.47
C VAL F 189 -5.30 30.76 19.61
N ILE F 190 -6.21 31.67 19.31
CA ILE F 190 -5.95 33.10 19.40
C ILE F 190 -5.52 33.50 20.82
N GLU F 191 -6.16 32.90 21.82
CA GLU F 191 -5.83 33.18 23.21
C GLU F 191 -4.36 32.86 23.51
N HIS F 192 -3.87 31.78 22.91
CA HIS F 192 -2.45 31.45 23.02
C HIS F 192 -1.63 32.44 22.21
N LEU F 193 -2.12 32.79 21.02
CA LEU F 193 -1.44 33.74 20.16
C LEU F 193 -1.33 35.10 20.82
N GLU F 194 -2.40 35.52 21.48
CA GLU F 194 -2.40 36.79 22.20
C GLU F 194 -1.40 36.75 23.35
N ARG F 195 -1.28 35.59 23.97
CA ARG F 195 -0.32 35.40 25.06
C ARG F 195 1.11 35.45 24.54
N LEU F 196 1.33 34.77 23.42
CA LEU F 196 2.66 34.70 22.82
C LEU F 196 3.07 36.02 22.17
N GLN F 197 2.07 36.83 21.81
CA GLN F 197 2.34 38.11 21.16
C GLN F 197 2.80 39.14 22.19
N ARG F 198 2.34 39.00 23.42
CA ARG F 198 2.70 39.94 24.48
C ARG F 198 4.07 39.64 25.05
N LYS F 199 4.58 38.45 24.79
CA LYS F 199 5.87 38.03 25.35
C LYS F 199 7.02 38.24 24.37
N HIS F 200 6.88 37.65 23.18
CA HIS F 200 7.96 37.68 22.20
C HIS F 200 7.68 38.63 21.04
N GLY F 201 6.50 39.23 21.04
CA GLY F 201 6.12 40.15 19.98
C GLY F 201 5.89 39.44 18.66
N GLY F 202 6.16 40.13 17.57
CA GLY F 202 6.00 39.55 16.24
C GLY F 202 4.64 39.83 15.63
N MET F 203 4.33 39.11 14.56
CA MET F 203 3.07 39.30 13.84
C MET F 203 2.72 38.06 13.02
N LEU F 204 1.42 37.77 12.91
CA LEU F 204 0.97 36.64 12.12
C LEU F 204 0.68 37.06 10.69
N VAL F 205 1.35 36.43 9.74
CA VAL F 205 1.23 36.81 8.34
C VAL F 205 0.80 35.64 7.45
N ARG F 206 0.25 35.97 6.28
CA ARG F 206 -0.21 34.96 5.34
C ARG F 206 0.71 34.85 4.13
N ASN F 207 1.03 33.62 3.75
CA ASN F 207 1.89 33.37 2.60
C ASN F 207 1.06 33.08 1.35
N PRO F 208 1.27 33.88 0.29
CA PRO F 208 0.55 33.70 -0.99
C PRO F 208 0.91 32.39 -1.68
N LEU F 209 2.03 31.79 -1.30
CA LEU F 209 2.44 30.52 -1.87
C LEU F 209 1.65 29.36 -1.27
N SER F 210 0.97 29.63 -0.16
CA SER F 210 0.13 28.64 0.48
C SER F 210 -1.15 28.42 -0.32
N ARG F 211 -1.54 27.17 -0.50
CA ARG F 211 -2.72 26.84 -1.28
C ARG F 211 -3.99 27.30 -0.58
N ASN F 212 -5.07 27.43 -1.34
CA ASN F 212 -6.35 27.88 -0.79
C ASN F 212 -7.03 26.78 0.02
N SER F 213 -6.47 25.58 -0.02
CA SER F 213 -7.04 24.44 0.69
C SER F 213 -6.69 24.47 2.18
N THR F 214 -5.86 25.43 2.57
CA THR F 214 -5.46 25.57 3.97
C THR F 214 -5.51 27.01 4.44
N HIS F 215 -5.83 27.19 5.71
CA HIS F 215 -5.93 28.52 6.30
C HIS F 215 -4.67 28.82 7.10
N GLU F 216 -3.57 28.19 6.71
CA GLU F 216 -2.32 28.28 7.46
C GLU F 216 -1.71 29.68 7.39
N MET F 217 -1.10 30.08 8.50
CA MET F 217 -0.37 31.34 8.56
C MET F 217 0.89 31.16 9.40
N TYR F 218 1.85 32.07 9.22
CA TYR F 218 3.14 31.93 9.88
C TYR F 218 3.44 33.09 10.82
N TRP F 219 3.81 32.75 12.06
CA TRP F 219 4.13 33.75 13.06
C TRP F 219 5.60 34.16 12.96
N ILE F 220 5.87 35.29 12.32
CA ILE F 220 7.22 35.79 12.18
C ILE F 220 7.59 36.70 13.35
N SER F 221 8.89 36.92 13.53
CA SER F 221 9.38 37.69 14.65
C SER F 221 9.41 39.19 14.38
N ASN F 222 9.72 39.55 13.13
CA ASN F 222 9.84 40.96 12.77
C ASN F 222 8.55 41.55 12.21
N GLY F 223 7.82 42.26 13.06
CA GLY F 223 6.58 42.88 12.65
C GLY F 223 5.61 43.09 13.80
N THR F 224 4.47 43.70 13.49
CA THR F 224 3.45 43.96 14.50
C THR F 224 2.07 44.14 13.86
N GLY F 225 1.05 44.29 14.70
CA GLY F 225 -0.30 44.48 14.22
C GLY F 225 -1.32 43.65 14.98
N ASN F 226 -2.60 43.87 14.68
CA ASN F 226 -3.67 43.14 15.33
C ASN F 226 -3.85 41.74 14.74
N ILE F 227 -3.76 40.73 15.60
CA ILE F 227 -3.85 39.35 15.15
C ILE F 227 -5.25 39.01 14.65
N VAL F 228 -6.26 39.40 15.43
CA VAL F 228 -7.65 39.08 15.11
C VAL F 228 -8.05 39.62 13.73
N SER F 229 -7.64 40.85 13.45
CA SER F 229 -7.98 41.48 12.17
C SER F 229 -7.31 40.79 11.00
N SER F 230 -6.04 40.43 11.17
CA SER F 230 -5.28 39.78 10.12
C SER F 230 -5.85 38.42 9.76
N VAL F 231 -6.36 37.72 10.78
CA VAL F 231 -6.95 36.40 10.57
C VAL F 231 -8.21 36.49 9.72
N ASN F 232 -9.13 37.34 10.14
CA ASN F 232 -10.40 37.51 9.43
C ASN F 232 -10.20 38.03 8.01
N MET F 233 -9.16 38.83 7.82
CA MET F 233 -8.83 39.36 6.50
C MET F 233 -8.47 38.23 5.54
N VAL F 234 -7.77 37.22 6.06
CA VAL F 234 -7.44 36.04 5.27
C VAL F 234 -8.68 35.19 5.05
N SER F 235 -9.56 35.18 6.06
CA SER F 235 -10.81 34.44 5.96
C SER F 235 -11.69 35.03 4.87
N ARG F 236 -11.78 36.35 4.84
CA ARG F 236 -12.56 37.05 3.82
C ARG F 236 -11.99 36.78 2.43
N LEU F 237 -10.69 36.52 2.38
CA LEU F 237 -10.03 36.21 1.12
C LEU F 237 -10.47 34.84 0.62
N LEU F 238 -10.31 33.83 1.47
CA LEU F 238 -10.61 32.45 1.08
C LEU F 238 -12.08 32.27 0.75
N LEU F 239 -12.94 33.06 1.36
CA LEU F 239 -14.35 33.06 1.02
C LEU F 239 -14.54 33.59 -0.40
N ASN F 240 -13.87 34.70 -0.70
CA ASN F 240 -13.98 35.34 -2.00
C ASN F 240 -13.33 34.49 -3.10
N ARG F 241 -12.35 33.67 -2.72
CA ARG F 241 -11.68 32.79 -3.66
C ARG F 241 -12.64 31.75 -4.23
N PHE F 242 -13.67 31.42 -3.47
CA PHE F 242 -14.71 30.50 -3.93
C PHE F 242 -15.41 31.06 -5.17
N THR F 243 -15.66 32.36 -5.16
CA THR F 243 -16.33 33.01 -6.26
C THR F 243 -15.43 33.11 -7.48
N MET F 244 -14.12 33.15 -7.24
CA MET F 244 -13.14 33.30 -8.31
C MET F 244 -12.29 32.05 -8.50
N THR F 245 -12.82 31.08 -9.24
CA THR F 245 -12.08 29.89 -9.60
C THR F 245 -11.49 30.10 -11.00
N HIS F 246 -10.93 29.05 -11.57
CA HIS F 246 -10.40 29.08 -12.94
C HIS F 246 -9.35 30.16 -13.17
N ARG F 247 -8.78 30.68 -12.08
CA ARG F 247 -7.72 31.69 -12.20
C ARG F 247 -6.35 31.03 -12.27
N ARG F 248 -5.67 31.25 -13.39
CA ARG F 248 -4.33 30.70 -13.59
C ARG F 248 -3.36 31.29 -12.58
N PRO F 249 -2.64 30.42 -11.86
CA PRO F 249 -1.71 30.83 -10.81
C PRO F 249 -0.49 31.57 -11.35
N THR F 250 0.07 32.45 -10.53
CA THR F 250 1.26 33.20 -10.91
C THR F 250 2.50 32.33 -10.82
N ILE F 251 3.06 31.98 -11.98
CA ILE F 251 4.23 31.11 -12.05
C ILE F 251 5.51 31.90 -11.84
N GLU F 252 6.36 31.42 -10.93
CA GLU F 252 7.64 32.07 -10.67
C GLU F 252 8.81 31.10 -10.81
N LYS F 253 10.01 31.65 -11.00
CA LYS F 253 11.23 30.86 -11.09
C LYS F 253 11.51 30.14 -9.77
N ASP F 254 12.24 29.04 -9.86
CA ASP F 254 12.61 28.29 -8.67
C ASP F 254 13.93 28.80 -8.12
N VAL F 255 14.19 28.54 -6.84
CA VAL F 255 15.38 29.03 -6.18
C VAL F 255 16.62 28.23 -6.59
N ASP F 256 17.68 28.94 -6.93
CA ASP F 256 18.96 28.31 -7.24
C ASP F 256 19.81 28.27 -5.98
N LEU F 257 19.92 27.09 -5.38
CA LEU F 257 20.63 26.95 -4.10
C LEU F 257 22.13 26.75 -4.29
N GLY F 258 22.58 26.76 -5.54
CA GLY F 258 24.00 26.64 -5.82
C GLY F 258 24.60 25.32 -5.39
N ALA F 259 25.91 25.33 -5.15
CA ALA F 259 26.63 24.12 -4.73
C ALA F 259 27.96 24.46 -4.06
N GLY F 260 28.60 23.45 -3.51
CA GLY F 260 29.90 23.60 -2.88
C GLY F 260 29.83 23.92 -1.40
N THR F 261 31.00 24.10 -0.79
CA THR F 261 31.08 24.46 0.61
C THR F 261 30.91 25.96 0.79
N ARG F 262 31.26 26.47 1.97
CA ARG F 262 31.08 27.88 2.25
C ARG F 262 32.04 28.45 3.29
N HIS F 263 32.08 27.81 4.46
CA HIS F 263 33.01 28.13 5.55
C HIS F 263 32.76 29.50 6.20
N VAL F 264 32.04 30.38 5.52
CA VAL F 264 31.60 31.69 6.03
C VAL F 264 32.70 32.63 6.54
N ASN F 265 33.87 32.09 6.89
CA ASN F 265 34.92 32.92 7.46
C ASN F 265 35.71 33.66 6.39
N ALA F 266 35.91 33.01 5.25
CA ALA F 266 36.62 33.63 4.13
C ALA F 266 35.64 34.18 3.11
N GLU F 267 34.39 34.36 3.54
CA GLU F 267 33.32 34.83 2.67
C GLU F 267 33.30 36.36 2.41
N PRO F 268 33.47 37.18 3.47
CA PRO F 268 33.32 38.63 3.22
C PRO F 268 34.39 39.22 2.29
N GLU F 269 34.23 40.51 1.98
CA GLU F 269 35.09 41.20 1.04
C GLU F 269 35.94 42.28 1.71
N THR F 270 37.21 42.36 1.34
CA THR F 270 38.10 43.40 1.84
C THR F 270 38.45 44.38 0.72
N PRO F 271 37.71 45.49 0.64
CA PRO F 271 37.83 46.46 -0.46
C PRO F 271 38.99 47.43 -0.28
N ASN F 272 39.32 48.15 -1.36
CA ASN F 272 40.32 49.21 -1.30
C ASN F 272 39.66 50.58 -1.32
N MET F 273 39.55 51.20 -0.16
CA MET F 273 38.87 52.49 -0.03
C MET F 273 39.68 53.63 -0.63
N ASP F 274 40.94 53.36 -0.94
CA ASP F 274 41.81 54.36 -1.54
C ASP F 274 41.49 54.55 -3.02
N VAL F 275 40.78 53.59 -3.60
CA VAL F 275 40.43 53.64 -5.02
C VAL F 275 38.98 54.04 -5.23
N ILE F 276 38.08 53.31 -4.60
CA ILE F 276 36.65 53.53 -4.79
C ILE F 276 36.11 54.66 -3.90
N GLY F 277 36.97 55.18 -3.03
CA GLY F 277 36.58 56.17 -2.05
C GLY F 277 35.89 57.40 -2.62
N GLU F 278 36.46 57.95 -3.69
CA GLU F 278 35.92 59.17 -4.29
C GLU F 278 34.56 58.93 -4.92
N ARG F 279 34.40 57.77 -5.56
CA ARG F 279 33.14 57.42 -6.22
C ARG F 279 32.00 57.29 -5.21
N ILE F 280 32.30 56.71 -4.06
CA ILE F 280 31.30 56.55 -3.02
C ILE F 280 30.93 57.90 -2.42
N LYS F 281 31.92 58.75 -2.26
CA LYS F 281 31.73 60.07 -1.65
C LYS F 281 30.79 60.95 -2.47
N ARG F 282 30.95 60.90 -3.79
CA ARG F 282 30.15 61.74 -4.68
C ARG F 282 28.67 61.36 -4.63
N ILE F 283 28.40 60.06 -4.53
CA ILE F 283 27.02 59.60 -4.44
C ILE F 283 26.45 59.89 -3.06
N LYS F 284 27.29 59.75 -2.04
CA LYS F 284 26.88 59.96 -0.66
C LYS F 284 26.45 61.42 -0.40
N GLU F 285 27.24 62.35 -0.90
CA GLU F 285 26.97 63.77 -0.67
C GLU F 285 25.70 64.24 -1.38
N GLU F 286 25.42 63.65 -2.54
CA GLU F 286 24.25 64.03 -3.31
C GLU F 286 22.97 63.51 -2.66
N HIS F 287 22.97 62.23 -2.29
CA HIS F 287 21.81 61.62 -1.67
C HIS F 287 21.95 61.60 -0.15
N SER F 288 22.38 62.73 0.42
CA SER F 288 22.60 62.84 1.86
C SER F 288 21.29 62.88 2.63
N SER F 289 20.19 63.09 1.93
CA SER F 289 18.88 63.19 2.56
C SER F 289 18.41 61.85 3.11
N THR F 290 18.61 60.79 2.34
CA THR F 290 18.16 59.46 2.73
C THR F 290 19.31 58.48 2.86
N TRP F 291 20.52 58.99 3.03
CA TRP F 291 21.70 58.14 3.17
C TRP F 291 21.76 57.49 4.54
N HIS F 292 21.95 56.17 4.56
CA HIS F 292 22.03 55.44 5.81
C HIS F 292 22.80 54.13 5.64
N TYR F 293 23.28 53.57 6.75
CA TYR F 293 24.02 52.33 6.72
C TYR F 293 23.15 51.19 7.25
N ASP F 294 22.54 50.44 6.33
CA ASP F 294 21.69 49.32 6.72
C ASP F 294 22.51 48.19 7.31
N ASP F 295 22.14 47.73 8.50
CA ASP F 295 22.90 46.70 9.20
C ASP F 295 22.46 45.30 8.81
N GLU F 296 21.34 45.21 8.09
CA GLU F 296 20.81 43.91 7.70
C GLU F 296 20.90 43.68 6.20
N ASN F 297 22.02 44.06 5.61
CA ASN F 297 22.26 43.83 4.18
C ASN F 297 22.62 42.37 3.91
N PRO F 298 21.97 41.77 2.91
CA PRO F 298 22.15 40.34 2.59
C PRO F 298 23.43 40.06 1.81
N TYR F 299 24.22 41.10 1.54
CA TYR F 299 25.43 40.94 0.76
C TYR F 299 26.52 40.20 1.52
N LYS F 300 27.06 39.15 0.91
CA LYS F 300 28.05 38.30 1.57
C LYS F 300 29.45 38.57 1.03
N THR F 301 29.64 38.35 -0.26
CA THR F 301 30.93 38.48 -0.90
C THR F 301 31.16 39.89 -1.44
N TRP F 302 30.24 40.79 -1.15
CA TRP F 302 30.35 42.18 -1.60
C TRP F 302 30.43 43.13 -0.42
N ALA F 303 31.34 44.10 -0.52
CA ALA F 303 31.50 45.09 0.54
C ALA F 303 30.39 46.11 0.50
N TYR F 304 29.65 46.23 1.61
CA TYR F 304 28.57 47.20 1.72
C TYR F 304 29.06 48.53 2.28
N HIS F 305 28.67 49.62 1.63
CA HIS F 305 29.11 50.95 2.04
C HIS F 305 27.97 51.79 2.60
N GLY F 306 26.82 51.75 1.93
CA GLY F 306 25.66 52.50 2.37
C GLY F 306 24.47 52.33 1.45
N SER F 307 23.40 53.07 1.71
CA SER F 307 22.19 52.99 0.90
C SER F 307 21.38 54.27 0.95
N TYR F 308 20.43 54.40 0.02
CA TYR F 308 19.52 55.55 -0.01
C TYR F 308 18.22 55.16 -0.73
N GLU F 309 17.14 55.84 -0.37
CA GLU F 309 15.82 55.53 -0.92
C GLU F 309 15.76 55.82 -2.42
N VAL F 310 14.94 55.04 -3.13
CA VAL F 310 14.81 55.19 -4.57
C VAL F 310 13.48 54.61 -5.06
N LYS F 311 12.97 55.13 -6.16
CA LYS F 311 11.72 54.65 -6.74
C LYS F 311 11.93 53.28 -7.39
N ALA F 312 10.93 52.41 -7.26
CA ALA F 312 11.02 51.05 -7.80
C ALA F 312 11.04 51.07 -9.34
N THR F 313 11.96 50.31 -9.90
CA THR F 313 12.08 50.19 -11.35
C THR F 313 12.03 48.73 -11.80
N GLY F 314 11.70 48.51 -13.06
CA GLY F 314 11.64 47.17 -13.62
C GLY F 314 10.22 46.64 -13.73
N SER F 315 10.10 45.40 -14.19
CA SER F 315 8.79 44.77 -14.36
C SER F 315 8.83 43.31 -13.94
N ALA F 316 7.69 42.79 -13.50
CA ALA F 316 7.58 41.41 -13.07
C ALA F 316 7.55 40.47 -14.27
N SER F 317 6.97 40.94 -15.37
CA SER F 317 6.89 40.15 -16.59
C SER F 317 7.51 40.88 -17.77
N SER F 318 7.81 40.12 -18.82
CA SER F 318 8.40 40.69 -20.02
C SER F 318 7.32 40.99 -21.06
N MET F 319 7.52 42.06 -21.83
CA MET F 319 6.56 42.45 -22.86
C MET F 319 6.51 41.40 -23.96
N ILE F 320 5.29 41.00 -24.33
CA ILE F 320 5.11 39.97 -25.35
C ILE F 320 4.92 40.58 -26.73
N ASN F 321 5.71 40.11 -27.70
CA ASN F 321 5.56 40.57 -29.08
C ASN F 321 4.26 40.06 -29.67
N GLY F 322 3.27 40.93 -29.72
CA GLY F 322 1.94 40.57 -30.18
C GLY F 322 1.89 40.07 -31.61
N VAL F 323 2.77 40.62 -32.45
CA VAL F 323 2.80 40.25 -33.86
C VAL F 323 3.16 38.78 -34.04
N VAL F 324 4.23 38.37 -33.37
CA VAL F 324 4.67 36.99 -33.42
C VAL F 324 3.69 36.10 -32.65
N LYS F 325 3.11 36.66 -31.59
CA LYS F 325 2.19 35.93 -30.72
C LYS F 325 0.99 35.38 -31.48
N LEU F 326 0.37 36.22 -32.31
CA LEU F 326 -0.82 35.81 -33.05
C LEU F 326 -0.49 34.81 -34.14
N LEU F 327 0.75 34.82 -34.63
CA LEU F 327 1.14 33.94 -35.72
C LEU F 327 1.80 32.66 -35.19
N THR F 328 1.99 32.60 -33.88
CA THR F 328 2.55 31.40 -33.25
C THR F 328 1.57 30.84 -32.23
N LYS F 329 0.36 30.54 -32.70
CA LYS F 329 -0.71 30.04 -31.83
C LYS F 329 -0.45 28.66 -31.22
N PRO F 330 0.03 27.68 -32.02
CA PRO F 330 0.21 26.35 -31.41
C PRO F 330 1.25 26.31 -30.29
N TRP F 331 2.20 27.25 -30.32
CA TRP F 331 3.26 27.27 -29.32
C TRP F 331 2.86 28.04 -28.06
N ASP F 332 1.56 28.26 -27.89
CA ASP F 332 1.06 28.91 -26.68
C ASP F 332 0.86 27.90 -25.57
N VAL F 333 0.90 26.62 -25.93
CA VAL F 333 0.71 25.54 -24.98
C VAL F 333 2.05 24.97 -24.52
N VAL F 334 3.13 25.44 -25.17
CA VAL F 334 4.46 24.96 -24.85
C VAL F 334 5.02 25.64 -23.59
N PRO F 335 5.38 24.83 -22.58
CA PRO F 335 5.93 25.32 -21.33
C PRO F 335 7.26 26.04 -21.50
N MET F 336 8.09 25.55 -22.41
CA MET F 336 9.39 26.15 -22.67
C MET F 336 9.25 27.58 -23.20
N VAL F 337 8.24 27.80 -24.02
CA VAL F 337 7.96 29.11 -24.59
C VAL F 337 7.57 30.11 -23.51
N THR F 338 6.67 29.69 -22.63
CA THR F 338 6.17 30.55 -21.56
C THR F 338 7.25 30.88 -20.54
N GLN F 339 8.22 29.98 -20.41
CA GLN F 339 9.29 30.14 -19.42
C GLN F 339 10.15 31.36 -19.71
N MET F 340 10.39 31.64 -20.99
CA MET F 340 11.26 32.73 -21.39
C MET F 340 10.61 34.09 -21.17
N ALA F 341 9.33 34.10 -20.85
CA ALA F 341 8.60 35.33 -20.61
C ALA F 341 8.38 35.57 -19.12
N MET F 342 8.99 34.73 -18.31
CA MET F 342 8.85 34.82 -16.86
C MET F 342 10.01 35.57 -16.21
N THR F 343 10.67 36.43 -17.00
CA THR F 343 11.79 37.20 -16.51
C THR F 343 11.33 38.30 -15.55
N ASP F 344 11.87 38.27 -14.34
CA ASP F 344 11.51 39.26 -13.32
C ASP F 344 12.61 40.31 -13.16
N THR F 345 12.24 41.57 -13.29
CA THR F 345 13.19 42.66 -13.20
C THR F 345 12.86 43.60 -12.05
N THR F 346 11.89 43.21 -11.23
CA THR F 346 11.51 43.97 -10.04
C THR F 346 12.63 43.94 -9.00
N PRO F 347 12.66 44.93 -8.10
CA PRO F 347 13.63 44.97 -7.00
C PRO F 347 13.70 43.66 -6.21
N PHE F 348 12.59 42.96 -6.12
CA PHE F 348 12.57 41.62 -5.54
C PHE F 348 13.41 40.67 -6.37
N GLY F 349 13.16 40.66 -7.68
CA GLY F 349 13.86 39.79 -8.59
C GLY F 349 15.34 40.12 -8.70
N GLN F 350 15.68 41.39 -8.56
CA GLN F 350 17.07 41.82 -8.62
C GLN F 350 17.88 41.20 -7.49
N GLN F 351 17.29 41.15 -6.31
CA GLN F 351 17.95 40.56 -5.15
C GLN F 351 17.99 39.04 -5.24
N ARG F 352 16.99 38.47 -5.90
CA ARG F 352 16.94 37.03 -6.10
C ARG F 352 18.08 36.55 -6.99
N VAL F 353 18.21 37.17 -8.16
CA VAL F 353 19.25 36.81 -9.11
C VAL F 353 20.63 37.09 -8.53
N PHE F 354 20.72 38.15 -7.73
CA PHE F 354 21.99 38.55 -7.11
C PHE F 354 22.56 37.44 -6.24
N LYS F 355 21.76 36.96 -5.30
CA LYS F 355 22.18 35.92 -4.37
C LYS F 355 22.47 34.61 -5.11
N GLU F 356 21.67 34.31 -6.12
CA GLU F 356 21.77 33.04 -6.82
C GLU F 356 23.07 32.89 -7.60
N LYS F 357 23.51 33.96 -8.26
CA LYS F 357 24.67 33.87 -9.13
C LYS F 357 25.85 34.72 -8.68
N VAL F 358 25.70 36.04 -8.78
CA VAL F 358 26.83 36.96 -8.62
C VAL F 358 27.35 37.07 -7.20
N ASP F 359 26.66 36.49 -6.23
CA ASP F 359 27.07 36.61 -4.83
C ASP F 359 27.78 35.36 -4.34
N THR F 360 28.85 34.99 -5.03
CA THR F 360 29.69 33.86 -4.61
C THR F 360 31.16 34.23 -4.72
N ARG F 361 32.00 33.56 -3.94
CA ARG F 361 33.42 33.86 -3.95
C ARG F 361 34.24 32.74 -4.57
N THR F 362 35.13 33.11 -5.48
CA THR F 362 36.01 32.15 -6.13
C THR F 362 37.33 32.02 -5.36
N PRO F 363 37.67 30.81 -4.95
CA PRO F 363 38.88 30.51 -4.18
C PRO F 363 40.17 30.94 -4.90
N ARG F 364 41.17 31.33 -4.12
CA ARG F 364 42.46 31.75 -4.68
C ARG F 364 43.18 30.56 -5.29
N PRO F 365 43.61 30.71 -6.56
CA PRO F 365 44.35 29.66 -7.26
C PRO F 365 45.67 29.31 -6.57
N MET F 366 46.10 28.06 -6.69
CA MET F 366 47.34 27.61 -6.08
C MET F 366 48.53 28.38 -6.64
N PRO F 367 49.58 28.59 -5.82
CA PRO F 367 50.78 29.34 -6.19
C PRO F 367 51.38 28.93 -7.53
N GLY F 368 51.45 27.63 -7.79
CA GLY F 368 52.00 27.13 -9.04
C GLY F 368 51.11 27.48 -10.21
N THR F 369 49.79 27.35 -10.01
CA THR F 369 48.82 27.63 -11.06
C THR F 369 48.85 29.09 -11.47
N ARG F 370 49.03 29.98 -10.49
CA ARG F 370 49.10 31.41 -10.76
C ARG F 370 50.31 31.75 -11.64
N LYS F 371 51.39 31.00 -11.44
CA LYS F 371 52.59 31.20 -12.24
C LYS F 371 52.37 30.75 -13.67
N VAL F 372 51.77 29.56 -13.84
CA VAL F 372 51.50 29.01 -15.16
C VAL F 372 50.57 29.92 -15.94
N MET F 373 49.58 30.48 -15.25
CA MET F 373 48.68 31.44 -15.88
C MET F 373 49.44 32.70 -16.28
N GLU F 374 50.38 33.10 -15.44
CA GLU F 374 51.17 34.30 -15.70
C GLU F 374 52.09 34.11 -16.90
N ILE F 375 52.60 32.89 -17.05
CA ILE F 375 53.50 32.57 -18.15
C ILE F 375 52.75 32.53 -19.49
N THR F 376 51.65 31.81 -19.50
CA THR F 376 50.88 31.60 -20.72
C THR F 376 50.25 32.91 -21.21
N ALA F 377 49.70 33.69 -20.30
CA ALA F 377 49.08 34.96 -20.65
C ALA F 377 50.12 35.90 -21.26
N GLU F 378 51.33 35.88 -20.70
CA GLU F 378 52.42 36.67 -21.24
C GLU F 378 52.76 36.21 -22.65
N TRP F 379 52.81 34.90 -22.84
CA TRP F 379 53.10 34.32 -24.14
C TRP F 379 51.99 34.57 -25.14
N LEU F 380 50.75 34.56 -24.65
CA LEU F 380 49.59 34.67 -25.53
C LEU F 380 49.43 36.08 -26.08
N TRP F 381 49.68 37.08 -25.25
CA TRP F 381 49.58 38.47 -25.68
C TRP F 381 50.64 38.78 -26.74
N ARG F 382 51.83 38.24 -26.55
CA ARG F 382 52.91 38.41 -27.52
C ARG F 382 52.53 37.80 -28.85
N THR F 383 51.77 36.71 -28.80
CA THR F 383 51.34 36.02 -30.01
C THR F 383 50.27 36.81 -30.73
N LEU F 384 49.35 37.40 -29.98
CA LEU F 384 48.26 38.17 -30.55
C LEU F 384 48.74 39.50 -31.14
N GLY F 385 49.80 40.04 -30.55
CA GLY F 385 50.35 41.31 -30.98
C GLY F 385 51.57 41.17 -31.86
N ARG F 386 51.67 40.05 -32.56
CA ARG F 386 52.81 39.78 -33.42
C ARG F 386 52.70 40.57 -34.72
N ASN F 387 51.46 40.90 -35.10
CA ASN F 387 51.22 41.64 -36.34
C ASN F 387 50.47 42.93 -36.08
N LYS F 388 49.38 42.83 -35.31
CA LYS F 388 48.54 43.99 -35.04
C LYS F 388 49.20 44.93 -34.05
N ARG F 389 48.70 46.16 -34.01
CA ARG F 389 49.30 47.21 -33.20
C ARG F 389 48.25 47.89 -32.32
N PRO F 390 48.44 47.81 -30.99
CA PRO F 390 47.53 48.44 -30.02
C PRO F 390 47.40 49.94 -30.23
N ARG F 391 46.16 50.42 -30.37
CA ARG F 391 45.92 51.83 -30.66
C ARG F 391 44.79 52.41 -29.81
N LEU F 392 44.67 53.73 -29.83
CA LEU F 392 43.58 54.42 -29.15
C LEU F 392 42.40 54.59 -30.09
N CYS F 393 41.19 54.46 -29.54
CA CYS F 393 39.99 54.71 -30.34
C CYS F 393 39.56 56.16 -30.20
N THR F 394 38.86 56.66 -31.21
CA THR F 394 38.51 58.07 -31.26
C THR F 394 37.04 58.34 -31.00
N ARG F 395 36.71 59.60 -30.75
CA ARG F 395 35.35 60.04 -30.57
C ARG F 395 34.51 59.79 -31.82
N GLU F 396 35.15 59.99 -32.98
CA GLU F 396 34.48 59.78 -34.26
C GLU F 396 34.06 58.33 -34.42
N GLU F 397 34.93 57.40 -34.03
CA GLU F 397 34.63 55.99 -34.09
C GLU F 397 33.45 55.65 -33.19
N PHE F 398 33.45 56.23 -32.00
CA PHE F 398 32.38 56.00 -31.04
C PHE F 398 31.07 56.59 -31.53
N THR F 399 31.17 57.74 -32.22
CA THR F 399 30.00 58.43 -32.73
C THR F 399 29.30 57.63 -33.82
N LYS F 400 30.09 57.07 -34.74
CA LYS F 400 29.54 56.31 -35.86
C LYS F 400 28.80 55.05 -35.39
N LYS F 401 29.35 54.38 -34.40
CA LYS F 401 28.77 53.13 -33.90
C LYS F 401 27.45 53.38 -33.19
N VAL F 402 27.35 54.51 -32.49
CA VAL F 402 26.13 54.87 -31.78
C VAL F 402 25.00 55.16 -32.77
N ARG F 403 25.30 55.97 -33.78
CA ARG F 403 24.32 56.32 -34.80
C ARG F 403 23.84 55.09 -35.56
N THR F 404 24.78 54.26 -35.98
CA THR F 404 24.47 53.05 -36.71
C THR F 404 24.00 51.94 -35.77
N SER F 420 18.61 59.66 -24.48
CA SER F 420 19.04 58.83 -25.60
C SER F 420 20.56 58.93 -25.81
N ALA F 421 21.11 58.01 -26.58
CA ALA F 421 22.54 57.99 -26.86
C ALA F 421 22.88 58.89 -28.04
N ARG F 422 21.92 59.06 -28.93
CA ARG F 422 22.13 59.87 -30.13
C ARG F 422 22.09 61.36 -29.78
N ALA F 423 21.48 61.68 -28.66
CA ALA F 423 21.39 63.06 -28.20
C ALA F 423 22.56 63.43 -27.30
N ALA F 424 23.16 62.41 -26.69
CA ALA F 424 24.27 62.63 -25.78
C ALA F 424 25.57 62.93 -26.53
N VAL F 425 25.67 62.43 -27.75
CA VAL F 425 26.87 62.62 -28.55
C VAL F 425 26.91 63.98 -29.22
N GLU F 426 25.74 64.58 -29.40
CA GLU F 426 25.65 65.90 -30.03
C GLU F 426 25.92 67.01 -29.03
N ASP F 427 25.59 66.77 -27.77
CA ASP F 427 25.81 67.76 -26.72
C ASP F 427 27.30 67.91 -26.43
N GLU F 428 27.80 69.14 -26.60
CA GLU F 428 29.21 69.42 -26.38
C GLU F 428 29.57 69.32 -24.91
N GLU F 429 28.60 69.60 -24.04
CA GLU F 429 28.81 69.55 -22.60
C GLU F 429 29.09 68.14 -22.11
N PHE F 430 28.57 67.16 -22.85
CA PHE F 430 28.79 65.76 -22.52
C PHE F 430 30.27 65.39 -22.62
N TRP F 431 30.88 65.73 -23.75
CA TRP F 431 32.28 65.43 -23.97
C TRP F 431 33.16 66.22 -23.02
N LYS F 432 32.68 67.37 -22.56
CA LYS F 432 33.38 68.17 -21.58
C LYS F 432 33.45 67.43 -20.25
N LEU F 433 32.33 66.82 -19.86
CA LEU F 433 32.27 66.02 -18.65
C LEU F 433 33.15 64.79 -18.78
N VAL F 434 33.18 64.24 -19.98
CA VAL F 434 34.03 63.09 -20.28
C VAL F 434 35.49 63.46 -20.12
N ASP F 435 35.86 64.65 -20.60
CA ASP F 435 37.22 65.14 -20.47
C ASP F 435 37.60 65.32 -19.00
N ARG F 436 36.64 65.76 -18.18
CA ARG F 436 36.87 65.95 -16.76
C ARG F 436 37.21 64.63 -16.09
N GLU F 437 36.50 63.56 -16.48
CA GLU F 437 36.71 62.25 -15.90
C GLU F 437 38.02 61.64 -16.41
N ARG F 438 38.38 61.97 -17.64
CA ARG F 438 39.62 61.47 -18.24
C ARG F 438 40.83 62.02 -17.49
N GLU F 439 40.79 63.32 -17.20
CA GLU F 439 41.88 63.98 -16.49
C GLU F 439 42.07 63.40 -15.09
N LEU F 440 40.97 62.92 -14.50
CA LEU F 440 41.04 62.27 -13.21
C LEU F 440 41.71 60.90 -13.33
N HIS F 441 41.40 60.21 -14.42
CA HIS F 441 42.00 58.90 -14.68
C HIS F 441 43.49 59.04 -14.97
N LYS F 442 43.89 60.18 -15.54
CA LYS F 442 45.29 60.45 -15.82
C LYS F 442 46.07 60.66 -14.52
N LEU F 443 45.35 61.06 -13.47
CA LEU F 443 45.95 61.21 -12.15
C LEU F 443 45.82 59.92 -11.36
N GLY F 444 45.11 58.95 -11.93
CA GLY F 444 44.88 57.68 -11.27
C GLY F 444 43.72 57.74 -10.31
N LYS F 445 42.72 58.54 -10.65
CA LYS F 445 41.55 58.71 -9.80
C LYS F 445 40.26 58.48 -10.59
N CYS F 446 39.27 57.89 -9.96
CA CYS F 446 37.99 57.66 -10.62
C CYS F 446 36.85 58.29 -9.82
N GLY F 447 35.83 58.76 -10.52
CA GLY F 447 34.75 59.49 -9.87
C GLY F 447 33.36 59.27 -10.42
N SER F 448 33.25 58.93 -11.70
CA SER F 448 31.93 58.84 -12.34
C SER F 448 31.63 57.46 -12.91
N CYS F 449 32.63 56.59 -12.96
CA CYS F 449 32.46 55.27 -13.54
C CYS F 449 31.79 54.30 -12.56
N VAL F 450 30.47 54.19 -12.65
CA VAL F 450 29.71 53.31 -11.78
C VAL F 450 28.78 52.41 -12.58
N TYR F 451 28.84 51.11 -12.32
CA TYR F 451 28.01 50.14 -13.02
C TYR F 451 26.59 50.08 -12.46
N ASN F 452 25.66 49.59 -13.28
CA ASN F 452 24.27 49.44 -12.86
C ASN F 452 23.74 48.06 -13.20
N MET F 453 22.74 47.61 -12.43
CA MET F 453 22.12 46.31 -12.66
C MET F 453 20.86 46.43 -13.49
N MET F 476 26.63 50.52 -17.88
CA MET F 476 26.78 51.77 -17.14
C MET F 476 26.52 52.98 -18.02
N TRP F 477 26.71 54.18 -17.47
CA TRP F 477 26.42 55.41 -18.20
C TRP F 477 27.41 55.62 -19.34
N LEU F 478 26.95 56.33 -20.36
CA LEU F 478 27.64 56.40 -21.65
C LEU F 478 29.09 56.87 -21.57
N GLY F 479 29.34 57.91 -20.79
CA GLY F 479 30.67 58.48 -20.68
C GLY F 479 31.71 57.51 -20.14
N ALA F 480 31.31 56.73 -19.13
CA ALA F 480 32.21 55.76 -18.53
C ALA F 480 32.56 54.67 -19.52
N ARG F 481 31.64 54.36 -20.41
CA ARG F 481 31.83 53.31 -21.40
C ARG F 481 32.75 53.80 -22.52
N TYR F 482 32.56 55.05 -22.95
CA TYR F 482 33.38 55.66 -23.99
C TYR F 482 34.84 55.69 -23.59
N LEU F 483 35.10 56.04 -22.33
CA LEU F 483 36.45 56.06 -21.80
C LEU F 483 37.06 54.66 -21.83
N GLU F 484 36.22 53.66 -21.61
CA GLU F 484 36.64 52.27 -21.71
C GLU F 484 36.84 51.89 -23.16
N PHE F 485 35.98 52.43 -24.03
CA PHE F 485 36.07 52.17 -25.46
C PHE F 485 37.28 52.85 -26.08
N GLU F 486 37.68 53.99 -25.51
CA GLU F 486 38.81 54.75 -26.03
C GLU F 486 40.12 54.00 -25.83
N ALA F 487 40.18 53.20 -24.76
CA ALA F 487 41.42 52.53 -24.40
C ALA F 487 41.43 51.07 -24.85
N LEU F 488 40.33 50.36 -24.62
CA LEU F 488 40.29 48.92 -24.88
C LEU F 488 39.43 48.57 -26.10
N GLY F 489 39.03 49.57 -26.86
CA GLY F 489 38.15 49.35 -28.00
C GLY F 489 38.87 48.78 -29.21
N PHE F 490 40.20 48.82 -29.17
CA PHE F 490 40.99 48.36 -30.31
C PHE F 490 40.89 46.85 -30.50
N LEU F 491 40.55 46.14 -29.44
CA LEU F 491 40.41 44.70 -29.50
C LEU F 491 39.27 44.26 -30.40
N ASN F 492 38.24 45.12 -30.48
CA ASN F 492 37.06 44.79 -31.28
C ASN F 492 37.09 45.41 -32.66
N GLU F 493 37.67 46.60 -32.76
CA GLU F 493 37.66 47.34 -34.02
C GLU F 493 38.77 46.86 -34.97
N ASP F 494 39.84 46.31 -34.41
CA ASP F 494 40.94 45.81 -35.22
C ASP F 494 40.90 44.29 -35.33
N HIS F 495 39.86 43.69 -34.76
CA HIS F 495 39.63 42.25 -34.85
C HIS F 495 40.82 41.44 -34.34
N TRP F 496 41.23 41.72 -33.11
CA TRP F 496 42.38 41.03 -32.51
C TRP F 496 42.09 39.55 -32.32
N PHE F 497 40.85 39.20 -32.03
CA PHE F 497 40.49 37.82 -31.74
C PHE F 497 39.88 37.11 -32.94
N SER F 498 40.22 37.57 -34.14
CA SER F 498 39.78 36.88 -35.36
C SER F 498 40.52 35.55 -35.48
N ARG F 499 40.01 34.67 -36.32
CA ARG F 499 40.61 33.36 -36.48
C ARG F 499 41.96 33.46 -37.19
N GLU F 500 42.15 34.53 -37.95
CA GLU F 500 43.40 34.74 -38.66
C GLU F 500 44.52 35.12 -37.70
N ASN F 501 44.21 35.97 -36.73
CA ASN F 501 45.22 36.50 -35.83
C ASN F 501 45.32 35.72 -34.53
N SER F 502 44.21 35.11 -34.11
CA SER F 502 44.16 34.44 -32.82
C SER F 502 44.10 32.92 -32.94
N TYR F 503 44.03 32.43 -34.18
CA TYR F 503 44.00 30.99 -34.46
C TYR F 503 42.77 30.28 -33.89
N SER F 504 42.43 30.58 -32.63
CA SER F 504 41.32 29.92 -31.96
C SER F 504 40.04 30.73 -32.00
N GLY F 505 40.18 32.05 -31.93
CA GLY F 505 39.03 32.95 -31.90
C GLY F 505 38.16 32.85 -33.14
N VAL F 506 36.92 33.32 -33.02
CA VAL F 506 35.97 33.28 -34.14
C VAL F 506 35.34 34.65 -34.37
N GLU F 507 36.07 35.70 -34.03
CA GLU F 507 35.56 37.06 -34.13
C GLU F 507 35.30 37.47 -35.58
N GLY F 508 34.08 37.97 -35.82
CA GLY F 508 33.71 38.48 -37.12
C GLY F 508 33.48 37.40 -38.16
N GLU F 509 33.51 36.14 -37.73
CA GLU F 509 33.35 35.03 -38.65
C GLU F 509 31.90 34.87 -39.06
N GLY F 510 30.99 34.98 -38.09
CA GLY F 510 29.57 34.88 -38.37
C GLY F 510 29.00 33.53 -37.99
N LEU F 511 27.70 33.49 -37.77
CA LEU F 511 27.01 32.28 -37.34
C LEU F 511 26.90 31.28 -38.49
N HIS F 512 26.95 31.79 -39.72
CA HIS F 512 26.81 30.96 -40.90
C HIS F 512 28.09 30.19 -41.22
N LYS F 513 29.19 30.59 -40.59
CA LYS F 513 30.47 29.95 -40.84
C LYS F 513 30.91 29.07 -39.68
N LEU F 514 30.20 29.15 -38.56
CA LEU F 514 30.57 28.40 -37.36
C LEU F 514 30.61 26.89 -37.59
N GLY F 515 29.58 26.37 -38.24
CA GLY F 515 29.48 24.95 -38.49
C GLY F 515 30.60 24.42 -39.36
N TYR F 516 30.99 25.21 -40.35
CA TYR F 516 32.06 24.82 -41.27
C TYR F 516 33.39 24.72 -40.53
N ILE F 517 33.59 25.61 -39.57
CA ILE F 517 34.82 25.62 -38.78
C ILE F 517 34.93 24.34 -37.94
N LEU F 518 33.84 23.98 -37.28
CA LEU F 518 33.81 22.79 -36.45
C LEU F 518 34.06 21.54 -37.29
N ARG F 519 33.56 21.53 -38.51
CA ARG F 519 33.77 20.41 -39.41
C ARG F 519 35.25 20.30 -39.75
N ASP F 520 35.91 21.44 -39.92
CA ASP F 520 37.34 21.48 -40.19
C ASP F 520 38.13 21.06 -38.96
N ILE F 521 37.59 21.35 -37.79
CA ILE F 521 38.21 20.93 -36.54
C ILE F 521 38.15 19.42 -36.42
N SER F 522 37.05 18.84 -36.88
CA SER F 522 36.87 17.40 -36.83
C SER F 522 37.90 16.67 -37.68
N LYS F 523 38.43 17.35 -38.68
CA LYS F 523 39.44 16.76 -39.56
C LYS F 523 40.77 16.60 -38.83
N ILE F 524 40.99 17.41 -37.80
CA ILE F 524 42.23 17.37 -37.04
C ILE F 524 42.34 16.08 -36.24
N PRO F 525 43.44 15.34 -36.45
CA PRO F 525 43.69 14.08 -35.74
C PRO F 525 43.77 14.28 -34.22
N GLY F 526 43.21 13.34 -33.47
CA GLY F 526 43.22 13.41 -32.02
C GLY F 526 42.10 12.62 -31.39
N GLY F 527 41.68 13.04 -30.20
CA GLY F 527 40.61 12.38 -29.49
C GLY F 527 39.25 12.94 -29.88
N ALA F 528 38.28 12.81 -28.98
CA ALA F 528 36.94 13.32 -29.22
C ALA F 528 36.89 14.84 -29.05
N MET F 529 35.84 15.45 -29.57
CA MET F 529 35.67 16.89 -29.47
C MET F 529 34.95 17.27 -28.19
N TYR F 530 35.64 18.00 -27.31
CA TYR F 530 35.09 18.38 -26.03
C TYR F 530 34.61 19.83 -26.04
N ALA F 531 33.46 20.08 -25.42
CA ALA F 531 32.91 21.42 -25.34
C ALA F 531 32.14 21.61 -24.03
N ASP F 532 32.88 21.89 -22.96
CA ASP F 532 32.26 22.06 -21.64
C ASP F 532 31.86 23.51 -21.40
N ASP F 533 30.62 23.70 -20.98
CA ASP F 533 30.11 25.04 -20.70
C ASP F 533 30.43 25.44 -19.27
N THR F 534 30.91 26.67 -19.09
CA THR F 534 31.29 27.14 -17.76
C THR F 534 30.12 27.83 -17.07
N ALA F 535 29.81 27.38 -15.86
CA ALA F 535 28.71 27.93 -15.09
C ALA F 535 29.05 29.31 -14.53
N GLY F 536 28.43 30.35 -15.11
CA GLY F 536 28.64 31.71 -14.65
C GLY F 536 30.07 32.15 -14.83
N TRP F 537 30.48 32.30 -16.09
CA TRP F 537 31.86 32.63 -16.42
C TRP F 537 32.32 33.94 -15.79
N ASP F 538 31.47 34.96 -15.85
CA ASP F 538 31.82 36.29 -15.34
C ASP F 538 32.08 36.29 -13.85
N THR F 539 31.52 35.29 -13.15
CA THR F 539 31.70 35.19 -11.71
C THR F 539 32.94 34.38 -11.36
N ARG F 540 33.52 33.73 -12.36
CA ARG F 540 34.69 32.88 -12.14
C ARG F 540 35.99 33.63 -12.40
N ILE F 541 35.88 34.87 -12.86
CA ILE F 541 37.06 35.68 -13.13
C ILE F 541 37.74 36.09 -11.82
N THR F 542 38.94 35.56 -11.61
CA THR F 542 39.69 35.83 -10.38
C THR F 542 40.51 37.12 -10.51
N GLU F 543 41.16 37.49 -9.40
CA GLU F 543 42.02 38.67 -9.40
C GLU F 543 43.23 38.41 -10.30
N ASP F 544 43.70 37.17 -10.32
CA ASP F 544 44.84 36.79 -11.13
C ASP F 544 44.48 36.84 -12.61
N ASP F 545 43.21 36.58 -12.92
CA ASP F 545 42.73 36.64 -14.28
C ASP F 545 42.80 38.07 -14.81
N LEU F 546 42.31 39.02 -14.02
CA LEU F 546 42.34 40.43 -14.38
C LEU F 546 43.76 40.95 -14.45
N HIS F 547 44.63 40.41 -13.60
CA HIS F 547 46.01 40.84 -13.53
C HIS F 547 46.78 40.38 -14.78
N ASN F 548 46.44 39.20 -15.26
CA ASN F 548 47.11 38.66 -16.45
C ASN F 548 46.64 39.34 -17.72
N GLU F 549 45.41 39.84 -17.71
CA GLU F 549 44.86 40.55 -18.85
C GLU F 549 45.45 41.95 -18.96
N GLU F 550 46.09 42.40 -17.89
CA GLU F 550 46.64 43.74 -17.80
C GLU F 550 47.95 43.87 -18.58
N LYS F 551 48.60 42.74 -18.80
CA LYS F 551 49.92 42.71 -19.45
C LYS F 551 49.91 43.20 -20.89
N ILE F 552 48.72 43.46 -21.43
CA ILE F 552 48.58 44.00 -22.77
C ILE F 552 49.05 45.46 -22.80
N THR F 553 49.06 46.09 -21.64
CA THR F 553 49.47 47.49 -21.53
C THR F 553 50.94 47.67 -21.86
N GLN F 554 51.69 46.58 -21.88
CA GLN F 554 53.11 46.62 -22.20
C GLN F 554 53.33 46.93 -23.68
N GLN F 555 52.34 46.63 -24.51
CA GLN F 555 52.45 46.85 -25.95
C GLN F 555 51.82 48.17 -26.38
N MET F 556 51.55 49.03 -25.42
CA MET F 556 50.88 50.29 -25.71
C MET F 556 51.79 51.50 -25.58
N ASP F 557 51.41 52.58 -26.25
CA ASP F 557 52.12 53.84 -26.16
C ASP F 557 51.98 54.43 -24.76
N PRO F 558 52.97 55.23 -24.32
CA PRO F 558 52.94 55.89 -23.02
C PRO F 558 51.63 56.65 -22.75
N GLU F 559 51.07 57.26 -23.80
CA GLU F 559 49.80 57.97 -23.66
C GLU F 559 48.64 56.98 -23.68
N HIS F 560 48.85 55.85 -24.35
CA HIS F 560 47.83 54.80 -24.43
C HIS F 560 47.88 53.93 -23.17
N ARG F 561 49.10 53.65 -22.72
CA ARG F 561 49.31 52.83 -21.53
C ARG F 561 48.69 53.47 -20.30
N GLN F 562 48.84 54.79 -20.19
CA GLN F 562 48.34 55.52 -19.03
C GLN F 562 46.82 55.46 -18.93
N LEU F 563 46.15 55.69 -20.05
CA LEU F 563 44.69 55.68 -20.07
C LEU F 563 44.12 54.27 -19.86
N ALA F 564 44.82 53.28 -20.40
CA ALA F 564 44.35 51.90 -20.29
C ALA F 564 44.60 51.35 -18.89
N ASN F 565 45.73 51.71 -18.30
CA ASN F 565 46.08 51.25 -16.97
C ASN F 565 45.09 51.75 -15.92
N ALA F 566 44.42 52.86 -16.24
CA ALA F 566 43.42 53.42 -15.35
C ALA F 566 42.18 52.52 -15.30
N ILE F 567 41.68 52.15 -16.47
CA ILE F 567 40.48 51.33 -16.58
C ILE F 567 40.66 49.98 -15.89
N PHE F 568 41.83 49.36 -16.06
CA PHE F 568 42.11 48.07 -15.45
C PHE F 568 42.16 48.16 -13.93
N LYS F 569 42.70 49.26 -13.41
CA LYS F 569 42.89 49.39 -11.97
C LYS F 569 41.71 50.08 -11.28
N LEU F 570 41.08 51.03 -11.96
CA LEU F 570 40.04 51.84 -11.33
C LEU F 570 38.62 51.41 -11.71
N THR F 571 38.50 50.55 -12.71
CA THR F 571 37.17 50.17 -13.19
C THR F 571 36.98 48.65 -13.24
N TYR F 572 38.07 47.93 -13.47
CA TYR F 572 37.99 46.48 -13.57
C TYR F 572 38.35 45.79 -12.25
N GLN F 573 39.58 46.03 -11.79
CA GLN F 573 40.03 45.42 -10.54
C GLN F 573 39.33 46.02 -9.33
N ASN F 574 38.67 47.15 -9.55
CA ASN F 574 37.85 47.79 -8.52
C ASN F 574 36.65 48.49 -9.16
N LYS F 575 35.45 48.11 -8.73
CA LYS F 575 34.25 48.68 -9.32
C LYS F 575 33.10 48.82 -8.33
N VAL F 576 32.26 49.83 -8.57
CA VAL F 576 31.11 50.09 -7.72
C VAL F 576 29.82 49.81 -8.49
N VAL F 577 28.90 49.08 -7.87
CA VAL F 577 27.67 48.68 -8.55
C VAL F 577 26.42 49.13 -7.79
N LYS F 578 25.49 49.76 -8.52
CA LYS F 578 24.20 50.16 -7.95
C LYS F 578 23.17 49.04 -8.14
N VAL F 579 22.40 48.77 -7.08
CA VAL F 579 21.39 47.72 -7.13
C VAL F 579 20.23 48.03 -6.17
N GLN F 580 19.02 47.92 -6.69
CA GLN F 580 17.82 48.17 -5.89
C GLN F 580 17.53 47.01 -4.95
N ARG F 581 17.13 47.34 -3.73
CA ARG F 581 16.77 46.32 -2.74
C ARG F 581 15.51 46.71 -1.98
N PRO F 582 14.51 45.82 -1.97
CA PRO F 582 13.24 46.04 -1.28
C PRO F 582 13.39 45.99 0.24
N THR F 583 12.72 46.92 0.93
CA THR F 583 12.75 46.98 2.38
C THR F 583 11.33 47.12 2.92
N PRO F 584 11.12 46.79 4.21
CA PRO F 584 9.79 46.97 4.79
C PRO F 584 9.33 48.43 4.82
N LYS F 585 10.28 49.36 4.68
CA LYS F 585 9.94 50.78 4.65
C LYS F 585 9.72 51.26 3.22
N GLY F 586 10.29 50.52 2.25
CA GLY F 586 10.15 50.88 0.85
C GLY F 586 11.25 50.27 -0.01
N THR F 587 11.67 51.00 -1.03
CA THR F 587 12.74 50.53 -1.90
C THR F 587 13.97 51.41 -1.79
N VAL F 588 15.13 50.80 -1.56
CA VAL F 588 16.37 51.55 -1.40
C VAL F 588 17.42 51.12 -2.43
N MET F 589 18.39 52.00 -2.65
CA MET F 589 19.48 51.72 -3.57
C MET F 589 20.78 51.49 -2.81
N ASP F 590 21.35 50.30 -2.93
CA ASP F 590 22.56 49.95 -2.21
C ASP F 590 23.82 50.28 -3.00
N ILE F 591 24.93 50.44 -2.29
CA ILE F 591 26.23 50.70 -2.91
C ILE F 591 27.24 49.64 -2.48
N ILE F 592 27.70 48.86 -3.44
CA ILE F 592 28.61 47.75 -3.16
C ILE F 592 29.87 47.81 -4.01
N SER F 593 30.85 46.98 -3.66
CA SER F 593 32.11 46.93 -4.38
C SER F 593 32.80 45.59 -4.23
N ARG F 594 33.65 45.25 -5.20
CA ARG F 594 34.37 43.98 -5.18
C ARG F 594 35.61 44.06 -6.06
N LYS F 595 36.62 43.26 -5.72
CA LYS F 595 37.91 43.36 -6.40
C LYS F 595 38.04 42.41 -7.60
N ASP F 596 37.15 41.44 -7.73
CA ASP F 596 37.21 40.51 -8.85
C ASP F 596 35.97 40.60 -9.73
N GLN F 597 35.44 39.44 -10.11
CA GLN F 597 34.25 39.34 -10.96
C GLN F 597 34.45 39.99 -12.32
N ARG F 598 33.39 40.02 -13.12
CA ARG F 598 33.45 40.60 -14.46
C ARG F 598 32.18 41.39 -14.79
N GLY F 599 32.36 42.63 -15.24
CA GLY F 599 31.24 43.45 -15.63
C GLY F 599 30.64 42.99 -16.95
N SER F 600 29.36 42.67 -16.94
CA SER F 600 28.68 42.18 -18.13
C SER F 600 28.48 43.28 -19.16
N GLY F 601 28.43 44.53 -18.69
CA GLY F 601 28.18 45.66 -19.56
C GLY F 601 29.45 46.37 -20.00
N GLN F 602 30.59 45.69 -19.82
CA GLN F 602 31.88 46.26 -20.17
C GLN F 602 32.16 46.10 -21.67
N VAL F 603 33.00 46.98 -22.21
CA VAL F 603 33.33 46.97 -23.63
C VAL F 603 34.18 45.77 -24.00
N GLY F 604 35.25 45.55 -23.26
CA GLY F 604 36.16 44.45 -23.53
C GLY F 604 35.70 43.14 -22.92
N THR F 605 34.39 43.00 -22.73
CA THR F 605 33.83 41.79 -22.14
C THR F 605 34.06 40.57 -23.02
N TYR F 606 33.68 40.70 -24.29
CA TYR F 606 33.82 39.59 -25.24
C TYR F 606 35.28 39.25 -25.49
N GLY F 607 36.12 40.27 -25.50
CA GLY F 607 37.54 40.07 -25.78
C GLY F 607 38.29 39.39 -24.66
N LEU F 608 38.26 39.98 -23.48
CA LEU F 608 39.02 39.47 -22.34
C LEU F 608 38.55 38.09 -21.91
N ASN F 609 37.24 37.84 -22.01
CA ASN F 609 36.70 36.53 -21.66
C ASN F 609 37.18 35.47 -22.65
N THR F 610 37.30 35.86 -23.91
CA THR F 610 37.78 34.95 -24.93
C THR F 610 39.26 34.67 -24.71
N PHE F 611 40.00 35.72 -24.34
CA PHE F 611 41.43 35.59 -24.07
C PHE F 611 41.68 34.65 -22.91
N THR F 612 41.02 34.93 -21.79
CA THR F 612 41.19 34.13 -20.58
C THR F 612 40.78 32.69 -20.82
N ASN F 613 39.73 32.50 -21.62
CA ASN F 613 39.28 31.15 -21.94
C ASN F 613 40.30 30.41 -22.78
N MET F 614 40.92 31.13 -23.73
CA MET F 614 42.00 30.56 -24.53
C MET F 614 43.16 30.18 -23.63
N GLU F 615 43.45 31.05 -22.67
CA GLU F 615 44.50 30.79 -21.69
C GLU F 615 44.17 29.56 -20.85
N ALA F 616 42.91 29.44 -20.47
CA ALA F 616 42.47 28.35 -19.62
C ALA F 616 42.57 27.01 -20.33
N GLN F 617 42.06 26.96 -21.56
CA GLN F 617 42.03 25.71 -22.32
C GLN F 617 43.43 25.20 -22.63
N LEU F 618 44.37 26.12 -22.85
CA LEU F 618 45.76 25.72 -23.09
C LEU F 618 46.34 25.05 -21.86
N ILE F 619 46.05 25.62 -20.70
CA ILE F 619 46.53 25.07 -19.43
C ILE F 619 46.00 23.66 -19.23
N ARG F 620 44.73 23.45 -19.56
CA ARG F 620 44.10 22.15 -19.36
C ARG F 620 44.72 21.09 -20.27
N GLN F 621 45.14 21.49 -21.46
CA GLN F 621 45.74 20.56 -22.39
C GLN F 621 47.13 20.14 -21.92
N MET F 622 47.79 21.02 -21.17
CA MET F 622 49.09 20.70 -20.60
C MET F 622 48.96 19.57 -19.60
N GLU F 623 47.92 19.65 -18.77
CA GLU F 623 47.66 18.64 -17.75
C GLU F 623 47.34 17.29 -18.38
N GLY F 624 46.63 17.32 -19.50
CA GLY F 624 46.25 16.12 -20.21
C GLY F 624 47.45 15.39 -20.79
N GLU F 625 48.41 16.16 -21.27
CA GLU F 625 49.61 15.59 -21.89
C GLU F 625 50.62 15.14 -20.84
N GLY F 626 50.49 15.65 -19.63
CA GLY F 626 51.38 15.30 -18.54
C GLY F 626 52.39 16.37 -18.24
N VAL F 627 52.23 17.53 -18.88
CA VAL F 627 53.12 18.66 -18.66
C VAL F 627 52.93 19.21 -17.25
N LEU F 628 51.68 19.43 -16.88
CA LEU F 628 51.36 19.93 -15.54
C LEU F 628 50.86 18.81 -14.64
N SER F 629 51.52 18.63 -13.51
CA SER F 629 51.12 17.60 -12.55
C SER F 629 50.48 18.22 -11.32
N LYS F 630 49.98 17.38 -10.43
CA LYS F 630 49.36 17.84 -9.20
C LYS F 630 50.37 18.50 -8.27
N ALA F 631 51.63 18.13 -8.41
CA ALA F 631 52.70 18.68 -7.59
C ALA F 631 53.14 20.04 -8.10
N ASP F 632 53.03 20.24 -9.41
CA ASP F 632 53.45 21.50 -10.03
C ASP F 632 52.54 22.66 -9.61
N LEU F 633 51.25 22.38 -9.52
CA LEU F 633 50.28 23.41 -9.15
C LEU F 633 50.50 23.89 -7.72
N GLU F 634 50.92 22.98 -6.85
CA GLU F 634 51.17 23.32 -5.46
C GLU F 634 52.55 23.92 -5.29
N ASN F 635 53.43 23.65 -6.24
CA ASN F 635 54.81 24.13 -6.19
C ASN F 635 54.92 25.61 -6.53
N PRO F 636 55.32 26.43 -5.55
CA PRO F 636 55.48 27.88 -5.75
C PRO F 636 56.64 28.20 -6.69
N HIS F 637 57.53 27.24 -6.91
CA HIS F 637 58.65 27.43 -7.81
C HIS F 637 58.72 26.33 -8.86
N PRO F 638 57.83 26.38 -9.85
CA PRO F 638 57.83 25.39 -10.93
C PRO F 638 58.74 25.80 -12.08
N LEU F 639 59.50 24.84 -12.62
CA LEU F 639 60.42 25.13 -13.71
C LEU F 639 59.68 25.59 -14.96
N GLU F 640 59.98 26.82 -15.39
CA GLU F 640 59.30 27.43 -16.51
C GLU F 640 59.73 26.86 -17.85
N LYS F 641 60.80 26.07 -17.84
CA LYS F 641 61.39 25.55 -19.06
C LYS F 641 60.44 24.62 -19.82
N LYS F 642 59.83 23.67 -19.10
CA LYS F 642 58.92 22.73 -19.74
C LYS F 642 57.64 23.41 -20.18
N ILE F 643 57.27 24.49 -19.50
CA ILE F 643 56.07 25.23 -19.83
C ILE F 643 56.30 26.11 -21.05
N THR F 644 57.44 26.80 -21.05
CA THR F 644 57.79 27.69 -22.14
C THR F 644 58.01 26.91 -23.43
N GLN F 645 58.74 25.81 -23.33
CA GLN F 645 59.05 25.01 -24.52
C GLN F 645 57.80 24.42 -25.15
N TRP F 646 56.85 24.00 -24.30
CA TRP F 646 55.60 23.45 -24.79
C TRP F 646 54.78 24.52 -25.51
N LEU F 647 54.87 25.75 -25.03
CA LEU F 647 54.14 26.86 -25.62
C LEU F 647 54.79 27.36 -26.91
N GLU F 648 56.10 27.18 -27.01
CA GLU F 648 56.83 27.65 -28.18
C GLU F 648 56.80 26.63 -29.31
N THR F 649 56.70 25.35 -28.95
CA THR F 649 56.70 24.28 -29.95
C THR F 649 55.28 23.94 -30.42
N LYS F 650 54.44 23.51 -29.49
CA LYS F 650 53.11 23.02 -29.85
C LYS F 650 52.03 24.03 -29.51
N GLY F 651 52.43 25.16 -28.94
CA GLY F 651 51.50 26.18 -28.49
C GLY F 651 50.52 26.65 -29.54
N VAL F 652 51.05 27.13 -30.66
CA VAL F 652 50.22 27.63 -31.75
C VAL F 652 49.39 26.52 -32.35
N GLU F 653 49.95 25.32 -32.39
CA GLU F 653 49.26 24.16 -32.97
C GLU F 653 48.02 23.81 -32.16
N ARG F 654 48.12 23.94 -30.84
CA ARG F 654 46.98 23.65 -29.97
C ARG F 654 45.88 24.69 -30.15
N LEU F 655 46.27 25.92 -30.45
CA LEU F 655 45.32 27.00 -30.67
C LEU F 655 44.47 26.76 -31.91
N LYS F 656 45.05 26.05 -32.87
CA LYS F 656 44.35 25.73 -34.11
C LYS F 656 43.33 24.62 -33.89
N ARG F 657 43.46 23.91 -32.77
CA ARG F 657 42.56 22.80 -32.45
C ARG F 657 41.28 23.28 -31.78
N MET F 658 41.23 24.57 -31.43
CA MET F 658 40.13 25.08 -30.65
C MET F 658 39.34 26.18 -31.36
N ALA F 659 38.07 26.30 -30.99
CA ALA F 659 37.21 27.36 -31.47
C ALA F 659 36.51 28.02 -30.28
N ILE F 660 37.03 29.17 -29.86
CA ILE F 660 36.58 29.80 -28.63
C ILE F 660 35.94 31.16 -28.87
N SER F 661 34.69 31.30 -28.42
CA SER F 661 33.97 32.56 -28.52
C SER F 661 33.36 32.93 -27.17
N GLY F 662 34.03 33.81 -26.45
CA GLY F 662 33.56 34.22 -25.14
C GLY F 662 33.81 33.15 -24.09
N ASP F 663 32.74 32.65 -23.51
CA ASP F 663 32.85 31.60 -22.50
C ASP F 663 32.69 30.22 -23.13
N ASP F 664 32.09 30.18 -24.32
CA ASP F 664 31.93 28.92 -25.04
C ASP F 664 33.26 28.50 -25.66
N CYS F 665 33.48 27.19 -25.73
CA CYS F 665 34.73 26.68 -26.26
C CYS F 665 34.60 25.24 -26.75
N VAL F 666 35.25 24.95 -27.87
CA VAL F 666 35.29 23.60 -28.42
C VAL F 666 36.72 23.17 -28.63
N VAL F 667 37.15 22.13 -27.92
CA VAL F 667 38.54 21.69 -27.97
C VAL F 667 38.67 20.24 -28.43
N LYS F 668 39.48 20.02 -29.45
CA LYS F 668 39.78 18.67 -29.90
C LYS F 668 41.26 18.37 -29.68
N PRO F 669 41.59 17.79 -28.51
CA PRO F 669 42.96 17.52 -28.09
C PRO F 669 43.62 16.37 -28.83
N ILE F 670 44.80 15.98 -28.38
CA ILE F 670 45.55 14.89 -29.00
C ILE F 670 44.95 13.55 -28.64
N ASP F 671 44.47 13.43 -27.40
CA ASP F 671 43.87 12.20 -26.93
C ASP F 671 42.77 12.50 -25.91
N ASP F 672 42.19 11.44 -25.35
CA ASP F 672 41.07 11.60 -24.43
C ASP F 672 41.52 11.72 -22.98
N ARG F 673 42.80 11.96 -22.77
CA ARG F 673 43.31 12.23 -21.42
C ARG F 673 42.84 13.60 -20.97
N PHE F 674 42.47 14.42 -21.95
CA PHE F 674 41.94 15.75 -21.70
C PHE F 674 40.68 15.70 -20.86
N ALA F 675 39.91 14.63 -21.02
CA ALA F 675 38.66 14.47 -20.28
C ALA F 675 38.92 14.28 -18.79
N ASN F 676 40.03 13.63 -18.46
CA ASN F 676 40.37 13.35 -17.07
C ASN F 676 41.30 14.38 -16.47
N ALA F 677 41.38 15.55 -17.10
CA ALA F 677 42.21 16.64 -16.61
C ALA F 677 41.37 17.76 -16.03
N LEU F 678 41.20 17.76 -14.72
CA LEU F 678 40.32 18.71 -14.06
C LEU F 678 40.99 19.40 -12.88
N LEU F 679 42.26 19.05 -12.64
CA LEU F 679 42.98 19.61 -11.50
C LEU F 679 43.19 21.11 -11.66
N ALA F 680 43.77 21.52 -12.79
CA ALA F 680 44.09 22.91 -13.03
C ALA F 680 42.85 23.72 -13.38
N LEU F 681 41.88 23.06 -13.99
CA LEU F 681 40.65 23.73 -14.41
C LEU F 681 39.84 24.22 -13.21
N ASN F 682 39.70 23.35 -12.21
CA ASN F 682 38.94 23.70 -11.02
C ASN F 682 39.67 24.72 -10.15
N ASP F 683 41.00 24.66 -10.15
CA ASP F 683 41.79 25.54 -9.31
C ASP F 683 41.77 26.98 -9.83
N MET F 684 41.57 27.13 -11.13
CA MET F 684 41.50 28.46 -11.74
C MET F 684 40.15 29.09 -11.48
N GLY F 685 39.24 28.31 -10.90
CA GLY F 685 37.91 28.80 -10.56
C GLY F 685 36.89 28.47 -11.62
N LYS F 686 37.36 28.03 -12.78
CA LYS F 686 36.47 27.70 -13.89
C LYS F 686 35.80 26.34 -13.69
N VAL F 687 34.65 26.35 -13.04
CA VAL F 687 33.91 25.11 -12.79
C VAL F 687 32.85 24.89 -13.87
N ARG F 688 32.83 23.68 -14.42
CA ARG F 688 31.91 23.34 -15.50
C ARG F 688 30.46 23.36 -15.02
N LYS F 689 29.53 23.40 -15.97
CA LYS F 689 28.11 23.52 -15.66
C LYS F 689 27.38 22.19 -15.73
N ASP F 690 26.49 21.97 -14.77
CA ASP F 690 25.63 20.78 -14.73
C ASP F 690 26.41 19.48 -14.77
N ILE F 691 27.49 19.43 -13.99
CA ILE F 691 28.33 18.24 -13.91
C ILE F 691 29.23 18.33 -12.67
N PRO F 692 29.32 17.24 -11.90
CA PRO F 692 30.16 17.20 -10.70
C PRO F 692 31.58 17.71 -10.94
N GLN F 693 32.20 18.22 -9.88
CA GLN F 693 33.49 18.88 -9.99
C GLN F 693 34.60 17.95 -10.46
N TRP F 694 34.49 16.67 -10.14
CA TRP F 694 35.55 15.72 -10.46
C TRP F 694 35.09 14.62 -11.42
N GLN F 695 34.06 14.91 -12.21
CA GLN F 695 33.59 13.94 -13.19
C GLN F 695 34.21 14.22 -14.56
N PRO F 696 34.79 13.17 -15.18
CA PRO F 696 35.41 13.25 -16.51
C PRO F 696 34.44 13.79 -17.57
N SER F 697 34.94 14.67 -18.43
CA SER F 697 34.11 15.29 -19.46
C SER F 697 33.66 14.27 -20.51
N LYS F 698 32.55 14.56 -21.17
CA LYS F 698 32.04 13.71 -22.23
C LYS F 698 32.20 14.40 -23.57
N GLY F 699 32.99 13.78 -24.46
CA GLY F 699 33.25 14.36 -25.76
C GLY F 699 32.47 13.70 -26.87
N TRP F 700 32.49 14.33 -28.04
CA TRP F 700 31.79 13.80 -29.21
C TRP F 700 32.76 13.55 -30.35
N HIS F 701 32.47 12.52 -31.15
CA HIS F 701 33.26 12.23 -32.33
C HIS F 701 32.54 12.73 -33.59
N ASP F 702 31.30 13.15 -33.42
CA ASP F 702 30.52 13.72 -34.51
C ASP F 702 30.33 15.21 -34.30
N TRP F 703 30.83 16.02 -35.24
CA TRP F 703 30.78 17.47 -35.11
C TRP F 703 29.34 17.99 -35.17
N GLN F 704 28.44 17.19 -35.72
CA GLN F 704 27.05 17.59 -35.87
C GLN F 704 26.32 17.63 -34.52
N GLN F 705 26.83 16.86 -33.56
CA GLN F 705 26.22 16.81 -32.24
C GLN F 705 26.97 17.70 -31.25
N VAL F 706 28.00 18.38 -31.74
CA VAL F 706 28.79 19.27 -30.89
C VAL F 706 28.12 20.63 -30.72
N PRO F 707 27.84 21.00 -29.47
CA PRO F 707 27.21 22.28 -29.15
C PRO F 707 28.20 23.45 -29.12
N PHE F 708 27.81 24.58 -29.70
CA PHE F 708 28.66 25.76 -29.71
C PHE F 708 27.82 27.01 -29.98
N CYS F 709 27.97 28.01 -29.11
CA CYS F 709 27.20 29.25 -29.20
C CYS F 709 25.70 28.98 -29.25
N SER F 710 25.24 28.14 -28.33
CA SER F 710 23.82 27.78 -28.21
C SER F 710 23.27 27.19 -29.51
N HIS F 711 24.12 26.50 -30.26
CA HIS F 711 23.72 25.93 -31.54
C HIS F 711 24.47 24.64 -31.87
N HIS F 712 23.83 23.78 -32.66
CA HIS F 712 24.51 22.64 -33.27
C HIS F 712 24.40 22.78 -34.78
N PHE F 713 25.13 21.97 -35.53
CA PHE F 713 25.20 22.15 -36.97
C PHE F 713 25.04 20.86 -37.76
N HIS F 714 24.09 20.87 -38.69
CA HIS F 714 23.83 19.72 -39.54
C HIS F 714 24.42 19.90 -40.93
N GLU F 715 24.70 18.78 -41.60
CA GLU F 715 25.21 18.82 -42.96
C GLU F 715 24.10 18.51 -43.97
N LEU F 716 23.60 19.54 -44.63
CA LEU F 716 22.50 19.38 -45.58
C LEU F 716 22.98 19.00 -46.97
N ILE F 717 22.11 18.32 -47.71
CA ILE F 717 22.39 17.97 -49.10
C ILE F 717 21.30 18.55 -50.00
N MET F 718 21.68 19.53 -50.80
CA MET F 718 20.72 20.20 -51.69
C MET F 718 20.24 19.26 -52.78
N LYS F 719 19.17 19.67 -53.47
CA LYS F 719 18.62 18.87 -54.56
C LYS F 719 19.61 18.78 -55.71
N ASP F 720 20.45 19.80 -55.84
CA ASP F 720 21.49 19.83 -56.87
C ASP F 720 22.60 18.85 -56.54
N GLY F 721 22.74 18.52 -55.26
CA GLY F 721 23.78 17.60 -54.83
C GLY F 721 24.85 18.31 -54.02
N ARG F 722 24.77 19.63 -53.98
CA ARG F 722 25.74 20.42 -53.22
C ARG F 722 25.48 20.30 -51.72
N LYS F 723 26.53 20.47 -50.93
CA LYS F 723 26.43 20.31 -49.48
C LYS F 723 26.36 21.65 -48.75
N LEU F 724 25.57 21.69 -47.68
CA LEU F 724 25.42 22.88 -46.85
C LEU F 724 25.52 22.55 -45.36
N VAL F 725 26.28 23.34 -44.62
CA VAL F 725 26.37 23.18 -43.18
C VAL F 725 25.56 24.28 -42.51
N VAL F 726 24.43 23.90 -41.93
CA VAL F 726 23.49 24.88 -41.38
C VAL F 726 23.44 24.84 -39.85
N PRO F 727 23.20 26.00 -39.23
CA PRO F 727 23.05 26.09 -37.77
C PRO F 727 21.69 25.56 -37.33
N CYS F 728 21.61 25.08 -36.10
CA CYS F 728 20.36 24.53 -35.58
C CYS F 728 20.32 24.53 -34.05
N ARG F 729 19.11 24.62 -33.50
CA ARG F 729 18.89 24.59 -32.07
C ARG F 729 17.43 24.23 -31.81
N PRO F 730 17.09 23.81 -30.58
CA PRO F 730 15.70 23.50 -30.24
C PRO F 730 14.72 24.58 -30.69
N GLN F 731 13.75 24.18 -31.51
CA GLN F 731 12.81 25.12 -32.13
C GLN F 731 12.05 25.94 -31.10
N ASP F 732 11.81 25.34 -29.94
CA ASP F 732 11.08 26.02 -28.87
C ASP F 732 11.83 27.24 -28.35
N GLU F 733 13.15 27.23 -28.51
CA GLU F 733 13.99 28.32 -28.01
C GLU F 733 13.90 29.55 -28.90
N LEU F 734 13.96 29.33 -30.22
CA LEU F 734 13.91 30.42 -31.18
C LEU F 734 12.56 31.14 -31.14
N ILE F 735 11.49 30.36 -31.12
CA ILE F 735 10.14 30.92 -31.09
C ILE F 735 9.88 31.59 -29.74
N GLY F 736 10.41 30.99 -28.68
CA GLY F 736 10.29 31.56 -27.35
C GLY F 736 11.04 32.88 -27.24
N ARG F 737 12.08 33.02 -28.05
CA ARG F 737 12.87 34.25 -28.07
C ARG F 737 12.20 35.30 -28.95
N ALA F 738 11.56 34.85 -30.02
CA ALA F 738 10.92 35.76 -30.98
C ALA F 738 9.70 36.44 -30.38
N ARG F 739 9.08 35.79 -29.41
CA ARG F 739 7.89 36.33 -28.76
C ARG F 739 8.25 37.35 -27.69
N ILE F 740 9.55 37.57 -27.49
CA ILE F 740 10.02 38.52 -26.50
C ILE F 740 10.39 39.85 -27.17
N SER F 741 9.90 40.94 -26.59
CA SER F 741 10.22 42.28 -27.08
C SER F 741 11.00 43.04 -26.02
N GLN F 742 12.26 43.35 -26.32
CA GLN F 742 13.11 44.09 -25.41
C GLN F 742 12.53 45.46 -25.08
N GLY F 743 12.31 45.72 -23.79
CA GLY F 743 11.70 46.97 -23.36
C GLY F 743 10.19 46.87 -23.38
N ALA F 744 9.53 47.84 -22.77
CA ALA F 744 8.08 47.85 -22.72
C ALA F 744 7.51 49.12 -23.33
N GLY F 745 6.23 49.07 -23.68
CA GLY F 745 5.55 50.22 -24.24
C GLY F 745 5.91 50.49 -25.69
N TRP F 746 6.33 49.44 -26.40
CA TRP F 746 6.67 49.57 -27.81
C TRP F 746 5.41 49.64 -28.67
N SER F 747 5.42 50.53 -29.65
CA SER F 747 4.28 50.68 -30.54
C SER F 747 4.15 49.48 -31.47
N LEU F 748 3.05 49.42 -32.19
CA LEU F 748 2.76 48.30 -33.09
C LEU F 748 3.80 48.23 -34.22
N ARG F 749 4.21 49.39 -34.72
CA ARG F 749 5.19 49.45 -35.78
C ARG F 749 6.56 49.00 -35.28
N GLU F 750 6.95 49.50 -34.12
CA GLU F 750 8.21 49.11 -33.50
C GLU F 750 8.22 47.62 -33.20
N THR F 751 7.05 47.09 -32.84
CA THR F 751 6.92 45.68 -32.54
C THR F 751 6.96 44.85 -33.82
N ALA F 752 6.27 45.32 -34.85
CA ALA F 752 6.21 44.61 -36.12
C ALA F 752 7.58 44.58 -36.79
N CYS F 753 8.27 45.72 -36.78
CA CYS F 753 9.60 45.80 -37.36
C CYS F 753 10.58 44.92 -36.61
N LEU F 754 10.32 44.73 -35.32
CA LEU F 754 11.12 43.82 -34.51
C LEU F 754 10.80 42.38 -34.89
N GLY F 755 9.54 42.15 -35.27
CA GLY F 755 9.10 40.82 -35.66
C GLY F 755 9.61 40.42 -37.02
N LYS F 756 9.69 41.38 -37.94
CA LYS F 756 10.16 41.11 -39.30
C LYS F 756 11.64 40.78 -39.29
N ALA F 757 12.35 41.35 -38.32
CA ALA F 757 13.78 41.09 -38.16
C ALA F 757 14.03 39.62 -37.84
N TYR F 758 13.25 39.10 -36.89
CA TYR F 758 13.34 37.70 -36.52
C TYR F 758 12.90 36.79 -37.67
N ALA F 759 11.95 37.29 -38.47
CA ALA F 759 11.43 36.52 -39.59
C ALA F 759 12.49 36.34 -40.67
N GLN F 760 13.18 37.43 -40.98
CA GLN F 760 14.22 37.39 -42.00
C GLN F 760 15.45 36.63 -41.51
N MET F 761 15.66 36.65 -40.20
CA MET F 761 16.76 35.90 -39.61
C MET F 761 16.54 34.41 -39.79
N TRP F 762 15.30 33.97 -39.61
CA TRP F 762 14.95 32.56 -39.79
C TRP F 762 15.08 32.17 -41.26
N ALA F 763 14.70 33.07 -42.15
CA ALA F 763 14.75 32.79 -43.58
C ALA F 763 16.19 32.69 -44.06
N LEU F 764 17.10 33.29 -43.32
CA LEU F 764 18.51 33.32 -43.71
C LEU F 764 19.29 32.18 -43.05
N MET F 765 19.01 31.92 -41.78
CA MET F 765 19.76 30.94 -41.01
C MET F 765 19.01 29.63 -40.82
N TYR F 766 17.80 29.71 -40.30
CA TYR F 766 17.04 28.52 -39.97
C TYR F 766 15.97 28.19 -41.01
N PHE F 767 16.34 28.35 -42.27
CA PHE F 767 15.44 28.09 -43.38
C PHE F 767 15.09 26.61 -43.51
N HIS F 768 15.98 25.76 -43.00
CA HIS F 768 15.81 24.32 -43.11
C HIS F 768 14.71 23.79 -42.20
N ARG F 769 14.27 24.61 -41.26
CA ARG F 769 13.19 24.24 -40.35
C ARG F 769 11.85 24.50 -41.01
N ARG F 770 11.03 23.46 -41.12
CA ARG F 770 9.75 23.56 -41.81
C ARG F 770 8.78 24.53 -41.13
N ASP F 771 8.76 24.51 -39.81
CA ASP F 771 7.85 25.37 -39.06
C ASP F 771 8.29 26.83 -39.11
N LEU F 772 9.59 27.05 -39.18
CA LEU F 772 10.15 28.40 -39.12
C LEU F 772 10.06 29.13 -40.45
N ARG F 773 10.30 28.43 -41.54
CA ARG F 773 10.22 29.06 -42.86
C ARG F 773 8.79 29.43 -43.20
N LEU F 774 7.86 28.56 -42.82
CA LEU F 774 6.44 28.81 -43.06
C LEU F 774 6.00 30.01 -42.26
N ALA F 775 6.50 30.11 -41.03
CA ALA F 775 6.19 31.23 -40.15
C ALA F 775 6.84 32.51 -40.68
N SER F 776 8.06 32.38 -41.21
CA SER F 776 8.79 33.52 -41.73
C SER F 776 8.07 34.11 -42.93
N ASN F 777 7.50 33.25 -43.77
CA ASN F 777 6.73 33.71 -44.92
C ASN F 777 5.38 34.25 -44.49
N ALA F 778 4.94 33.89 -43.28
CA ALA F 778 3.69 34.37 -42.75
C ALA F 778 3.85 35.75 -42.14
N ILE F 779 4.97 35.97 -41.46
CA ILE F 779 5.24 37.25 -40.81
C ILE F 779 5.48 38.34 -41.83
N CYS F 780 6.35 38.07 -42.79
CA CYS F 780 6.70 39.05 -43.81
C CYS F 780 5.51 39.42 -44.68
N SER F 781 4.56 38.50 -44.77
CA SER F 781 3.33 38.75 -45.53
C SER F 781 2.33 39.54 -44.69
N ALA F 782 2.54 39.54 -43.38
CA ALA F 782 1.65 40.25 -42.47
C ALA F 782 2.10 41.69 -42.27
N VAL F 783 3.41 41.88 -42.10
CA VAL F 783 3.96 43.22 -41.92
C VAL F 783 4.15 43.89 -43.28
N PRO F 784 4.01 45.23 -43.32
CA PRO F 784 4.19 46.01 -44.54
C PRO F 784 5.55 45.75 -45.20
N VAL F 785 5.59 45.85 -46.52
CA VAL F 785 6.80 45.54 -47.28
C VAL F 785 7.84 46.64 -47.14
N HIS F 786 7.39 47.89 -47.15
CA HIS F 786 8.29 49.03 -47.14
C HIS F 786 8.81 49.36 -45.73
N TRP F 787 8.25 48.71 -44.73
CA TRP F 787 8.69 48.92 -43.35
C TRP F 787 10.07 48.31 -43.12
N VAL F 788 11.01 49.15 -42.66
CA VAL F 788 12.36 48.70 -42.40
C VAL F 788 12.48 48.00 -41.04
N PRO F 789 12.99 46.76 -41.05
CA PRO F 789 13.18 45.97 -39.83
C PRO F 789 14.18 46.62 -38.88
N THR F 790 13.78 46.82 -37.62
CA THR F 790 14.67 47.44 -36.65
C THR F 790 14.72 46.62 -35.35
N SER F 791 15.86 46.70 -34.67
CA SER F 791 16.06 46.02 -33.39
C SER F 791 17.25 46.63 -32.66
N ARG F 792 18.37 45.92 -32.69
CA ARG F 792 19.62 46.43 -32.12
C ARG F 792 20.80 46.05 -33.00
N THR F 793 20.72 44.87 -33.59
CA THR F 793 21.80 44.33 -34.41
C THR F 793 21.71 44.81 -35.85
N THR F 794 22.86 44.81 -36.53
CA THR F 794 22.92 45.22 -37.93
C THR F 794 23.73 44.23 -38.76
N HIS F 795 23.25 42.99 -38.83
CA HIS F 795 23.92 41.95 -39.60
C HIS F 795 23.51 41.99 -41.07
N GLN F 796 23.29 40.82 -41.65
CA GLN F 796 22.96 40.70 -43.07
C GLN F 796 21.48 40.46 -43.31
N TRP F 797 20.74 40.15 -42.25
CA TRP F 797 19.30 39.97 -42.35
C TRP F 797 18.57 41.26 -42.01
N MET F 798 19.32 42.36 -41.98
CA MET F 798 18.76 43.65 -41.62
C MET F 798 18.62 44.55 -42.84
N THR F 799 18.00 44.02 -43.90
CA THR F 799 17.81 44.78 -45.13
C THR F 799 16.42 44.56 -45.70
N THR F 800 16.06 45.38 -46.69
CA THR F 800 14.76 45.27 -47.33
C THR F 800 14.87 44.52 -48.66
N GLU F 801 16.08 44.09 -48.99
CA GLU F 801 16.32 43.34 -50.21
C GLU F 801 15.62 41.99 -50.16
N ASP F 802 15.45 41.38 -51.33
CA ASP F 802 14.82 40.06 -51.41
C ASP F 802 15.72 39.02 -50.76
N MET F 803 15.16 38.28 -49.81
CA MET F 803 15.92 37.31 -49.04
C MET F 803 16.53 36.20 -49.90
N LEU F 804 15.86 35.87 -50.99
CA LEU F 804 16.36 34.85 -51.90
C LEU F 804 17.67 35.30 -52.54
N THR F 805 17.74 36.59 -52.87
CA THR F 805 18.95 37.16 -53.43
C THR F 805 20.03 37.27 -52.36
N VAL F 806 19.60 37.47 -51.12
CA VAL F 806 20.52 37.54 -49.98
C VAL F 806 21.03 36.14 -49.65
N TRP F 807 20.13 35.17 -49.69
CA TRP F 807 20.47 33.78 -49.38
C TRP F 807 21.56 33.27 -50.33
N ASN F 808 21.47 33.64 -51.59
CA ASN F 808 22.47 33.24 -52.58
C ASN F 808 23.80 33.96 -52.36
N ARG F 809 23.74 35.14 -51.76
CA ARG F 809 24.95 35.90 -51.51
C ARG F 809 25.68 35.38 -50.28
N VAL F 810 24.93 34.76 -49.38
CA VAL F 810 25.50 34.27 -48.12
C VAL F 810 26.01 32.84 -48.22
N TRP F 811 25.15 31.94 -48.71
CA TRP F 811 25.46 30.52 -48.70
C TRP F 811 26.14 30.03 -49.97
N ILE F 812 26.14 30.87 -51.01
CA ILE F 812 26.72 30.46 -52.29
C ILE F 812 27.88 31.36 -52.71
N GLU F 813 27.59 32.63 -52.97
CA GLU F 813 28.59 33.56 -53.49
C GLU F 813 29.75 33.77 -52.52
N ASP F 814 29.46 34.31 -51.34
CA ASP F 814 30.50 34.64 -50.38
C ASP F 814 30.81 33.47 -49.46
N ASN F 815 30.48 32.26 -49.89
CA ASN F 815 30.77 31.07 -49.11
C ASN F 815 32.01 30.37 -49.61
N PRO F 816 33.10 30.42 -48.83
CA PRO F 816 34.39 29.85 -49.23
C PRO F 816 34.38 28.32 -49.28
N TRP F 817 33.37 27.70 -48.69
CA TRP F 817 33.26 26.24 -48.71
C TRP F 817 32.35 25.78 -49.84
N MET F 818 31.78 26.74 -50.56
CA MET F 818 30.93 26.43 -51.69
C MET F 818 31.66 26.68 -53.01
N GLU F 819 32.14 25.61 -53.63
CA GLU F 819 32.90 25.72 -54.87
C GLU F 819 31.99 26.08 -56.05
N ASP F 820 30.93 25.30 -56.23
CA ASP F 820 29.97 25.56 -57.30
C ASP F 820 29.13 26.80 -57.00
N LYS F 821 29.33 27.84 -57.78
CA LYS F 821 28.64 29.11 -57.55
C LYS F 821 27.33 29.20 -58.32
N THR F 822 26.70 28.05 -58.57
CA THR F 822 25.44 28.01 -59.28
C THR F 822 24.33 28.62 -58.43
N PRO F 823 23.73 29.73 -58.89
CA PRO F 823 22.70 30.45 -58.14
C PRO F 823 21.42 29.65 -58.00
N VAL F 824 20.74 29.82 -56.87
CA VAL F 824 19.46 29.17 -56.63
C VAL F 824 18.32 30.12 -56.98
N THR F 825 17.44 29.67 -57.87
CA THR F 825 16.42 30.56 -58.42
C THR F 825 15.11 30.55 -57.65
N THR F 826 14.98 29.65 -56.69
CA THR F 826 13.73 29.55 -55.93
C THR F 826 13.95 28.94 -54.55
N TRP F 827 13.04 29.25 -53.62
CA TRP F 827 13.12 28.74 -52.27
C TRP F 827 12.79 27.26 -52.19
N GLU F 828 12.31 26.71 -53.29
CA GLU F 828 11.94 25.30 -53.33
C GLU F 828 13.19 24.42 -53.48
N ASP F 829 14.20 24.96 -54.16
CA ASP F 829 15.47 24.25 -54.30
C ASP F 829 16.26 24.36 -53.01
N VAL F 830 15.85 25.27 -52.13
CA VAL F 830 16.45 25.41 -50.82
C VAL F 830 16.00 24.26 -49.92
N PRO F 831 16.96 23.42 -49.50
CA PRO F 831 16.68 22.16 -48.80
C PRO F 831 16.18 22.33 -47.36
N TYR F 832 15.35 21.39 -46.93
CA TYR F 832 14.92 21.31 -45.54
C TYR F 832 15.75 20.27 -44.79
N LEU F 833 15.43 20.07 -43.52
CA LEU F 833 15.98 18.96 -42.77
C LEU F 833 15.11 17.72 -42.98
N GLY F 834 15.60 16.57 -42.55
CA GLY F 834 14.81 15.36 -42.58
C GLY F 834 13.65 15.49 -41.61
N LYS F 835 12.53 14.83 -41.90
CA LYS F 835 11.36 14.92 -41.05
C LYS F 835 11.65 14.41 -39.65
N ARG F 836 12.37 13.29 -39.56
CA ARG F 836 12.75 12.75 -38.27
C ARG F 836 13.80 13.64 -37.61
N GLU F 837 14.62 14.27 -38.43
CA GLU F 837 15.66 15.18 -37.94
C GLU F 837 15.04 16.45 -37.39
N ASP F 838 14.01 16.95 -38.08
CA ASP F 838 13.34 18.18 -37.68
C ASP F 838 12.57 17.97 -36.39
N GLN F 839 11.85 16.85 -36.31
CA GLN F 839 11.06 16.52 -35.12
C GLN F 839 11.95 16.36 -33.89
N TRP F 840 13.16 15.86 -34.11
CA TRP F 840 14.11 15.65 -33.02
C TRP F 840 14.59 16.99 -32.46
N CYS F 841 14.51 18.03 -33.29
CA CYS F 841 14.94 19.36 -32.88
C CYS F 841 13.79 20.19 -32.34
N GLY F 842 12.64 19.55 -32.13
CA GLY F 842 11.51 20.20 -31.48
C GLY F 842 10.46 20.74 -32.42
N SER F 843 10.41 20.22 -33.64
CA SER F 843 9.40 20.65 -34.60
C SER F 843 8.04 20.05 -34.27
N LEU F 844 6.98 20.79 -34.58
CA LEU F 844 5.63 20.32 -34.31
C LEU F 844 4.97 19.75 -35.55
N ILE F 845 5.77 19.45 -36.56
CA ILE F 845 5.25 18.90 -37.80
C ILE F 845 4.58 17.56 -37.57
N GLY F 846 3.37 17.41 -38.10
CA GLY F 846 2.62 16.17 -37.94
C GLY F 846 1.44 16.34 -37.01
N LEU F 847 1.63 17.14 -35.97
CA LEU F 847 0.57 17.40 -34.99
C LEU F 847 -0.61 18.12 -35.62
N THR F 848 -1.81 17.78 -35.17
CA THR F 848 -3.01 18.38 -35.71
C THR F 848 -3.12 19.85 -35.33
N SER F 849 -2.49 20.22 -34.21
CA SER F 849 -2.50 21.61 -33.77
C SER F 849 -1.66 22.46 -34.71
N ARG F 850 -0.63 21.86 -35.29
CA ARG F 850 0.22 22.56 -36.24
C ARG F 850 -0.40 22.53 -37.63
N ALA F 851 -1.10 21.44 -37.93
CA ALA F 851 -1.72 21.27 -39.23
C ALA F 851 -2.80 22.31 -39.49
N THR F 852 -3.66 22.52 -38.50
CA THR F 852 -4.74 23.50 -38.61
C THR F 852 -4.17 24.91 -38.76
N TRP F 853 -3.12 25.20 -38.01
CA TRP F 853 -2.48 26.51 -38.04
C TRP F 853 -1.78 26.77 -39.38
N ALA F 854 -1.23 25.72 -39.97
CA ALA F 854 -0.48 25.86 -41.21
C ALA F 854 -1.41 26.07 -42.41
N GLN F 855 -2.58 25.45 -42.36
CA GLN F 855 -3.51 25.54 -43.48
C GLN F 855 -4.41 26.76 -43.39
N ASN F 856 -4.77 27.14 -42.16
CA ASN F 856 -5.59 28.32 -41.94
C ASN F 856 -4.74 29.53 -41.59
N ILE F 857 -3.52 29.56 -42.11
CA ILE F 857 -2.58 30.63 -41.83
C ILE F 857 -3.03 31.93 -42.52
N LEU F 858 -3.81 31.78 -43.59
CA LEU F 858 -4.27 32.93 -44.36
C LEU F 858 -5.20 33.82 -43.54
N THR F 859 -5.86 33.23 -42.55
CA THR F 859 -6.79 33.95 -41.70
C THR F 859 -6.06 34.82 -40.68
N ALA F 860 -5.02 34.26 -40.07
CA ALA F 860 -4.26 34.95 -39.05
C ALA F 860 -3.50 36.14 -39.64
N ILE F 861 -3.01 35.97 -40.85
CA ILE F 861 -2.27 37.03 -41.52
C ILE F 861 -3.18 38.23 -41.81
N GLN F 862 -4.38 37.95 -42.27
CA GLN F 862 -5.34 39.01 -42.58
C GLN F 862 -5.77 39.73 -41.30
N GLN F 863 -5.75 39.00 -40.19
CA GLN F 863 -6.08 39.59 -38.89
C GLN F 863 -5.04 40.61 -38.49
N VAL F 864 -3.78 40.31 -38.79
CA VAL F 864 -2.69 41.23 -38.50
C VAL F 864 -2.79 42.47 -39.37
N ARG F 865 -3.05 42.26 -40.66
CA ARG F 865 -3.15 43.36 -41.62
C ARG F 865 -4.24 44.36 -41.23
N SER F 866 -5.35 43.86 -40.73
CA SER F 866 -6.45 44.71 -40.31
C SER F 866 -6.06 45.55 -39.08
N LEU F 867 -5.20 44.99 -38.25
CA LEU F 867 -4.70 45.70 -37.08
C LEU F 867 -3.75 46.83 -37.47
N ILE F 868 -2.90 46.55 -38.46
CA ILE F 868 -1.93 47.54 -38.92
C ILE F 868 -2.64 48.71 -39.58
N GLY F 869 -3.56 48.41 -40.49
CA GLY F 869 -4.30 49.45 -41.20
C GLY F 869 -4.17 49.32 -42.71
N ASN F 870 -4.44 50.41 -43.41
CA ASN F 870 -4.35 50.42 -44.87
C ASN F 870 -2.93 50.67 -45.36
N GLU F 871 -2.16 49.59 -45.48
CA GLU F 871 -0.80 49.68 -45.98
C GLU F 871 -0.60 48.78 -47.19
N GLU F 872 0.59 48.84 -47.79
CA GLU F 872 0.90 48.00 -48.94
C GLU F 872 1.54 46.70 -48.49
N PHE F 873 0.83 45.60 -48.68
CA PHE F 873 1.31 44.29 -48.27
C PHE F 873 1.58 43.38 -49.48
N LEU F 874 2.40 42.36 -49.27
CA LEU F 874 2.72 41.41 -50.32
C LEU F 874 2.58 39.98 -49.80
N ASP F 875 2.24 39.05 -50.69
CA ASP F 875 2.04 37.67 -50.29
C ASP F 875 3.34 36.87 -50.42
N TYR F 876 3.86 36.42 -49.27
CA TYR F 876 5.11 35.68 -49.24
C TYR F 876 4.90 34.17 -49.21
N MET F 877 3.63 33.76 -49.12
CA MET F 877 3.29 32.35 -49.03
C MET F 877 3.64 31.53 -50.30
N PRO F 878 3.41 32.06 -51.50
CA PRO F 878 3.76 31.25 -52.67
C PRO F 878 5.26 31.05 -52.88
N SER F 879 6.08 31.50 -51.94
CA SER F 879 7.52 31.33 -52.01
C SER F 879 7.92 29.87 -51.84
N MET F 880 7.08 29.11 -51.15
CA MET F 880 7.35 27.70 -50.89
C MET F 880 6.50 26.79 -51.78
N LYS F 881 6.83 25.50 -51.78
CA LYS F 881 6.16 24.53 -52.65
C LYS F 881 4.68 24.35 -52.32
N ARG F 882 4.39 24.15 -51.03
CA ARG F 882 3.04 23.80 -50.59
C ARG F 882 2.00 24.87 -50.96
N PHE F 883 2.41 26.13 -50.95
CA PHE F 883 1.49 27.21 -51.25
C PHE F 883 1.70 27.79 -52.64
N ARG F 884 2.24 26.97 -53.54
CA ARG F 884 2.37 27.34 -54.93
C ARG F 884 1.38 26.56 -55.77
N LYS F 885 1.31 25.25 -55.52
CA LYS F 885 0.40 24.38 -56.26
C LYS F 885 -1.04 24.58 -55.81
N GLU F 886 -1.22 25.22 -54.66
CA GLU F 886 -2.55 25.48 -54.13
C GLU F 886 -3.24 26.60 -54.89
N GLU F 887 -2.44 27.56 -55.35
CA GLU F 887 -2.97 28.70 -56.10
C GLU F 887 -2.88 28.47 -57.61
N GLU F 888 -2.14 27.43 -57.98
CA GLU F 888 -1.95 27.10 -59.40
C GLU F 888 -3.06 26.18 -59.90
N SER F 889 -3.49 25.26 -59.04
CA SER F 889 -4.54 24.32 -59.40
C SER F 889 -5.91 24.97 -59.25
N GLU F 890 -6.04 25.88 -58.30
CA GLU F 890 -7.31 26.56 -58.04
C GLU F 890 -7.46 27.78 -58.94
N GLY F 891 -6.33 28.29 -59.45
CA GLY F 891 -6.34 29.46 -60.31
C GLY F 891 -6.87 29.18 -61.69
N ALA F 892 -6.38 28.09 -62.29
CA ALA F 892 -6.77 27.73 -63.65
C ALA F 892 -7.99 26.83 -63.66
N ILE F 893 -8.80 26.94 -62.62
CA ILE F 893 -10.03 26.16 -62.51
C ILE F 893 -11.25 27.06 -62.35
N GLY G 10 33.48 -49.90 24.57
CA GLY G 10 34.74 -49.60 23.93
C GLY G 10 35.16 -48.15 24.12
N GLU G 11 36.12 -47.71 23.34
CA GLU G 11 36.62 -46.34 23.43
C GLU G 11 35.64 -45.36 22.81
N LYS G 12 35.93 -44.98 21.57
CA LYS G 12 35.00 -44.26 20.70
C LYS G 12 34.57 -42.88 21.20
N TRP G 13 33.91 -42.80 22.35
CA TRP G 13 33.22 -41.57 22.77
C TRP G 13 34.07 -40.30 22.73
N LYS G 14 35.40 -40.46 22.71
CA LYS G 14 36.29 -39.32 22.48
C LYS G 14 36.03 -38.72 21.11
N LYS G 15 35.78 -39.58 20.14
CA LYS G 15 35.43 -39.17 18.78
C LYS G 15 34.13 -38.38 18.80
N LYS G 16 33.17 -38.84 19.58
CA LYS G 16 31.87 -38.18 19.70
C LYS G 16 31.98 -36.91 20.53
N LEU G 17 32.86 -36.93 21.53
CA LEU G 17 33.01 -35.79 22.43
C LEU G 17 33.55 -34.58 21.70
N ASN G 18 34.50 -34.82 20.79
CA ASN G 18 35.13 -33.72 20.05
C ASN G 18 34.24 -33.18 18.94
N GLN G 19 33.24 -33.95 18.55
CA GLN G 19 32.32 -33.54 17.49
C GLN G 19 31.16 -32.69 18.03
N LEU G 20 30.90 -32.81 19.33
CA LEU G 20 29.83 -32.05 19.96
C LEU G 20 30.16 -30.55 20.00
N SER G 21 29.14 -29.73 19.81
CA SER G 21 29.30 -28.29 19.94
C SER G 21 29.47 -27.91 21.40
N ARG G 22 29.84 -26.66 21.65
CA ARG G 22 30.06 -26.20 23.01
C ARG G 22 28.75 -26.22 23.82
N LYS G 23 27.63 -26.04 23.13
CA LYS G 23 26.33 -26.11 23.77
C LYS G 23 26.01 -27.55 24.18
N GLU G 24 26.26 -28.49 23.28
CA GLU G 24 26.03 -29.90 23.55
C GLU G 24 27.03 -30.43 24.58
N PHE G 25 28.18 -29.77 24.66
CA PHE G 25 29.23 -30.18 25.58
C PHE G 25 28.90 -29.80 27.02
N ASP G 26 28.46 -28.56 27.22
CA ASP G 26 28.17 -28.07 28.56
C ASP G 26 26.96 -28.77 29.19
N LEU G 27 26.08 -29.30 28.34
CA LEU G 27 24.90 -29.99 28.84
C LEU G 27 25.18 -31.45 29.14
N TYR G 28 26.18 -32.00 28.46
CA TYR G 28 26.51 -33.42 28.61
C TYR G 28 27.48 -33.67 29.75
N LYS G 29 28.35 -32.68 30.02
CA LYS G 29 29.38 -32.85 31.03
C LYS G 29 28.80 -32.94 32.44
N LYS G 30 27.58 -32.45 32.61
CA LYS G 30 26.93 -32.49 33.92
C LYS G 30 25.64 -33.31 33.88
N SER G 31 25.38 -33.96 32.75
CA SER G 31 24.15 -34.73 32.59
C SER G 31 24.19 -36.04 33.37
N GLY G 32 23.31 -36.15 34.36
CA GLY G 32 23.15 -37.38 35.11
C GLY G 32 24.21 -37.61 36.17
N ILE G 33 25.14 -36.69 36.30
CA ILE G 33 26.22 -36.83 37.27
C ILE G 33 25.82 -36.24 38.62
N THR G 34 26.74 -36.33 39.57
CA THR G 34 26.54 -35.73 40.88
C THR G 34 27.57 -34.64 41.11
N GLU G 35 27.18 -33.57 41.79
CA GLU G 35 28.11 -32.50 42.13
C GLU G 35 27.64 -31.74 43.36
N VAL G 36 28.60 -31.16 44.08
CA VAL G 36 28.28 -30.41 45.30
C VAL G 36 28.06 -28.93 45.01
N ASP G 37 27.23 -28.31 45.83
CA ASP G 37 26.92 -26.90 45.66
C ASP G 37 28.05 -26.03 46.18
N ARG G 38 28.73 -25.35 45.26
CA ARG G 38 29.87 -24.51 45.61
C ARG G 38 29.47 -23.04 45.66
N THR G 39 28.18 -22.77 45.87
CA THR G 39 27.67 -21.41 45.81
C THR G 39 28.24 -20.54 46.92
N GLU G 40 27.82 -20.80 48.16
CA GLU G 40 28.28 -20.00 49.29
C GLU G 40 29.75 -20.25 49.60
N ALA G 41 30.28 -21.37 49.13
CA ALA G 41 31.67 -21.71 49.34
C ALA G 41 32.58 -20.78 48.52
N LYS G 42 32.26 -20.64 47.23
CA LYS G 42 33.04 -19.79 46.35
C LYS G 42 32.90 -18.33 46.74
N GLU G 43 31.67 -17.91 47.03
CA GLU G 43 31.40 -16.54 47.44
C GLU G 43 32.03 -16.25 48.80
N GLY G 44 32.18 -17.29 49.61
CA GLY G 44 32.83 -17.16 50.90
C GLY G 44 34.31 -16.90 50.73
N LEU G 45 34.94 -17.65 49.83
CA LEU G 45 36.36 -17.46 49.54
C LEU G 45 36.59 -16.11 48.86
N LYS G 46 35.57 -15.62 48.16
CA LYS G 46 35.63 -14.33 47.51
C LYS G 46 35.76 -13.22 48.55
N ARG G 47 35.08 -13.40 49.68
CA ARG G 47 35.11 -12.42 50.76
C ARG G 47 36.35 -12.60 51.64
N GLY G 48 37.06 -13.71 51.42
CA GLY G 48 38.29 -13.96 52.15
C GLY G 48 38.10 -14.83 53.38
N GLU G 49 36.98 -15.57 53.43
CA GLU G 49 36.72 -16.47 54.55
C GLU G 49 37.70 -17.64 54.51
N ILE G 50 38.19 -18.03 55.68
CA ILE G 50 39.27 -19.01 55.76
C ILE G 50 38.85 -20.27 56.53
N THR G 51 37.61 -20.30 56.99
CA THR G 51 37.12 -21.43 57.78
C THR G 51 35.96 -22.16 57.11
N HIS G 52 35.80 -23.43 57.49
CA HIS G 52 34.65 -24.26 57.09
C HIS G 52 34.59 -24.59 55.59
N HIS G 53 35.15 -23.74 54.73
CA HIS G 53 35.02 -23.92 53.29
C HIS G 53 36.12 -24.80 52.70
N ALA G 54 35.75 -25.58 51.70
CA ALA G 54 36.72 -26.36 50.93
C ALA G 54 37.18 -25.54 49.73
N VAL G 55 38.44 -25.71 49.34
CA VAL G 55 39.02 -24.90 48.27
C VAL G 55 38.65 -25.40 46.89
N SER G 56 38.14 -26.63 46.81
CA SER G 56 37.76 -27.21 45.52
C SER G 56 36.74 -28.32 45.69
N ARG G 57 36.30 -28.87 44.55
CA ARG G 57 35.37 -30.00 44.57
C ARG G 57 36.12 -31.30 44.81
N GLY G 58 37.44 -31.23 44.85
CA GLY G 58 38.26 -32.40 45.09
C GLY G 58 38.08 -32.94 46.50
N SER G 59 37.82 -32.04 47.44
CA SER G 59 37.60 -32.42 48.82
C SER G 59 36.40 -33.35 48.94
N ALA G 60 35.30 -32.96 48.31
CA ALA G 60 34.11 -33.78 48.31
C ALA G 60 34.29 -35.00 47.40
N LYS G 61 35.21 -34.88 46.45
CA LYS G 61 35.49 -35.96 45.52
C LYS G 61 36.25 -37.09 46.22
N LEU G 62 37.14 -36.71 47.11
CA LEU G 62 37.93 -37.67 47.87
C LEU G 62 37.06 -38.31 48.96
N GLN G 63 36.09 -37.54 49.45
CA GLN G 63 35.20 -38.01 50.50
C GLN G 63 34.42 -39.24 50.06
N TRP G 64 34.07 -39.28 48.78
CA TRP G 64 33.27 -40.38 48.24
C TRP G 64 34.03 -41.70 48.32
N PHE G 65 35.36 -41.62 48.26
CA PHE G 65 36.20 -42.80 48.32
C PHE G 65 36.42 -43.25 49.76
N VAL G 66 36.59 -42.28 50.66
CA VAL G 66 36.91 -42.56 52.05
C VAL G 66 35.76 -43.23 52.78
N GLU G 67 34.56 -42.68 52.64
CA GLU G 67 33.40 -43.18 53.37
C GLU G 67 32.98 -44.59 52.92
N ARG G 68 33.50 -45.01 51.76
CA ARG G 68 33.25 -46.36 51.28
C ARG G 68 34.44 -47.26 51.54
N ASN G 69 35.36 -46.76 52.37
CA ASN G 69 36.53 -47.52 52.81
C ASN G 69 37.39 -48.03 51.66
N MET G 70 37.38 -47.32 50.55
CA MET G 70 38.23 -47.67 49.42
C MET G 70 39.66 -47.25 49.71
N VAL G 71 39.81 -46.08 50.33
CA VAL G 71 41.11 -45.62 50.79
C VAL G 71 40.98 -45.14 52.23
N ILE G 72 41.97 -45.48 53.04
CA ILE G 72 42.00 -45.06 54.44
C ILE G 72 43.35 -44.42 54.75
N PRO G 73 43.42 -43.09 54.64
CA PRO G 73 44.65 -42.32 54.84
C PRO G 73 45.24 -42.50 56.24
N GLU G 74 46.50 -42.93 56.31
CA GLU G 74 47.17 -43.16 57.58
C GLU G 74 48.47 -42.37 57.68
N GLY G 75 48.87 -42.04 58.90
CA GLY G 75 50.15 -41.41 59.19
C GLY G 75 50.50 -40.22 58.32
N ARG G 76 51.75 -40.19 57.85
CA ARG G 76 52.21 -39.14 56.95
C ARG G 76 51.58 -39.32 55.57
N VAL G 77 50.90 -38.28 55.10
CA VAL G 77 50.22 -38.34 53.81
C VAL G 77 50.91 -37.47 52.77
N ILE G 78 51.40 -38.11 51.71
CA ILE G 78 52.02 -37.39 50.61
C ILE G 78 51.01 -37.13 49.51
N ASP G 79 50.70 -35.85 49.27
CA ASP G 79 49.71 -35.47 48.28
C ASP G 79 50.38 -34.87 47.04
N LEU G 80 50.56 -35.71 46.02
CA LEU G 80 51.15 -35.27 44.76
C LEU G 80 50.14 -34.49 43.93
N GLY G 81 50.47 -33.25 43.62
CA GLY G 81 49.57 -32.40 42.85
C GLY G 81 48.40 -31.94 43.71
N CYS G 82 48.72 -31.36 44.86
CA CYS G 82 47.70 -30.87 45.78
C CYS G 82 46.93 -29.72 45.15
N GLY G 83 47.61 -28.93 44.33
CA GLY G 83 46.99 -27.80 43.67
C GLY G 83 46.51 -26.75 44.66
N ARG G 84 45.20 -26.59 44.73
CA ARG G 84 44.60 -25.64 45.67
C ARG G 84 44.65 -26.18 47.09
N GLY G 85 44.75 -27.51 47.20
CA GLY G 85 44.84 -28.16 48.50
C GLY G 85 43.55 -28.85 48.90
N GLY G 86 42.77 -29.27 47.91
CA GLY G 86 41.47 -29.86 48.16
C GLY G 86 41.53 -31.15 48.96
N TRP G 87 42.47 -32.02 48.59
CA TRP G 87 42.59 -33.32 49.25
C TRP G 87 43.36 -33.21 50.56
N SER G 88 44.29 -32.27 50.62
CA SER G 88 45.16 -32.13 51.79
C SER G 88 44.39 -31.67 53.03
N TYR G 89 43.55 -30.66 52.87
CA TYR G 89 42.79 -30.13 54.00
C TYR G 89 41.73 -31.11 54.47
N TYR G 90 41.32 -32.02 53.60
CA TYR G 90 40.31 -33.01 53.96
C TYR G 90 40.91 -34.12 54.82
N CYS G 91 42.12 -34.55 54.45
CA CYS G 91 42.79 -35.62 55.18
C CYS G 91 43.28 -35.15 56.55
N ALA G 92 43.34 -33.84 56.72
CA ALA G 92 43.80 -33.24 57.97
C ALA G 92 42.90 -33.62 59.14
N GLY G 93 41.59 -33.57 58.91
CA GLY G 93 40.62 -33.83 59.95
C GLY G 93 40.42 -35.31 60.22
N LEU G 94 40.98 -36.16 59.36
CA LEU G 94 40.81 -37.60 59.52
C LEU G 94 41.54 -38.12 60.74
N LYS G 95 41.13 -39.31 61.19
CA LYS G 95 41.63 -39.87 62.45
C LYS G 95 43.06 -40.38 62.34
N LYS G 96 43.28 -41.37 61.49
CA LYS G 96 44.57 -42.05 61.42
C LYS G 96 45.67 -41.20 60.78
N VAL G 97 45.32 -40.01 60.32
CA VAL G 97 46.30 -39.11 59.70
C VAL G 97 47.05 -38.31 60.76
N THR G 98 48.37 -38.32 60.66
CA THR G 98 49.22 -37.62 61.62
C THR G 98 49.94 -36.44 60.98
N GLU G 99 50.19 -36.53 59.68
CA GLU G 99 50.91 -35.48 58.97
C GLU G 99 50.51 -35.42 57.49
N VAL G 100 50.34 -34.22 56.97
CA VAL G 100 49.95 -34.02 55.59
C VAL G 100 50.98 -33.18 54.83
N ARG G 101 51.50 -33.75 53.74
CA ARG G 101 52.47 -33.04 52.90
C ARG G 101 52.01 -33.02 51.45
N GLY G 102 51.83 -31.81 50.92
CA GLY G 102 51.40 -31.65 49.54
C GLY G 102 52.46 -31.05 48.65
N TYR G 103 52.46 -31.44 47.38
CA TYR G 103 53.43 -30.95 46.42
C TYR G 103 52.78 -30.55 45.11
N THR G 104 52.98 -29.30 44.69
CA THR G 104 52.43 -28.80 43.44
C THR G 104 53.46 -27.94 42.71
N LYS G 105 53.50 -28.06 41.40
CA LYS G 105 54.42 -27.27 40.58
C LYS G 105 54.20 -25.78 40.75
N GLY G 106 52.93 -25.39 40.85
CA GLY G 106 52.59 -23.99 41.04
C GLY G 106 53.00 -23.12 39.87
N GLY G 107 53.13 -21.82 40.12
CA GLY G 107 53.53 -20.87 39.09
C GLY G 107 52.46 -20.64 38.06
N PRO G 108 52.78 -19.85 37.02
CA PRO G 108 51.84 -19.55 35.93
C PRO G 108 51.40 -20.79 35.18
N GLY G 109 50.11 -20.90 34.91
CA GLY G 109 49.56 -22.04 34.19
C GLY G 109 49.06 -23.13 35.11
N HIS G 110 49.49 -23.07 36.37
CA HIS G 110 49.08 -24.06 37.36
C HIS G 110 48.49 -23.40 38.60
N GLU G 111 47.76 -24.19 39.39
CA GLU G 111 47.11 -23.67 40.58
C GLU G 111 48.07 -23.60 41.76
N GLU G 112 47.90 -22.58 42.58
CA GLU G 112 48.73 -22.38 43.76
C GLU G 112 47.98 -22.79 45.04
N PRO G 113 48.71 -23.33 46.02
CA PRO G 113 48.14 -23.72 47.30
C PRO G 113 47.43 -22.57 48.01
N VAL G 114 46.26 -22.84 48.55
CA VAL G 114 45.48 -21.81 49.24
C VAL G 114 45.53 -22.01 50.76
N PRO G 115 46.05 -21.02 51.49
CA PRO G 115 46.18 -21.09 52.95
C PRO G 115 44.83 -21.09 53.66
N MET G 116 44.53 -22.17 54.37
CA MET G 116 43.26 -22.28 55.09
C MET G 116 43.49 -22.59 56.56
N SER G 117 42.56 -22.14 57.40
CA SER G 117 42.63 -22.40 58.83
C SER G 117 41.60 -23.43 59.25
N THR G 118 41.32 -24.37 58.35
CA THR G 118 40.38 -25.45 58.63
C THR G 118 40.93 -26.41 59.67
N TYR G 119 40.10 -27.32 60.15
CA TYR G 119 40.50 -28.25 61.20
C TYR G 119 41.62 -29.17 60.73
N GLY G 120 42.77 -29.06 61.39
CA GLY G 120 43.92 -29.88 61.07
C GLY G 120 44.92 -29.19 60.18
N TRP G 121 44.83 -27.86 60.12
CA TRP G 121 45.73 -27.08 59.28
C TRP G 121 47.17 -27.15 59.76
N ASN G 122 47.35 -27.40 61.06
CA ASN G 122 48.67 -27.40 61.67
C ASN G 122 49.52 -28.61 61.28
N ILE G 123 48.90 -29.60 60.67
CA ILE G 123 49.62 -30.78 60.20
C ILE G 123 49.70 -30.81 58.69
N VAL G 124 49.16 -29.78 58.04
CA VAL G 124 49.18 -29.70 56.59
C VAL G 124 50.36 -28.88 56.10
N LYS G 125 51.13 -29.47 55.20
CA LYS G 125 52.29 -28.79 54.63
C LYS G 125 52.25 -28.79 53.11
N LEU G 126 51.81 -27.68 52.53
CA LEU G 126 51.70 -27.55 51.09
C LEU G 126 52.87 -26.75 50.52
N MET G 127 53.64 -27.38 49.64
CA MET G 127 54.80 -26.74 49.03
C MET G 127 54.63 -26.56 47.52
N SER G 128 54.72 -25.31 47.07
CA SER G 128 54.67 -25.00 45.66
C SER G 128 56.07 -24.97 45.06
N GLY G 129 56.15 -24.87 43.74
CA GLY G 129 57.42 -24.88 43.05
C GLY G 129 58.09 -26.23 43.15
N LYS G 130 57.28 -27.28 43.15
CA LYS G 130 57.78 -28.64 43.27
C LYS G 130 57.31 -29.53 42.11
N ASP G 131 58.24 -29.86 41.22
CA ASP G 131 57.94 -30.79 40.14
C ASP G 131 58.11 -32.22 40.65
N VAL G 132 57.01 -32.96 40.68
CA VAL G 132 57.01 -34.31 41.23
C VAL G 132 57.87 -35.27 40.42
N PHE G 133 58.14 -34.92 39.17
CA PHE G 133 58.94 -35.78 38.30
C PHE G 133 60.41 -35.76 38.71
N TYR G 134 60.81 -34.75 39.47
CA TYR G 134 62.19 -34.60 39.89
C TYR G 134 62.36 -34.82 41.39
N LEU G 135 61.28 -35.20 42.06
CA LEU G 135 61.32 -35.40 43.51
C LEU G 135 61.49 -36.86 43.88
N PRO G 136 62.39 -37.14 44.83
CA PRO G 136 62.67 -38.50 45.31
C PRO G 136 61.57 -39.01 46.26
N PRO G 137 61.27 -40.31 46.20
CA PRO G 137 60.25 -40.93 47.05
C PRO G 137 60.54 -40.77 48.54
N GLU G 138 59.49 -40.65 49.34
CA GLU G 138 59.63 -40.52 50.78
C GLU G 138 58.89 -41.66 51.50
N LYS G 139 59.29 -41.94 52.73
CA LYS G 139 58.62 -42.96 53.53
C LYS G 139 57.27 -42.45 54.02
N CYS G 140 56.20 -42.95 53.40
CA CYS G 140 54.85 -42.52 53.75
C CYS G 140 53.92 -43.71 53.90
N ASP G 141 52.84 -43.50 54.65
CA ASP G 141 51.83 -44.53 54.85
C ASP G 141 50.62 -44.28 53.96
N THR G 142 50.65 -43.14 53.26
CA THR G 142 49.56 -42.77 52.37
C THR G 142 50.07 -41.95 51.19
N LEU G 143 49.69 -42.38 49.98
CA LEU G 143 50.13 -41.70 48.77
C LEU G 143 48.94 -41.22 47.95
N LEU G 144 48.87 -39.91 47.74
CA LEU G 144 47.77 -39.32 46.98
C LEU G 144 48.29 -38.55 45.77
N CYS G 145 47.65 -38.78 44.62
CA CYS G 145 48.05 -38.13 43.39
C CYS G 145 46.85 -37.88 42.48
N ASP G 146 46.69 -36.63 42.05
CA ASP G 146 45.52 -36.24 41.26
C ASP G 146 45.93 -35.51 39.98
N ILE G 147 47.21 -35.57 39.64
CA ILE G 147 47.70 -34.89 38.44
C ILE G 147 47.19 -35.55 37.17
N GLY G 148 47.16 -34.78 36.09
CA GLY G 148 46.66 -35.27 34.81
C GLY G 148 45.82 -34.22 34.11
N GLU G 149 46.21 -33.86 32.89
CA GLU G 149 45.51 -32.84 32.14
C GLU G 149 44.91 -33.41 30.85
N SER G 150 43.60 -33.25 30.70
CA SER G 150 42.89 -33.79 29.55
C SER G 150 43.36 -33.15 28.25
N SER G 151 43.35 -33.94 27.18
CA SER G 151 43.77 -33.46 25.87
C SER G 151 42.94 -34.10 24.76
N PRO G 152 42.59 -33.31 23.73
CA PRO G 152 41.80 -33.79 22.60
C PRO G 152 42.36 -35.04 21.95
N SER G 153 43.68 -35.17 21.94
CA SER G 153 44.33 -36.35 21.39
C SER G 153 44.48 -37.43 22.46
N PRO G 154 43.83 -38.58 22.24
CA PRO G 154 43.87 -39.70 23.18
C PRO G 154 45.29 -40.27 23.33
N THR G 155 46.10 -40.09 22.30
CA THR G 155 47.49 -40.55 22.33
C THR G 155 48.30 -39.68 23.29
N VAL G 156 47.95 -38.40 23.36
CA VAL G 156 48.62 -37.49 24.29
C VAL G 156 48.21 -37.82 25.72
N GLU G 157 46.92 -38.07 25.92
CA GLU G 157 46.41 -38.48 27.22
C GLU G 157 47.04 -39.82 27.63
N GLU G 158 47.32 -40.66 26.63
CA GLU G 158 47.98 -41.93 26.87
C GLU G 158 49.38 -41.73 27.43
N SER G 159 50.15 -40.87 26.77
CA SER G 159 51.52 -40.60 27.18
C SER G 159 51.58 -39.93 28.54
N ARG G 160 50.63 -39.04 28.80
CA ARG G 160 50.57 -38.35 30.08
C ARG G 160 50.15 -39.28 31.20
N THR G 161 49.35 -40.29 30.86
CA THR G 161 48.88 -41.25 31.85
C THR G 161 50.02 -42.17 32.29
N ILE G 162 50.78 -42.65 31.31
CA ILE G 162 51.89 -43.57 31.58
C ILE G 162 52.98 -42.89 32.39
N ARG G 163 53.25 -41.62 32.09
CA ARG G 163 54.31 -40.87 32.75
C ARG G 163 54.06 -40.76 34.25
N VAL G 164 52.78 -40.70 34.64
CA VAL G 164 52.43 -40.61 36.05
C VAL G 164 52.58 -41.97 36.73
N LEU G 165 52.13 -43.02 36.04
CA LEU G 165 52.17 -44.38 36.58
C LEU G 165 53.58 -44.84 36.91
N LYS G 166 54.54 -44.46 36.08
CA LYS G 166 55.92 -44.85 36.29
C LYS G 166 56.59 -43.98 37.35
N MET G 167 55.94 -42.86 37.70
CA MET G 167 56.48 -41.94 38.68
C MET G 167 55.98 -42.28 40.08
N VAL G 168 54.75 -42.76 40.16
CA VAL G 168 54.13 -43.06 41.45
C VAL G 168 54.50 -44.45 41.95
N GLU G 169 55.13 -45.25 41.10
CA GLU G 169 55.50 -46.62 41.45
C GLU G 169 56.48 -46.72 42.63
N PRO G 170 57.56 -45.91 42.64
CA PRO G 170 58.46 -46.03 43.79
C PRO G 170 57.86 -45.48 45.09
N TRP G 171 56.73 -44.80 45.00
CA TRP G 171 56.08 -44.23 46.17
C TRP G 171 55.19 -45.25 46.88
N LEU G 172 55.01 -46.40 46.26
CA LEU G 172 54.13 -47.43 46.81
C LEU G 172 54.91 -48.52 47.53
N LYS G 173 54.82 -48.52 48.86
CA LYS G 173 55.51 -49.50 49.67
C LYS G 173 54.55 -50.16 50.67
N ASN G 174 53.64 -50.97 50.15
CA ASN G 174 52.62 -51.65 50.96
C ASN G 174 51.81 -50.68 51.83
N ASN G 175 51.42 -49.56 51.24
CA ASN G 175 50.65 -48.55 51.96
C ASN G 175 49.40 -48.15 51.18
N GLN G 176 48.54 -47.35 51.82
CA GLN G 176 47.31 -46.89 51.18
C GLN G 176 47.62 -45.87 50.09
N PHE G 177 46.88 -45.94 48.98
CA PHE G 177 47.12 -45.04 47.87
C PHE G 177 45.86 -44.76 47.05
N CYS G 178 45.86 -43.63 46.36
CA CYS G 178 44.75 -43.23 45.49
C CYS G 178 45.25 -42.30 44.39
N ILE G 179 45.33 -42.83 43.18
CA ILE G 179 45.89 -42.09 42.05
C ILE G 179 44.88 -41.97 40.91
N LYS G 180 44.87 -40.83 40.24
CA LYS G 180 43.96 -40.61 39.13
C LYS G 180 44.53 -41.13 37.82
N VAL G 181 43.75 -41.97 37.14
CA VAL G 181 44.12 -42.46 35.82
C VAL G 181 43.36 -41.70 34.74
N LEU G 182 44.06 -40.82 34.05
CA LEU G 182 43.44 -39.95 33.06
C LEU G 182 42.79 -40.73 31.91
N ASN G 183 43.55 -41.63 31.31
CA ASN G 183 43.04 -42.41 30.19
C ASN G 183 43.20 -43.92 30.44
N PRO G 184 42.23 -44.52 31.13
CA PRO G 184 42.28 -45.94 31.49
C PRO G 184 41.75 -46.88 30.41
N TYR G 185 41.06 -46.35 29.41
CA TYR G 185 40.46 -47.19 28.38
C TYR G 185 41.44 -47.53 27.27
N MET G 186 42.60 -46.88 27.29
CA MET G 186 43.63 -47.14 26.30
C MET G 186 44.29 -48.50 26.55
N PRO G 187 44.38 -49.34 25.50
CA PRO G 187 44.91 -50.71 25.57
C PRO G 187 46.27 -50.82 26.24
N THR G 188 47.18 -49.89 25.93
CA THR G 188 48.52 -49.94 26.49
C THR G 188 48.52 -49.59 27.98
N VAL G 189 47.55 -48.77 28.39
CA VAL G 189 47.43 -48.39 29.80
C VAL G 189 46.92 -49.56 30.63
N ILE G 190 45.96 -50.30 30.07
CA ILE G 190 45.41 -51.48 30.73
C ILE G 190 46.50 -52.51 31.00
N GLU G 191 47.45 -52.60 30.08
CA GLU G 191 48.58 -53.51 30.21
C GLU G 191 49.38 -53.23 31.48
N HIS G 192 49.61 -51.95 31.77
CA HIS G 192 50.36 -51.56 32.95
C HIS G 192 49.54 -51.76 34.22
N LEU G 193 48.24 -51.51 34.13
CA LEU G 193 47.35 -51.63 35.28
C LEU G 193 47.27 -53.07 35.79
N GLU G 194 47.25 -54.02 34.86
CA GLU G 194 47.17 -55.42 35.22
C GLU G 194 48.43 -55.86 35.97
N ARG G 195 49.58 -55.42 35.49
CA ARG G 195 50.85 -55.69 36.16
C ARG G 195 50.91 -55.01 37.52
N LEU G 196 50.42 -53.77 37.57
CA LEU G 196 50.40 -53.02 38.81
C LEU G 196 49.40 -53.58 39.80
N GLN G 197 48.38 -54.27 39.29
CA GLN G 197 47.36 -54.88 40.15
C GLN G 197 47.89 -56.19 40.75
N ARG G 198 48.75 -56.87 40.01
CA ARG G 198 49.34 -58.11 40.49
C ARG G 198 50.43 -57.85 41.53
N LYS G 199 50.88 -56.61 41.60
CA LYS G 199 51.96 -56.25 42.50
C LYS G 199 51.42 -55.60 43.77
N HIS G 200 50.66 -54.51 43.61
CA HIS G 200 50.21 -53.72 44.75
C HIS G 200 48.74 -53.97 45.08
N GLY G 201 48.07 -54.78 44.26
CA GLY G 201 46.66 -55.08 44.46
C GLY G 201 45.78 -53.87 44.20
N GLY G 202 44.55 -53.92 44.68
CA GLY G 202 43.62 -52.82 44.53
C GLY G 202 42.64 -53.02 43.39
N MET G 203 41.94 -51.95 43.01
CA MET G 203 40.93 -52.01 41.97
C MET G 203 40.67 -50.62 41.41
N LEU G 204 40.34 -50.55 40.12
CA LEU G 204 40.04 -49.27 39.48
C LEU G 204 38.57 -48.92 39.67
N VAL G 205 38.31 -47.73 40.22
CA VAL G 205 36.96 -47.32 40.55
C VAL G 205 36.59 -45.97 39.92
N ARG G 206 35.40 -45.91 39.33
CA ARG G 206 34.89 -44.68 38.74
C ARG G 206 34.16 -43.82 39.75
N ASN G 207 34.48 -42.54 39.79
CA ASN G 207 33.83 -41.60 40.70
C ASN G 207 32.65 -40.91 40.03
N PRO G 208 31.46 -40.99 40.65
CA PRO G 208 30.25 -40.37 40.10
C PRO G 208 30.32 -38.84 40.10
N LEU G 209 31.23 -38.27 40.89
CA LEU G 209 31.41 -36.83 40.93
C LEU G 209 32.23 -36.34 39.74
N SER G 210 32.85 -37.28 39.03
CA SER G 210 33.62 -36.94 37.83
C SER G 210 32.70 -36.62 36.68
N ARG G 211 32.98 -35.54 35.96
CA ARG G 211 32.16 -35.12 34.85
C ARG G 211 32.24 -36.12 33.70
N ASN G 212 31.25 -36.07 32.81
CA ASN G 212 31.20 -37.00 31.68
C ASN G 212 32.17 -36.62 30.57
N SER G 213 32.82 -35.47 30.73
CA SER G 213 33.79 -35.01 29.75
C SER G 213 35.13 -35.72 29.92
N THR G 214 35.30 -36.36 31.08
CA THR G 214 36.54 -37.06 31.37
C THR G 214 36.29 -38.53 31.71
N HIS G 215 37.15 -39.41 31.22
CA HIS G 215 37.04 -40.83 31.50
C HIS G 215 37.94 -41.19 32.67
N GLU G 216 38.24 -40.20 33.49
CA GLU G 216 39.16 -40.37 34.60
C GLU G 216 38.65 -41.37 35.64
N MET G 217 39.47 -42.37 35.94
CA MET G 217 39.17 -43.35 36.97
C MET G 217 40.29 -43.36 38.00
N TYR G 218 39.98 -43.78 39.22
CA TYR G 218 40.95 -43.74 40.30
C TYR G 218 41.34 -45.12 40.79
N TRP G 219 42.66 -45.37 40.86
CA TRP G 219 43.18 -46.63 41.36
C TRP G 219 43.28 -46.59 42.88
N ILE G 220 42.36 -47.26 43.56
CA ILE G 220 42.35 -47.30 45.01
C ILE G 220 43.03 -48.56 45.53
N SER G 221 43.44 -48.53 46.80
CA SER G 221 44.21 -49.61 47.39
C SER G 221 43.33 -50.77 47.87
N ASN G 222 42.21 -50.44 48.49
CA ASN G 222 41.35 -51.46 49.07
C ASN G 222 40.21 -51.87 48.14
N GLY G 223 40.43 -52.95 47.39
CA GLY G 223 39.42 -53.46 46.48
C GLY G 223 39.94 -54.55 45.57
N THR G 224 39.03 -55.14 44.80
CA THR G 224 39.39 -56.20 43.86
C THR G 224 38.35 -56.32 42.74
N GLY G 225 38.73 -57.00 41.66
CA GLY G 225 37.84 -57.20 40.53
C GLY G 225 38.57 -57.14 39.21
N ASN G 226 37.84 -57.39 38.13
CA ASN G 226 38.42 -57.36 36.79
C ASN G 226 38.51 -55.95 36.25
N ILE G 227 39.72 -55.51 35.93
CA ILE G 227 39.95 -54.15 35.46
C ILE G 227 39.32 -53.89 34.10
N VAL G 228 39.55 -54.80 33.16
CA VAL G 228 39.05 -54.65 31.80
C VAL G 228 37.54 -54.53 31.75
N SER G 229 36.86 -55.38 32.52
CA SER G 229 35.40 -55.38 32.56
C SER G 229 34.86 -54.08 33.15
N SER G 230 35.52 -53.60 34.19
CA SER G 230 35.10 -52.38 34.89
C SER G 230 35.19 -51.16 33.97
N VAL G 231 36.27 -51.08 33.22
CA VAL G 231 36.49 -49.95 32.31
C VAL G 231 35.44 -49.92 31.21
N ASN G 232 35.17 -51.08 30.62
CA ASN G 232 34.17 -51.19 29.56
C ASN G 232 32.77 -50.84 30.06
N MET G 233 32.48 -51.21 31.30
CA MET G 233 31.18 -50.88 31.90
C MET G 233 31.05 -49.38 32.10
N VAL G 234 32.15 -48.73 32.45
CA VAL G 234 32.17 -47.27 32.59
C VAL G 234 31.96 -46.62 31.23
N SER G 235 32.60 -47.19 30.21
CA SER G 235 32.48 -46.68 28.85
C SER G 235 31.06 -46.80 28.34
N ARG G 236 30.42 -47.94 28.62
CA ARG G 236 29.04 -48.16 28.19
C ARG G 236 28.09 -47.14 28.81
N LEU G 237 28.46 -46.64 29.99
CA LEU G 237 27.67 -45.62 30.67
C LEU G 237 27.77 -44.28 29.95
N LEU G 238 29.00 -43.84 29.69
CA LEU G 238 29.23 -42.57 29.03
C LEU G 238 28.69 -42.56 27.60
N LEU G 239 28.74 -43.72 26.96
CA LEU G 239 28.19 -43.87 25.62
C LEU G 239 26.67 -43.73 25.64
N ASN G 240 26.05 -44.37 26.63
CA ASN G 240 24.60 -44.35 26.76
C ASN G 240 24.08 -43.00 27.21
N ARG G 241 24.94 -42.22 27.86
CA ARG G 241 24.56 -40.88 28.32
C ARG G 241 24.64 -39.86 27.20
N PHE G 242 24.91 -40.33 25.99
CA PHE G 242 24.86 -39.47 24.81
C PHE G 242 23.43 -39.42 24.28
N THR G 243 22.69 -40.50 24.51
CA THR G 243 21.28 -40.54 24.16
C THR G 243 20.45 -40.00 25.33
N MET G 244 21.15 -39.60 26.38
CA MET G 244 20.52 -39.12 27.60
C MET G 244 21.19 -37.84 28.09
N THR G 245 20.70 -36.69 27.63
CA THR G 245 21.31 -35.42 27.97
C THR G 245 20.30 -34.40 28.47
N HIS G 246 19.44 -34.81 29.40
CA HIS G 246 18.45 -33.90 29.98
C HIS G 246 18.20 -34.20 31.45
N ARG G 247 19.06 -35.04 32.03
CA ARG G 247 18.98 -35.36 33.45
C ARG G 247 19.57 -34.26 34.30
N ARG G 248 18.75 -33.60 35.10
CA ARG G 248 19.22 -32.59 36.02
C ARG G 248 20.16 -33.23 37.05
N PRO G 249 21.39 -32.72 37.15
CA PRO G 249 22.41 -33.29 38.03
C PRO G 249 22.00 -33.28 39.51
N THR G 250 22.06 -34.43 40.15
CA THR G 250 21.73 -34.54 41.56
C THR G 250 22.71 -33.77 42.43
N ILE G 251 22.22 -32.74 43.10
CA ILE G 251 23.06 -31.86 43.90
C ILE G 251 23.16 -32.31 45.36
N GLU G 252 24.37 -32.33 45.88
CA GLU G 252 24.59 -32.68 47.29
C GLU G 252 25.27 -31.53 48.02
N LYS G 253 25.33 -31.63 49.35
CA LYS G 253 25.96 -30.60 50.16
C LYS G 253 27.47 -30.74 50.19
N ASP G 254 28.17 -29.61 50.09
CA ASP G 254 29.63 -29.60 50.15
C ASP G 254 30.11 -29.96 51.54
N VAL G 255 31.36 -30.43 51.63
CA VAL G 255 31.91 -30.88 52.90
C VAL G 255 32.35 -29.72 53.78
N ASP G 256 32.01 -29.78 55.07
CA ASP G 256 32.45 -28.80 56.04
C ASP G 256 33.74 -29.28 56.70
N LEU G 257 34.82 -28.52 56.52
CA LEU G 257 36.13 -28.94 57.02
C LEU G 257 36.43 -28.37 58.40
N GLY G 258 35.48 -27.61 58.95
CA GLY G 258 35.65 -27.04 60.28
C GLY G 258 36.78 -26.04 60.37
N ALA G 259 37.33 -25.87 61.56
CA ALA G 259 38.42 -24.92 61.79
C ALA G 259 39.21 -25.25 63.05
N GLY G 260 40.25 -24.46 63.31
CA GLY G 260 41.05 -24.63 64.51
C GLY G 260 42.14 -25.68 64.38
N THR G 261 43.02 -25.74 65.36
CA THR G 261 44.09 -26.73 65.39
C THR G 261 43.54 -28.11 65.72
N ARG G 262 44.41 -29.12 65.72
CA ARG G 262 43.97 -30.48 65.95
C ARG G 262 44.62 -31.13 67.18
N HIS G 263 45.92 -31.33 67.11
CA HIS G 263 46.67 -32.01 68.17
C HIS G 263 46.10 -33.40 68.43
N VAL G 264 46.52 -34.38 67.61
CA VAL G 264 45.97 -35.72 67.66
C VAL G 264 46.27 -36.45 68.97
N ASN G 265 47.40 -36.13 69.59
CA ASN G 265 47.82 -36.80 70.81
C ASN G 265 46.90 -36.49 71.99
N ALA G 266 46.21 -35.36 71.92
CA ALA G 266 45.26 -34.96 72.96
C ALA G 266 43.84 -34.92 72.41
N GLU G 267 43.56 -35.81 71.46
CA GLU G 267 42.27 -35.84 70.78
C GLU G 267 41.32 -36.95 71.26
N PRO G 268 41.80 -38.19 71.43
CA PRO G 268 40.84 -39.25 71.80
C PRO G 268 40.23 -39.08 73.18
N GLU G 269 39.30 -39.98 73.52
CA GLU G 269 38.55 -39.91 74.76
C GLU G 269 38.88 -41.07 75.70
N THR G 270 38.97 -40.77 76.99
CA THR G 270 39.21 -41.80 78.00
C THR G 270 37.99 -41.97 78.89
N PRO G 271 37.16 -42.99 78.60
CA PRO G 271 35.92 -43.25 79.34
C PRO G 271 36.15 -43.81 80.74
N ASN G 272 35.09 -44.30 81.37
CA ASN G 272 35.18 -44.85 82.72
C ASN G 272 35.05 -46.37 82.74
N MET G 273 34.15 -46.87 81.90
CA MET G 273 33.86 -48.30 81.79
C MET G 273 33.29 -48.89 83.08
N ASP G 274 33.09 -48.04 84.08
CA ASP G 274 32.48 -48.45 85.33
C ASP G 274 31.02 -48.05 85.31
N VAL G 275 30.76 -46.89 84.71
CA VAL G 275 29.42 -46.37 84.58
C VAL G 275 28.72 -46.97 83.36
N ILE G 276 29.37 -46.89 82.22
CA ILE G 276 28.80 -47.36 80.97
C ILE G 276 29.07 -48.85 80.75
N GLY G 277 29.74 -49.46 81.70
CA GLY G 277 30.11 -50.87 81.59
C GLY G 277 28.92 -51.81 81.50
N GLU G 278 27.90 -51.54 82.31
CA GLU G 278 26.73 -52.40 82.37
C GLU G 278 25.91 -52.33 81.08
N ARG G 279 25.81 -51.12 80.52
CA ARG G 279 25.02 -50.91 79.32
C ARG G 279 25.59 -51.63 78.11
N ILE G 280 26.91 -51.55 77.95
CA ILE G 280 27.58 -52.17 76.81
C ILE G 280 27.45 -53.69 76.85
N LYS G 281 27.53 -54.26 78.05
CA LYS G 281 27.45 -55.70 78.22
C LYS G 281 26.10 -56.24 77.75
N ARG G 282 25.03 -55.51 78.05
CA ARG G 282 23.69 -55.92 77.66
C ARG G 282 23.50 -55.86 76.15
N ILE G 283 24.17 -54.89 75.52
CA ILE G 283 24.11 -54.74 74.08
C ILE G 283 24.92 -55.83 73.39
N LYS G 284 26.09 -56.12 73.94
CA LYS G 284 27.00 -57.10 73.36
C LYS G 284 26.44 -58.52 73.43
N GLU G 285 25.87 -58.88 74.58
CA GLU G 285 25.33 -60.22 74.77
C GLU G 285 24.09 -60.45 73.91
N GLU G 286 23.33 -59.39 73.65
CA GLU G 286 22.13 -59.49 72.84
C GLU G 286 22.48 -59.76 71.38
N HIS G 287 23.46 -59.02 70.86
CA HIS G 287 23.91 -59.20 69.49
C HIS G 287 25.27 -59.90 69.46
N SER G 288 25.40 -60.96 70.23
CA SER G 288 26.66 -61.69 70.35
C SER G 288 26.98 -62.46 69.07
N SER G 289 26.00 -62.61 68.19
CA SER G 289 26.19 -63.34 66.95
C SER G 289 27.06 -62.57 65.96
N THR G 290 26.84 -61.26 65.88
CA THR G 290 27.53 -60.43 64.90
C THR G 290 28.41 -59.36 65.54
N TRP G 291 28.63 -59.48 66.85
CA TRP G 291 29.45 -58.51 67.56
C TRP G 291 30.92 -58.65 67.19
N HIS G 292 31.57 -57.53 66.91
CA HIS G 292 32.98 -57.52 66.55
C HIS G 292 33.60 -56.15 66.77
N TYR G 293 34.93 -56.07 66.65
CA TYR G 293 35.64 -54.82 66.83
C TYR G 293 36.25 -54.34 65.53
N ASP G 294 35.70 -53.27 64.97
CA ASP G 294 36.20 -52.71 63.72
C ASP G 294 37.41 -51.81 63.99
N ASP G 295 38.53 -52.15 63.37
CA ASP G 295 39.78 -51.41 63.59
C ASP G 295 39.80 -50.11 62.80
N GLU G 296 38.92 -49.97 61.83
CA GLU G 296 38.89 -48.79 60.97
C GLU G 296 37.78 -47.84 61.35
N ASN G 297 37.50 -47.72 62.64
CA ASN G 297 36.48 -46.78 63.11
C ASN G 297 37.00 -45.35 63.02
N PRO G 298 36.21 -44.47 62.39
CA PRO G 298 36.61 -43.07 62.16
C PRO G 298 36.37 -42.17 63.36
N TYR G 299 36.02 -42.75 64.50
CA TYR G 299 35.71 -41.96 65.68
C TYR G 299 36.97 -41.42 66.34
N LYS G 300 37.04 -40.10 66.47
CA LYS G 300 38.22 -39.44 67.01
C LYS G 300 38.06 -39.12 68.49
N THR G 301 37.20 -38.14 68.77
CA THR G 301 37.00 -37.69 70.14
C THR G 301 35.98 -38.55 70.88
N TRP G 302 35.48 -39.58 70.20
CA TRP G 302 34.55 -40.52 70.82
C TRP G 302 35.22 -41.86 71.07
N ALA G 303 34.85 -42.51 72.18
CA ALA G 303 35.43 -43.79 72.52
C ALA G 303 34.68 -44.93 71.83
N TYR G 304 35.37 -45.59 70.90
CA TYR G 304 34.78 -46.72 70.19
C TYR G 304 34.85 -47.99 71.03
N HIS G 305 33.72 -48.70 71.11
CA HIS G 305 33.64 -49.89 71.95
C HIS G 305 33.46 -51.16 71.12
N GLY G 306 32.65 -51.08 70.07
CA GLY G 306 32.41 -52.24 69.22
C GLY G 306 31.36 -51.99 68.15
N SER G 307 30.97 -53.04 67.45
CA SER G 307 29.98 -52.93 66.38
C SER G 307 29.27 -54.26 66.13
N TYR G 308 28.11 -54.18 65.49
CA TYR G 308 27.35 -55.37 65.13
C TYR G 308 26.47 -55.09 63.91
N GLU G 309 26.17 -56.15 63.15
CA GLU G 309 25.45 -56.01 61.90
C GLU G 309 24.00 -55.58 62.11
N VAL G 310 23.55 -54.64 61.29
CA VAL G 310 22.18 -54.16 61.34
C VAL G 310 21.63 -53.90 59.94
N LYS G 311 20.35 -53.52 59.87
CA LYS G 311 19.73 -53.15 58.61
C LYS G 311 19.79 -51.64 58.43
N ALA G 312 20.06 -51.20 57.21
CA ALA G 312 20.19 -49.77 56.91
C ALA G 312 18.89 -49.03 57.17
N THR G 313 18.98 -47.93 57.91
CA THR G 313 17.82 -47.12 58.24
C THR G 313 17.99 -45.68 57.75
N GLY G 314 16.89 -45.05 57.38
CA GLY G 314 16.90 -43.67 56.93
C GLY G 314 16.69 -43.55 55.42
N SER G 315 16.39 -42.33 54.98
CA SER G 315 16.18 -42.07 53.57
C SER G 315 17.11 -40.96 53.08
N ALA G 316 17.32 -40.93 51.76
CA ALA G 316 18.22 -39.95 51.16
C ALA G 316 17.53 -38.60 50.97
N SER G 317 16.27 -38.63 50.52
CA SER G 317 15.52 -37.41 50.28
C SER G 317 14.22 -37.40 51.09
N SER G 318 13.68 -36.20 51.27
CA SER G 318 12.41 -36.04 52.00
C SER G 318 11.26 -35.79 51.03
N MET G 319 10.09 -36.34 51.37
CA MET G 319 8.91 -36.18 50.54
C MET G 319 8.40 -34.75 50.55
N ILE G 320 8.04 -34.25 49.38
CA ILE G 320 7.56 -32.89 49.25
C ILE G 320 6.07 -32.79 49.57
N ASN G 321 5.64 -31.60 49.96
CA ASN G 321 4.23 -31.37 50.23
C ASN G 321 3.51 -30.93 48.97
N GLY G 322 2.79 -31.87 48.35
CA GLY G 322 2.17 -31.64 47.07
C GLY G 322 1.20 -30.47 46.99
N VAL G 323 0.41 -30.28 48.04
CA VAL G 323 -0.56 -29.20 48.07
C VAL G 323 0.12 -27.83 47.99
N VAL G 324 1.13 -27.63 48.82
CA VAL G 324 1.88 -26.39 48.81
C VAL G 324 2.75 -26.31 47.56
N LYS G 325 3.16 -27.47 47.06
CA LYS G 325 4.00 -27.55 45.87
C LYS G 325 3.31 -26.92 44.66
N LEU G 326 2.06 -27.29 44.45
CA LEU G 326 1.29 -26.81 43.30
C LEU G 326 0.99 -25.32 43.42
N LEU G 327 0.84 -24.84 44.64
CA LEU G 327 0.43 -23.46 44.86
C LEU G 327 1.63 -22.52 44.97
N THR G 328 2.82 -23.10 45.13
CA THR G 328 4.03 -22.29 45.20
C THR G 328 4.94 -22.57 44.02
N LYS G 329 4.42 -22.32 42.82
CA LYS G 329 5.17 -22.57 41.58
C LYS G 329 6.39 -21.66 41.38
N PRO G 330 6.30 -20.36 41.71
CA PRO G 330 7.50 -19.53 41.49
C PRO G 330 8.70 -19.97 42.31
N TRP G 331 8.46 -20.67 43.42
CA TRP G 331 9.55 -21.09 44.28
C TRP G 331 10.01 -22.50 43.95
N ASP G 332 9.63 -22.99 42.78
CA ASP G 332 10.09 -24.29 42.33
C ASP G 332 11.57 -24.23 41.93
N VAL G 333 12.01 -23.03 41.57
CA VAL G 333 13.38 -22.84 41.09
C VAL G 333 14.14 -21.79 41.89
N VAL G 334 14.34 -22.07 43.18
CA VAL G 334 15.16 -21.22 44.03
C VAL G 334 16.06 -22.11 44.88
N PRO G 335 17.37 -21.86 44.84
CA PRO G 335 18.38 -22.64 45.55
C PRO G 335 18.08 -22.84 47.04
N MET G 336 17.52 -21.83 47.66
CA MET G 336 17.22 -21.88 49.09
C MET G 336 16.14 -22.91 49.39
N VAL G 337 15.08 -22.91 48.58
CA VAL G 337 13.95 -23.81 48.78
C VAL G 337 14.33 -25.27 48.61
N THR G 338 15.13 -25.54 47.57
CA THR G 338 15.53 -26.90 47.27
C THR G 338 16.49 -27.45 48.33
N GLN G 339 17.25 -26.55 48.94
CA GLN G 339 18.26 -26.93 49.92
C GLN G 339 17.67 -27.60 51.16
N MET G 340 16.44 -27.24 51.50
CA MET G 340 15.81 -27.74 52.73
C MET G 340 15.17 -29.11 52.54
N ALA G 341 15.18 -29.61 51.32
CA ALA G 341 14.51 -30.87 51.01
C ALA G 341 15.49 -32.02 50.79
N MET G 342 16.77 -31.69 50.69
CA MET G 342 17.79 -32.70 50.41
C MET G 342 18.42 -33.25 51.69
N THR G 343 17.62 -33.33 52.76
CA THR G 343 18.09 -33.85 54.02
C THR G 343 18.33 -35.35 53.94
N ASP G 344 19.58 -35.76 54.22
CA ASP G 344 19.96 -37.16 54.13
C ASP G 344 20.02 -37.82 55.50
N THR G 345 19.36 -38.97 55.64
CA THR G 345 19.32 -39.69 56.90
C THR G 345 19.91 -41.09 56.76
N THR G 346 20.50 -41.36 55.60
CA THR G 346 21.14 -42.65 55.35
C THR G 346 22.41 -42.78 56.19
N PRO G 347 22.87 -44.03 56.41
CA PRO G 347 24.12 -44.28 57.15
C PRO G 347 25.29 -43.43 56.66
N PHE G 348 25.37 -43.20 55.35
CA PHE G 348 26.40 -42.33 54.81
C PHE G 348 26.22 -40.90 55.30
N GLY G 349 24.96 -40.47 55.39
CA GLY G 349 24.65 -39.12 55.84
C GLY G 349 24.95 -38.92 57.31
N GLN G 350 24.64 -39.94 58.12
CA GLN G 350 24.89 -39.86 59.56
C GLN G 350 26.38 -39.72 59.84
N GLN G 351 27.19 -40.44 59.07
CA GLN G 351 28.63 -40.39 59.24
C GLN G 351 29.20 -39.04 58.80
N ARG G 352 28.61 -38.48 57.75
CA ARG G 352 29.07 -37.19 57.23
C ARG G 352 28.77 -36.06 58.21
N VAL G 353 27.58 -36.09 58.79
CA VAL G 353 27.17 -35.08 59.76
C VAL G 353 27.99 -35.22 61.04
N PHE G 354 28.31 -36.46 61.38
CA PHE G 354 29.04 -36.77 62.60
C PHE G 354 30.40 -36.08 62.64
N LYS G 355 31.17 -36.27 61.58
CA LYS G 355 32.54 -35.75 61.52
C LYS G 355 32.59 -34.23 61.54
N GLU G 356 31.61 -33.60 60.89
CA GLU G 356 31.63 -32.16 60.71
C GLU G 356 31.10 -31.41 61.93
N LYS G 357 30.30 -32.09 62.75
CA LYS G 357 29.63 -31.42 63.87
C LYS G 357 30.03 -31.96 65.23
N VAL G 358 29.55 -33.16 65.56
CA VAL G 358 29.66 -33.68 66.92
C VAL G 358 31.02 -34.29 67.24
N ASP G 359 31.85 -34.49 66.22
CA ASP G 359 33.16 -35.12 66.43
C ASP G 359 34.25 -34.09 66.60
N THR G 360 34.16 -33.31 67.68
CA THR G 360 35.17 -32.31 68.00
C THR G 360 35.52 -32.33 69.48
N ARG G 361 36.66 -31.75 69.83
CA ARG G 361 37.11 -31.69 71.21
C ARG G 361 37.21 -30.25 71.69
N THR G 362 36.51 -29.93 72.77
CA THR G 362 36.54 -28.60 73.34
C THR G 362 37.62 -28.50 74.43
N PRO G 363 38.56 -27.56 74.25
CA PRO G 363 39.67 -27.35 75.19
C PRO G 363 39.20 -27.08 76.61
N ARG G 364 39.86 -27.69 77.59
CA ARG G 364 39.52 -27.49 78.99
C ARG G 364 39.77 -26.06 79.42
N PRO G 365 38.73 -25.40 79.97
CA PRO G 365 38.83 -24.01 80.45
C PRO G 365 39.90 -23.84 81.51
N MET G 366 40.47 -22.63 81.59
CA MET G 366 41.51 -22.34 82.56
C MET G 366 40.96 -22.39 83.99
N PRO G 367 41.82 -22.79 84.95
CA PRO G 367 41.45 -22.91 86.37
C PRO G 367 40.73 -21.68 86.92
N GLY G 368 41.17 -20.49 86.53
CA GLY G 368 40.53 -19.26 86.97
C GLY G 368 39.14 -19.13 86.40
N THR G 369 38.96 -19.56 85.16
CA THR G 369 37.67 -19.49 84.50
C THR G 369 36.69 -20.47 85.13
N ARG G 370 37.17 -21.67 85.45
CA ARG G 370 36.33 -22.69 86.05
C ARG G 370 35.81 -22.23 87.40
N LYS G 371 36.62 -21.46 88.12
CA LYS G 371 36.22 -20.94 89.42
C LYS G 371 35.09 -19.93 89.27
N VAL G 372 35.23 -19.03 88.29
CA VAL G 372 34.22 -18.02 88.04
C VAL G 372 32.91 -18.65 87.61
N MET G 373 32.99 -19.67 86.75
CA MET G 373 31.80 -20.38 86.29
C MET G 373 31.10 -21.07 87.45
N GLU G 374 31.87 -21.53 88.43
CA GLU G 374 31.30 -22.20 89.59
C GLU G 374 30.60 -21.21 90.51
N ILE G 375 31.19 -20.03 90.65
CA ILE G 375 30.61 -18.98 91.50
C ILE G 375 29.32 -18.45 90.90
N THR G 376 29.36 -18.12 89.61
CA THR G 376 28.21 -17.57 88.92
C THR G 376 27.04 -18.54 88.92
N ALA G 377 27.34 -19.82 88.72
CA ALA G 377 26.31 -20.85 88.69
C ALA G 377 25.63 -21.01 90.04
N GLU G 378 26.43 -21.00 91.10
CA GLU G 378 25.90 -21.13 92.46
C GLU G 378 24.99 -19.96 92.81
N TRP G 379 25.39 -18.76 92.38
CA TRP G 379 24.60 -17.57 92.62
C TRP G 379 23.32 -17.60 91.79
N LEU G 380 23.41 -18.19 90.60
CA LEU G 380 22.29 -18.21 89.67
C LEU G 380 21.21 -19.18 90.14
N TRP G 381 21.63 -20.36 90.60
CA TRP G 381 20.68 -21.34 91.12
C TRP G 381 19.96 -20.82 92.35
N ARG G 382 20.68 -20.01 93.15
CA ARG G 382 20.09 -19.41 94.33
C ARG G 382 18.99 -18.43 93.96
N THR G 383 19.16 -17.76 92.83
CA THR G 383 18.19 -16.77 92.38
C THR G 383 16.97 -17.43 91.75
N LEU G 384 17.21 -18.48 90.95
CA LEU G 384 16.13 -19.19 90.27
C LEU G 384 15.21 -19.89 91.26
N GLY G 385 15.78 -20.33 92.38
CA GLY G 385 15.04 -21.09 93.37
C GLY G 385 14.64 -20.26 94.58
N ARG G 386 14.46 -18.96 94.36
CA ARG G 386 14.08 -18.05 95.44
C ARG G 386 12.62 -18.23 95.81
N ASN G 387 11.84 -18.77 94.88
CA ASN G 387 10.41 -18.97 95.09
C ASN G 387 10.00 -20.41 94.78
N LYS G 388 10.39 -20.90 93.61
CA LYS G 388 10.03 -22.24 93.19
C LYS G 388 10.93 -23.28 93.84
N ARG G 389 10.35 -24.44 94.17
CA ARG G 389 11.11 -25.55 94.73
C ARG G 389 11.15 -26.71 93.77
N PRO G 390 12.31 -27.36 93.65
CA PRO G 390 12.48 -28.55 92.80
C PRO G 390 11.58 -29.70 93.22
N ARG G 391 10.91 -30.33 92.27
CA ARG G 391 9.98 -31.41 92.58
C ARG G 391 10.10 -32.57 91.59
N LEU G 392 9.48 -33.69 91.95
CA LEU G 392 9.46 -34.87 91.09
C LEU G 392 8.22 -34.88 90.21
N CYS G 393 8.40 -35.16 88.92
CA CYS G 393 7.27 -35.31 88.02
C CYS G 393 6.72 -36.73 88.14
N THR G 394 5.42 -36.87 87.93
CA THR G 394 4.74 -38.14 88.16
C THR G 394 4.52 -38.93 86.88
N ARG G 395 4.18 -40.20 87.04
CA ARG G 395 3.82 -41.07 85.92
C ARG G 395 2.56 -40.54 85.24
N GLU G 396 1.64 -40.05 86.04
CA GLU G 396 0.38 -39.52 85.53
C GLU G 396 0.62 -38.28 84.67
N GLU G 397 1.55 -37.45 85.10
CA GLU G 397 1.92 -36.26 84.33
C GLU G 397 2.54 -36.65 82.99
N PHE G 398 3.41 -37.65 83.03
CA PHE G 398 4.06 -38.12 81.82
C PHE G 398 3.05 -38.82 80.91
N THR G 399 2.07 -39.48 81.54
CA THR G 399 1.02 -40.17 80.79
C THR G 399 0.19 -39.20 79.95
N LYS G 400 -0.21 -38.09 80.58
CA LYS G 400 -1.06 -37.09 79.93
C LYS G 400 -0.36 -36.43 78.74
N LYS G 401 0.92 -36.10 78.92
CA LYS G 401 1.67 -35.39 77.90
C LYS G 401 1.93 -36.25 76.67
N VAL G 402 2.00 -37.56 76.87
CA VAL G 402 2.22 -38.48 75.75
C VAL G 402 0.96 -38.62 74.91
N ARG G 403 -0.17 -38.85 75.57
CA ARG G 403 -1.46 -39.02 74.89
C ARG G 403 -1.83 -37.78 74.08
N THR G 404 -1.62 -36.61 74.66
CA THR G 404 -1.91 -35.35 73.98
C THR G 404 -0.84 -35.03 72.95
N SER G 420 1.15 -41.83 69.33
CA SER G 420 2.40 -42.48 68.94
C SER G 420 2.66 -43.60 69.91
N ALA G 421 3.90 -44.06 70.00
CA ALA G 421 4.17 -45.14 70.95
C ALA G 421 3.63 -44.84 72.35
N ARG G 422 2.34 -44.52 72.41
CA ARG G 422 1.64 -44.36 73.67
C ARG G 422 1.51 -45.71 74.34
N ALA G 423 1.06 -46.71 73.56
CA ALA G 423 0.73 -48.05 74.03
C ALA G 423 1.59 -48.54 75.19
N ALA G 424 2.88 -48.25 75.11
CA ALA G 424 3.82 -48.48 76.20
C ALA G 424 3.37 -47.82 77.49
N VAL G 425 2.94 -46.56 77.40
CA VAL G 425 2.41 -45.84 78.56
C VAL G 425 1.16 -46.55 79.04
N GLU G 426 0.33 -46.98 78.10
CA GLU G 426 -0.88 -47.70 78.42
C GLU G 426 -0.57 -49.14 78.85
N ASP G 427 0.64 -49.59 78.55
CA ASP G 427 1.08 -50.93 78.94
C ASP G 427 1.67 -50.90 80.34
N GLU G 428 1.19 -51.79 81.20
CA GLU G 428 1.66 -51.87 82.58
C GLU G 428 3.03 -52.56 82.62
N GLU G 429 3.29 -53.40 81.63
CA GLU G 429 4.54 -54.13 81.54
C GLU G 429 5.72 -53.18 81.33
N PHE G 430 5.45 -52.06 80.67
CA PHE G 430 6.48 -51.06 80.39
C PHE G 430 6.95 -50.38 81.67
N TRP G 431 6.00 -50.01 82.53
CA TRP G 431 6.34 -49.34 83.78
C TRP G 431 7.09 -50.26 84.72
N LYS G 432 6.90 -51.56 84.56
CA LYS G 432 7.65 -52.53 85.34
C LYS G 432 9.11 -52.54 84.89
N LEU G 433 9.33 -52.32 83.59
CA LEU G 433 10.69 -52.20 83.07
C LEU G 433 11.34 -50.92 83.58
N VAL G 434 10.52 -49.88 83.69
CA VAL G 434 10.99 -48.59 84.18
C VAL G 434 11.41 -48.71 85.65
N ASP G 435 10.62 -49.45 86.42
CA ASP G 435 10.87 -49.62 87.84
C ASP G 435 12.23 -50.27 88.10
N ARG G 436 12.55 -51.30 87.32
CA ARG G 436 13.82 -52.00 87.48
C ARG G 436 14.99 -51.11 87.15
N GLU G 437 14.82 -50.20 86.18
CA GLU G 437 15.88 -49.28 85.80
C GLU G 437 16.02 -48.17 86.82
N ARG G 438 14.90 -47.80 87.45
CA ARG G 438 14.92 -46.77 88.48
C ARG G 438 15.72 -47.22 89.68
N GLU G 439 15.55 -48.48 90.06
CA GLU G 439 16.24 -49.04 91.22
C GLU G 439 17.76 -49.05 90.99
N LEU G 440 18.15 -49.18 89.72
CA LEU G 440 19.56 -49.12 89.36
C LEU G 440 20.11 -47.72 89.55
N HIS G 441 19.31 -46.72 89.18
CA HIS G 441 19.72 -45.34 89.32
C HIS G 441 19.83 -44.94 90.79
N LYS G 442 19.02 -45.57 91.63
CA LYS G 442 19.05 -45.31 93.06
C LYS G 442 20.27 -45.97 93.71
N LEU G 443 20.97 -46.78 92.95
CA LEU G 443 22.17 -47.45 93.42
C LEU G 443 23.41 -46.92 92.71
N GLY G 444 23.20 -45.91 91.86
CA GLY G 444 24.30 -45.30 91.13
C GLY G 444 24.74 -46.13 89.94
N LYS G 445 23.82 -46.91 89.40
CA LYS G 445 24.13 -47.77 88.26
C LYS G 445 23.15 -47.53 87.11
N CYS G 446 23.57 -47.82 85.89
CA CYS G 446 22.71 -47.66 84.72
C CYS G 446 22.79 -48.88 83.82
N GLY G 447 21.68 -49.19 83.14
CA GLY G 447 21.62 -50.42 82.37
C GLY G 447 20.93 -50.36 81.01
N SER G 448 20.05 -49.38 80.82
CA SER G 448 19.27 -49.34 79.58
C SER G 448 19.23 -47.97 78.91
N CYS G 449 19.71 -46.94 79.61
CA CYS G 449 19.68 -45.60 79.07
C CYS G 449 20.70 -45.40 77.96
N VAL G 450 20.25 -45.55 76.72
CA VAL G 450 21.11 -45.36 75.56
C VAL G 450 20.48 -44.39 74.55
N TYR G 451 21.33 -43.63 73.86
CA TYR G 451 20.86 -42.64 72.90
C TYR G 451 21.08 -43.10 71.47
N ASN G 452 20.19 -42.69 70.57
CA ASN G 452 20.34 -42.99 69.15
C ASN G 452 20.46 -41.73 68.31
N MET G 453 21.20 -41.83 67.21
CA MET G 453 21.37 -40.70 66.30
C MET G 453 20.29 -40.70 65.22
N MET G 476 17.63 -42.15 75.19
CA MET G 476 16.63 -41.75 74.21
C MET G 476 15.46 -42.72 74.21
N TRP G 477 15.68 -43.90 74.79
CA TRP G 477 14.61 -44.89 74.94
C TRP G 477 13.51 -44.32 75.81
N LEU G 478 12.27 -44.70 75.52
CA LEU G 478 11.10 -44.11 76.17
C LEU G 478 11.16 -44.22 77.69
N GLY G 479 11.60 -45.37 78.18
CA GLY G 479 11.74 -45.57 79.61
C GLY G 479 12.81 -44.68 80.20
N ALA G 480 13.90 -44.51 79.45
CA ALA G 480 15.00 -43.67 79.89
C ALA G 480 14.60 -42.20 79.84
N ARG G 481 13.67 -41.89 78.94
CA ARG G 481 13.20 -40.51 78.78
C ARG G 481 12.29 -40.12 79.93
N TYR G 482 11.55 -41.10 80.46
CA TYR G 482 10.67 -40.85 81.59
C TYR G 482 11.46 -40.54 82.86
N LEU G 483 12.44 -41.38 83.15
CA LEU G 483 13.27 -41.21 84.34
C LEU G 483 14.00 -39.87 84.30
N GLU G 484 14.34 -39.43 83.10
CA GLU G 484 14.94 -38.12 82.93
C GLU G 484 13.90 -37.03 83.17
N PHE G 485 12.69 -37.26 82.67
CA PHE G 485 11.58 -36.34 82.87
C PHE G 485 11.13 -36.36 84.32
N GLU G 486 11.29 -37.50 84.97
CA GLU G 486 10.87 -37.65 86.35
C GLU G 486 11.73 -36.81 87.29
N ALA G 487 13.00 -36.64 86.92
CA ALA G 487 13.96 -35.97 87.78
C ALA G 487 14.15 -34.50 87.42
N LEU G 488 14.23 -34.20 86.12
CA LEU G 488 14.53 -32.86 85.68
C LEU G 488 13.41 -32.23 84.86
N GLY G 489 12.21 -32.80 84.96
CA GLY G 489 11.07 -32.30 84.21
C GLY G 489 10.47 -31.06 84.85
N PHE G 490 10.79 -30.85 86.11
CA PHE G 490 10.23 -29.72 86.86
C PHE G 490 10.72 -28.38 86.33
N LEU G 491 11.84 -28.40 85.62
CA LEU G 491 12.40 -27.18 85.04
C LEU G 491 11.48 -26.57 84.00
N ASN G 492 10.76 -27.43 83.29
CA ASN G 492 9.87 -26.97 82.23
C ASN G 492 8.42 -26.86 82.69
N GLU G 493 7.99 -27.81 83.52
CA GLU G 493 6.61 -27.84 83.98
C GLU G 493 6.30 -26.71 84.96
N ASP G 494 7.25 -26.41 85.83
CA ASP G 494 7.05 -25.35 86.81
C ASP G 494 7.55 -24.02 86.26
N HIS G 495 8.04 -24.04 85.02
CA HIS G 495 8.49 -22.84 84.32
C HIS G 495 9.58 -22.11 85.10
N TRP G 496 10.65 -22.81 85.41
CA TRP G 496 11.77 -22.22 86.13
C TRP G 496 12.45 -21.12 85.31
N PHE G 497 12.42 -21.28 83.99
CA PHE G 497 13.10 -20.35 83.10
C PHE G 497 12.15 -19.33 82.48
N SER G 498 11.02 -19.11 83.13
CA SER G 498 10.11 -18.05 82.72
C SER G 498 10.71 -16.71 83.05
N ARG G 499 10.22 -15.65 82.41
CA ARG G 499 10.80 -14.32 82.61
C ARG G 499 10.48 -13.78 84.01
N GLU G 500 9.48 -14.37 84.65
CA GLU G 500 9.12 -13.96 86.01
C GLU G 500 10.14 -14.49 87.01
N ASN G 501 10.68 -15.67 86.74
CA ASN G 501 11.57 -16.32 87.69
C ASN G 501 13.04 -16.26 87.27
N SER G 502 13.28 -16.19 85.95
CA SER G 502 14.65 -16.20 85.44
C SER G 502 15.08 -14.83 84.90
N TYR G 503 14.14 -13.88 84.89
CA TYR G 503 14.40 -12.51 84.45
C TYR G 503 14.85 -12.39 82.99
N SER G 504 15.77 -13.26 82.56
CA SER G 504 16.31 -13.20 81.21
C SER G 504 15.56 -14.12 80.25
N GLY G 505 15.06 -15.22 80.76
CA GLY G 505 14.38 -16.21 79.94
C GLY G 505 13.11 -15.69 79.30
N VAL G 506 12.69 -16.35 78.22
CA VAL G 506 11.48 -15.95 77.51
C VAL G 506 10.56 -17.15 77.32
N GLU G 507 10.72 -18.15 78.19
CA GLU G 507 9.94 -19.38 78.09
C GLU G 507 8.48 -19.15 78.46
N GLY G 508 7.59 -19.52 77.54
CA GLY G 508 6.16 -19.42 77.77
C GLY G 508 5.54 -18.15 77.23
N GLU G 509 6.35 -17.26 76.69
CA GLU G 509 5.87 -15.99 76.18
C GLU G 509 5.15 -16.17 74.85
N GLY G 510 5.87 -16.62 73.83
CA GLY G 510 5.32 -16.78 72.51
C GLY G 510 6.03 -15.91 71.49
N LEU G 511 6.02 -16.35 70.23
CA LEU G 511 6.74 -15.66 69.16
C LEU G 511 6.23 -14.24 68.95
N HIS G 512 4.93 -14.05 69.18
CA HIS G 512 4.31 -12.75 68.98
C HIS G 512 4.73 -11.75 70.05
N LYS G 513 5.14 -12.25 71.21
CA LYS G 513 5.53 -11.38 72.32
C LYS G 513 7.04 -11.11 72.34
N LEU G 514 7.80 -11.96 71.66
CA LEU G 514 9.25 -11.84 71.66
C LEU G 514 9.73 -10.50 71.11
N GLY G 515 9.05 -10.00 70.09
CA GLY G 515 9.42 -8.73 69.49
C GLY G 515 9.24 -7.56 70.43
N TYR G 516 8.17 -7.61 71.22
CA TYR G 516 7.89 -6.54 72.17
C TYR G 516 8.93 -6.53 73.29
N ILE G 517 9.43 -7.71 73.64
CA ILE G 517 10.44 -7.84 74.68
C ILE G 517 11.74 -7.16 74.27
N LEU G 518 12.16 -7.41 73.03
CA LEU G 518 13.38 -6.82 72.51
C LEU G 518 13.26 -5.30 72.42
N ARG G 519 12.05 -4.81 72.21
CA ARG G 519 11.81 -3.38 72.16
C ARG G 519 11.97 -2.77 73.54
N ASP G 520 11.56 -3.52 74.56
CA ASP G 520 11.69 -3.06 75.95
C ASP G 520 13.15 -3.06 76.38
N ILE G 521 13.93 -3.98 75.84
CA ILE G 521 15.34 -4.07 76.14
C ILE G 521 16.09 -2.87 75.57
N SER G 522 15.69 -2.46 74.36
CA SER G 522 16.32 -1.34 73.68
C SER G 522 16.12 -0.02 74.43
N LYS G 523 15.12 0.01 75.29
CA LYS G 523 14.81 1.22 76.06
C LYS G 523 15.74 1.36 77.26
N ILE G 524 16.52 0.31 77.53
CA ILE G 524 17.47 0.33 78.63
C ILE G 524 18.76 1.04 78.22
N PRO G 525 19.15 2.08 78.96
CA PRO G 525 20.36 2.86 78.69
C PRO G 525 21.61 2.00 78.68
N GLY G 526 22.50 2.25 77.71
CA GLY G 526 23.74 1.50 77.60
C GLY G 526 24.25 1.44 76.18
N GLY G 527 25.10 0.46 75.91
CA GLY G 527 25.67 0.30 74.59
C GLY G 527 24.70 -0.32 73.61
N ALA G 528 25.23 -0.78 72.48
CA ALA G 528 24.41 -1.40 71.45
C ALA G 528 23.94 -2.79 71.86
N MET G 529 22.99 -3.34 71.11
CA MET G 529 22.47 -4.66 71.38
C MET G 529 23.26 -5.72 70.62
N TYR G 530 23.87 -6.64 71.35
CA TYR G 530 24.70 -7.69 70.74
C TYR G 530 24.00 -9.04 70.78
N ALA G 531 24.14 -9.79 69.69
CA ALA G 531 23.54 -11.12 69.61
C ALA G 531 24.41 -12.05 68.77
N ASP G 532 25.43 -12.62 69.41
CA ASP G 532 26.34 -13.53 68.72
C ASP G 532 25.81 -14.94 68.71
N ASP G 533 25.99 -15.64 67.59
CA ASP G 533 25.52 -17.00 67.44
C ASP G 533 26.64 -18.00 67.70
N THR G 534 26.34 -19.04 68.46
CA THR G 534 27.35 -20.05 68.80
C THR G 534 27.29 -21.23 67.83
N ALA G 535 28.45 -21.60 67.29
CA ALA G 535 28.53 -22.69 66.34
C ALA G 535 28.52 -24.05 67.05
N GLY G 536 27.39 -24.74 66.96
CA GLY G 536 27.24 -26.05 67.59
C GLY G 536 27.29 -25.96 69.09
N TRP G 537 26.25 -25.38 69.68
CA TRP G 537 26.20 -25.16 71.12
C TRP G 537 26.26 -26.46 71.91
N ASP G 538 25.51 -27.46 71.45
CA ASP G 538 25.46 -28.75 72.13
C ASP G 538 26.79 -29.47 72.08
N THR G 539 27.61 -29.12 71.09
CA THR G 539 28.91 -29.75 70.92
C THR G 539 30.00 -29.00 71.67
N ARG G 540 29.65 -27.87 72.26
CA ARG G 540 30.62 -27.06 72.97
C ARG G 540 30.31 -26.96 74.46
N ILE G 541 29.58 -27.94 74.96
CA ILE G 541 29.31 -28.03 76.39
C ILE G 541 30.42 -28.80 77.09
N THR G 542 31.19 -28.10 77.92
CA THR G 542 32.31 -28.70 78.62
C THR G 542 31.84 -29.52 79.82
N GLU G 543 32.76 -30.31 80.38
CA GLU G 543 32.44 -31.10 81.56
C GLU G 543 32.17 -30.19 82.75
N ASP G 544 32.81 -29.03 82.77
CA ASP G 544 32.64 -28.07 83.85
C ASP G 544 31.24 -27.45 83.81
N ASP G 545 30.71 -27.29 82.60
CA ASP G 545 29.36 -26.76 82.43
C ASP G 545 28.34 -27.73 83.00
N LEU G 546 28.50 -29.01 82.69
CA LEU G 546 27.60 -30.04 83.20
C LEU G 546 27.72 -30.17 84.71
N HIS G 547 28.92 -29.91 85.23
CA HIS G 547 29.18 -29.99 86.65
C HIS G 547 28.47 -28.85 87.39
N ASN G 548 28.39 -27.69 86.75
CA ASN G 548 27.74 -26.54 87.34
C ASN G 548 26.22 -26.67 87.31
N GLU G 549 25.72 -27.44 86.36
CA GLU G 549 24.28 -27.66 86.23
C GLU G 549 23.79 -28.65 87.26
N GLU G 550 24.68 -29.52 87.71
CA GLU G 550 24.35 -30.55 88.70
C GLU G 550 24.11 -29.95 90.07
N LYS G 551 24.54 -28.71 90.25
CA LYS G 551 24.48 -28.03 91.54
C LYS G 551 23.05 -27.69 91.97
N ILE G 552 22.09 -27.90 91.07
CA ILE G 552 20.69 -27.65 91.38
C ILE G 552 20.14 -28.75 92.29
N THR G 553 20.80 -29.91 92.28
CA THR G 553 20.35 -31.05 93.04
C THR G 553 20.44 -30.83 94.55
N GLN G 554 21.19 -29.81 94.95
CA GLN G 554 21.36 -29.49 96.36
C GLN G 554 20.09 -28.87 96.94
N GLN G 555 19.23 -28.37 96.07
CA GLN G 555 17.97 -27.77 96.50
C GLN G 555 16.84 -28.79 96.48
N MET G 556 17.20 -30.06 96.33
CA MET G 556 16.20 -31.11 96.21
C MET G 556 16.12 -31.98 97.47
N ASP G 557 15.00 -32.66 97.62
CA ASP G 557 14.80 -33.60 98.71
C ASP G 557 15.66 -34.84 98.48
N PRO G 558 16.05 -35.52 99.58
CA PRO G 558 16.90 -36.72 99.52
C PRO G 558 16.41 -37.77 98.52
N GLU G 559 15.11 -38.01 98.48
CA GLU G 559 14.54 -38.95 97.51
C GLU G 559 14.72 -38.43 96.09
N HIS G 560 14.56 -37.13 95.92
CA HIS G 560 14.71 -36.48 94.63
C HIS G 560 16.18 -36.34 94.26
N ARG G 561 17.00 -35.99 95.24
CA ARG G 561 18.40 -35.71 95.02
C ARG G 561 19.15 -36.90 94.42
N GLN G 562 18.79 -38.10 94.83
CA GLN G 562 19.45 -39.31 94.35
C GLN G 562 19.16 -39.57 92.88
N LEU G 563 17.89 -39.55 92.51
CA LEU G 563 17.48 -39.83 91.14
C LEU G 563 18.03 -38.77 90.19
N ALA G 564 18.09 -37.53 90.65
CA ALA G 564 18.58 -36.43 89.83
C ALA G 564 20.09 -36.53 89.61
N ASN G 565 20.81 -36.82 90.69
CA ASN G 565 22.25 -37.02 90.59
C ASN G 565 22.59 -38.18 89.67
N ALA G 566 21.71 -39.18 89.64
CA ALA G 566 21.89 -40.33 88.76
C ALA G 566 21.82 -39.89 87.31
N ILE G 567 20.88 -39.01 87.00
CA ILE G 567 20.70 -38.51 85.65
C ILE G 567 21.97 -37.81 85.16
N PHE G 568 22.47 -36.86 85.95
CA PHE G 568 23.69 -36.15 85.58
C PHE G 568 24.88 -37.10 85.46
N LYS G 569 24.99 -38.00 86.43
CA LYS G 569 26.14 -38.90 86.50
C LYS G 569 26.10 -40.02 85.45
N LEU G 570 24.93 -40.60 85.23
CA LEU G 570 24.83 -41.83 84.45
C LEU G 570 24.38 -41.64 83.00
N THR G 571 23.63 -40.57 82.72
CA THR G 571 23.16 -40.38 81.35
C THR G 571 23.50 -38.99 80.78
N TYR G 572 24.14 -38.14 81.58
CA TYR G 572 24.61 -36.84 81.07
C TYR G 572 26.13 -36.77 81.03
N GLN G 573 26.77 -36.87 82.18
CA GLN G 573 28.23 -36.83 82.26
C GLN G 573 28.83 -38.09 81.65
N ASN G 574 28.00 -39.09 81.43
CA ASN G 574 28.38 -40.30 80.72
C ASN G 574 27.23 -40.78 79.84
N LYS G 575 27.50 -41.01 78.56
CA LYS G 575 26.44 -41.37 77.65
C LYS G 575 26.87 -42.41 76.63
N VAL G 576 25.94 -43.29 76.26
CA VAL G 576 26.19 -44.30 75.25
C VAL G 576 25.32 -44.03 74.02
N VAL G 577 25.96 -43.90 72.86
CA VAL G 577 25.25 -43.53 71.65
C VAL G 577 25.39 -44.56 70.54
N LYS G 578 24.26 -44.99 69.98
CA LYS G 578 24.26 -45.87 68.83
C LYS G 578 24.30 -45.05 67.54
N VAL G 579 25.06 -45.53 66.56
CA VAL G 579 25.18 -44.82 65.29
C VAL G 579 25.58 -45.78 64.17
N GLN G 580 24.86 -45.73 63.06
CA GLN G 580 25.13 -46.60 61.93
C GLN G 580 26.37 -46.16 61.15
N ARG G 581 26.96 -47.09 60.42
CA ARG G 581 28.14 -46.81 59.60
C ARG G 581 28.26 -47.80 58.45
N PRO G 582 28.39 -47.30 57.22
CA PRO G 582 28.51 -48.14 56.04
C PRO G 582 29.87 -48.82 55.92
N THR G 583 29.85 -50.12 55.64
CA THR G 583 31.08 -50.89 55.45
C THR G 583 30.99 -51.65 54.14
N PRO G 584 32.16 -51.97 53.54
CA PRO G 584 32.16 -52.73 52.29
C PRO G 584 31.57 -54.13 52.44
N LYS G 585 31.40 -54.60 53.67
CA LYS G 585 30.81 -55.91 53.92
C LYS G 585 29.31 -55.78 54.18
N GLY G 586 28.90 -54.62 54.70
CA GLY G 586 27.50 -54.37 54.98
C GLY G 586 27.29 -53.13 55.82
N THR G 587 26.16 -53.08 56.52
CA THR G 587 25.84 -51.96 57.40
C THR G 587 25.92 -52.38 58.86
N VAL G 588 26.74 -51.67 59.64
CA VAL G 588 26.95 -52.02 61.04
C VAL G 588 26.52 -50.91 61.99
N MET G 589 26.30 -51.27 63.24
CA MET G 589 25.91 -50.32 64.28
C MET G 589 27.01 -50.19 65.32
N ASP G 590 27.67 -49.03 65.35
CA ASP G 590 28.77 -48.81 66.27
C ASP G 590 28.29 -48.34 67.64
N ILE G 591 29.10 -48.59 68.65
CA ILE G 591 28.79 -48.15 70.01
C ILE G 591 29.85 -47.19 70.52
N ILE G 592 29.46 -45.94 70.75
CA ILE G 592 30.41 -44.92 71.18
C ILE G 592 30.00 -44.29 72.51
N SER G 593 30.89 -43.49 73.08
CA SER G 593 30.65 -42.86 74.37
C SER G 593 31.60 -41.71 74.64
N ARG G 594 31.06 -40.61 75.17
CA ARG G 594 31.90 -39.50 75.61
C ARG G 594 31.32 -38.86 76.86
N LYS G 595 32.12 -38.01 77.51
CA LYS G 595 31.75 -37.45 78.80
C LYS G 595 31.04 -36.09 78.68
N ASP G 596 31.49 -35.25 77.75
CA ASP G 596 30.96 -33.90 77.65
C ASP G 596 29.83 -33.78 76.64
N GLN G 597 29.70 -32.58 76.08
CA GLN G 597 28.64 -32.24 75.13
C GLN G 597 27.24 -32.48 75.71
N ARG G 598 26.25 -32.55 74.84
CA ARG G 598 24.87 -32.68 75.28
C ARG G 598 23.99 -33.30 74.19
N GLY G 599 23.11 -34.20 74.59
CA GLY G 599 22.16 -34.80 73.67
C GLY G 599 21.04 -33.83 73.34
N SER G 600 20.76 -33.67 72.05
CA SER G 600 19.74 -32.73 71.59
C SER G 600 18.34 -33.21 71.93
N GLY G 601 18.19 -34.53 72.06
CA GLY G 601 16.88 -35.11 72.35
C GLY G 601 16.68 -35.39 73.82
N GLN G 602 17.30 -34.58 74.66
CA GLN G 602 17.18 -34.74 76.11
C GLN G 602 16.13 -33.79 76.69
N VAL G 603 15.63 -34.12 77.87
CA VAL G 603 14.56 -33.35 78.49
C VAL G 603 15.00 -31.95 78.92
N GLY G 604 16.05 -31.88 79.72
CA GLY G 604 16.53 -30.62 80.23
C GLY G 604 17.39 -29.85 79.23
N THR G 605 17.28 -30.22 77.96
CA THR G 605 18.07 -29.58 76.91
C THR G 605 17.81 -28.09 76.83
N TYR G 606 16.54 -27.72 76.67
CA TYR G 606 16.15 -26.32 76.57
C TYR G 606 16.49 -25.54 77.84
N GLY G 607 16.31 -26.20 78.98
CA GLY G 607 16.55 -25.57 80.26
C GLY G 607 18.02 -25.34 80.54
N LEU G 608 18.81 -26.42 80.50
CA LEU G 608 20.22 -26.34 80.85
C LEU G 608 21.02 -25.50 79.87
N ASN G 609 20.61 -25.50 78.59
CA ASN G 609 21.26 -24.65 77.60
C ASN G 609 20.99 -23.18 77.89
N THR G 610 19.81 -22.91 78.43
CA THR G 610 19.45 -21.54 78.80
C THR G 610 20.24 -21.09 80.02
N PHE G 611 20.35 -21.98 81.01
CA PHE G 611 21.09 -21.69 82.23
C PHE G 611 22.56 -21.42 81.95
N THR G 612 23.17 -22.33 81.21
CA THR G 612 24.59 -22.21 80.87
C THR G 612 24.85 -20.94 80.07
N ASN G 613 23.94 -20.60 79.18
CA ASN G 613 24.06 -19.39 78.38
C ASN G 613 23.94 -18.15 79.27
N MET G 614 22.98 -18.16 80.17
CA MET G 614 22.80 -17.06 81.11
C MET G 614 24.06 -16.89 81.96
N GLU G 615 24.64 -18.02 82.35
CA GLU G 615 25.88 -18.03 83.10
C GLU G 615 27.03 -17.42 82.30
N ALA G 616 27.16 -17.85 81.05
CA ALA G 616 28.24 -17.41 80.20
C ALA G 616 28.15 -15.92 79.88
N GLN G 617 26.95 -15.47 79.53
CA GLN G 617 26.75 -14.07 79.15
C GLN G 617 27.00 -13.13 80.33
N LEU G 618 26.66 -13.59 81.53
CA LEU G 618 26.94 -12.79 82.72
C LEU G 618 28.44 -12.59 82.90
N ILE G 619 29.19 -13.66 82.68
CA ILE G 619 30.64 -13.62 82.83
C ILE G 619 31.26 -12.66 81.81
N ARG G 620 30.77 -12.71 80.57
CA ARG G 620 31.30 -11.87 79.51
C ARG G 620 31.03 -10.40 79.80
N GLN G 621 29.91 -10.13 80.48
CA GLN G 621 29.59 -8.77 80.89
C GLN G 621 30.57 -8.29 81.96
N MET G 622 30.98 -9.21 82.84
CA MET G 622 31.98 -8.89 83.86
C MET G 622 33.29 -8.51 83.19
N GLU G 623 33.68 -9.30 82.19
CA GLU G 623 34.90 -9.06 81.44
C GLU G 623 34.87 -7.71 80.75
N GLY G 624 33.70 -7.35 80.23
CA GLY G 624 33.53 -6.08 79.54
C GLY G 624 33.64 -4.90 80.49
N GLU G 625 33.15 -5.07 81.72
CA GLU G 625 33.18 -4.00 82.70
C GLU G 625 34.52 -3.91 83.40
N GLY G 626 35.44 -4.80 83.03
CA GLY G 626 36.78 -4.80 83.61
C GLY G 626 36.85 -5.52 84.94
N VAL G 627 35.75 -6.19 85.29
CA VAL G 627 35.71 -6.96 86.53
C VAL G 627 36.65 -8.15 86.46
N LEU G 628 36.59 -8.88 85.35
CA LEU G 628 37.46 -10.02 85.14
C LEU G 628 38.52 -9.71 84.10
N SER G 629 39.79 -9.83 84.50
CA SER G 629 40.91 -9.58 83.60
C SER G 629 41.46 -10.90 83.07
N LYS G 630 42.42 -10.81 82.15
CA LYS G 630 43.05 -12.00 81.59
C LYS G 630 43.80 -12.75 82.67
N ALA G 631 44.39 -12.01 83.60
CA ALA G 631 45.12 -12.61 84.71
C ALA G 631 44.18 -13.37 85.63
N ASP G 632 43.00 -12.80 85.87
CA ASP G 632 42.00 -13.42 86.74
C ASP G 632 41.55 -14.77 86.19
N LEU G 633 41.47 -14.87 84.88
CA LEU G 633 41.07 -16.11 84.22
C LEU G 633 42.19 -17.14 84.29
N GLU G 634 43.42 -16.67 84.43
CA GLU G 634 44.57 -17.54 84.54
C GLU G 634 44.88 -17.86 86.00
N ASN G 635 44.59 -16.90 86.87
CA ASN G 635 44.84 -17.06 88.31
C ASN G 635 43.96 -18.13 88.92
N PRO G 636 44.59 -19.21 89.43
CA PRO G 636 43.85 -20.32 90.04
C PRO G 636 43.22 -19.94 91.38
N HIS G 637 43.58 -18.78 91.91
CA HIS G 637 43.03 -18.33 93.19
C HIS G 637 42.46 -16.91 93.11
N PRO G 638 41.31 -16.75 92.42
CA PRO G 638 40.68 -15.43 92.33
C PRO G 638 39.90 -15.10 93.60
N LEU G 639 39.82 -13.82 93.95
CA LEU G 639 39.05 -13.40 95.10
C LEU G 639 37.56 -13.34 94.77
N GLU G 640 36.76 -14.02 95.57
CA GLU G 640 35.32 -14.11 95.34
C GLU G 640 34.60 -12.86 95.80
N LYS G 641 35.31 -11.98 96.50
CA LYS G 641 34.71 -10.78 97.08
C LYS G 641 34.24 -9.80 96.01
N LYS G 642 35.09 -9.56 95.01
CA LYS G 642 34.75 -8.63 93.94
C LYS G 642 33.71 -9.24 92.99
N ILE G 643 33.60 -10.56 93.00
CA ILE G 643 32.65 -11.25 92.13
C ILE G 643 31.27 -11.30 92.78
N THR G 644 31.24 -11.66 94.06
CA THR G 644 29.98 -11.75 94.79
C THR G 644 29.32 -10.37 94.93
N GLN G 645 30.13 -9.36 95.16
CA GLN G 645 29.65 -7.99 95.30
C GLN G 645 29.00 -7.51 94.01
N TRP G 646 29.54 -7.95 92.88
CA TRP G 646 29.02 -7.57 91.57
C TRP G 646 27.71 -8.29 91.29
N LEU G 647 27.57 -9.50 91.81
CA LEU G 647 26.37 -10.31 91.58
C LEU G 647 25.23 -9.90 92.50
N GLU G 648 25.56 -9.55 93.74
CA GLU G 648 24.54 -9.21 94.73
C GLU G 648 24.01 -7.80 94.53
N THR G 649 24.69 -7.00 93.71
CA THR G 649 24.29 -5.63 93.49
C THR G 649 23.83 -5.37 92.05
N LYS G 650 24.63 -5.82 91.09
CA LYS G 650 24.35 -5.57 89.69
C LYS G 650 23.78 -6.79 88.97
N GLY G 651 23.80 -7.93 89.68
CA GLY G 651 23.41 -9.19 89.08
C GLY G 651 22.05 -9.22 88.43
N VAL G 652 21.02 -8.88 89.20
CA VAL G 652 19.65 -8.92 88.70
C VAL G 652 19.44 -7.94 87.54
N GLU G 653 20.11 -6.80 87.62
CA GLU G 653 19.98 -5.77 86.59
C GLU G 653 20.57 -6.24 85.27
N ARG G 654 21.73 -6.89 85.33
CA ARG G 654 22.39 -7.37 84.12
C ARG G 654 21.59 -8.50 83.47
N LEU G 655 20.82 -9.21 84.28
CA LEU G 655 19.97 -10.29 83.79
C LEU G 655 18.80 -9.75 82.98
N LYS G 656 18.27 -8.61 83.42
CA LYS G 656 17.14 -7.99 82.74
C LYS G 656 17.54 -7.41 81.39
N ARG G 657 18.84 -7.20 81.21
CA ARG G 657 19.37 -6.65 79.97
C ARG G 657 19.49 -7.72 78.88
N MET G 658 19.14 -8.96 79.23
CA MET G 658 19.32 -10.07 78.31
C MET G 658 18.05 -10.86 78.06
N ALA G 659 17.93 -11.37 76.85
CA ALA G 659 16.84 -12.27 76.48
C ALA G 659 17.44 -13.55 75.93
N ILE G 660 17.38 -14.63 76.70
CA ILE G 660 18.05 -15.86 76.33
C ILE G 660 17.11 -17.06 76.26
N SER G 661 17.17 -17.77 75.14
CA SER G 661 16.38 -18.97 74.94
C SER G 661 17.22 -20.06 74.28
N GLY G 662 17.81 -20.93 75.11
CA GLY G 662 18.66 -21.99 74.60
C GLY G 662 20.03 -21.46 74.24
N ASP G 663 20.39 -21.60 72.96
CA ASP G 663 21.69 -21.12 72.48
C ASP G 663 21.61 -19.68 71.98
N ASP G 664 20.40 -19.26 71.60
CA ASP G 664 20.19 -17.90 71.13
C ASP G 664 20.20 -16.92 72.30
N CYS G 665 20.85 -15.79 72.10
CA CYS G 665 20.95 -14.79 73.17
C CYS G 665 21.06 -13.37 72.61
N VAL G 666 20.42 -12.44 73.29
CA VAL G 666 20.49 -11.03 72.93
C VAL G 666 20.86 -10.20 74.16
N VAL G 667 22.03 -9.57 74.12
CA VAL G 667 22.55 -8.84 75.27
C VAL G 667 22.76 -7.36 74.99
N LYS G 668 22.19 -6.52 75.83
CA LYS G 668 22.44 -5.08 75.76
C LYS G 668 23.11 -4.61 77.05
N PRO G 669 24.44 -4.62 77.06
CA PRO G 669 25.27 -4.25 78.22
C PRO G 669 25.21 -2.77 78.56
N ILE G 670 26.06 -2.34 79.49
CA ILE G 670 26.08 -0.94 79.92
C ILE G 670 26.90 -0.08 78.95
N ASP G 671 27.73 -0.72 78.14
CA ASP G 671 28.55 -0.01 77.17
C ASP G 671 29.01 -0.94 76.05
N ASP G 672 29.90 -0.44 75.20
CA ASP G 672 30.36 -1.22 74.06
C ASP G 672 31.71 -1.87 74.33
N ARG G 673 32.14 -1.87 75.59
CA ARG G 673 33.36 -2.57 75.98
C ARG G 673 33.10 -4.08 75.93
N PHE G 674 31.82 -4.43 75.98
CA PHE G 674 31.38 -5.82 75.91
C PHE G 674 31.72 -6.46 74.56
N ALA G 675 31.88 -5.61 73.55
CA ALA G 675 32.14 -6.09 72.19
C ALA G 675 33.53 -6.72 72.07
N ASN G 676 34.50 -6.11 72.74
CA ASN G 676 35.89 -6.58 72.65
C ASN G 676 36.24 -7.58 73.76
N ALA G 677 35.25 -7.92 74.58
CA ALA G 677 35.46 -8.88 75.65
C ALA G 677 35.22 -10.30 75.15
N LEU G 678 36.30 -10.99 74.77
CA LEU G 678 36.19 -12.31 74.17
C LEU G 678 37.09 -13.34 74.83
N LEU G 679 37.82 -12.92 75.86
CA LEU G 679 38.77 -13.80 76.53
C LEU G 679 38.05 -14.94 77.25
N ALA G 680 37.05 -14.60 78.05
CA ALA G 680 36.31 -15.60 78.81
C ALA G 680 35.44 -16.46 77.91
N LEU G 681 34.84 -15.82 76.91
CA LEU G 681 33.92 -16.51 76.01
C LEU G 681 34.61 -17.61 75.22
N ASN G 682 35.81 -17.32 74.73
CA ASN G 682 36.55 -18.28 73.92
C ASN G 682 37.21 -19.38 74.76
N ASP G 683 37.43 -19.09 76.04
CA ASP G 683 38.09 -20.05 76.91
C ASP G 683 37.08 -21.01 77.53
N MET G 684 35.84 -20.57 77.65
CA MET G 684 34.77 -21.42 78.17
C MET G 684 34.39 -22.48 77.14
N GLY G 685 34.80 -22.24 75.89
CA GLY G 685 34.54 -23.19 74.82
C GLY G 685 33.47 -22.73 73.86
N LYS G 686 32.82 -21.62 74.18
CA LYS G 686 31.73 -21.10 73.36
C LYS G 686 32.24 -20.18 72.27
N VAL G 687 32.49 -20.74 71.10
CA VAL G 687 33.01 -19.97 69.97
C VAL G 687 31.88 -19.46 69.09
N ARG G 688 31.99 -18.20 68.65
CA ARG G 688 30.98 -17.59 67.82
C ARG G 688 30.95 -18.20 66.42
N LYS G 689 29.91 -17.86 65.65
CA LYS G 689 29.71 -18.46 64.33
C LYS G 689 30.11 -17.51 63.19
N ASP G 690 30.81 -18.05 62.21
CA ASP G 690 31.20 -17.33 60.99
C ASP G 690 31.96 -16.05 61.27
N ILE G 691 32.65 -16.01 62.41
CA ILE G 691 33.43 -14.85 62.81
C ILE G 691 34.74 -15.31 63.43
N PRO G 692 35.86 -14.70 63.01
CA PRO G 692 37.18 -14.98 63.58
C PRO G 692 37.17 -14.92 65.10
N GLN G 693 37.88 -15.83 65.73
CA GLN G 693 37.82 -16.02 67.18
C GLN G 693 38.17 -14.76 67.96
N TRP G 694 39.07 -13.95 67.43
CA TRP G 694 39.54 -12.77 68.14
C TRP G 694 39.10 -11.47 67.46
N GLN G 695 38.02 -11.53 66.69
CA GLN G 695 37.45 -10.34 66.09
C GLN G 695 36.25 -9.86 66.88
N PRO G 696 36.25 -8.57 67.28
CA PRO G 696 35.20 -7.95 68.08
C PRO G 696 33.81 -8.16 67.51
N SER G 697 32.81 -8.28 68.38
CA SER G 697 31.44 -8.54 67.96
C SER G 697 30.80 -7.29 67.38
N LYS G 698 29.91 -7.49 66.41
CA LYS G 698 29.18 -6.40 65.79
C LYS G 698 27.74 -6.37 66.28
N GLY G 699 27.36 -5.27 66.93
CA GLY G 699 26.02 -5.13 67.49
C GLY G 699 25.14 -4.18 66.71
N TRP G 700 23.87 -4.14 67.08
CA TRP G 700 22.90 -3.25 66.43
C TRP G 700 22.30 -2.26 67.42
N HIS G 701 22.13 -1.02 66.97
CA HIS G 701 21.47 0.00 67.78
C HIS G 701 19.97 -0.01 67.48
N ASP G 702 19.59 -0.75 66.45
CA ASP G 702 18.18 -0.91 66.10
C ASP G 702 17.72 -2.32 66.42
N TRP G 703 16.67 -2.42 67.25
CA TRP G 703 16.21 -3.72 67.71
C TRP G 703 15.49 -4.51 66.60
N GLN G 704 15.22 -3.85 65.49
CA GLN G 704 14.54 -4.49 64.38
C GLN G 704 15.47 -5.37 63.54
N GLN G 705 16.77 -5.11 63.66
CA GLN G 705 17.75 -5.88 62.90
C GLN G 705 18.43 -6.93 63.77
N VAL G 706 17.92 -7.11 64.98
CA VAL G 706 18.49 -8.06 65.92
C VAL G 706 17.86 -9.45 65.77
N PRO G 707 18.67 -10.44 65.41
CA PRO G 707 18.21 -11.83 65.22
C PRO G 707 17.98 -12.54 66.55
N PHE G 708 16.89 -13.31 66.63
CA PHE G 708 16.56 -14.06 67.83
C PHE G 708 15.54 -15.15 67.51
N CYS G 709 15.85 -16.38 67.92
CA CYS G 709 15.04 -17.55 67.62
C CYS G 709 14.79 -17.68 66.13
N SER G 710 15.85 -17.51 65.34
CA SER G 710 15.78 -17.60 63.89
C SER G 710 14.77 -16.61 63.30
N HIS G 711 14.60 -15.48 63.96
CA HIS G 711 13.64 -14.47 63.53
C HIS G 711 14.13 -13.05 63.83
N HIS G 712 13.64 -12.09 63.06
CA HIS G 712 13.81 -10.69 63.40
C HIS G 712 12.43 -10.04 63.48
N PHE G 713 12.35 -8.83 64.00
CA PHE G 713 11.05 -8.23 64.26
C PHE G 713 10.93 -6.82 63.69
N HIS G 714 9.75 -6.50 63.16
CA HIS G 714 9.48 -5.20 62.59
C HIS G 714 8.36 -4.48 63.33
N GLU G 715 8.43 -3.15 63.37
CA GLU G 715 7.41 -2.34 64.00
C GLU G 715 6.50 -1.73 62.93
N LEU G 716 5.24 -2.15 62.91
CA LEU G 716 4.30 -1.69 61.88
C LEU G 716 3.33 -0.65 62.42
N ILE G 717 2.86 0.21 61.52
CA ILE G 717 1.88 1.23 61.87
C ILE G 717 0.56 0.97 61.15
N MET G 718 -0.48 0.71 61.92
CA MET G 718 -1.79 0.42 61.35
C MET G 718 -2.45 1.69 60.83
N LYS G 719 -3.60 1.52 60.18
CA LYS G 719 -4.34 2.65 59.61
C LYS G 719 -4.91 3.54 60.70
N ASP G 720 -5.26 2.95 61.84
CA ASP G 720 -5.84 3.70 62.94
C ASP G 720 -4.78 4.37 63.81
N GLY G 721 -3.51 4.08 63.51
CA GLY G 721 -2.41 4.70 64.21
C GLY G 721 -1.74 3.80 65.22
N ARG G 722 -2.41 2.69 65.57
CA ARG G 722 -1.86 1.75 66.54
C ARG G 722 -0.63 1.05 65.99
N LYS G 723 0.24 0.60 66.88
CA LYS G 723 1.51 -0.01 66.49
C LYS G 723 1.54 -1.51 66.77
N LEU G 724 2.12 -2.26 65.83
CA LEU G 724 2.26 -3.70 65.97
C LEU G 724 3.71 -4.13 65.78
N VAL G 725 4.17 -5.05 66.61
CA VAL G 725 5.50 -5.63 66.47
C VAL G 725 5.39 -7.07 66.01
N VAL G 726 5.73 -7.31 64.75
CA VAL G 726 5.53 -8.61 64.13
C VAL G 726 6.83 -9.38 63.94
N PRO G 727 6.76 -10.71 64.03
CA PRO G 727 7.92 -11.58 63.78
C PRO G 727 8.19 -11.73 62.29
N CYS G 728 9.46 -11.83 61.91
CA CYS G 728 9.82 -11.93 60.50
C CYS G 728 11.12 -12.71 60.31
N ARG G 729 11.29 -13.23 59.10
CA ARG G 729 12.47 -14.00 58.73
C ARG G 729 12.53 -14.09 57.21
N PRO G 730 13.70 -14.46 56.65
CA PRO G 730 13.81 -14.67 55.20
C PRO G 730 12.68 -15.52 54.64
N GLN G 731 11.91 -14.94 53.71
CA GLN G 731 10.70 -15.57 53.18
C GLN G 731 10.98 -16.94 52.58
N ASP G 732 12.18 -17.12 52.03
CA ASP G 732 12.55 -18.37 51.39
C ASP G 732 12.64 -19.51 52.40
N GLU G 733 12.81 -19.16 53.67
CA GLU G 733 12.91 -20.16 54.71
C GLU G 733 11.54 -20.74 55.07
N LEU G 734 10.56 -19.86 55.24
CA LEU G 734 9.20 -20.26 55.59
C LEU G 734 8.57 -21.13 54.52
N ILE G 735 8.64 -20.66 53.27
CA ILE G 735 8.06 -21.38 52.16
C ILE G 735 8.78 -22.70 51.93
N GLY G 736 10.10 -22.68 52.08
CA GLY G 736 10.91 -23.87 51.95
C GLY G 736 10.55 -24.90 53.01
N ARG G 737 10.24 -24.40 54.21
CA ARG G 737 9.85 -25.28 55.31
C ARG G 737 8.42 -25.76 55.14
N ALA G 738 7.58 -24.91 54.56
CA ALA G 738 6.18 -25.23 54.37
C ALA G 738 5.98 -26.33 53.32
N ARG G 739 6.89 -26.37 52.35
CA ARG G 739 6.81 -27.37 51.29
C ARG G 739 7.35 -28.71 51.76
N ILE G 740 7.78 -28.76 53.02
CA ILE G 740 8.32 -29.99 53.60
C ILE G 740 7.28 -30.69 54.47
N SER G 741 6.95 -31.92 54.10
CA SER G 741 6.02 -32.73 54.88
C SER G 741 6.79 -33.76 55.71
N GLN G 742 6.79 -33.55 57.02
CA GLN G 742 7.48 -34.48 57.92
C GLN G 742 6.84 -35.85 57.90
N GLY G 743 7.65 -36.86 57.61
CA GLY G 743 7.16 -38.22 57.46
C GLY G 743 6.90 -38.54 56.00
N ALA G 744 6.75 -39.82 55.70
CA ALA G 744 6.53 -40.25 54.33
C ALA G 744 5.25 -41.09 54.19
N GLY G 745 4.70 -41.12 52.99
CA GLY G 745 3.51 -41.90 52.71
C GLY G 745 2.24 -41.30 53.29
N TRP G 746 2.17 -39.98 53.27
CA TRP G 746 0.97 -39.28 53.75
C TRP G 746 -0.05 -39.13 52.62
N SER G 747 -1.32 -39.37 52.95
CA SER G 747 -2.39 -39.22 51.97
C SER G 747 -2.60 -37.76 51.61
N LEU G 748 -3.40 -37.52 50.58
CA LEU G 748 -3.67 -36.16 50.12
C LEU G 748 -4.38 -35.35 51.20
N ARG G 749 -5.25 -36.01 51.94
CA ARG G 749 -5.99 -35.35 53.01
C ARG G 749 -5.05 -34.94 54.15
N GLU G 750 -4.20 -35.86 54.55
CA GLU G 750 -3.22 -35.59 55.60
C GLU G 750 -2.22 -34.54 55.15
N THR G 751 -1.91 -34.53 53.86
CA THR G 751 -0.98 -33.56 53.29
C THR G 751 -1.59 -32.16 53.29
N ALA G 752 -2.87 -32.09 52.98
CA ALA G 752 -3.59 -30.83 52.92
C ALA G 752 -3.77 -30.24 54.31
N CYS G 753 -4.05 -31.11 55.28
CA CYS G 753 -4.24 -30.67 56.66
C CYS G 753 -2.97 -30.04 57.21
N LEU G 754 -1.82 -30.59 56.83
CA LEU G 754 -0.54 -30.03 57.23
C LEU G 754 -0.29 -28.70 56.54
N GLY G 755 -0.70 -28.62 55.27
CA GLY G 755 -0.55 -27.41 54.50
C GLY G 755 -1.39 -26.26 55.03
N LYS G 756 -2.62 -26.58 55.42
CA LYS G 756 -3.53 -25.58 55.95
C LYS G 756 -3.03 -25.05 57.29
N ALA G 757 -2.36 -25.91 58.04
CA ALA G 757 -1.78 -25.53 59.32
C ALA G 757 -0.70 -24.48 59.11
N TYR G 758 0.15 -24.70 58.12
CA TYR G 758 1.18 -23.72 57.77
C TYR G 758 0.55 -22.46 57.19
N ALA G 759 -0.59 -22.64 56.52
CA ALA G 759 -1.30 -21.52 55.91
C ALA G 759 -1.89 -20.60 56.99
N GLN G 760 -2.48 -21.20 58.01
CA GLN G 760 -3.09 -20.42 59.08
C GLN G 760 -2.03 -19.81 59.99
N MET G 761 -0.84 -20.41 59.98
CA MET G 761 0.27 -19.86 60.74
C MET G 761 0.71 -18.53 60.14
N TRP G 762 0.75 -18.49 58.82
CA TRP G 762 1.12 -17.28 58.09
C TRP G 762 0.07 -16.19 58.29
N ALA G 763 -1.16 -16.61 58.55
CA ALA G 763 -2.26 -15.67 58.72
C ALA G 763 -2.14 -14.90 60.03
N LEU G 764 -1.59 -15.54 61.05
CA LEU G 764 -1.52 -14.94 62.38
C LEU G 764 -0.17 -14.30 62.66
N MET G 765 0.89 -14.88 62.10
CA MET G 765 2.24 -14.42 62.39
C MET G 765 2.85 -13.62 61.25
N TYR G 766 2.85 -14.20 60.06
CA TYR G 766 3.52 -13.58 58.92
C TYR G 766 2.52 -12.99 57.93
N PHE G 767 1.46 -12.39 58.45
CA PHE G 767 0.44 -11.75 57.62
C PHE G 767 1.00 -10.52 56.93
N HIS G 768 2.03 -9.94 57.52
CA HIS G 768 2.66 -8.74 56.98
C HIS G 768 3.36 -8.99 55.66
N ARG G 769 3.70 -10.26 55.40
CA ARG G 769 4.34 -10.63 54.15
C ARG G 769 3.32 -10.73 53.02
N ARG G 770 3.53 -9.97 51.97
CA ARG G 770 2.58 -9.90 50.86
C ARG G 770 2.46 -11.25 50.16
N ASP G 771 3.59 -11.90 49.93
CA ASP G 771 3.61 -13.16 49.19
C ASP G 771 2.98 -14.29 50.01
N LEU G 772 3.02 -14.16 51.32
CA LEU G 772 2.57 -15.23 52.20
C LEU G 772 1.06 -15.21 52.43
N ARG G 773 0.50 -14.03 52.63
CA ARG G 773 -0.95 -13.92 52.85
C ARG G 773 -1.70 -14.34 51.61
N LEU G 774 -1.16 -13.98 50.45
CA LEU G 774 -1.75 -14.38 49.17
C LEU G 774 -1.69 -15.89 49.03
N ALA G 775 -0.58 -16.47 49.47
CA ALA G 775 -0.42 -17.92 49.42
C ALA G 775 -1.29 -18.59 50.49
N SER G 776 -1.37 -17.95 51.65
CA SER G 776 -2.18 -18.49 52.74
C SER G 776 -3.64 -18.58 52.34
N ASN G 777 -4.13 -17.52 51.71
CA ASN G 777 -5.51 -17.49 51.23
C ASN G 777 -5.73 -18.47 50.10
N ALA G 778 -4.67 -18.80 49.38
CA ALA G 778 -4.75 -19.74 48.28
C ALA G 778 -4.87 -21.17 48.80
N ILE G 779 -4.14 -21.48 49.86
CA ILE G 779 -4.17 -22.81 50.44
C ILE G 779 -5.52 -23.07 51.12
N CYS G 780 -5.98 -22.08 51.89
CA CYS G 780 -7.26 -22.20 52.59
C CYS G 780 -8.43 -22.31 51.62
N SER G 781 -8.23 -21.81 50.41
CA SER G 781 -9.26 -21.89 49.38
C SER G 781 -9.22 -23.25 48.68
N ALA G 782 -8.04 -23.84 48.62
CA ALA G 782 -7.86 -25.14 47.98
C ALA G 782 -8.20 -26.26 48.95
N VAL G 783 -8.00 -26.01 50.24
CA VAL G 783 -8.30 -26.99 51.27
C VAL G 783 -9.69 -26.75 51.86
N PRO G 784 -10.50 -27.82 51.92
CA PRO G 784 -11.86 -27.76 52.48
C PRO G 784 -11.91 -27.10 53.86
N VAL G 785 -13.01 -26.41 54.13
CA VAL G 785 -13.14 -25.65 55.36
C VAL G 785 -13.27 -26.55 56.59
N HIS G 786 -14.08 -27.61 56.45
CA HIS G 786 -14.37 -28.49 57.57
C HIS G 786 -13.18 -29.38 57.96
N TRP G 787 -12.18 -29.45 57.09
CA TRP G 787 -11.01 -30.27 57.36
C TRP G 787 -10.17 -29.67 58.49
N VAL G 788 -9.95 -30.46 59.53
CA VAL G 788 -9.23 -30.02 60.71
C VAL G 788 -7.72 -30.10 60.52
N PRO G 789 -7.02 -28.98 60.75
CA PRO G 789 -5.56 -28.90 60.64
C PRO G 789 -4.85 -29.73 61.71
N THR G 790 -3.92 -30.58 61.28
CA THR G 790 -3.13 -31.40 62.20
C THR G 790 -1.66 -31.42 61.79
N SER G 791 -0.78 -31.49 62.79
CA SER G 791 0.66 -31.50 62.54
C SER G 791 1.41 -32.07 63.75
N ARG G 792 2.12 -31.20 64.45
CA ARG G 792 2.84 -31.60 65.66
C ARG G 792 2.67 -30.56 66.76
N THR G 793 2.71 -29.29 66.36
CA THR G 793 2.52 -28.20 67.29
C THR G 793 1.07 -28.09 67.74
N THR G 794 0.80 -27.21 68.70
CA THR G 794 -0.56 -26.92 69.15
C THR G 794 -0.62 -25.48 69.64
N HIS G 795 -0.48 -24.54 68.70
CA HIS G 795 -0.47 -23.13 69.03
C HIS G 795 -1.79 -22.49 68.63
N GLN G 796 -1.83 -21.17 68.52
CA GLN G 796 -3.08 -20.45 68.29
C GLN G 796 -3.62 -20.58 66.87
N TRP G 797 -2.81 -21.06 65.93
CA TRP G 797 -3.29 -21.23 64.56
C TRP G 797 -3.79 -22.65 64.33
N MET G 798 -4.01 -23.39 65.42
CA MET G 798 -4.45 -24.77 65.33
C MET G 798 -5.92 -24.89 65.65
N THR G 799 -6.74 -24.07 65.01
CA THR G 799 -8.20 -24.11 65.19
C THR G 799 -8.93 -23.93 63.87
N THR G 800 -10.21 -24.29 63.86
CA THR G 800 -11.04 -24.15 62.67
C THR G 800 -11.81 -22.83 62.72
N GLU G 801 -11.59 -22.08 63.79
CA GLU G 801 -12.23 -20.78 63.97
C GLU G 801 -11.75 -19.80 62.91
N ASP G 802 -12.53 -18.76 62.66
CA ASP G 802 -12.17 -17.74 61.67
C ASP G 802 -10.87 -17.04 62.08
N MET G 803 -9.90 -17.05 61.18
CA MET G 803 -8.56 -16.53 61.47
C MET G 803 -8.57 -15.06 61.88
N LEU G 804 -9.46 -14.28 61.30
CA LEU G 804 -9.55 -12.86 61.62
C LEU G 804 -10.00 -12.68 63.07
N THR G 805 -10.91 -13.55 63.51
CA THR G 805 -11.37 -13.53 64.89
C THR G 805 -10.22 -13.91 65.81
N VAL G 806 -9.45 -14.91 65.40
CA VAL G 806 -8.28 -15.34 66.16
C VAL G 806 -7.21 -14.25 66.15
N TRP G 807 -7.10 -13.56 65.03
CA TRP G 807 -6.12 -12.49 64.87
C TRP G 807 -6.32 -11.39 65.91
N ASN G 808 -7.57 -11.01 66.13
CA ASN G 808 -7.89 -9.97 67.09
C ASN G 808 -7.65 -10.40 68.52
N ARG G 809 -7.91 -11.67 68.81
CA ARG G 809 -7.71 -12.20 70.16
C ARG G 809 -6.22 -12.23 70.51
N VAL G 810 -5.38 -12.38 69.50
CA VAL G 810 -3.94 -12.49 69.71
C VAL G 810 -3.24 -11.14 69.72
N TRP G 811 -3.52 -10.32 68.71
CA TRP G 811 -2.79 -9.07 68.52
C TRP G 811 -3.46 -7.87 69.18
N ILE G 812 -4.73 -7.99 69.54
CA ILE G 812 -5.45 -6.86 70.11
C ILE G 812 -5.95 -7.12 71.54
N GLU G 813 -6.75 -8.17 71.70
CA GLU G 813 -7.35 -8.46 73.00
C GLU G 813 -6.32 -8.92 74.03
N ASP G 814 -5.74 -10.10 73.83
CA ASP G 814 -4.80 -10.67 74.78
C ASP G 814 -3.39 -10.12 74.60
N ASN G 815 -3.27 -8.96 73.96
CA ASN G 815 -1.98 -8.30 73.78
C ASN G 815 -1.78 -7.17 74.78
N PRO G 816 -0.86 -7.36 75.73
CA PRO G 816 -0.60 -6.40 76.80
C PRO G 816 0.09 -5.11 76.34
N TRP G 817 0.60 -5.11 75.11
CA TRP G 817 1.24 -3.92 74.56
C TRP G 817 0.29 -3.14 73.66
N MET G 818 -0.96 -3.56 73.62
CA MET G 818 -1.99 -2.88 72.83
C MET G 818 -3.02 -2.23 73.75
N GLU G 819 -2.93 -0.91 73.90
CA GLU G 819 -3.84 -0.20 74.80
C GLU G 819 -5.25 -0.13 74.22
N ASP G 820 -5.37 0.39 73.01
CA ASP G 820 -6.66 0.50 72.35
C ASP G 820 -7.17 -0.87 71.91
N LYS G 821 -8.31 -1.29 72.45
CA LYS G 821 -8.83 -2.62 72.20
C LYS G 821 -9.86 -2.65 71.08
N THR G 822 -9.83 -1.65 70.20
CA THR G 822 -10.75 -1.60 69.08
C THR G 822 -10.42 -2.69 68.07
N PRO G 823 -11.36 -3.64 67.88
CA PRO G 823 -11.16 -4.79 66.99
C PRO G 823 -11.01 -4.41 65.53
N VAL G 824 -10.44 -5.31 64.74
CA VAL G 824 -10.31 -5.10 63.30
C VAL G 824 -11.32 -5.99 62.56
N THR G 825 -12.12 -5.38 61.70
CA THR G 825 -13.24 -6.09 61.08
C THR G 825 -12.91 -6.68 59.71
N THR G 826 -11.73 -6.38 59.18
CA THR G 826 -11.35 -6.88 57.87
C THR G 826 -9.84 -7.01 57.71
N TRP G 827 -9.42 -7.89 56.83
CA TRP G 827 -8.00 -8.10 56.57
C TRP G 827 -7.40 -6.95 55.78
N GLU G 828 -8.25 -6.11 55.21
CA GLU G 828 -7.78 -4.96 54.44
C GLU G 828 -7.19 -3.90 55.36
N ASP G 829 -7.67 -3.87 56.60
CA ASP G 829 -7.15 -2.95 57.60
C ASP G 829 -5.92 -3.52 58.29
N VAL G 830 -5.67 -4.80 58.06
CA VAL G 830 -4.47 -5.45 58.57
C VAL G 830 -3.26 -5.05 57.74
N PRO G 831 -2.31 -4.34 58.37
CA PRO G 831 -1.18 -3.71 57.66
C PRO G 831 -0.16 -4.70 57.11
N TYR G 832 0.57 -4.25 56.09
CA TYR G 832 1.68 -5.01 55.52
C TYR G 832 3.01 -4.36 55.89
N LEU G 833 4.10 -4.98 55.47
CA LEU G 833 5.41 -4.37 55.59
C LEU G 833 5.60 -3.35 54.49
N GLY G 834 6.66 -2.55 54.60
CA GLY G 834 7.02 -1.64 53.54
C GLY G 834 7.42 -2.42 52.31
N LYS G 835 7.08 -1.88 51.13
CA LYS G 835 7.38 -2.56 49.88
C LYS G 835 8.89 -2.79 49.74
N ARG G 836 9.66 -1.84 50.25
CA ARG G 836 11.12 -1.97 50.24
C ARG G 836 11.57 -2.94 51.33
N GLU G 837 10.81 -2.99 52.41
CA GLU G 837 11.14 -3.85 53.54
C GLU G 837 10.92 -5.31 53.20
N ASP G 838 9.83 -5.57 52.49
CA ASP G 838 9.46 -6.93 52.11
C ASP G 838 10.51 -7.54 51.17
N GLN G 839 10.89 -6.78 50.15
CA GLN G 839 11.88 -7.22 49.19
C GLN G 839 13.23 -7.45 49.84
N TRP G 840 13.52 -6.70 50.89
CA TRP G 840 14.77 -6.83 51.62
C TRP G 840 14.81 -8.14 52.39
N CYS G 841 13.63 -8.68 52.71
CA CYS G 841 13.54 -9.93 53.43
C CYS G 841 13.36 -11.11 52.50
N GLY G 842 13.53 -10.87 51.20
CA GLY G 842 13.51 -11.93 50.21
C GLY G 842 12.16 -12.17 49.56
N SER G 843 11.34 -11.13 49.48
CA SER G 843 10.04 -11.24 48.83
C SER G 843 10.22 -11.24 47.32
N LEU G 844 9.32 -11.93 46.63
CA LEU G 844 9.40 -12.04 45.17
C LEU G 844 8.45 -11.06 44.48
N ILE G 845 7.93 -10.12 45.26
CA ILE G 845 7.01 -9.11 44.72
C ILE G 845 7.74 -8.24 43.70
N GLY G 846 7.10 -8.03 42.55
CA GLY G 846 7.68 -7.22 41.50
C GLY G 846 8.25 -8.05 40.37
N LEU G 847 8.53 -9.32 40.66
CA LEU G 847 9.06 -10.24 39.67
C LEU G 847 7.96 -10.75 38.75
N THR G 848 8.33 -11.03 37.51
CA THR G 848 7.37 -11.48 36.50
C THR G 848 6.80 -12.86 36.82
N SER G 849 7.65 -13.73 37.35
CA SER G 849 7.24 -15.10 37.67
C SER G 849 6.24 -15.11 38.83
N ARG G 850 6.31 -14.08 39.67
CA ARG G 850 5.42 -13.98 40.82
C ARG G 850 4.09 -13.38 40.40
N ALA G 851 4.14 -12.38 39.53
CA ALA G 851 2.94 -11.68 39.07
C ALA G 851 2.05 -12.61 38.26
N THR G 852 2.66 -13.42 37.41
CA THR G 852 1.93 -14.40 36.62
C THR G 852 1.19 -15.37 37.52
N TRP G 853 1.88 -15.80 38.58
CA TRP G 853 1.31 -16.74 39.54
C TRP G 853 0.21 -16.10 40.38
N ALA G 854 0.46 -14.88 40.85
CA ALA G 854 -0.48 -14.18 41.73
C ALA G 854 -1.80 -13.87 41.04
N GLN G 855 -1.77 -13.70 39.73
CA GLN G 855 -2.96 -13.32 38.99
C GLN G 855 -3.70 -14.53 38.43
N ASN G 856 -2.95 -15.58 38.10
CA ASN G 856 -3.53 -16.82 37.63
C ASN G 856 -3.63 -17.84 38.76
N ILE G 857 -3.72 -17.35 39.98
CA ILE G 857 -3.81 -18.20 41.16
C ILE G 857 -5.17 -18.89 41.21
N LEU G 858 -6.14 -18.31 40.52
CA LEU G 858 -7.50 -18.88 40.48
C LEU G 858 -7.50 -20.24 39.79
N THR G 859 -6.51 -20.47 38.93
CA THR G 859 -6.38 -21.72 38.21
C THR G 859 -5.69 -22.77 39.07
N ALA G 860 -4.69 -22.33 39.82
CA ALA G 860 -3.91 -23.23 40.67
C ALA G 860 -4.77 -23.82 41.78
N ILE G 861 -5.63 -22.99 42.36
CA ILE G 861 -6.50 -23.43 43.44
C ILE G 861 -7.53 -24.43 42.93
N GLN G 862 -8.09 -24.15 41.76
CA GLN G 862 -9.07 -25.04 41.16
C GLN G 862 -8.45 -26.39 40.81
N GLN G 863 -7.17 -26.36 40.48
CA GLN G 863 -6.43 -27.57 40.13
C GLN G 863 -6.33 -28.50 41.33
N VAL G 864 -6.13 -27.93 42.51
CA VAL G 864 -6.03 -28.71 43.74
C VAL G 864 -7.39 -29.29 44.11
N ARG G 865 -8.44 -28.49 43.96
CA ARG G 865 -9.79 -28.92 44.28
C ARG G 865 -10.21 -30.12 43.44
N SER G 866 -9.77 -30.15 42.19
CA SER G 866 -10.11 -31.24 41.28
C SER G 866 -9.43 -32.54 41.72
N LEU G 867 -8.30 -32.41 42.39
CA LEU G 867 -7.57 -33.57 42.89
C LEU G 867 -8.24 -34.12 44.14
N ILE G 868 -8.78 -33.23 44.95
CA ILE G 868 -9.43 -33.63 46.20
C ILE G 868 -10.77 -34.30 45.93
N GLY G 869 -11.62 -33.63 45.17
CA GLY G 869 -12.93 -34.18 44.83
C GLY G 869 -14.07 -33.24 45.18
N ASN G 870 -15.26 -33.79 45.31
CA ASN G 870 -16.44 -32.98 45.63
C ASN G 870 -16.57 -32.72 47.13
N GLU G 871 -16.03 -31.59 47.57
CA GLU G 871 -16.10 -31.21 48.97
C GLU G 871 -16.62 -29.78 49.11
N GLU G 872 -16.69 -29.30 50.34
CA GLU G 872 -17.15 -27.94 50.60
C GLU G 872 -15.98 -26.98 50.69
N PHE G 873 -15.77 -26.20 49.63
CA PHE G 873 -14.68 -25.24 49.59
C PHE G 873 -15.19 -23.82 49.77
N LEU G 874 -14.26 -22.90 50.06
CA LEU G 874 -14.62 -21.51 50.26
C LEU G 874 -13.56 -20.59 49.64
N ASP G 875 -14.01 -19.50 49.03
CA ASP G 875 -13.10 -18.57 48.37
C ASP G 875 -12.54 -17.54 49.35
N TYR G 876 -11.29 -17.73 49.76
CA TYR G 876 -10.63 -16.82 50.67
C TYR G 876 -9.89 -15.72 49.93
N MET G 877 -9.77 -15.88 48.62
CA MET G 877 -9.05 -14.91 47.78
C MET G 877 -9.68 -13.51 47.78
N PRO G 878 -11.02 -13.41 47.73
CA PRO G 878 -11.56 -12.04 47.79
C PRO G 878 -11.52 -11.44 49.20
N SER G 879 -10.38 -11.57 49.88
CA SER G 879 -10.23 -11.00 51.21
C SER G 879 -9.11 -9.98 51.23
N MET G 880 -8.82 -9.40 50.07
CA MET G 880 -7.76 -8.39 49.95
C MET G 880 -8.00 -7.51 48.73
N LYS G 881 -7.40 -6.32 48.75
CA LYS G 881 -7.58 -5.32 47.71
C LYS G 881 -7.26 -5.83 46.30
N ARG G 882 -6.28 -6.71 46.21
CA ARG G 882 -5.82 -7.21 44.92
C ARG G 882 -6.88 -8.04 44.20
N PHE G 883 -7.87 -8.52 44.94
CA PHE G 883 -8.92 -9.34 44.36
C PHE G 883 -10.32 -8.79 44.67
N ARG G 884 -10.38 -7.88 45.64
CA ARG G 884 -11.66 -7.25 46.00
C ARG G 884 -12.09 -6.25 44.94
N LYS G 885 -11.10 -5.52 44.40
CA LYS G 885 -11.37 -4.53 43.37
C LYS G 885 -11.62 -5.19 42.02
N GLU G 886 -11.25 -6.47 41.91
CA GLU G 886 -11.41 -7.21 40.67
C GLU G 886 -12.88 -7.51 40.40
N GLU G 887 -13.58 -8.04 41.39
CA GLU G 887 -14.99 -8.38 41.25
C GLU G 887 -15.87 -7.13 41.20
N GLU G 888 -15.41 -6.07 41.85
CA GLU G 888 -16.17 -4.82 41.89
C GLU G 888 -16.02 -4.04 40.59
N SER G 889 -15.02 -4.41 39.79
CA SER G 889 -14.78 -3.74 38.51
C SER G 889 -15.35 -4.56 37.35
N GLU G 890 -15.14 -5.87 37.40
CA GLU G 890 -15.66 -6.76 36.38
C GLU G 890 -17.13 -7.07 36.61
N GLY G 891 -17.64 -6.63 37.77
CA GLY G 891 -19.03 -6.86 38.12
C GLY G 891 -19.99 -6.03 37.32
N ALA G 892 -20.19 -4.78 37.74
CA ALA G 892 -21.13 -3.88 37.09
C ALA G 892 -20.65 -3.46 35.70
N ILE G 893 -20.53 -4.45 34.81
CA ILE G 893 -20.11 -4.19 33.43
C ILE G 893 -20.41 -5.40 32.55
N THR H 8 21.49 43.24 66.91
CA THR H 8 22.56 43.60 67.81
C THR H 8 23.91 43.11 67.30
N LEU H 9 24.86 42.96 68.21
CA LEU H 9 26.20 42.50 67.86
C LEU H 9 26.21 41.01 67.55
N GLY H 10 26.57 40.68 66.31
CA GLY H 10 26.61 39.29 65.87
C GLY H 10 25.29 38.82 65.29
N GLU H 11 24.22 39.54 65.61
CA GLU H 11 22.88 39.18 65.14
C GLU H 11 22.73 39.49 63.66
N LYS H 12 23.47 40.47 63.17
CA LYS H 12 23.40 40.86 61.77
C LYS H 12 24.06 39.83 60.86
N TRP H 13 25.03 39.10 61.41
CA TRP H 13 25.76 38.10 60.65
C TRP H 13 24.89 36.87 60.39
N LYS H 14 23.88 36.67 61.24
CA LYS H 14 23.00 35.52 61.12
C LYS H 14 22.11 35.64 59.88
N LYS H 15 21.51 36.81 59.69
CA LYS H 15 20.64 37.04 58.55
C LYS H 15 21.43 37.33 57.29
N LYS H 16 22.73 37.50 57.44
CA LYS H 16 23.62 37.80 56.32
C LYS H 16 23.77 36.62 55.39
N LEU H 17 24.04 35.44 55.96
CA LEU H 17 24.24 34.23 55.18
C LEU H 17 22.91 33.52 54.91
N ASN H 18 21.84 34.02 55.50
CA ASN H 18 20.52 33.42 55.34
C ASN H 18 19.94 33.67 53.95
N GLN H 19 20.27 34.82 53.38
CA GLN H 19 19.77 35.18 52.06
C GLN H 19 20.66 34.60 50.96
N LEU H 20 21.79 34.02 51.35
CA LEU H 20 22.72 33.43 50.39
C LEU H 20 22.16 32.15 49.80
N SER H 21 22.48 31.91 48.53
CA SER H 21 22.02 30.71 47.83
C SER H 21 22.76 29.48 48.33
N ARG H 22 22.39 28.31 47.79
CA ARG H 22 23.00 27.05 48.18
C ARG H 22 24.49 27.02 47.82
N LYS H 23 24.84 27.70 46.73
CA LYS H 23 26.23 27.75 46.28
C LYS H 23 26.99 28.87 47.00
N GLU H 24 26.26 29.88 47.46
CA GLU H 24 26.87 31.01 48.13
C GLU H 24 27.07 30.73 49.62
N PHE H 25 26.09 30.08 50.23
CA PHE H 25 26.16 29.76 51.65
C PHE H 25 27.21 28.70 51.94
N ASP H 26 27.36 27.76 51.01
CA ASP H 26 28.33 26.68 51.17
C ASP H 26 29.76 27.18 50.95
N LEU H 27 29.90 28.21 50.13
CA LEU H 27 31.22 28.77 49.82
C LEU H 27 31.73 29.65 50.94
N TYR H 28 30.80 30.17 51.74
CA TYR H 28 31.16 31.04 52.85
C TYR H 28 31.19 30.28 54.17
N LYS H 29 31.46 28.98 54.10
CA LYS H 29 31.52 28.14 55.29
C LYS H 29 32.93 27.63 55.53
N LYS H 30 33.67 27.40 54.45
CA LYS H 30 35.04 26.91 54.55
C LYS H 30 36.05 28.03 54.32
N SER H 31 35.61 29.27 54.54
CA SER H 31 36.46 30.43 54.34
C SER H 31 37.46 30.61 55.48
N GLY H 32 38.73 30.32 55.19
CA GLY H 32 39.79 30.50 56.16
C GLY H 32 39.70 29.56 57.34
N ILE H 33 39.09 28.40 57.12
CA ILE H 33 38.92 27.41 58.18
C ILE H 33 40.00 26.33 58.11
N THR H 34 39.95 25.39 59.05
CA THR H 34 40.91 24.30 59.07
C THR H 34 40.18 22.96 59.14
N GLU H 35 40.39 22.12 58.13
CA GLU H 35 39.72 20.82 58.06
C GLU H 35 40.72 19.69 57.90
N VAL H 36 40.47 18.58 58.58
CA VAL H 36 41.33 17.41 58.48
C VAL H 36 40.94 16.54 57.30
N ASP H 37 41.91 15.85 56.72
CA ASP H 37 41.66 14.98 55.58
C ASP H 37 40.86 13.75 55.99
N ARG H 38 39.57 13.78 55.70
CA ARG H 38 38.69 12.66 56.04
C ARG H 38 38.63 11.65 54.90
N THR H 39 39.59 11.72 54.00
CA THR H 39 39.61 10.85 52.83
C THR H 39 39.95 9.41 53.18
N GLU H 40 41.15 9.19 53.70
CA GLU H 40 41.62 7.84 54.00
C GLU H 40 40.91 7.25 55.23
N ALA H 41 40.46 8.12 56.12
CA ALA H 41 39.82 7.68 57.36
C ALA H 41 38.44 7.09 57.10
N LYS H 42 37.63 7.81 56.32
CA LYS H 42 36.26 7.37 56.05
C LYS H 42 36.23 6.11 55.21
N GLU H 43 37.18 5.97 54.28
CA GLU H 43 37.25 4.80 53.42
C GLU H 43 37.66 3.56 54.21
N GLY H 44 38.43 3.77 55.27
CA GLY H 44 38.90 2.69 56.11
C GLY H 44 37.88 2.28 57.15
N LEU H 45 37.22 3.28 57.74
CA LEU H 45 36.23 3.04 58.78
C LEU H 45 35.02 2.28 58.22
N LYS H 46 34.73 2.51 56.95
CA LYS H 46 33.62 1.83 56.29
C LYS H 46 33.96 0.37 56.02
N ARG H 47 35.25 0.09 55.88
CA ARG H 47 35.71 -1.28 55.61
C ARG H 47 35.72 -2.11 56.89
N GLY H 48 35.56 -1.45 58.03
CA GLY H 48 35.52 -2.13 59.31
C GLY H 48 36.84 -2.02 60.05
N GLU H 49 37.71 -1.15 59.59
CA GLU H 49 39.01 -0.94 60.22
C GLU H 49 38.86 -0.14 61.51
N ILE H 50 38.87 -0.83 62.64
CA ILE H 50 38.75 -0.18 63.94
C ILE H 50 40.12 -0.05 64.61
N THR H 51 41.09 0.48 63.88
CA THR H 51 42.45 0.59 64.38
C THR H 51 42.87 2.04 64.60
N HIS H 52 43.53 2.62 63.61
CA HIS H 52 44.13 3.94 63.74
C HIS H 52 43.14 5.09 63.53
N HIS H 53 42.17 4.88 62.64
CA HIS H 53 41.22 5.93 62.28
C HIS H 53 40.43 6.44 63.48
N ALA H 54 40.07 7.72 63.43
CA ALA H 54 39.30 8.34 64.51
C ALA H 54 37.80 8.17 64.27
N VAL H 55 37.00 8.53 65.26
CA VAL H 55 35.55 8.37 65.17
C VAL H 55 34.92 9.45 64.29
N SER H 56 35.30 10.70 64.52
CA SER H 56 34.75 11.81 63.76
C SER H 56 35.72 12.97 63.67
N ARG H 57 35.24 14.09 63.13
CA ARG H 57 36.07 15.28 63.00
C ARG H 57 36.18 16.02 64.32
N GLY H 58 35.28 15.70 65.24
CA GLY H 58 35.27 16.32 66.56
C GLY H 58 36.47 15.91 67.39
N SER H 59 37.08 14.78 67.01
CA SER H 59 38.27 14.29 67.70
C SER H 59 39.47 15.19 67.41
N ALA H 60 39.55 15.68 66.18
CA ALA H 60 40.64 16.55 65.78
C ALA H 60 40.43 17.98 66.28
N LYS H 61 39.16 18.34 66.47
CA LYS H 61 38.81 19.67 66.96
C LYS H 61 39.27 19.87 68.40
N LEU H 62 39.16 18.81 69.20
CA LEU H 62 39.58 18.87 70.59
C LEU H 62 41.10 18.83 70.72
N GLN H 63 41.76 18.36 69.65
CA GLN H 63 43.21 18.26 69.65
C GLN H 63 43.88 19.62 69.54
N TRP H 64 43.17 20.58 68.95
CA TRP H 64 43.71 21.93 68.77
C TRP H 64 43.61 22.74 70.06
N PHE H 65 42.55 22.50 70.82
CA PHE H 65 42.33 23.22 72.07
C PHE H 65 43.21 22.69 73.20
N VAL H 66 43.35 21.37 73.25
CA VAL H 66 44.15 20.73 74.30
C VAL H 66 45.63 20.99 74.12
N GLU H 67 46.08 21.06 72.86
CA GLU H 67 47.49 21.29 72.56
C GLU H 67 47.93 22.70 72.97
N ARG H 68 46.97 23.62 73.00
CA ARG H 68 47.24 24.99 73.40
C ARG H 68 47.09 25.18 74.90
N ASN H 69 47.02 24.05 75.62
CA ASN H 69 46.88 24.04 77.07
C ASN H 69 45.64 24.81 77.56
N MET H 70 44.62 24.88 76.71
CA MET H 70 43.38 25.55 77.06
C MET H 70 42.53 24.68 77.98
N VAL H 71 42.81 23.38 77.95
CA VAL H 71 42.11 22.43 78.79
C VAL H 71 42.91 21.14 78.95
N ILE H 72 43.29 20.82 80.18
CA ILE H 72 44.05 19.61 80.47
C ILE H 72 43.20 18.59 81.22
N PRO H 73 42.68 17.59 80.48
CA PRO H 73 41.79 16.57 81.05
C PRO H 73 42.47 15.74 82.14
N GLU H 74 41.85 15.68 83.31
CA GLU H 74 42.40 14.93 84.43
C GLU H 74 41.31 14.20 85.18
N GLY H 75 41.69 13.15 85.90
CA GLY H 75 40.75 12.36 86.69
C GLY H 75 39.68 11.71 85.84
N ARG H 76 38.43 11.83 86.28
CA ARG H 76 37.31 11.29 85.53
C ARG H 76 36.79 12.31 84.52
N VAL H 77 36.71 11.89 83.26
CA VAL H 77 36.25 12.77 82.20
C VAL H 77 34.86 12.36 81.69
N ILE H 78 33.91 13.28 81.77
CA ILE H 78 32.55 13.03 81.31
C ILE H 78 32.27 13.79 80.01
N ASP H 79 31.85 13.05 78.99
CA ASP H 79 31.56 13.65 77.68
C ASP H 79 30.07 13.62 77.37
N LEU H 80 29.37 14.71 77.72
CA LEU H 80 27.95 14.84 77.42
C LEU H 80 27.74 14.97 75.92
N GLY H 81 26.87 14.12 75.37
CA GLY H 81 26.66 14.07 73.94
C GLY H 81 27.88 13.52 73.24
N CYS H 82 28.19 12.26 73.54
CA CYS H 82 29.38 11.60 73.00
C CYS H 82 29.30 11.47 71.48
N GLY H 83 28.09 11.24 70.97
CA GLY H 83 27.87 11.10 69.54
C GLY H 83 28.62 9.91 68.97
N ARG H 84 29.47 10.18 67.99
CA ARG H 84 30.28 9.13 67.38
C ARG H 84 31.33 8.62 68.36
N GLY H 85 31.78 9.51 69.25
CA GLY H 85 32.76 9.16 70.25
C GLY H 85 34.14 9.69 69.93
N GLY H 86 34.20 10.77 69.16
CA GLY H 86 35.45 11.38 68.77
C GLY H 86 36.15 12.06 69.93
N TRP H 87 35.39 12.81 70.72
CA TRP H 87 35.95 13.54 71.85
C TRP H 87 36.36 12.59 72.97
N SER H 88 35.62 11.49 73.12
CA SER H 88 35.89 10.54 74.19
C SER H 88 37.11 9.68 73.89
N TYR H 89 37.20 9.17 72.66
CA TYR H 89 38.29 8.29 72.27
C TYR H 89 39.64 9.01 72.25
N TYR H 90 39.61 10.30 71.94
CA TYR H 90 40.83 11.10 71.87
C TYR H 90 41.35 11.43 73.26
N CYS H 91 40.42 11.71 74.18
CA CYS H 91 40.79 12.09 75.55
C CYS H 91 41.21 10.87 76.37
N ALA H 92 40.93 9.68 75.85
CA ALA H 92 41.26 8.44 76.55
C ALA H 92 42.75 8.16 76.49
N GLY H 93 43.43 8.74 75.51
CA GLY H 93 44.86 8.53 75.34
C GLY H 93 45.69 9.47 76.19
N LEU H 94 45.01 10.37 76.91
CA LEU H 94 45.69 11.34 77.76
C LEU H 94 46.37 10.65 78.94
N LYS H 95 47.52 11.20 79.35
CA LYS H 95 48.29 10.62 80.45
C LYS H 95 47.67 10.96 81.81
N LYS H 96 46.84 12.00 81.84
CA LYS H 96 46.22 12.43 83.08
C LYS H 96 44.78 11.93 83.18
N VAL H 97 44.29 11.32 82.12
CA VAL H 97 42.93 10.79 82.11
C VAL H 97 42.87 9.40 82.75
N THR H 98 42.03 9.27 83.77
CA THR H 98 41.90 8.01 84.49
C THR H 98 40.62 7.27 84.11
N GLU H 99 39.56 8.02 83.85
CA GLU H 99 38.27 7.44 83.50
C GLU H 99 37.52 8.32 82.51
N VAL H 100 36.93 7.68 81.50
CA VAL H 100 36.16 8.40 80.49
C VAL H 100 34.77 7.79 80.32
N ARG H 101 33.76 8.49 80.80
CA ARG H 101 32.38 8.03 80.69
C ARG H 101 31.59 8.90 79.72
N GLY H 102 31.27 8.35 78.56
CA GLY H 102 30.54 9.08 77.54
C GLY H 102 29.05 8.78 77.53
N TYR H 103 28.25 9.77 77.17
CA TYR H 103 26.81 9.61 77.11
C TYR H 103 26.25 10.23 75.83
N THR H 104 25.14 9.67 75.34
CA THR H 104 24.51 10.16 74.12
C THR H 104 23.02 9.86 74.10
N LYS H 105 22.29 10.58 73.28
CA LYS H 105 20.85 10.40 73.17
C LYS H 105 20.51 9.15 72.38
N GLY H 106 21.10 9.01 71.20
CA GLY H 106 20.88 7.85 70.37
C GLY H 106 19.49 7.81 69.77
N GLY H 107 19.24 6.80 68.95
CA GLY H 107 17.95 6.64 68.30
C GLY H 107 17.82 7.49 67.05
N PRO H 108 16.61 7.57 66.50
CA PRO H 108 16.32 8.35 65.29
C PRO H 108 16.62 9.84 65.47
N GLY H 109 17.46 10.39 64.59
CA GLY H 109 17.80 11.79 64.65
C GLY H 109 18.91 12.10 65.63
N HIS H 110 19.61 11.06 66.06
CA HIS H 110 20.72 11.21 66.99
C HIS H 110 21.85 10.24 66.68
N GLU H 111 23.09 10.71 66.79
CA GLU H 111 24.25 9.89 66.49
C GLU H 111 24.47 8.83 67.58
N GLU H 112 24.80 7.62 67.14
CA GLU H 112 25.04 6.52 68.06
C GLU H 112 26.53 6.27 68.22
N PRO H 113 26.96 5.89 69.44
CA PRO H 113 28.36 5.59 69.75
C PRO H 113 28.95 4.51 68.86
N VAL H 114 30.23 4.65 68.52
CA VAL H 114 30.90 3.67 67.67
C VAL H 114 32.05 3.00 68.42
N PRO H 115 32.01 1.67 68.52
CA PRO H 115 33.06 0.89 69.21
C PRO H 115 34.39 0.95 68.46
N MET H 116 35.47 1.23 69.18
CA MET H 116 36.79 1.33 68.58
C MET H 116 37.83 0.60 69.42
N SER H 117 38.88 0.12 68.77
CA SER H 117 39.98 -0.54 69.46
C SER H 117 41.19 0.39 69.55
N THR H 118 40.92 1.70 69.67
CA THR H 118 41.97 2.70 69.76
C THR H 118 42.74 2.60 71.06
N TYR H 119 43.84 3.35 71.16
CA TYR H 119 44.67 3.32 72.36
C TYR H 119 43.96 3.93 73.55
N GLY H 120 43.83 3.16 74.62
CA GLY H 120 43.22 3.63 75.85
C GLY H 120 41.72 3.46 75.88
N TRP H 121 41.21 2.51 75.10
CA TRP H 121 39.77 2.26 75.04
C TRP H 121 39.27 1.60 76.31
N ASN H 122 40.19 1.02 77.08
CA ASN H 122 39.84 0.34 78.31
C ASN H 122 39.26 1.29 79.36
N ILE H 123 39.57 2.58 79.22
CA ILE H 123 39.07 3.58 80.15
C ILE H 123 37.90 4.35 79.55
N VAL H 124 37.49 3.95 78.35
CA VAL H 124 36.38 4.62 77.65
C VAL H 124 35.08 3.81 77.77
N LYS H 125 33.99 4.49 78.07
CA LYS H 125 32.70 3.84 78.20
C LYS H 125 31.57 4.75 77.71
N LEU H 126 31.08 4.47 76.51
CA LEU H 126 30.00 5.27 75.93
C LEU H 126 28.66 4.57 76.11
N MET H 127 27.69 5.29 76.67
CA MET H 127 26.36 4.74 76.91
C MET H 127 25.29 5.52 76.16
N SER H 128 24.65 4.86 75.20
CA SER H 128 23.60 5.49 74.41
C SER H 128 22.25 5.39 75.12
N GLY H 129 21.25 6.09 74.59
CA GLY H 129 19.92 6.08 75.16
C GLY H 129 19.85 6.78 76.50
N LYS H 130 20.72 7.76 76.71
CA LYS H 130 20.76 8.51 77.96
C LYS H 130 20.54 10.01 77.71
N ASP H 131 19.54 10.57 78.38
CA ASP H 131 19.23 11.99 78.27
C ASP H 131 19.97 12.80 79.31
N VAL H 132 20.81 13.73 78.85
CA VAL H 132 21.62 14.54 79.76
C VAL H 132 20.80 15.57 80.52
N PHE H 133 19.66 15.96 79.95
CA PHE H 133 18.79 16.95 80.57
C PHE H 133 18.13 16.41 81.83
N TYR H 134 18.04 15.08 81.93
CA TYR H 134 17.43 14.44 83.08
C TYR H 134 18.45 13.58 83.83
N LEU H 135 19.71 13.68 83.43
CA LEU H 135 20.78 12.89 84.04
C LEU H 135 21.44 13.66 85.18
N PRO H 136 21.40 13.10 86.40
CA PRO H 136 22.03 13.69 87.58
C PRO H 136 23.54 13.80 87.42
N PRO H 137 24.13 14.93 87.84
CA PRO H 137 25.57 15.17 87.76
C PRO H 137 26.37 14.11 88.53
N GLU H 138 27.60 13.84 88.07
CA GLU H 138 28.45 12.85 88.72
C GLU H 138 29.80 13.45 89.08
N LYS H 139 30.50 12.81 90.02
CA LYS H 139 31.81 13.26 90.45
C LYS H 139 32.85 13.09 89.35
N CYS H 140 33.44 14.19 88.93
CA CYS H 140 34.43 14.16 87.85
C CYS H 140 35.41 15.33 87.96
N ASP H 141 36.65 15.09 87.53
CA ASP H 141 37.68 16.12 87.55
C ASP H 141 37.79 16.78 86.16
N THR H 142 36.87 16.43 85.28
CA THR H 142 36.83 16.98 83.94
C THR H 142 35.46 16.79 83.31
N LEU H 143 34.97 17.82 82.61
CA LEU H 143 33.66 17.76 81.96
C LEU H 143 33.71 18.37 80.58
N LEU H 144 33.10 17.71 79.61
CA LEU H 144 33.07 18.21 78.23
C LEU H 144 31.70 18.06 77.61
N CYS H 145 31.23 19.10 76.94
CA CYS H 145 29.94 19.08 76.27
C CYS H 145 30.02 19.73 74.89
N ASP H 146 29.55 19.00 73.88
CA ASP H 146 29.60 19.49 72.51
C ASP H 146 28.20 19.80 71.99
N ILE H 147 27.22 19.74 72.89
CA ILE H 147 25.84 20.00 72.52
C ILE H 147 25.60 21.49 72.29
N SER H 151 19.90 25.74 65.81
CA SER H 151 18.81 26.37 65.08
C SER H 151 19.15 27.81 64.72
N PRO H 152 18.95 28.18 63.45
CA PRO H 152 19.21 29.53 62.94
C PRO H 152 18.38 30.59 63.66
N SER H 153 17.17 30.23 64.09
CA SER H 153 16.29 31.14 64.79
C SER H 153 16.88 31.54 66.14
N PRO H 154 17.13 32.84 66.33
CA PRO H 154 17.76 33.36 67.55
C PRO H 154 16.93 33.10 68.80
N THR H 155 15.61 33.12 68.66
CA THR H 155 14.71 32.82 69.77
C THR H 155 14.86 31.36 70.17
N VAL H 156 15.07 30.50 69.18
CA VAL H 156 15.26 29.08 69.44
C VAL H 156 16.71 28.79 69.83
N GLU H 157 17.64 29.52 69.21
CA GLU H 157 19.05 29.34 69.49
C GLU H 157 19.40 29.76 70.91
N GLU H 158 18.68 30.75 71.43
CA GLU H 158 18.91 31.25 72.77
C GLU H 158 18.43 30.23 73.81
N SER H 159 17.13 29.91 73.75
CA SER H 159 16.51 29.00 74.70
C SER H 159 17.20 27.64 74.73
N ARG H 160 17.65 27.18 73.57
CA ARG H 160 18.37 25.92 73.47
C ARG H 160 19.73 26.04 74.16
N THR H 161 20.34 27.21 74.03
CA THR H 161 21.64 27.46 74.65
C THR H 161 21.47 27.70 76.14
N ILE H 162 20.36 28.33 76.52
CA ILE H 162 20.05 28.59 77.92
C ILE H 162 19.84 27.29 78.69
N ARG H 163 19.07 26.38 78.10
CA ARG H 163 18.76 25.11 78.74
C ARG H 163 20.02 24.28 78.98
N VAL H 164 20.98 24.37 78.06
CA VAL H 164 22.23 23.63 78.18
C VAL H 164 23.12 24.23 79.28
N LEU H 165 23.32 25.53 79.21
CA LEU H 165 24.21 26.23 80.14
C LEU H 165 23.70 26.17 81.58
N LYS H 166 22.39 25.95 81.75
CA LYS H 166 21.79 25.92 83.07
C LYS H 166 21.90 24.54 83.71
N MET H 167 22.15 23.52 82.90
CA MET H 167 22.20 22.15 83.39
C MET H 167 23.61 21.70 83.70
N VAL H 168 24.58 22.21 82.94
CA VAL H 168 25.96 21.79 83.07
C VAL H 168 26.65 22.53 84.21
N GLU H 169 26.16 23.73 84.52
CA GLU H 169 26.75 24.60 85.54
C GLU H 169 27.01 23.93 86.89
N PRO H 170 26.04 23.17 87.44
CA PRO H 170 26.36 22.55 88.73
C PRO H 170 27.37 21.42 88.65
N TRP H 171 27.67 20.96 87.43
CA TRP H 171 28.59 19.83 87.24
C TRP H 171 30.05 20.28 87.19
N LEU H 172 30.31 21.50 87.64
CA LEU H 172 31.67 22.03 87.65
C LEU H 172 32.13 22.36 89.06
N LYS H 173 33.08 21.58 89.56
CA LYS H 173 33.61 21.80 90.91
C LYS H 173 35.11 21.53 90.95
N ASN H 174 35.90 22.61 90.89
CA ASN H 174 37.35 22.53 90.86
C ASN H 174 37.85 21.64 89.73
N ASN H 175 37.11 21.63 88.63
CA ASN H 175 37.44 20.80 87.48
C ASN H 175 37.56 21.63 86.21
N GLN H 176 38.14 21.04 85.17
CA GLN H 176 38.30 21.74 83.91
C GLN H 176 37.13 21.44 82.98
N PHE H 177 36.53 22.49 82.43
CA PHE H 177 35.34 22.33 81.58
C PHE H 177 35.61 22.76 80.14
N CYS H 178 34.84 22.19 79.22
CA CYS H 178 34.96 22.52 77.81
C CYS H 178 33.60 22.44 77.12
N ILE H 179 32.81 23.50 77.25
CA ILE H 179 31.47 23.53 76.66
C ILE H 179 31.42 24.40 75.42
N LYS H 180 30.46 24.13 74.54
CA LYS H 180 30.32 24.87 73.30
C LYS H 180 29.10 25.79 73.35
N VAL H 181 29.30 27.04 72.98
CA VAL H 181 28.21 28.02 72.97
C VAL H 181 27.61 28.15 71.58
N LEU H 182 26.33 27.81 71.46
CA LEU H 182 25.64 27.85 70.17
C LEU H 182 25.46 29.28 69.67
N ASN H 183 24.88 30.13 70.51
CA ASN H 183 24.62 31.51 70.13
C ASN H 183 25.27 32.51 71.08
N PRO H 184 26.55 32.84 70.83
CA PRO H 184 27.27 33.84 71.63
C PRO H 184 26.88 35.26 71.25
N TYR H 185 26.18 35.40 70.13
CA TYR H 185 25.75 36.72 69.67
C TYR H 185 24.49 37.18 70.41
N MET H 186 23.83 36.24 71.07
CA MET H 186 22.62 36.55 71.82
C MET H 186 22.95 37.28 73.12
N PRO H 187 22.32 38.44 73.34
CA PRO H 187 22.55 39.28 74.52
C PRO H 187 22.18 38.59 75.83
N THR H 188 21.07 37.85 75.82
CA THR H 188 20.59 37.16 77.01
C THR H 188 21.58 36.09 77.47
N VAL H 189 22.14 35.37 76.51
CA VAL H 189 23.11 34.32 76.80
C VAL H 189 24.39 34.91 77.41
N ILE H 190 24.77 36.10 76.95
CA ILE H 190 25.96 36.78 77.44
C ILE H 190 25.81 37.16 78.91
N GLU H 191 24.57 37.34 79.35
CA GLU H 191 24.30 37.69 80.74
C GLU H 191 24.61 36.51 81.66
N HIS H 192 24.26 35.31 81.22
CA HIS H 192 24.52 34.10 82.00
C HIS H 192 26.00 33.77 81.98
N LEU H 193 26.70 34.21 80.93
CA LEU H 193 28.13 33.98 80.82
C LEU H 193 28.89 34.86 81.79
N GLU H 194 28.37 36.06 82.03
CA GLU H 194 29.01 37.01 82.93
C GLU H 194 28.95 36.55 84.38
N ARG H 195 27.89 35.83 84.71
CA ARG H 195 27.70 35.32 86.07
C ARG H 195 28.39 33.96 86.24
N LEU H 196 28.92 33.45 85.14
CA LEU H 196 29.61 32.16 85.14
C LEU H 196 31.11 32.34 84.94
N GLN H 197 31.49 33.49 84.40
CA GLN H 197 32.89 33.78 84.12
C GLN H 197 33.63 34.23 85.39
N ARG H 198 32.89 34.46 86.46
CA ARG H 198 33.49 34.84 87.73
C ARG H 198 33.70 33.59 88.59
N LYS H 199 32.99 32.53 88.26
CA LYS H 199 33.09 31.26 88.98
C LYS H 199 34.26 30.42 88.48
N HIS H 200 34.31 30.19 87.18
CA HIS H 200 35.32 29.30 86.61
C HIS H 200 36.39 30.07 85.83
N GLY H 201 36.10 31.32 85.50
CA GLY H 201 37.03 32.14 84.75
C GLY H 201 37.14 31.68 83.32
N GLY H 202 38.37 31.59 82.81
CA GLY H 202 38.62 31.16 81.45
C GLY H 202 38.14 32.17 80.42
N MET H 203 37.99 31.71 79.19
CA MET H 203 37.54 32.58 78.10
C MET H 203 36.97 31.77 76.94
N LEU H 204 36.05 32.37 76.20
CA LEU H 204 35.44 31.71 75.05
C LEU H 204 36.35 31.82 73.82
N VAL H 205 37.01 30.71 73.48
CA VAL H 205 37.92 30.68 72.34
C VAL H 205 37.33 29.87 71.20
N ARG H 206 37.60 30.29 69.97
CA ARG H 206 37.08 29.59 68.80
C ARG H 206 38.15 29.36 67.74
N ASN H 207 38.82 28.22 67.80
CA ASN H 207 39.77 27.83 66.77
C ASN H 207 39.06 27.60 65.44
N PRO H 208 39.74 27.93 64.32
CA PRO H 208 39.14 27.82 62.99
C PRO H 208 38.92 26.38 62.52
N LEU H 209 38.63 25.48 63.45
CA LEU H 209 38.29 24.11 63.12
C LEU H 209 36.79 24.04 62.83
N SER H 210 36.05 25.01 63.33
CA SER H 210 34.62 25.10 63.10
C SER H 210 34.33 25.78 61.77
N ARG H 211 33.23 25.42 61.13
CA ARG H 211 32.85 26.02 59.86
C ARG H 211 32.44 27.47 60.06
N ASN H 212 32.57 28.27 59.01
CA ASN H 212 32.20 29.68 59.07
C ASN H 212 30.68 29.87 59.06
N SER H 213 29.97 28.77 58.82
CA SER H 213 28.50 28.79 58.85
C SER H 213 28.00 28.74 60.29
N THR H 214 28.89 28.41 61.22
CA THR H 214 28.54 28.35 62.63
C THR H 214 29.43 29.27 63.45
N HIS H 215 28.80 30.09 64.29
CA HIS H 215 29.53 31.04 65.13
C HIS H 215 29.75 30.47 66.53
N GLU H 216 30.00 29.16 66.60
CA GLU H 216 30.18 28.48 67.88
C GLU H 216 31.47 28.90 68.55
N MET H 217 31.37 29.22 69.84
CA MET H 217 32.54 29.58 70.64
C MET H 217 32.66 28.65 71.84
N TYR H 218 33.78 27.94 71.92
CA TYR H 218 33.99 26.95 72.98
C TYR H 218 34.56 27.58 74.25
N TRP H 219 34.20 26.99 75.39
CA TRP H 219 34.69 27.45 76.69
C TRP H 219 35.97 26.73 77.07
N ILE H 220 37.02 27.51 77.31
CA ILE H 220 38.29 26.95 77.78
C ILE H 220 38.46 27.23 79.27
N SER H 221 38.74 26.18 80.03
CA SER H 221 38.90 26.29 81.48
C SER H 221 40.16 27.05 81.85
N ASN H 222 41.31 26.53 81.42
CA ASN H 222 42.60 27.14 81.70
C ASN H 222 42.83 28.40 80.87
N ASN H 226 38.00 39.34 78.29
CA ASN H 226 36.73 39.94 77.92
C ASN H 226 35.92 39.02 77.00
N ILE H 227 34.65 38.82 77.33
CA ILE H 227 33.79 37.94 76.55
C ILE H 227 33.28 38.62 75.28
N VAL H 228 32.89 39.89 75.42
CA VAL H 228 32.34 40.64 74.29
C VAL H 228 33.38 40.84 73.20
N SER H 229 34.64 41.01 73.60
CA SER H 229 35.73 41.19 72.66
C SER H 229 35.90 39.99 71.75
N SER H 230 35.67 38.80 72.31
CA SER H 230 35.75 37.57 71.54
C SER H 230 34.57 37.45 70.58
N VAL H 231 33.39 37.85 71.06
CA VAL H 231 32.19 37.82 70.24
C VAL H 231 32.27 38.83 69.10
N ASN H 232 32.74 40.03 69.42
CA ASN H 232 32.90 41.08 68.42
C ASN H 232 33.95 40.71 67.39
N MET H 233 34.98 39.99 67.82
CA MET H 233 36.03 39.54 66.92
C MET H 233 35.50 38.47 65.97
N VAL H 234 34.61 37.63 66.47
CA VAL H 234 34.00 36.58 65.67
C VAL H 234 32.98 37.15 64.71
N SER H 235 32.21 38.13 65.19
CA SER H 235 31.20 38.78 64.36
C SER H 235 31.85 39.57 63.24
N ARG H 236 32.98 40.18 63.53
CA ARG H 236 33.73 40.95 62.54
C ARG H 236 34.38 40.02 61.52
N LEU H 237 34.80 38.85 61.99
CA LEU H 237 35.42 37.85 61.11
C LEU H 237 34.40 37.26 60.16
N LEU H 238 33.16 37.13 60.62
CA LEU H 238 32.08 36.61 59.80
C LEU H 238 31.74 37.58 58.68
N LEU H 239 31.88 38.87 58.97
CA LEU H 239 31.63 39.91 57.98
C LEU H 239 32.84 40.09 57.07
N ASN H 240 34.02 39.80 57.61
CA ASN H 240 35.26 39.90 56.84
C ASN H 240 35.42 38.72 55.90
N ARG H 241 34.68 37.65 56.16
CA ARG H 241 34.70 36.46 55.33
C ARG H 241 33.80 36.62 54.11
N PHE H 242 33.22 37.82 53.99
CA PHE H 242 32.34 38.14 52.87
C PHE H 242 33.09 38.84 51.75
N THR H 243 33.93 39.80 52.11
CA THR H 243 34.65 40.62 51.15
C THR H 243 35.58 39.81 50.25
N MET H 244 36.62 39.25 50.86
CA MET H 244 37.61 38.46 50.11
C MET H 244 37.00 37.19 49.54
N THR H 245 37.70 36.57 48.60
CA THR H 245 37.22 35.34 47.97
C THR H 245 37.20 34.19 48.97
N HIS H 246 36.53 33.11 48.59
CA HIS H 246 36.43 31.93 49.43
C HIS H 246 37.81 31.33 49.69
N ARG H 247 38.37 31.64 50.85
CA ARG H 247 39.71 31.18 51.21
C ARG H 247 39.76 29.67 51.33
N ARG H 248 40.71 29.06 50.63
CA ARG H 248 40.89 27.61 50.65
C ARG H 248 41.29 27.14 52.05
N PRO H 249 40.44 26.30 52.67
CA PRO H 249 40.73 25.77 54.01
C PRO H 249 41.99 24.91 54.01
N THR H 250 42.95 25.26 54.87
CA THR H 250 44.20 24.52 54.95
C THR H 250 43.97 23.07 55.38
N ILE H 251 44.06 22.16 54.41
CA ILE H 251 43.84 20.74 54.67
C ILE H 251 44.95 20.15 55.53
N GLU H 252 44.57 19.55 56.66
CA GLU H 252 45.53 18.91 57.55
C GLU H 252 45.25 17.42 57.65
N LYS H 253 46.11 16.70 58.37
CA LYS H 253 45.95 15.27 58.54
C LYS H 253 45.22 14.97 59.85
N ASP H 254 44.30 14.01 59.80
CA ASP H 254 43.53 13.63 60.98
C ASP H 254 44.42 13.06 62.09
N VAL H 255 43.85 12.93 63.28
CA VAL H 255 44.60 12.47 64.44
C VAL H 255 44.67 10.94 64.50
N ASP H 256 45.87 10.42 64.67
CA ASP H 256 46.07 8.97 64.81
C ASP H 256 45.82 8.55 66.25
N LEU H 257 44.76 7.78 66.47
CA LEU H 257 44.36 7.38 67.81
C LEU H 257 45.12 6.16 68.31
N GLY H 258 45.86 5.50 67.43
CA GLY H 258 46.62 4.32 67.79
C GLY H 258 45.72 3.15 68.11
N ALA H 259 46.23 2.21 68.90
CA ALA H 259 45.47 1.02 69.26
C ALA H 259 46.00 0.37 70.53
N GLY H 260 45.37 -0.72 70.95
CA GLY H 260 45.79 -1.46 72.12
C GLY H 260 45.28 -0.89 73.43
N THR H 261 45.42 -1.66 74.50
CA THR H 261 45.01 -1.20 75.82
C THR H 261 46.02 -0.20 76.38
N ARG H 262 45.64 0.52 77.43
CA ARG H 262 46.50 1.56 78.00
C ARG H 262 47.30 1.05 79.19
N HIS H 263 46.61 0.79 80.30
CA HIS H 263 47.25 0.39 81.55
C HIS H 263 48.27 1.43 82.00
N VAL H 264 47.77 2.52 82.59
CA VAL H 264 48.63 3.63 82.99
C VAL H 264 49.55 3.28 84.15
N ASN H 265 49.22 2.20 84.85
CA ASN H 265 50.00 1.78 86.01
C ASN H 265 51.40 1.31 85.60
N ALA H 266 51.50 0.74 84.40
CA ALA H 266 52.77 0.26 83.89
C ALA H 266 53.17 1.01 82.63
N GLU H 267 52.74 2.25 82.53
CA GLU H 267 53.00 3.07 81.35
C GLU H 267 54.36 3.79 81.37
N PRO H 268 54.66 4.55 82.45
CA PRO H 268 55.90 5.33 82.37
C PRO H 268 57.16 4.46 82.42
N GLU H 269 58.30 5.07 82.10
CA GLU H 269 59.58 4.36 82.08
C GLU H 269 60.27 4.43 83.45
N THR H 270 61.40 3.75 83.57
CA THR H 270 62.15 3.72 84.81
C THR H 270 63.64 3.95 84.57
N PRO H 271 64.11 5.19 84.76
CA PRO H 271 65.53 5.54 84.58
C PRO H 271 66.38 5.12 85.77
N ASN H 272 67.63 4.76 85.52
CA ASN H 272 68.55 4.38 86.59
C ASN H 272 69.19 5.60 87.25
N MET H 273 69.24 6.70 86.50
CA MET H 273 69.77 7.98 86.98
C MET H 273 71.23 7.87 87.45
N ASP H 274 71.92 6.83 86.99
CA ASP H 274 73.32 6.63 87.36
C ASP H 274 74.20 6.60 86.12
N VAL H 275 73.56 6.51 84.96
CA VAL H 275 74.29 6.47 83.69
C VAL H 275 74.03 7.74 82.88
N ILE H 276 72.78 8.19 82.87
CA ILE H 276 72.39 9.37 82.10
C ILE H 276 72.11 10.55 83.01
N GLY H 277 72.75 10.59 84.17
CA GLY H 277 72.56 11.67 85.11
C GLY H 277 73.61 12.76 84.97
N GLU H 278 74.73 12.43 84.34
CA GLU H 278 75.82 13.39 84.16
C GLU H 278 75.58 14.31 82.99
N ARG H 279 74.48 14.08 82.26
CA ARG H 279 74.15 14.88 81.09
C ARG H 279 73.17 16.00 81.44
N ILE H 280 72.14 15.65 82.20
CA ILE H 280 71.10 16.61 82.56
C ILE H 280 71.62 17.67 83.54
N LYS H 281 72.55 17.26 84.40
CA LYS H 281 73.11 18.17 85.40
C LYS H 281 73.97 19.25 84.77
N ARG H 282 74.68 18.90 83.71
CA ARG H 282 75.58 19.83 83.03
C ARG H 282 74.83 20.70 82.02
N ILE H 283 73.86 20.10 81.34
CA ILE H 283 73.09 20.81 80.32
C ILE H 283 72.18 21.87 80.94
N LYS H 284 71.66 21.57 82.13
CA LYS H 284 70.76 22.49 82.82
C LYS H 284 71.50 23.73 83.33
N GLU H 285 72.76 23.53 83.70
CA GLU H 285 73.58 24.62 84.22
C GLU H 285 73.90 25.66 83.14
N GLU H 286 74.02 25.18 81.90
CA GLU H 286 74.34 26.05 80.77
C GLU H 286 73.15 26.92 80.40
N HIS H 287 71.95 26.46 80.73
CA HIS H 287 70.73 27.18 80.40
C HIS H 287 69.86 27.33 81.65
N SER H 288 70.50 27.62 82.78
CA SER H 288 69.81 27.70 84.07
C SER H 288 68.96 28.97 84.20
N SER H 289 69.02 29.83 83.19
CA SER H 289 68.28 31.08 83.22
C SER H 289 66.77 30.84 83.14
N THR H 290 66.37 29.94 82.25
CA THR H 290 64.94 29.67 82.02
C THR H 290 64.58 28.20 82.18
N TRP H 291 65.54 27.39 82.62
CA TRP H 291 65.30 25.96 82.79
C TRP H 291 64.35 25.68 83.94
N HIS H 292 63.36 24.83 83.70
CA HIS H 292 62.38 24.46 84.73
C HIS H 292 61.70 23.15 84.38
N TYR H 293 61.51 22.30 85.39
CA TYR H 293 60.84 21.03 85.19
C TYR H 293 59.33 21.21 85.19
N ASP H 294 58.75 21.27 83.99
CA ASP H 294 57.32 21.47 83.85
C ASP H 294 56.54 20.27 84.39
N ASP H 295 55.80 20.50 85.47
CA ASP H 295 55.07 19.43 86.13
C ASP H 295 53.90 18.93 85.30
N GLU H 296 53.44 19.77 84.37
CA GLU H 296 52.32 19.42 83.51
C GLU H 296 52.80 18.88 82.17
N ASN H 297 53.93 18.18 82.18
CA ASN H 297 54.51 17.63 80.97
C ASN H 297 53.65 16.54 80.36
N PRO H 298 53.46 16.58 79.04
CA PRO H 298 52.63 15.61 78.32
C PRO H 298 53.30 14.26 78.12
N TYR H 299 54.48 14.08 78.70
CA TYR H 299 55.21 12.82 78.59
C TYR H 299 54.44 11.69 79.28
N LYS H 300 54.10 10.65 78.51
CA LYS H 300 53.33 9.54 79.02
C LYS H 300 54.22 8.38 79.46
N THR H 301 54.72 7.63 78.49
CA THR H 301 55.56 6.47 78.77
C THR H 301 57.02 6.84 78.90
N TRP H 302 57.29 8.13 79.00
CA TRP H 302 58.66 8.63 79.08
C TRP H 302 58.89 9.43 80.36
N ALA H 303 60.14 9.46 80.81
CA ALA H 303 60.50 10.19 82.02
C ALA H 303 60.84 11.64 81.70
N TYR H 304 59.94 12.55 82.06
CA TYR H 304 60.13 13.97 81.80
C TYR H 304 61.12 14.59 82.79
N HIS H 305 62.30 14.96 82.28
CA HIS H 305 63.32 15.57 83.12
C HIS H 305 63.03 17.04 83.38
N GLY H 306 63.01 17.83 82.31
CA GLY H 306 62.73 19.24 82.41
C GLY H 306 62.49 19.88 81.06
N SER H 307 62.54 21.21 81.01
CA SER H 307 62.32 21.95 79.78
C SER H 307 62.96 23.33 79.82
N TYR H 308 63.71 23.66 78.77
CA TYR H 308 64.34 24.97 78.66
C TYR H 308 63.88 25.67 77.39
N GLU H 309 63.77 26.99 77.44
CA GLU H 309 63.27 27.76 76.31
C GLU H 309 64.28 27.80 75.16
N VAL H 310 63.79 27.63 73.94
CA VAL H 310 64.64 27.64 72.76
C VAL H 310 64.05 28.51 71.66
N ASN H 321 63.69 24.58 46.60
CA ASN H 321 64.38 24.32 45.35
C ASN H 321 63.43 23.76 44.29
N GLY H 322 63.85 22.68 43.63
CA GLY H 322 63.03 22.04 42.63
C GLY H 322 63.16 22.69 41.26
N VAL H 323 64.33 22.53 40.64
CA VAL H 323 64.55 23.04 39.29
C VAL H 323 63.76 22.22 38.27
N VAL H 324 63.66 20.93 38.53
CA VAL H 324 62.94 20.02 37.64
C VAL H 324 61.44 20.34 37.55
N LYS H 325 60.96 21.14 38.50
CA LYS H 325 59.56 21.57 38.49
C LYS H 325 59.26 22.43 37.28
N LEU H 326 60.27 23.15 36.80
CA LEU H 326 60.13 23.97 35.61
C LEU H 326 60.18 23.10 34.36
N LEU H 327 61.02 22.09 34.40
CA LEU H 327 61.14 21.15 33.28
C LEU H 327 59.95 20.21 33.24
N THR H 328 59.34 19.97 34.40
CA THR H 328 58.18 19.10 34.50
C THR H 328 57.09 19.76 35.35
N LYS H 329 56.15 20.42 34.67
CA LYS H 329 55.07 21.15 35.33
C LYS H 329 53.64 20.61 35.15
N PRO H 330 53.39 19.64 34.25
CA PRO H 330 52.01 19.16 34.28
C PRO H 330 51.62 18.42 35.56
N TRP H 331 52.62 17.97 36.32
CA TRP H 331 52.35 17.25 37.56
C TRP H 331 52.00 18.21 38.70
N ASP H 332 52.09 19.51 38.45
CA ASP H 332 51.84 20.52 39.48
C ASP H 332 50.44 20.43 40.07
N VAL H 333 49.50 19.89 39.29
CA VAL H 333 48.12 19.75 39.75
C VAL H 333 47.85 18.35 40.33
N VAL H 334 48.91 17.57 40.48
CA VAL H 334 48.78 16.22 41.04
C VAL H 334 49.34 16.16 42.46
N PRO H 335 48.46 16.00 43.45
CA PRO H 335 48.82 15.95 44.88
C PRO H 335 49.69 14.75 45.27
N MET H 336 50.73 14.49 44.49
CA MET H 336 51.67 13.42 44.80
C MET H 336 53.10 13.97 44.79
N VAL H 337 53.32 14.96 43.93
CA VAL H 337 54.59 15.66 43.89
C VAL H 337 54.57 16.87 44.81
N THR H 338 53.37 17.19 45.30
CA THR H 338 53.20 18.32 46.21
C THR H 338 53.40 17.88 47.66
N GLN H 339 52.69 16.83 48.04
CA GLN H 339 52.77 16.29 49.40
C GLN H 339 54.14 15.67 49.66
N THR H 345 56.71 19.79 59.95
CA THR H 345 57.99 20.44 60.14
C THR H 345 57.89 21.55 61.19
N THR H 346 56.79 21.55 61.92
CA THR H 346 56.56 22.55 62.96
C THR H 346 56.54 21.91 64.34
N PRO H 347 56.97 22.66 65.37
CA PRO H 347 56.98 22.15 66.75
C PRO H 347 55.59 21.76 67.24
N PHE H 348 54.55 22.40 66.70
CA PHE H 348 53.18 22.05 67.03
C PHE H 348 52.86 20.65 66.51
N GLY H 349 53.33 20.35 65.30
CA GLY H 349 53.14 19.05 64.70
C GLY H 349 54.13 18.04 65.26
N GLN H 350 55.25 18.53 65.78
CA GLN H 350 56.26 17.67 66.38
C GLN H 350 55.76 17.07 67.68
N GLN H 351 55.07 17.88 68.48
CA GLN H 351 54.51 17.43 69.75
C GLN H 351 53.35 16.47 69.49
N ARG H 352 52.66 16.67 68.38
CA ARG H 352 51.54 15.81 68.00
C ARG H 352 52.04 14.49 67.42
N VAL H 353 53.24 14.51 66.86
CA VAL H 353 53.83 13.31 66.26
C VAL H 353 54.51 12.46 67.33
N PHE H 354 54.88 13.09 68.44
CA PHE H 354 55.54 12.38 69.53
C PHE H 354 54.57 11.46 70.27
N LYS H 355 53.38 11.97 70.57
CA LYS H 355 52.38 11.21 71.29
C LYS H 355 51.66 10.21 70.38
N GLU H 356 51.86 10.36 69.08
CA GLU H 356 51.19 9.50 68.11
C GLU H 356 52.03 8.28 67.73
N LYS H 357 53.32 8.34 68.02
CA LYS H 357 54.22 7.25 67.66
C LYS H 357 55.38 7.09 68.64
N VAL H 358 56.05 8.19 68.95
CA VAL H 358 57.22 8.15 69.83
C VAL H 358 56.86 7.82 71.27
N ASP H 359 55.86 8.50 71.81
CA ASP H 359 55.44 8.29 73.18
C ASP H 359 54.65 6.99 73.34
N THR H 360 55.37 5.87 73.43
CA THR H 360 54.74 4.57 73.59
C THR H 360 55.69 3.59 74.28
N ARG H 361 55.14 2.48 74.76
CA ARG H 361 55.94 1.47 75.45
C ARG H 361 55.49 0.06 75.09
N THR H 362 56.35 -0.66 74.39
CA THR H 362 56.06 -2.05 74.02
C THR H 362 56.21 -2.97 75.22
N PRO H 363 55.19 -3.79 75.49
CA PRO H 363 55.19 -4.72 76.63
C PRO H 363 56.25 -5.79 76.50
N ARG H 364 56.86 -6.17 77.63
CA ARG H 364 57.91 -7.18 77.64
C ARG H 364 57.33 -8.57 77.31
N PRO H 365 58.02 -9.31 76.44
CA PRO H 365 57.56 -10.65 76.04
C PRO H 365 57.66 -11.66 77.17
N MET H 366 56.99 -12.80 77.00
CA MET H 366 57.01 -13.87 77.99
C MET H 366 58.43 -14.41 78.16
N PRO H 367 58.77 -14.89 79.36
CA PRO H 367 60.10 -15.43 79.68
C PRO H 367 60.60 -16.46 78.67
N GLY H 368 59.69 -17.20 78.06
CA GLY H 368 60.07 -18.19 77.05
C GLY H 368 60.51 -17.51 75.77
N THR H 369 59.85 -16.41 75.42
CA THR H 369 60.20 -15.66 74.22
C THR H 369 61.56 -15.00 74.38
N ARG H 370 61.86 -14.57 75.60
CA ARG H 370 63.15 -13.98 75.92
C ARG H 370 64.27 -14.99 75.74
N LYS H 371 64.05 -16.21 76.23
CA LYS H 371 65.01 -17.28 76.10
C LYS H 371 65.15 -17.72 74.65
N VAL H 372 64.07 -17.57 73.89
CA VAL H 372 64.08 -17.92 72.47
C VAL H 372 64.78 -16.84 71.66
N MET H 373 64.71 -15.61 72.14
CA MET H 373 65.37 -14.49 71.46
C MET H 373 66.85 -14.44 71.80
N GLU H 374 67.21 -14.99 72.96
CA GLU H 374 68.61 -15.02 73.39
C GLU H 374 69.34 -16.20 72.76
N ILE H 375 68.66 -17.32 72.64
CA ILE H 375 69.25 -18.52 72.06
C ILE H 375 69.44 -18.37 70.55
N THR H 376 68.46 -17.76 69.90
CA THR H 376 68.52 -17.56 68.46
C THR H 376 69.61 -16.56 68.09
N ALA H 377 69.74 -15.50 68.89
CA ALA H 377 70.75 -14.48 68.66
C ALA H 377 72.15 -15.05 68.87
N GLU H 378 72.30 -15.87 69.91
CA GLU H 378 73.59 -16.47 70.24
C GLU H 378 74.13 -17.29 69.07
N TRP H 379 73.23 -17.98 68.38
CA TRP H 379 73.61 -18.75 67.20
C TRP H 379 73.81 -17.83 66.00
N LEU H 380 73.06 -16.73 65.99
CA LEU H 380 73.10 -15.79 64.87
C LEU H 380 74.45 -15.08 64.78
N TRP H 381 74.97 -14.65 65.91
CA TRP H 381 76.24 -13.91 65.93
C TRP H 381 77.41 -14.79 65.52
N ARG H 382 77.35 -16.06 65.88
CA ARG H 382 78.42 -17.01 65.56
C ARG H 382 78.48 -17.28 64.06
N THR H 383 77.31 -17.31 63.43
CA THR H 383 77.22 -17.58 61.99
C THR H 383 77.77 -16.41 61.18
N LEU H 384 77.49 -15.19 61.63
CA LEU H 384 77.94 -14.00 60.93
C LEU H 384 79.40 -13.67 61.27
N GLY H 385 79.90 -14.28 62.35
CA GLY H 385 81.26 -14.05 62.77
C GLY H 385 82.15 -15.26 62.57
N ARG H 386 81.81 -16.08 61.58
CA ARG H 386 82.58 -17.28 61.29
C ARG H 386 83.88 -16.93 60.56
N ASN H 387 83.79 -16.07 59.57
CA ASN H 387 84.95 -15.66 58.79
C ASN H 387 85.33 -14.20 59.05
N LYS H 388 84.68 -13.57 60.02
CA LYS H 388 84.93 -12.17 60.32
C LYS H 388 85.28 -11.96 61.79
N ARG H 389 86.01 -10.88 62.06
CA ARG H 389 86.40 -10.53 63.43
C ARG H 389 86.10 -9.06 63.71
N PRO H 390 85.49 -8.78 64.86
CA PRO H 390 85.10 -7.42 65.25
C PRO H 390 86.30 -6.50 65.48
N ARG H 391 86.29 -5.33 64.86
CA ARG H 391 87.37 -4.36 65.02
C ARG H 391 86.85 -2.93 64.99
N LEU H 392 87.48 -2.06 65.75
CA LEU H 392 87.07 -0.65 65.82
C LEU H 392 87.61 0.13 64.62
N CYS H 393 86.80 1.06 64.11
CA CYS H 393 87.21 1.90 63.00
C CYS H 393 88.22 2.94 63.46
N THR H 394 88.88 3.61 62.51
CA THR H 394 89.92 4.57 62.84
C THR H 394 89.45 6.01 62.63
N ARG H 395 90.31 6.95 63.01
CA ARG H 395 90.03 8.37 62.86
C ARG H 395 90.00 8.76 61.39
N GLU H 396 90.94 8.22 60.62
CA GLU H 396 91.03 8.50 59.20
C GLU H 396 89.84 7.91 58.45
N GLU H 397 89.30 6.82 58.99
CA GLU H 397 88.14 6.17 58.39
C GLU H 397 86.87 6.97 58.64
N PHE H 398 86.89 7.79 59.69
CA PHE H 398 85.74 8.60 60.04
C PHE H 398 85.64 9.84 59.16
N THR H 399 86.78 10.32 58.67
CA THR H 399 86.81 11.51 57.83
C THR H 399 86.63 11.17 56.36
N LYS H 400 86.43 9.90 56.08
CA LYS H 400 86.24 9.44 54.70
C LYS H 400 84.87 9.86 54.16
N LYS H 401 83.90 9.99 55.07
CA LYS H 401 82.55 10.37 54.68
C LYS H 401 82.47 11.86 54.34
N VAL H 402 82.99 12.70 55.24
CA VAL H 402 82.97 14.13 55.04
C VAL H 402 84.13 14.81 55.79
N SER H 420 79.29 22.75 59.68
CA SER H 420 80.52 23.02 60.41
C SER H 420 81.23 21.74 60.80
N ALA H 421 80.80 20.62 60.20
CA ALA H 421 81.39 19.32 60.48
C ALA H 421 82.79 19.22 59.88
N ARG H 422 82.97 19.80 58.69
CA ARG H 422 84.27 19.80 58.03
C ARG H 422 85.25 20.67 58.80
N ALA H 423 84.73 21.72 59.44
CA ALA H 423 85.55 22.60 60.25
C ALA H 423 86.00 21.87 61.52
N ALA H 424 85.13 21.00 62.03
CA ALA H 424 85.46 20.19 63.19
C ALA H 424 86.49 19.13 62.83
N VAL H 425 86.49 18.74 61.55
CA VAL H 425 87.45 17.76 61.06
C VAL H 425 88.85 18.34 61.01
N GLU H 426 88.93 19.67 60.91
CA GLU H 426 90.21 20.37 60.89
C GLU H 426 90.62 20.81 62.28
N ASP H 427 89.62 21.06 63.13
CA ASP H 427 89.87 21.49 64.50
C ASP H 427 90.38 20.32 65.34
N GLU H 428 91.49 20.54 66.05
CA GLU H 428 92.13 19.48 66.82
C GLU H 428 91.73 19.51 68.29
N GLU H 429 91.35 20.69 68.78
CA GLU H 429 90.98 20.85 70.18
C GLU H 429 89.60 20.26 70.45
N PHE H 430 88.72 20.36 69.46
CA PHE H 430 87.36 19.83 69.59
C PHE H 430 87.38 18.30 69.65
N TRP H 431 88.37 17.70 68.99
CA TRP H 431 88.49 16.25 68.97
C TRP H 431 89.25 15.76 70.20
N LYS H 432 89.88 16.70 70.92
CA LYS H 432 90.49 16.39 72.20
C LYS H 432 89.40 16.21 73.24
N LEU H 433 88.30 16.92 73.04
CA LEU H 433 87.13 16.76 73.89
C LEU H 433 86.45 15.43 73.59
N VAL H 434 86.60 14.96 72.36
CA VAL H 434 86.11 13.65 71.97
C VAL H 434 86.94 12.57 72.64
N ASP H 435 88.22 12.86 72.87
CA ASP H 435 89.10 11.96 73.59
C ASP H 435 88.87 12.08 75.09
N ARG H 436 88.35 13.22 75.51
CA ARG H 436 88.00 13.45 76.90
C ARG H 436 86.81 12.59 77.29
N GLU H 437 85.85 12.46 76.38
CA GLU H 437 84.68 11.61 76.60
C GLU H 437 85.04 10.15 76.34
N ARG H 438 85.98 9.93 75.42
CA ARG H 438 86.46 8.59 75.14
C ARG H 438 87.16 8.02 76.36
N GLU H 439 87.87 8.89 77.09
CA GLU H 439 88.52 8.49 78.34
C GLU H 439 87.47 8.09 79.36
N LEU H 440 86.28 8.70 79.26
CA LEU H 440 85.16 8.34 80.12
C LEU H 440 84.47 7.08 79.60
N HIS H 441 84.57 6.85 78.30
CA HIS H 441 83.99 5.66 77.68
C HIS H 441 84.82 4.42 77.96
N LYS H 442 86.14 4.60 78.05
CA LYS H 442 87.06 3.48 78.24
C LYS H 442 86.86 2.77 79.58
N LEU H 443 86.84 3.53 80.66
CA LEU H 443 86.80 2.94 82.00
C LEU H 443 85.43 3.05 82.65
N GLY H 444 84.77 4.19 82.50
CA GLY H 444 83.53 4.45 83.19
C GLY H 444 82.31 4.61 82.29
N LYS H 445 81.35 5.39 82.76
CA LYS H 445 80.10 5.61 82.04
C LYS H 445 80.18 6.80 81.09
N CYS H 446 79.07 7.08 80.41
CA CYS H 446 79.00 8.18 79.47
C CYS H 446 77.99 9.24 79.94
N GLY H 447 78.39 10.50 79.89
CA GLY H 447 77.55 11.58 80.36
C GLY H 447 77.55 12.80 79.46
N SER H 448 78.15 12.66 78.28
CA SER H 448 78.20 13.78 77.33
C SER H 448 77.48 13.44 76.04
N CYS H 449 77.11 12.17 75.88
CA CYS H 449 76.39 11.73 74.68
C CYS H 449 75.03 11.14 75.03
N GLY H 479 80.15 14.46 66.82
CA GLY H 479 80.35 14.28 68.24
C GLY H 479 80.05 12.87 68.71
N ALA H 480 78.78 12.59 68.96
CA ALA H 480 78.35 11.27 69.39
C ALA H 480 78.52 10.24 68.28
N ARG H 481 78.36 10.70 67.04
CA ARG H 481 78.51 9.83 65.88
C ARG H 481 79.97 9.46 65.65
N TYR H 482 80.87 10.39 65.96
CA TYR H 482 82.30 10.17 65.77
C TYR H 482 82.81 9.05 66.68
N LEU H 483 82.27 8.98 67.88
CA LEU H 483 82.65 7.94 68.84
C LEU H 483 81.97 6.62 68.48
N GLU H 484 80.84 6.71 67.78
CA GLU H 484 80.08 5.53 67.39
C GLU H 484 80.62 4.93 66.10
N PHE H 485 80.93 5.79 65.13
CA PHE H 485 81.44 5.35 63.84
C PHE H 485 82.82 4.72 64.00
N GLU H 486 83.61 5.23 64.93
CA GLU H 486 84.94 4.71 65.19
C GLU H 486 84.87 3.41 65.98
N ALA H 487 83.71 3.14 66.57
CA ALA H 487 83.51 1.93 67.37
C ALA H 487 82.68 0.90 66.61
N LEU H 488 81.44 1.26 66.30
CA LEU H 488 80.53 0.34 65.63
C LEU H 488 80.54 0.53 64.11
N GLY H 489 81.74 0.63 63.55
CA GLY H 489 81.89 0.80 62.12
C GLY H 489 82.53 -0.40 61.46
N PHE H 490 82.14 -1.59 61.90
CA PHE H 490 82.70 -2.82 61.37
C PHE H 490 81.63 -3.72 60.75
N LEU H 491 80.42 -3.65 61.31
CA LEU H 491 79.33 -4.47 60.83
C LEU H 491 78.75 -3.92 59.53
N ASN H 492 78.96 -2.63 59.29
CA ASN H 492 78.42 -1.97 58.12
C ASN H 492 79.48 -1.62 57.09
N GLU H 493 80.61 -1.12 57.58
CA GLU H 493 81.67 -0.62 56.69
C GLU H 493 82.54 -1.75 56.16
N ASP H 494 82.69 -2.81 56.94
CA ASP H 494 83.61 -3.89 56.59
C ASP H 494 82.90 -5.08 55.96
N HIS H 495 81.80 -4.82 55.25
CA HIS H 495 81.13 -5.84 54.47
C HIS H 495 80.74 -7.06 55.31
N TRP H 496 79.76 -6.89 56.19
CA TRP H 496 79.37 -7.95 57.11
C TRP H 496 77.92 -8.38 56.92
N PHE H 497 77.03 -7.42 56.71
CA PHE H 497 75.62 -7.71 56.52
C PHE H 497 75.29 -7.96 55.06
N SER H 498 76.28 -8.35 54.28
CA SER H 498 76.09 -8.58 52.86
C SER H 498 75.42 -9.93 52.61
N ARG H 499 75.28 -10.28 51.34
CA ARG H 499 74.57 -11.48 50.94
C ARG H 499 75.43 -12.73 51.06
N GLU H 500 76.75 -12.56 51.08
CA GLU H 500 77.65 -13.71 51.15
C GLU H 500 78.10 -13.96 52.58
N ASN H 501 77.95 -12.96 53.44
CA ASN H 501 78.39 -13.06 54.83
C ASN H 501 77.22 -13.31 55.77
N SER H 502 76.14 -12.56 55.58
CA SER H 502 74.96 -12.68 56.43
C SER H 502 73.92 -13.61 55.80
N TYR H 503 74.02 -13.78 54.49
CA TYR H 503 73.12 -14.66 53.72
C TYR H 503 71.65 -14.25 53.82
N SER H 504 71.40 -13.05 54.35
CA SER H 504 70.04 -12.55 54.50
C SER H 504 69.97 -11.08 54.11
N GLY H 505 70.99 -10.33 54.53
CA GLY H 505 71.06 -8.91 54.20
C GLY H 505 71.43 -8.67 52.76
N VAL H 506 71.19 -7.46 52.28
CA VAL H 506 71.51 -7.10 50.91
C VAL H 506 72.26 -5.78 50.86
N GLU H 507 73.08 -5.53 51.88
CA GLU H 507 73.85 -4.29 51.97
C GLU H 507 75.01 -4.27 50.99
N GLY H 508 75.00 -3.29 50.09
CA GLY H 508 76.09 -3.13 49.13
C GLY H 508 75.74 -3.66 47.75
N GLU H 509 74.72 -4.50 47.68
CA GLU H 509 74.32 -5.10 46.40
C GLU H 509 73.69 -4.07 45.46
N GLY H 510 72.96 -3.13 46.04
CA GLY H 510 72.33 -2.08 45.26
C GLY H 510 70.96 -2.47 44.73
N LEU H 511 70.27 -1.53 44.11
CA LEU H 511 68.94 -1.78 43.57
C LEU H 511 68.99 -2.48 42.23
N HIS H 512 70.19 -2.59 41.67
CA HIS H 512 70.38 -3.24 40.38
C HIS H 512 70.32 -4.75 40.51
N LYS H 513 70.61 -5.25 41.71
CA LYS H 513 70.61 -6.69 41.96
C LYS H 513 69.53 -7.07 42.98
N LEU H 514 68.79 -6.08 43.46
CA LEU H 514 67.74 -6.31 44.43
C LEU H 514 66.59 -7.10 43.84
N GLY H 515 66.14 -6.68 42.66
CA GLY H 515 65.04 -7.35 41.97
C GLY H 515 65.40 -8.75 41.52
N TYR H 516 66.63 -8.92 41.07
CA TYR H 516 67.09 -10.22 40.59
C TYR H 516 67.28 -11.18 41.75
N ILE H 517 67.55 -10.64 42.93
CA ILE H 517 67.71 -11.45 44.13
C ILE H 517 66.37 -12.04 44.55
N LEU H 518 65.31 -11.25 44.42
CA LEU H 518 63.97 -11.69 44.76
C LEU H 518 63.50 -12.77 43.78
N ARG H 519 63.84 -12.59 42.51
CA ARG H 519 63.48 -13.57 41.49
C ARG H 519 64.24 -14.87 41.71
N ASP H 520 65.45 -14.77 42.27
CA ASP H 520 66.25 -15.95 42.58
C ASP H 520 65.67 -16.67 43.78
N ILE H 521 65.13 -15.91 44.72
CA ILE H 521 64.52 -16.48 45.93
C ILE H 521 63.17 -17.10 45.60
N SER H 522 62.57 -16.64 44.50
CA SER H 522 61.28 -17.16 44.06
C SER H 522 61.41 -18.55 43.46
N LYS H 523 62.64 -18.92 43.10
CA LYS H 523 62.91 -20.22 42.53
C LYS H 523 62.95 -21.29 43.62
N ILE H 524 63.16 -20.86 44.86
CA ILE H 524 63.19 -21.77 46.00
C ILE H 524 61.79 -22.27 46.34
N PRO H 525 61.59 -23.60 46.27
CA PRO H 525 60.29 -24.22 46.55
C PRO H 525 59.80 -23.95 47.97
N GLY H 526 58.50 -24.16 48.19
CA GLY H 526 57.89 -23.94 49.48
C GLY H 526 56.56 -23.24 49.38
N GLY H 527 56.28 -22.36 50.34
CA GLY H 527 55.05 -21.59 50.34
C GLY H 527 55.19 -20.30 49.56
N ALA H 528 54.20 -19.43 49.70
CA ALA H 528 54.21 -18.14 49.01
C ALA H 528 55.24 -17.20 49.64
N MET H 529 55.54 -16.10 48.94
CA MET H 529 56.48 -15.11 49.43
C MET H 529 55.77 -14.07 50.29
N TYR H 530 56.15 -14.00 51.57
CA TYR H 530 55.52 -13.07 52.50
C TYR H 530 56.40 -11.85 52.76
N ALA H 531 55.78 -10.70 52.93
CA ALA H 531 56.50 -9.47 53.21
C ALA H 531 55.66 -8.53 54.07
N ASP H 532 55.73 -8.71 55.38
CA ASP H 532 54.94 -7.91 56.30
C ASP H 532 55.73 -6.72 56.83
N ASP H 533 55.19 -5.52 56.64
CA ASP H 533 55.83 -4.30 57.12
C ASP H 533 55.42 -4.01 58.56
N THR H 534 56.41 -3.90 59.44
CA THR H 534 56.15 -3.64 60.84
C THR H 534 55.88 -2.16 61.09
N ALA H 535 54.87 -1.86 61.88
CA ALA H 535 54.50 -0.49 62.18
C ALA H 535 55.32 0.07 63.34
N GLY H 536 56.14 1.08 63.05
CA GLY H 536 56.98 1.70 64.05
C GLY H 536 58.03 0.74 64.59
N TRP H 537 59.02 0.45 63.76
CA TRP H 537 60.07 -0.50 64.13
C TRP H 537 60.95 0.03 65.25
N ASP H 538 61.08 1.35 65.32
CA ASP H 538 61.92 1.98 66.33
C ASP H 538 61.36 1.77 67.74
N THR H 539 60.03 1.81 67.84
CA THR H 539 59.37 1.64 69.13
C THR H 539 59.29 0.17 69.51
N ARG H 540 59.35 -0.70 68.50
CA ARG H 540 59.25 -2.14 68.71
C ARG H 540 60.48 -2.70 69.41
N ILE H 541 61.57 -1.95 69.40
CA ILE H 541 62.82 -2.39 70.04
C ILE H 541 62.65 -2.51 71.55
N THR H 542 62.50 -3.74 72.03
CA THR H 542 62.33 -3.99 73.45
C THR H 542 63.67 -4.05 74.17
N GLU H 543 63.61 -4.23 75.50
CA GLU H 543 64.82 -4.31 76.31
C GLU H 543 65.57 -5.61 76.07
N ASP H 544 64.82 -6.68 75.80
CA ASP H 544 65.42 -7.99 75.55
C ASP H 544 66.11 -8.04 74.19
N ASP H 545 65.62 -7.23 73.26
CA ASP H 545 66.19 -7.20 71.91
C ASP H 545 67.57 -6.54 71.92
N LEU H 546 67.73 -5.52 72.76
CA LEU H 546 68.99 -4.80 72.84
C LEU H 546 70.05 -5.62 73.58
N HIS H 547 69.62 -6.35 74.61
CA HIS H 547 70.53 -7.18 75.40
C HIS H 547 71.11 -8.32 74.58
N ASN H 548 70.36 -8.80 73.60
CA ASN H 548 70.81 -9.88 72.73
C ASN H 548 71.89 -9.41 71.77
N GLU H 549 71.93 -8.10 71.52
CA GLU H 549 72.92 -7.53 70.62
C GLU H 549 74.21 -7.17 71.35
N GLU H 550 74.13 -7.12 72.68
CA GLU H 550 75.29 -6.81 73.50
C GLU H 550 76.22 -8.01 73.63
N LYS H 551 75.73 -9.17 73.21
CA LYS H 551 76.51 -10.41 73.27
C LYS H 551 77.51 -10.50 72.13
N ILE H 552 77.47 -9.52 71.23
CA ILE H 552 78.39 -9.49 70.10
C ILE H 552 79.78 -9.05 70.54
N THR H 553 79.85 -8.36 71.67
CA THR H 553 81.12 -7.89 72.20
C THR H 553 81.90 -9.00 72.88
N GLN H 554 81.24 -10.14 73.08
CA GLN H 554 81.87 -11.29 73.71
C GLN H 554 82.95 -11.89 72.81
N ASP H 557 88.01 -8.01 70.83
CA ASP H 557 89.07 -7.31 71.53
C ASP H 557 88.58 -6.77 72.87
N PRO H 558 89.43 -6.87 73.91
CA PRO H 558 89.10 -6.39 75.26
C PRO H 558 88.76 -4.90 75.29
N GLU H 559 89.56 -4.10 74.58
CA GLU H 559 89.32 -2.66 74.50
C GLU H 559 88.03 -2.39 73.71
N HIS H 560 87.76 -3.22 72.72
CA HIS H 560 86.55 -3.10 71.92
C HIS H 560 85.33 -3.46 72.77
N ARG H 561 85.48 -4.49 73.60
CA ARG H 561 84.39 -4.94 74.47
C ARG H 561 84.16 -3.97 75.61
N GLN H 562 85.10 -3.07 75.83
CA GLN H 562 85.00 -2.08 76.90
C GLN H 562 84.41 -0.77 76.38
N LEU H 563 84.67 -0.48 75.11
CA LEU H 563 84.21 0.77 74.50
C LEU H 563 82.81 0.62 73.92
N ALA H 564 82.51 -0.56 73.39
CA ALA H 564 81.21 -0.82 72.78
C ALA H 564 80.12 -0.95 73.84
N ASN H 565 80.43 -1.67 74.92
CA ASN H 565 79.47 -1.87 75.99
C ASN H 565 79.08 -0.55 76.67
N ALA H 566 79.99 0.41 76.66
CA ALA H 566 79.71 1.73 77.21
C ALA H 566 78.67 2.45 76.36
N ILE H 567 78.78 2.30 75.05
CA ILE H 567 77.84 2.91 74.13
C ILE H 567 76.57 2.06 73.99
N PHE H 568 76.63 0.84 74.52
CA PHE H 568 75.48 -0.06 74.45
C PHE H 568 74.67 -0.02 75.74
N LYS H 569 75.22 0.63 76.76
CA LYS H 569 74.55 0.70 78.06
C LYS H 569 74.21 2.15 78.44
N LEU H 570 75.03 3.09 77.99
CA LEU H 570 74.82 4.49 78.33
C LEU H 570 74.33 5.29 77.12
N THR H 571 74.54 4.74 75.93
CA THR H 571 74.12 5.42 74.71
C THR H 571 73.12 4.58 73.92
N TYR H 572 72.67 3.48 74.51
CA TYR H 572 71.70 2.61 73.87
C TYR H 572 70.63 2.14 74.85
N GLN H 573 71.06 1.55 75.96
CA GLN H 573 70.13 1.11 77.00
C GLN H 573 69.38 2.29 77.59
N ASN H 574 70.09 3.41 77.73
CA ASN H 574 69.48 4.67 78.14
C ASN H 574 69.89 5.79 77.19
N LYS H 575 68.97 6.72 76.96
CA LYS H 575 69.23 7.80 76.01
C LYS H 575 68.61 9.11 76.45
N VAL H 576 69.32 10.21 76.18
CA VAL H 576 68.82 11.54 76.48
C VAL H 576 68.68 12.35 75.19
N VAL H 577 67.47 12.84 74.92
CA VAL H 577 67.21 13.58 73.71
C VAL H 577 66.58 14.95 74.00
N LYS H 578 66.61 15.82 72.99
CA LYS H 578 66.03 17.15 73.11
C LYS H 578 64.91 17.37 72.11
N VAL H 579 63.72 17.66 72.64
CA VAL H 579 62.55 17.88 71.79
C VAL H 579 61.84 19.17 72.15
N GLN H 580 61.55 19.99 71.14
CA GLN H 580 60.89 21.27 71.36
C GLN H 580 59.41 21.10 71.65
N ARG H 581 58.99 21.50 72.86
CA ARG H 581 57.60 21.42 73.25
C ARG H 581 56.99 22.81 73.42
N PRO H 582 55.90 23.08 72.69
CA PRO H 582 55.24 24.39 72.71
C PRO H 582 54.62 24.70 74.07
N THR H 583 54.40 25.99 74.33
CA THR H 583 53.85 26.45 75.61
C THR H 583 53.12 27.78 75.41
N PRO H 584 52.15 28.09 76.28
CA PRO H 584 51.42 29.35 76.16
C PRO H 584 52.32 30.58 76.34
N LYS H 585 53.51 30.38 76.89
CA LYS H 585 54.47 31.46 77.07
C LYS H 585 55.40 31.57 75.88
N GLY H 586 55.68 30.44 75.23
CA GLY H 586 56.55 30.40 74.08
C GLY H 586 56.96 28.99 73.71
N THR H 587 58.08 28.87 73.00
CA THR H 587 58.59 27.57 72.59
C THR H 587 59.74 27.12 73.49
N VAL H 588 59.63 25.90 74.02
CA VAL H 588 60.65 25.37 74.93
C VAL H 588 61.10 23.98 74.50
N MET H 589 62.39 23.70 74.66
CA MET H 589 62.95 22.40 74.33
C MET H 589 63.00 21.50 75.56
N ASP H 590 62.05 20.57 75.65
CA ASP H 590 61.98 19.66 76.79
C ASP H 590 63.00 18.54 76.67
N ILE H 591 63.43 18.01 77.82
CA ILE H 591 64.37 16.91 77.85
C ILE H 591 63.76 15.70 78.55
N ILE H 592 63.97 14.51 77.98
CA ILE H 592 63.41 13.29 78.54
C ILE H 592 64.34 12.10 78.33
N SER H 593 63.97 10.96 78.92
CA SER H 593 64.76 9.75 78.81
C SER H 593 63.87 8.51 78.84
N ARG H 594 64.21 7.51 78.04
CA ARG H 594 63.44 6.27 77.99
C ARG H 594 64.32 5.04 78.23
N LYS H 595 63.69 3.88 78.25
CA LYS H 595 64.40 2.63 78.48
C LYS H 595 64.58 1.85 77.18
N ASP H 596 63.51 1.21 76.73
CA ASP H 596 63.57 0.38 75.53
C ASP H 596 62.98 1.08 74.32
N GLN H 597 63.85 1.69 73.51
CA GLN H 597 63.43 2.37 72.28
C GLN H 597 64.63 2.58 71.36
N ARG H 598 64.43 2.35 70.07
CA ARG H 598 65.51 2.49 69.10
C ARG H 598 65.66 3.93 68.63
N GLY H 599 66.90 4.43 68.65
CA GLY H 599 67.19 5.78 68.22
C GLY H 599 67.03 5.96 66.72
N SER H 600 66.90 7.20 66.29
CA SER H 600 66.71 7.51 64.88
C SER H 600 68.01 7.95 64.21
N GLY H 601 68.35 7.29 63.11
CA GLY H 601 69.53 7.65 62.34
C GLY H 601 70.85 7.37 63.04
N GLN H 602 70.90 6.26 63.79
CA GLN H 602 72.10 5.87 64.49
C GLN H 602 73.13 5.28 63.53
N VAL H 603 74.36 5.09 64.02
CA VAL H 603 75.42 4.50 63.22
C VAL H 603 75.12 3.03 62.94
N GLY H 604 74.46 2.38 63.90
CA GLY H 604 74.06 0.98 63.74
C GLY H 604 72.57 0.86 63.48
N THR H 605 72.03 1.82 62.73
CA THR H 605 70.62 1.83 62.38
C THR H 605 70.26 0.63 61.51
N TYR H 606 71.20 0.23 60.66
CA TYR H 606 71.00 -0.94 59.81
C TYR H 606 71.41 -2.20 60.57
N GLY H 607 72.30 -2.03 61.54
CA GLY H 607 72.80 -3.16 62.32
C GLY H 607 71.73 -3.84 63.14
N LEU H 608 71.17 -3.13 64.11
CA LEU H 608 70.17 -3.69 65.01
C LEU H 608 68.91 -4.11 64.26
N ASN H 609 68.48 -3.27 63.33
CA ASN H 609 67.24 -3.51 62.61
C ASN H 609 67.28 -4.72 61.69
N THR H 610 68.46 -5.03 61.15
CA THR H 610 68.59 -6.19 60.27
C THR H 610 68.94 -7.44 61.06
N PHE H 611 69.62 -7.26 62.18
CA PHE H 611 69.98 -8.39 63.04
C PHE H 611 68.77 -8.92 63.78
N THR H 612 67.96 -8.01 64.32
CA THR H 612 66.76 -8.39 65.04
C THR H 612 65.72 -8.99 64.12
N ASN H 613 65.54 -8.37 62.95
CA ASN H 613 64.57 -8.84 61.97
C ASN H 613 64.92 -10.24 61.46
N MET H 614 66.20 -10.48 61.22
CA MET H 614 66.67 -11.79 60.80
C MET H 614 66.48 -12.80 61.93
N GLU H 615 66.51 -12.31 63.16
CA GLU H 615 66.30 -13.16 64.32
C GLU H 615 64.81 -13.35 64.60
N ALA H 616 64.04 -12.29 64.40
CA ALA H 616 62.61 -12.34 64.61
C ALA H 616 61.92 -13.21 63.56
N GLN H 617 62.30 -13.00 62.29
CA GLN H 617 61.71 -13.76 61.20
C GLN H 617 62.14 -15.23 61.26
N LEU H 618 63.29 -15.49 61.86
CA LEU H 618 63.74 -16.87 62.06
C LEU H 618 62.91 -17.54 63.13
N ILE H 619 62.60 -16.79 64.19
CA ILE H 619 61.75 -17.29 65.25
C ILE H 619 60.30 -17.36 64.77
N ARG H 620 59.94 -16.43 63.88
CA ARG H 620 58.59 -16.41 63.32
C ARG H 620 58.35 -17.64 62.47
N GLN H 621 59.39 -18.08 61.76
CA GLN H 621 59.33 -19.33 61.01
C GLN H 621 59.27 -20.50 61.98
N MET H 622 60.11 -20.43 63.02
CA MET H 622 60.18 -21.47 64.02
C MET H 622 58.83 -21.67 64.71
N GLU H 623 58.08 -20.59 64.85
CA GLU H 623 56.74 -20.66 65.41
C GLU H 623 55.77 -21.26 64.39
N GLY H 624 56.16 -21.20 63.13
CA GLY H 624 55.33 -21.72 62.04
C GLY H 624 55.77 -23.11 61.61
N GLU H 625 57.05 -23.42 61.82
CA GLU H 625 57.58 -24.72 61.48
C GLU H 625 57.00 -25.79 62.40
N GLY H 626 56.60 -25.37 63.59
CA GLY H 626 56.07 -26.28 64.59
C GLY H 626 57.08 -26.51 65.69
N VAL H 627 58.24 -25.86 65.57
CA VAL H 627 59.30 -25.99 66.54
C VAL H 627 58.96 -25.26 67.83
N LEU H 628 58.15 -24.20 67.72
CA LEU H 628 57.73 -23.42 68.87
C LEU H 628 56.23 -23.54 69.11
N SER H 629 55.85 -23.81 70.35
CA SER H 629 54.45 -23.94 70.71
C SER H 629 54.02 -22.79 71.62
N LYS H 630 52.71 -22.69 71.86
CA LYS H 630 52.17 -21.64 72.72
C LYS H 630 52.62 -21.84 74.16
N ALA H 631 52.73 -23.09 74.58
CA ALA H 631 53.16 -23.40 75.94
C ALA H 631 54.65 -23.11 76.11
N ASP H 632 55.42 -23.29 75.03
CA ASP H 632 56.85 -23.07 75.07
C ASP H 632 57.17 -21.57 75.09
N LEU H 633 56.23 -20.77 74.60
CA LEU H 633 56.42 -19.32 74.54
C LEU H 633 56.40 -18.68 75.92
N GLU H 634 55.65 -19.29 76.84
CA GLU H 634 55.53 -18.76 78.20
C GLU H 634 56.38 -19.55 79.20
N ASN H 635 56.96 -20.64 78.74
CA ASN H 635 57.79 -21.49 79.59
C ASN H 635 59.24 -21.04 79.61
N PRO H 636 59.73 -20.62 80.78
CA PRO H 636 61.10 -20.13 80.95
C PRO H 636 62.15 -21.24 80.84
N HIS H 637 61.71 -22.49 80.94
CA HIS H 637 62.64 -23.62 80.86
C HIS H 637 62.15 -24.69 79.88
N PRO H 638 62.28 -24.43 78.57
CA PRO H 638 61.90 -25.41 77.55
C PRO H 638 63.06 -26.33 77.18
N LEU H 639 62.79 -27.33 76.36
CA LEU H 639 63.84 -28.23 75.88
C LEU H 639 64.73 -27.53 74.87
N GLU H 640 65.91 -27.12 75.30
CA GLU H 640 66.83 -26.37 74.46
C GLU H 640 67.47 -27.25 73.38
N LYS H 641 67.31 -28.56 73.52
CA LYS H 641 67.89 -29.51 72.58
C LYS H 641 67.22 -29.43 71.21
N LYS H 642 65.94 -29.05 71.20
CA LYS H 642 65.18 -28.98 69.96
C LYS H 642 65.40 -27.66 69.23
N ILE H 643 65.69 -26.61 69.99
CA ILE H 643 65.86 -25.28 69.41
C ILE H 643 67.16 -25.17 68.62
N THR H 644 68.27 -25.54 69.25
CA THR H 644 69.59 -25.43 68.64
C THR H 644 69.74 -26.39 67.47
N GLN H 645 69.14 -27.57 67.59
CA GLN H 645 69.22 -28.59 66.56
C GLN H 645 68.63 -28.12 65.23
N TRP H 646 67.58 -27.31 65.31
CA TRP H 646 66.94 -26.78 64.10
C TRP H 646 67.79 -25.68 63.48
N LEU H 647 68.55 -24.98 64.31
CA LEU H 647 69.41 -23.91 63.84
C LEU H 647 70.69 -24.44 63.22
N GLU H 648 71.13 -25.60 63.70
CA GLU H 648 72.36 -26.21 63.21
C GLU H 648 72.09 -27.01 61.93
N THR H 649 70.84 -27.42 61.74
CA THR H 649 70.48 -28.24 60.58
C THR H 649 69.90 -27.41 59.45
N LYS H 650 68.80 -26.72 59.73
CA LYS H 650 68.09 -25.96 58.70
C LYS H 650 68.25 -24.46 58.89
N GLY H 651 69.00 -24.06 59.92
CA GLY H 651 69.16 -22.66 60.25
C GLY H 651 69.76 -21.82 59.12
N VAL H 652 70.81 -22.34 58.50
CA VAL H 652 71.48 -21.64 57.41
C VAL H 652 70.56 -21.55 56.19
N GLU H 653 69.84 -22.63 55.93
CA GLU H 653 68.95 -22.71 54.77
C GLU H 653 67.81 -21.70 54.88
N ARG H 654 67.27 -21.54 56.09
CA ARG H 654 66.19 -20.59 56.32
C ARG H 654 66.68 -19.15 56.21
N LEU H 655 67.95 -18.94 56.57
CA LEU H 655 68.55 -17.61 56.50
C LEU H 655 68.69 -17.16 55.05
N LYS H 656 69.11 -18.08 54.19
CA LYS H 656 69.27 -17.80 52.77
C LYS H 656 67.91 -17.78 52.06
N ARG H 657 66.88 -18.16 52.81
CA ARG H 657 65.52 -18.20 52.28
C ARG H 657 64.83 -16.86 52.51
N MET H 658 65.51 -15.95 53.20
CA MET H 658 64.96 -14.64 53.52
C MET H 658 65.76 -13.50 52.93
N ALA H 659 65.26 -12.28 53.12
CA ALA H 659 65.94 -11.08 52.66
C ALA H 659 65.66 -9.92 53.60
N ILE H 660 66.56 -9.69 54.55
CA ILE H 660 66.34 -8.68 55.57
C ILE H 660 67.09 -7.37 55.26
N SER H 661 66.37 -6.26 55.33
CA SER H 661 66.95 -4.94 55.12
C SER H 661 66.27 -3.92 56.03
N GLY H 662 66.75 -3.84 57.27
CA GLY H 662 66.13 -2.97 58.26
C GLY H 662 64.82 -3.57 58.73
N ASP H 663 63.76 -2.76 58.71
CA ASP H 663 62.44 -3.25 59.10
C ASP H 663 61.81 -4.04 57.96
N ASP H 664 62.21 -3.73 56.73
CA ASP H 664 61.70 -4.44 55.56
C ASP H 664 62.25 -5.85 55.50
N CYS H 665 61.35 -6.82 55.49
CA CYS H 665 61.74 -8.22 55.47
C CYS H 665 60.89 -9.03 54.47
N VAL H 666 61.55 -9.87 53.69
CA VAL H 666 60.87 -10.72 52.73
C VAL H 666 61.24 -12.18 52.96
N VAL H 667 60.25 -13.03 53.15
CA VAL H 667 60.49 -14.44 53.39
C VAL H 667 59.53 -15.35 52.64
N LYS H 668 60.06 -16.38 51.99
CA LYS H 668 59.25 -17.40 51.35
C LYS H 668 59.51 -18.74 52.02
N PRO H 669 58.90 -18.94 53.21
CA PRO H 669 59.21 -20.05 54.12
C PRO H 669 58.90 -21.43 53.54
N ILE H 670 59.14 -22.46 54.36
CA ILE H 670 58.94 -23.84 53.95
C ILE H 670 57.48 -24.12 53.62
N ASP H 671 56.57 -23.36 54.23
CA ASP H 671 55.15 -23.55 54.00
C ASP H 671 54.35 -22.29 54.33
N ASP H 672 53.05 -22.35 54.07
CA ASP H 672 52.16 -21.21 54.33
C ASP H 672 51.69 -21.19 55.78
N ARG H 673 52.36 -21.96 56.63
CA ARG H 673 52.04 -22.00 58.05
C ARG H 673 52.57 -20.75 58.75
N PHE H 674 53.34 -19.96 58.00
CA PHE H 674 53.85 -18.68 58.47
C PHE H 674 52.68 -17.74 58.75
N ALA H 675 51.70 -17.76 57.86
CA ALA H 675 50.57 -16.84 57.92
C ALA H 675 49.83 -16.92 59.25
N ASN H 676 49.70 -18.13 59.79
CA ASN H 676 48.99 -18.34 61.03
C ASN H 676 49.91 -18.32 62.25
N ALA H 677 51.20 -18.11 62.00
CA ALA H 677 52.18 -18.02 63.08
C ALA H 677 52.34 -16.58 63.53
N LEU H 678 51.49 -16.14 64.45
CA LEU H 678 51.49 -14.75 64.90
C LEU H 678 51.73 -14.64 66.39
N LEU H 679 51.99 -15.77 67.04
CA LEU H 679 52.19 -15.80 68.48
C LEU H 679 53.54 -15.18 68.85
N ALA H 680 54.57 -15.56 68.13
CA ALA H 680 55.93 -15.09 68.41
C ALA H 680 56.12 -13.64 67.98
N LEU H 681 55.62 -13.31 66.79
CA LEU H 681 55.80 -11.98 66.23
C LEU H 681 55.12 -10.90 67.07
N ASN H 682 53.93 -11.20 67.57
CA ASN H 682 53.17 -10.23 68.35
C ASN H 682 53.68 -10.08 69.78
N ASP H 683 54.28 -11.15 70.31
CA ASP H 683 54.76 -11.15 71.68
C ASP H 683 56.10 -10.41 71.78
N MET H 684 56.90 -10.48 70.73
CA MET H 684 58.20 -9.82 70.72
C MET H 684 58.06 -8.30 70.58
N GLY H 685 56.86 -7.85 70.22
CA GLY H 685 56.60 -6.43 70.08
C GLY H 685 56.59 -5.97 68.65
N LYS H 686 56.71 -6.92 67.72
CA LYS H 686 56.72 -6.59 66.30
C LYS H 686 55.32 -6.72 65.68
N VAL H 687 54.55 -5.65 65.76
CA VAL H 687 53.20 -5.63 65.20
C VAL H 687 53.20 -5.14 63.77
N ARG H 688 52.59 -5.91 62.88
CA ARG H 688 52.51 -5.56 61.46
C ARG H 688 51.63 -4.33 61.24
N LYS H 689 51.85 -3.67 60.10
CA LYS H 689 51.13 -2.44 59.80
C LYS H 689 49.91 -2.69 58.91
N ASP H 690 48.86 -1.89 59.12
CA ASP H 690 47.63 -1.96 58.33
C ASP H 690 47.01 -3.35 58.34
N ILE H 691 47.09 -4.02 59.48
CA ILE H 691 46.52 -5.36 59.63
C ILE H 691 46.32 -5.70 61.10
N PRO H 692 45.23 -6.41 61.41
CA PRO H 692 44.94 -6.84 62.78
C PRO H 692 46.06 -7.71 63.35
N GLN H 693 46.27 -7.64 64.66
CA GLN H 693 47.39 -8.33 65.30
C GLN H 693 47.23 -9.85 65.29
N TRP H 694 46.02 -10.31 64.99
CA TRP H 694 45.75 -11.74 65.00
C TRP H 694 45.20 -12.23 63.66
N GLN H 695 45.34 -11.40 62.62
CA GLN H 695 44.89 -11.75 61.29
C GLN H 695 46.02 -12.35 60.47
N PRO H 696 45.75 -13.49 59.81
CA PRO H 696 46.72 -14.20 58.98
C PRO H 696 47.34 -13.31 57.91
N SER H 697 48.61 -13.55 57.58
CA SER H 697 49.31 -12.74 56.60
C SER H 697 48.99 -13.18 55.18
N LYS H 698 48.94 -12.21 54.26
CA LYS H 698 48.70 -12.50 52.85
C LYS H 698 49.99 -12.42 52.05
N GLY H 699 50.37 -13.52 51.43
CA GLY H 699 51.61 -13.59 50.67
C GLY H 699 51.40 -13.53 49.17
N TRP H 700 52.50 -13.35 48.45
CA TRP H 700 52.45 -13.28 46.99
C TRP H 700 53.07 -14.51 46.35
N HIS H 701 52.46 -14.98 45.27
CA HIS H 701 53.05 -16.05 44.47
C HIS H 701 53.65 -15.47 43.21
N ASP H 702 53.55 -14.15 43.07
CA ASP H 702 54.19 -13.43 41.97
C ASP H 702 55.22 -12.47 42.54
N TRP H 703 56.50 -12.75 42.27
CA TRP H 703 57.59 -11.98 42.84
C TRP H 703 57.66 -10.55 42.31
N GLN H 704 56.92 -10.29 41.23
CA GLN H 704 56.91 -8.96 40.63
C GLN H 704 55.99 -8.01 41.38
N GLN H 705 55.18 -8.54 42.28
CA GLN H 705 54.25 -7.74 43.05
C GLN H 705 54.66 -7.66 44.52
N VAL H 706 55.94 -7.90 44.79
CA VAL H 706 56.44 -7.88 46.17
C VAL H 706 57.13 -6.56 46.49
N PRO H 707 56.61 -5.83 47.49
CA PRO H 707 57.19 -4.56 47.93
C PRO H 707 58.48 -4.74 48.71
N PHE H 708 59.47 -3.88 48.46
CA PHE H 708 60.76 -3.96 49.13
C PHE H 708 61.47 -2.61 49.07
N CYS H 709 61.59 -1.98 50.23
CA CYS H 709 62.26 -0.68 50.37
C CYS H 709 61.67 0.35 49.41
N SER H 710 60.35 0.52 49.47
CA SER H 710 59.63 1.46 48.61
C SER H 710 59.87 1.19 47.13
N HIS H 711 60.09 -0.07 46.80
CA HIS H 711 60.34 -0.46 45.41
C HIS H 711 59.87 -1.88 45.13
N HIS H 712 59.54 -2.14 43.86
CA HIS H 712 59.21 -3.48 43.42
C HIS H 712 59.97 -3.79 42.13
N PHE H 713 59.88 -5.03 41.65
CA PHE H 713 60.66 -5.45 40.51
C PHE H 713 59.80 -5.95 39.35
N HIS H 714 60.26 -5.71 38.13
CA HIS H 714 59.61 -6.22 36.93
C HIS H 714 60.64 -6.88 36.01
N GLU H 715 60.21 -7.87 35.25
CA GLU H 715 61.10 -8.57 34.33
C GLU H 715 60.87 -8.13 32.90
N LEU H 716 61.72 -7.22 32.42
CA LEU H 716 61.61 -6.72 31.05
C LEU H 716 62.41 -7.58 30.08
N ILE H 717 61.81 -7.88 28.93
CA ILE H 717 62.49 -8.68 27.91
C ILE H 717 63.03 -7.80 26.80
N MET H 718 64.35 -7.82 26.61
CA MET H 718 64.99 -7.01 25.59
C MET H 718 64.69 -7.52 24.18
N LYS H 719 65.09 -6.75 23.17
CA LYS H 719 64.80 -7.09 21.79
C LYS H 719 65.61 -8.30 21.32
N ASP H 720 66.79 -8.48 21.89
CA ASP H 720 67.67 -9.58 21.49
C ASP H 720 67.28 -10.89 22.17
N GLY H 721 66.25 -10.83 23.01
CA GLY H 721 65.78 -12.02 23.70
C GLY H 721 66.22 -12.08 25.15
N ARG H 722 67.19 -11.25 25.51
CA ARG H 722 67.69 -11.22 26.88
C ARG H 722 66.67 -10.61 27.83
N LYS H 723 66.72 -11.04 29.09
CA LYS H 723 65.79 -10.53 30.10
C LYS H 723 66.51 -9.56 31.05
N LEU H 724 65.74 -8.68 31.67
CA LEU H 724 66.30 -7.69 32.59
C LEU H 724 65.33 -7.36 33.73
N VAL H 725 65.86 -7.32 34.94
CA VAL H 725 65.06 -6.99 36.12
C VAL H 725 65.24 -5.53 36.50
N VAL H 726 64.14 -4.79 36.51
CA VAL H 726 64.19 -3.36 36.79
C VAL H 726 63.39 -3.00 38.05
N PRO H 727 64.03 -2.31 38.99
CA PRO H 727 63.34 -1.81 40.20
C PRO H 727 62.34 -0.72 39.83
N CYS H 728 61.17 -0.75 40.47
CA CYS H 728 60.10 0.19 40.12
C CYS H 728 59.26 0.59 41.32
N ARG H 729 58.61 1.75 41.20
CA ARG H 729 57.73 2.28 42.23
C ARG H 729 56.79 3.29 41.58
N PRO H 730 55.73 3.71 42.29
CA PRO H 730 54.83 4.75 41.76
C PRO H 730 55.59 5.97 41.22
N GLN H 731 55.45 6.21 39.92
CA GLN H 731 56.18 7.26 39.23
C GLN H 731 55.83 8.65 39.76
N ASP H 732 54.62 8.80 40.29
CA ASP H 732 54.17 10.07 40.84
C ASP H 732 54.94 10.42 42.12
N GLU H 733 55.51 9.40 42.75
CA GLU H 733 56.28 9.61 43.98
C GLU H 733 57.75 9.90 43.67
N LEU H 734 58.24 9.32 42.58
CA LEU H 734 59.64 9.51 42.18
C LEU H 734 59.89 10.90 41.64
N ILE H 735 58.83 11.53 41.11
CA ILE H 735 58.94 12.87 40.54
C ILE H 735 58.95 13.93 41.63
N GLY H 736 58.61 13.52 42.86
CA GLY H 736 58.57 14.44 43.98
C GLY H 736 59.93 14.62 44.64
N ARG H 737 60.96 14.02 44.04
CA ARG H 737 62.31 14.12 44.58
C ARG H 737 62.90 15.51 44.37
N TRP H 746 68.80 27.89 48.80
CA TRP H 746 70.10 27.63 48.20
C TRP H 746 70.27 28.39 46.88
N SER H 747 71.26 27.99 46.10
CA SER H 747 71.56 28.66 44.84
C SER H 747 71.40 27.72 43.64
N LEU H 748 72.15 28.00 42.58
CA LEU H 748 72.07 27.23 41.35
C LEU H 748 72.80 25.88 41.46
N ARG H 749 74.01 25.92 42.00
CA ARG H 749 74.83 24.73 42.12
C ARG H 749 74.18 23.65 42.99
N GLU H 750 73.39 24.08 43.96
CA GLU H 750 72.69 23.14 44.84
C GLU H 750 71.40 22.65 44.18
N THR H 751 71.05 23.26 43.04
CA THR H 751 69.84 22.89 42.33
C THR H 751 70.15 22.31 40.96
N ALA H 752 71.39 22.49 40.51
CA ALA H 752 71.81 21.97 39.21
C ALA H 752 72.46 20.60 39.36
N CYS H 753 73.45 20.50 40.24
CA CYS H 753 74.17 19.25 40.47
C CYS H 753 73.28 18.22 41.13
N LEU H 754 72.49 18.66 42.11
CA LEU H 754 71.56 17.77 42.80
C LEU H 754 70.37 17.44 41.92
N GLY H 755 70.06 18.33 40.99
CA GLY H 755 68.95 18.12 40.07
C GLY H 755 69.31 17.19 38.93
N LYS H 756 70.57 17.24 38.51
CA LYS H 756 71.05 16.40 37.41
C LYS H 756 71.28 14.97 37.90
N ALA H 757 71.56 14.83 39.19
CA ALA H 757 71.80 13.51 39.78
C ALA H 757 70.51 12.71 39.85
N TYR H 758 69.43 13.36 40.27
CA TYR H 758 68.13 12.69 40.35
C TYR H 758 67.61 12.33 38.96
N ALA H 759 68.01 13.12 37.97
CA ALA H 759 67.64 12.86 36.58
C ALA H 759 68.49 11.73 36.01
N GLN H 760 69.74 11.67 36.43
CA GLN H 760 70.65 10.62 35.99
C GLN H 760 70.34 9.31 36.69
N MET H 761 69.84 9.41 37.92
CA MET H 761 69.47 8.23 38.69
C MET H 761 68.24 7.56 38.07
N TRP H 762 67.37 8.37 37.49
CA TRP H 762 66.16 7.86 36.84
C TRP H 762 66.46 7.34 35.44
N ALA H 763 67.71 7.47 35.02
CA ALA H 763 68.12 7.02 33.70
C ALA H 763 68.92 5.72 33.78
N LEU H 764 69.57 5.51 34.92
CA LEU H 764 70.43 4.34 35.09
C LEU H 764 69.63 3.12 35.59
N MET H 765 68.65 3.36 36.45
CA MET H 765 67.89 2.28 37.06
C MET H 765 66.40 2.37 36.75
N TYR H 766 65.91 3.56 36.44
CA TYR H 766 64.49 3.77 36.18
C TYR H 766 64.22 4.04 34.70
N PHE H 767 65.00 3.41 33.83
CA PHE H 767 64.89 3.65 32.39
C PHE H 767 63.71 2.90 31.77
N HIS H 768 63.11 2.01 32.54
CA HIS H 768 61.99 1.21 32.06
C HIS H 768 60.75 2.05 31.84
N ARG H 769 60.60 3.12 32.63
CA ARG H 769 59.47 4.01 32.50
C ARG H 769 59.66 4.99 31.36
N ARG H 770 58.79 4.89 30.35
CA ARG H 770 58.88 5.75 29.17
C ARG H 770 58.62 7.20 29.52
N ASP H 771 57.71 7.43 30.45
CA ASP H 771 57.38 8.79 30.88
C ASP H 771 58.49 9.39 31.73
N LEU H 772 59.34 8.54 32.27
CA LEU H 772 60.45 8.99 33.11
C LEU H 772 61.77 8.97 32.35
N ARG H 773 61.79 8.27 31.22
CA ARG H 773 62.99 8.18 30.40
C ARG H 773 63.18 9.44 29.56
N LEU H 774 62.08 10.10 29.24
CA LEU H 774 62.12 11.32 28.43
C LEU H 774 62.73 12.48 29.20
N ALA H 775 62.33 12.62 30.46
CA ALA H 775 62.81 13.70 31.31
C ALA H 775 64.29 13.52 31.65
N SER H 776 64.75 12.28 31.64
CA SER H 776 66.13 11.96 31.96
C SER H 776 67.09 12.48 30.88
N ASN H 777 66.73 12.22 29.63
CA ASN H 777 67.56 12.65 28.51
C ASN H 777 67.37 14.12 28.19
N ALA H 778 66.22 14.66 28.56
CA ALA H 778 65.93 16.08 28.33
C ALA H 778 66.70 16.96 29.29
N ILE H 779 66.69 16.57 30.56
CA ILE H 779 67.41 17.31 31.59
C ILE H 779 68.92 17.22 31.36
N CYS H 780 69.36 16.08 30.86
CA CYS H 780 70.77 15.88 30.54
C CYS H 780 71.18 16.74 29.35
N SER H 781 70.23 16.97 28.44
CA SER H 781 70.48 17.80 27.28
C SER H 781 70.42 19.28 27.65
N ALA H 782 69.61 19.60 28.64
CA ALA H 782 69.45 20.98 29.10
C ALA H 782 70.46 21.30 30.20
CA THR H 799 79.01 9.65 37.59
C THR H 799 79.25 10.74 36.55
N THR H 800 80.50 10.85 36.10
CA THR H 800 80.87 11.86 35.11
C THR H 800 80.95 11.25 33.71
N GLU H 801 80.78 9.94 33.64
CA GLU H 801 80.83 9.23 32.36
C GLU H 801 79.49 9.30 31.64
N ASP H 802 79.44 8.76 30.43
CA ASP H 802 78.22 8.75 29.64
C ASP H 802 77.18 7.82 30.28
N MET H 803 75.96 8.33 30.43
CA MET H 803 74.89 7.57 31.05
C MET H 803 74.52 6.34 30.24
N LEU H 804 74.57 6.47 28.92
CA LEU H 804 74.23 5.36 28.02
C LEU H 804 75.29 4.26 28.09
N THR H 805 76.54 4.66 28.21
CA THR H 805 77.64 3.72 28.31
C THR H 805 77.60 3.01 29.67
N VAL H 806 77.22 3.75 30.70
CA VAL H 806 77.12 3.21 32.05
C VAL H 806 75.99 2.20 32.16
N TRP H 807 74.95 2.39 31.36
CA TRP H 807 73.82 1.48 31.35
C TRP H 807 74.21 0.13 30.75
N ASN H 808 75.15 0.16 29.81
CA ASN H 808 75.64 -1.06 29.18
C ASN H 808 76.79 -1.67 29.98
N ARG H 809 77.20 -0.98 31.04
CA ARG H 809 78.30 -1.43 31.87
C ARG H 809 77.79 -2.06 33.16
N VAL H 810 76.55 -1.77 33.53
CA VAL H 810 75.97 -2.28 34.76
C VAL H 810 74.92 -3.35 34.48
N TRP H 811 74.12 -3.14 33.44
CA TRP H 811 73.03 -4.06 33.10
C TRP H 811 73.48 -5.14 32.13
N ILE H 812 74.72 -5.05 31.65
CA ILE H 812 75.24 -6.01 30.69
C ILE H 812 76.62 -6.53 31.10
N GLU H 813 77.53 -5.61 31.41
CA GLU H 813 78.90 -5.97 31.76
C GLU H 813 79.00 -6.48 33.19
N ASP H 814 78.54 -5.68 34.14
CA ASP H 814 78.64 -6.02 35.55
C ASP H 814 77.47 -6.88 36.03
N ASN H 815 76.53 -7.14 35.13
CA ASN H 815 75.36 -7.96 35.48
C ASN H 815 75.66 -9.46 35.37
N PRO H 816 75.60 -10.17 36.51
CA PRO H 816 75.90 -11.60 36.54
C PRO H 816 74.76 -12.44 35.97
N TRP H 817 73.58 -11.84 35.85
CA TRP H 817 72.43 -12.55 35.27
C TRP H 817 72.35 -12.34 33.77
N MET H 818 73.31 -11.60 33.23
CA MET H 818 73.38 -11.35 31.80
C MET H 818 74.38 -12.28 31.12
N GLU H 819 73.88 -13.30 30.44
CA GLU H 819 74.73 -14.26 29.77
C GLU H 819 75.39 -13.67 28.52
N ASP H 820 74.56 -13.08 27.66
CA ASP H 820 75.06 -12.48 26.42
C ASP H 820 75.92 -11.26 26.71
N LYS H 821 77.16 -11.28 26.22
CA LYS H 821 78.10 -10.19 26.44
C LYS H 821 77.86 -9.06 25.43
N THR H 822 77.10 -9.35 24.38
CA THR H 822 76.79 -8.35 23.36
C THR H 822 75.92 -7.24 23.93
N PRO H 823 76.46 -6.00 23.95
CA PRO H 823 75.78 -4.85 24.53
C PRO H 823 74.95 -4.08 23.51
N VAL H 824 74.29 -3.01 23.97
CA VAL H 824 73.50 -2.16 23.09
C VAL H 824 74.31 -0.93 22.67
N THR H 825 74.02 -0.41 21.48
CA THR H 825 74.78 0.71 20.94
C THR H 825 73.99 2.02 20.96
N THR H 826 72.77 1.96 21.47
CA THR H 826 71.93 3.16 21.52
C THR H 826 70.90 3.08 22.64
N TRP H 827 70.32 4.23 22.98
CA TRP H 827 69.29 4.29 24.01
C TRP H 827 67.95 3.84 23.46
N GLU H 828 67.88 3.69 22.14
CA GLU H 828 66.66 3.19 21.48
C GLU H 828 66.54 1.68 21.69
N ASP H 829 67.65 1.04 22.05
CA ASP H 829 67.65 -0.39 22.32
C ASP H 829 67.28 -0.66 23.78
N VAL H 830 67.24 0.38 24.59
CA VAL H 830 66.84 0.27 25.98
C VAL H 830 65.34 0.02 26.08
N PRO H 831 64.96 -1.17 26.55
CA PRO H 831 63.55 -1.58 26.60
C PRO H 831 62.74 -0.80 27.62
N TYR H 832 61.44 -0.67 27.38
CA TYR H 832 60.54 -0.01 28.30
C TYR H 832 59.44 -0.96 28.75
N LEU H 833 58.92 -0.74 29.95
CA LEU H 833 57.82 -1.56 30.47
C LEU H 833 56.58 -1.41 29.59
N GLY H 834 55.66 -2.36 29.71
CA GLY H 834 54.44 -2.35 28.93
C GLY H 834 53.63 -1.09 29.17
N LYS H 835 53.02 -0.56 28.12
CA LYS H 835 52.24 0.67 28.20
C LYS H 835 51.13 0.52 29.23
N ARG H 836 50.68 -0.72 29.40
CA ARG H 836 49.71 -1.05 30.45
C ARG H 836 50.40 -1.11 31.81
N GLU H 837 51.44 -1.93 31.90
CA GLU H 837 52.23 -2.10 33.12
C GLU H 837 52.78 -0.78 33.63
N ASP H 838 53.12 0.12 32.72
CA ASP H 838 53.60 1.44 33.11
C ASP H 838 52.48 2.26 33.71
N GLN H 839 51.34 2.28 33.02
CA GLN H 839 50.19 3.04 33.46
C GLN H 839 49.66 2.54 34.80
N TRP H 840 49.83 1.25 35.06
CA TRP H 840 49.41 0.66 36.33
C TRP H 840 50.37 1.05 37.44
N CYS H 841 51.57 1.49 37.07
CA CYS H 841 52.58 1.93 38.03
C CYS H 841 52.53 3.44 38.24
N GLY H 842 51.57 4.09 37.58
CA GLY H 842 51.38 5.52 37.75
C GLY H 842 51.99 6.37 36.66
N SER H 843 52.07 5.83 35.45
CA SER H 843 52.59 6.57 34.32
C SER H 843 51.54 7.52 33.77
N LEU H 844 51.96 8.72 33.37
CA LEU H 844 51.05 9.73 32.86
C LEU H 844 50.88 9.62 31.35
N ILE H 845 51.45 8.57 30.77
CA ILE H 845 51.35 8.34 29.33
C ILE H 845 49.93 7.99 28.93
N GLY H 846 49.40 8.72 27.94
CA GLY H 846 48.04 8.49 27.47
C GLY H 846 47.14 9.68 27.76
N LEU H 847 47.48 10.43 28.80
CA LEU H 847 46.71 11.62 29.16
C LEU H 847 46.96 12.75 28.18
N THR H 848 46.07 13.74 28.17
CA THR H 848 46.18 14.87 27.27
C THR H 848 47.20 15.90 27.76
N SER H 849 47.38 15.95 29.08
CA SER H 849 48.30 16.91 29.68
C SER H 849 49.76 16.54 29.43
N ARG H 850 50.02 15.23 29.31
CA ARG H 850 51.38 14.75 29.12
C ARG H 850 51.86 14.95 27.69
N ALA H 851 50.94 14.81 26.74
CA ALA H 851 51.28 14.94 25.33
C ALA H 851 51.66 16.37 24.97
N THR H 852 51.06 17.33 25.68
CA THR H 852 51.33 18.75 25.43
C THR H 852 52.75 19.11 25.83
N TRP H 853 53.24 18.49 26.90
CA TRP H 853 54.58 18.74 27.40
C TRP H 853 55.61 17.87 26.69
N ALA H 854 55.13 16.81 26.04
CA ALA H 854 56.00 15.88 25.34
C ALA H 854 56.42 16.43 23.98
N GLN H 855 55.45 16.94 23.23
CA GLN H 855 55.70 17.49 21.90
C GLN H 855 56.44 18.82 22.00
N ASN H 856 56.15 19.59 23.04
CA ASN H 856 56.77 20.88 23.25
C ASN H 856 57.93 20.81 24.24
N ILE H 857 58.65 19.69 24.22
CA ILE H 857 59.78 19.49 25.12
C ILE H 857 60.96 20.37 24.74
N LEU H 858 61.09 20.65 23.45
CA LEU H 858 62.17 21.50 22.95
C LEU H 858 61.98 22.94 23.39
N THR H 859 60.72 23.36 23.51
CA THR H 859 60.39 24.71 23.93
C THR H 859 60.73 24.91 25.41
N ALA H 860 60.61 23.84 26.19
CA ALA H 860 60.92 23.89 27.61
C ALA H 860 62.42 23.76 27.84
N ILE H 861 63.13 23.28 26.83
CA ILE H 861 64.58 23.11 26.92
C ILE H 861 65.30 24.42 26.61
N GLN H 862 64.53 25.45 26.26
CA GLN H 862 65.10 26.76 25.94
C GLN H 862 64.71 27.79 26.99
N GLN H 863 63.47 27.70 27.48
CA GLN H 863 62.98 28.63 28.48
C GLN H 863 63.67 28.43 29.82
N VAL H 864 63.93 27.17 30.17
CA VAL H 864 64.59 26.85 31.43
C VAL H 864 66.09 27.04 31.33
N ARG H 865 66.63 26.86 30.13
CA ARG H 865 68.07 26.99 29.90
C ARG H 865 68.45 28.46 29.74
N SER H 866 67.47 29.30 29.45
CA SER H 866 67.71 30.73 29.30
C SER H 866 68.10 31.37 30.63
N LEU H 867 67.61 30.80 31.71
CA LEU H 867 67.92 31.31 33.05
C LEU H 867 69.21 30.70 33.59
ZN ZN I . -33.86 41.02 -22.56
ZN ZN J . -32.63 66.55 -60.66
N SAH K . -30.75 18.84 -57.94
CA SAH K . -31.57 18.18 -56.92
CB SAH K . -30.87 16.96 -56.29
CG SAH K . -31.28 15.71 -57.05
SD SAH K . -30.33 14.29 -56.43
C SAH K . -31.90 19.16 -55.73
O SAH K . -31.22 20.21 -55.72
OXT SAH K . -32.79 18.83 -54.93
C5' SAH K . -30.62 13.15 -57.81
C4' SAH K . -32.07 12.70 -57.86
O4' SAH K . -32.26 11.84 -58.96
C3' SAH K . -32.41 11.86 -56.59
O3' SAH K . -33.32 12.61 -55.87
C2' SAH K . -33.05 10.56 -57.16
O2' SAH K . -34.27 10.27 -56.59
C1' SAH K . -33.32 10.97 -58.66
N9 SAH K . -33.20 9.83 -59.57
C8 SAH K . -32.31 8.73 -59.49
N7 SAH K . -32.49 7.86 -60.50
C5 SAH K . -33.55 8.40 -61.26
C6 SAH K . -34.19 7.96 -62.44
N6 SAH K . -33.82 6.79 -63.04
N1 SAH K . -35.22 8.70 -62.98
C2 SAH K . -35.55 9.85 -62.32
N3 SAH K . -35.02 10.40 -61.20
C4 SAH K . -34.00 9.62 -60.69
ZN ZN L . -93.87 12.58 -49.78
ZN ZN M . -52.51 -1.60 -39.40
N SAH N . -66.48 33.35 -16.76
CA SAH N . -65.05 33.24 -17.05
CB SAH N . -64.22 32.95 -15.79
CG SAH N . -63.61 34.24 -15.29
SD SAH N . -63.09 34.02 -13.56
C SAH N . -64.77 32.07 -18.06
O SAH N . -63.61 31.95 -18.50
OXT SAH N . -65.75 31.36 -18.33
C5' SAH N . -63.44 35.69 -12.97
C4' SAH N . -62.51 36.70 -13.62
O4' SAH N . -62.71 37.98 -13.05
C3' SAH N . -61.02 36.32 -13.35
O3' SAH N . -60.48 35.97 -14.58
C2' SAH N . -60.40 37.64 -12.78
O2' SAH N . -59.24 37.99 -13.45
C1' SAH N . -61.50 38.69 -13.16
N9 SAH N . -61.56 39.78 -12.18
C8 SAH N . -61.30 39.74 -10.78
N7 SAH N . -61.45 40.94 -10.20
C5 SAH N . -61.81 41.80 -11.25
C6 SAH N . -62.11 43.19 -11.27
N6 SAH N . -62.05 43.93 -10.13
N1 SAH N . -62.44 43.81 -12.46
C2 SAH N . -62.47 43.00 -13.56
N3 SAH N . -62.22 41.68 -13.69
C4 SAH N . -61.89 41.11 -12.48
ZN ZN O . -28.76 -19.28 -49.79
ZN ZN P . 0.67 -6.23 -17.59
N SAH Q . -3.78 -48.67 -21.71
CA SAH Q . -3.28 -47.99 -20.52
CB SAH Q . -1.80 -48.33 -20.23
CG SAH Q . -1.73 -49.55 -19.35
SD SAH Q . 0.00 -50.07 -19.17
C SAH Q . -3.36 -46.43 -20.67
O SAH Q . -3.53 -46.02 -21.83
OXT SAH Q . -3.27 -45.75 -19.63
C5' SAH Q . -0.28 -51.82 -18.85
C4' SAH Q . -1.20 -52.03 -17.67
O4' SAH Q . -1.47 -53.41 -17.50
C3' SAH Q . -0.48 -51.57 -16.36
O3' SAH Q . -1.07 -50.35 -16.01
C2' SAH Q . -0.82 -52.70 -15.33
O2' SAH Q . -1.53 -52.22 -14.24
C1' SAH Q . -1.79 -53.64 -16.14
N9 SAH Q . -1.52 -55.05 -15.88
C8 SAH Q . -0.27 -55.72 -15.87
N7 SAH Q . -0.39 -57.03 -15.58
C5 SAH Q . -1.77 -57.23 -15.41
C6 SAH Q . -2.53 -58.39 -15.10
N6 SAH Q . -1.92 -59.60 -14.91
N1 SAH Q . -3.90 -58.30 -14.98
C2 SAH Q . -4.45 -57.06 -15.17
N3 SAH Q . -3.86 -55.88 -15.48
C4 SAH Q . -2.49 -56.02 -15.58
ZN ZN R . -45.01 -41.99 26.68
ZN ZN S . -1.59 -43.57 12.22
N SAH T . -18.44 -5.31 11.81
CA SAH T . -17.45 -5.71 10.82
CB SAH T . -16.12 -4.94 10.96
CG SAH T . -16.40 -3.47 10.76
SD SAH T . -14.84 -2.54 10.97
C SAH T . -17.10 -7.25 10.94
O SAH T . -16.33 -7.75 10.10
OXT SAH T . -17.65 -7.84 11.90
C5' SAH T . -15.42 -0.93 10.37
C4' SAH T . -15.59 -0.91 8.86
O4' SAH T . -16.07 0.35 8.43
C3' SAH T . -14.20 -1.12 8.16
O3' SAH T . -14.30 -2.30 7.46
C2' SAH T . -14.08 0.12 7.22
O2' SAH T . -13.69 -0.22 5.94
C1' SAH T . -15.57 0.60 7.14
N9 SAH T . -15.64 2.04 6.92
C8 SAH T . -14.80 3.07 7.43
N7 SAH T . -15.17 4.28 7.01
C5 SAH T . -16.29 4.05 6.19
C6 SAH T . -17.13 4.94 5.47
N6 SAH T . -16.89 6.27 5.48
N1 SAH T . -18.18 4.43 4.73
C2 SAH T . -18.35 3.07 4.76
N3 SAH T . -17.64 2.12 5.40
C4 SAH T . -16.60 2.67 6.12
ZN ZN U . 59.10 -17.81 11.50
ZN ZN V . 15.42 -11.81 -1.06
N SAH W . 43.22 -4.03 -31.45
CA SAH W . 41.91 -3.39 -31.34
CB SAH W . 40.95 -3.81 -32.47
CG SAH W . 41.57 -3.47 -33.81
SD SAH W . 40.39 -3.84 -35.14
C SAH W . 41.21 -3.75 -29.97
O SAH W . 41.70 -4.72 -29.36
OXT SAH W . 40.23 -3.06 -29.61
C5' SAH W . 41.21 -2.96 -36.47
C4' SAH W . 41.10 -1.46 -36.28
O4' SAH W . 41.88 -0.79 -37.26
C3' SAH W . 39.61 -1.02 -36.52
O3' SAH W . 39.28 -0.26 -35.40
C2' SAH W . 39.69 -0.16 -37.80
O2' SAH W . 38.89 0.98 -37.72
C1' SAH W . 41.18 0.32 -37.78
N9 SAH W . 41.68 0.55 -39.13
C8 SAH W . 41.25 -0.03 -40.36
N7 SAH W . 41.94 0.43 -41.41
C5 SAH W . 42.86 1.34 -40.87
C6 SAH W . 43.86 2.14 -41.48
N6 SAH W . 44.07 2.11 -42.82
N1 SAH W . 44.65 2.97 -40.70
C2 SAH W . 44.39 2.95 -39.35
N3 SAH W . 43.48 2.24 -38.64
C4 SAH W . 42.72 1.43 -39.47
ZN ZN X . 19.29 20.36 -35.26
ZN ZN Y . 36.08 56.97 -13.76
N SAH Z . 9.80 22.78 5.80
CA SAH Z . 9.83 21.55 5.00
CB SAH Z . 8.44 20.90 4.86
CG SAH Z . 8.23 19.92 6.00
SD SAH Z . 6.50 19.38 6.03
C SAH Z . 10.35 21.83 3.53
O SAH Z . 10.50 20.85 2.77
OXT SAH Z . 10.57 23.03 3.27
C5' SAH Z . 6.36 19.01 7.79
C4' SAH Z . 7.30 17.89 8.20
O4' SAH Z . 7.23 17.69 9.60
C3' SAH Z . 6.83 16.55 7.54
O3' SAH Z . 7.90 16.12 6.76
C2' SAH Z . 6.57 15.61 8.75
O2' SAH Z . 7.12 14.35 8.57
C1' SAH Z . 7.37 16.32 9.89
N9 SAH Z . 6.77 16.08 11.19
C8 SAH Z . 5.39 15.94 11.52
N7 SAH Z . 5.21 15.74 12.83
C5 SAH Z . 6.49 15.75 13.40
C6 SAH Z . 6.95 15.60 14.73
N6 SAH Z . 6.07 15.38 15.75
N1 SAH Z . 8.30 15.65 15.00
C2 SAH Z . 9.13 15.86 13.94
N3 SAH Z . 8.83 16.03 12.62
C4 SAH Z . 7.48 15.97 12.39
ZN ZN AA . 19.72 -46.02 83.28
ZN ZN BA . 11.85 -8.73 58.01
N SAH CA . 43.06 -32.81 43.74
CA SAH CA . 43.43 -31.39 43.78
CB SAH CA . 43.39 -30.73 42.39
CG SAH CA . 44.52 -31.28 41.55
SD SAH CA . 44.37 -30.62 39.86
C SAH CA . 42.46 -30.58 44.71
O SAH CA . 42.69 -29.37 44.88
OXT SAH CA . 41.52 -31.24 45.20
C5' SAH CA . 45.98 -31.17 39.22
C4' SAH CA . 47.12 -30.43 39.88
O4' SAH CA . 48.35 -31.06 39.57
C3' SAH CA . 47.21 -28.97 39.33
O3' SAH CA . 47.05 -28.13 40.42
C2' SAH CA . 48.65 -28.88 38.75
O2' SAH CA . 49.31 -27.73 39.12
C1' SAH CA . 49.36 -30.08 39.46
N9 SAH CA . 50.42 -30.65 38.66
C8 SAH CA . 50.39 -31.05 37.30
N7 SAH CA . 51.56 -31.54 36.88
C5 SAH CA . 52.42 -31.45 38.00
C6 SAH CA . 53.77 -31.80 38.19
N6 SAH CA . 54.50 -32.33 37.17
N1 SAH CA . 54.37 -31.61 39.41
C2 SAH CA . 53.57 -31.06 40.40
N3 SAH CA . 52.28 -30.68 40.36
C4 SAH CA . 51.72 -30.90 39.11
ZN ZN DA . 56.36 -1.35 38.18
ZN ZN EA . 79.34 9.39 74.81
N SAH FA . 31.81 15.76 70.37
CA SAH FA . 31.36 14.61 69.59
CB SAH FA . 30.16 14.95 68.66
CG SAH FA . 29.00 15.45 69.51
SD SAH FA . 27.61 15.88 68.42
C SAH FA . 32.51 14.05 68.67
O SAH FA . 32.19 13.54 67.58
OXT SAH FA . 33.67 14.19 69.13
C5' SAH FA . 26.38 16.26 69.70
C4' SAH FA . 25.76 14.98 70.27
O4' SAH FA . 24.92 15.30 71.36
C3' SAH FA . 24.85 14.31 69.19
O3' SAH FA . 25.42 13.07 68.92
C2' SAH FA . 23.46 14.19 69.89
O2' SAH FA . 22.91 12.93 69.76
C1' SAH FA . 23.86 14.37 71.40
N9 SAH FA . 22.78 14.96 72.18
C8 SAH FA . 21.95 16.05 71.85
N7 SAH FA . 21.05 16.32 72.81
C5 SAH FA . 21.29 15.36 73.81
C6 SAH FA . 20.68 15.12 75.07
N6 SAH FA . 19.64 15.89 75.50
N1 SAH FA . 21.13 14.09 75.86
C2 SAH FA . 22.17 13.35 75.37
N3 SAH FA . 22.85 13.46 74.20
C4 SAH FA . 22.36 14.50 73.44
#